data_8SI8
#
_entry.id   8SI8
#
_cell.length_a   1.00
_cell.length_b   1.00
_cell.length_c   1.00
_cell.angle_alpha   90.00
_cell.angle_beta   90.00
_cell.angle_gamma   90.00
#
_symmetry.space_group_name_H-M   'P 1'
#
loop_
_entity.id
_entity.type
_entity.pdbx_description
1 polymer 'Transient receptor potential cation channel subfamily M member 7'
2 non-polymer '(2S)-3-(hexadecanoyloxy)-2-[(9Z)-octadec-9-enoyloxy]propyl 2-(trimethylammonio)ethyl phosphate'
3 non-polymer 4-[[(2R,3S,4R,5R)-5-[6-amino-8-[(3,4-dichlorophenyl)methylamino]purin-9-yl]-3,4-dihydroxy-oxolan-2-yl]methoxymethyl]benzonitrile
4 non-polymer CHOLESTEROL
5 non-polymer "2-[2-[(1~{S},2~{S},4~{S},5'~{R},6~{R},7~{S},8~{R},9~{S},12~{S},13~{R},16~{S})-5',7,9,13-tetramethylspiro[5-oxapentacyclo[10.8.0.0^{2,9}.0^{4,8}.0^{13,18}]icos-18-ene-6,2'-oxane]-16-yl]oxyethyl]propane-1,3-diol"
6 non-polymer 'CALCIUM ION'
#
_entity_poly.entity_id   1
_entity_poly.type   'polypeptide(L)'
_entity_poly.pdbx_seq_one_letter_code
;SQKSWIESTLTKRECVYIIPSSKDPHRCLPGCQICQQLVRCFCGRLVKQHACFTASLAMKYSDVKLGEHFNQAIEEWSVE
KHTEQSPTDAYGVINFQGGSHSYRAKYVRLSYDTKPEIILQLLLKEWQMELPKLVISVHGGMQKFELHPRIKQLLGKGLI
KAAVTTGAWILTGGVNTGVAKHVGDALKEHASRSSRKICTIGIAPWGVIENRNDLVGRDVVAPYQTLLNPLSKLNVLNNL
HSHFILVDDGTVGKYGAEVRLRRELEKTINQQRIHARIGQGVPVVALIFEGGPNVILTVLEYLQESPPVPVVVCEGTGRA
ADLLAYIHKQTEEGGNLPDAAEPDIISTIKKTFNFGQSEAVHLFQTMMECMKKKELITVFHIGSEDHQDIDVAILTALLK
GTNASAFDQLILTLAWDRVDIAKNHVFVYGQQWLVGSLEQAMLDALVMDRVSFVKLLIENGVSMHKFLTIPRLEELYNTK
QGPTNPMLFHLIRDVKQGNLPPGYKITLIDIGLVIEYLMGGTYRCTYTRKRFRLIYNSLGGNNRRSGRNTSSSTPQLRKS
HETFGNRADKKEKMRHNHFIKTAQPYRPKMDASMEEGKKKRTKDEIVDIDDPETKRFPYPLNELLIWACLMKRQVMARFL
WQHGEESMAKALVACKIYRSMAYEAKQSDLVDDTSEELKQYSNDFGQLAVELLEQSFRQDETMAMKLLTYELKNWSNSTC
LKLAVSSRLRPFVAHTCTQMLLSDMWMGRLNMRKNSWYKVILSILVPPAILMLEYKTKAEMSHIPQSQDAHQMTMEDSEN
NFHNITEEIPMEVFKEVKILDSSDGKNEMEIHIKSKKLPITRKFYAFYHAPIVKFWFNTLAYLGFLMLYTFVVLVKMEQL
PSVQEWIVIAYIFTYAIEKVREVFMSEAGKISQKIKVWFSDYFNVSDTIAIISFFVGFGLRFGAKWNYINAYDNHVFVAG
RLIYCLNIIFWYVRLLDFLAVNQQAGPYVMMIGKMVANMFYIVVIMALVLLSFGVPRKAILYPHEEPSWSLAKDIVFHPY
WMIFGEVYAYEIDVCANDSTLPTICGPGTWLTPFLQAVYLFVQYIIMVNLLIAFFNQVYLQVKAISNIVWKYQRYHFIMA
YHEKPVLPPPLIILSHIVSLFCCVCKRRKKDKTSDGPKLFLTEEDQKKLHDFEEQCVEMYFDEKDDKFNSGSEERIRVTF
ERVEQMSIQIKEVGDRVNYIKRSLQSLDSQIGHLQDLSALTVDTLKTLTAQKASEASKVHNEITRELSISKHLAQNLID
;
_entity_poly.pdbx_strand_id   A,B,C,D
#
loop_
_chem_comp.id
_chem_comp.type
_chem_comp.name
_chem_comp.formula
3FD non-polymer 4-[[(2R,3S,4R,5R)-5-[6-amino-8-[(3,4-dichlorophenyl)methylamino]purin-9-yl]-3,4-dihydroxy-oxolan-2-yl]methoxymethyl]benzonitrile 'C25 H23 Cl2 N7 O4'
CA non-polymer 'CALCIUM ION' 'Ca 2'
CLR non-polymer CHOLESTEROL 'C27 H46 O'
DU0 non-polymer 2-[2-[(1~{S},2~{S},4~{S},5'~{R},6~{R},7~{S},8~{R},9~{S},12~{S},13~{R},16~{S})-5',7,9,13-tetramethylspiro[5-oxapentacyclo[10.8.0.0^{2,9}.0^{4,8}.0^{13,18}]icos-18-ene-6,2'-oxane]-16-yl]oxyethyl]propane-1,3-diol 'C32 H52 O5'
POV non-polymer '(2S)-3-(hexadecanoyloxy)-2-[(9Z)-octadec-9-enoyloxy]propyl 2-(trimethylammonio)ethyl phosphate' 'C42 H82 N O8 P'
#
# COMPACT_ATOMS: atom_id res chain seq x y z
N GLN A 2 -58.63 -28.97 -12.53
CA GLN A 2 -58.57 -27.53 -12.66
C GLN A 2 -57.14 -27.01 -12.71
N LYS A 3 -56.20 -27.72 -12.08
CA LYS A 3 -54.76 -27.51 -12.20
C LYS A 3 -54.23 -26.26 -11.50
N SER A 4 -55.11 -25.42 -10.97
CA SER A 4 -54.69 -24.22 -10.27
C SER A 4 -55.40 -24.13 -8.95
N TRP A 5 -54.65 -24.27 -7.86
CA TRP A 5 -55.22 -24.21 -6.52
C TRP A 5 -55.87 -22.87 -6.23
N ILE A 6 -55.47 -21.82 -6.97
CA ILE A 6 -55.97 -20.48 -6.75
C ILE A 6 -57.46 -20.46 -7.04
N GLU A 7 -57.82 -20.71 -8.31
CA GLU A 7 -59.21 -20.62 -8.72
C GLU A 7 -59.98 -21.87 -8.30
N SER A 8 -59.28 -23.00 -8.17
CA SER A 8 -59.87 -24.19 -7.59
C SER A 8 -60.43 -23.90 -6.20
N THR A 9 -59.85 -22.93 -5.51
CA THR A 9 -60.23 -22.57 -4.15
C THR A 9 -60.94 -21.23 -4.15
N LEU A 10 -60.27 -20.21 -4.65
CA LEU A 10 -60.83 -18.86 -4.67
C LEU A 10 -61.82 -18.70 -5.81
N THR A 11 -62.61 -17.64 -5.73
CA THR A 11 -63.64 -17.32 -6.70
C THR A 11 -63.68 -15.80 -6.87
N LYS A 12 -64.29 -15.36 -7.95
CA LYS A 12 -64.47 -13.94 -8.24
C LYS A 12 -65.95 -13.62 -8.12
N ARG A 13 -66.28 -12.56 -7.40
CA ARG A 13 -67.65 -12.09 -7.31
C ARG A 13 -67.90 -10.98 -8.33
N GLU A 14 -69.15 -10.85 -8.76
CA GLU A 14 -69.52 -9.83 -9.74
C GLU A 14 -71.04 -9.73 -9.83
N CYS A 15 -71.55 -8.54 -10.19
CA CYS A 15 -72.99 -8.33 -10.31
C CYS A 15 -73.55 -9.23 -11.41
N VAL A 16 -74.69 -9.86 -11.12
CA VAL A 16 -75.35 -10.78 -12.05
C VAL A 16 -76.75 -10.33 -12.38
N TYR A 17 -77.39 -9.58 -11.47
CA TYR A 17 -78.67 -8.94 -11.63
C TYR A 17 -78.38 -7.52 -12.14
N ILE A 18 -79.39 -6.66 -12.22
CA ILE A 18 -79.19 -5.26 -12.59
C ILE A 18 -80.04 -4.35 -11.70
N ILE A 19 -79.47 -3.18 -11.39
CA ILE A 19 -80.04 -2.16 -10.50
C ILE A 19 -79.65 -0.80 -11.04
N PRO A 20 -80.44 -0.15 -11.92
CA PRO A 20 -80.03 1.17 -12.44
C PRO A 20 -79.73 2.22 -11.38
N SER A 21 -78.50 2.73 -11.42
CA SER A 21 -78.04 3.77 -10.50
C SER A 21 -78.39 5.15 -11.04
N SER A 22 -79.33 5.84 -10.37
CA SER A 22 -79.74 7.19 -10.76
C SER A 22 -80.34 7.20 -12.17
N LYS A 23 -81.52 6.60 -12.32
CA LYS A 23 -82.24 6.42 -13.58
C LYS A 23 -82.29 7.67 -14.47
N ASP A 24 -82.33 8.86 -13.88
CA ASP A 24 -82.63 10.08 -14.63
C ASP A 24 -81.56 10.34 -15.69
N PRO A 25 -81.89 10.34 -17.00
CA PRO A 25 -80.88 10.64 -18.02
C PRO A 25 -80.51 12.11 -18.02
N HIS A 26 -79.33 12.43 -18.53
CA HIS A 26 -78.82 13.80 -18.48
C HIS A 26 -79.44 14.68 -19.56
N ARG A 27 -79.33 14.28 -20.83
CA ARG A 27 -79.68 15.11 -21.99
C ARG A 27 -79.99 14.18 -23.16
N CYS A 28 -80.00 14.70 -24.40
CA CYS A 28 -80.26 13.88 -25.58
C CYS A 28 -81.66 13.29 -25.51
N LEU A 29 -82.66 14.13 -25.79
CA LEU A 29 -84.06 14.09 -25.36
C LEU A 29 -84.62 12.70 -25.11
N PRO A 30 -84.52 11.73 -26.05
CA PRO A 30 -85.01 10.38 -25.70
C PRO A 30 -84.07 9.68 -24.74
N GLY A 31 -84.57 9.38 -23.55
CA GLY A 31 -83.79 8.68 -22.55
C GLY A 31 -83.36 7.28 -22.94
N CYS A 32 -84.30 6.49 -23.47
CA CYS A 32 -84.21 5.03 -23.55
C CYS A 32 -82.83 4.47 -23.88
N GLN A 33 -82.15 5.07 -24.85
CA GLN A 33 -80.83 4.58 -25.27
C GLN A 33 -79.72 5.21 -24.43
N ILE A 34 -79.63 6.54 -24.46
CA ILE A 34 -78.59 7.25 -23.72
C ILE A 34 -78.73 7.03 -22.22
N CYS A 35 -79.95 6.76 -21.75
CA CYS A 35 -80.15 6.41 -20.35
C CYS A 35 -79.41 5.11 -20.08
N GLN A 36 -79.81 4.03 -20.74
CA GLN A 36 -79.17 2.73 -20.54
C GLN A 36 -77.69 2.78 -20.91
N GLN A 37 -77.35 3.51 -21.97
CA GLN A 37 -75.97 3.56 -22.42
C GLN A 37 -75.05 4.20 -21.38
N LEU A 38 -75.59 5.11 -20.56
CA LEU A 38 -74.82 5.84 -19.57
C LEU A 38 -75.16 5.45 -18.14
N VAL A 39 -76.44 5.24 -17.84
CA VAL A 39 -76.88 5.04 -16.45
C VAL A 39 -76.35 3.68 -15.99
N ARG A 40 -75.33 3.74 -15.14
CA ARG A 40 -74.68 2.57 -14.58
C ARG A 40 -75.64 1.84 -13.64
N CYS A 41 -75.43 0.53 -13.47
CA CYS A 41 -76.09 -0.20 -12.41
C CYS A 41 -75.46 0.22 -11.08
N PHE A 42 -76.22 0.11 -10.00
CA PHE A 42 -75.65 0.29 -8.67
C PHE A 42 -74.67 -0.83 -8.36
N CYS A 43 -74.76 -1.92 -9.14
CA CYS A 43 -73.71 -2.91 -9.32
C CYS A 43 -72.31 -2.31 -9.37
N GLY A 44 -72.15 -1.17 -10.01
CA GLY A 44 -70.84 -0.75 -10.46
C GLY A 44 -70.86 -0.15 -11.84
N ARG A 45 -70.26 -0.84 -12.79
CA ARG A 45 -69.85 -0.29 -14.09
C ARG A 45 -71.09 0.05 -14.91
N LEU A 46 -70.87 0.43 -16.17
CA LEU A 46 -71.97 0.71 -17.07
C LEU A 46 -72.91 -0.47 -17.11
N VAL A 47 -74.22 -0.17 -17.04
CA VAL A 47 -75.21 -1.23 -16.99
C VAL A 47 -75.06 -2.16 -18.16
N LYS A 48 -74.71 -1.62 -19.34
CA LYS A 48 -74.57 -2.44 -20.55
C LYS A 48 -73.38 -3.39 -20.45
N GLN A 49 -72.39 -3.06 -19.63
CA GLN A 49 -71.18 -3.88 -19.54
C GLN A 49 -71.38 -5.17 -18.74
N HIS A 50 -72.48 -5.30 -18.01
CA HIS A 50 -72.72 -6.46 -17.14
C HIS A 50 -73.16 -7.66 -17.97
N ALA A 51 -72.19 -8.36 -18.56
CA ALA A 51 -72.58 -9.31 -19.59
C ALA A 51 -73.33 -10.50 -19.00
N CYS A 52 -72.62 -11.43 -18.35
CA CYS A 52 -73.17 -12.43 -17.42
C CYS A 52 -74.55 -12.95 -17.88
N PHE A 53 -74.57 -13.63 -19.03
CA PHE A 53 -75.69 -13.62 -19.99
C PHE A 53 -77.08 -13.38 -19.45
N THR A 54 -77.43 -13.98 -18.31
CA THR A 54 -78.77 -13.84 -17.74
C THR A 54 -79.16 -12.37 -17.56
N ALA A 55 -78.23 -11.55 -17.08
CA ALA A 55 -78.47 -10.11 -17.05
C ALA A 55 -78.56 -9.53 -18.45
N SER A 56 -77.83 -10.10 -19.41
CA SER A 56 -77.77 -9.53 -20.76
C SER A 56 -79.04 -9.79 -21.55
N LEU A 57 -79.80 -10.83 -21.20
CA LEU A 57 -81.14 -10.98 -21.77
C LEU A 57 -82.13 -10.01 -21.14
N ALA A 58 -81.69 -9.22 -20.15
CA ALA A 58 -82.47 -8.11 -19.62
C ALA A 58 -81.90 -6.76 -20.06
N MET A 59 -80.57 -6.65 -20.15
CA MET A 59 -79.95 -5.45 -20.71
C MET A 59 -80.47 -5.15 -22.11
N LYS A 60 -80.85 -6.19 -22.84
CA LYS A 60 -81.43 -6.11 -24.17
C LYS A 60 -82.43 -4.97 -24.30
N TYR A 61 -83.43 -4.90 -23.39
CA TYR A 61 -84.33 -3.75 -23.42
C TYR A 61 -83.75 -2.55 -22.65
N SER A 62 -83.59 -2.64 -21.33
CA SER A 62 -82.85 -1.63 -20.57
C SER A 62 -82.04 -2.23 -19.42
N ASP A 63 -82.66 -3.15 -18.69
CA ASP A 63 -82.16 -3.61 -17.40
C ASP A 63 -82.94 -4.87 -17.03
N VAL A 64 -82.86 -5.28 -15.75
CA VAL A 64 -83.77 -6.27 -15.20
C VAL A 64 -84.90 -5.46 -14.56
N LYS A 65 -86.06 -6.10 -14.30
CA LYS A 65 -87.15 -5.44 -13.59
C LYS A 65 -87.67 -4.21 -14.34
N LEU A 66 -88.48 -4.44 -15.37
CA LEU A 66 -88.82 -3.51 -16.46
C LEU A 66 -88.96 -2.05 -16.06
N GLY A 67 -88.04 -1.21 -16.58
CA GLY A 67 -88.11 0.23 -16.39
C GLY A 67 -88.38 0.65 -14.96
N GLU A 68 -89.56 1.24 -14.74
CA GLU A 68 -89.98 1.62 -13.41
C GLU A 68 -90.11 0.40 -12.51
N HIS A 69 -91.16 -0.41 -12.72
CA HIS A 69 -91.43 -1.70 -12.07
C HIS A 69 -90.92 -1.75 -10.62
N PHE A 70 -91.40 -0.84 -9.78
CA PHE A 70 -90.83 -0.61 -8.44
C PHE A 70 -89.36 -0.22 -8.54
N ASN A 71 -89.14 0.97 -9.11
CA ASN A 71 -87.79 1.54 -9.16
C ASN A 71 -87.16 1.68 -7.77
N GLN A 72 -87.98 1.82 -6.73
CA GLN A 72 -87.46 1.90 -5.37
C GLN A 72 -86.94 0.55 -4.88
N ALA A 73 -87.57 -0.54 -5.34
CA ALA A 73 -87.29 -1.86 -4.80
C ALA A 73 -85.85 -2.30 -5.03
N ILE A 74 -85.19 -1.73 -6.05
CA ILE A 74 -83.89 -2.28 -6.46
C ILE A 74 -82.77 -1.86 -5.52
N GLU A 75 -82.20 -0.65 -5.69
CA GLU A 75 -81.57 0.18 -4.66
C GLU A 75 -80.94 -0.53 -3.46
N GLU A 76 -80.41 -1.75 -3.65
CA GLU A 76 -79.56 -2.35 -2.63
C GLU A 76 -78.41 -3.13 -3.25
N TRP A 77 -78.65 -3.76 -4.41
CA TRP A 77 -77.70 -4.65 -5.06
C TRP A 77 -77.14 -5.64 -4.04
N SER A 78 -77.98 -6.58 -3.58
CA SER A 78 -77.55 -7.57 -2.60
C SER A 78 -76.29 -8.26 -3.08
N VAL A 79 -75.23 -8.20 -2.26
CA VAL A 79 -74.00 -8.85 -2.65
C VAL A 79 -74.06 -10.27 -2.09
N GLU A 80 -75.09 -11.04 -2.46
CA GLU A 80 -75.03 -12.49 -2.61
C GLU A 80 -76.07 -13.03 -3.62
N LYS A 81 -77.21 -12.34 -3.75
CA LYS A 81 -78.33 -12.83 -4.56
C LYS A 81 -78.36 -12.16 -5.93
N HIS A 82 -78.29 -10.83 -5.93
CA HIS A 82 -78.03 -10.04 -7.11
C HIS A 82 -76.55 -10.10 -7.53
N THR A 83 -75.76 -10.97 -6.88
CA THR A 83 -74.32 -11.01 -7.06
C THR A 83 -73.83 -12.43 -6.76
N GLU A 84 -73.67 -13.25 -7.80
CA GLU A 84 -73.06 -14.57 -7.66
C GLU A 84 -71.58 -14.51 -8.04
N GLN A 85 -70.80 -15.43 -7.48
CA GLN A 85 -69.37 -15.53 -7.75
C GLN A 85 -69.07 -16.81 -8.50
N SER A 86 -67.85 -16.87 -9.03
CA SER A 86 -67.43 -17.92 -9.95
C SER A 86 -65.92 -18.01 -9.88
N PRO A 87 -65.31 -19.07 -10.45
CA PRO A 87 -63.84 -19.21 -10.36
C PRO A 87 -63.09 -18.01 -10.91
N THR A 88 -61.96 -17.69 -10.29
CA THR A 88 -61.23 -16.49 -10.64
C THR A 88 -60.64 -16.59 -12.03
N ASP A 89 -60.63 -15.46 -12.74
CA ASP A 89 -59.99 -15.34 -14.04
C ASP A 89 -59.06 -14.14 -14.11
N ALA A 90 -58.64 -13.60 -12.95
CA ALA A 90 -57.64 -12.53 -12.90
C ALA A 90 -56.73 -12.85 -11.72
N TYR A 91 -55.69 -13.63 -12.00
CA TYR A 91 -54.68 -13.97 -11.00
C TYR A 91 -53.44 -14.38 -11.78
N GLY A 92 -52.33 -13.72 -11.51
CA GLY A 92 -51.18 -13.84 -12.38
C GLY A 92 -49.92 -13.33 -11.73
N VAL A 93 -49.12 -12.58 -12.48
CA VAL A 93 -47.95 -11.91 -11.93
C VAL A 93 -47.74 -10.57 -12.62
N ILE A 94 -47.81 -9.49 -11.85
CA ILE A 94 -47.46 -8.16 -12.35
C ILE A 94 -45.98 -8.19 -12.72
N ASN A 95 -45.62 -7.37 -13.72
CA ASN A 95 -44.25 -7.17 -14.14
C ASN A 95 -43.88 -5.68 -14.08
N PHE A 96 -44.87 -4.80 -13.90
CA PHE A 96 -44.63 -3.37 -13.79
C PHE A 96 -43.88 -2.83 -15.00
N GLN A 97 -44.55 -2.79 -16.15
CA GLN A 97 -43.89 -2.50 -17.41
C GLN A 97 -43.19 -1.15 -17.36
N GLY A 98 -41.86 -1.22 -17.28
CA GLY A 98 -40.99 -0.06 -17.16
C GLY A 98 -40.72 0.19 -15.69
N GLY A 99 -39.59 -0.31 -15.18
CA GLY A 99 -39.31 -0.20 -13.77
C GLY A 99 -37.88 -0.12 -13.31
N SER A 100 -36.92 -0.02 -14.23
CA SER A 100 -35.53 0.15 -13.86
C SER A 100 -34.99 -1.01 -13.01
N HIS A 101 -34.73 -2.15 -13.66
CA HIS A 101 -34.46 -3.49 -13.10
C HIS A 101 -35.76 -4.26 -12.84
N SER A 102 -36.90 -3.63 -13.10
CA SER A 102 -38.19 -4.33 -13.22
C SER A 102 -38.51 -5.13 -11.96
N TYR A 103 -38.48 -4.44 -10.82
CA TYR A 103 -39.04 -4.90 -9.55
C TYR A 103 -40.37 -5.61 -9.81
N ARG A 104 -40.59 -6.76 -9.17
CA ARG A 104 -41.73 -7.60 -9.49
C ARG A 104 -42.70 -7.69 -8.31
N ALA A 105 -43.88 -8.22 -8.60
CA ALA A 105 -44.91 -8.46 -7.61
C ALA A 105 -45.85 -9.52 -8.18
N LYS A 106 -47.02 -9.67 -7.56
CA LYS A 106 -47.90 -10.77 -7.91
C LYS A 106 -49.28 -10.48 -7.35
N TYR A 107 -50.30 -11.11 -7.94
CA TYR A 107 -51.68 -10.77 -7.60
C TYR A 107 -52.59 -11.97 -7.67
N VAL A 108 -53.73 -11.81 -7.01
CA VAL A 108 -54.84 -12.75 -7.01
C VAL A 108 -56.08 -11.87 -7.07
N ARG A 109 -57.27 -12.46 -7.11
CA ARG A 109 -58.50 -11.68 -7.12
C ARG A 109 -59.65 -12.51 -6.56
N LEU A 110 -60.07 -12.21 -5.34
CA LEU A 110 -60.98 -13.07 -4.61
C LEU A 110 -62.23 -12.31 -4.17
N SER A 111 -63.07 -13.04 -3.46
CA SER A 111 -64.33 -12.53 -2.93
C SER A 111 -64.19 -12.28 -1.43
N TYR A 112 -64.70 -11.13 -0.97
CA TYR A 112 -64.42 -10.71 0.41
C TYR A 112 -65.03 -11.65 1.44
N ASP A 113 -66.01 -12.46 1.06
CA ASP A 113 -66.56 -13.45 1.99
C ASP A 113 -65.58 -14.59 2.23
N THR A 114 -64.51 -14.67 1.44
CA THR A 114 -63.47 -15.68 1.60
C THR A 114 -62.95 -15.67 3.03
N LYS A 115 -62.63 -16.85 3.56
CA LYS A 115 -62.22 -17.00 4.94
C LYS A 115 -60.70 -16.94 5.05
N PRO A 116 -60.16 -16.40 6.15
CA PRO A 116 -58.71 -16.13 6.17
C PRO A 116 -57.84 -17.37 6.12
N GLU A 117 -58.41 -18.54 6.44
CA GLU A 117 -57.69 -19.79 6.31
C GLU A 117 -57.19 -19.96 4.87
N ILE A 118 -57.99 -19.52 3.91
CA ILE A 118 -57.68 -19.71 2.50
C ILE A 118 -56.57 -18.74 2.09
N ILE A 119 -56.67 -17.50 2.54
CA ILE A 119 -55.68 -16.50 2.16
C ILE A 119 -54.34 -16.87 2.78
N LEU A 120 -54.36 -17.33 4.03
CA LEU A 120 -53.12 -17.69 4.72
C LEU A 120 -52.45 -18.88 4.05
N GLN A 121 -53.21 -19.95 3.80
CA GLN A 121 -52.61 -21.18 3.30
C GLN A 121 -51.99 -20.99 1.93
N LEU A 122 -52.69 -20.30 1.01
CA LEU A 122 -52.10 -20.05 -0.29
C LEU A 122 -50.90 -19.12 -0.19
N LEU A 123 -50.94 -18.19 0.76
CA LEU A 123 -49.84 -17.27 0.95
C LEU A 123 -48.58 -18.04 1.34
N LEU A 124 -48.73 -19.03 2.22
CA LEU A 124 -47.61 -19.81 2.72
C LEU A 124 -47.42 -21.12 1.97
N LYS A 125 -48.37 -21.52 1.10
CA LYS A 125 -48.19 -22.70 0.26
C LYS A 125 -48.07 -22.32 -1.20
N GLU A 126 -49.09 -21.66 -1.73
CA GLU A 126 -49.12 -21.35 -3.15
C GLU A 126 -48.07 -20.31 -3.45
N TRP A 127 -48.13 -19.18 -2.75
CA TRP A 127 -47.13 -18.14 -2.93
C TRP A 127 -45.83 -18.49 -2.23
N GLN A 128 -45.86 -19.51 -1.36
CA GLN A 128 -44.66 -20.15 -0.83
C GLN A 128 -43.78 -19.18 -0.06
N MET A 129 -44.25 -18.74 1.10
CA MET A 129 -43.48 -17.91 2.00
C MET A 129 -43.44 -18.59 3.36
N GLU A 130 -42.58 -18.08 4.25
CA GLU A 130 -42.69 -18.45 5.66
C GLU A 130 -43.51 -17.41 6.39
N LEU A 131 -44.21 -17.86 7.42
CA LEU A 131 -44.85 -16.98 8.37
C LEU A 131 -43.88 -15.90 8.80
N PRO A 132 -44.30 -14.64 8.96
CA PRO A 132 -43.31 -13.61 9.25
C PRO A 132 -42.94 -13.74 10.70
N LYS A 133 -42.12 -12.80 11.15
CA LYS A 133 -41.94 -12.60 12.57
C LYS A 133 -42.45 -11.24 13.04
N LEU A 134 -43.00 -10.44 12.12
CA LEU A 134 -43.70 -9.22 12.48
C LEU A 134 -44.67 -8.88 11.35
N VAL A 135 -45.76 -8.20 11.71
CA VAL A 135 -46.76 -7.73 10.75
C VAL A 135 -46.93 -6.25 11.00
N ILE A 136 -46.34 -5.42 10.14
CA ILE A 136 -46.47 -3.98 10.22
C ILE A 136 -47.62 -3.56 9.31
N SER A 137 -48.84 -3.59 9.85
CA SER A 137 -50.01 -3.15 9.11
C SER A 137 -50.18 -1.64 9.22
N VAL A 138 -49.86 -0.92 8.16
CA VAL A 138 -49.77 0.53 8.22
C VAL A 138 -51.13 1.18 7.96
N HIS A 139 -52.00 1.20 8.99
CA HIS A 139 -53.33 1.76 8.80
C HIS A 139 -53.28 3.27 8.88
N GLY A 140 -52.63 3.92 7.92
CA GLY A 140 -52.47 5.36 7.97
C GLY A 140 -53.40 6.08 7.01
N GLY A 141 -53.10 7.35 6.77
CA GLY A 141 -53.86 8.16 5.85
C GLY A 141 -53.39 7.96 4.43
N MET A 142 -54.34 7.97 3.50
CA MET A 142 -54.11 7.42 2.16
C MET A 142 -54.35 8.47 1.07
N GLN A 143 -53.76 9.65 1.22
CA GLN A 143 -54.02 10.78 0.32
C GLN A 143 -52.72 11.40 -0.21
N LYS A 144 -51.82 10.56 -0.73
CA LYS A 144 -50.64 10.94 -1.52
C LYS A 144 -49.85 12.14 -0.99
N PHE A 145 -49.90 12.32 0.32
CA PHE A 145 -49.54 13.54 1.04
C PHE A 145 -48.04 13.83 0.96
N GLU A 146 -47.58 14.89 1.63
CA GLU A 146 -46.24 15.44 1.40
C GLU A 146 -45.55 15.76 2.72
N LEU A 147 -44.23 15.55 2.73
CA LEU A 147 -43.41 15.60 3.94
C LEU A 147 -42.18 16.48 3.67
N HIS A 148 -41.31 16.56 4.69
CA HIS A 148 -39.99 17.17 4.78
C HIS A 148 -38.93 16.09 4.59
N PRO A 149 -37.76 16.39 3.95
CA PRO A 149 -36.82 15.32 3.61
C PRO A 149 -36.39 14.41 4.75
N ARG A 150 -36.05 14.99 5.90
CA ARG A 150 -35.58 14.22 7.05
C ARG A 150 -36.55 13.11 7.42
N ILE A 151 -37.84 13.44 7.44
CA ILE A 151 -38.85 12.45 7.81
C ILE A 151 -39.25 11.59 6.62
N LYS A 152 -39.11 12.12 5.40
CA LYS A 152 -39.20 11.27 4.22
C LYS A 152 -38.07 10.26 4.18
N GLN A 153 -36.92 10.62 4.77
CA GLN A 153 -35.67 9.91 4.60
C GLN A 153 -35.37 9.05 5.83
N LEU A 154 -35.31 9.69 7.01
CA LEU A 154 -34.98 8.99 8.25
C LEU A 154 -36.04 7.97 8.62
N LEU A 155 -37.31 8.36 8.54
CA LEU A 155 -38.40 7.49 8.97
C LEU A 155 -38.36 6.16 8.26
N GLY A 156 -37.95 6.16 6.99
CA GLY A 156 -37.74 4.93 6.27
C GLY A 156 -36.55 4.15 6.79
N LYS A 157 -35.51 4.86 7.24
CA LYS A 157 -34.29 4.19 7.70
C LYS A 157 -34.64 3.22 8.82
N GLY A 158 -35.57 3.64 9.69
CA GLY A 158 -36.08 2.69 10.65
C GLY A 158 -36.97 1.66 10.01
N LEU A 159 -38.15 2.09 9.56
CA LEU A 159 -39.25 1.22 9.12
C LEU A 159 -38.80 0.06 8.26
N ILE A 160 -37.90 0.32 7.32
CA ILE A 160 -37.30 -0.71 6.49
C ILE A 160 -36.53 -1.65 7.40
N LYS A 161 -35.68 -1.07 8.24
CA LYS A 161 -34.75 -1.84 9.05
C LYS A 161 -35.47 -2.77 10.03
N ALA A 162 -36.54 -2.28 10.65
CA ALA A 162 -37.31 -3.12 11.56
C ALA A 162 -37.94 -4.29 10.83
N ALA A 163 -38.24 -4.12 9.55
CA ALA A 163 -38.96 -5.14 8.79
C ALA A 163 -38.04 -6.15 8.12
N VAL A 164 -36.87 -5.74 7.68
CA VAL A 164 -35.87 -6.67 7.17
C VAL A 164 -35.23 -7.47 8.29
N THR A 165 -35.06 -6.88 9.47
CA THR A 165 -34.50 -7.57 10.63
C THR A 165 -35.49 -8.51 11.31
N THR A 166 -36.76 -8.50 10.88
CA THR A 166 -37.75 -9.41 11.44
C THR A 166 -38.57 -10.09 10.35
N GLY A 167 -38.12 -10.09 9.10
CA GLY A 167 -38.78 -10.77 8.01
C GLY A 167 -40.25 -10.44 7.90
N ALA A 168 -40.57 -9.17 8.11
CA ALA A 168 -41.95 -8.76 8.28
C ALA A 168 -42.75 -8.89 6.98
N TRP A 169 -44.05 -8.64 7.09
CA TRP A 169 -44.94 -8.43 5.96
C TRP A 169 -45.64 -7.10 6.06
N ILE A 170 -45.10 -6.03 5.50
CA ILE A 170 -45.76 -4.73 5.61
C ILE A 170 -47.08 -4.86 4.84
N LEU A 171 -48.17 -4.47 5.48
CA LEU A 171 -49.51 -4.67 4.96
C LEU A 171 -50.18 -3.32 4.76
N THR A 172 -49.94 -2.73 3.59
CA THR A 172 -50.43 -1.40 3.28
C THR A 172 -51.86 -1.47 2.75
N GLY A 173 -52.34 -0.36 2.19
CA GLY A 173 -53.58 -0.35 1.43
C GLY A 173 -53.39 -0.61 -0.05
N GLY A 174 -52.14 -0.83 -0.48
CA GLY A 174 -51.88 -1.11 -1.89
C GLY A 174 -51.69 0.12 -2.75
N VAL A 175 -52.75 0.91 -2.91
CA VAL A 175 -52.86 2.00 -3.88
C VAL A 175 -51.69 2.97 -3.82
N ASN A 176 -51.29 3.50 -4.98
CA ASN A 176 -50.16 4.43 -5.04
C ASN A 176 -50.57 5.87 -4.75
N THR A 177 -51.73 6.08 -4.14
CA THR A 177 -52.16 7.41 -3.73
C THR A 177 -52.32 7.46 -2.22
N GLY A 178 -51.62 6.59 -1.52
CA GLY A 178 -51.78 6.51 -0.08
C GLY A 178 -50.55 5.93 0.58
N VAL A 179 -50.76 5.44 1.81
CA VAL A 179 -49.71 4.94 2.70
C VAL A 179 -48.75 4.02 1.96
N ALA A 180 -49.30 3.22 1.06
CA ALA A 180 -48.49 2.46 0.10
C ALA A 180 -47.49 3.37 -0.62
N LYS A 181 -47.95 4.50 -1.16
CA LYS A 181 -47.09 5.39 -1.92
C LYS A 181 -45.85 5.83 -1.14
N HIS A 182 -45.99 5.90 0.20
CA HIS A 182 -44.98 6.55 1.02
C HIS A 182 -43.93 5.56 1.47
N VAL A 183 -44.33 4.32 1.74
CA VAL A 183 -43.34 3.31 2.12
C VAL A 183 -42.45 2.98 0.93
N GLY A 184 -43.01 3.01 -0.27
CA GLY A 184 -42.24 2.82 -1.48
C GLY A 184 -41.14 3.84 -1.64
N ASP A 185 -41.42 5.07 -1.21
CA ASP A 185 -40.39 6.10 -1.20
C ASP A 185 -39.25 5.70 -0.27
N ALA A 186 -39.58 4.97 0.79
CA ALA A 186 -38.56 4.46 1.68
C ALA A 186 -37.96 3.18 1.13
N LEU A 187 -38.79 2.29 0.59
CA LEU A 187 -38.31 1.01 0.07
C LEU A 187 -37.25 1.19 -1.01
N LYS A 188 -37.29 2.32 -1.73
CA LYS A 188 -36.36 2.57 -2.84
C LYS A 188 -35.13 3.32 -2.35
N GLU A 189 -35.33 4.29 -1.46
CA GLU A 189 -34.21 5.04 -0.89
C GLU A 189 -33.22 4.13 -0.18
N HIS A 190 -33.68 2.94 0.23
CA HIS A 190 -32.85 1.98 0.93
C HIS A 190 -32.45 0.82 0.04
N ALA A 191 -33.39 0.30 -0.77
CA ALA A 191 -33.17 -0.74 -1.78
C ALA A 191 -32.95 -2.14 -1.19
N SER A 192 -32.78 -2.23 0.13
CA SER A 192 -32.53 -3.47 0.86
C SER A 192 -31.47 -4.38 0.24
N ARG A 193 -30.55 -3.81 -0.55
CA ARG A 193 -29.41 -4.53 -1.11
C ARG A 193 -29.81 -5.87 -1.73
N SER A 194 -30.47 -5.79 -2.89
CA SER A 194 -31.51 -6.71 -3.35
C SER A 194 -31.36 -8.14 -2.86
N SER A 195 -32.45 -8.66 -2.30
CA SER A 195 -32.44 -9.88 -1.51
C SER A 195 -33.88 -10.39 -1.45
N ARG A 196 -34.11 -11.33 -0.54
CA ARG A 196 -35.47 -11.63 -0.12
C ARG A 196 -35.90 -10.66 0.99
N LYS A 197 -35.94 -9.38 0.64
CA LYS A 197 -36.22 -8.34 1.63
C LYS A 197 -37.69 -8.37 1.99
N ILE A 198 -38.18 -7.28 2.60
CA ILE A 198 -39.57 -7.14 3.00
C ILE A 198 -40.48 -7.63 1.87
N CYS A 199 -41.49 -8.41 2.24
CA CYS A 199 -42.37 -9.08 1.31
C CYS A 199 -43.77 -8.49 1.37
N THR A 200 -43.81 -7.17 1.29
CA THR A 200 -45.00 -6.32 1.35
C THR A 200 -46.21 -6.86 0.60
N ILE A 201 -47.39 -6.73 1.22
CA ILE A 201 -48.61 -7.32 0.70
C ILE A 201 -49.54 -6.26 0.13
N GLY A 202 -49.84 -5.22 0.89
CA GLY A 202 -50.67 -4.13 0.44
C GLY A 202 -52.00 -4.49 -0.20
N ILE A 203 -52.93 -5.00 0.59
CA ILE A 203 -54.21 -5.48 0.05
C ILE A 203 -55.03 -4.27 -0.36
N ALA A 204 -55.64 -4.37 -1.54
CA ALA A 204 -56.56 -3.35 -2.03
C ALA A 204 -57.64 -4.01 -2.89
N PRO A 205 -58.63 -3.26 -3.36
CA PRO A 205 -59.65 -3.86 -4.23
C PRO A 205 -59.27 -3.88 -5.70
N TRP A 206 -60.15 -4.48 -6.49
CA TRP A 206 -60.11 -4.46 -7.95
C TRP A 206 -61.01 -3.38 -8.52
N GLY A 207 -61.64 -2.57 -7.68
CA GLY A 207 -62.64 -1.62 -8.13
C GLY A 207 -62.09 -0.26 -8.46
N VAL A 208 -61.22 0.27 -7.60
CA VAL A 208 -60.63 1.59 -7.82
C VAL A 208 -59.32 1.47 -8.59
N ILE A 209 -59.05 0.31 -9.18
CA ILE A 209 -57.74 0.01 -9.75
C ILE A 209 -57.68 0.43 -11.22
N GLU A 210 -56.50 0.89 -11.63
CA GLU A 210 -56.23 1.31 -13.00
C GLU A 210 -55.67 0.16 -13.82
N ASN A 211 -56.07 0.14 -15.10
CA ASN A 211 -55.67 -0.89 -16.05
C ASN A 211 -55.97 -2.27 -15.52
N ARG A 212 -57.18 -2.43 -15.00
CA ARG A 212 -57.69 -3.73 -14.61
C ARG A 212 -57.67 -4.73 -15.76
N ASN A 213 -57.89 -4.25 -16.98
CA ASN A 213 -58.03 -5.15 -18.12
C ASN A 213 -56.69 -5.70 -18.58
N ASP A 214 -55.59 -5.01 -18.25
CA ASP A 214 -54.27 -5.50 -18.64
C ASP A 214 -53.94 -6.82 -17.97
N LEU A 215 -54.36 -6.99 -16.72
CA LEU A 215 -53.94 -8.12 -15.90
C LEU A 215 -55.11 -9.08 -15.64
N VAL A 216 -55.95 -9.28 -16.67
CA VAL A 216 -57.03 -10.27 -16.64
C VAL A 216 -56.49 -11.56 -17.24
N GLY A 217 -57.01 -12.68 -16.76
CA GLY A 217 -56.65 -13.99 -17.27
C GLY A 217 -56.12 -14.86 -16.14
N ARG A 218 -56.17 -16.15 -16.36
CA ARG A 218 -55.72 -17.11 -15.37
C ARG A 218 -54.21 -17.28 -15.45
N ASP A 219 -53.55 -17.27 -14.28
CA ASP A 219 -52.11 -17.45 -14.04
C ASP A 219 -51.26 -16.84 -15.16
N VAL A 220 -51.51 -15.56 -15.44
CA VAL A 220 -51.09 -14.91 -16.67
C VAL A 220 -50.22 -13.71 -16.33
N VAL A 221 -49.09 -13.58 -17.01
CA VAL A 221 -48.24 -12.40 -16.89
C VAL A 221 -49.06 -11.20 -17.34
N ALA A 222 -48.79 -10.05 -16.76
CA ALA A 222 -49.59 -8.84 -16.97
C ALA A 222 -48.70 -7.77 -17.57
N PRO A 223 -49.12 -7.14 -18.71
CA PRO A 223 -48.43 -5.91 -19.14
C PRO A 223 -48.97 -4.71 -18.39
N TYR A 224 -48.74 -4.70 -17.08
CA TYR A 224 -49.19 -3.60 -16.24
C TYR A 224 -48.24 -2.43 -16.38
N GLN A 225 -48.79 -1.25 -16.67
CA GLN A 225 -48.00 -0.13 -17.16
C GLN A 225 -48.01 1.05 -16.18
N THR A 226 -46.91 1.79 -16.20
CA THR A 226 -46.67 2.93 -15.32
C THR A 226 -47.39 4.18 -15.85
N LEU A 227 -48.68 4.27 -15.56
CA LEU A 227 -49.49 5.40 -16.03
C LEU A 227 -49.51 6.53 -15.00
N LEU A 228 -48.69 7.56 -15.25
CA LEU A 228 -48.77 8.81 -14.51
C LEU A 228 -49.49 9.90 -15.30
N ASN A 229 -50.51 9.50 -16.08
CA ASN A 229 -51.49 10.38 -16.71
C ASN A 229 -51.96 11.40 -15.67
N PRO A 230 -51.94 12.75 -15.94
CA PRO A 230 -52.15 13.71 -14.84
C PRO A 230 -53.46 13.55 -14.08
N LEU A 231 -54.55 13.15 -14.73
CA LEU A 231 -55.83 13.06 -14.01
C LEU A 231 -56.08 11.66 -13.46
N SER A 232 -56.34 10.68 -14.36
CA SER A 232 -56.43 9.26 -14.03
C SER A 232 -57.17 8.96 -12.74
N LYS A 233 -58.50 9.13 -12.74
CA LYS A 233 -59.31 8.81 -11.56
C LYS A 233 -58.96 7.42 -10.99
N LEU A 234 -58.80 6.43 -11.86
CA LEU A 234 -58.24 5.17 -11.42
C LEU A 234 -56.75 5.34 -11.16
N ASN A 235 -56.23 4.53 -10.23
CA ASN A 235 -54.90 4.72 -9.68
C ASN A 235 -54.05 3.49 -9.93
N VAL A 236 -52.74 3.71 -10.05
CA VAL A 236 -51.80 2.61 -10.21
C VAL A 236 -51.50 2.03 -8.83
N LEU A 237 -51.18 0.74 -8.78
CA LEU A 237 -50.51 0.16 -7.63
C LEU A 237 -49.14 0.78 -7.53
N ASN A 238 -48.68 0.99 -6.31
CA ASN A 238 -47.34 1.53 -6.14
C ASN A 238 -46.29 0.52 -6.57
N ASN A 239 -45.14 1.04 -6.97
CA ASN A 239 -44.07 0.27 -7.56
C ASN A 239 -43.57 -0.83 -6.65
N LEU A 240 -42.90 -0.46 -5.56
CA LEU A 240 -41.97 -1.38 -4.92
C LEU A 240 -42.65 -2.51 -4.17
N HIS A 241 -43.93 -2.35 -3.88
CA HIS A 241 -44.74 -3.42 -3.31
C HIS A 241 -44.60 -4.73 -4.07
N SER A 242 -44.24 -5.77 -3.33
CA SER A 242 -44.26 -7.16 -3.76
C SER A 242 -45.72 -7.61 -3.69
N HIS A 243 -45.96 -8.91 -3.45
CA HIS A 243 -47.24 -9.61 -3.49
C HIS A 243 -48.45 -8.72 -3.27
N PHE A 244 -49.48 -8.83 -4.11
CA PHE A 244 -50.70 -8.06 -3.98
C PHE A 244 -51.88 -8.99 -3.83
N ILE A 245 -52.97 -8.44 -3.29
CA ILE A 245 -54.28 -9.07 -3.35
C ILE A 245 -55.25 -7.99 -3.85
N LEU A 246 -56.16 -8.40 -4.72
CA LEU A 246 -57.03 -7.49 -5.43
C LEU A 246 -58.47 -7.95 -5.27
N VAL A 247 -58.89 -8.08 -4.01
CA VAL A 247 -60.21 -8.57 -3.62
C VAL A 247 -61.29 -7.86 -4.43
N ASP A 248 -62.00 -8.61 -5.26
CA ASP A 248 -63.06 -8.03 -6.09
C ASP A 248 -64.38 -8.21 -5.33
N ASP A 249 -64.82 -7.10 -4.74
CA ASP A 249 -66.15 -7.01 -4.15
C ASP A 249 -67.24 -7.43 -5.12
N GLY A 250 -66.99 -7.25 -6.42
CA GLY A 250 -67.97 -7.49 -7.46
C GLY A 250 -68.49 -6.16 -7.97
N THR A 251 -67.70 -5.10 -7.78
CA THR A 251 -68.13 -3.76 -8.16
C THR A 251 -66.90 -2.87 -8.35
N VAL A 252 -66.80 -2.32 -9.55
CA VAL A 252 -65.94 -1.18 -9.85
C VAL A 252 -66.24 -0.01 -8.91
N GLY A 253 -65.23 0.84 -8.67
CA GLY A 253 -65.42 2.10 -8.01
C GLY A 253 -65.53 2.05 -6.50
N LYS A 254 -66.36 1.14 -5.99
CA LYS A 254 -66.60 0.96 -4.58
C LYS A 254 -65.29 0.71 -3.82
N TYR A 255 -65.37 0.87 -2.48
CA TYR A 255 -64.28 0.61 -1.56
C TYR A 255 -64.62 -0.62 -0.72
N GLY A 256 -63.81 -0.91 0.30
CA GLY A 256 -64.16 -1.87 1.31
C GLY A 256 -63.34 -3.15 1.29
N ALA A 257 -62.63 -3.43 0.19
CA ALA A 257 -61.91 -4.69 0.10
C ALA A 257 -60.49 -4.51 0.66
N GLU A 258 -60.41 -3.90 1.84
CA GLU A 258 -59.21 -3.87 2.66
C GLU A 258 -59.58 -4.54 3.97
N VAL A 259 -60.60 -4.01 4.64
CA VAL A 259 -60.89 -4.29 6.04
C VAL A 259 -61.46 -5.69 6.24
N ARG A 260 -62.20 -6.20 5.27
CA ARG A 260 -62.81 -7.52 5.42
C ARG A 260 -61.76 -8.60 5.59
N LEU A 261 -60.58 -8.38 5.01
CA LEU A 261 -59.46 -9.32 5.12
C LEU A 261 -58.32 -8.75 5.95
N ARG A 262 -58.01 -7.47 5.77
CA ARG A 262 -56.91 -6.86 6.51
C ARG A 262 -57.21 -6.85 8.01
N ARG A 263 -58.48 -7.00 8.38
CA ARG A 263 -58.83 -7.37 9.74
C ARG A 263 -58.43 -8.80 10.03
N GLU A 264 -59.00 -9.74 9.26
CA GLU A 264 -58.91 -11.17 9.54
C GLU A 264 -57.47 -11.64 9.48
N LEU A 265 -56.72 -11.16 8.49
CA LEU A 265 -55.34 -11.56 8.29
C LEU A 265 -54.53 -11.25 9.54
N GLU A 266 -54.58 -10.00 10.00
CA GLU A 266 -53.90 -9.56 11.21
C GLU A 266 -54.16 -10.48 12.39
N LYS A 267 -55.43 -10.69 12.73
CA LYS A 267 -55.77 -11.60 13.81
C LYS A 267 -55.32 -13.02 13.50
N THR A 268 -55.43 -13.43 12.24
CA THR A 268 -55.19 -14.82 11.88
C THR A 268 -53.71 -15.15 11.88
N ILE A 269 -52.86 -14.17 11.60
CA ILE A 269 -51.42 -14.35 11.77
C ILE A 269 -51.04 -14.30 13.24
N ASN A 270 -51.68 -13.41 14.00
CA ASN A 270 -51.48 -13.33 15.44
C ASN A 270 -52.00 -14.56 16.17
N GLN A 271 -52.75 -15.42 15.50
CA GLN A 271 -53.18 -16.70 16.04
C GLN A 271 -52.15 -17.79 15.87
N GLN A 272 -51.17 -17.61 14.98
CA GLN A 272 -50.22 -18.64 14.65
C GLN A 272 -48.95 -18.48 15.49
N ARG A 273 -48.23 -19.59 15.66
CA ARG A 273 -47.05 -19.63 16.52
C ARG A 273 -45.85 -19.05 15.79
N ILE A 274 -45.12 -18.18 16.49
CA ILE A 274 -44.01 -17.42 15.91
C ILE A 274 -42.88 -18.33 15.45
N HIS A 275 -42.76 -19.51 16.03
CA HIS A 275 -41.64 -20.41 15.75
C HIS A 275 -41.95 -21.74 16.41
N ALA A 276 -41.26 -22.79 15.95
CA ALA A 276 -41.49 -24.14 16.48
C ALA A 276 -41.29 -24.19 17.99
N ARG A 277 -40.16 -23.68 18.47
CA ARG A 277 -39.84 -23.66 19.88
C ARG A 277 -40.77 -22.71 20.64
N ILE A 278 -40.86 -21.47 20.19
CA ILE A 278 -41.60 -20.44 20.91
C ILE A 278 -43.08 -20.74 20.76
N GLY A 279 -43.90 -20.24 21.68
CA GLY A 279 -45.32 -20.50 21.70
C GLY A 279 -46.18 -19.28 21.94
N GLN A 280 -45.75 -18.13 21.41
CA GLN A 280 -46.52 -16.90 21.48
C GLN A 280 -47.38 -16.76 20.23
N GLY A 281 -48.03 -15.61 20.09
CA GLY A 281 -48.69 -15.25 18.85
C GLY A 281 -47.84 -14.26 18.08
N VAL A 282 -47.87 -14.34 16.75
CA VAL A 282 -47.10 -13.43 15.92
C VAL A 282 -47.56 -12.01 16.23
N PRO A 283 -46.66 -11.04 16.40
CA PRO A 283 -47.10 -9.72 16.82
C PRO A 283 -47.66 -8.91 15.66
N VAL A 284 -48.59 -8.03 15.99
CA VAL A 284 -49.14 -7.05 15.06
C VAL A 284 -48.82 -5.68 15.62
N VAL A 285 -48.34 -4.79 14.75
CA VAL A 285 -48.09 -3.40 15.12
C VAL A 285 -48.73 -2.54 14.05
N ALA A 286 -49.41 -1.48 14.47
CA ALA A 286 -50.12 -0.59 13.57
C ALA A 286 -49.38 0.73 13.48
N LEU A 287 -48.95 1.09 12.27
CA LEU A 287 -48.29 2.35 12.02
C LEU A 287 -49.26 3.31 11.36
N ILE A 288 -49.03 4.61 11.59
CA ILE A 288 -49.95 5.66 11.18
C ILE A 288 -49.13 6.73 10.49
N PHE A 289 -49.43 6.96 9.21
CA PHE A 289 -48.95 8.15 8.49
C PHE A 289 -50.17 9.02 8.24
N GLU A 290 -50.31 10.07 9.05
CA GLU A 290 -51.28 11.16 8.98
C GLU A 290 -52.76 10.75 8.90
N GLY A 291 -53.08 9.45 9.05
CA GLY A 291 -54.44 8.96 9.29
C GLY A 291 -55.60 9.67 8.64
N GLY A 292 -56.58 10.03 9.46
CA GLY A 292 -57.78 10.65 8.99
C GLY A 292 -58.94 10.49 9.94
N PRO A 293 -60.12 10.97 9.54
CA PRO A 293 -61.29 10.83 10.40
C PRO A 293 -61.62 9.37 10.65
N ASN A 294 -61.48 8.55 9.61
CA ASN A 294 -61.72 7.11 9.75
C ASN A 294 -60.55 6.42 10.43
N VAL A 295 -59.32 6.81 10.09
CA VAL A 295 -58.14 6.15 10.64
C VAL A 295 -58.07 6.36 12.15
N ILE A 296 -58.29 7.60 12.59
CA ILE A 296 -58.22 7.97 14.00
C ILE A 296 -59.19 7.12 14.81
N LEU A 297 -60.25 6.64 14.17
CA LEU A 297 -61.08 5.59 14.76
C LEU A 297 -60.45 4.21 14.56
N THR A 298 -59.84 3.98 13.39
CA THR A 298 -59.16 2.71 13.17
C THR A 298 -58.05 2.51 14.19
N VAL A 299 -57.28 3.58 14.45
CA VAL A 299 -56.31 3.64 15.53
C VAL A 299 -56.98 3.16 16.81
N LEU A 300 -58.16 3.70 17.08
CA LEU A 300 -58.84 3.36 18.32
C LEU A 300 -59.23 1.89 18.35
N GLU A 301 -59.54 1.33 17.19
CA GLU A 301 -60.02 -0.04 17.16
C GLU A 301 -58.94 -0.98 17.65
N TYR A 302 -57.73 -0.81 17.13
CA TYR A 302 -56.60 -1.63 17.56
C TYR A 302 -56.29 -1.42 19.03
N LEU A 303 -56.47 -0.20 19.52
CA LEU A 303 -56.42 0.03 20.96
C LEU A 303 -57.51 -0.76 21.66
N GLN A 304 -58.66 -0.92 21.02
CA GLN A 304 -59.79 -1.61 21.61
C GLN A 304 -59.88 -3.10 21.28
N GLU A 305 -58.97 -3.63 20.46
CA GLU A 305 -59.05 -5.04 20.09
C GLU A 305 -58.66 -5.95 21.27
N SER A 306 -58.88 -7.25 21.08
CA SER A 306 -58.41 -8.26 22.02
C SER A 306 -57.89 -9.44 21.20
N PRO A 307 -56.56 -9.59 21.07
CA PRO A 307 -55.41 -8.93 21.72
C PRO A 307 -55.30 -7.42 21.45
N PRO A 308 -54.96 -6.59 22.47
CA PRO A 308 -54.84 -5.15 22.22
C PRO A 308 -53.66 -4.80 21.33
N VAL A 309 -53.89 -4.91 20.02
CA VAL A 309 -52.91 -4.56 19.00
C VAL A 309 -52.50 -3.11 19.22
N PRO A 310 -51.22 -2.79 19.49
CA PRO A 310 -50.87 -1.39 19.73
C PRO A 310 -50.86 -0.57 18.45
N VAL A 311 -50.48 0.71 18.57
CA VAL A 311 -50.38 1.60 17.42
C VAL A 311 -49.11 2.41 17.59
N VAL A 312 -48.55 2.85 16.46
CA VAL A 312 -47.45 3.78 16.42
C VAL A 312 -47.90 4.95 15.55
N VAL A 313 -47.89 6.14 16.11
CA VAL A 313 -48.11 7.36 15.34
C VAL A 313 -46.79 8.14 15.29
N CYS A 314 -46.80 9.23 14.54
CA CYS A 314 -45.59 9.97 14.21
C CYS A 314 -45.89 11.47 14.25
N GLU A 315 -45.13 12.21 15.05
CA GLU A 315 -45.21 13.66 15.02
C GLU A 315 -44.63 14.18 13.71
N GLY A 316 -45.48 14.67 12.82
CA GLY A 316 -45.03 15.43 11.67
C GLY A 316 -45.14 14.74 10.33
N THR A 317 -46.05 13.77 10.20
CA THR A 317 -46.45 13.26 8.90
C THR A 317 -47.73 13.92 8.38
N GLY A 318 -48.64 14.28 9.28
CA GLY A 318 -49.79 15.06 8.90
C GLY A 318 -50.87 14.99 9.96
N ARG A 319 -52.07 15.39 9.55
CA ARG A 319 -53.24 15.65 10.40
C ARG A 319 -53.43 14.68 11.58
N ALA A 320 -53.55 13.38 11.35
CA ALA A 320 -53.96 12.47 12.42
C ALA A 320 -52.78 12.11 13.31
N ALA A 321 -51.70 11.65 12.68
CA ALA A 321 -50.47 11.33 13.37
C ALA A 321 -50.00 12.52 14.20
N ASP A 322 -50.19 13.73 13.68
CA ASP A 322 -49.91 14.93 14.44
C ASP A 322 -50.85 15.07 15.63
N LEU A 323 -52.17 14.95 15.38
CA LEU A 323 -53.13 15.22 16.43
C LEU A 323 -53.09 14.15 17.52
N LEU A 324 -52.96 12.88 17.11
CA LEU A 324 -52.79 11.81 18.09
C LEU A 324 -51.51 12.04 18.88
N ALA A 325 -50.48 12.55 18.22
CA ALA A 325 -49.27 12.99 18.92
C ALA A 325 -49.51 14.30 19.66
N TYR A 326 -50.40 15.15 19.13
CA TYR A 326 -50.74 16.41 19.79
C TYR A 326 -51.44 16.16 21.12
N ILE A 327 -52.50 15.35 21.10
CA ILE A 327 -53.24 15.11 22.34
C ILE A 327 -52.41 14.27 23.30
N HIS A 328 -51.48 13.47 22.76
CA HIS A 328 -50.55 12.73 23.62
C HIS A 328 -49.72 13.69 24.47
N LYS A 329 -49.51 14.92 23.97
CA LYS A 329 -48.88 15.96 24.78
C LYS A 329 -49.88 16.57 25.77
N GLN A 330 -51.05 16.97 25.29
CA GLN A 330 -52.07 17.54 26.17
C GLN A 330 -52.55 16.53 27.21
N THR A 331 -53.15 15.43 26.75
CA THR A 331 -53.66 14.42 27.67
C THR A 331 -52.52 13.81 28.46
N GLU A 332 -52.72 13.73 29.78
CA GLU A 332 -51.82 13.10 30.71
C GLU A 332 -52.60 12.03 31.45
N GLU A 333 -51.96 10.86 31.61
CA GLU A 333 -52.54 9.65 32.20
C GLU A 333 -53.54 8.96 31.27
N GLY A 334 -53.89 9.59 30.15
CA GLY A 334 -54.98 9.09 29.34
C GLY A 334 -56.34 9.59 29.78
N GLY A 335 -56.64 9.40 31.07
CA GLY A 335 -57.95 9.76 31.58
C GLY A 335 -58.21 11.25 31.61
N ASN A 336 -57.16 12.06 31.75
CA ASN A 336 -57.30 13.51 31.75
C ASN A 336 -57.50 13.97 30.31
N LEU A 337 -57.76 15.27 30.12
CA LEU A 337 -57.92 15.82 28.78
C LEU A 337 -57.73 17.34 28.74
N PRO A 338 -56.62 17.89 29.29
CA PRO A 338 -56.77 19.02 30.23
C PRO A 338 -57.91 19.95 29.89
N ASP A 339 -58.86 20.05 30.83
CA ASP A 339 -60.15 20.68 30.54
C ASP A 339 -60.02 22.14 30.13
N ALA A 340 -58.88 22.77 30.43
CA ALA A 340 -58.62 24.13 29.97
C ALA A 340 -58.57 24.23 28.45
N ALA A 341 -58.41 23.11 27.75
CA ALA A 341 -58.25 23.10 26.30
C ALA A 341 -59.05 21.95 25.68
N GLU A 342 -60.14 21.53 26.32
CA GLU A 342 -60.87 20.37 25.83
C GLU A 342 -61.67 20.67 24.55
N PRO A 343 -62.16 21.88 24.29
CA PRO A 343 -62.41 22.26 22.89
C PRO A 343 -61.31 23.09 22.22
N ASP A 344 -60.24 23.45 22.93
CA ASP A 344 -59.16 24.17 22.26
C ASP A 344 -58.41 23.24 21.31
N ILE A 345 -58.35 21.95 21.63
CA ILE A 345 -57.97 20.99 20.61
C ILE A 345 -59.04 20.96 19.52
N ILE A 346 -60.32 21.05 19.91
CA ILE A 346 -61.39 21.09 18.90
C ILE A 346 -61.27 22.34 18.05
N SER A 347 -60.58 23.37 18.55
CA SER A 347 -60.15 24.47 17.67
C SER A 347 -59.13 23.96 16.65
N THR A 348 -58.21 23.10 17.10
CA THR A 348 -57.20 22.55 16.19
C THR A 348 -57.78 21.45 15.32
N ILE A 349 -58.70 20.65 15.87
CA ILE A 349 -59.35 19.58 15.12
C ILE A 349 -60.06 20.16 13.91
N LYS A 350 -60.59 21.37 14.07
CA LYS A 350 -61.23 22.11 12.99
C LYS A 350 -60.23 22.47 11.88
N LYS A 351 -59.17 23.19 12.23
CA LYS A 351 -58.33 23.84 11.22
C LYS A 351 -57.57 22.81 10.38
N THR A 352 -57.08 21.75 11.01
CA THR A 352 -56.23 20.78 10.31
C THR A 352 -57.02 20.07 9.21
N PHE A 353 -58.13 19.43 9.56
CA PHE A 353 -58.96 18.73 8.60
C PHE A 353 -59.73 19.67 7.69
N ASN A 354 -60.29 20.74 8.26
CA ASN A 354 -61.50 21.49 7.86
C ASN A 354 -62.80 20.75 8.22
N PHE A 355 -62.84 20.19 9.44
CA PHE A 355 -64.05 19.56 9.98
C PHE A 355 -65.16 20.58 10.24
N GLY A 356 -66.27 20.09 10.83
CA GLY A 356 -67.37 20.93 11.30
C GLY A 356 -67.43 21.02 12.81
N GLN A 357 -68.60 20.75 13.39
CA GLN A 357 -68.80 20.81 14.85
C GLN A 357 -69.23 19.47 15.43
N SER A 358 -70.30 18.90 14.88
CA SER A 358 -70.80 17.63 15.40
C SER A 358 -69.78 16.52 15.24
N GLU A 359 -68.96 16.59 14.20
CA GLU A 359 -67.84 15.69 14.00
C GLU A 359 -66.60 16.13 14.77
N ALA A 360 -66.52 17.41 15.12
CA ALA A 360 -65.38 17.93 15.86
C ALA A 360 -65.31 17.30 17.25
N VAL A 361 -66.45 17.22 17.94
CA VAL A 361 -66.51 16.49 19.20
C VAL A 361 -66.38 15.00 18.95
N HIS A 362 -66.87 14.52 17.81
CA HIS A 362 -66.77 13.10 17.48
C HIS A 362 -65.32 12.68 17.30
N LEU A 363 -64.53 13.51 16.62
CA LEU A 363 -63.09 13.29 16.59
C LEU A 363 -62.52 13.35 18.00
N PHE A 364 -62.90 14.39 18.74
CA PHE A 364 -62.46 14.54 20.12
C PHE A 364 -62.89 13.35 20.97
N GLN A 365 -64.08 12.82 20.70
CA GLN A 365 -64.53 11.60 21.37
C GLN A 365 -63.54 10.47 21.13
N THR A 366 -63.25 10.19 19.84
CA THR A 366 -62.29 9.16 19.47
C THR A 366 -60.94 9.40 20.15
N MET A 367 -60.51 10.65 20.21
CA MET A 367 -59.27 10.99 20.91
C MET A 367 -59.28 10.54 22.36
N MET A 368 -60.44 10.58 23.02
CA MET A 368 -60.50 10.21 24.43
C MET A 368 -60.22 8.72 24.60
N GLU A 369 -61.03 7.85 23.98
CA GLU A 369 -60.80 6.42 24.12
C GLU A 369 -59.43 6.03 23.60
N CYS A 370 -58.89 6.80 22.64
CA CYS A 370 -57.55 6.56 22.17
C CYS A 370 -56.55 6.74 23.30
N MET A 371 -56.78 7.77 24.11
CA MET A 371 -55.86 8.09 25.19
C MET A 371 -56.14 7.24 26.43
N LYS A 372 -57.37 6.75 26.60
CA LYS A 372 -57.75 5.99 27.80
C LYS A 372 -56.75 4.86 28.09
N LYS A 373 -56.22 4.25 27.04
CA LYS A 373 -54.95 3.53 27.12
C LYS A 373 -53.84 4.27 26.37
N LYS A 374 -53.18 5.21 27.03
CA LYS A 374 -51.89 5.70 26.54
C LYS A 374 -50.79 4.67 26.72
N GLU A 375 -51.05 3.58 27.45
CA GLU A 375 -50.06 2.56 27.72
C GLU A 375 -49.53 1.96 26.42
N LEU A 376 -50.40 1.29 25.66
CA LEU A 376 -49.95 0.54 24.48
C LEU A 376 -49.99 1.36 23.20
N ILE A 377 -49.48 2.58 23.25
CA ILE A 377 -49.37 3.41 22.06
C ILE A 377 -48.25 4.41 22.29
N THR A 378 -47.58 4.78 21.19
CA THR A 378 -46.36 5.57 21.26
C THR A 378 -46.40 6.64 20.18
N VAL A 379 -45.36 7.48 20.16
CA VAL A 379 -45.23 8.57 19.22
C VAL A 379 -43.77 8.64 18.79
N PHE A 380 -43.56 9.11 17.55
CA PHE A 380 -42.22 9.26 16.98
C PHE A 380 -41.92 10.74 16.84
N HIS A 381 -41.07 11.26 17.72
CA HIS A 381 -40.69 12.67 17.73
C HIS A 381 -39.33 12.82 17.05
N ILE A 382 -39.39 12.86 15.71
CA ILE A 382 -38.17 13.00 14.91
C ILE A 382 -37.45 14.30 15.22
N GLY A 383 -38.18 15.33 15.66
CA GLY A 383 -37.56 16.60 15.99
C GLY A 383 -36.63 16.55 17.19
N SER A 384 -36.71 15.48 18.00
CA SER A 384 -35.90 15.35 19.20
C SER A 384 -35.29 13.96 19.31
N GLU A 385 -34.56 13.74 20.39
CA GLU A 385 -33.87 12.48 20.66
C GLU A 385 -34.76 11.52 21.45
N ASP A 386 -35.98 11.29 20.96
CA ASP A 386 -36.99 10.54 21.71
C ASP A 386 -37.08 9.14 21.13
N HIS A 387 -36.27 8.23 21.67
CA HIS A 387 -36.17 6.85 21.21
C HIS A 387 -35.97 6.77 19.70
N GLN A 388 -34.78 7.15 19.21
CA GLN A 388 -34.55 7.38 17.78
C GLN A 388 -34.92 6.19 16.92
N ASP A 389 -34.96 6.40 15.60
CA ASP A 389 -34.89 5.28 14.66
C ASP A 389 -36.07 4.35 14.87
N ILE A 390 -37.23 4.73 14.33
CA ILE A 390 -38.57 4.21 14.68
C ILE A 390 -38.61 2.71 14.97
N ASP A 391 -37.64 1.95 14.44
CA ASP A 391 -37.37 0.56 14.80
C ASP A 391 -37.59 0.25 16.26
N VAL A 392 -36.83 0.92 17.11
CA VAL A 392 -36.78 0.65 18.54
C VAL A 392 -38.19 0.86 19.05
N ALA A 393 -38.81 1.97 18.65
CA ALA A 393 -40.18 2.27 19.04
C ALA A 393 -41.14 1.17 18.61
N ILE A 394 -41.03 0.73 17.36
CA ILE A 394 -41.93 -0.30 16.82
C ILE A 394 -41.69 -1.58 17.59
N LEU A 395 -40.45 -2.06 17.57
CA LEU A 395 -40.08 -3.30 18.26
C LEU A 395 -40.42 -3.20 19.75
N THR A 396 -40.09 -2.08 20.38
CA THR A 396 -40.33 -1.90 21.80
C THR A 396 -41.82 -1.86 22.13
N ALA A 397 -42.59 -1.17 21.30
CA ALA A 397 -43.98 -0.85 21.62
C ALA A 397 -44.81 -2.11 21.86
N LEU A 398 -44.43 -3.22 21.23
CA LEU A 398 -45.10 -4.49 21.45
C LEU A 398 -44.80 -5.08 22.82
N LEU A 399 -43.79 -4.56 23.52
CA LEU A 399 -43.32 -5.12 24.78
C LEU A 399 -43.77 -4.28 25.96
N LYS A 400 -43.69 -2.96 25.84
CA LYS A 400 -44.07 -2.06 26.92
C LYS A 400 -45.56 -2.16 27.20
N GLY A 401 -46.37 -2.00 26.17
CA GLY A 401 -47.81 -1.97 26.33
C GLY A 401 -48.41 -3.31 26.64
N THR A 402 -48.23 -4.26 25.71
CA THR A 402 -48.76 -5.61 25.87
C THR A 402 -48.19 -6.24 27.13
N ASN A 403 -49.06 -6.47 28.12
CA ASN A 403 -48.63 -7.05 29.37
C ASN A 403 -48.08 -8.45 29.14
N ALA A 404 -46.77 -8.60 29.33
CA ALA A 404 -46.11 -9.89 29.19
C ALA A 404 -44.84 -9.91 30.04
N SER A 405 -44.55 -11.05 30.66
CA SER A 405 -43.37 -11.17 31.49
C SER A 405 -42.11 -10.97 30.67
N ALA A 406 -41.01 -10.66 31.37
CA ALA A 406 -39.74 -10.41 30.69
C ALA A 406 -39.31 -11.64 29.89
N PHE A 407 -39.65 -12.83 30.39
CA PHE A 407 -39.58 -14.03 29.57
C PHE A 407 -40.34 -13.81 28.26
N ASP A 408 -41.64 -13.57 28.36
CA ASP A 408 -42.47 -13.39 27.17
C ASP A 408 -42.00 -12.21 26.34
N GLN A 409 -41.33 -11.25 26.95
CA GLN A 409 -40.69 -10.18 26.20
C GLN A 409 -39.46 -10.71 25.48
N LEU A 410 -38.52 -11.25 26.25
CA LEU A 410 -37.24 -11.75 25.75
C LEU A 410 -37.42 -12.72 24.59
N ILE A 411 -38.24 -13.75 24.81
CA ILE A 411 -38.42 -14.84 23.86
C ILE A 411 -38.87 -14.32 22.51
N LEU A 412 -39.58 -13.18 22.51
CA LEU A 412 -39.91 -12.53 21.25
C LEU A 412 -38.67 -11.90 20.63
N THR A 413 -37.90 -11.17 21.43
CA THR A 413 -36.64 -10.58 20.96
C THR A 413 -35.69 -11.65 20.46
N LEU A 414 -35.73 -12.82 21.10
CA LEU A 414 -34.94 -13.95 20.64
C LEU A 414 -35.35 -14.37 19.24
N ALA A 415 -36.66 -14.47 19.02
CA ALA A 415 -37.16 -14.82 17.69
C ALA A 415 -36.69 -13.79 16.67
N TRP A 416 -36.65 -12.54 17.09
CA TRP A 416 -36.10 -11.46 16.30
C TRP A 416 -34.64 -11.22 16.57
N ASP A 417 -33.76 -12.22 16.62
CA ASP A 417 -32.31 -12.12 16.42
C ASP A 417 -31.71 -10.73 16.69
N ARG A 418 -32.11 -10.09 17.79
CA ARG A 418 -31.79 -8.68 18.06
C ARG A 418 -31.63 -8.53 19.58
N VAL A 419 -30.39 -8.38 20.01
CA VAL A 419 -30.11 -8.19 21.43
C VAL A 419 -30.26 -6.73 21.83
N ASP A 420 -29.87 -5.83 20.94
CA ASP A 420 -29.75 -4.41 21.23
C ASP A 420 -31.03 -3.83 21.83
N ILE A 421 -32.17 -4.39 21.42
CA ILE A 421 -33.45 -4.06 22.04
C ILE A 421 -33.43 -4.55 23.47
N ALA A 422 -33.25 -5.86 23.65
CA ALA A 422 -33.35 -6.45 24.98
C ALA A 422 -32.24 -5.95 25.89
N LYS A 423 -31.08 -5.65 25.32
CA LYS A 423 -29.97 -5.11 26.10
C LYS A 423 -30.32 -3.81 26.78
N ASN A 424 -31.28 -3.06 26.24
CA ASN A 424 -31.58 -1.70 26.68
C ASN A 424 -33.06 -1.51 26.98
N HIS A 425 -33.89 -2.54 26.79
CA HIS A 425 -35.32 -2.42 27.02
C HIS A 425 -35.95 -3.63 27.71
N VAL A 426 -35.22 -4.74 27.85
CA VAL A 426 -35.67 -5.88 28.63
C VAL A 426 -34.70 -6.17 29.77
N PHE A 427 -33.42 -6.13 29.48
CA PHE A 427 -32.36 -6.25 30.49
C PHE A 427 -32.02 -4.88 31.08
N VAL A 428 -33.05 -4.25 31.63
CA VAL A 428 -32.95 -2.90 32.18
C VAL A 428 -32.97 -2.98 33.69
N TYR A 429 -32.73 -1.84 34.34
CA TYR A 429 -32.68 -1.74 35.80
C TYR A 429 -33.92 -2.33 36.47
N GLY A 430 -33.75 -2.84 37.70
CA GLY A 430 -34.83 -3.23 38.58
C GLY A 430 -35.91 -4.07 37.94
N GLN A 431 -35.54 -5.26 37.49
CA GLN A 431 -36.41 -6.13 36.72
C GLN A 431 -36.70 -7.40 37.50
N GLN A 432 -37.81 -8.04 37.18
CA GLN A 432 -38.43 -9.08 38.01
C GLN A 432 -38.05 -10.49 37.58
N TRP A 433 -36.80 -10.66 37.12
CA TRP A 433 -36.36 -11.88 36.45
C TRP A 433 -36.69 -13.18 37.18
N LEU A 434 -37.54 -13.97 36.54
CA LEU A 434 -38.01 -15.24 37.08
C LEU A 434 -36.84 -16.20 37.24
N VAL A 435 -37.02 -17.20 38.09
CA VAL A 435 -35.92 -18.07 38.51
C VAL A 435 -35.40 -18.92 37.35
N GLY A 436 -36.30 -19.54 36.59
CA GLY A 436 -35.92 -20.46 35.53
C GLY A 436 -36.13 -19.95 34.12
N SER A 437 -36.66 -18.74 33.99
CA SER A 437 -36.90 -18.18 32.67
C SER A 437 -35.59 -17.92 31.93
N LEU A 438 -34.59 -17.43 32.66
CA LEU A 438 -33.27 -17.25 32.06
C LEU A 438 -32.75 -18.58 31.53
N GLU A 439 -32.89 -19.62 32.33
CA GLU A 439 -32.47 -20.96 31.92
C GLU A 439 -33.24 -21.40 30.69
N GLN A 440 -34.57 -21.35 30.77
CA GLN A 440 -35.42 -21.81 29.68
C GLN A 440 -35.21 -21.00 28.41
N ALA A 441 -34.66 -19.79 28.52
CA ALA A 441 -34.34 -19.01 27.33
C ALA A 441 -33.04 -19.50 26.70
N MET A 442 -32.06 -19.87 27.52
CA MET A 442 -30.81 -20.39 27.00
C MET A 442 -31.04 -21.68 26.24
N LEU A 443 -32.04 -22.46 26.67
CA LEU A 443 -32.44 -23.63 25.91
C LEU A 443 -32.83 -23.23 24.48
N ASP A 444 -33.42 -22.06 24.33
CA ASP A 444 -33.96 -21.65 23.05
C ASP A 444 -32.91 -20.95 22.20
N ALA A 445 -32.06 -20.15 22.82
CA ALA A 445 -31.03 -19.43 22.08
C ALA A 445 -29.95 -20.37 21.57
N LEU A 446 -29.67 -21.44 22.30
CA LEU A 446 -28.66 -22.39 21.85
C LEU A 446 -29.15 -23.18 20.66
N VAL A 447 -30.36 -23.73 20.75
CA VAL A 447 -30.88 -24.58 19.69
C VAL A 447 -31.13 -23.76 18.43
N MET A 448 -31.63 -22.54 18.57
CA MET A 448 -31.94 -21.67 17.44
C MET A 448 -30.71 -20.98 16.86
N ASP A 449 -29.52 -21.22 17.41
CA ASP A 449 -28.28 -20.60 16.98
C ASP A 449 -28.38 -19.07 17.07
N ARG A 450 -28.60 -18.56 18.28
CA ARG A 450 -28.51 -17.13 18.55
C ARG A 450 -27.43 -16.93 19.61
N VAL A 451 -26.19 -16.85 19.15
CA VAL A 451 -25.04 -16.66 20.03
C VAL A 451 -25.17 -15.36 20.79
N SER A 452 -25.74 -14.35 20.14
CA SER A 452 -25.77 -13.00 20.70
C SER A 452 -26.57 -12.99 21.98
N PHE A 453 -27.60 -13.85 22.07
CA PHE A 453 -28.40 -13.93 23.28
C PHE A 453 -27.75 -14.88 24.30
N VAL A 454 -26.93 -15.81 23.81
CA VAL A 454 -26.15 -16.65 24.72
C VAL A 454 -25.24 -15.70 25.50
N LYS A 455 -24.51 -14.86 24.76
CA LYS A 455 -23.65 -13.84 25.33
C LYS A 455 -24.42 -12.97 26.31
N LEU A 456 -25.62 -12.56 25.92
CA LEU A 456 -26.42 -11.68 26.74
C LEU A 456 -26.79 -12.36 28.04
N LEU A 457 -27.23 -13.61 27.96
CA LEU A 457 -27.71 -14.29 29.15
C LEU A 457 -26.56 -14.68 30.06
N ILE A 458 -25.46 -15.16 29.48
CA ILE A 458 -24.30 -15.53 30.29
C ILE A 458 -23.67 -14.30 30.93
N GLU A 459 -23.86 -13.12 30.33
CA GLU A 459 -23.45 -11.87 30.96
C GLU A 459 -24.35 -11.49 32.13
N ASN A 460 -25.65 -11.37 31.88
CA ASN A 460 -26.61 -11.03 32.92
C ASN A 460 -26.70 -12.09 34.02
N GLY A 461 -26.11 -13.25 33.80
CA GLY A 461 -25.93 -14.27 34.81
C GLY A 461 -26.77 -15.47 34.52
N VAL A 462 -26.16 -16.42 33.82
CA VAL A 462 -26.71 -17.74 33.59
C VAL A 462 -25.52 -18.68 33.58
N SER A 463 -25.28 -19.35 34.68
CA SER A 463 -24.14 -20.24 34.77
C SER A 463 -24.37 -21.50 33.96
N MET A 464 -23.46 -21.78 33.03
CA MET A 464 -23.54 -23.03 32.29
C MET A 464 -23.43 -24.22 33.22
N HIS A 465 -22.68 -24.08 34.32
CA HIS A 465 -22.62 -25.13 35.32
C HIS A 465 -23.99 -25.49 35.84
N LYS A 466 -24.87 -24.50 35.93
CA LYS A 466 -26.19 -24.73 36.50
C LYS A 466 -27.18 -25.20 35.43
N PHE A 467 -27.06 -24.68 34.20
CA PHE A 467 -27.95 -25.02 33.09
C PHE A 467 -27.29 -26.05 32.16
N LEU A 468 -26.94 -27.20 32.71
CA LEU A 468 -26.40 -28.22 31.80
C LEU A 468 -26.62 -29.68 32.22
N THR A 469 -27.86 -30.06 32.53
CA THR A 469 -28.11 -31.42 32.99
C THR A 469 -27.97 -32.44 31.85
N ILE A 470 -28.17 -33.72 32.22
CA ILE A 470 -28.31 -34.77 31.22
C ILE A 470 -29.50 -34.50 30.32
N PRO A 471 -30.75 -34.34 30.82
CA PRO A 471 -31.88 -34.18 29.90
C PRO A 471 -31.80 -32.95 29.02
N ARG A 472 -31.35 -31.82 29.56
CA ARG A 472 -31.18 -30.62 28.74
C ARG A 472 -30.21 -30.91 27.60
N LEU A 473 -28.95 -31.18 27.93
CA LEU A 473 -27.92 -31.47 26.96
C LEU A 473 -28.35 -32.55 25.98
N GLU A 474 -29.03 -33.58 26.48
CA GLU A 474 -29.31 -34.76 25.67
C GLU A 474 -30.20 -34.41 24.48
N GLU A 475 -31.13 -33.48 24.65
CA GLU A 475 -32.04 -33.18 23.56
C GLU A 475 -31.45 -32.13 22.62
N LEU A 476 -30.52 -31.30 23.10
CA LEU A 476 -29.86 -30.33 22.22
C LEU A 476 -29.31 -31.00 20.96
N TYR A 477 -28.90 -32.26 21.05
CA TYR A 477 -28.62 -33.05 19.87
C TYR A 477 -29.89 -33.41 19.11
N ASN A 478 -30.93 -33.79 19.84
CA ASN A 478 -32.19 -34.21 19.25
C ASN A 478 -33.09 -33.03 18.94
N THR A 479 -32.63 -32.15 18.08
CA THR A 479 -33.42 -31.01 17.60
C THR A 479 -33.14 -30.81 16.12
N LYS A 480 -34.19 -30.51 15.37
CA LYS A 480 -34.06 -30.03 14.01
C LYS A 480 -34.26 -28.53 13.90
N GLN A 481 -34.59 -27.87 15.00
CA GLN A 481 -34.93 -26.45 15.01
C GLN A 481 -33.69 -25.59 15.00
N GLY A 482 -32.83 -25.77 14.02
CA GLY A 482 -31.67 -24.94 13.85
C GLY A 482 -30.82 -25.36 12.68
N PRO A 483 -29.70 -24.66 12.46
CA PRO A 483 -28.77 -25.08 11.41
C PRO A 483 -28.11 -26.41 11.73
N THR A 484 -28.89 -27.47 11.60
CA THR A 484 -28.44 -28.79 11.98
C THR A 484 -27.46 -29.32 10.94
N ASN A 485 -26.51 -30.13 11.41
CA ASN A 485 -25.71 -30.95 10.53
C ASN A 485 -26.49 -32.23 10.28
N PRO A 486 -26.91 -32.52 9.04
CA PRO A 486 -27.59 -33.80 8.82
C PRO A 486 -26.64 -34.99 8.76
N MET A 487 -25.35 -34.74 9.00
CA MET A 487 -24.34 -35.78 9.01
C MET A 487 -24.19 -36.46 10.36
N LEU A 488 -24.55 -35.79 11.45
CA LEU A 488 -24.43 -36.38 12.78
C LEU A 488 -25.22 -37.67 12.87
N PHE A 489 -26.41 -37.69 12.29
CA PHE A 489 -27.23 -38.89 12.28
C PHE A 489 -26.58 -40.00 11.45
N HIS A 490 -25.65 -39.65 10.57
CA HIS A 490 -24.98 -40.64 9.76
C HIS A 490 -23.89 -41.34 10.56
N LEU A 491 -23.06 -40.55 11.25
CA LEU A 491 -21.98 -41.13 12.05
C LEU A 491 -22.54 -42.00 13.16
N ILE A 492 -23.72 -41.64 13.66
CA ILE A 492 -24.34 -42.44 14.71
C ILE A 492 -24.77 -43.79 14.16
N ARG A 493 -25.47 -43.81 13.03
CA ARG A 493 -25.97 -45.06 12.49
C ARG A 493 -24.83 -45.94 12.00
N ASP A 494 -23.63 -45.37 11.81
CA ASP A 494 -22.46 -46.18 11.52
C ASP A 494 -21.95 -46.89 12.76
N VAL A 495 -21.73 -46.14 13.84
CA VAL A 495 -21.13 -46.72 15.04
C VAL A 495 -22.11 -47.69 15.70
N LYS A 496 -23.39 -47.57 15.40
CA LYS A 496 -24.35 -48.59 15.79
C LYS A 496 -24.26 -49.84 14.93
N GLN A 497 -23.40 -49.84 13.91
CA GLN A 497 -23.27 -50.97 12.99
C GLN A 497 -24.59 -51.24 12.30
N GLY A 498 -25.14 -50.21 11.65
CA GLY A 498 -26.28 -50.36 10.77
C GLY A 498 -27.63 -50.12 11.43
N ASN A 499 -27.72 -50.37 12.73
CA ASN A 499 -28.98 -50.22 13.46
C ASN A 499 -29.52 -48.81 13.33
N LEU A 500 -30.85 -48.68 13.22
CA LEU A 500 -31.48 -47.38 12.97
C LEU A 500 -32.95 -47.46 13.38
N PRO A 501 -33.29 -47.18 14.63
CA PRO A 501 -34.70 -47.26 15.06
C PRO A 501 -35.55 -46.18 14.41
N PRO A 502 -36.88 -46.18 14.65
CA PRO A 502 -37.75 -45.19 13.99
C PRO A 502 -37.41 -43.74 14.30
N GLY A 503 -37.44 -43.37 15.58
CA GLY A 503 -37.22 -41.99 16.00
C GLY A 503 -35.85 -41.80 16.58
N TYR A 504 -35.40 -42.79 17.35
CA TYR A 504 -34.03 -42.84 17.82
C TYR A 504 -33.63 -41.62 18.66
N LYS A 505 -34.12 -41.55 19.88
CA LYS A 505 -33.56 -40.60 20.83
C LYS A 505 -32.06 -40.82 20.97
N ILE A 506 -31.28 -39.86 20.51
CA ILE A 506 -29.83 -39.90 20.70
C ILE A 506 -29.56 -39.89 22.19
N THR A 507 -28.77 -40.86 22.65
CA THR A 507 -28.34 -40.92 24.04
C THR A 507 -26.89 -40.52 24.13
N LEU A 508 -26.46 -40.14 25.32
CA LEU A 508 -25.10 -39.63 25.44
C LEU A 508 -24.09 -40.76 25.38
N ILE A 509 -24.51 -42.02 25.52
CA ILE A 509 -23.63 -43.13 25.15
C ILE A 509 -23.19 -42.94 23.71
N ASP A 510 -24.12 -42.48 22.89
CA ASP A 510 -23.92 -42.50 21.45
C ASP A 510 -22.90 -41.44 21.05
N ILE A 511 -23.10 -40.22 21.54
CA ILE A 511 -22.19 -39.12 21.24
C ILE A 511 -20.79 -39.46 21.68
N GLY A 512 -20.64 -40.23 22.75
CA GLY A 512 -19.34 -40.66 23.18
C GLY A 512 -18.70 -41.55 22.14
N LEU A 513 -19.43 -42.57 21.70
CA LEU A 513 -18.89 -43.52 20.75
C LEU A 513 -18.57 -42.89 19.41
N VAL A 514 -19.18 -41.76 19.10
CA VAL A 514 -18.83 -41.00 17.92
C VAL A 514 -17.49 -40.32 18.12
N ILE A 515 -17.29 -39.70 19.27
CA ILE A 515 -16.07 -38.96 19.54
C ILE A 515 -14.90 -39.92 19.68
N GLU A 516 -15.12 -41.05 20.37
CA GLU A 516 -14.16 -42.14 20.37
C GLU A 516 -13.79 -42.57 18.97
N TYR A 517 -14.73 -42.46 18.03
CA TYR A 517 -14.51 -42.80 16.64
C TYR A 517 -13.93 -41.64 15.83
N LEU A 518 -14.28 -40.41 16.18
CA LEU A 518 -13.77 -39.27 15.45
C LEU A 518 -12.38 -38.88 15.90
N MET A 519 -12.17 -38.82 17.20
CA MET A 519 -10.86 -38.45 17.73
C MET A 519 -9.86 -39.57 17.59
N GLY A 520 -10.34 -40.80 17.47
CA GLY A 520 -9.49 -41.91 17.09
C GLY A 520 -8.51 -42.30 18.18
N GLY A 521 -7.67 -43.27 17.82
CA GLY A 521 -6.67 -43.74 18.74
C GLY A 521 -7.29 -44.45 19.93
N THR A 522 -7.25 -43.80 21.06
CA THR A 522 -7.87 -44.29 22.27
C THR A 522 -8.63 -43.21 23.03
N TYR A 523 -9.08 -42.15 22.36
CA TYR A 523 -9.70 -41.05 23.08
C TYR A 523 -10.99 -41.55 23.70
N ARG A 524 -10.98 -41.74 25.00
CA ARG A 524 -12.19 -42.12 25.74
C ARG A 524 -12.87 -40.87 26.24
N CYS A 525 -14.12 -40.67 25.84
CA CYS A 525 -14.90 -39.56 26.35
C CYS A 525 -15.45 -39.89 27.73
N THR A 526 -15.83 -38.85 28.46
CA THR A 526 -16.49 -39.06 29.74
C THR A 526 -17.82 -39.77 29.59
N TYR A 527 -18.43 -39.67 28.40
CA TYR A 527 -19.76 -40.19 28.18
C TYR A 527 -19.82 -41.71 28.14
N THR A 528 -18.68 -42.39 28.03
CA THR A 528 -18.63 -43.83 27.86
C THR A 528 -18.08 -44.56 29.06
N ARG A 529 -17.54 -43.85 30.05
CA ARG A 529 -16.89 -44.50 31.17
C ARG A 529 -17.94 -45.12 32.08
N LYS A 530 -17.51 -46.11 32.87
CA LYS A 530 -18.40 -46.96 33.64
C LYS A 530 -19.25 -46.16 34.60
N ARG A 531 -18.67 -45.10 35.16
CA ARG A 531 -19.38 -44.20 36.04
C ARG A 531 -20.57 -43.58 35.34
N PHE A 532 -20.31 -42.92 34.20
CA PHE A 532 -21.36 -42.18 33.51
C PHE A 532 -22.42 -43.13 32.97
N ARG A 533 -22.00 -44.32 32.53
CA ARG A 533 -22.96 -45.31 32.05
C ARG A 533 -23.96 -45.66 33.16
N LEU A 534 -23.47 -45.76 34.39
CA LEU A 534 -24.34 -46.05 35.53
C LEU A 534 -25.37 -44.95 35.70
N ILE A 535 -24.92 -43.72 35.91
CA ILE A 535 -25.82 -42.64 36.30
C ILE A 535 -26.82 -42.34 35.19
N TYR A 536 -26.41 -42.54 33.93
CA TYR A 536 -27.33 -42.33 32.83
C TYR A 536 -28.48 -43.34 32.86
N ASN A 537 -28.21 -44.55 33.31
CA ASN A 537 -29.24 -45.59 33.45
C ASN A 537 -29.97 -45.50 34.79
N SER A 538 -29.89 -44.35 35.47
CA SER A 538 -30.48 -44.19 36.80
C SER A 538 -31.45 -43.02 36.84
N LEU A 539 -31.13 -41.95 36.13
CA LEU A 539 -31.97 -40.75 36.14
C LEU A 539 -33.35 -41.03 35.56
N GLU A 613 -27.45 -32.23 41.97
CA GLU A 613 -26.42 -31.67 41.10
C GLU A 613 -25.48 -32.75 40.56
N THR A 614 -25.56 -33.96 41.11
CA THR A 614 -24.74 -35.06 40.60
C THR A 614 -25.14 -35.45 39.19
N LYS A 615 -26.36 -35.11 38.77
CA LYS A 615 -26.79 -35.29 37.39
C LYS A 615 -26.25 -34.20 36.46
N ARG A 616 -25.32 -33.37 36.91
CA ARG A 616 -24.71 -32.32 36.12
C ARG A 616 -23.37 -32.79 35.56
N PHE A 617 -22.71 -31.88 34.85
CA PHE A 617 -21.36 -32.07 34.33
C PHE A 617 -20.46 -31.08 35.03
N PRO A 618 -19.21 -31.43 35.39
CA PRO A 618 -18.34 -30.42 36.00
C PRO A 618 -18.03 -29.27 35.08
N TYR A 619 -17.53 -29.57 33.88
CA TYR A 619 -17.06 -28.57 32.94
C TYR A 619 -18.02 -28.48 31.75
N PRO A 620 -19.01 -27.60 31.78
CA PRO A 620 -20.01 -27.60 30.71
C PRO A 620 -19.48 -27.15 29.36
N LEU A 621 -18.79 -26.04 29.33
CA LEU A 621 -18.30 -25.50 28.07
C LEU A 621 -17.30 -26.40 27.39
N ASN A 622 -16.81 -27.46 28.01
CA ASN A 622 -16.15 -28.54 27.30
C ASN A 622 -17.14 -29.48 26.64
N GLU A 623 -18.38 -29.51 27.13
CA GLU A 623 -19.40 -30.39 26.58
C GLU A 623 -20.21 -29.72 25.49
N LEU A 624 -20.44 -28.42 25.59
CA LEU A 624 -21.17 -27.70 24.55
C LEU A 624 -20.29 -27.45 23.34
N LEU A 625 -19.00 -27.22 23.56
CA LEU A 625 -18.06 -27.03 22.47
C LEU A 625 -18.04 -28.21 21.53
N ILE A 626 -18.30 -29.40 22.06
CA ILE A 626 -18.47 -30.57 21.23
C ILE A 626 -19.78 -30.49 20.46
N TRP A 627 -20.85 -30.15 21.18
CA TRP A 627 -22.15 -29.99 20.55
C TRP A 627 -22.12 -28.96 19.44
N ALA A 628 -21.54 -27.80 19.70
CA ALA A 628 -21.46 -26.74 18.70
C ALA A 628 -20.65 -27.14 17.48
N CYS A 629 -19.82 -28.17 17.59
CA CYS A 629 -18.98 -28.61 16.49
C CYS A 629 -19.54 -29.83 15.80
N LEU A 630 -20.13 -30.77 16.54
CA LEU A 630 -20.75 -31.91 15.90
C LEU A 630 -21.92 -31.49 15.03
N MET A 631 -22.73 -30.55 15.52
CA MET A 631 -23.86 -30.02 14.78
C MET A 631 -23.49 -28.85 13.89
N LYS A 632 -22.20 -28.65 13.64
CA LYS A 632 -21.68 -27.64 12.71
C LYS A 632 -22.27 -26.27 12.98
N ARG A 633 -21.96 -25.70 14.13
CA ARG A 633 -22.47 -24.41 14.57
C ARG A 633 -21.29 -23.53 14.98
N GLN A 634 -20.36 -23.34 14.03
CA GLN A 634 -19.09 -22.65 14.23
C GLN A 634 -19.17 -21.41 15.09
N VAL A 635 -20.07 -20.49 14.75
CA VAL A 635 -20.19 -19.21 15.41
C VAL A 635 -20.56 -19.41 16.87
N MET A 636 -21.20 -20.53 17.19
CA MET A 636 -21.40 -20.90 18.58
C MET A 636 -20.13 -21.48 19.16
N ALA A 637 -19.41 -22.27 18.37
CA ALA A 637 -18.24 -22.97 18.87
C ALA A 637 -17.18 -22.01 19.34
N ARG A 638 -16.86 -21.01 18.52
CA ARG A 638 -15.85 -20.04 18.89
C ARG A 638 -16.25 -19.25 20.11
N PHE A 639 -17.52 -18.87 20.19
CA PHE A 639 -18.00 -18.17 21.36
C PHE A 639 -17.85 -19.03 22.60
N LEU A 640 -18.19 -20.31 22.50
CA LEU A 640 -18.03 -21.20 23.63
C LEU A 640 -16.59 -21.60 23.86
N TRP A 641 -15.68 -21.21 22.98
CA TRP A 641 -14.27 -21.51 23.16
C TRP A 641 -13.58 -20.46 24.00
N GLN A 642 -13.79 -19.18 23.68
CA GLN A 642 -13.15 -18.10 24.41
C GLN A 642 -13.56 -18.12 25.87
N HIS A 643 -14.78 -18.55 26.15
CA HIS A 643 -15.20 -18.77 27.53
C HIS A 643 -14.64 -20.09 28.03
N GLY A 644 -14.85 -20.35 29.30
CA GLY A 644 -14.30 -21.53 29.88
C GLY A 644 -12.78 -21.45 29.98
N GLU A 645 -12.18 -22.63 30.09
CA GLU A 645 -10.74 -22.77 30.27
C GLU A 645 -10.25 -23.94 29.44
N GLU A 646 -8.92 -24.08 29.40
CA GLU A 646 -8.20 -25.06 28.57
C GLU A 646 -8.31 -24.69 27.10
N SER A 647 -8.25 -23.40 26.79
CA SER A 647 -8.48 -22.88 25.46
C SER A 647 -7.66 -23.53 24.35
N MET A 648 -6.36 -23.71 24.56
CA MET A 648 -5.54 -24.36 23.53
C MET A 648 -6.01 -25.78 23.27
N ALA A 649 -6.36 -26.49 24.34
CA ALA A 649 -6.77 -27.88 24.19
C ALA A 649 -8.02 -27.99 23.37
N LYS A 650 -9.02 -27.17 23.70
CA LYS A 650 -10.31 -27.24 23.04
C LYS A 650 -10.17 -26.99 21.53
N ALA A 651 -9.39 -25.98 21.17
CA ALA A 651 -9.23 -25.64 19.77
C ALA A 651 -8.61 -26.76 18.96
N LEU A 652 -7.73 -27.54 19.59
CA LEU A 652 -7.09 -28.63 18.88
C LEU A 652 -7.94 -29.88 18.85
N VAL A 653 -8.92 -29.98 19.74
CA VAL A 653 -9.92 -31.03 19.64
C VAL A 653 -10.85 -30.72 18.50
N ALA A 654 -11.32 -29.49 18.42
CA ALA A 654 -12.17 -29.04 17.33
C ALA A 654 -11.52 -29.26 15.98
N CYS A 655 -10.25 -28.89 15.84
CA CYS A 655 -9.53 -29.13 14.60
C CYS A 655 -9.50 -30.60 14.24
N LYS A 656 -9.57 -31.49 15.22
CA LYS A 656 -9.60 -32.92 14.96
C LYS A 656 -11.00 -33.36 14.57
N ILE A 657 -12.02 -32.86 15.27
CA ILE A 657 -13.39 -33.27 15.01
C ILE A 657 -13.80 -32.85 13.60
N TYR A 658 -13.65 -31.57 13.29
CA TYR A 658 -13.98 -31.09 11.95
C TYR A 658 -13.17 -31.81 10.90
N ARG A 659 -11.85 -31.91 11.11
CA ARG A 659 -11.01 -32.66 10.20
C ARG A 659 -11.44 -34.11 10.07
N SER A 660 -12.09 -34.64 11.12
CA SER A 660 -12.52 -36.03 11.10
C SER A 660 -13.89 -36.18 10.48
N MET A 661 -14.75 -35.18 10.63
CA MET A 661 -16.05 -35.21 9.97
C MET A 661 -15.88 -35.02 8.47
N ALA A 662 -14.97 -34.13 8.06
CA ALA A 662 -14.73 -33.90 6.65
C ALA A 662 -14.37 -35.17 5.91
N TYR A 663 -13.49 -35.98 6.52
CA TYR A 663 -13.06 -37.23 5.91
C TYR A 663 -14.22 -38.20 5.78
N GLU A 664 -15.14 -38.19 6.74
CA GLU A 664 -16.28 -39.10 6.69
C GLU A 664 -17.34 -38.61 5.72
N ALA A 665 -17.37 -37.30 5.46
CA ALA A 665 -18.34 -36.73 4.53
C ALA A 665 -18.00 -37.11 3.10
N LYS A 666 -16.75 -36.85 2.72
CA LYS A 666 -16.21 -37.25 1.43
C LYS A 666 -16.50 -38.72 1.13
N GLN A 667 -16.08 -39.58 2.05
CA GLN A 667 -16.25 -41.02 1.89
C GLN A 667 -17.72 -41.38 1.76
N SER A 668 -18.50 -41.06 2.79
CA SER A 668 -19.93 -41.35 2.79
C SER A 668 -20.73 -40.14 2.34
N ASP A 669 -20.92 -40.01 1.03
CA ASP A 669 -21.64 -38.89 0.44
C ASP A 669 -23.13 -39.19 0.34
N LEU A 670 -23.96 -38.16 0.48
CA LEU A 670 -25.35 -38.25 0.06
C LEU A 670 -25.80 -37.05 -0.77
N VAL A 671 -25.41 -35.85 -0.37
CA VAL A 671 -25.58 -34.62 -1.15
C VAL A 671 -24.35 -33.78 -0.83
N ASP A 672 -24.37 -32.48 -1.20
CA ASP A 672 -23.22 -31.57 -1.11
C ASP A 672 -22.32 -31.84 0.08
N ASP A 673 -21.00 -31.93 -0.20
CA ASP A 673 -20.09 -32.54 0.76
C ASP A 673 -20.07 -31.80 2.08
N THR A 674 -20.14 -30.47 2.05
CA THR A 674 -19.91 -29.64 3.22
C THR A 674 -18.53 -29.90 3.81
N SER A 675 -17.62 -30.48 3.03
CA SER A 675 -16.33 -30.87 3.57
C SER A 675 -15.38 -29.70 3.63
N GLU A 676 -15.26 -28.97 2.52
CA GLU A 676 -14.49 -27.73 2.52
C GLU A 676 -15.07 -26.72 3.50
N GLU A 677 -16.35 -26.82 3.82
CA GLU A 677 -16.92 -26.03 4.90
C GLU A 677 -16.35 -26.47 6.24
N LEU A 678 -16.12 -27.77 6.41
CA LEU A 678 -15.57 -28.27 7.66
C LEU A 678 -14.05 -28.07 7.69
N LYS A 679 -13.38 -28.36 6.59
CA LYS A 679 -11.93 -28.16 6.52
C LYS A 679 -11.55 -26.72 6.75
N GLN A 680 -12.43 -25.79 6.44
CA GLN A 680 -12.19 -24.40 6.79
C GLN A 680 -12.46 -24.18 8.26
N TYR A 681 -13.42 -24.91 8.81
CA TYR A 681 -13.74 -24.78 10.22
C TYR A 681 -12.64 -25.35 11.10
N SER A 682 -11.94 -26.39 10.63
CA SER A 682 -10.84 -26.94 11.40
C SER A 682 -9.65 -26.01 11.40
N ASN A 683 -9.19 -25.63 10.21
CA ASN A 683 -8.06 -24.74 10.04
C ASN A 683 -8.27 -23.35 10.63
N ASP A 684 -9.48 -23.01 11.06
CA ASP A 684 -9.71 -21.82 11.86
C ASP A 684 -9.35 -22.02 13.32
N PHE A 685 -9.96 -23.02 13.98
CA PHE A 685 -9.50 -23.40 15.31
C PHE A 685 -8.03 -23.76 15.32
N GLY A 686 -7.64 -24.69 14.47
CA GLY A 686 -6.27 -25.14 14.34
C GLY A 686 -5.25 -24.05 14.08
N GLN A 687 -5.70 -22.87 13.68
CA GLN A 687 -4.86 -21.70 13.56
C GLN A 687 -4.90 -20.81 14.79
N LEU A 688 -5.95 -20.91 15.60
CA LEU A 688 -5.96 -20.19 16.87
C LEU A 688 -4.92 -20.76 17.83
N ALA A 689 -4.81 -22.08 17.87
CA ALA A 689 -3.83 -22.73 18.72
C ALA A 689 -2.42 -22.27 18.39
N VAL A 690 -2.08 -22.25 17.11
CA VAL A 690 -0.79 -21.75 16.66
C VAL A 690 -0.61 -20.30 17.07
N GLU A 691 -1.66 -19.49 16.92
CA GLU A 691 -1.58 -18.08 17.26
C GLU A 691 -1.76 -17.83 18.74
N LEU A 692 -2.28 -18.82 19.46
CA LEU A 692 -2.32 -18.73 20.92
C LEU A 692 -0.99 -19.15 21.51
N LEU A 693 -0.32 -20.09 20.85
CA LEU A 693 0.99 -20.55 21.32
C LEU A 693 2.03 -19.44 21.24
N GLU A 694 2.18 -18.82 20.07
CA GLU A 694 3.19 -17.79 19.88
C GLU A 694 2.99 -16.65 20.88
N GLN A 695 1.75 -16.38 21.25
CA GLN A 695 1.45 -15.41 22.28
C GLN A 695 1.86 -15.88 23.67
N SER A 696 2.09 -17.16 23.84
CA SER A 696 2.58 -17.74 25.08
C SER A 696 4.06 -18.02 25.05
N PHE A 697 4.61 -18.36 23.88
CA PHE A 697 6.03 -18.54 23.72
C PHE A 697 6.78 -17.23 23.85
N ARG A 698 6.15 -16.11 23.52
CA ARG A 698 6.82 -14.83 23.63
C ARG A 698 6.80 -14.25 25.04
N GLN A 699 6.05 -14.87 25.97
CA GLN A 699 6.01 -14.41 27.36
C GLN A 699 7.07 -15.12 28.20
N ASP A 700 6.92 -16.43 28.34
CA ASP A 700 7.83 -17.27 29.11
C ASP A 700 7.92 -18.59 28.35
N GLU A 701 8.97 -18.72 27.55
CA GLU A 701 9.16 -19.87 26.67
C GLU A 701 9.16 -21.19 27.44
N THR A 702 9.49 -21.14 28.73
CA THR A 702 9.53 -22.36 29.53
C THR A 702 8.12 -22.88 29.79
N MET A 703 7.26 -22.05 30.37
CA MET A 703 5.92 -22.49 30.69
C MET A 703 5.15 -22.84 29.43
N ALA A 704 5.38 -22.11 28.35
CA ALA A 704 4.75 -22.39 27.08
C ALA A 704 5.18 -23.72 26.48
N MET A 705 6.24 -24.35 26.99
CA MET A 705 6.57 -25.72 26.65
C MET A 705 5.94 -26.71 27.62
N LYS A 706 5.61 -26.30 28.83
CA LYS A 706 4.81 -27.10 29.73
C LYS A 706 3.36 -27.19 29.29
N LEU A 707 2.86 -26.18 28.58
CA LEU A 707 1.49 -26.23 28.11
C LEU A 707 1.27 -27.36 27.12
N LEU A 708 2.29 -27.67 26.35
CA LEU A 708 2.21 -28.69 25.32
C LEU A 708 2.28 -30.09 25.85
N THR A 709 2.41 -30.28 27.16
CA THR A 709 2.74 -31.58 27.72
C THR A 709 1.95 -31.98 28.95
N TYR A 710 1.25 -31.08 29.62
CA TYR A 710 0.55 -31.46 30.83
C TYR A 710 -0.66 -32.30 30.50
N GLU A 711 -0.85 -33.36 31.26
CA GLU A 711 -1.98 -34.25 31.09
C GLU A 711 -3.27 -33.48 31.32
N LEU A 712 -4.21 -33.60 30.40
CA LEU A 712 -5.32 -32.67 30.36
C LEU A 712 -6.44 -33.05 31.33
N LYS A 713 -6.77 -34.33 31.42
CA LYS A 713 -7.66 -34.90 32.43
C LYS A 713 -9.13 -34.60 32.22
N ASN A 714 -9.44 -33.69 31.30
CA ASN A 714 -10.79 -33.51 30.78
C ASN A 714 -10.90 -33.94 29.33
N TRP A 715 -9.80 -34.40 28.74
CA TRP A 715 -9.74 -34.75 27.33
C TRP A 715 -8.99 -36.07 27.17
N SER A 716 -9.34 -37.01 28.05
CA SER A 716 -8.89 -38.40 28.00
C SER A 716 -7.41 -38.55 28.30
N ASN A 717 -6.92 -37.77 29.26
CA ASN A 717 -5.55 -37.88 29.74
C ASN A 717 -4.54 -37.67 28.61
N SER A 718 -4.96 -36.93 27.61
CA SER A 718 -4.14 -36.63 26.45
C SER A 718 -3.42 -35.31 26.68
N THR A 719 -2.88 -34.76 25.60
CA THR A 719 -1.88 -33.72 25.67
C THR A 719 -2.12 -32.74 24.55
N CYS A 720 -1.89 -31.44 24.83
CA CYS A 720 -2.14 -30.41 23.83
C CYS A 720 -1.31 -30.58 22.56
N LEU A 721 -0.29 -31.42 22.57
CA LEU A 721 0.52 -31.69 21.40
C LEU A 721 0.14 -32.99 20.71
N LYS A 722 -0.21 -34.02 21.47
CA LYS A 722 -0.65 -35.27 20.88
C LYS A 722 -1.95 -35.13 20.11
N LEU A 723 -2.68 -34.05 20.32
CA LEU A 723 -3.87 -33.75 19.55
C LEU A 723 -3.55 -33.10 18.22
N ALA A 724 -2.55 -32.22 18.20
CA ALA A 724 -2.09 -31.62 16.96
C ALA A 724 -1.53 -32.65 16.02
N VAL A 725 -0.65 -33.51 16.51
CA VAL A 725 -0.14 -34.62 15.73
C VAL A 725 -1.24 -35.53 15.22
N SER A 726 -2.33 -35.65 15.96
CA SER A 726 -3.45 -36.47 15.54
C SER A 726 -4.20 -35.82 14.40
N SER A 727 -4.23 -34.49 14.38
CA SER A 727 -4.91 -33.73 13.34
C SER A 727 -3.99 -33.34 12.19
N ARG A 728 -2.74 -33.78 12.22
CA ARG A 728 -1.76 -33.46 11.17
C ARG A 728 -1.68 -31.96 10.98
N LEU A 729 -1.60 -31.24 12.09
CA LEU A 729 -1.61 -29.79 12.10
C LEU A 729 -0.15 -29.31 12.14
N ARG A 730 0.48 -29.44 10.98
CA ARG A 730 1.89 -29.12 10.77
C ARG A 730 2.37 -27.77 11.33
N PRO A 731 1.60 -26.68 11.26
CA PRO A 731 2.14 -25.38 11.69
C PRO A 731 2.35 -25.23 13.17
N PHE A 732 1.87 -26.16 13.98
CA PHE A 732 1.98 -26.12 15.44
C PHE A 732 3.18 -26.93 15.91
N VAL A 733 3.29 -28.16 15.44
CA VAL A 733 4.43 -29.03 15.67
C VAL A 733 5.66 -28.41 15.02
N ALA A 734 5.45 -27.58 14.00
CA ALA A 734 6.54 -26.86 13.36
C ALA A 734 6.65 -25.42 13.86
N HIS A 735 6.12 -25.14 15.04
CA HIS A 735 6.34 -23.85 15.69
C HIS A 735 7.69 -23.92 16.37
N THR A 736 8.22 -22.80 16.82
CA THR A 736 9.54 -22.78 17.44
C THR A 736 9.51 -23.03 18.93
N CYS A 737 8.39 -23.50 19.46
CA CYS A 737 8.28 -23.96 20.84
C CYS A 737 8.18 -25.46 20.89
N THR A 738 7.45 -26.05 19.93
CA THR A 738 7.42 -27.48 19.73
C THR A 738 8.69 -28.02 19.14
N GLN A 739 9.71 -27.19 18.91
CA GLN A 739 10.99 -27.62 18.39
C GLN A 739 12.10 -27.41 19.41
N MET A 740 11.96 -26.41 20.26
CA MET A 740 12.87 -26.20 21.36
C MET A 740 12.60 -27.12 22.53
N LEU A 741 11.37 -27.60 22.66
CA LEU A 741 11.09 -28.69 23.57
C LEU A 741 11.65 -30.00 23.07
N LEU A 742 11.42 -30.30 21.80
CA LEU A 742 11.90 -31.54 21.24
C LEU A 742 13.41 -31.62 21.28
N SER A 743 14.08 -30.48 21.21
CA SER A 743 15.52 -30.46 21.43
C SER A 743 15.84 -30.75 22.88
N ASP A 744 15.07 -30.17 23.79
CA ASP A 744 15.30 -30.37 25.21
C ASP A 744 15.08 -31.81 25.62
N MET A 745 14.23 -32.55 24.91
CA MET A 745 14.14 -33.99 25.11
C MET A 745 15.23 -34.73 24.37
N TRP A 746 15.63 -34.24 23.21
CA TRP A 746 16.73 -34.86 22.47
C TRP A 746 17.99 -34.88 23.30
N MET A 747 18.24 -33.81 24.05
CA MET A 747 19.33 -33.77 25.00
C MET A 747 19.16 -34.84 26.07
N GLY A 748 18.12 -34.69 26.87
CA GLY A 748 17.87 -35.54 28.01
C GLY A 748 18.29 -34.86 29.27
N ARG A 749 19.01 -35.59 30.12
CA ARG A 749 19.66 -35.03 31.29
C ARG A 749 20.98 -34.34 30.95
N LEU A 750 21.38 -34.35 29.68
CA LEU A 750 22.58 -33.67 29.20
C LEU A 750 22.29 -32.20 28.95
N ASN A 751 23.28 -31.34 29.24
CA ASN A 751 23.21 -29.93 28.86
C ASN A 751 24.11 -29.73 27.63
N MET A 752 23.58 -30.14 26.49
CA MET A 752 24.40 -30.15 25.29
C MET A 752 24.67 -28.78 24.71
N ARG A 753 24.18 -27.70 25.29
CA ARG A 753 24.66 -26.38 24.88
C ARG A 753 26.07 -26.11 25.36
N LYS A 754 26.45 -26.67 26.52
CA LYS A 754 27.83 -26.60 27.00
C LYS A 754 28.67 -27.71 26.38
N ASN A 755 28.23 -28.95 26.51
CA ASN A 755 28.91 -30.06 25.89
C ASN A 755 28.83 -29.95 24.37
N SER A 756 29.55 -30.82 23.68
CA SER A 756 29.61 -30.79 22.24
C SER A 756 29.56 -32.21 21.71
N TRP A 757 29.03 -32.35 20.50
CA TRP A 757 28.80 -33.65 19.88
C TRP A 757 30.08 -34.47 19.77
N TYR A 758 31.24 -33.81 19.77
CA TYR A 758 32.51 -34.51 19.89
C TYR A 758 32.54 -35.35 21.15
N LYS A 759 32.03 -34.80 22.25
CA LYS A 759 32.20 -35.45 23.54
C LYS A 759 31.30 -36.67 23.68
N VAL A 760 30.13 -36.62 23.07
CA VAL A 760 29.19 -37.74 23.15
C VAL A 760 29.74 -38.94 22.41
N ILE A 761 30.17 -38.73 21.17
CA ILE A 761 30.78 -39.79 20.36
C ILE A 761 31.97 -40.38 21.10
N LEU A 762 32.75 -39.54 21.77
CA LEU A 762 33.82 -40.02 22.62
C LEU A 762 33.27 -40.77 23.82
N SER A 763 32.33 -40.15 24.52
CA SER A 763 31.80 -40.70 25.76
C SER A 763 31.08 -42.03 25.56
N ILE A 764 30.69 -42.35 24.32
CA ILE A 764 30.10 -43.65 24.03
C ILE A 764 31.18 -44.70 23.90
N LEU A 765 32.19 -44.45 23.08
CA LEU A 765 33.33 -45.35 22.93
C LEU A 765 34.31 -45.23 24.09
N VAL A 766 34.09 -44.28 25.00
CA VAL A 766 34.86 -44.14 26.23
C VAL A 766 33.84 -44.00 27.35
N PRO A 767 33.35 -45.09 27.92
CA PRO A 767 32.33 -45.00 28.98
C PRO A 767 32.73 -44.11 30.14
N PRO A 768 33.97 -44.23 30.68
CA PRO A 768 34.29 -43.41 31.85
C PRO A 768 34.47 -41.92 31.54
N ALA A 769 34.37 -41.52 30.28
CA ALA A 769 34.29 -40.11 29.95
C ALA A 769 32.89 -39.54 30.12
N ILE A 770 31.91 -40.38 30.43
CA ILE A 770 30.57 -39.92 30.77
C ILE A 770 30.62 -39.08 32.02
N LEU A 771 31.56 -39.35 32.91
CA LEU A 771 31.63 -38.70 34.21
C LEU A 771 32.24 -37.31 34.13
N MET A 772 32.59 -36.83 32.94
CA MET A 772 33.05 -35.46 32.73
C MET A 772 32.07 -34.64 31.89
N LEU A 773 30.86 -35.14 31.72
CA LEU A 773 29.83 -34.44 30.95
C LEU A 773 28.92 -33.69 31.91
N GLU A 774 28.63 -32.45 31.56
CA GLU A 774 27.91 -31.54 32.45
C GLU A 774 26.41 -31.68 32.22
N TYR A 775 25.74 -32.28 33.19
CA TYR A 775 24.32 -32.59 33.09
C TYR A 775 23.48 -31.39 33.55
N LYS A 776 22.18 -31.62 33.66
CA LYS A 776 21.20 -30.59 33.96
C LYS A 776 20.53 -30.91 35.29
N THR A 777 20.18 -29.85 36.02
CA THR A 777 19.52 -30.02 37.30
C THR A 777 18.04 -30.33 37.09
N LYS A 778 17.41 -30.81 38.15
CA LYS A 778 15.98 -31.09 38.15
C LYS A 778 15.17 -29.83 37.92
N ALA A 779 15.76 -28.66 38.18
CA ALA A 779 15.13 -27.40 37.83
C ALA A 779 15.12 -27.16 36.33
N GLU A 780 16.21 -27.49 35.65
CA GLU A 780 16.32 -27.32 34.21
C GLU A 780 15.59 -28.39 33.42
N MET A 781 14.99 -29.37 34.09
CA MET A 781 14.19 -30.40 33.46
C MET A 781 12.79 -30.43 34.03
N SER A 782 12.23 -29.26 34.29
CA SER A 782 10.85 -29.15 34.74
C SER A 782 9.89 -29.16 33.57
N HIS A 783 10.24 -28.45 32.51
CA HIS A 783 9.42 -28.38 31.31
C HIS A 783 9.55 -29.59 30.40
N ILE A 784 10.30 -30.60 30.81
CA ILE A 784 10.66 -31.71 29.94
C ILE A 784 9.91 -32.94 30.44
N PRO A 785 8.93 -33.47 29.71
CA PRO A 785 8.27 -34.68 30.19
C PRO A 785 9.22 -35.86 30.25
N GLN A 786 9.02 -36.69 31.25
CA GLN A 786 9.91 -37.79 31.57
C GLN A 786 9.09 -39.06 31.72
N SER A 787 9.80 -40.18 31.76
CA SER A 787 9.19 -41.43 32.15
C SER A 787 9.17 -41.51 33.68
N GLN A 788 8.53 -42.57 34.18
CA GLN A 788 8.44 -42.76 35.61
C GLN A 788 9.83 -42.92 36.23
N ASP A 789 10.68 -43.69 35.56
CA ASP A 789 11.97 -44.06 36.15
C ASP A 789 12.91 -42.86 36.28
N ALA A 790 12.90 -41.97 35.28
CA ALA A 790 13.77 -40.81 35.33
C ALA A 790 13.29 -39.83 36.39
N HIS A 791 11.98 -39.73 36.57
CA HIS A 791 11.45 -38.96 37.69
C HIS A 791 11.97 -39.51 39.01
N GLN A 792 11.99 -40.84 39.15
CA GLN A 792 12.50 -41.47 40.37
C GLN A 792 13.97 -41.18 40.60
N MET A 793 14.80 -41.27 39.56
CA MET A 793 16.21 -40.94 39.69
C MET A 793 16.43 -39.48 40.05
N THR A 794 15.43 -38.62 39.83
CA THR A 794 15.46 -37.24 40.29
C THR A 794 14.72 -37.04 41.61
N MET A 795 13.94 -38.03 42.05
CA MET A 795 13.40 -38.05 43.42
C MET A 795 14.31 -38.76 44.39
N GLU A 796 14.62 -40.03 44.14
CA GLU A 796 15.50 -40.80 45.03
C GLU A 796 16.96 -40.45 44.76
N LEU A 838 25.40 -35.06 41.01
CA LEU A 838 24.69 -36.31 40.73
C LEU A 838 25.64 -37.48 41.00
N PRO A 839 25.17 -38.57 41.62
CA PRO A 839 26.08 -39.69 41.88
C PRO A 839 26.48 -40.41 40.61
N ILE A 840 27.51 -41.23 40.74
CA ILE A 840 28.14 -41.94 39.62
C ILE A 840 27.13 -42.85 38.96
N THR A 841 26.34 -43.57 39.74
CA THR A 841 25.41 -44.54 39.16
C THR A 841 24.24 -43.87 38.46
N ARG A 842 23.74 -42.76 39.00
CA ARG A 842 22.72 -41.99 38.30
C ARG A 842 23.31 -41.11 37.21
N LYS A 843 24.63 -41.00 37.12
CA LYS A 843 25.29 -40.19 36.11
C LYS A 843 25.58 -40.99 34.84
N PHE A 844 25.41 -42.31 34.87
CA PHE A 844 25.43 -43.11 33.65
C PHE A 844 24.05 -43.25 33.06
N TYR A 845 23.11 -43.76 33.85
CA TYR A 845 21.70 -43.94 33.48
C TYR A 845 21.11 -42.73 32.77
N ALA A 846 21.51 -41.52 33.14
CA ALA A 846 21.01 -40.32 32.50
C ALA A 846 21.62 -40.08 31.14
N PHE A 847 22.76 -40.69 30.87
CA PHE A 847 23.42 -40.57 29.57
C PHE A 847 22.78 -41.56 28.60
N TYR A 848 22.89 -42.84 28.93
CA TYR A 848 22.49 -43.91 28.04
C TYR A 848 21.03 -43.86 27.66
N HIS A 849 20.18 -43.29 28.52
CA HIS A 849 18.75 -43.17 28.26
C HIS A 849 18.42 -41.79 27.72
N ALA A 850 19.34 -41.20 26.98
CA ALA A 850 19.15 -39.93 26.31
C ALA A 850 18.88 -40.20 24.84
N PRO A 851 17.95 -39.50 24.18
CA PRO A 851 17.69 -39.80 22.77
C PRO A 851 18.87 -39.51 21.86
N ILE A 852 19.58 -38.42 22.13
CA ILE A 852 20.74 -38.07 21.32
C ILE A 852 21.80 -39.13 21.42
N VAL A 853 21.91 -39.78 22.57
CA VAL A 853 22.88 -40.85 22.74
C VAL A 853 22.43 -42.11 22.06
N LYS A 854 21.18 -42.51 22.19
CA LYS A 854 20.65 -43.64 21.46
C LYS A 854 20.79 -43.47 19.96
N PHE A 855 20.83 -42.24 19.48
CA PHE A 855 21.05 -41.98 18.07
C PHE A 855 22.49 -42.21 17.69
N TRP A 856 23.42 -41.45 18.27
CA TRP A 856 24.84 -41.55 17.97
C TRP A 856 25.46 -42.86 18.42
N PHE A 857 24.69 -43.74 19.02
CA PHE A 857 25.06 -45.07 19.43
C PHE A 857 24.47 -46.13 18.53
N ASN A 858 23.54 -45.73 17.66
CA ASN A 858 23.04 -46.53 16.56
C ASN A 858 23.70 -46.16 15.24
N THR A 859 23.86 -44.86 14.99
CA THR A 859 24.59 -44.41 13.80
C THR A 859 25.95 -45.07 13.70
N LEU A 860 26.72 -45.01 14.76
CA LEU A 860 28.04 -45.60 14.77
C LEU A 860 28.01 -47.11 14.70
N ALA A 861 26.85 -47.72 14.93
CA ALA A 861 26.68 -49.14 14.68
C ALA A 861 26.29 -49.36 13.23
N TYR A 862 25.25 -48.64 12.79
CA TYR A 862 24.80 -48.72 11.42
C TYR A 862 25.90 -48.35 10.44
N LEU A 863 26.67 -47.33 10.76
CA LEU A 863 27.83 -47.00 9.97
C LEU A 863 28.98 -47.98 10.16
N GLY A 864 28.82 -48.96 11.03
CA GLY A 864 29.74 -50.07 11.14
C GLY A 864 29.13 -51.33 10.58
N PHE A 865 27.83 -51.29 10.34
CA PHE A 865 27.11 -52.27 9.55
C PHE A 865 27.31 -52.07 8.06
N LEU A 866 27.16 -50.85 7.58
CA LEU A 866 27.38 -50.55 6.18
C LEU A 866 28.82 -50.66 5.74
N MET A 867 29.77 -50.66 6.67
CA MET A 867 31.17 -50.83 6.32
C MET A 867 31.56 -52.30 6.24
N LEU A 868 30.80 -53.16 6.89
CA LEU A 868 31.01 -54.60 6.81
C LEU A 868 30.21 -55.23 5.69
N TYR A 869 28.93 -54.91 5.61
CA TYR A 869 28.09 -55.34 4.52
C TYR A 869 28.70 -54.96 3.18
N THR A 870 29.10 -53.69 3.05
CA THR A 870 29.85 -53.24 1.90
C THR A 870 31.08 -54.09 1.64
N PHE A 871 31.78 -54.52 2.68
CA PHE A 871 32.95 -55.36 2.52
C PHE A 871 32.57 -56.73 2.01
N VAL A 872 31.46 -57.28 2.48
CA VAL A 872 30.98 -58.59 2.06
C VAL A 872 30.56 -58.55 0.61
N VAL A 873 29.77 -57.54 0.26
CA VAL A 873 29.24 -57.36 -1.08
C VAL A 873 30.34 -57.29 -2.12
N LEU A 874 31.43 -56.60 -1.82
CA LEU A 874 32.52 -56.39 -2.76
C LEU A 874 33.48 -57.57 -2.81
N VAL A 875 33.77 -58.14 -1.68
CA VAL A 875 34.72 -59.23 -1.55
C VAL A 875 34.02 -60.54 -1.83
N LYS A 876 34.78 -61.52 -2.32
CA LYS A 876 34.21 -62.78 -2.71
C LYS A 876 33.62 -63.49 -1.51
N MET A 877 32.74 -64.44 -1.78
CA MET A 877 31.91 -65.05 -0.77
C MET A 877 31.94 -66.56 -0.94
N GLU A 878 32.53 -67.23 0.05
CA GLU A 878 32.83 -68.65 0.03
C GLU A 878 31.58 -69.42 0.45
N GLN A 879 31.73 -70.70 0.76
CA GLN A 879 30.56 -71.54 1.02
C GLN A 879 29.81 -71.05 2.25
N LEU A 880 30.55 -70.68 3.29
CA LEU A 880 30.00 -70.28 4.57
C LEU A 880 30.20 -68.80 4.79
N PRO A 881 29.30 -68.12 5.50
CA PRO A 881 29.50 -66.69 5.76
C PRO A 881 30.74 -66.45 6.61
N SER A 882 31.49 -65.43 6.21
CA SER A 882 32.59 -64.93 7.00
C SER A 882 32.07 -64.23 8.24
N VAL A 883 33.00 -63.94 9.16
CA VAL A 883 32.69 -63.36 10.46
C VAL A 883 31.91 -62.07 10.25
N GLN A 884 32.28 -61.32 9.22
CA GLN A 884 31.57 -60.10 8.91
C GLN A 884 30.12 -60.38 8.56
N GLU A 885 29.88 -61.33 7.66
CA GLU A 885 28.53 -61.57 7.17
C GLU A 885 27.63 -62.14 8.24
N TRP A 886 28.19 -62.85 9.22
CA TRP A 886 27.39 -63.27 10.36
C TRP A 886 26.94 -62.08 11.19
N ILE A 887 27.85 -61.14 11.45
CA ILE A 887 27.50 -59.91 12.13
C ILE A 887 26.47 -59.12 11.35
N VAL A 888 26.47 -59.24 10.03
CA VAL A 888 25.54 -58.53 9.18
C VAL A 888 24.14 -59.07 9.37
N ILE A 889 24.01 -60.39 9.32
CA ILE A 889 22.74 -61.06 9.54
C ILE A 889 22.22 -60.74 10.92
N ALA A 890 23.12 -60.71 11.90
CA ALA A 890 22.77 -60.44 13.29
C ALA A 890 22.09 -59.09 13.44
N TYR A 891 22.69 -58.06 12.85
CA TYR A 891 22.08 -56.74 12.88
C TYR A 891 20.67 -56.78 12.32
N ILE A 892 20.51 -57.29 11.09
CA ILE A 892 19.23 -57.25 10.41
C ILE A 892 18.17 -58.01 11.20
N PHE A 893 18.51 -59.22 11.64
CA PHE A 893 17.61 -60.05 12.43
C PHE A 893 17.15 -59.32 13.69
N THR A 894 18.11 -58.98 14.55
CA THR A 894 17.82 -58.20 15.74
C THR A 894 17.18 -56.86 15.43
N TYR A 895 17.54 -56.28 14.28
CA TYR A 895 16.87 -55.05 13.85
C TYR A 895 15.43 -55.32 13.49
N ALA A 896 15.16 -56.45 12.84
CA ALA A 896 13.79 -56.80 12.48
C ALA A 896 12.92 -56.92 13.71
N ILE A 897 13.43 -57.59 14.74
CA ILE A 897 12.73 -57.72 16.01
C ILE A 897 12.39 -56.36 16.58
N GLU A 898 13.33 -55.42 16.51
CA GLU A 898 13.07 -54.05 16.91
C GLU A 898 11.94 -53.43 16.12
N LYS A 899 11.75 -53.86 14.88
CA LYS A 899 10.68 -53.31 14.05
C LYS A 899 9.35 -53.98 14.32
N VAL A 900 9.35 -55.21 14.81
CA VAL A 900 8.12 -55.88 15.19
C VAL A 900 7.58 -55.29 16.49
N ARG A 901 8.42 -55.30 17.53
CA ARG A 901 8.07 -54.75 18.82
C ARG A 901 7.71 -53.27 18.72
N GLU A 902 8.25 -52.58 17.71
CA GLU A 902 7.86 -51.22 17.42
C GLU A 902 6.42 -51.13 16.94
N VAL A 903 5.88 -52.23 16.41
CA VAL A 903 4.52 -52.26 15.90
C VAL A 903 3.57 -52.64 17.03
N PHE A 904 3.77 -53.83 17.60
CA PHE A 904 2.89 -54.36 18.62
C PHE A 904 2.74 -53.42 19.81
N MET A 905 3.83 -52.76 20.20
CA MET A 905 3.80 -51.82 21.32
C MET A 905 3.64 -50.38 20.82
N SER A 906 2.96 -50.22 19.69
CA SER A 906 2.69 -48.90 19.16
C SER A 906 1.50 -48.27 19.88
N GLU A 907 1.34 -46.96 19.70
CA GLU A 907 0.29 -46.22 20.39
C GLU A 907 -1.10 -46.65 19.94
N ALA A 908 -1.24 -46.95 18.64
CA ALA A 908 -2.53 -47.28 18.05
C ALA A 908 -3.21 -48.45 18.74
N GLY A 909 -4.50 -48.63 18.46
CA GLY A 909 -5.33 -49.61 19.14
C GLY A 909 -5.43 -50.91 18.39
N LYS A 910 -6.52 -51.09 17.64
CA LYS A 910 -6.71 -52.29 16.85
C LYS A 910 -5.51 -52.52 15.95
N ILE A 911 -5.10 -53.79 15.84
CA ILE A 911 -3.90 -54.14 15.10
C ILE A 911 -4.00 -53.64 13.66
N SER A 912 -5.20 -53.70 13.07
CA SER A 912 -5.38 -53.21 11.71
C SER A 912 -5.05 -51.73 11.59
N GLN A 913 -5.08 -50.99 12.71
CA GLN A 913 -4.65 -49.60 12.70
C GLN A 913 -3.16 -49.48 13.03
N LYS A 914 -2.62 -50.42 13.79
CA LYS A 914 -1.17 -50.45 14.00
C LYS A 914 -0.44 -50.79 12.72
N ILE A 915 -1.08 -51.57 11.86
CA ILE A 915 -0.51 -52.08 10.62
C ILE A 915 -0.85 -51.13 9.48
N LYS A 916 -1.25 -49.89 9.83
CA LYS A 916 -1.64 -48.88 8.86
C LYS A 916 -0.93 -47.56 9.09
N VAL A 917 -0.25 -47.39 10.21
CA VAL A 917 0.55 -46.18 10.48
C VAL A 917 2.02 -46.51 10.26
N TRP A 918 2.43 -47.72 10.61
CA TRP A 918 3.80 -48.15 10.43
C TRP A 918 4.12 -48.48 8.98
N PHE A 919 3.11 -48.70 8.14
CA PHE A 919 3.31 -48.86 6.70
C PHE A 919 2.98 -47.60 5.92
N SER A 920 2.70 -46.49 6.60
CA SER A 920 2.55 -45.19 5.96
C SER A 920 3.83 -44.37 6.12
N ASP A 921 4.96 -45.04 6.04
CA ASP A 921 6.26 -44.48 6.32
C ASP A 921 7.25 -45.05 5.30
N TYR A 922 7.96 -44.17 4.62
CA TYR A 922 8.78 -44.60 3.48
C TYR A 922 9.85 -45.59 3.89
N PHE A 923 10.37 -45.47 5.10
CA PHE A 923 11.49 -46.27 5.52
C PHE A 923 11.08 -47.53 6.26
N ASN A 924 9.83 -47.62 6.70
CA ASN A 924 9.35 -48.83 7.33
C ASN A 924 8.84 -49.81 6.30
N VAL A 925 8.42 -49.32 5.15
CA VAL A 925 8.21 -50.16 3.98
C VAL A 925 9.55 -50.64 3.46
N SER A 926 10.50 -49.74 3.29
CA SER A 926 11.80 -50.06 2.75
C SER A 926 12.60 -50.99 3.64
N ASP A 927 12.34 -50.97 4.95
CA ASP A 927 12.86 -52.00 5.82
C ASP A 927 12.22 -53.34 5.57
N THR A 928 10.89 -53.39 5.57
CA THR A 928 10.13 -54.57 5.24
C THR A 928 10.60 -55.21 3.95
N ILE A 929 10.83 -54.39 2.92
CA ILE A 929 11.31 -54.90 1.65
C ILE A 929 12.75 -55.36 1.78
N ALA A 930 13.51 -54.76 2.67
CA ALA A 930 14.93 -55.07 2.82
C ALA A 930 15.22 -56.16 3.83
N ILE A 931 14.36 -56.35 4.82
CA ILE A 931 14.50 -57.43 5.78
C ILE A 931 13.96 -58.72 5.19
N ILE A 932 12.82 -58.63 4.48
CA ILE A 932 12.29 -59.77 3.76
C ILE A 932 13.23 -60.21 2.66
N SER A 933 13.86 -59.29 1.96
CA SER A 933 14.72 -59.61 0.83
C SER A 933 16.04 -60.21 1.24
N PHE A 934 16.66 -59.73 2.31
CA PHE A 934 17.92 -60.28 2.76
C PHE A 934 17.80 -61.72 3.20
N PHE A 935 16.62 -62.12 3.64
CA PHE A 935 16.37 -63.48 4.08
C PHE A 935 15.88 -64.37 2.96
N VAL A 936 15.48 -63.80 1.83
CA VAL A 936 15.51 -64.53 0.57
C VAL A 936 16.95 -64.73 0.13
N GLY A 937 17.80 -63.75 0.40
CA GLY A 937 19.20 -63.83 0.02
C GLY A 937 19.98 -64.78 0.89
N PHE A 938 19.80 -64.67 2.20
CA PHE A 938 20.47 -65.62 3.07
C PHE A 938 19.91 -67.02 2.91
N GLY A 939 18.63 -67.13 2.53
CA GLY A 939 18.06 -68.43 2.27
C GLY A 939 18.72 -69.14 1.11
N LEU A 940 18.87 -68.44 -0.01
CA LEU A 940 19.43 -69.02 -1.21
C LEU A 940 20.96 -69.03 -1.20
N ARG A 941 21.59 -68.35 -0.26
CA ARG A 941 23.05 -68.33 -0.14
C ARG A 941 23.58 -69.41 0.78
N PHE A 942 22.96 -69.56 1.95
CA PHE A 942 23.30 -70.64 2.86
C PHE A 942 22.67 -71.95 2.42
N GLY A 943 21.45 -71.88 1.92
CA GLY A 943 20.75 -73.02 1.39
C GLY A 943 21.05 -73.31 -0.07
N ALA A 944 22.21 -73.88 -0.36
CA ALA A 944 22.56 -74.16 -1.74
C ALA A 944 23.66 -75.20 -1.81
N LYS A 945 23.91 -75.71 -3.01
CA LYS A 945 24.69 -76.94 -3.16
C LYS A 945 26.18 -76.65 -3.35
N TRP A 946 26.52 -75.44 -3.83
CA TRP A 946 27.91 -75.02 -3.83
C TRP A 946 28.81 -75.93 -4.65
N ASN A 947 28.81 -75.78 -5.97
CA ASN A 947 29.43 -76.70 -6.94
C ASN A 947 30.84 -77.19 -6.57
N TYR A 948 31.55 -76.53 -5.65
CA TYR A 948 32.84 -76.99 -5.12
C TYR A 948 33.96 -76.88 -6.15
N ILE A 949 33.69 -76.22 -7.28
CA ILE A 949 34.66 -76.06 -8.34
C ILE A 949 34.80 -74.58 -8.63
N ASN A 950 33.67 -73.89 -8.80
CA ASN A 950 33.62 -72.45 -8.95
C ASN A 950 32.25 -72.02 -8.44
N ALA A 951 32.23 -71.04 -7.56
CA ALA A 951 30.98 -70.35 -7.32
C ALA A 951 30.59 -69.59 -8.56
N TYR A 952 29.39 -69.02 -8.56
CA TYR A 952 28.77 -68.44 -9.75
C TYR A 952 28.60 -69.47 -10.86
N ASP A 953 28.49 -70.74 -10.49
CA ASP A 953 27.96 -71.77 -11.37
C ASP A 953 26.72 -72.42 -10.75
N ASN A 954 26.26 -71.92 -9.60
CA ASN A 954 24.99 -72.29 -8.99
C ASN A 954 24.14 -71.04 -8.99
N HIS A 955 23.17 -70.97 -9.90
CA HIS A 955 22.33 -69.80 -10.06
C HIS A 955 21.52 -69.50 -8.81
N VAL A 956 21.36 -70.51 -7.94
CA VAL A 956 20.78 -70.29 -6.64
C VAL A 956 21.71 -69.42 -5.79
N PHE A 957 22.98 -69.79 -5.74
CA PHE A 957 23.97 -69.01 -5.02
C PHE A 957 24.10 -67.61 -5.58
N VAL A 958 24.25 -67.51 -6.90
CA VAL A 958 24.30 -66.26 -7.65
C VAL A 958 23.14 -65.39 -7.24
N ALA A 959 21.95 -65.98 -7.26
CA ALA A 959 20.75 -65.24 -6.97
C ALA A 959 20.82 -64.63 -5.58
N GLY A 960 21.15 -65.44 -4.57
CA GLY A 960 21.11 -64.98 -3.21
C GLY A 960 22.06 -63.84 -2.95
N ARG A 961 23.16 -63.80 -3.69
CA ARG A 961 24.09 -62.68 -3.60
C ARG A 961 23.50 -61.42 -4.19
N LEU A 962 23.12 -61.47 -5.47
CA LEU A 962 22.54 -60.34 -6.17
C LEU A 962 21.34 -59.75 -5.42
N ILE A 963 20.69 -60.55 -4.59
CA ILE A 963 19.81 -60.02 -3.57
C ILE A 963 20.58 -59.14 -2.59
N TYR A 964 21.75 -59.58 -2.12
CA TYR A 964 22.53 -58.76 -1.20
C TYR A 964 22.98 -57.48 -1.90
N CYS A 965 23.58 -57.63 -3.08
CA CYS A 965 24.22 -56.51 -3.75
C CYS A 965 23.24 -55.46 -4.22
N LEU A 966 21.93 -55.75 -4.14
CA LEU A 966 20.87 -54.82 -4.49
C LEU A 966 20.12 -54.34 -3.28
N ASN A 967 19.94 -55.22 -2.29
CA ASN A 967 19.35 -54.81 -1.04
C ASN A 967 20.13 -53.70 -0.37
N ILE A 968 21.43 -53.68 -0.61
CA ILE A 968 22.33 -52.65 -0.10
C ILE A 968 21.82 -51.25 -0.38
N ILE A 969 21.14 -51.07 -1.50
CA ILE A 969 20.65 -49.75 -1.86
C ILE A 969 19.59 -49.30 -0.86
N PHE A 970 18.89 -50.23 -0.25
CA PHE A 970 17.94 -49.84 0.78
C PHE A 970 18.66 -49.32 2.00
N TRP A 971 19.91 -49.71 2.19
CA TRP A 971 20.62 -49.45 3.42
C TRP A 971 21.56 -48.25 3.33
N TYR A 972 22.00 -47.85 2.14
CA TYR A 972 22.65 -46.55 2.01
C TYR A 972 21.63 -45.44 1.97
N VAL A 973 20.52 -45.68 1.28
CA VAL A 973 19.44 -44.70 1.20
C VAL A 973 18.86 -44.39 2.56
N ARG A 974 19.05 -45.27 3.53
CA ARG A 974 18.49 -45.06 4.85
C ARG A 974 19.26 -44.02 5.63
N LEU A 975 20.50 -43.73 5.25
CA LEU A 975 21.31 -42.71 5.88
C LEU A 975 20.72 -41.33 5.72
N LEU A 976 19.73 -41.19 4.85
CA LEU A 976 18.94 -39.98 4.75
C LEU A 976 17.91 -39.89 5.86
N ASP A 977 17.62 -41.00 6.54
CA ASP A 977 16.87 -40.95 7.78
C ASP A 977 17.73 -40.40 8.91
N PHE A 978 19.05 -40.60 8.81
CA PHE A 978 19.99 -40.09 9.78
C PHE A 978 20.46 -38.70 9.41
N LEU A 979 20.68 -38.45 8.12
CA LEU A 979 21.19 -37.17 7.68
C LEU A 979 20.14 -36.08 7.74
N ALA A 980 18.88 -36.44 7.76
CA ALA A 980 17.82 -35.46 7.85
C ALA A 980 17.60 -34.94 9.25
N VAL A 981 18.35 -35.46 10.22
CA VAL A 981 18.30 -34.95 11.59
C VAL A 981 18.72 -33.49 11.63
N ASN A 982 19.61 -33.09 10.73
CA ASN A 982 20.13 -31.74 10.72
C ASN A 982 19.12 -30.76 10.15
N GLN A 983 19.16 -29.54 10.68
CA GLN A 983 18.26 -28.48 10.30
C GLN A 983 18.53 -27.93 8.91
N GLN A 984 19.68 -28.23 8.33
CA GLN A 984 19.99 -27.85 6.96
C GLN A 984 19.78 -28.98 5.97
N ALA A 985 20.10 -30.20 6.34
CA ALA A 985 20.00 -31.34 5.45
C ALA A 985 18.62 -31.93 5.35
N GLY A 986 17.84 -31.87 6.42
CA GLY A 986 16.50 -32.39 6.43
C GLY A 986 15.66 -31.96 5.26
N PRO A 987 15.50 -30.65 5.09
CA PRO A 987 14.73 -30.13 3.96
C PRO A 987 15.15 -30.67 2.61
N TYR A 988 16.43 -30.61 2.26
CA TYR A 988 16.90 -31.13 0.99
C TYR A 988 16.57 -32.60 0.81
N VAL A 989 16.47 -33.34 1.91
CA VAL A 989 16.00 -34.72 1.83
C VAL A 989 14.50 -34.78 1.64
N MET A 990 13.76 -33.83 2.19
CA MET A 990 12.32 -33.81 2.08
C MET A 990 11.85 -33.06 0.84
N MET A 991 12.76 -32.66 -0.04
CA MET A 991 12.45 -32.08 -1.33
C MET A 991 12.50 -33.09 -2.44
N ILE A 992 13.42 -34.03 -2.34
CA ILE A 992 13.62 -35.07 -3.34
C ILE A 992 12.40 -35.96 -3.47
N GLY A 993 11.48 -35.91 -2.53
CA GLY A 993 10.18 -36.49 -2.70
C GLY A 993 9.25 -35.60 -3.48
N LYS A 994 9.26 -34.31 -3.19
CA LYS A 994 8.36 -33.37 -3.82
C LYS A 994 8.81 -32.88 -5.17
N MET A 995 9.93 -33.39 -5.68
CA MET A 995 10.42 -33.03 -7.00
C MET A 995 10.29 -34.25 -7.89
N VAL A 996 10.53 -35.43 -7.32
CA VAL A 996 10.24 -36.68 -8.00
C VAL A 996 8.76 -36.88 -8.23
N ALA A 997 7.92 -36.36 -7.35
CA ALA A 997 6.48 -36.52 -7.49
C ALA A 997 5.95 -35.54 -8.51
N ASN A 998 6.19 -34.26 -8.29
CA ASN A 998 5.67 -33.25 -9.20
C ASN A 998 6.54 -33.07 -10.44
N MET A 999 7.03 -34.16 -11.04
CA MET A 999 7.52 -34.04 -12.40
C MET A 999 7.30 -35.33 -13.17
N PHE A 1000 6.41 -36.19 -12.69
CA PHE A 1000 6.09 -37.41 -13.39
C PHE A 1000 5.60 -37.15 -14.79
N TYR A 1001 5.03 -35.97 -15.04
CA TYR A 1001 4.33 -35.72 -16.29
C TYR A 1001 5.24 -35.12 -17.33
N ILE A 1002 6.28 -34.39 -16.93
CA ILE A 1002 7.29 -34.02 -17.90
C ILE A 1002 8.04 -35.26 -18.35
N VAL A 1003 8.26 -36.20 -17.44
CA VAL A 1003 9.13 -37.34 -17.67
C VAL A 1003 8.45 -38.43 -18.48
N VAL A 1004 7.12 -38.41 -18.57
CA VAL A 1004 6.42 -39.24 -19.52
C VAL A 1004 6.49 -38.61 -20.91
N ILE A 1005 6.38 -37.28 -20.97
CA ILE A 1005 6.60 -36.59 -22.23
C ILE A 1005 8.01 -36.82 -22.72
N MET A 1006 8.95 -37.05 -21.82
CA MET A 1006 10.30 -37.36 -22.21
C MET A 1006 10.48 -38.81 -22.61
N ALA A 1007 9.47 -39.66 -22.46
CA ALA A 1007 9.53 -41.04 -22.88
C ALA A 1007 8.77 -41.34 -24.15
N LEU A 1008 7.82 -40.48 -24.55
CA LEU A 1008 7.28 -40.55 -25.89
C LEU A 1008 8.33 -40.20 -26.93
N VAL A 1009 9.04 -39.10 -26.67
CA VAL A 1009 10.05 -38.58 -27.58
C VAL A 1009 11.15 -39.60 -27.76
N LEU A 1010 11.46 -40.32 -26.70
CA LEU A 1010 12.43 -41.39 -26.71
C LEU A 1010 12.03 -42.53 -27.63
N LEU A 1011 10.75 -42.87 -27.69
CA LEU A 1011 10.26 -43.93 -28.54
C LEU A 1011 9.77 -43.44 -29.87
N SER A 1012 9.34 -42.18 -29.94
CA SER A 1012 9.18 -41.51 -31.22
C SER A 1012 10.45 -41.58 -32.04
N PHE A 1013 11.62 -41.55 -31.41
CA PHE A 1013 12.90 -41.63 -32.07
C PHE A 1013 13.50 -43.04 -32.10
N GLY A 1014 13.31 -43.82 -31.06
CA GLY A 1014 13.95 -45.13 -31.01
C GLY A 1014 13.35 -46.16 -31.90
N VAL A 1015 12.07 -46.02 -32.22
CA VAL A 1015 11.39 -46.98 -33.07
C VAL A 1015 11.71 -46.73 -34.55
N PRO A 1016 11.68 -45.49 -35.03
CA PRO A 1016 12.12 -45.27 -36.40
C PRO A 1016 13.56 -45.64 -36.67
N ARG A 1017 14.44 -45.40 -35.72
CA ARG A 1017 15.84 -45.62 -35.94
C ARG A 1017 16.18 -47.09 -35.97
N LYS A 1018 15.60 -47.88 -35.07
CA LYS A 1018 15.85 -49.30 -35.08
C LYS A 1018 15.16 -49.98 -36.25
N ALA A 1019 14.15 -49.33 -36.81
CA ALA A 1019 13.48 -49.80 -37.99
C ALA A 1019 14.24 -49.45 -39.27
N ILE A 1020 14.78 -48.24 -39.31
CA ILE A 1020 15.50 -47.75 -40.48
C ILE A 1020 16.90 -48.35 -40.59
N LEU A 1021 17.52 -48.76 -39.48
CA LEU A 1021 18.91 -49.18 -39.46
C LEU A 1021 19.10 -50.68 -39.46
N TYR A 1022 18.19 -51.43 -38.83
CA TYR A 1022 18.27 -52.88 -38.70
C TYR A 1022 17.04 -53.51 -39.33
N PRO A 1023 16.91 -53.46 -40.65
CA PRO A 1023 15.65 -53.84 -41.28
C PRO A 1023 15.49 -55.31 -41.62
N HIS A 1024 15.97 -56.20 -40.77
CA HIS A 1024 15.87 -57.63 -41.05
C HIS A 1024 15.64 -58.40 -39.76
N GLU A 1025 15.19 -57.71 -38.74
CA GLU A 1025 15.18 -58.26 -37.39
C GLU A 1025 13.95 -59.12 -37.18
N GLU A 1026 14.17 -60.37 -36.93
CA GLU A 1026 13.09 -61.22 -36.47
C GLU A 1026 12.63 -60.75 -35.10
N PRO A 1027 11.48 -61.21 -34.64
CA PRO A 1027 11.04 -60.82 -33.30
C PRO A 1027 12.03 -61.24 -32.23
N SER A 1028 12.28 -60.35 -31.29
CA SER A 1028 13.33 -60.52 -30.31
C SER A 1028 13.06 -59.62 -29.13
N TRP A 1029 13.66 -59.94 -28.00
CA TRP A 1029 13.65 -59.05 -26.85
C TRP A 1029 14.66 -57.91 -26.99
N SER A 1030 15.61 -58.03 -27.92
CA SER A 1030 16.53 -56.93 -28.17
C SER A 1030 15.83 -55.74 -28.79
N LEU A 1031 14.68 -55.96 -29.42
CA LEU A 1031 13.87 -54.88 -29.95
C LEU A 1031 13.13 -54.12 -28.88
N ALA A 1032 13.31 -54.48 -27.61
CA ALA A 1032 12.74 -53.78 -26.48
C ALA A 1032 13.77 -52.99 -25.71
N LYS A 1033 15.03 -53.33 -25.86
CA LYS A 1033 16.15 -52.56 -25.34
C LYS A 1033 16.61 -51.50 -26.32
N ASP A 1034 16.81 -51.86 -27.57
CA ASP A 1034 17.47 -50.99 -28.52
C ASP A 1034 16.57 -49.90 -29.05
N ILE A 1035 15.28 -49.91 -28.71
CA ILE A 1035 14.40 -48.78 -28.92
C ILE A 1035 14.32 -47.89 -27.70
N VAL A 1036 15.04 -48.23 -26.64
CA VAL A 1036 14.99 -47.48 -25.40
C VAL A 1036 16.39 -47.20 -24.85
N PHE A 1037 17.40 -47.87 -25.39
CA PHE A 1037 18.72 -47.87 -24.76
C PHE A 1037 19.50 -46.63 -25.12
N HIS A 1038 19.96 -46.53 -26.37
CA HIS A 1038 20.74 -45.36 -26.79
C HIS A 1038 19.98 -44.05 -26.68
N PRO A 1039 18.69 -43.97 -26.99
CA PRO A 1039 17.99 -42.72 -26.80
C PRO A 1039 17.84 -42.25 -25.37
N TYR A 1040 18.22 -43.07 -24.40
CA TYR A 1040 18.24 -42.66 -23.02
C TYR A 1040 19.59 -42.14 -22.60
N TRP A 1041 20.64 -42.66 -23.20
CA TRP A 1041 21.97 -42.22 -22.87
C TRP A 1041 22.37 -40.96 -23.63
N MET A 1042 21.63 -40.61 -24.68
CA MET A 1042 21.68 -39.32 -25.35
C MET A 1042 21.24 -38.15 -24.49
N ILE A 1043 20.22 -38.34 -23.65
CA ILE A 1043 19.77 -37.31 -22.72
C ILE A 1043 20.90 -36.85 -21.82
N PHE A 1044 21.92 -37.67 -21.64
CA PHE A 1044 23.07 -37.41 -20.78
C PHE A 1044 24.31 -37.08 -21.57
N GLY A 1045 24.14 -36.63 -22.81
CA GLY A 1045 25.22 -36.08 -23.57
C GLY A 1045 26.02 -37.04 -24.40
N GLU A 1046 25.67 -38.33 -24.40
CA GLU A 1046 26.36 -39.30 -25.23
C GLU A 1046 25.65 -39.38 -26.58
N VAL A 1047 26.30 -38.81 -27.59
CA VAL A 1047 25.69 -38.55 -28.89
C VAL A 1047 25.87 -39.70 -29.85
N TYR A 1048 26.79 -40.61 -29.55
CA TYR A 1048 27.14 -41.73 -30.41
C TYR A 1048 27.49 -41.20 -31.79
N ALA A 1049 28.52 -40.37 -31.78
CA ALA A 1049 28.84 -39.51 -32.90
C ALA A 1049 29.43 -40.29 -34.05
N TYR A 1050 30.10 -41.39 -33.76
CA TYR A 1050 30.63 -42.27 -34.78
C TYR A 1050 29.69 -43.44 -35.06
N GLU A 1051 28.40 -43.22 -34.83
CA GLU A 1051 27.35 -44.14 -35.22
C GLU A 1051 26.22 -43.44 -35.94
N ILE A 1052 26.16 -42.12 -35.89
CA ILE A 1052 25.40 -41.30 -36.81
C ILE A 1052 26.05 -41.39 -38.19
N ASP A 1053 25.24 -41.43 -39.22
CA ASP A 1053 25.73 -41.46 -40.59
C ASP A 1053 26.59 -42.70 -40.76
N VAL A 1054 25.97 -43.85 -40.54
CA VAL A 1054 26.67 -45.13 -40.55
C VAL A 1054 27.35 -45.43 -41.87
N CYS A 1055 26.98 -44.76 -42.94
CA CYS A 1055 27.64 -44.90 -44.23
C CYS A 1055 28.90 -44.06 -44.35
N ALA A 1056 29.15 -43.17 -43.41
CA ALA A 1056 30.33 -42.34 -43.42
C ALA A 1056 31.59 -43.18 -43.27
N ASN A 1057 32.74 -42.56 -43.53
CA ASN A 1057 34.01 -43.23 -43.51
C ASN A 1057 34.59 -43.38 -42.10
N ASP A 1058 34.09 -42.61 -41.15
CA ASP A 1058 34.60 -42.63 -39.78
C ASP A 1058 33.72 -43.47 -38.86
N SER A 1059 32.94 -44.38 -39.44
CA SER A 1059 31.87 -45.03 -38.71
C SER A 1059 32.36 -46.27 -37.99
N THR A 1060 31.87 -46.44 -36.77
CA THR A 1060 31.94 -47.69 -36.05
C THR A 1060 30.94 -48.72 -36.55
N LEU A 1061 30.02 -48.32 -37.43
CA LEU A 1061 28.98 -49.18 -37.98
C LEU A 1061 29.01 -49.06 -39.49
N PRO A 1062 30.05 -49.60 -40.14
CA PRO A 1062 30.11 -49.58 -41.60
C PRO A 1062 29.29 -50.67 -42.26
N THR A 1063 28.70 -51.57 -41.50
CA THR A 1063 27.89 -52.65 -41.99
C THR A 1063 26.41 -52.35 -41.95
N ILE A 1064 26.01 -51.29 -41.26
CA ILE A 1064 24.63 -50.89 -41.10
C ILE A 1064 24.23 -49.97 -42.25
N CYS A 1065 25.16 -49.70 -43.17
CA CYS A 1065 24.87 -48.82 -44.29
C CYS A 1065 23.92 -49.51 -45.25
N GLY A 1066 22.80 -48.85 -45.54
CA GLY A 1066 21.81 -49.39 -46.41
C GLY A 1066 20.80 -48.34 -46.79
N PRO A 1067 19.73 -48.76 -47.47
CA PRO A 1067 18.68 -47.81 -47.86
C PRO A 1067 17.97 -47.22 -46.65
N GLY A 1068 17.87 -45.90 -46.64
CA GLY A 1068 17.13 -45.19 -45.64
C GLY A 1068 17.93 -44.73 -44.45
N THR A 1069 19.18 -45.17 -44.31
CA THR A 1069 19.99 -44.88 -43.13
C THR A 1069 20.58 -43.48 -43.14
N TRP A 1070 20.26 -42.70 -44.16
CA TRP A 1070 20.58 -41.27 -44.18
C TRP A 1070 19.57 -40.44 -43.43
N LEU A 1071 18.53 -41.04 -42.86
CA LEU A 1071 17.46 -40.33 -42.20
C LEU A 1071 17.71 -40.15 -40.72
N THR A 1072 18.52 -41.00 -40.12
CA THR A 1072 18.74 -41.01 -38.70
C THR A 1072 19.51 -39.79 -38.19
N PRO A 1073 20.44 -39.19 -38.96
CA PRO A 1073 21.00 -37.92 -38.49
C PRO A 1073 19.97 -36.82 -38.32
N PHE A 1074 18.96 -36.79 -39.16
CA PHE A 1074 17.90 -35.81 -39.03
C PHE A 1074 17.02 -36.08 -37.83
N LEU A 1075 16.56 -37.32 -37.69
CA LEU A 1075 15.72 -37.70 -36.56
C LEU A 1075 16.38 -37.38 -35.24
N GLN A 1076 17.70 -37.54 -35.18
CA GLN A 1076 18.42 -37.36 -33.95
C GLN A 1076 18.67 -35.89 -33.66
N ALA A 1077 18.95 -35.11 -34.69
CA ALA A 1077 18.95 -33.66 -34.60
C ALA A 1077 17.67 -33.16 -33.97
N VAL A 1078 16.55 -33.60 -34.51
CA VAL A 1078 15.25 -33.27 -33.96
C VAL A 1078 15.11 -33.80 -32.57
N TYR A 1079 15.69 -34.96 -32.28
CA TYR A 1079 15.52 -35.61 -31.00
C TYR A 1079 16.14 -34.82 -29.86
N LEU A 1080 17.41 -34.48 -30.00
CA LEU A 1080 18.14 -33.86 -28.91
C LEU A 1080 17.76 -32.44 -28.67
N PHE A 1081 17.47 -31.71 -29.72
CA PHE A 1081 16.84 -30.40 -29.60
C PHE A 1081 15.61 -30.45 -28.72
N VAL A 1082 14.94 -31.59 -28.66
CA VAL A 1082 13.80 -31.79 -27.77
C VAL A 1082 14.26 -32.32 -26.42
N GLN A 1083 15.16 -33.29 -26.41
CA GLN A 1083 15.59 -33.97 -25.19
C GLN A 1083 16.78 -33.36 -24.48
N TYR A 1084 17.30 -32.23 -24.94
CA TYR A 1084 18.43 -31.60 -24.29
C TYR A 1084 18.27 -30.09 -24.22
N ILE A 1085 17.36 -29.52 -25.00
CA ILE A 1085 17.20 -28.07 -25.10
C ILE A 1085 15.78 -27.67 -24.72
N ILE A 1086 14.78 -28.35 -25.28
CA ILE A 1086 13.41 -28.07 -24.86
C ILE A 1086 13.08 -28.72 -23.53
N MET A 1087 13.24 -30.02 -23.41
CA MET A 1087 12.64 -30.74 -22.29
C MET A 1087 13.53 -30.78 -21.07
N VAL A 1088 14.82 -31.06 -21.23
CA VAL A 1088 15.70 -31.09 -20.07
C VAL A 1088 15.94 -29.71 -19.49
N ASN A 1089 15.69 -28.65 -20.26
CA ASN A 1089 15.68 -27.30 -19.73
C ASN A 1089 14.29 -26.82 -19.37
N LEU A 1090 13.28 -27.68 -19.50
CA LEU A 1090 11.98 -27.44 -18.91
C LEU A 1090 11.97 -27.91 -17.46
N LEU A 1091 12.69 -28.99 -17.17
CA LEU A 1091 12.93 -29.41 -15.80
C LEU A 1091 13.58 -28.31 -14.98
N ILE A 1092 14.67 -27.76 -15.50
CA ILE A 1092 15.44 -26.71 -14.83
C ILE A 1092 14.51 -25.58 -14.48
N ALA A 1093 13.70 -25.17 -15.45
CA ALA A 1093 12.75 -24.11 -15.19
C ALA A 1093 11.63 -24.56 -14.28
N PHE A 1094 11.35 -25.86 -14.23
CA PHE A 1094 10.39 -26.33 -13.25
C PHE A 1094 10.94 -26.14 -11.85
N PHE A 1095 12.06 -26.77 -11.55
CA PHE A 1095 12.68 -26.73 -10.24
C PHE A 1095 12.95 -25.31 -9.78
N ASN A 1096 13.46 -24.46 -10.65
CA ASN A 1096 13.82 -23.11 -10.25
C ASN A 1096 12.64 -22.29 -9.79
N GLN A 1097 11.44 -22.62 -10.26
CA GLN A 1097 10.25 -21.86 -9.95
C GLN A 1097 9.37 -22.52 -8.92
N VAL A 1098 9.67 -23.78 -8.59
CA VAL A 1098 8.98 -24.51 -7.53
C VAL A 1098 9.91 -24.74 -6.34
N TYR A 1099 10.92 -23.88 -6.17
CA TYR A 1099 11.96 -24.10 -5.17
C TYR A 1099 11.60 -23.49 -3.82
N LEU A 1100 11.19 -22.22 -3.80
CA LEU A 1100 10.77 -21.62 -2.55
C LEU A 1100 9.59 -22.34 -1.95
N GLN A 1101 8.64 -22.73 -2.78
CA GLN A 1101 7.36 -23.21 -2.27
C GLN A 1101 7.42 -24.68 -1.92
N VAL A 1102 8.51 -25.35 -2.26
CA VAL A 1102 8.79 -26.68 -1.74
C VAL A 1102 9.79 -26.62 -0.62
N LYS A 1103 10.66 -25.63 -0.60
CA LYS A 1103 11.62 -25.48 0.47
C LYS A 1103 10.93 -24.97 1.74
N ALA A 1104 9.98 -24.07 1.58
CA ALA A 1104 9.17 -23.63 2.71
C ALA A 1104 8.38 -24.78 3.31
N ILE A 1105 7.72 -25.56 2.47
CA ILE A 1105 6.97 -26.72 2.95
C ILE A 1105 7.92 -27.72 3.60
N SER A 1106 8.89 -28.22 2.84
CA SER A 1106 9.79 -29.26 3.28
C SER A 1106 10.49 -28.96 4.59
N ASN A 1107 10.64 -27.67 4.95
CA ASN A 1107 11.01 -27.33 6.31
C ASN A 1107 9.91 -27.76 7.27
N ILE A 1108 8.66 -27.47 6.91
CA ILE A 1108 7.54 -27.70 7.81
C ILE A 1108 7.25 -29.19 7.92
N VAL A 1109 7.34 -29.93 6.81
CA VAL A 1109 7.19 -31.37 6.84
C VAL A 1109 8.33 -31.99 7.62
N TRP A 1110 9.48 -31.33 7.64
CA TRP A 1110 10.61 -31.85 8.39
C TRP A 1110 10.42 -31.60 9.87
N LYS A 1111 10.10 -30.36 10.23
CA LYS A 1111 9.91 -30.00 11.61
C LYS A 1111 8.74 -30.76 12.23
N TYR A 1112 7.80 -31.21 11.41
CA TYR A 1112 6.72 -32.07 11.86
C TYR A 1112 7.17 -33.51 12.06
N GLN A 1113 7.96 -34.03 11.14
CA GLN A 1113 8.48 -35.38 11.23
C GLN A 1113 9.55 -35.52 12.30
N ARG A 1114 10.11 -34.41 12.77
CA ARG A 1114 11.05 -34.45 13.87
C ARG A 1114 10.37 -34.91 15.15
N TYR A 1115 9.07 -34.67 15.27
CA TYR A 1115 8.31 -35.20 16.40
C TYR A 1115 8.32 -36.72 16.41
N HIS A 1116 7.85 -37.33 15.32
CA HIS A 1116 7.70 -38.78 15.26
C HIS A 1116 9.05 -39.50 15.35
N PHE A 1117 10.15 -38.78 15.16
CA PHE A 1117 11.49 -39.31 15.16
C PHE A 1117 12.10 -39.29 16.56
N ILE A 1118 12.05 -38.13 17.21
CA ILE A 1118 12.55 -37.99 18.56
C ILE A 1118 11.76 -38.88 19.51
N MET A 1119 10.44 -38.83 19.43
CA MET A 1119 9.58 -39.60 20.29
C MET A 1119 9.56 -41.08 19.94
N ALA A 1120 10.39 -41.51 19.00
CA ALA A 1120 10.67 -42.91 18.79
C ALA A 1120 11.95 -43.37 19.46
N TYR A 1121 12.95 -42.48 19.61
CA TYR A 1121 14.12 -42.80 20.40
C TYR A 1121 13.83 -42.71 21.88
N HIS A 1122 12.88 -41.86 22.25
CA HIS A 1122 12.43 -41.71 23.63
C HIS A 1122 11.61 -42.91 24.12
N GLU A 1123 11.43 -43.90 23.25
CA GLU A 1123 10.87 -45.19 23.64
C GLU A 1123 11.67 -46.33 23.02
N LYS A 1124 12.86 -46.04 22.54
CA LYS A 1124 13.71 -47.03 21.90
C LYS A 1124 14.65 -47.62 22.94
N PRO A 1125 15.10 -48.86 22.75
CA PRO A 1125 16.14 -49.38 23.63
C PRO A 1125 17.44 -48.61 23.54
N VAL A 1126 18.15 -48.61 24.65
CA VAL A 1126 19.45 -47.99 24.74
C VAL A 1126 20.44 -48.61 23.77
N LEU A 1127 20.33 -49.83 23.52
CA LEU A 1127 21.39 -50.67 23.04
C LEU A 1127 21.14 -51.04 21.58
N PRO A 1128 22.10 -50.93 20.67
CA PRO A 1128 21.76 -50.86 19.27
C PRO A 1128 21.42 -52.23 18.70
N PRO A 1129 20.97 -52.29 17.45
CA PRO A 1129 20.36 -53.51 16.94
C PRO A 1129 21.29 -54.68 16.71
N PRO A 1130 22.58 -54.64 17.07
CA PRO A 1130 23.30 -55.91 17.24
C PRO A 1130 23.19 -56.50 18.64
N LEU A 1131 23.10 -55.64 19.65
CA LEU A 1131 23.09 -56.03 21.05
C LEU A 1131 21.72 -55.79 21.69
N ILE A 1132 20.80 -55.19 20.94
CA ILE A 1132 19.44 -54.90 21.42
C ILE A 1132 18.76 -56.14 21.96
N ILE A 1133 19.15 -57.31 21.45
CA ILE A 1133 18.52 -58.58 21.82
C ILE A 1133 18.63 -58.81 23.32
N LEU A 1134 19.68 -58.29 23.94
CA LEU A 1134 19.79 -58.31 25.40
C LEU A 1134 18.65 -57.52 26.01
N SER A 1135 18.51 -56.24 25.64
CA SER A 1135 17.44 -55.41 26.18
C SER A 1135 16.06 -55.94 25.84
N HIS A 1136 15.93 -56.73 24.77
CA HIS A 1136 14.66 -57.40 24.52
C HIS A 1136 14.40 -58.49 25.53
N ILE A 1137 15.40 -59.37 25.72
CA ILE A 1137 15.24 -60.51 26.62
C ILE A 1137 14.96 -60.02 28.04
N VAL A 1138 15.61 -58.92 28.43
CA VAL A 1138 15.37 -58.32 29.74
C VAL A 1138 13.90 -57.93 29.86
N SER A 1139 13.41 -57.20 28.86
CA SER A 1139 12.02 -56.73 28.90
C SER A 1139 11.05 -57.89 28.75
N LEU A 1140 11.38 -58.84 27.89
CA LEU A 1140 10.52 -60.01 27.68
C LEU A 1140 10.47 -60.87 28.93
N PHE A 1141 11.65 -61.32 29.39
CA PHE A 1141 11.77 -62.20 30.55
C PHE A 1141 11.04 -61.63 31.76
N CYS A 1142 11.14 -60.34 31.97
CA CYS A 1142 10.60 -59.71 33.17
C CYS A 1142 9.13 -59.37 33.01
N CYS A 1143 8.73 -58.89 31.84
CA CYS A 1143 7.32 -58.59 31.60
C CYS A 1143 6.46 -59.83 31.79
N VAL A 1144 7.00 -61.00 31.47
CA VAL A 1144 6.33 -62.27 31.75
C VAL A 1144 6.41 -62.63 33.23
N CYS A 1145 7.40 -62.08 33.95
CA CYS A 1145 7.60 -62.38 35.36
C CYS A 1145 7.14 -61.23 36.26
N LYS A 1146 7.71 -60.03 36.12
CA LYS A 1146 7.31 -58.91 36.97
C LYS A 1146 6.01 -58.29 36.44
N GLY A 1156 4.63 -44.33 28.12
CA GLY A 1156 5.19 -43.12 27.54
C GLY A 1156 5.47 -42.07 28.60
N PRO A 1157 5.98 -40.92 28.18
CA PRO A 1157 6.37 -39.90 29.15
C PRO A 1157 5.21 -39.12 29.74
N LYS A 1158 5.51 -38.39 30.81
CA LYS A 1158 4.56 -37.53 31.47
C LYS A 1158 5.28 -36.32 32.04
N LEU A 1159 4.60 -35.18 32.02
CA LEU A 1159 5.13 -33.95 32.58
C LEU A 1159 4.68 -33.85 34.02
N PHE A 1160 5.54 -34.32 34.92
CA PHE A 1160 5.22 -34.38 36.34
C PHE A 1160 5.32 -33.00 36.96
N LEU A 1161 4.17 -32.44 37.30
CA LEU A 1161 4.08 -31.20 38.05
C LEU A 1161 3.63 -31.47 39.47
N THR A 1162 4.00 -30.56 40.35
CA THR A 1162 3.40 -30.49 41.68
C THR A 1162 2.10 -29.73 41.59
N GLU A 1163 1.23 -29.95 42.57
CA GLU A 1163 -0.08 -29.29 42.61
C GLU A 1163 0.07 -27.77 42.60
N GLU A 1164 1.18 -27.28 43.14
CA GLU A 1164 1.43 -25.84 43.12
C GLU A 1164 1.77 -25.37 41.71
N ASP A 1165 2.50 -26.18 40.96
CA ASP A 1165 2.90 -25.77 39.61
C ASP A 1165 1.75 -25.90 38.63
N GLN A 1166 0.82 -26.83 38.89
CA GLN A 1166 -0.37 -26.93 38.05
C GLN A 1166 -1.14 -25.62 38.08
N LYS A 1167 -1.13 -24.94 39.22
CA LYS A 1167 -1.81 -23.66 39.34
C LYS A 1167 -1.06 -22.56 38.59
N LYS A 1168 0.26 -22.52 38.77
CA LYS A 1168 1.06 -21.48 38.14
C LYS A 1168 0.99 -21.59 36.63
N LEU A 1169 0.97 -22.82 36.12
CA LEU A 1169 0.78 -23.02 34.69
C LEU A 1169 -0.62 -22.63 34.26
N HIS A 1170 -1.62 -22.99 35.09
CA HIS A 1170 -2.99 -22.63 34.82
C HIS A 1170 -3.14 -21.12 34.74
N ASP A 1171 -2.43 -20.41 35.61
CA ASP A 1171 -2.41 -18.96 35.58
C ASP A 1171 -1.78 -18.47 34.28
N PHE A 1172 -0.77 -19.18 33.78
CA PHE A 1172 -0.04 -18.76 32.60
C PHE A 1172 -0.95 -18.81 31.38
N GLU A 1173 -1.72 -19.88 31.25
CA GLU A 1173 -2.63 -20.04 30.13
C GLU A 1173 -3.69 -18.94 30.13
N GLU A 1174 -4.31 -18.72 31.28
CA GLU A 1174 -5.35 -17.71 31.44
C GLU A 1174 -4.91 -16.36 30.92
N GLN A 1175 -3.81 -15.85 31.47
CA GLN A 1175 -3.30 -14.55 31.06
C GLN A 1175 -2.98 -14.52 29.57
N CYS A 1176 -2.33 -15.58 29.07
CA CYS A 1176 -1.91 -15.59 27.68
C CYS A 1176 -3.09 -15.59 26.72
N VAL A 1177 -4.21 -16.23 27.11
CA VAL A 1177 -5.42 -16.15 26.29
C VAL A 1177 -5.93 -14.72 26.27
N GLU A 1178 -6.02 -14.11 27.45
CA GLU A 1178 -6.61 -12.78 27.59
C GLU A 1178 -5.86 -11.75 26.77
N MET A 1179 -4.56 -11.95 26.59
CA MET A 1179 -3.75 -11.01 25.83
C MET A 1179 -4.00 -11.16 24.33
N TYR A 1180 -4.09 -12.40 23.87
CA TYR A 1180 -4.35 -12.74 22.48
C TYR A 1180 -5.52 -11.98 21.92
N PHE A 1181 -6.56 -11.82 22.73
CA PHE A 1181 -7.76 -11.10 22.33
C PHE A 1181 -7.51 -9.61 22.46
N ASP A 1182 -6.90 -9.19 23.57
CA ASP A 1182 -6.69 -7.78 23.85
C ASP A 1182 -5.71 -7.16 22.87
N GLU A 1183 -4.81 -7.97 22.30
CA GLU A 1183 -3.88 -7.45 21.31
C GLU A 1183 -4.52 -7.33 19.95
N LYS A 1184 -5.22 -8.38 19.50
CA LYS A 1184 -5.85 -8.36 18.19
C LYS A 1184 -6.91 -7.29 18.08
N ASP A 1185 -7.65 -7.07 19.16
CA ASP A 1185 -8.63 -5.99 19.20
C ASP A 1185 -7.97 -4.64 18.95
N ASP A 1186 -6.74 -4.47 19.46
CA ASP A 1186 -6.03 -3.21 19.26
C ASP A 1186 -5.35 -3.17 17.90
N LYS A 1187 -4.81 -4.30 17.44
CA LYS A 1187 -4.27 -4.40 16.09
C LYS A 1187 -5.32 -4.12 15.03
N PHE A 1188 -6.59 -4.30 15.36
CA PHE A 1188 -7.71 -3.92 14.51
C PHE A 1188 -8.12 -2.48 14.70
N ASN A 1189 -8.25 -2.04 15.95
CA ASN A 1189 -8.66 -0.67 16.23
C ASN A 1189 -7.55 0.34 15.95
N SER A 1190 -6.29 -0.09 15.94
CA SER A 1190 -5.18 0.82 15.70
C SER A 1190 -4.87 0.94 14.21
N GLY A 1191 -5.23 -0.06 13.42
CA GLY A 1191 -5.05 -0.02 11.99
C GLY A 1191 -5.67 1.17 11.31
N SER A 1192 -5.09 1.58 10.19
CA SER A 1192 -5.56 2.78 9.50
C SER A 1192 -6.94 2.57 8.88
N GLU A 1193 -7.13 1.45 8.18
CA GLU A 1193 -8.40 1.11 7.56
C GLU A 1193 -9.57 1.24 8.53
N GLU A 1194 -9.33 0.91 9.79
CA GLU A 1194 -10.37 1.00 10.80
C GLU A 1194 -10.57 2.44 11.26
N ARG A 1195 -9.49 3.21 11.36
CA ARG A 1195 -9.61 4.60 11.76
C ARG A 1195 -10.24 5.44 10.65
N ILE A 1196 -10.05 5.03 9.40
CA ILE A 1196 -10.74 5.68 8.29
C ILE A 1196 -12.24 5.39 8.37
N ARG A 1197 -12.60 4.14 8.69
CA ARG A 1197 -14.00 3.77 8.82
C ARG A 1197 -14.70 4.63 9.86
N VAL A 1198 -14.13 4.70 11.06
CA VAL A 1198 -14.74 5.47 12.14
C VAL A 1198 -14.80 6.94 11.75
N THR A 1199 -13.64 7.53 11.45
CA THR A 1199 -13.50 8.90 10.97
C THR A 1199 -14.57 9.24 9.93
N PHE A 1200 -14.67 8.40 8.91
CA PHE A 1200 -15.73 8.52 7.92
C PHE A 1200 -17.10 8.59 8.56
N GLU A 1201 -17.42 7.59 9.38
CA GLU A 1201 -18.76 7.50 9.95
C GLU A 1201 -19.02 8.62 10.95
N ARG A 1202 -17.99 9.07 11.66
CA ARG A 1202 -18.16 10.23 12.52
C ARG A 1202 -18.45 11.46 11.68
N VAL A 1203 -17.56 11.74 10.73
CA VAL A 1203 -17.59 12.93 9.89
C VAL A 1203 -18.90 13.01 9.14
N GLU A 1204 -19.51 11.88 8.81
CA GLU A 1204 -20.88 11.88 8.35
C GLU A 1204 -21.80 12.46 9.42
N GLN A 1205 -21.73 11.89 10.61
CA GLN A 1205 -22.58 12.33 11.71
C GLN A 1205 -22.28 13.78 12.07
N MET A 1206 -21.01 14.18 11.97
CA MET A 1206 -20.62 15.54 12.33
C MET A 1206 -21.28 16.56 11.42
N SER A 1207 -21.27 16.29 10.13
CA SER A 1207 -21.92 17.13 9.12
C SER A 1207 -23.34 17.43 9.53
N ILE A 1208 -24.03 16.40 10.02
CA ILE A 1208 -25.43 16.52 10.43
C ILE A 1208 -25.54 17.43 11.65
N GLN A 1209 -24.80 17.11 12.72
CA GLN A 1209 -24.99 17.85 13.97
C GLN A 1209 -24.41 19.26 13.89
N ILE A 1210 -23.61 19.57 12.87
CA ILE A 1210 -23.16 20.94 12.66
C ILE A 1210 -24.26 21.71 11.94
N LYS A 1211 -24.71 21.18 10.80
CA LYS A 1211 -25.63 21.93 9.95
C LYS A 1211 -26.94 22.23 10.66
N GLU A 1212 -27.36 21.33 11.55
CA GLU A 1212 -28.56 21.61 12.33
C GLU A 1212 -28.30 22.76 13.29
N VAL A 1213 -27.10 22.84 13.87
CA VAL A 1213 -26.73 24.03 14.62
C VAL A 1213 -26.68 25.23 13.70
N GLY A 1214 -26.09 25.05 12.51
CA GLY A 1214 -26.02 26.09 11.51
C GLY A 1214 -27.39 26.64 11.17
N ASP A 1215 -28.38 25.74 11.11
CA ASP A 1215 -29.77 26.18 11.02
C ASP A 1215 -30.13 26.96 12.28
N ARG A 1216 -30.07 26.32 13.43
CA ARG A 1216 -30.56 26.87 14.68
C ARG A 1216 -29.93 28.22 15.02
N VAL A 1217 -28.62 28.33 14.81
CA VAL A 1217 -27.90 29.58 15.00
C VAL A 1217 -28.48 30.63 14.05
N ASN A 1218 -28.93 30.20 12.87
CA ASN A 1218 -29.52 31.16 11.94
C ASN A 1218 -30.94 31.57 12.36
N TYR A 1219 -31.51 30.87 13.36
CA TYR A 1219 -32.79 31.28 13.92
C TYR A 1219 -32.61 32.17 15.14
N ILE A 1220 -31.55 31.92 15.92
CA ILE A 1220 -31.25 32.78 17.07
C ILE A 1220 -30.75 34.14 16.59
N LYS A 1221 -30.22 34.23 15.37
CA LYS A 1221 -29.83 35.54 14.85
C LYS A 1221 -31.04 36.33 14.35
N ARG A 1222 -31.85 35.77 13.46
CA ARG A 1222 -33.03 36.45 12.96
C ARG A 1222 -34.00 36.78 14.09
N SER A 1223 -33.97 35.97 15.14
CA SER A 1223 -34.65 36.35 16.37
C SER A 1223 -34.15 37.69 16.88
N LEU A 1224 -32.89 37.74 17.33
CA LEU A 1224 -32.44 38.91 18.09
C LEU A 1224 -32.37 40.16 17.23
N GLN A 1225 -32.38 40.01 15.91
CA GLN A 1225 -32.54 41.15 15.02
C GLN A 1225 -33.92 41.79 15.14
N SER A 1226 -34.87 41.15 15.83
CA SER A 1226 -36.26 41.61 15.88
C SER A 1226 -36.89 41.65 17.27
N LEU A 1227 -36.34 40.92 18.25
CA LEU A 1227 -36.96 40.89 19.57
C LEU A 1227 -36.99 42.28 20.20
N ASP A 1228 -35.81 42.83 20.49
CA ASP A 1228 -35.76 44.19 21.03
C ASP A 1228 -35.97 45.23 19.95
N SER A 1229 -35.50 44.94 18.73
CA SER A 1229 -35.65 45.84 17.59
C SER A 1229 -34.97 47.19 17.85
N GLN B 2 -0.49 -27.58 60.60
CA GLN B 2 -1.74 -27.01 60.13
C GLN B 2 -1.72 -26.73 58.62
N LYS B 3 -0.55 -26.47 58.06
CA LYS B 3 -0.29 -26.41 56.62
C LYS B 3 -0.86 -25.18 55.93
N SER B 4 -1.64 -24.36 56.63
CA SER B 4 -2.21 -23.16 56.05
C SER B 4 -1.95 -21.97 56.96
N TRP B 5 -1.10 -21.05 56.50
CA TRP B 5 -0.76 -19.87 57.28
C TRP B 5 -1.99 -19.01 57.58
N ILE B 6 -3.04 -19.15 56.78
CA ILE B 6 -4.25 -18.35 56.93
C ILE B 6 -4.89 -18.68 58.28
N GLU B 7 -5.34 -19.93 58.44
CA GLU B 7 -6.04 -20.31 59.64
C GLU B 7 -5.08 -20.57 60.79
N SER B 8 -3.84 -20.95 60.45
CA SER B 8 -2.78 -21.03 61.45
C SER B 8 -2.60 -19.70 62.17
N THR B 9 -2.94 -18.60 61.50
CA THR B 9 -2.78 -17.25 62.03
C THR B 9 -4.14 -16.65 62.34
N LEU B 10 -5.00 -16.59 61.32
CA LEU B 10 -6.32 -15.99 61.50
C LEU B 10 -7.28 -16.98 62.15
N THR B 11 -8.39 -16.44 62.63
CA THR B 11 -9.43 -17.19 63.32
C THR B 11 -10.78 -16.63 62.91
N LYS B 12 -11.83 -17.40 63.16
CA LYS B 12 -13.19 -17.00 62.89
C LYS B 12 -13.91 -16.82 64.21
N ARG B 13 -14.59 -15.69 64.37
CA ARG B 13 -15.40 -15.46 65.57
C ARG B 13 -16.85 -15.85 65.29
N GLU B 14 -17.57 -16.23 66.35
CA GLU B 14 -18.96 -16.64 66.24
C GLU B 14 -19.60 -16.74 67.62
N CYS B 15 -20.91 -16.52 67.71
CA CYS B 15 -21.62 -16.60 68.99
C CYS B 15 -21.52 -18.03 69.53
N VAL B 16 -21.24 -18.11 70.84
CA VAL B 16 -21.10 -19.40 71.52
C VAL B 16 -22.08 -19.55 72.67
N TYR B 17 -22.53 -18.43 73.24
CA TYR B 17 -23.56 -18.32 74.24
C TYR B 17 -24.87 -18.08 73.48
N ILE B 18 -25.96 -17.80 74.19
CA ILE B 18 -27.23 -17.46 73.55
C ILE B 18 -27.90 -16.29 74.27
N ILE B 19 -28.56 -15.45 73.48
CA ILE B 19 -29.21 -14.21 73.93
C ILE B 19 -30.46 -14.02 73.08
N PRO B 20 -31.65 -14.53 73.47
CA PRO B 20 -32.84 -14.35 72.63
C PRO B 20 -33.16 -12.90 72.27
N SER B 21 -33.21 -12.64 70.96
CA SER B 21 -33.53 -11.32 70.44
C SER B 21 -35.04 -11.16 70.28
N SER B 22 -35.64 -10.28 71.10
CA SER B 22 -37.08 -10.02 71.06
C SER B 22 -37.89 -11.28 71.34
N LYS B 23 -37.84 -11.75 72.59
CA LYS B 23 -38.48 -12.98 73.05
C LYS B 23 -39.92 -13.18 72.60
N ASP B 24 -40.68 -12.11 72.43
CA ASP B 24 -42.12 -12.21 72.23
C ASP B 24 -42.45 -12.96 70.94
N PRO B 25 -43.12 -14.13 71.00
CA PRO B 25 -43.47 -14.83 69.76
C PRO B 25 -44.59 -14.12 69.02
N HIS B 26 -44.68 -14.36 67.71
CA HIS B 26 -45.64 -13.65 66.88
C HIS B 26 -47.05 -14.22 67.01
N ARG B 27 -47.23 -15.52 66.77
CA ARG B 27 -48.54 -16.16 66.64
C ARG B 27 -48.37 -17.65 66.95
N CYS B 28 -49.34 -18.49 66.57
CA CYS B 28 -49.25 -19.93 66.80
C CYS B 28 -49.18 -20.22 68.30
N LEU B 29 -50.34 -20.12 68.96
CA LEU B 29 -50.59 -19.83 70.38
C LEU B 29 -49.50 -20.30 71.34
N PRO B 30 -49.05 -21.57 71.32
CA PRO B 30 -47.94 -21.92 72.21
C PRO B 30 -46.63 -21.37 71.70
N GLY B 31 -46.02 -20.48 72.49
CA GLY B 31 -44.75 -19.88 72.13
C GLY B 31 -43.60 -20.87 72.03
N CYS B 32 -43.48 -21.76 73.03
CA CYS B 32 -42.25 -22.52 73.33
C CYS B 32 -41.47 -23.01 72.11
N GLN B 33 -42.16 -23.54 71.10
CA GLN B 33 -41.50 -24.07 69.92
C GLN B 33 -41.29 -22.98 68.88
N ILE B 34 -42.39 -22.38 68.42
CA ILE B 34 -42.32 -21.34 67.39
C ILE B 34 -41.54 -20.13 67.89
N CYS B 35 -41.53 -19.90 69.20
CA CYS B 35 -40.69 -18.85 69.76
C CYS B 35 -39.23 -19.18 69.46
N GLN B 36 -38.74 -20.29 70.01
CA GLN B 36 -37.36 -20.69 69.79
C GLN B 36 -37.07 -20.93 68.31
N GLN B 37 -38.03 -21.50 67.59
CA GLN B 37 -37.81 -21.81 66.18
C GLN B 37 -37.59 -20.55 65.35
N LEU B 38 -38.18 -19.43 65.77
CA LEU B 38 -38.11 -18.16 65.04
C LEU B 38 -37.27 -17.11 65.76
N VAL B 39 -37.39 -16.99 67.07
CA VAL B 39 -36.78 -15.90 67.82
C VAL B 39 -35.27 -16.10 67.77
N ARG B 40 -34.60 -15.27 66.96
CA ARG B 40 -33.17 -15.31 66.78
C ARG B 40 -32.47 -14.87 68.07
N CYS B 41 -31.23 -15.33 68.27
CA CYS B 41 -30.37 -14.77 69.30
C CYS B 41 -29.94 -13.37 68.85
N PHE B 42 -29.64 -12.50 69.81
CA PHE B 42 -29.02 -11.21 69.48
C PHE B 42 -27.63 -11.44 68.93
N CYS B 43 -27.08 -12.64 69.15
CA CYS B 43 -25.99 -13.21 68.39
C CYS B 43 -26.03 -12.89 66.90
N GLY B 44 -27.23 -12.92 66.31
CA GLY B 44 -27.33 -13.06 64.88
C GLY B 44 -28.45 -13.99 64.45
N ARG B 45 -28.08 -15.13 63.90
CA ARG B 45 -28.95 -15.98 63.11
C ARG B 45 -30.01 -16.61 64.02
N LEU B 46 -30.80 -17.53 63.45
CA LEU B 46 -31.78 -18.24 64.24
C LEU B 46 -31.12 -18.88 65.45
N VAL B 47 -31.78 -18.74 66.60
CA VAL B 47 -31.19 -19.23 67.84
C VAL B 47 -30.86 -20.71 67.72
N LYS B 48 -31.71 -21.48 67.01
CA LYS B 48 -31.50 -22.91 66.86
C LYS B 48 -30.27 -23.23 66.01
N GLN B 49 -29.86 -22.29 65.14
CA GLN B 49 -28.73 -22.54 64.24
C GLN B 49 -27.38 -22.46 64.94
N HIS B 50 -27.32 -21.92 66.16
CA HIS B 50 -26.05 -21.72 66.88
C HIS B 50 -25.54 -23.03 67.44
N ALA B 51 -24.88 -23.83 66.61
CA ALA B 51 -24.66 -25.21 67.03
C ALA B 51 -23.66 -25.29 68.17
N CYS B 52 -22.35 -25.11 67.88
CA CYS B 52 -21.30 -24.81 68.87
C CYS B 52 -21.52 -25.51 70.20
N PHE B 53 -21.45 -26.85 70.19
CA PHE B 53 -22.24 -27.75 71.03
C PHE B 53 -22.67 -27.23 72.40
N THR B 54 -21.79 -26.52 73.12
CA THR B 54 -22.11 -26.01 74.46
C THR B 54 -23.40 -25.19 74.46
N ALA B 55 -23.57 -24.34 73.45
CA ALA B 55 -24.85 -23.64 73.29
C ALA B 55 -25.97 -24.61 72.95
N SER B 56 -25.66 -25.69 72.23
CA SER B 56 -26.70 -26.60 71.76
C SER B 56 -27.24 -27.48 72.86
N LEU B 57 -26.47 -27.70 73.93
CA LEU B 57 -27.03 -28.34 75.11
C LEU B 57 -27.89 -27.38 75.92
N ALA B 58 -28.00 -26.11 75.48
CA ALA B 58 -28.95 -25.15 76.02
C ALA B 58 -30.08 -24.87 75.03
N MET B 59 -29.78 -24.85 73.72
CA MET B 59 -30.82 -24.74 72.70
C MET B 59 -31.85 -25.85 72.84
N LYS B 60 -31.41 -27.00 73.34
CA LYS B 60 -32.24 -28.17 73.60
C LYS B 60 -33.59 -27.80 74.22
N TYR B 61 -33.59 -27.01 75.30
CA TYR B 61 -34.87 -26.54 75.84
C TYR B 61 -35.35 -25.27 75.12
N SER B 62 -34.65 -24.14 75.26
CA SER B 62 -34.93 -22.96 74.44
C SER B 62 -33.67 -22.19 74.06
N ASP B 63 -32.78 -22.01 75.04
CA ASP B 63 -31.67 -21.07 74.95
C ASP B 63 -30.71 -21.37 76.10
N VAL B 64 -29.80 -20.44 76.38
CA VAL B 64 -29.03 -20.47 77.63
C VAL B 64 -29.80 -19.58 78.60
N LYS B 65 -29.54 -19.71 79.90
CA LYS B 65 -30.16 -18.83 80.89
C LYS B 65 -31.68 -18.93 80.90
N LEU B 66 -32.20 -19.99 81.53
CA LEU B 66 -33.55 -20.51 81.38
C LEU B 66 -34.66 -19.49 81.19
N GLY B 67 -35.28 -19.50 80.01
CA GLY B 67 -36.43 -18.66 79.70
C GLY B 67 -36.27 -17.22 80.13
N GLU B 68 -37.06 -16.81 81.13
CA GLU B 68 -36.94 -15.47 81.69
C GLU B 68 -35.57 -15.27 82.32
N HIS B 69 -35.32 -15.88 83.50
CA HIS B 69 -34.05 -15.93 84.23
C HIS B 69 -33.22 -14.66 84.03
N PHE B 70 -33.77 -13.50 84.42
CA PHE B 70 -33.20 -12.19 84.08
C PHE B 70 -33.10 -12.03 82.56
N ASN B 71 -34.26 -11.95 81.92
CA ASN B 71 -34.31 -11.66 80.49
C ASN B 71 -33.63 -10.34 80.12
N GLN B 72 -33.57 -9.40 81.07
CA GLN B 72 -32.87 -8.14 80.83
C GLN B 72 -31.36 -8.32 80.79
N ALA B 73 -30.84 -9.26 81.59
CA ALA B 73 -29.42 -9.40 81.79
C ALA B 73 -28.67 -9.74 80.50
N ILE B 74 -29.37 -10.33 79.53
CA ILE B 74 -28.65 -10.89 78.38
C ILE B 74 -28.23 -9.81 77.40
N GLU B 75 -29.12 -9.36 76.50
CA GLU B 75 -29.17 -8.04 75.88
C GLU B 75 -27.84 -7.29 75.72
N GLU B 76 -26.73 -7.99 75.51
CA GLU B 76 -25.50 -7.34 75.07
C GLU B 76 -24.74 -8.20 74.08
N TRP B 77 -24.80 -9.53 74.24
CA TRP B 77 -24.00 -10.47 73.46
C TRP B 77 -22.55 -10.02 73.41
N SER B 78 -21.85 -10.09 74.54
CA SER B 78 -20.44 -9.68 74.60
C SER B 78 -19.65 -10.35 73.49
N VAL B 79 -19.01 -9.56 72.64
CA VAL B 79 -18.22 -10.15 71.59
C VAL B 79 -16.80 -10.32 72.14
N GLU B 80 -16.66 -11.07 73.25
CA GLU B 80 -15.49 -11.88 73.55
C GLU B 80 -15.81 -13.07 74.47
N LYS B 81 -16.83 -12.92 75.34
CA LYS B 81 -17.14 -13.92 76.37
C LYS B 81 -18.30 -14.81 75.94
N HIS B 82 -19.39 -14.19 75.52
CA HIS B 82 -20.47 -14.84 74.81
C HIS B 82 -20.11 -15.16 73.37
N THR B 83 -18.85 -14.95 72.98
CA THR B 83 -18.41 -15.07 71.61
C THR B 83 -16.92 -15.44 71.58
N GLU B 84 -16.63 -16.74 71.44
CA GLU B 84 -15.27 -17.21 71.26
C GLU B 84 -14.99 -17.44 69.77
N GLN B 85 -13.72 -17.34 69.40
CA GLN B 85 -13.27 -17.55 68.03
C GLN B 85 -12.43 -18.81 67.94
N SER B 86 -12.20 -19.25 66.71
CA SER B 86 -11.57 -20.53 66.41
C SER B 86 -10.96 -20.43 65.03
N PRO B 87 -10.12 -21.40 64.62
CA PRO B 87 -9.47 -21.31 63.30
C PRO B 87 -10.47 -21.20 62.15
N THR B 88 -10.09 -20.45 61.12
CA THR B 88 -11.02 -20.15 60.04
C THR B 88 -11.34 -21.40 59.25
N ASP B 89 -12.59 -21.49 58.79
CA ASP B 89 -13.03 -22.55 57.90
C ASP B 89 -13.76 -21.99 56.68
N ALA B 90 -13.57 -20.70 56.36
CA ALA B 90 -14.12 -20.10 55.14
C ALA B 90 -13.03 -19.17 54.61
N TYR B 91 -12.17 -19.73 53.78
CA TYR B 91 -11.12 -18.97 53.11
C TYR B 91 -10.70 -19.78 51.91
N GLY B 92 -10.77 -19.17 50.73
CA GLY B 92 -10.67 -19.94 49.51
C GLY B 92 -10.39 -19.07 48.31
N VAL B 93 -11.09 -19.33 47.22
CA VAL B 93 -11.01 -18.48 46.04
C VAL B 93 -12.36 -18.45 45.34
N ILE B 94 -12.97 -17.25 45.27
CA ILE B 94 -14.17 -17.06 44.47
C ILE B 94 -13.83 -17.33 43.02
N ASN B 95 -14.82 -17.81 42.27
CA ASN B 95 -14.71 -18.01 40.83
C ASN B 95 -15.81 -17.23 40.09
N PHE B 96 -16.81 -16.72 40.83
CA PHE B 96 -17.88 -15.93 40.23
C PHE B 96 -18.62 -16.69 39.14
N GLN B 97 -19.35 -17.73 39.53
CA GLN B 97 -19.92 -18.67 38.59
C GLN B 97 -20.80 -17.96 37.57
N GLY B 98 -20.28 -17.85 36.34
CA GLY B 98 -20.91 -17.16 35.25
C GLY B 98 -20.40 -15.74 35.21
N GLY B 99 -19.39 -15.47 34.38
CA GLY B 99 -18.77 -14.15 34.38
C GLY B 99 -18.16 -13.65 33.09
N SER B 100 -18.34 -14.37 31.97
CA SER B 100 -17.85 -13.89 30.68
C SER B 100 -16.34 -13.66 30.67
N HIS B 101 -15.57 -14.76 30.60
CA HIS B 101 -14.13 -14.88 30.83
C HIS B 101 -13.79 -15.08 32.29
N SER B 102 -14.81 -15.06 33.17
CA SER B 102 -14.70 -15.56 34.53
C SER B 102 -13.60 -14.85 35.31
N TYR B 103 -13.67 -13.52 35.31
CA TYR B 103 -12.92 -12.65 36.22
C TYR B 103 -12.87 -13.28 37.61
N ARG B 104 -11.71 -13.27 38.25
CA ARG B 104 -11.52 -14.00 39.50
C ARG B 104 -11.25 -13.05 40.66
N ALA B 105 -11.34 -13.61 41.86
CA ALA B 105 -11.03 -12.90 43.10
C ALA B 105 -10.70 -13.94 44.15
N LYS B 106 -10.70 -13.54 45.42
CA LYS B 106 -10.22 -14.40 46.47
C LYS B 106 -10.69 -13.83 47.81
N TYR B 107 -10.74 -14.69 48.82
CA TYR B 107 -11.35 -14.31 50.09
C TYR B 107 -10.66 -14.99 51.27
N VAL B 108 -10.89 -14.39 52.43
CA VAL B 108 -10.47 -14.88 53.73
C VAL B 108 -11.65 -14.58 54.65
N ARG B 109 -11.56 -14.95 55.93
CA ARG B 109 -12.63 -14.66 56.87
C ARG B 109 -12.08 -14.61 58.28
N LEU B 110 -11.94 -13.42 58.84
CA LEU B 110 -11.20 -13.22 60.08
C LEU B 110 -12.07 -12.54 61.13
N SER B 111 -11.42 -12.29 62.27
CA SER B 111 -12.04 -11.65 63.42
C SER B 111 -11.56 -10.21 63.52
N TYR B 112 -12.49 -9.28 63.77
CA TYR B 112 -12.17 -7.86 63.67
C TYR B 112 -11.13 -7.41 64.71
N ASP B 113 -10.94 -8.19 65.78
CA ASP B 113 -9.89 -7.86 66.74
C ASP B 113 -8.50 -8.14 66.17
N THR B 114 -8.43 -8.82 65.03
CA THR B 114 -7.16 -9.10 64.35
C THR B 114 -6.38 -7.81 64.15
N LYS B 115 -5.06 -7.89 64.27
CA LYS B 115 -4.20 -6.72 64.20
C LYS B 115 -3.70 -6.53 62.77
N PRO B 116 -3.51 -5.28 62.33
CA PRO B 116 -3.24 -5.06 60.89
C PRO B 116 -1.93 -5.64 60.41
N GLU B 117 -1.01 -5.95 61.32
CA GLU B 117 0.23 -6.62 60.95
C GLU B 117 -0.08 -7.93 60.24
N ILE B 118 -1.13 -8.62 60.68
CA ILE B 118 -1.47 -9.93 60.17
C ILE B 118 -2.10 -9.79 58.78
N ILE B 119 -2.98 -8.80 58.62
CA ILE B 119 -3.65 -8.61 57.34
C ILE B 119 -2.63 -8.17 56.30
N LEU B 120 -1.72 -7.29 56.70
CA LEU B 120 -0.71 -6.80 55.77
C LEU B 120 0.23 -7.91 55.32
N GLN B 121 0.75 -8.67 56.28
CA GLN B 121 1.79 -9.66 55.95
C GLN B 121 1.24 -10.76 55.04
N LEU B 122 0.04 -11.27 55.33
CA LEU B 122 -0.54 -12.27 54.44
C LEU B 122 -0.88 -11.68 53.09
N LEU B 123 -1.28 -10.41 53.06
CA LEU B 123 -1.59 -9.75 51.80
C LEU B 123 -0.37 -9.72 50.91
N LEU B 124 0.80 -9.42 51.50
CA LEU B 124 2.03 -9.30 50.75
C LEU B 124 2.89 -10.56 50.79
N LYS B 125 2.53 -11.55 51.61
CA LYS B 125 3.22 -12.84 51.60
C LYS B 125 2.31 -13.94 51.08
N GLU B 126 1.19 -14.15 51.77
CA GLU B 126 0.30 -15.26 51.43
C GLU B 126 -0.36 -14.98 50.09
N TRP B 127 -1.02 -13.82 49.99
CA TRP B 127 -1.64 -13.45 48.73
C TRP B 127 -0.60 -12.93 47.73
N GLN B 128 0.62 -12.65 48.22
CA GLN B 128 1.77 -12.42 47.36
C GLN B 128 1.58 -11.25 46.42
N MET B 129 1.56 -10.04 46.99
CA MET B 129 1.50 -8.81 46.20
C MET B 129 2.68 -7.94 46.61
N GLU B 130 2.92 -6.88 45.85
CA GLU B 130 3.80 -5.81 46.33
C GLU B 130 2.96 -4.71 46.96
N LEU B 131 3.56 -4.06 47.94
CA LEU B 131 3.00 -2.84 48.51
C LEU B 131 2.61 -1.89 47.37
N PRO B 132 1.49 -1.19 47.46
CA PRO B 132 1.08 -0.41 46.31
C PRO B 132 1.92 0.84 46.28
N LYS B 133 1.61 1.72 45.35
CA LYS B 133 2.11 3.07 45.40
C LYS B 133 1.00 4.09 45.61
N LEU B 134 -0.24 3.64 45.72
CA LEU B 134 -1.36 4.50 46.14
C LEU B 134 -2.44 3.61 46.73
N VAL B 135 -3.22 4.19 47.64
CA VAL B 135 -4.35 3.52 48.27
C VAL B 135 -5.56 4.43 48.07
N ILE B 136 -6.42 4.08 47.13
CA ILE B 136 -7.64 4.83 46.88
C ILE B 136 -8.77 4.18 47.67
N SER B 137 -8.92 4.58 48.93
CA SER B 137 -9.99 4.08 49.77
C SER B 137 -11.27 4.88 49.54
N VAL B 138 -12.22 4.29 48.83
CA VAL B 138 -13.38 5.03 48.36
C VAL B 138 -14.48 5.06 49.42
N HIS B 139 -14.34 5.91 50.44
CA HIS B 139 -15.33 5.96 51.50
C HIS B 139 -16.56 6.74 51.07
N GLY B 140 -17.30 6.23 50.09
CA GLY B 140 -18.44 6.96 49.55
C GLY B 140 -19.77 6.41 50.03
N GLY B 141 -20.84 6.82 49.37
CA GLY B 141 -22.17 6.35 49.69
C GLY B 141 -22.45 5.02 49.02
N MET B 142 -23.18 4.16 49.73
CA MET B 142 -23.22 2.74 49.40
C MET B 142 -24.64 2.25 49.12
N GLN B 143 -25.39 2.98 48.27
CA GLN B 143 -26.80 2.71 48.05
C GLN B 143 -27.12 2.60 46.55
N LYS B 144 -26.34 1.78 45.82
CA LYS B 144 -26.60 1.32 44.45
C LYS B 144 -27.12 2.40 43.48
N PHE B 145 -26.73 3.63 43.75
CA PHE B 145 -27.31 4.86 43.21
C PHE B 145 -27.09 5.00 41.70
N GLU B 146 -27.54 6.11 41.12
CA GLU B 146 -27.67 6.23 39.66
C GLU B 146 -27.14 7.58 39.18
N LEU B 147 -26.52 7.55 38.01
CA LEU B 147 -25.77 8.67 37.45
C LEU B 147 -26.21 8.92 36.00
N HIS B 148 -25.56 9.91 35.36
CA HIS B 148 -25.59 10.34 33.98
C HIS B 148 -24.42 9.71 33.22
N PRO B 149 -24.56 9.34 31.92
CA PRO B 149 -23.49 8.59 31.24
C PRO B 149 -22.10 9.19 31.32
N ARG B 150 -21.97 10.50 31.07
CA ARG B 150 -20.67 11.16 31.06
C ARG B 150 -19.91 10.91 32.35
N ILE B 151 -20.60 11.02 33.48
CA ILE B 151 -19.94 10.85 34.77
C ILE B 151 -19.87 9.36 35.14
N LYS B 152 -20.80 8.55 34.63
CA LYS B 152 -20.62 7.09 34.70
C LYS B 152 -19.42 6.65 33.90
N GLN B 153 -19.08 7.39 32.86
CA GLN B 153 -18.14 6.96 31.83
C GLN B 153 -16.79 7.66 32.02
N LEU B 154 -16.80 9.00 32.02
CA LEU B 154 -15.57 9.78 32.15
C LEU B 154 -14.91 9.57 33.50
N LEU B 155 -15.68 9.62 34.57
CA LEU B 155 -15.13 9.55 35.92
C LEU B 155 -14.31 8.28 36.11
N GLY B 156 -14.72 7.20 35.47
CA GLY B 156 -13.92 6.00 35.46
C GLY B 156 -12.66 6.14 34.64
N LYS B 157 -12.70 6.92 33.56
CA LYS B 157 -11.54 7.07 32.69
C LYS B 157 -10.38 7.59 33.50
N GLY B 158 -10.65 8.49 34.43
CA GLY B 158 -9.62 8.87 35.36
C GLY B 158 -9.32 7.76 36.35
N LEU B 159 -10.26 7.52 37.26
CA LEU B 159 -10.10 6.68 38.44
C LEU B 159 -9.33 5.38 38.17
N ILE B 160 -9.67 4.73 37.06
CA ILE B 160 -8.95 3.55 36.61
C ILE B 160 -7.51 3.95 36.32
N LYS B 161 -7.36 5.00 35.53
CA LYS B 161 -6.06 5.40 35.02
C LYS B 161 -5.09 5.78 36.14
N ALA B 162 -5.59 6.51 37.14
CA ALA B 162 -4.74 6.87 38.27
C ALA B 162 -4.29 5.64 39.04
N ALA B 163 -5.08 4.58 39.02
CA ALA B 163 -4.79 3.41 39.83
C ALA B 163 -3.93 2.38 39.11
N VAL B 164 -4.08 2.24 37.80
CA VAL B 164 -3.18 1.40 37.01
C VAL B 164 -1.81 2.05 36.84
N THR B 165 -1.74 3.37 36.75
CA THR B 165 -0.48 4.09 36.64
C THR B 165 0.27 4.19 37.96
N THR B 166 -0.34 3.77 39.07
CA THR B 166 0.32 3.79 40.36
C THR B 166 0.16 2.46 41.12
N GLY B 167 -0.22 1.39 40.43
CA GLY B 167 -0.34 0.07 41.03
C GLY B 167 -1.16 0.05 42.30
N ALA B 168 -2.25 0.81 42.30
CA ALA B 168 -2.98 1.10 43.53
C ALA B 168 -3.67 -0.15 44.06
N TRP B 169 -4.27 0.01 45.24
CA TRP B 169 -5.23 -0.95 45.79
C TRP B 169 -6.55 -0.25 46.11
N ILE B 170 -7.50 -0.22 45.19
CA ILE B 170 -8.76 0.45 45.50
C ILE B 170 -9.41 -0.34 46.62
N LEU B 171 -9.82 0.35 47.67
CA LEU B 171 -10.33 -0.27 48.89
C LEU B 171 -11.78 0.16 49.10
N THR B 172 -12.70 -0.58 48.49
CA THR B 172 -14.11 -0.26 48.53
C THR B 172 -14.75 -0.83 49.79
N GLY B 173 -16.08 -0.82 49.84
CA GLY B 173 -16.83 -1.53 50.85
C GLY B 173 -17.18 -2.96 50.45
N GLY B 174 -16.78 -3.39 49.25
CA GLY B 174 -17.06 -4.73 48.81
C GLY B 174 -18.40 -4.91 48.11
N VAL B 175 -19.47 -4.73 48.88
CA VAL B 175 -20.85 -5.08 48.49
C VAL B 175 -21.25 -4.51 47.13
N ASN B 176 -22.07 -5.26 46.39
CA ASN B 176 -22.49 -4.82 45.06
C ASN B 176 -23.71 -3.91 45.12
N THR B 177 -24.00 -3.32 46.27
CA THR B 177 -25.10 -2.37 46.40
C THR B 177 -24.54 -1.01 46.84
N GLY B 178 -23.28 -0.77 46.53
CA GLY B 178 -22.65 0.45 47.00
C GLY B 178 -21.46 0.81 46.13
N VAL B 179 -20.59 1.65 46.71
CA VAL B 179 -19.44 2.26 46.02
C VAL B 179 -18.66 1.22 45.23
N ALA B 180 -18.56 0.02 45.78
CA ALA B 180 -18.08 -1.14 45.04
C ALA B 180 -18.81 -1.29 43.71
N LYS B 181 -20.14 -1.26 43.73
CA LYS B 181 -20.95 -1.47 42.52
C LYS B 181 -20.57 -0.51 41.40
N HIS B 182 -20.09 0.69 41.77
CA HIS B 182 -19.95 1.77 40.82
C HIS B 182 -18.57 1.75 40.16
N VAL B 183 -17.54 1.39 40.93
CA VAL B 183 -16.20 1.29 40.36
C VAL B 183 -16.14 0.14 39.36
N GLY B 184 -16.87 -0.94 39.65
CA GLY B 184 -16.98 -2.06 38.74
C GLY B 184 -17.54 -1.65 37.39
N ASP B 185 -18.48 -0.70 37.41
CA ASP B 185 -19.01 -0.17 36.16
C ASP B 185 -17.90 0.51 35.38
N ALA B 186 -16.94 1.09 36.10
CA ALA B 186 -15.78 1.69 35.44
C ALA B 186 -14.74 0.62 35.13
N LEU B 187 -14.52 -0.31 36.04
CA LEU B 187 -13.50 -1.33 35.83
C LEU B 187 -13.77 -2.17 34.57
N LYS B 188 -15.04 -2.27 34.16
CA LYS B 188 -15.41 -3.08 32.99
C LYS B 188 -15.42 -2.24 31.73
N GLU B 189 -15.92 -1.00 31.83
CA GLU B 189 -15.93 -0.09 30.69
C GLU B 189 -14.53 0.14 30.14
N HIS B 190 -13.51 -0.07 30.97
CA HIS B 190 -12.13 0.14 30.59
C HIS B 190 -11.41 -1.18 30.35
N ALA B 191 -11.63 -2.18 31.22
CA ALA B 191 -11.12 -3.55 31.09
C ALA B 191 -9.63 -3.68 31.39
N SER B 192 -8.91 -2.55 31.50
CA SER B 192 -7.48 -2.49 31.76
C SER B 192 -6.64 -3.39 30.87
N ARG B 193 -7.15 -3.79 29.70
CA ARG B 193 -6.39 -4.56 28.71
C ARG B 193 -5.69 -5.75 29.32
N SER B 194 -6.47 -6.78 29.70
CA SER B 194 -6.24 -7.67 30.84
C SER B 194 -4.77 -7.90 31.19
N SER B 195 -4.46 -7.71 32.46
CA SER B 195 -3.10 -7.59 32.93
C SER B 195 -3.12 -7.84 34.43
N ARG B 196 -2.02 -7.49 35.09
CA ARG B 196 -2.03 -7.34 36.53
C ARG B 196 -2.51 -5.93 36.89
N LYS B 197 -3.74 -5.63 36.52
CA LYS B 197 -4.28 -4.28 36.68
C LYS B 197 -4.60 -4.06 38.16
N ILE B 198 -5.41 -3.02 38.44
CA ILE B 198 -5.81 -2.68 39.80
C ILE B 198 -6.18 -3.94 40.56
N CYS B 199 -5.70 -4.03 41.80
CA CYS B 199 -5.84 -5.21 42.64
C CYS B 199 -6.77 -4.96 43.80
N THR B 200 -7.94 -4.39 43.47
CA THR B 200 -9.01 -3.99 44.37
C THR B 200 -9.27 -4.98 45.50
N ILE B 201 -9.51 -4.44 46.70
CA ILE B 201 -9.65 -5.23 47.92
C ILE B 201 -11.09 -5.28 48.39
N GLY B 202 -11.73 -4.13 48.54
CA GLY B 202 -13.13 -4.04 48.94
C GLY B 202 -13.54 -4.84 50.16
N ILE B 203 -13.07 -4.45 51.34
CA ILE B 203 -13.32 -5.20 52.56
C ILE B 203 -14.79 -5.05 52.93
N ALA B 204 -15.42 -6.15 53.30
CA ALA B 204 -16.79 -6.14 53.79
C ALA B 204 -16.96 -7.26 54.81
N PRO B 205 -18.12 -7.38 55.46
CA PRO B 205 -18.33 -8.48 56.40
C PRO B 205 -18.83 -9.76 55.76
N TRP B 206 -18.95 -10.79 56.60
CA TRP B 206 -19.58 -12.06 56.26
C TRP B 206 -21.04 -12.10 56.71
N GLY B 207 -21.55 -11.01 57.25
CA GLY B 207 -22.87 -11.00 57.85
C GLY B 207 -23.98 -10.63 56.89
N VAL B 208 -23.77 -9.57 56.10
CA VAL B 208 -24.77 -9.13 55.15
C VAL B 208 -24.58 -9.79 53.79
N ILE B 209 -23.77 -10.85 53.73
CA ILE B 209 -23.33 -11.43 52.46
C ILE B 209 -24.29 -12.50 52.01
N GLU B 210 -24.46 -12.60 50.69
CA GLU B 210 -25.31 -13.59 50.05
C GLU B 210 -24.52 -14.84 49.68
N ASN B 211 -25.18 -15.99 49.80
CA ASN B 211 -24.60 -17.29 49.51
C ASN B 211 -23.31 -17.50 50.29
N ARG B 212 -23.35 -17.17 51.57
CA ARG B 212 -22.25 -17.46 52.48
C ARG B 212 -21.91 -18.95 52.49
N ASN B 213 -22.92 -19.81 52.34
CA ASN B 213 -22.69 -21.24 52.49
C ASN B 213 -21.99 -21.84 51.27
N ASP B 214 -22.05 -21.17 50.13
CA ASP B 214 -21.38 -21.67 48.94
C ASP B 214 -19.87 -21.70 49.12
N LEU B 215 -19.33 -20.70 49.80
CA LEU B 215 -17.89 -20.48 49.89
C LEU B 215 -17.36 -20.77 51.29
N VAL B 216 -17.92 -21.81 51.93
CA VAL B 216 -17.43 -22.30 53.21
C VAL B 216 -16.43 -23.41 52.94
N GLY B 217 -15.45 -23.54 53.82
CA GLY B 217 -14.45 -24.59 53.74
C GLY B 217 -13.07 -23.98 53.70
N ARG B 218 -12.08 -24.78 54.05
CA ARG B 218 -10.70 -24.33 54.09
C ARG B 218 -10.10 -24.42 52.69
N ASP B 219 -9.39 -23.35 52.31
CA ASP B 219 -8.66 -23.16 51.04
C ASP B 219 -9.37 -23.81 49.85
N VAL B 220 -10.65 -23.47 49.69
CA VAL B 220 -11.58 -24.22 48.88
C VAL B 220 -12.14 -23.31 47.80
N VAL B 221 -12.17 -23.80 46.56
CA VAL B 221 -12.83 -23.09 45.47
C VAL B 221 -14.31 -22.97 45.82
N ALA B 222 -14.94 -21.90 45.37
CA ALA B 222 -16.30 -21.56 45.76
C ALA B 222 -17.17 -21.53 44.52
N PRO B 223 -18.32 -22.25 44.51
CA PRO B 223 -19.31 -22.03 43.45
C PRO B 223 -20.18 -20.82 43.77
N TYR B 224 -19.55 -19.66 43.82
CA TYR B 224 -20.26 -18.42 44.12
C TYR B 224 -20.99 -17.95 42.86
N GLN B 225 -22.28 -17.66 43.01
CA GLN B 225 -23.17 -17.53 41.87
C GLN B 225 -23.75 -16.12 41.76
N THR B 226 -24.02 -15.73 40.51
CA THR B 226 -24.52 -14.41 40.16
C THR B 226 -26.02 -14.31 40.38
N LEU B 227 -26.42 -14.09 41.64
CA LEU B 227 -27.82 -14.01 42.01
C LEU B 227 -28.33 -12.57 41.90
N LEU B 228 -29.03 -12.27 40.82
CA LEU B 228 -29.78 -11.02 40.69
C LEU B 228 -31.28 -11.24 40.93
N ASN B 229 -31.63 -12.16 41.84
CA ASN B 229 -32.96 -12.35 42.40
C ASN B 229 -33.53 -10.98 42.78
N PRO B 230 -34.75 -10.58 42.33
CA PRO B 230 -35.16 -9.18 42.49
C PRO B 230 -35.15 -8.63 43.92
N LEU B 231 -35.44 -9.46 44.92
CA LEU B 231 -35.48 -8.94 46.30
C LEU B 231 -34.15 -9.12 47.02
N SER B 232 -33.81 -10.38 47.36
CA SER B 232 -32.50 -10.77 47.88
C SER B 232 -31.93 -9.81 48.93
N LYS B 233 -32.52 -9.79 50.13
CA LYS B 233 -32.01 -8.95 51.21
C LYS B 233 -30.49 -9.09 51.37
N LEU B 234 -29.98 -10.31 51.31
CA LEU B 234 -28.54 -10.50 51.21
C LEU B 234 -28.08 -10.11 49.81
N ASN B 235 -26.84 -9.64 49.73
CA ASN B 235 -26.32 -9.01 48.53
C ASN B 235 -25.11 -9.76 48.02
N VAL B 236 -24.91 -9.70 46.70
CA VAL B 236 -23.75 -10.31 46.08
C VAL B 236 -22.56 -9.37 46.22
N LEU B 237 -21.35 -9.91 46.28
CA LEU B 237 -20.14 -9.13 46.03
C LEU B 237 -20.16 -8.68 44.59
N ASN B 238 -19.66 -7.49 44.34
CA ASN B 238 -19.60 -7.01 42.98
C ASN B 238 -18.60 -7.82 42.17
N ASN B 239 -18.83 -7.86 40.86
CA ASN B 239 -18.08 -8.69 39.95
C ASN B 239 -16.58 -8.39 39.95
N LEU B 240 -16.21 -7.22 39.44
CA LEU B 240 -14.86 -7.05 38.94
C LEU B 240 -13.80 -6.96 40.04
N HIS B 241 -14.24 -6.69 41.26
CA HIS B 241 -13.36 -6.73 42.42
C HIS B 241 -12.54 -8.01 42.49
N SER B 242 -11.23 -7.82 42.58
CA SER B 242 -10.27 -8.86 42.90
C SER B 242 -10.33 -9.09 44.41
N HIS B 243 -9.21 -9.49 45.03
CA HIS B 243 -9.08 -9.93 46.42
C HIS B 243 -10.13 -9.36 47.36
N PHE B 244 -10.73 -10.21 48.19
CA PHE B 244 -11.74 -9.80 49.16
C PHE B 244 -11.28 -10.17 50.55
N ILE B 245 -11.87 -9.48 51.53
CA ILE B 245 -11.81 -9.90 52.92
C ILE B 245 -13.23 -9.87 53.45
N LEU B 246 -13.56 -10.87 54.25
CA LEU B 246 -14.94 -11.12 54.68
C LEU B 246 -14.96 -11.26 56.19
N VAL B 247 -14.44 -10.24 56.88
CA VAL B 247 -14.30 -10.20 58.33
C VAL B 247 -15.60 -10.62 58.99
N ASP B 248 -15.57 -11.75 59.71
CA ASP B 248 -16.76 -12.25 60.38
C ASP B 248 -16.73 -11.74 61.81
N ASP B 249 -17.55 -10.71 62.05
CA ASP B 249 -17.81 -10.20 63.39
C ASP B 249 -18.23 -11.33 64.35
N GLY B 250 -18.86 -12.37 63.81
CA GLY B 250 -19.43 -13.44 64.59
C GLY B 250 -20.94 -13.30 64.62
N THR B 251 -21.49 -12.58 63.64
CA THR B 251 -22.92 -12.31 63.58
C THR B 251 -23.33 -12.00 62.16
N VAL B 252 -24.29 -12.80 61.67
CA VAL B 252 -25.09 -12.46 60.49
C VAL B 252 -25.77 -11.12 60.64
N GLY B 253 -26.04 -10.45 59.52
CA GLY B 253 -26.88 -9.27 59.48
C GLY B 253 -26.21 -7.97 59.89
N LYS B 254 -25.51 -8.01 61.02
CA LYS B 254 -24.82 -6.85 61.58
C LYS B 254 -23.86 -6.23 60.57
N TYR B 255 -23.44 -5.00 60.87
CA TYR B 255 -22.46 -4.25 60.09
C TYR B 255 -21.18 -4.10 60.91
N GLY B 256 -20.24 -3.31 60.42
CA GLY B 256 -19.11 -2.89 61.22
C GLY B 256 -17.78 -3.47 60.78
N ALA B 257 -17.79 -4.52 59.97
CA ALA B 257 -16.53 -5.17 59.61
C ALA B 257 -15.96 -4.53 58.34
N GLU B 258 -15.94 -3.19 58.32
CA GLU B 258 -15.21 -2.40 57.36
C GLU B 258 -14.20 -1.57 58.14
N VAL B 259 -14.70 -0.79 59.10
CA VAL B 259 -13.95 0.30 59.71
C VAL B 259 -12.88 -0.21 60.66
N ARG B 260 -13.12 -1.34 61.32
CA ARG B 260 -12.15 -1.87 62.28
C ARG B 260 -10.82 -2.17 61.62
N LEU B 261 -10.86 -2.51 60.32
CA LEU B 261 -9.66 -2.82 59.55
C LEU B 261 -9.40 -1.76 58.49
N ARG B 262 -10.45 -1.30 57.82
CA ARG B 262 -10.29 -0.30 56.76
C ARG B 262 -9.75 1.01 57.33
N ARG B 263 -9.88 1.20 58.65
CA ARG B 263 -9.09 2.21 59.34
C ARG B 263 -7.63 1.80 59.41
N GLU B 264 -7.37 0.66 60.05
CA GLU B 264 -6.03 0.24 60.40
C GLU B 264 -5.18 0.03 59.16
N LEU B 265 -5.77 -0.57 58.13
CA LEU B 265 -5.06 -0.87 56.90
C LEU B 265 -4.50 0.42 56.29
N GLU B 266 -5.37 1.40 56.10
CA GLU B 266 -4.99 2.71 55.57
C GLU B 266 -3.79 3.30 56.30
N LYS B 267 -3.90 3.44 57.63
CA LYS B 267 -2.78 3.94 58.41
C LYS B 267 -1.57 3.03 58.30
N THR B 268 -1.81 1.72 58.28
CA THR B 268 -0.72 0.76 58.35
C THR B 268 0.05 0.67 57.04
N ILE B 269 -0.62 0.93 55.92
CA ILE B 269 0.09 1.06 54.65
C ILE B 269 0.81 2.41 54.57
N ASN B 270 0.18 3.47 55.08
CA ASN B 270 0.79 4.78 55.16
C ASN B 270 1.97 4.82 56.12
N GLN B 271 2.15 3.78 56.92
CA GLN B 271 3.31 3.64 57.79
C GLN B 271 4.51 3.02 57.08
N GLN B 272 4.29 2.37 55.93
CA GLN B 272 5.34 1.64 55.25
C GLN B 272 5.99 2.52 54.18
N ARG B 273 7.22 2.19 53.84
CA ARG B 273 8.02 2.97 52.90
C ARG B 273 7.61 2.67 51.47
N ILE B 274 7.43 3.73 50.69
CA ILE B 274 6.91 3.64 49.33
C ILE B 274 7.85 2.87 48.40
N HIS B 275 9.13 2.82 48.73
CA HIS B 275 10.13 2.20 47.86
C HIS B 275 11.43 2.14 48.65
N ALA B 276 12.34 1.28 48.20
CA ALA B 276 13.62 1.09 48.87
C ALA B 276 14.39 2.41 49.00
N ARG B 277 14.54 3.12 47.88
CA ARG B 277 15.23 4.40 47.86
C ARG B 277 14.47 5.46 48.63
N ILE B 278 13.20 5.65 48.28
CA ILE B 278 12.39 6.74 48.83
C ILE B 278 12.09 6.38 50.29
N GLY B 279 11.80 7.40 51.11
CA GLY B 279 11.55 7.22 52.54
C GLY B 279 10.35 7.95 53.06
N GLN B 280 9.30 8.06 52.23
CA GLN B 280 8.04 8.66 52.64
C GLN B 280 7.10 7.59 53.17
N GLY B 281 5.85 7.96 53.43
CA GLY B 281 4.80 7.02 53.72
C GLY B 281 3.92 6.84 52.50
N VAL B 282 3.40 5.64 52.29
CA VAL B 282 2.54 5.37 51.15
C VAL B 282 1.33 6.29 51.26
N PRO B 283 0.90 6.94 50.19
CA PRO B 283 -0.20 7.92 50.32
C PRO B 283 -1.55 7.25 50.41
N VAL B 284 -2.47 7.91 51.11
CA VAL B 284 -3.86 7.51 51.17
C VAL B 284 -4.67 8.67 50.60
N VAL B 285 -5.63 8.37 49.75
CA VAL B 285 -6.55 9.35 49.21
C VAL B 285 -7.96 8.77 49.36
N ALA B 286 -8.89 9.62 49.81
CA ALA B 286 -10.26 9.19 50.06
C ALA B 286 -11.16 9.78 48.98
N LEU B 287 -11.83 8.91 48.25
CA LEU B 287 -12.78 9.32 47.23
C LEU B 287 -14.20 9.15 47.75
N ILE B 288 -15.10 9.96 47.23
CA ILE B 288 -16.47 10.05 47.73
C ILE B 288 -17.40 9.99 46.53
N PHE B 289 -18.24 8.96 46.50
CA PHE B 289 -19.38 8.91 45.58
C PHE B 289 -20.64 9.04 46.44
N GLU B 290 -21.21 10.24 46.46
CA GLU B 290 -22.48 10.64 47.07
C GLU B 290 -22.65 10.31 48.55
N GLY B 291 -21.62 9.81 49.23
CA GLY B 291 -21.53 9.73 50.69
C GLY B 291 -22.80 9.43 51.47
N GLY B 292 -23.08 10.28 52.45
CA GLY B 292 -24.20 10.08 53.32
C GLY B 292 -24.04 10.81 54.65
N PRO B 293 -25.00 10.61 55.54
CA PRO B 293 -24.90 11.24 56.87
C PRO B 293 -23.67 10.76 57.63
N ASN B 294 -23.39 9.46 57.50
CA ASN B 294 -22.20 8.90 58.15
C ASN B 294 -20.94 9.23 57.37
N VAL B 295 -21.01 9.17 56.03
CA VAL B 295 -19.83 9.40 55.22
C VAL B 295 -19.33 10.84 55.39
N ILE B 296 -20.26 11.80 55.33
CA ILE B 296 -19.94 13.22 55.45
C ILE B 296 -19.19 13.48 56.76
N LEU B 297 -19.42 12.64 57.77
CA LEU B 297 -18.55 12.63 58.94
C LEU B 297 -17.28 11.83 58.69
N THR B 298 -17.39 10.72 57.95
CA THR B 298 -16.18 9.96 57.60
C THR B 298 -15.21 10.82 56.81
N VAL B 299 -15.75 11.59 55.85
CA VAL B 299 -15.02 12.62 55.13
C VAL B 299 -14.28 13.49 56.13
N LEU B 300 -15.00 13.92 57.16
CA LEU B 300 -14.41 14.81 58.14
C LEU B 300 -13.29 14.14 58.90
N GLU B 301 -13.43 12.84 59.14
CA GLU B 301 -12.46 12.13 59.95
C GLU B 301 -11.09 12.17 59.28
N TYR B 302 -11.06 11.86 57.98
CA TYR B 302 -9.81 11.90 57.24
C TYR B 302 -9.24 13.32 57.18
N LEU B 303 -10.12 14.31 57.11
CA LEU B 303 -9.68 15.69 57.27
C LEU B 303 -9.07 15.88 58.66
N GLN B 304 -9.59 15.19 59.67
CA GLN B 304 -9.13 15.33 61.04
C GLN B 304 -8.06 14.33 61.45
N GLU B 305 -7.66 13.40 60.58
CA GLU B 305 -6.66 12.42 60.96
C GLU B 305 -5.28 13.04 61.07
N SER B 306 -4.33 12.26 61.60
CA SER B 306 -2.91 12.62 61.61
C SER B 306 -2.11 11.37 61.28
N PRO B 307 -1.60 11.25 60.03
CA PRO B 307 -1.50 12.18 58.90
C PRO B 307 -2.84 12.67 58.35
N PRO B 308 -2.98 13.97 58.00
CA PRO B 308 -4.26 14.43 57.45
C PRO B 308 -4.56 13.88 56.06
N VAL B 309 -5.09 12.66 56.05
CA VAL B 309 -5.50 11.97 54.83
C VAL B 309 -6.49 12.87 54.09
N PRO B 310 -6.21 13.32 52.86
CA PRO B 310 -7.18 14.21 52.19
C PRO B 310 -8.41 13.47 51.71
N VAL B 311 -9.30 14.20 51.03
CA VAL B 311 -10.51 13.61 50.47
C VAL B 311 -10.71 14.20 49.08
N VAL B 312 -11.37 13.44 48.22
CA VAL B 312 -11.80 13.91 46.91
C VAL B 312 -13.31 13.66 46.85
N VAL B 313 -14.08 14.73 46.63
CA VAL B 313 -15.49 14.61 46.35
C VAL B 313 -15.73 15.00 44.90
N CYS B 314 -16.97 14.84 44.46
CA CYS B 314 -17.35 14.97 43.05
C CYS B 314 -18.68 15.70 42.95
N GLU B 315 -18.70 16.79 42.17
CA GLU B 315 -19.96 17.44 41.86
C GLU B 315 -20.77 16.56 40.92
N GLY B 316 -21.85 15.96 41.42
CA GLY B 316 -22.83 15.33 40.55
C GLY B 316 -22.86 13.82 40.58
N THR B 317 -22.41 13.21 41.67
CA THR B 317 -22.68 11.80 41.94
C THR B 317 -23.87 11.60 42.85
N GLY B 318 -24.09 12.51 43.79
CA GLY B 318 -25.29 12.48 44.59
C GLY B 318 -25.13 13.32 45.84
N ARG B 319 -26.05 13.10 46.79
CA ARG B 319 -26.28 13.92 47.97
C ARG B 319 -25.03 14.49 48.66
N ALA B 320 -24.07 13.66 49.07
CA ALA B 320 -22.98 14.15 49.90
C ALA B 320 -21.91 14.83 49.08
N ALA B 321 -21.44 14.10 48.05
CA ALA B 321 -20.46 14.64 47.12
C ALA B 321 -20.95 15.95 46.52
N ASP B 322 -22.26 16.04 46.26
CA ASP B 322 -22.83 17.30 45.82
C ASP B 322 -22.76 18.36 46.91
N LEU B 323 -23.20 18.01 48.13
CA LEU B 323 -23.29 19.03 49.18
C LEU B 323 -21.90 19.48 49.65
N LEU B 324 -20.98 18.53 49.78
CA LEU B 324 -19.61 18.90 50.11
C LEU B 324 -19.03 19.77 49.01
N ALA B 325 -19.41 19.47 47.75
CA ALA B 325 -19.06 20.36 46.64
C ALA B 325 -19.93 21.62 46.66
N TYR B 326 -21.16 21.51 47.16
CA TYR B 326 -22.04 22.66 47.27
C TYR B 326 -21.50 23.68 48.26
N ILE B 327 -21.17 23.23 49.48
CA ILE B 327 -20.68 24.17 50.48
C ILE B 327 -19.28 24.66 50.11
N HIS B 328 -18.54 23.85 49.35
CA HIS B 328 -17.26 24.31 48.85
C HIS B 328 -17.42 25.56 47.97
N LYS B 329 -18.59 25.71 47.35
CA LYS B 329 -18.91 26.93 46.63
C LYS B 329 -19.32 28.05 47.58
N GLN B 330 -20.26 27.76 48.50
CA GLN B 330 -20.69 28.75 49.48
C GLN B 330 -19.55 29.16 50.40
N THR B 331 -19.03 28.21 51.18
CA THR B 331 -17.95 28.52 52.12
C THR B 331 -16.71 28.98 51.36
N GLU B 332 -16.17 30.10 51.83
CA GLU B 332 -14.92 30.66 51.33
C GLU B 332 -13.96 30.77 52.51
N GLU B 333 -12.70 30.40 52.26
CA GLU B 333 -11.63 30.32 53.25
C GLU B 333 -11.78 29.13 54.19
N GLY B 334 -12.90 28.42 54.13
CA GLY B 334 -13.21 27.42 55.12
C GLY B 334 -13.87 27.97 56.36
N GLY B 335 -13.27 29.01 56.95
CA GLY B 335 -13.78 29.56 58.19
C GLY B 335 -15.11 30.27 58.03
N ASN B 336 -15.37 30.83 56.86
CA ASN B 336 -16.64 31.51 56.60
C ASN B 336 -17.72 30.45 56.37
N LEU B 337 -18.97 30.88 56.24
CA LEU B 337 -20.06 29.95 55.97
C LEU B 337 -21.28 30.64 55.37
N PRO B 338 -21.15 31.44 54.28
CA PRO B 338 -21.74 32.78 54.30
C PRO B 338 -23.04 32.88 55.06
N ASP B 339 -23.04 33.71 56.12
CA ASP B 339 -24.12 33.68 57.10
C ASP B 339 -25.47 34.01 56.50
N ALA B 340 -25.50 34.63 55.31
CA ALA B 340 -26.75 34.88 54.61
C ALA B 340 -27.48 33.59 54.24
N ALA B 341 -26.78 32.45 54.25
CA ALA B 341 -27.35 31.18 53.83
C ALA B 341 -26.92 30.05 54.76
N GLU B 342 -26.64 30.36 56.03
CA GLU B 342 -26.13 29.34 56.92
C GLU B 342 -27.19 28.32 57.35
N PRO B 343 -28.49 28.64 57.43
CA PRO B 343 -29.50 27.57 57.28
C PRO B 343 -30.11 27.44 55.90
N ASP B 344 -29.76 28.28 54.94
CA ASP B 344 -30.28 28.08 53.59
C ASP B 344 -29.67 26.84 52.95
N ILE B 345 -28.43 26.52 53.31
CA ILE B 345 -27.93 25.18 53.00
C ILE B 345 -28.73 24.16 53.80
N ILE B 346 -29.08 24.48 55.06
CA ILE B 346 -29.89 23.56 55.86
C ILE B 346 -31.28 23.41 55.24
N SER B 347 -31.69 24.37 54.41
CA SER B 347 -32.84 24.13 53.54
C SER B 347 -32.52 23.05 52.51
N THR B 348 -31.29 23.08 51.97
CA THR B 348 -30.90 22.08 50.99
C THR B 348 -30.53 20.76 51.66
N ILE B 349 -29.94 20.82 52.85
CA ILE B 349 -29.56 19.63 53.60
C ILE B 349 -30.81 18.79 53.88
N LYS B 350 -31.95 19.48 54.08
CA LYS B 350 -33.24 18.84 54.26
C LYS B 350 -33.69 18.09 53.02
N LYS B 351 -33.79 18.79 51.88
CA LYS B 351 -34.48 18.24 50.72
C LYS B 351 -33.74 17.06 50.11
N THR B 352 -32.41 17.13 50.05
CA THR B 352 -31.62 16.11 49.40
C THR B 352 -31.76 14.76 50.10
N PHE B 353 -31.43 14.71 51.39
CA PHE B 353 -31.53 13.49 52.18
C PHE B 353 -32.97 13.10 52.47
N ASN B 354 -33.82 14.09 52.82
CA ASN B 354 -35.02 14.02 53.67
C ASN B 354 -34.68 13.93 55.17
N PHE B 355 -33.69 14.73 55.60
CA PHE B 355 -33.34 14.85 57.01
C PHE B 355 -34.44 15.51 57.85
N GLY B 356 -34.14 15.75 59.13
CA GLY B 356 -35.01 16.49 60.04
C GLY B 356 -34.46 17.87 60.37
N GLN B 357 -34.36 18.20 61.66
CA GLN B 357 -33.85 19.49 62.11
C GLN B 357 -32.63 19.36 62.99
N SER B 358 -32.73 18.56 64.06
CA SER B 358 -31.61 18.39 64.98
C SER B 358 -30.41 17.77 64.28
N GLU B 359 -30.65 16.92 63.28
CA GLU B 359 -29.60 16.38 62.43
C GLU B 359 -29.23 17.34 61.30
N ALA B 360 -30.14 18.24 60.94
CA ALA B 360 -29.87 19.20 59.88
C ALA B 360 -28.72 20.12 60.25
N VAL B 361 -28.73 20.64 61.49
CA VAL B 361 -27.60 21.40 61.98
C VAL B 361 -26.40 20.49 62.22
N HIS B 362 -26.66 19.23 62.59
CA HIS B 362 -25.58 18.28 62.81
C HIS B 362 -24.82 18.00 61.52
N LEU B 363 -25.55 17.83 60.42
CA LEU B 363 -24.90 17.77 59.12
C LEU B 363 -24.16 19.06 58.84
N PHE B 364 -24.84 20.19 59.07
CA PHE B 364 -24.22 21.50 58.88
C PHE B 364 -23.01 21.66 59.78
N GLN B 365 -23.06 21.11 60.99
CA GLN B 365 -21.90 21.11 61.87
C GLN B 365 -20.73 20.40 61.19
N THR B 366 -20.95 19.16 60.75
CA THR B 366 -19.93 18.40 60.06
C THR B 366 -19.38 19.17 58.85
N MET B 367 -20.27 19.85 58.12
CA MET B 367 -19.84 20.67 57.00
C MET B 367 -18.84 21.74 57.42
N MET B 368 -18.97 22.28 58.62
CA MET B 368 -18.07 23.34 59.06
C MET B 368 -16.66 22.81 59.24
N GLU B 369 -16.47 21.82 60.10
CA GLU B 369 -15.13 21.27 60.30
C GLU B 369 -14.57 20.69 59.02
N CYS B 370 -15.45 20.25 58.11
CA CYS B 370 -15.01 19.77 56.81
C CYS B 370 -14.35 20.92 56.06
N MET B 371 -14.94 22.10 56.16
CA MET B 371 -14.44 23.25 55.42
C MET B 371 -13.28 23.93 56.15
N LYS B 372 -13.20 23.79 57.48
CA LYS B 372 -12.17 24.46 58.27
C LYS B 372 -10.78 24.23 57.70
N LYS B 373 -10.53 23.04 57.16
CA LYS B 373 -9.47 22.84 56.17
C LYS B 373 -10.05 22.58 54.77
N LYS B 374 -10.34 23.66 54.03
CA LYS B 374 -10.53 23.50 52.58
C LYS B 374 -9.22 23.23 51.86
N GLU B 375 -8.09 23.35 52.55
CA GLU B 375 -6.78 23.15 51.94
C GLU B 375 -6.66 21.75 51.35
N LEU B 376 -6.71 20.72 52.20
CA LEU B 376 -6.44 19.35 51.75
C LEU B 376 -7.69 18.61 51.31
N ILE B 377 -8.53 19.25 50.50
CA ILE B 377 -9.71 18.61 49.95
C ILE B 377 -10.07 19.33 48.66
N THR B 378 -10.63 18.57 47.71
CA THR B 378 -10.87 19.07 46.37
C THR B 378 -12.25 18.62 45.90
N VAL B 379 -12.61 19.05 44.70
CA VAL B 379 -13.89 18.74 44.08
C VAL B 379 -13.65 18.46 42.61
N PHE B 380 -14.50 17.60 42.03
CA PHE B 380 -14.43 17.25 40.62
C PHE B 380 -15.64 17.83 39.91
N HIS B 381 -15.41 18.89 39.14
CA HIS B 381 -16.46 19.58 38.40
C HIS B 381 -16.43 19.11 36.95
N ILE B 382 -17.06 17.95 36.73
CA ILE B 382 -17.13 17.38 35.39
C ILE B 382 -17.84 18.31 34.41
N GLY B 383 -18.75 19.14 34.91
CA GLY B 383 -19.47 20.05 34.04
C GLY B 383 -18.61 21.13 33.43
N SER B 384 -17.39 21.33 33.95
CA SER B 384 -16.49 22.37 33.45
C SER B 384 -15.08 21.84 33.28
N GLU B 385 -14.19 22.73 32.87
CA GLU B 385 -12.79 22.42 32.61
C GLU B 385 -11.93 22.61 33.86
N ASP B 386 -12.37 22.01 34.98
CA ASP B 386 -11.74 22.26 36.28
C ASP B 386 -10.84 21.09 36.63
N HIS B 387 -9.57 21.19 36.22
CA HIS B 387 -8.59 20.12 36.40
C HIS B 387 -9.11 18.77 35.93
N GLN B 388 -9.25 18.57 34.62
CA GLN B 388 -9.96 17.43 34.06
C GLN B 388 -9.46 16.09 34.56
N ASP B 389 -10.22 15.02 34.28
CA ASP B 389 -9.67 13.68 34.34
C ASP B 389 -9.18 13.36 35.73
N ILE B 390 -10.12 13.02 36.63
CA ILE B 390 -9.97 13.01 38.08
C ILE B 390 -8.59 12.56 38.59
N ASP B 391 -7.87 11.78 37.78
CA ASP B 391 -6.47 11.47 37.98
C ASP B 391 -5.65 12.59 38.56
N VAL B 392 -5.60 13.69 37.82
CA VAL B 392 -4.73 14.81 38.14
C VAL B 392 -5.15 15.29 39.51
N ALA B 393 -6.46 15.44 39.71
CA ALA B 393 -7.00 15.85 41.00
C ALA B 393 -6.58 14.92 42.11
N ILE B 394 -6.72 13.61 41.89
CA ILE B 394 -6.38 12.60 42.90
C ILE B 394 -4.89 12.68 43.18
N LEU B 395 -4.08 12.51 42.13
CA LEU B 395 -2.64 12.55 42.25
C LEU B 395 -2.18 13.89 42.85
N THR B 396 -2.74 14.99 42.35
CA THR B 396 -2.35 16.32 42.80
C THR B 396 -2.74 16.55 44.26
N ALA B 397 -3.94 16.11 44.64
CA ALA B 397 -4.53 16.46 45.93
C ALA B 397 -3.66 16.05 47.10
N LEU B 398 -2.86 14.98 46.91
CA LEU B 398 -1.93 14.55 47.94
C LEU B 398 -0.73 15.49 48.08
N LEU B 399 -0.54 16.40 47.13
CA LEU B 399 0.62 17.28 47.10
C LEU B 399 0.29 18.69 47.52
N LYS B 400 -0.84 19.21 47.06
CA LYS B 400 -1.26 20.56 47.38
C LYS B 400 -1.56 20.69 48.88
N GLY B 401 -2.41 19.81 49.39
CA GLY B 401 -2.83 19.90 50.77
C GLY B 401 -1.76 19.51 51.76
N THR B 402 -1.32 18.26 51.67
CA THR B 402 -0.29 17.74 52.56
C THR B 402 0.97 18.58 52.45
N ASN B 403 1.30 19.30 53.51
CA ASN B 403 2.48 20.16 53.51
C ASN B 403 3.73 19.31 53.34
N ALA B 404 4.38 19.48 52.18
CA ALA B 404 5.61 18.79 51.88
C ALA B 404 6.41 19.58 50.86
N SER B 405 7.73 19.59 51.02
CA SER B 405 8.59 20.33 50.09
C SER B 405 8.49 19.77 48.69
N ALA B 406 8.89 20.58 47.71
CA ALA B 406 8.81 20.16 46.32
C ALA B 406 9.64 18.91 46.08
N PHE B 407 10.75 18.76 46.82
CA PHE B 407 11.41 17.48 46.93
C PHE B 407 10.42 16.39 47.32
N ASP B 408 9.83 16.52 48.50
CA ASP B 408 8.89 15.53 49.00
C ASP B 408 7.70 15.37 48.07
N GLN B 409 7.37 16.41 47.30
CA GLN B 409 6.37 16.27 46.26
C GLN B 409 6.90 15.44 45.10
N LEU B 410 8.00 15.92 44.51
CA LEU B 410 8.63 15.30 43.35
C LEU B 410 8.88 13.82 43.55
N ILE B 411 9.57 13.49 44.63
CA ILE B 411 10.02 12.13 44.92
C ILE B 411 8.85 11.17 44.93
N LEU B 412 7.66 11.65 45.30
CA LEU B 412 6.46 10.85 45.19
C LEU B 412 6.07 10.66 43.72
N THR B 413 6.06 11.74 42.95
CA THR B 413 5.78 11.66 41.52
C THR B 413 6.78 10.77 40.82
N LEU B 414 8.03 10.77 41.30
CA LEU B 414 9.03 9.88 40.77
C LEU B 414 8.65 8.44 40.99
N ALA B 415 8.21 8.11 42.20
CA ALA B 415 7.76 6.77 42.51
C ALA B 415 6.61 6.38 41.59
N TRP B 416 5.75 7.34 41.30
CA TRP B 416 4.69 7.17 40.32
C TRP B 416 5.09 7.61 38.94
N ASP B 417 6.25 7.22 38.39
CA ASP B 417 6.55 7.16 36.96
C ASP B 417 5.70 8.08 36.08
N ARG B 418 5.51 9.34 36.49
CA ARG B 418 4.55 10.25 35.85
C ARG B 418 5.12 11.66 35.98
N VAL B 419 5.60 12.18 34.84
CA VAL B 419 6.15 13.53 34.82
C VAL B 419 5.05 14.55 34.64
N ASP B 420 4.03 14.22 33.85
CA ASP B 420 3.00 15.16 33.41
C ASP B 420 2.35 15.89 34.57
N ILE B 421 2.26 15.22 35.72
CA ILE B 421 1.84 15.84 36.96
C ILE B 421 2.87 16.88 37.36
N ALA B 422 4.10 16.43 37.58
CA ALA B 422 5.15 17.31 38.09
C ALA B 422 5.48 18.40 37.10
N LYS B 423 5.36 18.10 35.80
CA LYS B 423 5.62 19.10 34.77
C LYS B 423 4.70 20.29 34.88
N ASN B 424 3.52 20.12 35.48
CA ASN B 424 2.48 21.14 35.48
C ASN B 424 1.95 21.42 36.89
N HIS B 425 2.46 20.71 37.90
CA HIS B 425 1.98 20.91 39.27
C HIS B 425 3.09 20.93 40.32
N VAL B 426 4.32 20.57 39.96
CA VAL B 426 5.47 20.68 40.85
C VAL B 426 6.51 21.60 40.24
N PHE B 427 6.78 21.43 38.95
CA PHE B 427 7.67 22.31 38.20
C PHE B 427 6.89 23.49 37.62
N VAL B 428 6.26 24.23 38.52
CA VAL B 428 5.39 25.35 38.17
C VAL B 428 6.10 26.65 38.52
N TYR B 429 5.51 27.77 38.11
CA TYR B 429 6.07 29.09 38.33
C TYR B 429 6.43 29.35 39.79
N GLY B 430 7.46 30.19 40.00
CA GLY B 430 7.81 30.74 41.30
C GLY B 430 7.87 29.73 42.42
N GLN B 431 8.80 28.79 42.31
CA GLN B 431 8.91 27.65 43.21
C GLN B 431 10.22 27.74 43.97
N GLN B 432 10.25 27.09 45.14
CA GLN B 432 11.28 27.30 46.16
C GLN B 432 12.40 26.27 46.09
N TRP B 433 12.76 25.85 44.88
CA TRP B 433 13.64 24.71 44.66
C TRP B 433 14.92 24.72 45.47
N LEU B 434 15.04 23.75 46.36
CA LEU B 434 16.18 23.60 47.26
C LEU B 434 17.44 23.35 46.45
N VAL B 435 18.60 23.61 47.05
CA VAL B 435 19.87 23.62 46.33
C VAL B 435 20.26 22.23 45.84
N GLY B 436 20.16 21.22 46.71
CA GLY B 436 20.60 19.87 46.39
C GLY B 436 19.49 18.88 46.17
N SER B 437 18.24 19.28 46.31
CA SER B 437 17.12 18.38 46.13
C SER B 437 17.01 17.92 44.69
N LEU B 438 17.25 18.83 43.74
CA LEU B 438 17.28 18.46 42.34
C LEU B 438 18.33 17.40 42.10
N GLU B 439 19.52 17.60 42.67
CA GLU B 439 20.59 16.63 42.56
C GLU B 439 20.18 15.30 43.17
N GLN B 440 19.74 15.33 44.42
CA GLN B 440 19.38 14.11 45.13
C GLN B 440 18.21 13.38 44.46
N ALA B 441 17.43 14.08 43.63
CA ALA B 441 16.38 13.42 42.88
C ALA B 441 16.93 12.70 41.67
N MET B 442 17.92 13.30 41.01
CA MET B 442 18.54 12.65 39.87
C MET B 442 19.23 11.36 40.30
N LEU B 443 19.74 11.33 41.52
CA LEU B 443 20.25 10.08 42.06
C LEU B 443 19.19 9.00 42.04
N ASP B 444 17.93 9.38 42.26
CA ASP B 444 16.86 8.41 42.40
C ASP B 444 16.26 8.05 41.05
N ALA B 445 16.14 9.03 40.15
CA ALA B 445 15.56 8.76 38.85
C ALA B 445 16.47 7.92 37.98
N LEU B 446 17.78 8.07 38.15
CA LEU B 446 18.72 7.28 37.37
C LEU B 446 18.72 5.83 37.81
N VAL B 447 18.81 5.60 39.12
CA VAL B 447 18.89 4.24 39.63
C VAL B 447 17.59 3.50 39.39
N MET B 448 16.45 4.17 39.55
CA MET B 448 15.14 3.57 39.38
C MET B 448 14.72 3.45 37.93
N ASP B 449 15.55 3.88 36.99
CA ASP B 449 15.24 3.86 35.56
C ASP B 449 13.97 4.65 35.27
N ARG B 450 13.99 5.94 35.57
CA ARG B 450 12.94 6.86 35.16
C ARG B 450 13.58 7.93 34.29
N VAL B 451 13.72 7.63 33.01
CA VAL B 451 14.33 8.54 32.05
C VAL B 451 13.52 9.84 31.97
N SER B 452 12.20 9.70 32.09
CA SER B 452 11.31 10.82 31.88
C SER B 452 11.58 11.93 32.89
N PHE B 453 12.00 11.56 34.10
CA PHE B 453 12.34 12.54 35.11
C PHE B 453 13.77 13.01 34.96
N VAL B 454 14.63 12.20 34.35
CA VAL B 454 15.97 12.64 34.01
C VAL B 454 15.82 13.80 33.06
N LYS B 455 15.03 13.59 32.00
CA LYS B 455 14.70 14.62 31.02
C LYS B 455 14.14 15.84 31.70
N LEU B 456 13.24 15.63 32.65
CA LEU B 456 12.59 16.74 33.32
C LEU B 456 13.59 17.56 34.11
N LEU B 457 14.46 16.87 34.86
CA LEU B 457 15.39 17.57 35.73
C LEU B 457 16.49 18.25 34.93
N ILE B 458 17.00 17.57 33.90
CA ILE B 458 18.05 18.15 33.06
C ILE B 458 17.50 19.33 32.27
N GLU B 459 16.19 19.35 32.02
CA GLU B 459 15.55 20.52 31.42
C GLU B 459 15.44 21.68 32.39
N ASN B 460 14.79 21.46 33.53
CA ASN B 460 14.64 22.48 34.55
C ASN B 460 15.96 22.94 35.14
N GLY B 461 17.04 22.24 34.86
CA GLY B 461 18.39 22.66 35.15
C GLY B 461 19.00 21.79 36.22
N VAL B 462 19.69 20.74 35.76
CA VAL B 462 20.53 19.91 36.59
C VAL B 462 21.70 19.51 35.72
N SER B 463 22.83 20.17 35.90
CA SER B 463 23.98 19.88 35.07
C SER B 463 24.63 18.58 35.47
N MET B 464 24.75 17.66 34.52
CA MET B 464 25.45 16.42 34.78
C MET B 464 26.89 16.68 35.18
N HIS B 465 27.48 17.75 34.66
CA HIS B 465 28.84 18.14 35.07
C HIS B 465 28.90 18.37 36.58
N LYS B 466 27.82 18.88 37.15
CA LYS B 466 27.82 19.20 38.58
C LYS B 466 27.43 17.99 39.42
N PHE B 467 26.50 17.16 38.92
CA PHE B 467 26.01 15.98 39.64
C PHE B 467 26.69 14.70 39.11
N LEU B 468 28.02 14.65 39.20
CA LEU B 468 28.65 13.40 38.78
C LEU B 468 29.98 13.07 39.48
N THR B 469 30.04 13.11 40.80
CA THR B 469 31.28 12.86 41.49
C THR B 469 31.70 11.38 41.41
N ILE B 470 32.86 11.10 42.01
CA ILE B 470 33.27 9.72 42.24
C ILE B 470 32.25 8.98 43.12
N PRO B 471 31.92 9.45 44.35
CA PRO B 471 31.02 8.66 45.19
C PRO B 471 29.63 8.46 44.60
N ARG B 472 29.06 9.49 43.98
CA ARG B 472 27.77 9.34 43.33
C ARG B 472 27.84 8.26 42.27
N LEU B 473 28.63 8.47 41.23
CA LEU B 473 28.79 7.53 40.14
C LEU B 473 29.15 6.14 40.64
N GLU B 474 29.99 6.06 41.66
CA GLU B 474 30.54 4.79 42.08
C GLU B 474 29.44 3.85 42.58
N GLU B 475 28.42 4.40 43.25
CA GLU B 475 27.40 3.53 43.81
C GLU B 475 26.31 3.23 42.80
N LEU B 476 26.13 4.09 41.77
CA LEU B 476 25.16 3.80 40.72
C LEU B 476 25.35 2.41 40.14
N TYR B 477 26.59 1.91 40.11
CA TYR B 477 26.84 0.51 39.82
C TYR B 477 26.39 -0.39 40.97
N ASN B 478 26.67 0.03 42.21
CA ASN B 478 26.36 -0.76 43.39
C ASN B 478 24.94 -0.52 43.85
N THR B 479 23.97 -0.83 43.00
CA THR B 479 22.56 -0.76 43.34
C THR B 479 21.85 -1.96 42.74
N LYS B 480 20.91 -2.53 43.50
CA LYS B 480 19.97 -3.50 42.98
C LYS B 480 18.60 -2.89 42.74
N GLN B 481 18.41 -1.62 43.09
CA GLN B 481 17.11 -0.97 43.03
C GLN B 481 16.79 -0.50 41.63
N GLY B 482 16.81 -1.42 40.67
CA GLY B 482 16.42 -1.10 39.32
C GLY B 482 16.54 -2.30 38.40
N PRO B 483 16.24 -2.12 37.11
CA PRO B 483 16.45 -3.20 36.14
C PRO B 483 17.92 -3.50 35.94
N THR B 484 18.51 -4.15 36.93
CA THR B 484 19.93 -4.42 36.94
C THR B 484 20.25 -5.54 35.96
N ASN B 485 21.44 -5.45 35.38
CA ASN B 485 22.01 -6.58 34.67
C ASN B 485 22.72 -7.45 35.71
N PRO B 486 22.30 -8.69 35.94
CA PRO B 486 23.05 -9.52 36.88
C PRO B 486 24.33 -10.09 36.28
N MET B 487 24.66 -9.70 35.06
CA MET B 487 25.87 -10.13 34.38
C MET B 487 27.07 -9.25 34.70
N LEU B 488 26.85 -8.00 35.07
CA LEU B 488 27.96 -7.10 35.38
C LEU B 488 28.83 -7.67 36.49
N PHE B 489 28.19 -8.25 37.50
CA PHE B 489 28.92 -8.86 38.59
C PHE B 489 29.70 -10.07 38.13
N HIS B 490 29.35 -10.63 36.98
CA HIS B 490 30.07 -11.79 36.45
C HIS B 490 31.36 -11.36 35.77
N LEU B 491 31.26 -10.34 34.91
CA LEU B 491 32.44 -9.85 34.20
C LEU B 491 33.47 -9.33 35.19
N ILE B 492 33.00 -8.76 36.30
CA ILE B 492 33.92 -8.24 37.31
C ILE B 492 34.66 -9.39 37.97
N ARG B 493 33.95 -10.42 38.41
CA ARG B 493 34.62 -11.51 39.12
C ARG B 493 35.53 -12.31 38.19
N ASP B 494 35.36 -12.14 36.87
CA ASP B 494 36.29 -12.74 35.92
C ASP B 494 37.60 -11.94 35.88
N VAL B 495 37.51 -10.63 35.69
CA VAL B 495 38.71 -9.81 35.53
C VAL B 495 39.49 -9.74 36.83
N LYS B 496 38.82 -10.01 37.96
CA LYS B 496 39.54 -10.20 39.21
C LYS B 496 40.24 -11.55 39.29
N GLN B 497 40.09 -12.40 38.28
CA GLN B 497 40.69 -13.73 38.27
C GLN B 497 40.17 -14.54 39.46
N GLY B 498 38.85 -14.65 39.56
CA GLY B 498 38.22 -15.54 40.51
C GLY B 498 37.85 -14.93 41.84
N ASN B 499 38.60 -13.90 42.26
CA ASN B 499 38.37 -13.25 43.54
C ASN B 499 36.94 -12.71 43.65
N LEU B 500 36.35 -12.82 44.83
CA LEU B 500 34.96 -12.46 45.03
C LEU B 500 34.69 -12.20 46.52
N PRO B 501 34.90 -10.98 47.02
CA PRO B 501 34.68 -10.72 48.45
C PRO B 501 33.21 -10.82 48.82
N PRO B 502 32.87 -10.68 50.12
CA PRO B 502 31.47 -10.83 50.55
C PRO B 502 30.50 -9.86 49.90
N GLY B 503 30.72 -8.56 50.09
CA GLY B 503 29.82 -7.54 49.58
C GLY B 503 30.37 -6.86 48.35
N TYR B 504 31.68 -6.62 48.36
CA TYR B 504 32.38 -6.16 47.17
C TYR B 504 31.85 -4.85 46.63
N LYS B 505 32.15 -3.75 47.30
CA LYS B 505 31.95 -2.44 46.71
C LYS B 505 32.69 -2.35 45.39
N ILE B 506 31.95 -2.26 44.30
CA ILE B 506 32.54 -2.05 42.99
C ILE B 506 33.27 -0.71 43.02
N THR B 507 34.54 -0.73 42.62
CA THR B 507 35.33 0.48 42.51
C THR B 507 35.51 0.83 41.05
N LEU B 508 35.85 2.08 40.79
CA LEU B 508 35.93 2.50 39.39
C LEU B 508 37.19 1.95 38.73
N ILE B 509 38.16 1.47 39.50
CA ILE B 509 39.23 0.66 38.90
C ILE B 509 38.58 -0.50 38.15
N ASP B 510 37.54 -1.06 38.74
CA ASP B 510 37.00 -2.32 38.26
C ASP B 510 36.28 -2.12 36.95
N ILE B 511 35.39 -1.13 36.90
CA ILE B 511 34.64 -0.83 35.69
C ILE B 511 35.59 -0.54 34.53
N GLY B 512 36.73 0.06 34.82
CA GLY B 512 37.72 0.29 33.79
C GLY B 512 38.24 -1.01 33.22
N LEU B 513 38.66 -1.92 34.11
CA LEU B 513 39.23 -3.18 33.67
C LEU B 513 38.23 -4.03 32.93
N VAL B 514 36.94 -3.80 33.14
CA VAL B 514 35.91 -4.47 32.36
C VAL B 514 35.87 -3.91 30.95
N ILE B 515 35.91 -2.58 30.84
CA ILE B 515 35.82 -1.95 29.54
C ILE B 515 37.07 -2.21 28.72
N GLU B 516 38.24 -2.14 29.37
CA GLU B 516 39.47 -2.61 28.76
C GLU B 516 39.35 -4.05 28.25
N TYR B 517 38.55 -4.86 28.92
CA TYR B 517 38.30 -6.23 28.52
C TYR B 517 37.18 -6.37 27.52
N LEU B 518 36.17 -5.50 27.58
CA LEU B 518 35.06 -5.59 26.64
C LEU B 518 35.39 -4.93 25.31
N MET B 519 35.98 -3.74 25.35
CA MET B 519 36.32 -3.05 24.14
C MET B 519 37.54 -3.65 23.47
N GLY B 520 38.36 -4.36 24.22
CA GLY B 520 39.41 -5.17 23.65
C GLY B 520 40.53 -4.35 23.05
N GLY B 521 41.47 -5.07 22.45
CA GLY B 521 42.60 -4.44 21.82
C GLY B 521 43.50 -3.77 22.83
N THR B 522 43.44 -2.45 22.83
CA THR B 522 44.18 -1.64 23.79
C THR B 522 43.35 -0.52 24.36
N TYR B 523 42.02 -0.62 24.37
CA TYR B 523 41.20 0.50 24.80
C TYR B 523 41.46 0.75 26.27
N ARG B 524 42.19 1.81 26.58
CA ARG B 524 42.42 2.21 27.95
C ARG B 524 41.36 3.22 28.36
N CYS B 525 40.60 2.89 29.40
CA CYS B 525 39.64 3.83 29.94
C CYS B 525 40.33 4.85 30.82
N THR B 526 39.65 5.97 31.04
CA THR B 526 40.15 6.98 31.97
C THR B 526 40.24 6.43 33.38
N TYR B 527 39.44 5.42 33.70
CA TYR B 527 39.35 4.91 35.05
C TYR B 527 40.58 4.15 35.51
N THR B 528 41.48 3.79 34.59
CA THR B 528 42.63 2.96 34.92
C THR B 528 43.95 3.70 34.81
N ARG B 529 43.96 4.93 34.32
CA ARG B 529 45.20 5.64 34.11
C ARG B 529 45.77 6.10 35.44
N LYS B 530 47.07 6.35 35.46
CA LYS B 530 47.84 6.58 36.67
C LYS B 530 47.28 7.77 37.45
N ARG B 531 46.84 8.79 36.72
CA ARG B 531 46.22 9.96 37.33
C ARG B 531 44.99 9.56 38.14
N PHE B 532 44.04 8.89 37.49
CA PHE B 532 42.79 8.58 38.15
C PHE B 532 42.99 7.60 39.30
N ARG B 533 43.93 6.68 39.14
CA ARG B 533 44.25 5.75 40.22
C ARG B 533 44.69 6.49 41.47
N LEU B 534 45.47 7.56 41.28
CA LEU B 534 45.91 8.39 42.39
C LEU B 534 44.72 9.00 43.12
N ILE B 535 43.92 9.79 42.40
CA ILE B 535 42.88 10.60 43.02
C ILE B 535 41.82 9.71 43.67
N TYR B 536 41.59 8.54 43.09
CA TYR B 536 40.63 7.62 43.69
C TYR B 536 41.11 7.11 45.04
N ASN B 537 42.42 6.95 45.20
CA ASN B 537 43.00 6.53 46.48
C ASN B 537 43.26 7.71 47.41
N SER B 538 42.62 8.86 47.17
CA SER B 538 42.86 10.08 47.94
C SER B 538 41.57 10.62 48.55
N LEU B 539 40.48 10.52 47.81
CA LEU B 539 39.20 11.05 48.28
C LEU B 539 38.73 10.34 49.55
N GLU B 613 36.05 20.42 42.86
CA GLU B 613 35.55 19.97 41.57
C GLU B 613 36.53 19.03 40.87
N THR B 614 37.77 18.93 41.39
CA THR B 614 38.73 18.01 40.82
C THR B 614 38.33 16.57 41.02
N LYS B 615 37.46 16.29 41.98
CA LYS B 615 36.86 14.97 42.17
C LYS B 615 35.73 14.69 41.18
N ARG B 616 35.54 15.53 40.17
CA ARG B 616 34.52 15.35 39.15
C ARG B 616 35.11 14.72 37.91
N PHE B 617 34.26 14.54 36.90
CA PHE B 617 34.64 14.06 35.58
C PHE B 617 34.42 15.19 34.59
N PRO B 618 35.28 15.40 33.59
CA PRO B 618 34.98 16.46 32.62
C PRO B 618 33.72 16.21 31.83
N TYR B 619 33.62 15.04 31.20
CA TYR B 619 32.52 14.70 30.30
C TYR B 619 31.63 13.65 30.94
N PRO B 620 30.57 14.04 31.66
CA PRO B 620 29.79 13.05 32.38
C PRO B 620 29.00 12.11 31.50
N LEU B 621 28.28 12.63 30.54
CA LEU B 621 27.45 11.80 29.68
C LEU B 621 28.23 10.83 28.84
N ASN B 622 29.56 10.91 28.80
CA ASN B 622 30.37 9.79 28.33
C ASN B 622 30.56 8.72 29.39
N GLU B 623 30.38 9.08 30.66
CA GLU B 623 30.55 8.12 31.75
C GLU B 623 29.25 7.43 32.12
N LEU B 624 28.13 8.14 32.00
CA LEU B 624 26.83 7.52 32.29
C LEU B 624 26.39 6.61 31.14
N LEU B 625 26.72 6.99 29.91
CA LEU B 625 26.39 6.15 28.75
C LEU B 625 26.99 4.77 28.87
N ILE B 626 28.13 4.66 29.54
CA ILE B 626 28.71 3.37 29.86
C ILE B 626 27.87 2.68 30.92
N TRP B 627 27.53 3.40 31.98
CA TRP B 627 26.70 2.88 33.04
C TRP B 627 25.37 2.38 32.51
N ALA B 628 24.70 3.19 31.70
CA ALA B 628 23.41 2.80 31.14
C ALA B 628 23.49 1.58 30.25
N CYS B 629 24.67 1.24 29.76
CA CYS B 629 24.85 0.11 28.88
C CYS B 629 25.39 -1.11 29.60
N LEU B 630 26.30 -0.93 30.55
CA LEU B 630 26.78 -2.06 31.33
C LEU B 630 25.65 -2.68 32.15
N MET B 631 24.82 -1.85 32.73
CA MET B 631 23.67 -2.30 33.52
C MET B 631 22.42 -2.51 32.67
N LYS B 632 22.58 -2.59 31.35
CA LYS B 632 21.52 -2.90 30.41
C LYS B 632 20.26 -2.05 30.65
N ARG B 633 20.40 -0.75 30.43
CA ARG B 633 19.34 0.22 30.64
C ARG B 633 19.17 1.05 29.38
N GLN B 634 18.90 0.36 28.27
CA GLN B 634 18.83 0.91 26.92
C GLN B 634 18.14 2.26 26.83
N VAL B 635 16.92 2.33 27.36
CA VAL B 635 16.09 3.52 27.25
C VAL B 635 16.77 4.70 27.95
N MET B 636 17.62 4.41 28.92
CA MET B 636 18.47 5.46 29.48
C MET B 636 19.64 5.76 28.56
N ALA B 637 20.19 4.72 27.94
CA ALA B 637 21.39 4.89 27.13
C ALA B 637 21.13 5.81 25.95
N ARG B 638 20.04 5.57 25.22
CA ARG B 638 19.73 6.41 24.07
C ARG B 638 19.46 7.83 24.48
N PHE B 639 18.75 8.02 25.59
CA PHE B 639 18.51 9.36 26.09
C PHE B 639 19.81 10.06 26.43
N LEU B 640 20.72 9.35 27.07
CA LEU B 640 22.01 9.93 27.39
C LEU B 640 22.92 10.02 26.18
N TRP B 641 22.52 9.46 25.04
CA TRP B 641 23.31 9.55 23.83
C TRP B 641 23.03 10.83 23.06
N GLN B 642 21.74 11.13 22.86
CA GLN B 642 21.36 12.32 22.11
C GLN B 642 21.88 13.58 22.78
N HIS B 643 21.95 13.56 24.11
CA HIS B 643 22.59 14.65 24.83
C HIS B 643 24.10 14.49 24.76
N GLY B 644 24.81 15.48 25.28
CA GLY B 644 26.23 15.46 25.19
C GLY B 644 26.70 15.66 23.77
N GLU B 645 27.94 15.23 23.54
CA GLU B 645 28.60 15.40 22.26
C GLU B 645 29.40 14.14 21.94
N GLU B 646 29.94 14.10 20.73
CA GLU B 646 30.64 12.95 20.15
C GLU B 646 29.66 11.82 19.86
N SER B 647 28.47 12.15 19.38
CA SER B 647 27.37 11.21 19.21
C SER B 647 27.72 9.98 18.40
N MET B 648 28.39 10.13 17.25
CA MET B 648 28.76 8.98 16.45
C MET B 648 29.68 8.05 17.23
N ALA B 649 30.62 8.63 17.96
CA ALA B 649 31.59 7.84 18.69
C ALA B 649 30.92 6.99 19.75
N LYS B 650 30.05 7.61 20.53
CA LYS B 650 29.39 6.94 21.63
C LYS B 650 28.58 5.75 21.13
N ALA B 651 27.83 5.94 20.05
CA ALA B 651 27.00 4.88 19.53
C ALA B 651 27.80 3.67 19.09
N LEU B 652 29.01 3.89 18.59
CA LEU B 652 29.84 2.78 18.14
C LEU B 652 30.58 2.12 19.29
N VAL B 653 30.73 2.82 20.41
CA VAL B 653 31.23 2.19 21.61
C VAL B 653 30.18 1.27 22.18
N ALA B 654 28.95 1.77 22.27
CA ALA B 654 27.83 0.98 22.74
C ALA B 654 27.65 -0.29 21.92
N CYS B 655 27.70 -0.17 20.59
CA CYS B 655 27.60 -1.35 19.73
C CYS B 655 28.69 -2.35 20.04
N LYS B 656 29.83 -1.90 20.53
CA LYS B 656 30.90 -2.81 20.90
C LYS B 656 30.65 -3.44 22.25
N ILE B 657 30.19 -2.63 23.21
CA ILE B 657 29.97 -3.12 24.56
C ILE B 657 28.88 -4.18 24.57
N TYR B 658 27.71 -3.85 24.03
CA TYR B 658 26.62 -4.82 23.94
C TYR B 658 27.05 -6.05 23.16
N ARG B 659 27.64 -5.84 21.99
CA ARG B 659 28.17 -6.95 21.21
C ARG B 659 29.20 -7.76 22.00
N SER B 660 29.87 -7.13 22.95
CA SER B 660 30.90 -7.82 23.72
C SER B 660 30.30 -8.50 24.94
N MET B 661 29.24 -7.94 25.51
CA MET B 661 28.54 -8.60 26.60
C MET B 661 27.80 -9.83 26.10
N ALA B 662 27.19 -9.73 24.92
CA ALA B 662 26.44 -10.85 24.36
C ALA B 662 27.33 -12.08 24.22
N TYR B 663 28.55 -11.87 23.72
CA TYR B 663 29.48 -12.99 23.54
C TYR B 663 29.86 -13.61 24.87
N GLU B 664 29.96 -12.80 25.93
CA GLU B 664 30.33 -13.34 27.23
C GLU B 664 29.14 -14.01 27.90
N ALA B 665 27.93 -13.62 27.53
CA ALA B 665 26.73 -14.22 28.11
C ALA B 665 26.55 -15.64 27.60
N LYS B 666 26.57 -15.80 26.29
CA LYS B 666 26.53 -17.10 25.63
C LYS B 666 27.54 -18.05 26.24
N GLN B 667 28.79 -17.64 26.26
CA GLN B 667 29.88 -18.47 26.77
C GLN B 667 29.63 -18.82 28.22
N SER B 668 29.55 -17.81 29.08
CA SER B 668 29.32 -18.01 30.50
C SER B 668 27.84 -17.88 30.85
N ASP B 669 27.11 -18.98 30.72
CA ASP B 669 25.68 -19.00 30.99
C ASP B 669 25.40 -19.30 32.47
N LEU B 670 24.31 -18.73 32.99
CA LEU B 670 23.75 -19.23 34.25
C LEU B 670 22.24 -19.41 34.17
N VAL B 671 21.52 -18.46 33.56
CA VAL B 671 20.10 -18.59 33.23
C VAL B 671 19.95 -17.86 31.91
N ASP B 672 18.70 -17.56 31.50
CA ASP B 672 18.34 -17.00 30.19
C ASP B 672 19.39 -16.03 29.65
N ASP B 673 19.77 -16.26 28.39
CA ASP B 673 20.99 -15.66 27.87
C ASP B 673 20.96 -14.15 27.92
N THR B 674 19.80 -13.55 27.63
CA THR B 674 19.69 -12.12 27.41
C THR B 674 20.62 -11.65 26.29
N SER B 675 21.08 -12.56 25.44
CA SER B 675 22.06 -12.20 24.44
C SER B 675 21.41 -11.56 23.24
N GLU B 676 20.36 -12.18 22.71
CA GLU B 676 19.58 -11.56 21.65
C GLU B 676 18.95 -10.25 22.11
N GLU B 677 18.76 -10.09 23.40
CA GLU B 677 18.37 -8.80 23.95
C GLU B 677 19.50 -7.78 23.79
N LEU B 678 20.74 -8.23 23.95
CA LEU B 678 21.89 -7.35 23.81
C LEU B 678 22.25 -7.15 22.35
N LYS B 679 22.22 -8.23 21.57
CA LYS B 679 22.51 -8.13 20.15
C LYS B 679 21.53 -7.21 19.44
N GLN B 680 20.31 -7.09 19.96
CA GLN B 680 19.37 -6.12 19.43
C GLN B 680 19.74 -4.73 19.91
N TYR B 681 20.28 -4.64 21.12
CA TYR B 681 20.67 -3.35 21.66
C TYR B 681 21.90 -2.80 20.95
N SER B 682 22.79 -3.66 20.48
CA SER B 682 23.95 -3.19 19.75
C SER B 682 23.56 -2.69 18.38
N ASN B 683 22.88 -3.54 17.61
CA ASN B 683 22.43 -3.21 16.26
C ASN B 683 21.45 -2.06 16.21
N ASP B 684 20.97 -1.57 17.34
CA ASP B 684 20.22 -0.32 17.39
C ASP B 684 21.14 0.89 17.40
N PHE B 685 22.05 0.98 18.36
CA PHE B 685 23.10 1.98 18.31
C PHE B 685 23.89 1.90 17.01
N GLY B 686 24.45 0.72 16.73
CA GLY B 686 25.21 0.46 15.53
C GLY B 686 24.53 0.81 14.23
N GLN B 687 23.22 0.98 14.24
CA GLN B 687 22.46 1.48 13.12
C GLN B 687 22.23 2.97 13.17
N LEU B 688 22.32 3.60 14.34
CA LEU B 688 22.26 5.04 14.40
C LEU B 688 23.48 5.67 13.77
N ALA B 689 24.66 5.10 14.03
CA ALA B 689 25.89 5.59 13.45
C ALA B 689 25.83 5.58 11.93
N VAL B 690 25.38 4.47 11.35
CA VAL B 690 25.18 4.38 9.91
C VAL B 690 24.20 5.44 9.43
N GLU B 691 23.12 5.63 10.17
CA GLU B 691 22.10 6.59 9.78
C GLU B 691 22.47 8.01 10.18
N LEU B 692 23.44 8.16 11.08
CA LEU B 692 23.97 9.48 11.38
C LEU B 692 25.03 9.87 10.35
N LEU B 693 25.76 8.88 9.85
CA LEU B 693 26.77 9.13 8.84
C LEU B 693 26.16 9.65 7.54
N GLU B 694 25.18 8.91 6.99
CA GLU B 694 24.57 9.28 5.73
C GLU B 694 23.98 10.69 5.80
N GLN B 695 23.50 11.08 6.97
CA GLN B 695 23.03 12.43 7.20
C GLN B 695 24.15 13.45 7.22
N SER B 696 25.38 13.01 7.37
CA SER B 696 26.56 13.85 7.32
C SER B 696 27.28 13.77 5.99
N PHE B 697 27.24 12.60 5.34
CA PHE B 697 27.79 12.45 4.00
C PHE B 697 27.00 13.22 2.97
N ARG B 698 25.71 13.43 3.20
CA ARG B 698 24.90 14.16 2.25
C ARG B 698 25.02 15.67 2.39
N GLN B 699 25.69 16.16 3.44
CA GLN B 699 25.89 17.60 3.64
C GLN B 699 27.19 18.06 3.00
N ASP B 700 28.31 17.55 3.51
CA ASP B 700 29.65 17.88 3.04
C ASP B 700 30.46 16.60 3.16
N GLU B 701 30.57 15.88 2.05
CA GLU B 701 31.22 14.58 2.00
C GLU B 701 32.65 14.63 2.51
N THR B 702 33.28 15.80 2.45
CA THR B 702 34.66 15.93 2.90
C THR B 702 34.74 15.84 4.41
N MET B 703 34.01 16.71 5.11
CA MET B 703 34.08 16.72 6.56
C MET B 703 33.57 15.41 7.14
N ALA B 704 32.57 14.82 6.50
CA ALA B 704 32.05 13.53 6.93
C ALA B 704 33.05 12.40 6.76
N MET B 705 34.15 12.60 6.03
CA MET B 705 35.26 11.68 6.02
C MET B 705 36.30 12.02 7.09
N LYS B 706 36.37 13.28 7.51
CA LYS B 706 37.16 13.64 8.67
C LYS B 706 36.57 13.14 9.97
N LEU B 707 35.25 12.97 10.03
CA LEU B 707 34.63 12.47 11.24
C LEU B 707 35.09 11.05 11.56
N LEU B 708 35.36 10.27 10.52
CA LEU B 708 35.73 8.89 10.67
C LEU B 708 37.16 8.69 11.09
N THR B 709 37.93 9.76 11.29
CA THR B 709 39.37 9.66 11.43
C THR B 709 39.98 10.51 12.52
N TYR B 710 39.28 11.50 13.07
CA TYR B 710 39.88 12.35 14.08
C TYR B 710 40.04 11.59 15.38
N GLU B 711 41.20 11.77 15.99
CA GLU B 711 41.50 11.14 17.27
C GLU B 711 40.53 11.65 18.32
N LEU B 712 39.92 10.73 19.05
CA LEU B 712 38.75 11.08 19.84
C LEU B 712 39.12 11.70 21.19
N LYS B 713 40.13 11.15 21.86
CA LYS B 713 40.75 11.74 23.05
C LYS B 713 39.91 11.62 24.32
N ASN B 714 38.65 11.22 24.19
CA ASN B 714 37.82 10.79 25.30
C ASN B 714 37.53 9.30 25.24
N TRP B 715 38.01 8.61 24.21
CA TRP B 715 37.74 7.21 23.96
C TRP B 715 39.02 6.49 23.59
N SER B 716 40.07 6.80 24.34
CA SER B 716 41.37 6.11 24.29
C SER B 716 42.11 6.39 22.98
N ASN B 717 42.04 7.62 22.51
CA ASN B 717 42.79 8.07 21.34
C ASN B 717 42.46 7.22 20.12
N SER B 718 41.26 6.66 20.10
CA SER B 718 40.78 5.82 19.03
C SER B 718 40.01 6.68 18.05
N THR B 719 39.26 6.03 17.17
CA THR B 719 38.76 6.62 15.95
C THR B 719 37.36 6.09 15.69
N CYS B 720 36.48 6.95 15.18
CA CYS B 720 35.10 6.54 14.94
C CYS B 720 34.97 5.38 13.97
N LEU B 721 36.01 5.05 13.22
CA LEU B 721 36.00 3.93 12.31
C LEU B 721 36.67 2.70 12.87
N LYS B 722 37.75 2.87 13.63
CA LYS B 722 38.40 1.73 14.27
C LYS B 722 37.52 1.06 15.30
N LEU B 723 36.46 1.70 15.74
CA LEU B 723 35.48 1.12 16.64
C LEU B 723 34.48 0.27 15.89
N ALA B 724 34.06 0.72 14.71
CA ALA B 724 33.17 -0.06 13.87
C ALA B 724 33.81 -1.36 13.44
N VAL B 725 35.04 -1.29 12.95
CA VAL B 725 35.81 -2.47 12.60
C VAL B 725 35.99 -3.40 13.78
N SER B 726 36.04 -2.85 14.99
CA SER B 726 36.18 -3.67 16.18
C SER B 726 34.89 -4.41 16.48
N SER B 727 33.76 -3.81 16.16
CA SER B 727 32.45 -4.39 16.38
C SER B 727 31.93 -5.17 15.19
N ARG B 728 32.73 -5.30 14.12
CA ARG B 728 32.34 -6.01 12.92
C ARG B 728 31.02 -5.48 12.38
N LEU B 729 30.92 -4.15 12.35
CA LEU B 729 29.70 -3.46 11.96
C LEU B 729 29.79 -3.13 10.47
N ARG B 730 29.62 -4.17 9.67
CA ARG B 730 29.73 -4.14 8.22
C ARG B 730 29.00 -2.99 7.51
N PRO B 731 27.80 -2.58 7.93
CA PRO B 731 27.07 -1.57 7.14
C PRO B 731 27.65 -0.17 7.20
N PHE B 732 28.62 0.08 8.07
CA PHE B 732 29.25 1.37 8.24
C PHE B 732 30.53 1.48 7.43
N VAL B 733 31.39 0.49 7.57
CA VAL B 733 32.60 0.33 6.76
C VAL B 733 32.21 0.11 5.32
N ALA B 734 31.01 -0.40 5.08
CA ALA B 734 30.47 -0.57 3.73
C ALA B 734 29.53 0.55 3.34
N HIS B 735 29.62 1.70 3.99
CA HIS B 735 28.90 2.89 3.57
C HIS B 735 29.70 3.51 2.45
N THR B 736 29.13 4.47 1.74
CA THR B 736 29.81 5.08 0.61
C THR B 736 30.65 6.28 1.00
N CYS B 737 30.91 6.48 2.29
CA CYS B 737 31.84 7.47 2.79
C CYS B 737 33.10 6.79 3.30
N THR B 738 32.93 5.65 3.95
CA THR B 738 34.04 4.79 4.34
C THR B 738 34.67 4.08 3.16
N GLN B 739 34.21 4.32 1.94
CA GLN B 739 34.77 3.73 0.74
C GLN B 739 35.40 4.76 -0.15
N MET B 740 34.88 5.98 -0.13
CA MET B 740 35.47 7.10 -0.83
C MET B 740 36.66 7.68 -0.09
N LEU B 741 36.71 7.51 1.22
CA LEU B 741 37.93 7.78 1.97
C LEU B 741 38.99 6.75 1.68
N LEU B 742 38.63 5.48 1.73
CA LEU B 742 39.58 4.43 1.50
C LEU B 742 40.17 4.50 0.11
N SER B 743 39.41 5.00 -0.84
CA SER B 743 39.96 5.28 -2.15
C SER B 743 40.93 6.43 -2.08
N ASP B 744 40.58 7.47 -1.34
CA ASP B 744 41.43 8.64 -1.23
C ASP B 744 42.75 8.31 -0.55
N MET B 745 42.78 7.30 0.31
CA MET B 745 44.04 6.79 0.82
C MET B 745 44.72 5.84 -0.15
N TRP B 746 43.94 5.07 -0.89
CA TRP B 746 44.49 4.18 -1.91
C TRP B 746 45.29 4.97 -2.92
N MET B 747 44.80 6.14 -3.29
CA MET B 747 45.54 7.05 -4.14
C MET B 747 46.84 7.48 -3.49
N GLY B 748 46.71 8.20 -2.38
CA GLY B 748 47.84 8.79 -1.69
C GLY B 748 47.95 10.25 -2.03
N ARG B 749 49.17 10.69 -2.34
CA ARG B 749 49.41 12.01 -2.88
C ARG B 749 49.12 12.10 -4.38
N LEU B 750 48.72 11.00 -4.99
CA LEU B 750 48.33 10.96 -6.40
C LEU B 750 46.90 11.41 -6.58
N ASN B 751 46.63 12.12 -7.68
CA ASN B 751 45.27 12.45 -8.08
C ASN B 751 44.86 11.51 -9.22
N MET B 752 44.54 10.29 -8.84
CA MET B 752 44.31 9.26 -9.85
C MET B 752 43.00 9.41 -10.58
N ARG B 753 42.17 10.41 -10.30
CA ARG B 753 41.05 10.69 -11.19
C ARG B 753 41.50 11.31 -12.49
N LYS B 754 42.59 12.08 -12.48
CA LYS B 754 43.19 12.60 -13.70
C LYS B 754 44.14 11.58 -14.31
N ASN B 755 45.08 11.09 -13.54
CA ASN B 755 45.98 10.05 -13.99
C ASN B 755 45.21 8.77 -14.25
N SER B 756 45.88 7.78 -14.83
CA SER B 756 45.25 6.53 -15.19
C SER B 756 46.20 5.40 -14.85
N TRP B 757 45.62 4.24 -14.55
CA TRP B 757 46.37 3.06 -14.11
C TRP B 757 47.44 2.65 -15.11
N TYR B 758 47.25 3.01 -16.39
CA TYR B 758 48.32 2.85 -17.37
C TYR B 758 49.59 3.57 -16.93
N LYS B 759 49.43 4.77 -16.37
CA LYS B 759 50.59 5.61 -16.10
C LYS B 759 51.37 5.11 -14.90
N VAL B 760 50.68 4.54 -13.93
CA VAL B 760 51.34 4.04 -12.73
C VAL B 760 52.21 2.84 -13.06
N ILE B 761 51.64 1.87 -13.78
CA ILE B 761 52.39 0.70 -14.22
C ILE B 761 53.59 1.12 -15.03
N LEU B 762 53.43 2.15 -15.87
CA LEU B 762 54.56 2.72 -16.58
C LEU B 762 55.52 3.40 -15.61
N SER B 763 54.99 4.26 -14.76
CA SER B 763 55.82 5.07 -13.87
C SER B 763 56.60 4.23 -12.87
N ILE B 764 56.21 2.97 -12.66
CA ILE B 764 56.98 2.06 -11.82
C ILE B 764 58.17 1.51 -12.57
N LEU B 765 57.94 0.96 -13.75
CA LEU B 765 59.01 0.47 -14.61
C LEU B 765 59.72 1.58 -15.34
N VAL B 766 59.25 2.82 -15.21
CA VAL B 766 59.91 4.01 -15.74
C VAL B 766 59.94 5.01 -14.60
N PRO B 767 60.94 4.98 -13.71
CA PRO B 767 60.98 5.90 -12.57
C PRO B 767 60.88 7.36 -12.96
N PRO B 768 61.61 7.84 -13.98
CA PRO B 768 61.53 9.28 -14.29
C PRO B 768 60.21 9.71 -14.91
N ALA B 769 59.30 8.78 -15.18
CA ALA B 769 57.94 9.16 -15.55
C ALA B 769 57.08 9.50 -14.35
N ILE B 770 57.60 9.33 -13.14
CA ILE B 770 56.91 9.78 -11.94
C ILE B 770 56.76 11.29 -11.96
N LEU B 771 57.68 11.99 -12.60
CA LEU B 771 57.71 13.44 -12.59
C LEU B 771 56.71 14.07 -13.54
N MET B 772 55.91 13.25 -14.24
CA MET B 772 54.83 13.74 -15.09
C MET B 772 53.46 13.34 -14.55
N LEU B 773 53.39 12.88 -13.31
CA LEU B 773 52.15 12.49 -12.68
C LEU B 773 51.62 13.65 -11.84
N GLU B 774 50.34 13.90 -11.97
CA GLU B 774 49.72 15.08 -11.37
C GLU B 774 49.24 14.74 -9.96
N TYR B 775 49.94 15.28 -8.97
CA TYR B 775 49.69 14.98 -7.58
C TYR B 775 48.60 15.91 -7.02
N LYS B 776 48.40 15.83 -5.70
CA LYS B 776 47.35 16.53 -5.00
C LYS B 776 47.96 17.53 -4.01
N THR B 777 47.28 18.65 -3.83
CA THR B 777 47.75 19.65 -2.91
C THR B 777 47.43 19.26 -1.47
N LYS B 778 48.08 19.93 -0.54
CA LYS B 778 47.84 19.72 0.89
C LYS B 778 46.41 20.07 1.26
N ALA B 779 45.74 20.89 0.45
CA ALA B 779 44.33 21.15 0.62
C ALA B 779 43.47 19.94 0.27
N GLU B 780 43.82 19.23 -0.80
CA GLU B 780 43.09 18.06 -1.24
C GLU B 780 43.41 16.82 -0.42
N MET B 781 44.32 16.92 0.54
CA MET B 781 44.65 15.83 1.46
C MET B 781 44.46 16.25 2.91
N SER B 782 43.40 17.01 3.16
CA SER B 782 43.05 17.39 4.51
C SER B 782 42.23 16.31 5.19
N HIS B 783 41.29 15.71 4.47
CA HIS B 783 40.44 14.66 4.98
C HIS B 783 41.11 13.29 5.01
N ILE B 784 42.39 13.20 4.66
CA ILE B 784 43.07 11.94 4.44
C ILE B 784 44.06 11.77 5.58
N PRO B 785 43.87 10.82 6.49
CA PRO B 785 44.87 10.65 7.54
C PRO B 785 46.20 10.19 6.98
N GLN B 786 47.26 10.67 7.59
CA GLN B 786 48.62 10.48 7.11
C GLN B 786 49.49 9.97 8.25
N SER B 787 50.67 9.51 7.90
CA SER B 787 51.69 9.24 8.90
C SER B 787 52.41 10.53 9.23
N GLN B 788 53.30 10.45 10.21
CA GLN B 788 54.05 11.62 10.64
C GLN B 788 54.91 12.16 9.50
N ASP B 789 55.55 11.25 8.77
CA ASP B 789 56.53 11.66 7.77
C ASP B 789 55.89 12.38 6.60
N ALA B 790 54.72 11.92 6.16
CA ALA B 790 54.05 12.56 5.03
C ALA B 790 53.53 13.93 5.43
N HIS B 791 53.09 14.07 6.68
CA HIS B 791 52.75 15.39 7.19
C HIS B 791 53.95 16.31 7.11
N GLN B 792 55.14 15.82 7.48
CA GLN B 792 56.36 16.62 7.41
C GLN B 792 56.70 17.03 5.99
N MET B 793 56.61 16.11 5.04
CA MET B 793 56.85 16.45 3.63
C MET B 793 55.85 17.47 3.10
N THR B 794 54.71 17.64 3.77
CA THR B 794 53.76 18.69 3.46
C THR B 794 53.91 19.91 4.36
N MET B 795 54.67 19.80 5.45
CA MET B 795 55.09 20.96 6.24
C MET B 795 56.42 21.53 5.76
N GLU B 796 57.48 20.73 5.76
CA GLU B 796 58.79 21.18 5.32
C GLU B 796 58.87 21.19 3.79
N LEU B 838 55.52 20.84 -6.35
CA LEU B 838 56.22 19.97 -5.41
C LEU B 838 57.64 19.70 -5.93
N PRO B 839 58.66 19.71 -5.06
CA PRO B 839 60.01 19.45 -5.57
C PRO B 839 60.20 18.01 -6.00
N ILE B 840 61.29 17.79 -6.74
CA ILE B 840 61.61 16.51 -7.35
C ILE B 840 61.76 15.45 -6.28
N THR B 841 62.44 15.75 -5.18
CA THR B 841 62.70 14.74 -4.17
C THR B 841 61.44 14.38 -3.38
N ARG B 842 60.57 15.35 -3.10
CA ARG B 842 59.29 15.06 -2.49
C ARG B 842 58.27 14.53 -3.49
N LYS B 843 58.59 14.58 -4.79
CA LYS B 843 57.68 14.10 -5.82
C LYS B 843 57.91 12.62 -6.14
N PHE B 844 58.98 12.01 -5.61
CA PHE B 844 59.13 10.56 -5.65
C PHE B 844 58.53 9.91 -4.43
N TYR B 845 58.99 10.32 -3.25
CA TYR B 845 58.51 9.84 -1.96
C TYR B 845 57.00 9.76 -1.87
N ALA B 846 56.27 10.67 -2.49
CA ALA B 846 54.82 10.64 -2.47
C ALA B 846 54.23 9.60 -3.38
N PHE B 847 55.01 9.12 -4.34
CA PHE B 847 54.57 8.07 -5.26
C PHE B 847 54.77 6.72 -4.58
N TYR B 848 56.02 6.41 -4.27
CA TYR B 848 56.40 5.10 -3.79
C TYR B 848 55.71 4.72 -2.49
N HIS B 849 55.33 5.69 -1.68
CA HIS B 849 54.64 5.47 -0.42
C HIS B 849 53.14 5.62 -0.57
N ALA B 850 52.63 5.29 -1.76
CA ALA B 850 51.21 5.28 -2.06
C ALA B 850 50.70 3.85 -2.01
N PRO B 851 49.53 3.56 -1.46
CA PRO B 851 49.09 2.17 -1.41
C PRO B 851 48.85 1.56 -2.78
N ILE B 852 48.29 2.35 -3.69
CA ILE B 852 48.03 1.85 -5.04
C ILE B 852 49.31 1.50 -5.74
N VAL B 853 50.39 2.21 -5.43
CA VAL B 853 51.68 1.90 -6.02
C VAL B 853 52.31 0.67 -5.40
N LYS B 854 52.28 0.55 -4.08
CA LYS B 854 52.74 -0.66 -3.42
C LYS B 854 52.00 -1.89 -3.89
N PHE B 855 50.76 -1.73 -4.36
CA PHE B 855 50.01 -2.83 -4.91
C PHE B 855 50.52 -3.21 -6.29
N TRP B 856 50.44 -2.29 -7.25
CA TRP B 856 50.86 -2.53 -8.62
C TRP B 856 52.35 -2.73 -8.77
N PHE B 857 53.11 -2.64 -7.68
CA PHE B 857 54.53 -2.89 -7.59
C PHE B 857 54.83 -4.21 -6.92
N ASN B 858 53.81 -4.84 -6.32
CA ASN B 858 53.84 -6.21 -5.85
C ASN B 858 53.18 -7.17 -6.83
N THR B 859 52.04 -6.77 -7.39
CA THR B 859 51.39 -7.57 -8.43
C THR B 859 52.35 -7.90 -9.56
N LEU B 860 53.02 -6.90 -10.09
CA LEU B 860 53.95 -7.11 -11.18
C LEU B 860 55.17 -7.88 -10.75
N ALA B 861 55.40 -8.01 -9.46
CA ALA B 861 56.43 -8.92 -8.95
C ALA B 861 55.85 -10.32 -8.80
N TYR B 862 54.73 -10.41 -8.11
CA TYR B 862 54.04 -11.69 -7.94
C TYR B 862 53.68 -12.32 -9.26
N LEU B 863 53.21 -11.52 -10.21
CA LEU B 863 52.98 -12.00 -11.54
C LEU B 863 54.27 -12.24 -12.32
N GLY B 864 55.42 -11.95 -11.73
CA GLY B 864 56.70 -12.32 -12.28
C GLY B 864 57.32 -13.45 -11.47
N PHE B 865 56.74 -13.70 -10.30
CA PHE B 865 57.00 -14.90 -9.52
C PHE B 865 56.25 -16.11 -10.06
N LEU B 866 54.96 -15.97 -10.35
CA LEU B 866 54.18 -17.04 -10.90
C LEU B 866 54.57 -17.39 -12.32
N MET B 867 55.27 -16.54 -13.04
CA MET B 867 55.73 -16.85 -14.37
C MET B 867 57.06 -17.59 -14.37
N LEU B 868 57.82 -17.47 -13.28
CA LEU B 868 59.06 -18.21 -13.10
C LEU B 868 58.84 -19.53 -12.40
N TYR B 869 58.12 -19.51 -11.30
CA TYR B 869 57.72 -20.72 -10.61
C TYR B 869 57.02 -21.69 -11.55
N THR B 870 56.04 -21.19 -12.29
CA THR B 870 55.41 -21.95 -13.35
C THR B 870 56.42 -22.52 -14.33
N PHE B 871 57.47 -21.77 -14.66
CA PHE B 871 58.50 -22.25 -15.58
C PHE B 871 59.30 -23.37 -14.95
N VAL B 872 59.59 -23.26 -13.65
CA VAL B 872 60.36 -24.28 -12.94
C VAL B 872 59.55 -25.57 -12.84
N VAL B 873 58.30 -25.43 -12.44
CA VAL B 873 57.38 -26.55 -12.24
C VAL B 873 57.24 -27.38 -13.50
N LEU B 874 57.15 -26.73 -14.67
CA LEU B 874 56.94 -27.40 -15.93
C LEU B 874 58.22 -27.96 -16.53
N VAL B 875 59.28 -27.22 -16.42
CA VAL B 875 60.56 -27.57 -17.01
C VAL B 875 61.32 -28.47 -16.05
N LYS B 876 62.18 -29.32 -16.60
CA LYS B 876 62.89 -30.29 -15.78
C LYS B 876 63.80 -29.60 -14.79
N MET B 877 64.19 -30.33 -13.76
CA MET B 877 64.87 -29.76 -12.62
C MET B 877 66.07 -30.62 -12.27
N GLU B 878 67.26 -30.04 -12.46
CA GLU B 878 68.53 -30.72 -12.36
C GLU B 878 68.94 -30.77 -10.89
N GLN B 879 70.20 -31.09 -10.62
CA GLN B 879 70.63 -31.32 -9.25
C GLN B 879 70.50 -30.04 -8.43
N LEU B 880 70.88 -28.91 -9.01
CA LEU B 880 70.92 -27.63 -8.35
C LEU B 880 69.84 -26.71 -8.90
N PRO B 881 69.27 -25.82 -8.09
CA PRO B 881 68.26 -24.91 -8.62
C PRO B 881 68.83 -23.99 -9.69
N SER B 882 68.05 -23.82 -10.74
CA SER B 882 68.34 -22.83 -11.76
C SER B 882 68.11 -21.43 -11.21
N VAL B 883 68.58 -20.44 -11.99
CA VAL B 883 68.53 -19.04 -11.60
C VAL B 883 67.11 -18.66 -11.25
N GLN B 884 66.15 -19.19 -12.00
CA GLN B 884 64.76 -18.92 -11.74
C GLN B 884 64.37 -19.43 -10.36
N GLU B 885 64.70 -20.68 -10.05
CA GLU B 885 64.24 -21.30 -8.81
C GLU B 885 64.88 -20.66 -7.59
N TRP B 886 66.09 -20.11 -7.74
CA TRP B 886 66.66 -19.34 -6.65
C TRP B 886 65.87 -18.08 -6.38
N ILE B 887 65.49 -17.36 -7.44
CA ILE B 887 64.64 -16.19 -7.31
C ILE B 887 63.31 -16.57 -6.71
N VAL B 888 62.84 -17.79 -6.94
CA VAL B 888 61.57 -18.24 -6.43
C VAL B 888 61.63 -18.41 -4.92
N ILE B 889 62.67 -19.07 -4.45
CA ILE B 889 62.92 -19.25 -3.03
C ILE B 889 63.07 -17.91 -2.35
N ALA B 890 63.77 -16.99 -3.01
CA ALA B 890 64.02 -15.66 -2.48
C ALA B 890 62.72 -14.93 -2.18
N TYR B 891 61.80 -14.93 -3.13
CA TYR B 891 60.51 -14.31 -2.91
C TYR B 891 59.84 -14.90 -1.68
N ILE B 892 59.69 -16.22 -1.65
CA ILE B 892 58.93 -16.87 -0.57
C ILE B 892 59.56 -16.58 0.78
N PHE B 893 60.87 -16.75 0.88
CA PHE B 893 61.61 -16.49 2.10
C PHE B 893 61.39 -15.06 2.59
N THR B 894 61.79 -14.10 1.76
CA THR B 894 61.56 -12.69 2.05
C THR B 894 60.08 -12.37 2.23
N TYR B 895 59.22 -13.08 1.52
CA TYR B 895 57.79 -12.93 1.73
C TYR B 895 57.38 -13.44 3.09
N ALA B 896 57.96 -14.55 3.52
CA ALA B 896 57.64 -15.10 4.84
C ALA B 896 57.98 -14.11 5.93
N ILE B 897 59.15 -13.50 5.84
CA ILE B 897 59.59 -12.49 6.79
C ILE B 897 58.57 -11.35 6.84
N GLU B 898 58.07 -10.92 5.69
CA GLU B 898 57.00 -9.94 5.65
C GLU B 898 55.76 -10.39 6.39
N LYS B 899 55.53 -11.70 6.44
CA LYS B 899 54.35 -12.23 7.12
C LYS B 899 54.59 -12.37 8.63
N VAL B 900 55.85 -12.52 9.05
CA VAL B 900 56.15 -12.56 10.47
C VAL B 900 56.05 -11.16 11.06
N ARG B 901 56.79 -10.22 10.49
CA ARG B 901 56.75 -8.83 10.93
C ARG B 901 55.35 -8.25 10.84
N GLU B 902 54.52 -8.78 9.95
CA GLU B 902 53.11 -8.41 9.89
C GLU B 902 52.36 -8.86 11.13
N VAL B 903 52.87 -9.88 11.82
CA VAL B 903 52.23 -10.40 13.01
C VAL B 903 52.73 -9.64 14.24
N PHE B 904 54.03 -9.69 14.47
CA PHE B 904 54.62 -9.08 15.67
C PHE B 904 54.30 -7.59 15.78
N MET B 905 54.28 -6.88 14.66
CA MET B 905 53.96 -5.46 14.64
C MET B 905 52.49 -5.23 14.30
N SER B 906 51.64 -6.19 14.67
CA SER B 906 50.20 -6.05 14.48
C SER B 906 49.60 -5.16 15.57
N GLU B 907 48.36 -4.72 15.32
CA GLU B 907 47.70 -3.81 16.26
C GLU B 907 47.40 -4.49 17.58
N ALA B 908 47.05 -5.77 17.55
CA ALA B 908 46.64 -6.52 18.73
C ALA B 908 47.70 -6.50 19.83
N GLY B 909 47.30 -6.89 21.03
CA GLY B 909 48.13 -6.79 22.21
C GLY B 909 48.87 -8.07 22.51
N LYS B 910 48.34 -8.86 23.44
CA LYS B 910 48.94 -10.15 23.79
C LYS B 910 49.15 -10.99 22.55
N ILE B 911 50.30 -11.65 22.48
CA ILE B 911 50.67 -12.42 21.29
C ILE B 911 49.60 -13.46 20.97
N SER B 912 49.00 -14.05 22.00
CA SER B 912 47.94 -15.02 21.78
C SER B 912 46.76 -14.42 21.03
N GLN B 913 46.61 -13.10 21.09
CA GLN B 913 45.58 -12.42 20.30
C GLN B 913 46.10 -12.00 18.94
N LYS B 914 47.41 -11.75 18.82
CA LYS B 914 48.01 -11.50 17.51
C LYS B 914 48.00 -12.76 16.66
N ILE B 915 48.05 -13.92 17.30
CA ILE B 915 48.14 -15.23 16.65
C ILE B 915 46.73 -15.79 16.51
N LYS B 916 45.72 -14.92 16.61
CA LYS B 916 44.32 -15.32 16.52
C LYS B 916 43.54 -14.46 15.53
N VAL B 917 44.11 -13.35 15.06
CA VAL B 917 43.49 -12.51 14.04
C VAL B 917 44.15 -12.78 12.70
N TRP B 918 45.45 -13.02 12.72
CA TRP B 918 46.18 -13.32 11.50
C TRP B 918 45.95 -14.74 11.00
N PHE B 919 45.43 -15.63 11.85
CA PHE B 919 45.02 -16.96 11.42
C PHE B 919 43.51 -17.07 11.23
N SER B 920 42.78 -15.97 11.33
CA SER B 920 41.36 -15.92 10.99
C SER B 920 41.17 -15.33 9.60
N ASP B 921 42.07 -15.67 8.69
CA ASP B 921 42.16 -15.09 7.37
C ASP B 921 42.52 -16.20 6.40
N TYR B 922 41.72 -16.36 5.34
CA TYR B 922 41.86 -17.52 4.48
C TYR B 922 43.22 -17.57 3.82
N PHE B 923 43.81 -16.42 3.53
CA PHE B 923 45.05 -16.38 2.78
C PHE B 923 46.28 -16.35 3.65
N ASN B 924 46.13 -16.06 4.94
CA ASN B 924 47.26 -16.09 5.84
C ASN B 924 47.48 -17.50 6.39
N VAL B 925 46.42 -18.30 6.43
CA VAL B 925 46.55 -19.73 6.61
C VAL B 925 47.19 -20.36 5.38
N SER B 926 46.66 -20.03 4.21
CA SER B 926 47.14 -20.59 2.96
C SER B 926 48.56 -20.20 2.64
N ASP B 927 49.01 -19.06 3.13
CA ASP B 927 50.43 -18.75 3.10
C ASP B 927 51.24 -19.63 4.02
N THR B 928 50.83 -19.72 5.28
CA THR B 928 51.44 -20.60 6.25
C THR B 928 51.57 -22.02 5.73
N ILE B 929 50.52 -22.53 5.08
CA ILE B 929 50.56 -23.87 4.51
C ILE B 929 51.48 -23.91 3.30
N ALA B 930 51.62 -22.79 2.60
CA ALA B 930 52.39 -22.74 1.38
C ALA B 930 53.85 -22.35 1.61
N ILE B 931 54.14 -21.60 2.66
CA ILE B 931 55.51 -21.27 3.00
C ILE B 931 56.16 -22.41 3.76
N ILE B 932 55.40 -23.05 4.66
CA ILE B 932 55.88 -24.25 5.32
C ILE B 932 56.09 -25.38 4.35
N SER B 933 55.22 -25.54 3.36
CA SER B 933 55.30 -26.63 2.42
C SER B 933 56.41 -26.49 1.40
N PHE B 934 56.67 -25.29 0.92
CA PHE B 934 57.74 -25.09 -0.04
C PHE B 934 59.10 -25.40 0.56
N PHE B 935 59.24 -25.25 1.86
CA PHE B 935 60.48 -25.52 2.55
C PHE B 935 60.59 -26.96 3.03
N VAL B 936 59.49 -27.69 3.04
CA VAL B 936 59.57 -29.15 2.95
C VAL B 936 60.02 -29.55 1.57
N GLY B 937 59.61 -28.82 0.55
CA GLY B 937 59.96 -29.12 -0.82
C GLY B 937 61.40 -28.76 -1.12
N PHE B 938 61.82 -27.57 -0.74
CA PHE B 938 63.21 -27.21 -0.93
C PHE B 938 64.12 -28.05 -0.05
N GLY B 939 63.62 -28.49 1.09
CA GLY B 939 64.43 -29.35 1.94
C GLY B 939 64.73 -30.68 1.28
N LEU B 940 63.71 -31.33 0.74
CA LEU B 940 63.87 -32.64 0.11
C LEU B 940 64.39 -32.56 -1.31
N ARG B 941 64.43 -31.39 -1.91
CA ARG B 941 64.95 -31.19 -3.26
C ARG B 941 66.43 -30.87 -3.28
N PHE B 942 66.86 -29.95 -2.43
CA PHE B 942 68.26 -29.62 -2.29
C PHE B 942 68.97 -30.66 -1.41
N GLY B 943 68.29 -31.13 -0.38
CA GLY B 943 68.79 -32.17 0.48
C GLY B 943 68.50 -33.57 -0.02
N ALA B 944 69.24 -34.04 -1.01
CA ALA B 944 68.98 -35.37 -1.54
C ALA B 944 70.21 -35.86 -2.31
N LYS B 945 70.21 -37.16 -2.64
CA LYS B 945 71.42 -37.84 -3.08
C LYS B 945 71.58 -37.78 -4.60
N TRP B 946 70.49 -37.63 -5.33
CA TRP B 946 70.58 -37.35 -6.77
C TRP B 946 71.30 -38.46 -7.52
N ASN B 947 70.60 -39.55 -7.83
CA ASN B 947 71.16 -40.81 -8.34
C ASN B 947 72.19 -40.64 -9.47
N TYR B 948 72.27 -39.48 -10.14
CA TYR B 948 73.32 -39.17 -11.13
C TYR B 948 73.15 -39.99 -12.42
N ILE B 949 72.03 -40.67 -12.56
CA ILE B 949 71.76 -41.50 -13.73
C ILE B 949 70.43 -41.04 -14.32
N ASN B 950 69.42 -40.91 -13.48
CA ASN B 950 68.11 -40.37 -13.85
C ASN B 950 67.52 -39.79 -12.58
N ALA B 951 67.06 -38.55 -12.64
CA ALA B 951 66.18 -38.07 -11.61
C ALA B 951 64.87 -38.83 -11.69
N TYR B 952 64.01 -38.62 -10.72
CA TYR B 952 62.81 -39.43 -10.52
C TYR B 952 63.12 -40.90 -10.30
N ASP B 953 64.31 -41.18 -9.78
CA ASP B 953 64.63 -42.46 -9.17
C ASP B 953 65.03 -42.28 -7.71
N ASN B 954 64.96 -41.07 -7.18
CA ASN B 954 65.11 -40.76 -5.77
C ASN B 954 63.77 -40.21 -5.30
N HIS B 955 63.01 -41.03 -4.59
CA HIS B 955 61.68 -40.66 -4.14
C HIS B 955 61.70 -39.45 -3.21
N VAL B 956 62.85 -39.18 -2.63
CA VAL B 956 63.05 -37.95 -1.88
C VAL B 956 62.99 -36.75 -2.82
N PHE B 957 63.74 -36.82 -3.91
CA PHE B 957 63.72 -35.76 -4.91
C PHE B 957 62.35 -35.59 -5.52
N VAL B 958 61.75 -36.71 -5.96
CA VAL B 958 60.40 -36.76 -6.48
C VAL B 958 59.46 -36.04 -5.55
N ALA B 959 59.55 -36.41 -4.28
CA ALA B 959 58.65 -35.86 -3.29
C ALA B 959 58.77 -34.35 -3.24
N GLY B 960 59.99 -33.84 -3.14
CA GLY B 960 60.17 -32.41 -2.95
C GLY B 960 59.65 -31.60 -4.10
N ARG B 961 59.65 -32.17 -5.30
CA ARG B 961 59.07 -31.53 -6.46
C ARG B 961 57.55 -31.49 -6.36
N LEU B 962 56.93 -32.65 -6.24
CA LEU B 962 55.47 -32.75 -6.14
C LEU B 962 54.90 -31.89 -5.02
N ILE B 963 55.73 -31.56 -4.03
CA ILE B 963 55.43 -30.46 -3.13
C ILE B 963 55.36 -29.14 -3.90
N TYR B 964 56.33 -28.87 -4.79
CA TYR B 964 56.28 -27.64 -5.57
C TYR B 964 55.07 -27.63 -6.48
N CYS B 965 54.88 -28.71 -7.24
CA CYS B 965 53.87 -28.74 -8.27
C CYS B 965 52.45 -28.71 -7.72
N LEU B 966 52.30 -28.84 -6.41
CA LEU B 966 51.02 -28.77 -5.73
C LEU B 966 50.88 -27.50 -4.92
N ASN B 967 51.98 -27.06 -4.31
CA ASN B 967 51.99 -25.79 -3.60
C ASN B 967 51.60 -24.64 -4.51
N ILE B 968 51.92 -24.79 -5.79
CA ILE B 968 51.57 -23.80 -6.82
C ILE B 968 50.10 -23.42 -6.77
N ILE B 969 49.24 -24.35 -6.40
CA ILE B 969 47.82 -24.07 -6.37
C ILE B 969 47.51 -23.03 -5.30
N PHE B 970 48.34 -22.97 -4.26
CA PHE B 970 48.13 -21.92 -3.26
C PHE B 970 48.46 -20.56 -3.84
N TRP B 971 49.29 -20.53 -4.89
CA TRP B 971 49.83 -19.27 -5.38
C TRP B 971 49.10 -18.75 -6.60
N TYR B 972 48.40 -19.58 -7.37
CA TYR B 972 47.47 -19.06 -8.35
C TYR B 972 46.18 -18.62 -7.70
N VAL B 973 45.71 -19.39 -6.72
CA VAL B 973 44.49 -19.05 -6.00
C VAL B 973 44.63 -17.74 -5.26
N ARG B 974 45.85 -17.29 -5.00
CA ARG B 974 46.06 -16.06 -4.28
C ARG B 974 45.78 -14.84 -5.13
N LEU B 975 45.79 -14.99 -6.46
CA LEU B 975 45.46 -13.90 -7.37
C LEU B 975 44.03 -13.42 -7.22
N LEU B 976 43.21 -14.17 -6.49
CA LEU B 976 41.90 -13.72 -6.09
C LEU B 976 41.96 -12.75 -4.93
N ASP B 977 43.09 -12.70 -4.22
CA ASP B 977 43.34 -11.62 -3.29
C ASP B 977 43.65 -10.33 -4.03
N PHE B 978 44.20 -10.45 -5.23
CA PHE B 978 44.50 -9.30 -6.07
C PHE B 978 43.34 -8.95 -6.96
N LEU B 979 42.64 -9.96 -7.48
CA LEU B 979 41.54 -9.72 -8.40
C LEU B 979 40.31 -9.20 -7.70
N ALA B 980 40.20 -9.41 -6.40
CA ALA B 980 39.07 -8.92 -5.65
C ALA B 980 39.17 -7.46 -5.31
N VAL B 981 40.27 -6.81 -5.68
CA VAL B 981 40.41 -5.36 -5.50
C VAL B 981 39.34 -4.63 -6.29
N ASN B 982 38.91 -5.18 -7.41
CA ASN B 982 37.94 -4.53 -8.27
C ASN B 982 36.54 -4.62 -7.70
N GLN B 983 35.76 -3.58 -7.96
CA GLN B 983 34.41 -3.45 -7.47
C GLN B 983 33.44 -4.40 -8.14
N GLN B 984 33.82 -5.00 -9.26
CA GLN B 984 33.02 -6.02 -9.93
C GLN B 984 33.46 -7.43 -9.63
N ALA B 985 34.76 -7.66 -9.51
CA ALA B 985 35.30 -8.99 -9.29
C ALA B 985 35.29 -9.41 -7.85
N GLY B 986 35.45 -8.49 -6.92
CA GLY B 986 35.44 -8.79 -5.51
C GLY B 986 34.29 -9.66 -5.08
N PRO B 987 33.07 -9.19 -5.31
CA PRO B 987 31.89 -9.99 -4.96
C PRO B 987 31.90 -11.41 -5.47
N TYR B 988 32.12 -11.63 -6.76
CA TYR B 988 32.17 -12.97 -7.31
C TYR B 988 33.22 -13.83 -6.64
N VAL B 989 34.28 -13.23 -6.12
CA VAL B 989 35.24 -13.97 -5.33
C VAL B 989 34.72 -14.23 -3.94
N MET B 990 33.92 -13.34 -3.39
CA MET B 990 33.38 -13.49 -2.06
C MET B 990 32.06 -14.26 -2.05
N MET B 991 31.64 -14.80 -3.20
CA MET B 991 30.49 -15.68 -3.32
C MET B 991 30.88 -17.13 -3.31
N ILE B 992 32.03 -17.44 -3.90
CA ILE B 992 32.53 -18.80 -4.00
C ILE B 992 32.82 -19.40 -2.64
N GLY B 993 32.88 -18.58 -1.60
CA GLY B 993 32.86 -19.08 -0.26
C GLY B 993 31.47 -19.39 0.23
N LYS B 994 30.51 -18.52 -0.08
CA LYS B 994 29.15 -18.68 0.40
C LYS B 994 28.30 -19.62 -0.44
N MET B 995 28.88 -20.25 -1.45
CA MET B 995 28.18 -21.22 -2.26
C MET B 995 28.77 -22.59 -2.00
N VAL B 996 30.09 -22.63 -1.79
CA VAL B 996 30.75 -23.82 -1.30
C VAL B 996 30.33 -24.20 0.10
N ALA B 997 30.00 -23.21 0.92
CA ALA B 997 29.60 -23.49 2.29
C ALA B 997 28.15 -23.95 2.32
N ASN B 998 27.25 -23.14 1.79
CA ASN B 998 25.85 -23.50 1.83
C ASN B 998 25.45 -24.46 0.72
N MET B 999 26.26 -25.48 0.43
CA MET B 999 25.75 -26.60 -0.33
C MET B 999 26.42 -27.89 0.07
N PHE B 1000 27.04 -27.91 1.24
CA PHE B 1000 27.67 -29.13 1.73
C PHE B 1000 26.67 -30.26 1.85
N TYR B 1001 25.40 -29.95 2.02
CA TYR B 1001 24.42 -30.96 2.37
C TYR B 1001 23.77 -31.56 1.14
N ILE B 1002 23.67 -30.81 0.04
CA ILE B 1002 23.29 -31.44 -1.21
C ILE B 1002 24.37 -32.38 -1.67
N VAL B 1003 25.63 -32.01 -1.44
CA VAL B 1003 26.78 -32.71 -2.00
C VAL B 1003 27.12 -33.96 -1.22
N VAL B 1004 26.62 -34.11 0.00
CA VAL B 1004 26.67 -35.37 0.71
C VAL B 1004 25.57 -36.28 0.20
N ILE B 1005 24.39 -35.73 -0.09
CA ILE B 1005 23.33 -36.50 -0.72
C ILE B 1005 23.79 -36.97 -2.08
N MET B 1006 24.67 -36.23 -2.72
CA MET B 1006 25.23 -36.67 -3.99
C MET B 1006 26.33 -37.69 -3.86
N ALA B 1007 26.77 -38.00 -2.63
CA ALA B 1007 27.77 -39.03 -2.40
C ALA B 1007 27.22 -40.32 -1.84
N LEU B 1008 26.02 -40.31 -1.28
CA LEU B 1008 25.32 -41.56 -1.01
C LEU B 1008 24.92 -42.24 -2.30
N VAL B 1009 24.34 -41.47 -3.21
CA VAL B 1009 23.86 -41.97 -4.48
C VAL B 1009 24.99 -42.55 -5.28
N LEU B 1010 26.16 -41.95 -5.17
CA LEU B 1010 27.38 -42.41 -5.80
C LEU B 1010 27.80 -43.79 -5.30
N LEU B 1011 27.63 -44.05 -4.01
CA LEU B 1011 28.00 -45.32 -3.43
C LEU B 1011 26.84 -46.30 -3.36
N SER B 1012 25.62 -45.79 -3.30
CA SER B 1012 24.45 -46.60 -3.58
C SER B 1012 24.58 -47.31 -4.93
N PHE B 1013 25.22 -46.67 -5.90
CA PHE B 1013 25.43 -47.22 -7.23
C PHE B 1013 26.78 -47.89 -7.42
N GLY B 1014 27.84 -47.35 -6.82
CA GLY B 1014 29.16 -47.88 -7.06
C GLY B 1014 29.44 -49.19 -6.39
N VAL B 1015 28.77 -49.48 -5.29
CA VAL B 1015 28.99 -50.71 -4.55
C VAL B 1015 28.24 -51.86 -5.21
N PRO B 1016 26.98 -51.71 -5.63
CA PRO B 1016 26.35 -52.80 -6.36
C PRO B 1016 27.02 -53.13 -7.66
N ARG B 1017 27.52 -52.14 -8.37
CA ARG B 1017 28.08 -52.37 -9.70
C ARG B 1017 29.42 -53.07 -9.61
N LYS B 1018 30.27 -52.68 -8.67
CA LYS B 1018 31.55 -53.34 -8.53
C LYS B 1018 31.38 -54.73 -7.93
N ALA B 1019 30.26 -54.96 -7.26
CA ALA B 1019 29.92 -56.27 -6.73
C ALA B 1019 29.33 -57.18 -7.80
N ILE B 1020 28.46 -56.62 -8.65
CA ILE B 1020 27.81 -57.39 -9.69
C ILE B 1020 28.72 -57.70 -10.85
N LEU B 1021 29.74 -56.88 -11.12
CA LEU B 1021 30.56 -56.99 -12.31
C LEU B 1021 31.89 -57.69 -12.08
N TYR B 1022 32.49 -57.54 -10.90
CA TYR B 1022 33.79 -58.10 -10.56
C TYR B 1022 33.64 -59.02 -9.36
N PRO B 1023 33.00 -60.16 -9.51
CA PRO B 1023 32.61 -60.95 -8.34
C PRO B 1023 33.64 -61.96 -7.85
N HIS B 1024 34.92 -61.61 -7.90
CA HIS B 1024 35.96 -62.52 -7.48
C HIS B 1024 37.09 -61.77 -6.80
N GLU B 1025 36.80 -60.55 -6.35
CA GLU B 1025 37.85 -59.64 -5.94
C GLU B 1025 38.25 -59.91 -4.50
N GLU B 1026 39.48 -60.28 -4.31
CA GLU B 1026 40.03 -60.32 -2.99
C GLU B 1026 40.07 -58.91 -2.40
N PRO B 1027 40.27 -58.78 -1.10
CA PRO B 1027 40.39 -57.45 -0.52
C PRO B 1027 41.53 -56.66 -1.13
N SER B 1028 41.27 -55.38 -1.42
CA SER B 1028 42.19 -54.56 -2.18
C SER B 1028 41.83 -53.10 -1.93
N TRP B 1029 42.81 -52.24 -2.20
CA TRP B 1029 42.54 -50.81 -2.20
C TRP B 1029 41.86 -50.34 -3.47
N SER B 1030 41.88 -51.15 -4.53
CA SER B 1030 41.15 -50.82 -5.74
C SER B 1030 39.64 -50.84 -5.52
N LEU B 1031 39.18 -51.57 -4.51
CA LEU B 1031 37.78 -51.56 -4.14
C LEU B 1031 37.35 -50.30 -3.44
N ALA B 1032 38.26 -49.34 -3.26
CA ALA B 1032 37.97 -48.04 -2.69
C ALA B 1032 37.98 -46.94 -3.72
N LYS B 1033 38.63 -47.17 -4.86
CA LYS B 1033 38.57 -46.29 -6.01
C LYS B 1033 37.41 -46.63 -6.92
N ASP B 1034 37.24 -47.89 -7.25
CA ASP B 1034 36.32 -48.27 -8.30
C ASP B 1034 34.87 -48.28 -7.86
N ILE B 1035 34.61 -48.06 -6.57
CA ILE B 1035 33.28 -47.75 -6.08
C ILE B 1035 33.04 -46.26 -6.02
N VAL B 1036 34.02 -45.44 -6.39
CA VAL B 1036 33.91 -44.00 -6.30
C VAL B 1036 34.36 -43.32 -7.58
N PHE B 1037 35.04 -44.06 -8.47
CA PHE B 1037 35.73 -43.44 -9.58
C PHE B 1037 34.80 -43.15 -10.73
N HIS B 1038 34.33 -44.17 -11.43
CA HIS B 1038 33.43 -43.94 -12.56
C HIS B 1038 32.12 -43.28 -12.18
N PRO B 1039 31.51 -43.57 -11.05
CA PRO B 1039 30.29 -42.85 -10.69
C PRO B 1039 30.46 -41.38 -10.40
N TYR B 1040 31.69 -40.89 -10.34
CA TYR B 1040 31.96 -39.47 -10.20
C TYR B 1040 32.15 -38.79 -11.53
N TRP B 1041 32.67 -39.51 -12.50
CA TRP B 1041 32.88 -38.97 -13.81
C TRP B 1041 31.63 -39.01 -14.66
N MET B 1042 30.64 -39.81 -14.27
CA MET B 1042 29.28 -39.79 -14.80
C MET B 1042 28.54 -38.51 -14.53
N ILE B 1043 28.71 -37.91 -13.36
CA ILE B 1043 28.11 -36.62 -13.03
C ILE B 1043 28.48 -35.55 -14.04
N PHE B 1044 29.59 -35.73 -14.75
CA PHE B 1044 30.11 -34.80 -15.72
C PHE B 1044 29.91 -35.28 -17.15
N GLY B 1045 28.95 -36.16 -17.35
CA GLY B 1045 28.50 -36.52 -18.66
C GLY B 1045 29.23 -37.67 -19.32
N GLU B 1046 30.19 -38.29 -18.64
CA GLU B 1046 30.87 -39.45 -19.19
C GLU B 1046 30.12 -40.70 -18.76
N VAL B 1047 29.43 -41.28 -19.73
CA VAL B 1047 28.45 -42.34 -19.48
C VAL B 1047 29.07 -43.72 -19.54
N TYR B 1048 30.26 -43.84 -20.10
CA TYR B 1048 30.94 -45.11 -20.30
C TYR B 1048 30.02 -46.06 -21.03
N ALA B 1049 29.66 -45.61 -22.23
CA ALA B 1049 28.57 -46.17 -22.99
C ALA B 1049 28.92 -47.53 -23.55
N TYR B 1050 30.19 -47.76 -23.83
CA TYR B 1050 30.67 -49.04 -24.30
C TYR B 1050 31.22 -49.88 -23.15
N GLU B 1051 30.70 -49.65 -21.94
CA GLU B 1051 30.96 -50.47 -20.79
C GLU B 1051 29.69 -50.83 -20.04
N ILE B 1052 28.58 -50.17 -20.36
CA ILE B 1052 27.24 -50.63 -20.03
C ILE B 1052 26.94 -51.85 -20.90
N ASP B 1053 26.25 -52.83 -20.32
CA ASP B 1053 25.86 -54.02 -21.05
C ASP B 1053 27.11 -54.70 -21.56
N VAL B 1054 27.97 -55.09 -20.61
CA VAL B 1054 29.26 -55.66 -20.93
C VAL B 1054 29.18 -56.93 -21.76
N CYS B 1055 28.02 -57.58 -21.80
CA CYS B 1055 27.81 -58.75 -22.62
C CYS B 1055 27.48 -58.40 -24.07
N ALA B 1056 27.22 -57.13 -24.36
CA ALA B 1056 26.91 -56.69 -25.70
C ALA B 1056 28.09 -56.91 -26.64
N ASN B 1057 27.83 -56.77 -27.94
CA ASN B 1057 28.85 -57.01 -28.95
C ASN B 1057 29.75 -55.82 -29.17
N ASP B 1058 29.36 -54.63 -28.72
CA ASP B 1058 30.14 -53.42 -28.92
C ASP B 1058 30.93 -53.05 -27.69
N SER B 1059 31.19 -54.02 -26.82
CA SER B 1059 31.70 -53.74 -25.49
C SER B 1059 33.21 -53.67 -25.49
N THR B 1060 33.72 -52.70 -24.72
CA THR B 1060 35.10 -52.65 -24.31
C THR B 1060 35.42 -53.63 -23.19
N LEU B 1061 34.40 -54.25 -22.61
CA LEU B 1061 34.55 -55.19 -21.50
C LEU B 1061 33.80 -56.47 -21.87
N PRO B 1062 34.31 -57.24 -22.83
CA PRO B 1062 33.69 -58.52 -23.16
C PRO B 1062 34.04 -59.66 -22.23
N THR B 1063 34.95 -59.43 -21.29
CA THR B 1063 35.36 -60.43 -20.33
C THR B 1063 34.64 -60.32 -19.00
N ILE B 1064 33.92 -59.22 -18.79
CA ILE B 1064 33.18 -58.97 -17.56
C ILE B 1064 31.79 -59.57 -17.66
N CYS B 1065 31.47 -60.19 -18.79
CA CYS B 1065 30.15 -60.78 -18.98
C CYS B 1065 30.01 -62.00 -18.08
N GLY B 1066 28.96 -62.00 -17.27
CA GLY B 1066 28.71 -63.08 -16.36
C GLY B 1066 27.32 -62.97 -15.76
N PRO B 1067 27.03 -63.81 -14.77
CA PRO B 1067 25.72 -63.76 -14.12
C PRO B 1067 25.51 -62.45 -13.39
N GLY B 1068 24.37 -61.83 -13.63
CA GLY B 1068 23.97 -60.63 -12.93
C GLY B 1068 24.36 -59.34 -13.59
N THR B 1069 25.22 -59.36 -14.61
CA THR B 1069 25.74 -58.15 -15.21
C THR B 1069 24.76 -57.48 -16.15
N TRP B 1070 23.55 -58.01 -16.27
CA TRP B 1070 22.45 -57.35 -16.96
C TRP B 1070 21.73 -56.33 -16.08
N LEU B 1071 22.14 -56.19 -14.83
CA LEU B 1071 21.48 -55.31 -13.89
C LEU B 1071 22.05 -53.91 -13.88
N THR B 1072 23.28 -53.75 -14.28
CA THR B 1072 23.98 -52.48 -14.20
C THR B 1072 23.43 -51.43 -15.16
N PRO B 1073 22.91 -51.76 -16.35
CA PRO B 1073 22.22 -50.73 -17.12
C PRO B 1073 21.04 -50.12 -16.42
N PHE B 1074 20.31 -50.90 -15.65
CA PHE B 1074 19.20 -50.37 -14.89
C PHE B 1074 19.65 -49.49 -13.76
N LEU B 1075 20.60 -49.97 -12.95
CA LEU B 1075 21.12 -49.19 -11.84
C LEU B 1075 21.65 -47.85 -12.28
N GLN B 1076 22.23 -47.80 -13.47
CA GLN B 1076 22.85 -46.59 -13.97
C GLN B 1076 21.84 -45.63 -14.53
N ALA B 1077 20.83 -46.17 -15.22
CA ALA B 1077 19.66 -45.40 -15.59
C ALA B 1077 19.07 -44.67 -14.39
N VAL B 1078 18.83 -45.41 -13.32
CA VAL B 1078 18.36 -44.84 -12.08
C VAL B 1078 19.37 -43.86 -11.53
N TYR B 1079 20.65 -44.12 -11.70
CA TYR B 1079 21.70 -43.32 -11.11
C TYR B 1079 21.74 -41.91 -11.70
N LEU B 1080 21.81 -41.81 -13.00
CA LEU B 1080 21.99 -40.53 -13.65
C LEU B 1080 20.78 -39.65 -13.62
N PHE B 1081 19.61 -40.25 -13.76
CA PHE B 1081 18.37 -39.57 -13.49
C PHE B 1081 18.37 -38.87 -12.15
N VAL B 1082 19.13 -39.39 -11.19
CA VAL B 1082 19.30 -38.76 -9.89
C VAL B 1082 20.49 -37.80 -9.92
N GLN B 1083 21.61 -38.20 -10.50
CA GLN B 1083 22.85 -37.43 -10.47
C GLN B 1083 23.04 -36.46 -11.63
N TYR B 1084 22.06 -36.31 -12.51
CA TYR B 1084 22.19 -35.37 -13.62
C TYR B 1084 20.89 -34.61 -13.86
N ILE B 1085 19.78 -35.07 -13.31
CA ILE B 1085 18.47 -34.49 -13.57
C ILE B 1085 17.83 -34.04 -12.27
N ILE B 1086 17.82 -34.89 -11.25
CA ILE B 1086 17.31 -34.47 -9.95
C ILE B 1086 18.32 -33.61 -9.22
N MET B 1087 19.52 -34.12 -8.99
CA MET B 1087 20.41 -33.51 -8.01
C MET B 1087 21.26 -32.40 -8.59
N VAL B 1088 21.86 -32.60 -9.76
CA VAL B 1088 22.67 -31.56 -10.35
C VAL B 1088 21.84 -30.38 -10.84
N ASN B 1089 20.54 -30.57 -11.04
CA ASN B 1089 19.62 -29.47 -11.29
C ASN B 1089 18.92 -29.00 -10.03
N LEU B 1090 19.25 -29.57 -8.89
CA LEU B 1090 18.88 -28.99 -7.60
C LEU B 1090 19.88 -27.94 -7.18
N LEU B 1091 21.16 -28.16 -7.53
CA LEU B 1091 22.18 -27.14 -7.35
C LEU B 1091 21.82 -25.88 -8.10
N ILE B 1092 21.50 -26.01 -9.38
CA ILE B 1092 21.17 -24.90 -10.26
C ILE B 1092 20.05 -24.10 -9.62
N ALA B 1093 19.03 -24.78 -9.16
CA ALA B 1093 17.93 -24.11 -8.50
C ALA B 1093 18.34 -23.58 -7.14
N PHE B 1094 19.35 -24.15 -6.51
CA PHE B 1094 19.85 -23.57 -5.29
C PHE B 1094 20.48 -22.21 -5.57
N PHE B 1095 21.52 -22.20 -6.41
CA PHE B 1095 22.25 -20.99 -6.74
C PHE B 1095 21.34 -19.90 -7.29
N ASN B 1096 20.42 -20.24 -8.17
CA ASN B 1096 19.57 -19.23 -8.81
C ASN B 1096 18.69 -18.50 -7.82
N GLN B 1097 18.38 -19.13 -6.70
CA GLN B 1097 17.46 -18.56 -5.72
C GLN B 1097 18.19 -18.01 -4.50
N VAL B 1098 19.48 -18.29 -4.37
CA VAL B 1098 20.32 -17.75 -3.33
C VAL B 1098 21.33 -16.75 -3.91
N TYR B 1099 21.02 -16.16 -5.06
CA TYR B 1099 21.98 -15.32 -5.77
C TYR B 1099 21.93 -13.87 -5.33
N LEU B 1100 20.75 -13.27 -5.29
CA LEU B 1100 20.64 -11.90 -4.80
C LEU B 1100 21.11 -11.77 -3.38
N GLN B 1101 20.76 -12.74 -2.54
CA GLN B 1101 20.95 -12.58 -1.12
C GLN B 1101 22.37 -12.95 -0.69
N VAL B 1102 23.14 -13.53 -1.62
CA VAL B 1102 24.58 -13.68 -1.42
C VAL B 1102 25.34 -12.60 -2.15
N LYS B 1103 24.80 -12.08 -3.23
CA LYS B 1103 25.46 -11.02 -3.96
C LYS B 1103 25.35 -9.71 -3.22
N ALA B 1104 24.21 -9.46 -2.58
CA ALA B 1104 24.06 -8.31 -1.72
C ALA B 1104 25.02 -8.35 -0.54
N ILE B 1105 25.09 -9.50 0.13
CA ILE B 1105 26.03 -9.65 1.24
C ILE B 1105 27.46 -9.50 0.75
N SER B 1106 27.86 -10.37 -0.18
CA SER B 1106 29.24 -10.43 -0.67
C SER B 1106 29.78 -9.08 -1.15
N ASN B 1107 28.91 -8.17 -1.57
CA ASN B 1107 29.33 -6.78 -1.73
C ASN B 1107 29.74 -6.19 -0.39
N ILE B 1108 28.93 -6.43 0.63
CA ILE B 1108 29.14 -5.81 1.93
C ILE B 1108 30.33 -6.43 2.63
N VAL B 1109 30.50 -7.75 2.51
CA VAL B 1109 31.67 -8.41 3.06
C VAL B 1109 32.91 -7.96 2.31
N TRP B 1110 32.75 -7.57 1.05
CA TRP B 1110 33.88 -7.10 0.26
C TRP B 1110 34.25 -5.69 0.67
N LYS B 1111 33.26 -4.81 0.71
CA LYS B 1111 33.48 -3.42 1.07
C LYS B 1111 34.00 -3.30 2.50
N TYR B 1112 33.71 -4.28 3.34
CA TYR B 1112 34.27 -4.34 4.69
C TYR B 1112 35.71 -4.82 4.68
N GLN B 1113 36.02 -5.83 3.90
CA GLN B 1113 37.37 -6.37 3.79
C GLN B 1113 38.29 -5.44 3.03
N ARG B 1114 37.74 -4.47 2.30
CA ARG B 1114 38.57 -3.47 1.64
C ARG B 1114 39.28 -2.60 2.66
N TYR B 1115 38.70 -2.44 3.85
CA TYR B 1115 39.38 -1.74 4.93
C TYR B 1115 40.66 -2.45 5.32
N HIS B 1116 40.55 -3.71 5.73
CA HIS B 1116 41.70 -4.46 6.23
C HIS B 1116 42.78 -4.65 5.19
N PHE B 1117 42.46 -4.42 3.92
CA PHE B 1117 43.36 -4.60 2.80
C PHE B 1117 44.14 -3.33 2.50
N ILE B 1118 43.43 -2.22 2.36
CA ILE B 1118 44.06 -0.94 2.12
C ILE B 1118 44.95 -0.56 3.28
N MET B 1119 44.44 -0.67 4.50
CA MET B 1119 45.18 -0.34 5.70
C MET B 1119 46.26 -1.33 6.04
N ALA B 1120 46.48 -2.32 5.19
CA ALA B 1120 47.67 -3.15 5.26
C ALA B 1120 48.76 -2.71 4.31
N TYR B 1121 48.42 -2.11 3.16
CA TYR B 1121 49.41 -1.51 2.30
C TYR B 1121 49.87 -0.18 2.83
N HIS B 1122 49.01 0.50 3.58
CA HIS B 1122 49.32 1.76 4.23
C HIS B 1122 50.26 1.59 5.42
N GLU B 1123 50.67 0.34 5.71
CA GLU B 1123 51.73 0.06 6.65
C GLU B 1123 52.69 -0.99 6.08
N LYS B 1124 52.64 -1.22 4.78
CA LYS B 1124 53.47 -2.20 4.13
C LYS B 1124 54.73 -1.52 3.61
N PRO B 1125 55.83 -2.25 3.48
CA PRO B 1125 56.99 -1.66 2.82
C PRO B 1125 56.73 -1.32 1.37
N VAL B 1126 57.45 -0.30 0.91
CA VAL B 1126 57.40 0.12 -0.47
C VAL B 1126 57.82 -0.97 -1.43
N LEU B 1127 58.71 -1.77 -1.03
CA LEU B 1127 59.56 -2.54 -1.90
C LEU B 1127 59.16 -4.01 -1.85
N PRO B 1128 59.00 -4.72 -2.98
CA PRO B 1128 58.22 -5.94 -2.94
C PRO B 1128 59.01 -7.09 -2.36
N PRO B 1129 58.37 -8.24 -2.17
CA PRO B 1129 58.97 -9.30 -1.37
C PRO B 1129 60.17 -10.01 -1.97
N PRO B 1130 60.72 -9.61 -3.12
CA PRO B 1130 62.10 -10.02 -3.42
C PRO B 1130 63.15 -9.08 -2.90
N LEU B 1131 62.84 -7.78 -2.84
CA LEU B 1131 63.77 -6.74 -2.44
C LEU B 1131 63.38 -6.12 -1.10
N ILE B 1132 62.26 -6.54 -0.53
CA ILE B 1132 61.77 -6.05 0.76
C ILE B 1132 62.82 -6.20 1.85
N ILE B 1133 63.72 -7.18 1.69
CA ILE B 1133 64.73 -7.48 2.70
C ILE B 1133 65.60 -6.26 2.96
N LEU B 1134 65.78 -5.42 1.95
CA LEU B 1134 66.46 -4.15 2.13
C LEU B 1134 65.68 -3.29 3.13
N SER B 1135 64.40 -3.02 2.84
CA SER B 1135 63.59 -2.20 3.72
C SER B 1135 63.43 -2.82 5.10
N HIS B 1136 63.59 -4.14 5.22
CA HIS B 1136 63.61 -4.75 6.55
C HIS B 1136 64.89 -4.38 7.29
N ILE B 1137 66.04 -4.57 6.63
CA ILE B 1137 67.33 -4.32 7.27
C ILE B 1137 67.43 -2.86 7.67
N VAL B 1138 66.90 -1.96 6.84
CA VAL B 1138 66.87 -0.53 7.17
C VAL B 1138 66.11 -0.32 8.46
N SER B 1139 64.90 -0.89 8.54
CA SER B 1139 64.07 -0.69 9.72
C SER B 1139 64.65 -1.42 10.93
N LEU B 1140 65.20 -2.62 10.70
CA LEU B 1140 65.80 -3.39 11.79
C LEU B 1140 67.05 -2.69 12.31
N PHE B 1141 68.01 -2.44 11.42
CA PHE B 1141 69.29 -1.83 11.76
C PHE B 1141 69.10 -0.54 12.54
N CYS B 1142 68.13 0.27 12.13
CA CYS B 1142 67.95 1.59 12.71
C CYS B 1142 67.10 1.54 13.98
N CYS B 1143 66.06 0.71 13.99
CA CYS B 1143 65.24 0.57 15.19
C CYS B 1143 66.07 0.11 16.38
N VAL B 1144 67.10 -0.70 16.12
CA VAL B 1144 68.06 -1.07 17.15
C VAL B 1144 69.03 0.06 17.45
N CYS B 1145 69.21 1.00 16.52
CA CYS B 1145 70.13 2.12 16.69
C CYS B 1145 69.39 3.43 16.99
N LYS B 1146 68.52 3.90 16.10
CA LYS B 1146 67.80 5.15 16.34
C LYS B 1146 66.63 4.91 17.30
N GLY B 1156 50.87 4.10 13.18
CA GLY B 1156 49.80 4.19 12.21
C GLY B 1156 49.46 5.63 11.87
N PRO B 1157 48.49 5.83 10.99
CA PRO B 1157 48.18 7.18 10.54
C PRO B 1157 47.40 8.01 11.54
N LYS B 1158 47.34 9.31 11.27
CA LYS B 1158 46.58 10.25 12.07
C LYS B 1158 46.05 11.35 11.18
N LEU B 1159 44.87 11.84 11.51
CA LEU B 1159 44.24 12.94 10.78
C LEU B 1159 44.64 14.24 11.46
N PHE B 1160 45.70 14.85 10.95
CA PHE B 1160 46.26 16.06 11.55
C PHE B 1160 45.40 17.26 11.20
N LEU B 1161 44.69 17.76 12.21
CA LEU B 1161 43.95 19.00 12.10
C LEU B 1161 44.63 20.10 12.89
N THR B 1162 44.38 21.33 12.47
CA THR B 1162 44.69 22.50 13.27
C THR B 1162 43.57 22.71 14.27
N GLU B 1163 43.90 23.43 15.35
CA GLU B 1163 42.92 23.70 16.40
C GLU B 1163 41.70 24.43 15.86
N GLU B 1164 41.89 25.20 14.78
CA GLU B 1164 40.76 25.87 14.15
C GLU B 1164 39.87 24.87 13.42
N ASP B 1165 40.47 23.84 12.81
CA ASP B 1165 39.67 22.88 12.05
C ASP B 1165 38.97 21.90 12.98
N GLN B 1166 39.56 21.64 14.16
CA GLN B 1166 38.89 20.80 15.14
C GLN B 1166 37.54 21.39 15.53
N LYS B 1167 37.47 22.73 15.55
CA LYS B 1167 36.22 23.40 15.87
C LYS B 1167 35.23 23.30 14.72
N LYS B 1168 35.71 23.54 13.50
CA LYS B 1168 34.84 23.51 12.33
C LYS B 1168 34.24 22.13 12.14
N LEU B 1169 35.05 21.10 12.39
CA LEU B 1169 34.54 19.74 12.33
C LEU B 1169 33.56 19.48 13.47
N HIS B 1170 33.90 19.98 14.66
CA HIS B 1170 33.02 19.85 15.81
C HIS B 1170 31.67 20.49 15.53
N ASP B 1171 31.69 21.62 14.84
CA ASP B 1171 30.46 22.27 14.42
C ASP B 1171 29.70 21.40 13.43
N PHE B 1172 30.42 20.68 12.58
CA PHE B 1172 29.80 19.85 11.54
C PHE B 1172 29.01 18.73 12.17
N GLU B 1173 29.60 18.06 13.17
CA GLU B 1173 28.95 16.95 13.84
C GLU B 1173 27.68 17.42 14.54
N GLU B 1174 27.78 18.52 15.30
CA GLU B 1174 26.66 19.08 16.03
C GLU B 1174 25.44 19.28 15.15
N GLN B 1175 25.61 20.06 14.08
CA GLN B 1175 24.51 20.34 13.17
C GLN B 1175 23.96 19.05 12.57
N CYS B 1176 24.84 18.15 12.15
CA CYS B 1176 24.39 16.93 11.48
C CYS B 1176 23.59 16.02 12.40
N VAL B 1177 23.92 16.01 13.69
CA VAL B 1177 23.10 15.28 14.66
C VAL B 1177 21.73 15.90 14.75
N GLU B 1178 21.68 17.22 14.91
CA GLU B 1178 20.44 17.95 15.12
C GLU B 1178 19.47 17.75 13.98
N MET B 1179 19.98 17.56 12.77
CA MET B 1179 19.14 17.37 11.61
C MET B 1179 18.54 15.98 11.59
N TYR B 1180 19.35 14.98 11.91
CA TYR B 1180 18.95 13.57 11.97
C TYR B 1180 17.67 13.38 12.76
N PHE B 1181 17.55 14.11 13.86
CA PHE B 1181 16.38 14.05 14.71
C PHE B 1181 15.27 14.88 14.11
N ASP B 1182 15.60 16.08 13.64
CA ASP B 1182 14.60 17.00 13.12
C ASP B 1182 13.98 16.49 11.82
N GLU B 1183 14.71 15.64 11.09
CA GLU B 1183 14.17 15.07 9.87
C GLU B 1183 13.26 13.89 10.18
N LYS B 1184 13.72 12.97 11.03
CA LYS B 1184 12.93 11.78 11.35
C LYS B 1184 11.63 12.15 12.05
N ASP B 1185 11.67 13.17 12.90
CA ASP B 1185 10.44 13.65 13.53
C ASP B 1185 9.44 14.11 12.50
N ASP B 1186 9.91 14.69 11.40
CA ASP B 1186 9.00 15.15 10.35
C ASP B 1186 8.62 14.00 9.41
N LYS B 1187 9.55 13.10 9.13
CA LYS B 1187 9.22 11.89 8.38
C LYS B 1187 8.18 11.03 9.09
N PHE B 1188 8.06 11.17 10.40
CA PHE B 1188 7.00 10.55 11.18
C PHE B 1188 5.74 11.38 11.22
N ASN B 1189 5.87 12.69 11.46
CA ASN B 1189 4.70 13.55 11.54
C ASN B 1189 4.10 13.84 10.16
N SER B 1190 4.88 13.69 9.09
CA SER B 1190 4.36 13.96 7.75
C SER B 1190 3.73 12.72 7.14
N GLY B 1191 4.11 11.53 7.60
CA GLY B 1191 3.54 10.30 7.12
C GLY B 1191 2.02 10.24 7.25
N SER B 1192 1.39 9.46 6.38
CA SER B 1192 -0.07 9.39 6.36
C SER B 1192 -0.61 8.70 7.59
N GLU B 1193 -0.04 7.54 7.93
CA GLU B 1193 -0.44 6.76 9.10
C GLU B 1193 -0.52 7.63 10.36
N GLU B 1194 0.38 8.60 10.47
CA GLU B 1194 0.39 9.48 11.62
C GLU B 1194 -0.69 10.53 11.52
N ARG B 1195 -0.93 11.05 10.31
CA ARG B 1195 -1.96 12.05 10.13
C ARG B 1195 -3.35 11.43 10.28
N ILE B 1196 -3.49 10.16 9.95
CA ILE B 1196 -4.74 9.45 10.22
C ILE B 1196 -4.95 9.31 11.71
N ARG B 1197 -3.90 8.98 12.46
CA ARG B 1197 -4.00 8.85 13.91
C ARG B 1197 -4.50 10.15 14.54
N VAL B 1198 -3.85 11.26 14.23
CA VAL B 1198 -4.24 12.54 14.80
C VAL B 1198 -5.65 12.90 14.38
N THR B 1199 -5.89 12.96 13.07
CA THR B 1199 -7.20 13.19 12.48
C THR B 1199 -8.29 12.38 13.18
N PHE B 1200 -8.07 11.08 13.31
CA PHE B 1200 -8.94 10.21 14.07
C PHE B 1200 -9.17 10.73 15.48
N GLU B 1201 -8.09 10.97 16.21
CA GLU B 1201 -8.21 11.37 17.61
C GLU B 1201 -8.80 12.76 17.75
N ARG B 1202 -8.53 13.66 16.79
CA ARG B 1202 -9.19 14.96 16.80
C ARG B 1202 -10.69 14.77 16.58
N VAL B 1203 -11.03 14.12 15.48
CA VAL B 1203 -12.41 13.94 15.02
C VAL B 1203 -13.24 13.25 16.09
N GLU B 1204 -12.62 12.40 16.90
CA GLU B 1204 -13.28 11.92 18.11
C GLU B 1204 -13.61 13.09 19.00
N GLN B 1205 -12.60 13.88 19.35
CA GLN B 1205 -12.77 15.02 20.24
C GLN B 1205 -13.73 16.03 19.64
N MET B 1206 -13.70 16.19 18.32
CA MET B 1206 -14.55 17.16 17.65
C MET B 1206 -16.01 16.81 17.82
N SER B 1207 -16.35 15.53 17.62
CA SER B 1207 -17.69 15.03 17.81
C SER B 1207 -18.24 15.46 19.16
N ILE B 1208 -17.39 15.38 20.18
CA ILE B 1208 -17.78 15.73 21.54
C ILE B 1208 -18.07 17.22 21.64
N GLN B 1209 -17.10 18.04 21.24
CA GLN B 1209 -17.23 19.48 21.46
C GLN B 1209 -18.26 20.11 20.52
N ILE B 1210 -18.69 19.40 19.49
CA ILE B 1210 -19.79 19.88 18.66
C ILE B 1210 -21.11 19.56 19.33
N LYS B 1211 -21.30 18.28 19.68
CA LYS B 1211 -22.60 17.83 20.17
C LYS B 1211 -22.97 18.54 21.46
N GLU B 1212 -21.99 18.87 22.29
CA GLU B 1212 -22.28 19.64 23.49
C GLU B 1212 -22.74 21.05 23.13
N VAL B 1213 -22.16 21.64 22.09
CA VAL B 1213 -22.72 22.89 21.57
C VAL B 1213 -24.11 22.63 21.00
N GLY B 1214 -24.27 21.53 20.27
CA GLY B 1214 -25.55 21.15 19.73
C GLY B 1214 -26.61 21.03 20.80
N ASP B 1215 -26.22 20.52 21.96
CA ASP B 1215 -27.07 20.57 23.13
C ASP B 1215 -27.31 22.03 23.51
N ARG B 1216 -26.25 22.74 23.86
CA ARG B 1216 -26.34 24.10 24.41
C ARG B 1216 -27.12 25.05 23.52
N VAL B 1217 -26.86 24.99 22.22
CA VAL B 1217 -27.60 25.78 21.25
C VAL B 1217 -29.08 25.41 21.32
N ASN B 1218 -29.38 24.15 21.62
CA ASN B 1218 -30.79 23.75 21.74
C ASN B 1218 -31.40 24.24 23.04
N TYR B 1219 -30.58 24.77 23.97
CA TYR B 1219 -31.12 25.38 25.18
C TYR B 1219 -31.27 26.88 25.01
N ILE B 1220 -30.38 27.51 24.22
CA ILE B 1220 -30.50 28.93 23.94
C ILE B 1220 -31.69 29.19 23.01
N LYS B 1221 -32.11 28.19 22.24
CA LYS B 1221 -33.30 28.36 21.42
C LYS B 1221 -34.57 28.24 22.25
N ARG B 1222 -34.77 27.14 22.98
CA ARG B 1222 -35.96 26.96 23.81
C ARG B 1222 -36.06 28.06 24.85
N SER B 1223 -34.91 28.62 25.26
CA SER B 1223 -34.93 29.83 26.04
C SER B 1223 -35.68 30.94 25.30
N LEU B 1224 -35.09 31.44 24.20
CA LEU B 1224 -35.60 32.67 23.60
C LEU B 1224 -37.00 32.50 23.03
N GLN B 1225 -37.44 31.26 22.82
CA GLN B 1225 -38.84 31.02 22.49
C GLN B 1225 -39.78 31.37 23.63
N SER B 1226 -39.27 31.62 24.85
CA SER B 1226 -40.10 31.81 26.04
C SER B 1226 -39.73 33.02 26.89
N LEU B 1227 -38.51 33.57 26.77
CA LEU B 1227 -38.13 34.69 27.62
C LEU B 1227 -39.03 35.89 27.40
N ASP B 1228 -38.98 36.47 26.20
CA ASP B 1228 -39.86 37.58 25.88
C ASP B 1228 -41.28 37.11 25.58
N SER B 1229 -41.41 35.93 24.99
CA SER B 1229 -42.70 35.34 24.65
C SER B 1229 -43.49 36.23 23.70
N GLN C 2 49.09 40.36 19.91
CA GLN C 2 47.99 40.15 20.84
C GLN C 2 47.13 38.96 20.45
N LYS C 3 47.05 38.64 19.15
CA LYS C 3 46.46 37.42 18.61
C LYS C 3 44.94 37.36 18.68
N SER C 4 44.30 38.32 19.33
CA SER C 4 42.85 38.35 19.43
C SER C 4 42.33 39.72 19.05
N TRP C 5 41.64 39.79 17.91
CA TRP C 5 41.11 41.06 17.42
C TRP C 5 40.10 41.67 18.40
N ILE C 6 39.53 40.85 19.28
CA ILE C 6 38.52 41.30 20.22
C ILE C 6 39.16 42.30 21.18
N GLU C 7 40.12 41.82 21.97
CA GLU C 7 40.74 42.67 22.98
C GLU C 7 41.77 43.60 22.37
N SER C 8 42.35 43.19 21.24
CA SER C 8 43.21 44.09 20.46
C SER C 8 42.45 45.36 20.09
N THR C 9 41.13 45.26 19.96
CA THR C 9 40.28 46.38 19.54
C THR C 9 39.45 46.86 20.72
N LEU C 10 38.68 45.96 21.32
CA LEU C 10 37.81 46.32 22.44
C LEU C 10 38.61 46.39 23.73
N THR C 11 37.99 47.00 24.74
CA THR C 11 38.58 47.21 26.04
C THR C 11 37.49 47.05 27.09
N LYS C 12 37.89 46.86 28.34
CA LYS C 12 36.98 46.73 29.46
C LYS C 12 37.17 47.95 30.34
N ARG C 13 36.07 48.59 30.72
CA ARG C 13 36.12 49.70 31.65
C ARG C 13 35.84 49.21 33.07
N GLU C 14 36.38 49.93 34.05
CA GLU C 14 36.21 49.57 35.46
C GLU C 14 36.68 50.71 36.36
N CYS C 15 36.10 50.82 37.55
CA CYS C 15 36.48 51.88 38.50
C CYS C 15 37.94 51.70 38.90
N VAL C 16 38.67 52.81 38.92
CA VAL C 16 40.09 52.82 39.25
C VAL C 16 40.39 53.72 40.45
N TYR C 17 39.55 54.72 40.69
CA TYR C 17 39.55 55.60 41.83
C TYR C 17 38.58 54.97 42.85
N ILE C 18 38.29 55.68 43.94
CA ILE C 18 37.31 55.21 44.92
C ILE C 18 36.41 56.37 45.37
N ILE C 19 35.14 56.05 45.60
CA ILE C 19 34.09 56.99 45.97
C ILE C 19 33.14 56.26 46.93
N PRO C 20 33.35 56.31 48.27
CA PRO C 20 32.44 55.60 49.18
C PRO C 20 30.96 55.95 49.02
N SER C 21 30.17 54.92 48.73
CA SER C 21 28.72 55.06 48.57
C SER C 21 28.01 54.93 49.92
N SER C 22 27.44 56.03 50.41
CA SER C 22 26.73 56.05 51.69
C SER C 22 27.63 55.66 52.85
N LYS C 23 28.58 56.54 53.18
CA LYS C 23 29.61 56.34 54.20
C LYS C 23 29.10 55.77 55.53
N ASP C 24 27.88 56.09 55.92
CA ASP C 24 27.39 55.81 57.27
C ASP C 24 27.37 54.29 57.52
N PRO C 25 28.15 53.76 58.48
CA PRO C 25 28.09 52.32 58.76
C PRO C 25 26.80 51.95 59.47
N HIS C 26 26.41 50.68 59.37
CA HIS C 26 25.13 50.24 59.91
C HIS C 26 25.19 50.01 61.42
N ARG C 27 26.13 49.17 61.90
CA ARG C 27 26.17 48.70 63.28
C ARG C 27 27.61 48.29 63.59
N CYS C 28 27.84 47.50 64.65
CA CYS C 28 29.18 47.04 64.99
C CYS C 28 30.08 48.21 65.31
N LEU C 29 29.89 48.79 66.50
CA LEU C 29 30.18 50.15 66.94
C LEU C 29 31.36 50.84 66.23
N PRO C 30 32.56 50.24 66.15
CA PRO C 30 33.62 50.91 65.37
C PRO C 30 33.36 50.80 63.87
N GLY C 31 33.16 51.93 63.23
CA GLY C 31 32.93 51.97 61.80
C GLY C 31 34.09 51.47 60.96
N CYS C 32 35.31 51.94 61.28
CA CYS C 32 36.47 51.90 60.39
C CYS C 32 36.63 50.64 59.55
N GLN C 33 36.41 49.47 60.15
CA GLN C 33 36.58 48.21 59.43
C GLN C 33 35.27 47.81 58.74
N ILE C 34 34.21 47.64 59.52
CA ILE C 34 32.91 47.22 58.97
C ILE C 34 32.36 48.27 58.01
N CYS C 35 32.75 49.54 58.19
CA CYS C 35 32.39 50.57 57.23
C CYS C 35 33.01 50.22 55.89
N GLN C 36 34.34 50.20 55.83
CA GLN C 36 35.05 49.89 54.59
C GLN C 36 34.70 48.49 54.09
N GLN C 37 34.55 47.53 55.00
CA GLN C 37 34.28 46.16 54.61
C GLN C 37 32.94 46.03 53.89
N LEU C 38 31.97 46.91 54.22
CA LEU C 38 30.63 46.86 53.67
C LEU C 38 30.33 48.03 52.74
N VAL C 39 30.76 49.23 53.09
CA VAL C 39 30.37 50.44 52.36
C VAL C 39 31.01 50.37 50.97
N ARG C 40 30.19 50.08 49.97
CA ARG C 40 30.62 49.98 48.59
C ARG C 40 31.03 51.36 48.06
N CYS C 41 31.92 51.37 47.07
CA CYS C 41 32.17 52.58 46.31
C CYS C 41 30.94 52.87 45.43
N PHE C 42 30.73 54.14 45.10
CA PHE C 42 29.71 54.49 44.12
C PHE C 42 30.13 53.97 42.74
N CYS C 43 31.41 53.62 42.61
CA CYS C 43 31.93 52.74 41.57
C CYS C 43 31.01 51.57 41.24
N GLY C 44 30.38 50.98 42.25
CA GLY C 44 29.84 49.65 42.10
C GLY C 44 30.07 48.79 43.33
N ARG C 45 30.91 47.78 43.17
CA ARG C 45 30.99 46.63 44.08
C ARG C 45 31.57 47.09 45.42
N LEU C 46 31.84 46.12 46.30
CA LEU C 46 32.44 46.43 47.58
C LEU C 46 33.72 47.22 47.36
N VAL C 47 33.89 48.27 48.17
CA VAL C 47 35.02 49.17 48.00
C VAL C 47 36.32 48.37 48.07
N LYS C 48 36.37 47.34 48.93
CA LYS C 48 37.59 46.54 49.09
C LYS C 48 37.89 45.72 47.85
N GLN C 49 36.87 45.41 47.03
CA GLN C 49 37.07 44.56 45.86
C GLN C 49 37.74 45.28 44.70
N HIS C 50 37.84 46.61 44.75
CA HIS C 50 38.39 47.40 43.63
C HIS C 50 39.91 47.30 43.62
N ALA C 51 40.45 46.21 43.06
CA ALA C 51 41.86 45.95 43.29
C ALA C 51 42.75 46.97 42.60
N CYS C 52 42.91 46.86 41.27
CA CYS C 52 43.42 47.92 40.39
C CYS C 52 44.52 48.76 41.05
N PHE C 53 45.66 48.12 41.35
CA PHE C 53 46.52 48.40 42.50
C PHE C 53 46.51 49.83 43.04
N THR C 54 46.53 50.83 42.16
CA THR C 54 46.58 52.23 42.59
C THR C 54 45.46 52.57 43.57
N ALA C 55 44.25 52.08 43.31
CA ALA C 55 43.17 52.21 44.29
C ALA C 55 43.46 51.39 45.55
N SER C 56 44.17 50.25 45.40
CA SER C 56 44.38 49.36 46.54
C SER C 56 45.42 49.90 47.51
N LEU C 57 46.32 50.76 47.05
CA LEU C 57 47.18 51.47 47.98
C LEU C 57 46.43 52.60 48.70
N ALA C 58 45.15 52.80 48.36
CA ALA C 58 44.26 53.68 49.11
C ALA C 58 43.22 52.88 49.90
N MET C 59 42.73 51.77 49.35
CA MET C 59 41.86 50.87 50.10
C MET C 59 42.51 50.41 51.40
N LYS C 60 43.84 50.33 51.40
CA LYS C 60 44.66 49.97 52.55
C LYS C 60 44.15 50.62 53.84
N TYR C 61 43.97 51.95 53.84
CA TYR C 61 43.39 52.58 55.02
C TYR C 61 41.86 52.52 54.99
N SER C 62 41.18 53.21 54.05
CA SER C 62 39.75 53.02 53.83
C SER C 62 39.37 53.13 52.36
N ASP C 63 39.93 54.11 51.67
CA ASP C 63 39.46 54.54 50.36
C ASP C 63 40.54 55.45 49.76
N VAL C 64 40.18 56.18 48.70
CA VAL C 64 40.98 57.30 48.23
C VAL C 64 40.41 58.54 48.91
N LYS C 65 41.17 59.64 48.96
CA LYS C 65 40.65 60.90 49.49
C LYS C 65 40.23 60.78 50.95
N LEU C 66 41.23 60.81 51.86
CA LEU C 66 41.15 60.36 53.25
C LEU C 66 39.84 60.63 53.97
N GLY C 67 39.13 59.55 54.33
CA GLY C 67 37.91 59.62 55.12
C GLY C 67 36.95 60.69 54.65
N GLU C 68 36.77 61.72 55.49
CA GLU C 68 35.93 62.84 55.14
C GLU C 68 36.48 63.57 53.90
N HIS C 69 37.58 64.32 54.08
CA HIS C 69 38.35 65.00 53.03
C HIS C 69 37.48 65.48 51.87
N PHE C 70 36.49 66.32 52.15
CA PHE C 70 35.44 66.68 51.20
C PHE C 70 34.68 65.43 50.74
N ASN C 71 33.95 64.83 51.70
CA ASN C 71 33.08 63.71 51.38
C ASN C 71 32.04 64.06 50.32
N GLN C 72 31.68 65.33 50.18
CA GLN C 72 30.74 65.74 49.14
C GLN C 72 31.39 65.70 47.76
N ALA C 73 32.69 65.98 47.69
CA ALA C 73 33.37 66.17 46.42
C ALA C 73 33.34 64.91 45.55
N ILE C 74 33.19 63.74 46.18
CA ILE C 74 33.41 62.49 45.43
C ILE C 74 32.20 62.16 44.54
N GLU C 75 31.16 61.55 45.09
CA GLU C 75 29.75 61.61 44.65
C GLU C 75 29.49 61.88 43.16
N GLU C 76 30.37 61.43 42.27
CA GLU C 76 30.04 61.41 40.85
C GLU C 76 30.59 60.18 40.16
N TRP C 77 31.76 59.69 40.61
CA TRP C 77 32.47 58.59 39.97
C TRP C 77 32.55 58.83 38.46
N SER C 78 33.33 59.83 38.04
CA SER C 78 33.48 60.14 36.63
C SER C 78 33.83 58.90 35.84
N VAL C 79 33.01 58.55 34.85
CA VAL C 79 33.32 57.38 34.06
C VAL C 79 34.17 57.86 32.88
N GLU C 80 35.31 58.48 33.16
CA GLU C 80 36.52 58.43 32.34
C GLU C 80 37.80 58.66 33.14
N LYS C 81 37.72 59.45 34.24
CA LYS C 81 38.90 59.86 35.00
C LYS C 81 39.07 59.01 36.25
N HIS C 82 38.00 58.88 37.03
CA HIS C 82 37.88 57.90 38.09
C HIS C 82 37.65 56.50 37.55
N THR C 83 37.74 56.31 36.22
CA THR C 83 37.39 55.07 35.57
C THR C 83 38.18 54.95 34.27
N GLU C 84 39.31 54.22 34.32
CA GLU C 84 40.08 53.91 33.12
C GLU C 84 39.73 52.50 32.63
N GLN C 85 39.90 52.28 31.33
CA GLN C 85 39.62 51.00 30.70
C GLN C 85 40.94 50.37 30.23
N SER C 86 40.84 49.09 29.89
CA SER C 86 42.00 48.26 29.58
C SER C 86 41.52 47.11 28.71
N PRO C 87 42.44 46.34 28.10
CA PRO C 87 42.00 45.25 27.21
C PRO C 87 41.10 44.24 27.89
N THR C 88 40.14 43.72 27.13
CA THR C 88 39.12 42.85 27.70
C THR C 88 39.73 41.55 28.18
N ASP C 89 39.19 41.04 29.30
CA ASP C 89 39.54 39.73 29.82
C ASP C 89 38.31 38.88 30.12
N ALA C 90 37.15 39.22 29.54
CA ALA C 90 35.94 38.40 29.64
C ALA C 90 35.28 38.42 28.27
N TYR C 91 35.69 37.48 27.43
CA TYR C 91 35.11 37.30 26.10
C TYR C 91 35.41 35.87 25.69
N GLY C 92 34.38 35.13 25.37
CA GLY C 92 34.53 33.69 25.23
C GLY C 92 33.37 33.06 24.50
N VAL C 93 32.89 31.94 25.01
CA VAL C 93 31.69 31.31 24.48
C VAL C 93 30.91 30.64 25.61
N ILE C 94 29.68 31.10 25.83
CA ILE C 94 28.78 30.45 26.76
C ILE C 94 28.49 29.05 26.23
N ASN C 95 28.23 28.11 27.14
CA ASN C 95 27.82 26.76 26.81
C ASN C 95 26.50 26.43 27.50
N PHE C 96 26.05 27.27 28.43
CA PHE C 96 24.77 27.06 29.12
C PHE C 96 24.70 25.70 29.80
N GLN C 97 25.49 25.52 30.85
CA GLN C 97 25.68 24.21 31.46
C GLN C 97 24.36 23.61 31.89
N GLY C 98 23.92 22.61 31.13
CA GLY C 98 22.65 21.94 31.32
C GLY C 98 21.61 22.60 30.43
N GLY C 99 21.36 22.05 29.25
CA GLY C 99 20.47 22.69 28.31
C GLY C 99 19.68 21.82 27.36
N SER C 100 19.76 20.50 27.49
CA SER C 100 18.95 19.61 26.65
C SER C 100 19.26 19.78 25.16
N HIS C 101 20.40 19.24 24.71
CA HIS C 101 21.09 19.45 23.43
C HIS C 101 22.00 20.67 23.47
N SER C 102 22.02 21.39 24.59
CA SER C 102 23.06 22.36 24.89
C SER C 102 23.16 23.44 23.81
N TYR C 103 22.02 24.07 23.52
CA TYR C 103 21.94 25.31 22.76
C TYR C 103 23.08 26.24 23.17
N ARG C 104 23.73 26.87 22.19
CA ARG C 104 24.94 27.63 22.46
C ARG C 104 24.73 29.12 22.18
N ALA C 105 25.70 29.91 22.64
CA ALA C 105 25.73 31.34 22.42
C ALA C 105 27.17 31.80 22.59
N LYS C 106 27.37 33.10 22.72
CA LYS C 106 28.71 33.65 22.71
C LYS C 106 28.66 35.07 23.26
N TYR C 107 29.81 35.56 23.75
CA TYR C 107 29.82 36.83 24.46
C TYR C 107 31.13 37.58 24.23
N VAL C 108 31.05 38.88 24.51
CA VAL C 108 32.16 39.81 24.51
C VAL C 108 31.92 40.70 25.72
N ARG C 109 32.81 41.65 25.99
CA ARG C 109 32.61 42.57 27.11
C ARG C 109 33.36 43.86 26.85
N LEU C 110 32.65 44.92 26.51
CA LEU C 110 33.26 46.14 26.01
C LEU C 110 32.86 47.35 26.84
N SER C 111 33.35 48.50 26.39
CA SER C 111 33.10 49.77 27.03
C SER C 111 32.09 50.56 26.21
N TYR C 112 31.11 51.19 26.88
CA TYR C 112 29.99 51.79 26.17
C TYR C 112 30.41 52.95 25.27
N ASP C 113 31.58 53.54 25.52
CA ASP C 113 32.07 54.59 24.64
C ASP C 113 32.51 54.04 23.28
N THR C 114 32.62 52.71 23.18
CA THR C 114 32.98 52.04 21.93
C THR C 114 32.07 52.50 20.80
N LYS C 115 32.63 52.64 19.60
CA LYS C 115 31.90 53.17 18.46
C LYS C 115 31.28 52.03 17.66
N PRO C 116 30.11 52.24 17.05
CA PRO C 116 29.40 51.10 16.46
C PRO C 116 30.11 50.46 15.28
N GLU C 117 31.07 51.16 14.67
CA GLU C 117 31.88 50.58 13.62
C GLU C 117 32.58 49.33 14.12
N ILE C 118 33.00 49.34 15.39
CA ILE C 118 33.75 48.24 15.97
C ILE C 118 32.83 47.06 16.24
N ILE C 119 31.65 47.35 16.77
CA ILE C 119 30.71 46.27 17.10
C ILE C 119 30.23 45.61 15.82
N LEU C 120 29.97 46.42 14.80
CA LEU C 120 29.49 45.88 13.53
C LEU C 120 30.54 45.01 12.86
N GLN C 121 31.77 45.52 12.76
CA GLN C 121 32.80 44.82 11.99
C GLN C 121 33.14 43.47 12.62
N LEU C 122 33.30 43.44 13.95
CA LEU C 122 33.57 42.15 14.59
C LEU C 122 32.38 41.22 14.48
N LEU C 123 31.17 41.78 14.51
CA LEU C 123 29.98 40.96 14.38
C LEU C 123 29.97 40.25 13.04
N LEU C 124 30.34 40.96 11.98
CA LEU C 124 30.33 40.43 10.63
C LEU C 124 31.69 39.91 10.18
N LYS C 125 32.76 40.15 10.94
CA LYS C 125 34.07 39.56 10.64
C LYS C 125 34.47 38.54 11.70
N GLU C 126 34.56 38.99 12.95
CA GLU C 126 35.06 38.13 14.01
C GLU C 126 34.03 37.05 14.29
N TRP C 127 32.80 37.46 14.59
CA TRP C 127 31.74 36.50 14.82
C TRP C 127 31.22 35.93 13.50
N GLN C 128 31.59 36.54 12.38
CA GLN C 128 31.42 35.96 11.06
C GLN C 128 29.96 35.67 10.73
N MET C 129 29.18 36.72 10.54
CA MET C 129 27.80 36.62 10.10
C MET C 129 27.63 37.45 8.84
N GLU C 130 26.49 37.29 8.17
CA GLU C 130 26.09 38.25 7.16
C GLU C 130 25.16 39.29 7.77
N LEU C 131 25.23 40.50 7.22
CA LEU C 131 24.27 41.54 7.52
C LEU C 131 22.87 40.96 7.42
N PRO C 132 21.93 41.33 8.30
CA PRO C 132 20.64 40.66 8.25
C PRO C 132 19.86 41.26 7.10
N LYS C 133 18.63 40.83 6.99
CA LYS C 133 17.68 41.54 6.15
C LYS C 133 16.54 42.16 6.96
N LEU C 134 16.55 41.98 8.28
CA LEU C 134 15.65 42.69 9.18
C LEU C 134 16.28 42.75 10.56
N VAL C 135 15.94 43.79 11.31
CA VAL C 135 16.39 43.96 12.69
C VAL C 135 15.14 44.16 13.54
N ILE C 136 14.74 43.12 14.26
CA ILE C 136 13.60 43.19 15.16
C ILE C 136 14.12 43.53 16.55
N SER C 137 14.28 44.82 16.83
CA SER C 137 14.70 45.26 18.15
C SER C 137 13.50 45.38 19.07
N VAL C 138 13.38 44.44 20.01
CA VAL C 138 12.17 44.32 20.81
C VAL C 138 12.24 45.21 22.05
N HIS C 139 12.00 46.51 21.89
CA HIS C 139 12.10 47.42 23.01
C HIS C 139 10.85 47.35 23.87
N GLY C 140 10.61 46.21 24.51
CA GLY C 140 9.39 46.02 25.29
C GLY C 140 9.62 46.12 26.78
N GLY C 141 8.63 45.68 27.54
CA GLY C 141 8.73 45.67 28.98
C GLY C 141 9.46 44.45 29.48
N MET C 142 10.24 44.63 30.55
CA MET C 142 11.28 43.66 30.90
C MET C 142 11.09 43.12 32.32
N GLN C 143 9.88 42.68 32.65
CA GLN C 143 9.52 42.28 34.01
C GLN C 143 8.88 40.89 34.04
N LYS C 144 9.51 39.91 33.39
CA LYS C 144 9.21 38.47 33.49
C LYS C 144 7.72 38.10 33.50
N PHE C 145 6.94 38.93 32.85
CA PHE C 145 5.48 39.02 32.95
C PHE C 145 4.79 37.77 32.42
N GLU C 146 3.45 37.75 32.42
CA GLU C 146 2.68 36.52 32.22
C GLU C 146 1.51 36.76 31.26
N LEU C 147 1.24 35.73 30.45
CA LEU C 147 0.30 35.81 29.33
C LEU C 147 -0.67 34.64 29.39
N HIS C 148 -1.56 34.56 28.39
CA HIS C 148 -2.52 33.55 28.03
C HIS C 148 -1.93 32.64 26.95
N PRO C 149 -2.23 31.32 26.92
CA PRO C 149 -1.54 30.42 25.98
C PRO C 149 -1.55 30.84 24.52
N ARG C 150 -2.71 31.24 24.00
CA ARG C 150 -2.84 31.61 22.60
C ARG C 150 -1.82 32.66 22.20
N ILE C 151 -1.66 33.68 23.04
CA ILE C 151 -0.73 34.76 22.73
C ILE C 151 0.69 34.39 23.14
N LYS C 152 0.85 33.51 24.13
CA LYS C 152 2.16 32.91 24.37
C LYS C 152 2.59 32.05 23.20
N GLN C 153 1.63 31.49 22.48
CA GLN C 153 1.86 30.43 21.50
C GLN C 153 1.79 31.00 20.08
N LEU C 154 0.67 31.63 19.73
CA LEU C 154 0.48 32.16 18.39
C LEU C 154 1.45 33.28 18.07
N LEU C 155 1.61 34.23 19.01
CA LEU C 155 2.44 35.40 18.77
C LEU C 155 3.85 35.01 18.38
N GLY C 156 4.36 33.91 18.93
CA GLY C 156 5.63 33.38 18.50
C GLY C 156 5.57 32.79 17.11
N LYS C 157 4.43 32.21 16.73
CA LYS C 157 4.32 31.57 15.42
C LYS C 157 4.62 32.58 14.34
N GLY C 158 4.17 33.81 14.54
CA GLY C 158 4.60 34.85 13.65
C GLY C 158 6.05 35.23 13.87
N LEU C 159 6.33 35.87 15.00
CA LEU C 159 7.61 36.51 15.30
C LEU C 159 8.82 35.71 14.88
N ILE C 160 8.79 34.40 15.16
CA ILE C 160 9.82 33.49 14.71
C ILE C 160 9.85 33.49 13.19
N LYS C 161 8.67 33.29 12.60
CA LYS C 161 8.54 33.10 11.17
C LYS C 161 9.03 34.31 10.39
N ALA C 162 8.69 35.51 10.84
CA ALA C 162 9.14 36.72 10.17
C ALA C 162 10.66 36.85 10.23
N ALA C 163 11.28 36.29 11.27
CA ALA C 163 12.71 36.45 11.46
C ALA C 163 13.55 35.38 10.79
N VAL C 164 13.05 34.15 10.71
CA VAL C 164 13.71 33.11 9.94
C VAL C 164 13.55 33.34 8.44
N THR C 165 12.43 33.89 8.00
CA THR C 165 12.19 34.19 6.59
C THR C 165 12.92 35.43 6.12
N THR C 166 13.55 36.18 7.02
CA THR C 166 14.32 37.35 6.65
C THR C 166 15.70 37.39 7.30
N GLY C 167 16.17 36.26 7.84
CA GLY C 167 17.51 36.16 8.42
C GLY C 167 17.79 37.23 9.44
N ALA C 168 16.79 37.54 10.26
CA ALA C 168 16.85 38.71 11.11
C ALA C 168 17.88 38.56 12.21
N TRP C 169 18.06 39.64 12.96
CA TRP C 169 18.78 39.64 14.23
C TRP C 169 17.91 40.18 15.35
N ILE C 170 17.16 39.34 16.06
CA ILE C 170 16.32 39.87 17.12
C ILE C 170 17.24 40.44 18.18
N LEU C 171 16.97 41.67 18.59
CA LEU C 171 17.86 42.42 19.47
C LEU C 171 17.11 42.76 20.76
N THR C 172 17.17 41.81 21.70
CA THR C 172 16.44 41.94 22.96
C THR C 172 17.25 42.74 23.97
N GLY C 173 16.82 42.72 25.23
CA GLY C 173 17.62 43.24 26.32
C GLY C 173 18.52 42.20 26.97
N GLY C 174 18.49 40.96 26.46
CA GLY C 174 19.34 39.92 27.01
C GLY C 174 18.74 39.16 28.18
N VAL C 175 18.57 39.86 29.30
CA VAL C 175 18.24 39.30 30.60
C VAL C 175 17.04 38.35 30.55
N ASN C 176 17.08 37.30 31.38
CA ASN C 176 16.00 36.32 31.41
C ASN C 176 14.85 36.75 32.32
N THR C 177 14.76 38.02 32.66
CA THR C 177 13.65 38.53 33.46
C THR C 177 12.89 39.58 32.65
N GLY C 178 12.97 39.49 31.34
CA GLY C 178 12.36 40.50 30.50
C GLY C 178 12.08 39.97 29.12
N VAL C 179 11.90 40.91 28.18
CA VAL C 179 11.48 40.65 26.80
C VAL C 179 12.26 39.50 26.20
N ALA C 180 13.55 39.43 26.53
CA ALA C 180 14.36 38.24 26.24
C ALA C 180 13.67 36.97 26.71
N LYS C 181 13.22 36.94 27.96
CA LYS C 181 12.60 35.73 28.54
C LYS C 181 11.43 35.23 27.69
N HIS C 182 10.75 36.14 27.00
CA HIS C 182 9.48 35.81 26.38
C HIS C 182 9.67 35.30 24.96
N VAL C 183 10.65 35.85 24.24
CA VAL C 183 10.93 35.37 22.90
C VAL C 183 11.48 33.95 22.96
N GLY C 184 12.27 33.66 23.99
CA GLY C 184 12.78 32.33 24.22
C GLY C 184 11.68 31.30 24.37
N ASP C 185 10.58 31.72 25.00
CA ASP C 185 9.42 30.84 25.11
C ASP C 185 8.88 30.53 23.72
N ALA C 186 9.03 31.48 22.80
CA ALA C 186 8.62 31.25 21.42
C ALA C 186 9.72 30.51 20.66
N LEU C 187 10.98 30.89 20.89
CA LEU C 187 12.08 30.27 20.16
C LEU C 187 12.14 28.76 20.39
N LYS C 188 11.63 28.29 21.54
CA LYS C 188 11.69 26.87 21.88
C LYS C 188 10.43 26.14 21.41
N GLU C 189 9.27 26.79 21.56
CA GLU C 189 8.01 26.22 21.10
C GLU C 189 8.04 25.91 19.61
N HIS C 190 8.92 26.59 18.87
CA HIS C 190 9.04 26.42 17.44
C HIS C 190 10.28 25.62 17.07
N ALA C 191 11.42 25.91 17.72
CA ALA C 191 12.69 25.18 17.58
C ALA C 191 13.42 25.45 16.27
N SER C 192 12.75 26.12 15.32
CA SER C 192 13.29 26.44 14.00
C SER C 192 13.95 25.27 13.27
N ARG C 193 13.60 24.03 13.64
CA ARG C 193 14.07 22.83 12.94
C ARG C 193 15.57 22.84 12.72
N SER C 194 16.34 22.66 13.81
CA SER C 194 17.65 23.25 14.05
C SER C 194 18.48 23.51 12.81
N SER C 195 18.97 24.75 12.71
CA SER C 195 19.52 25.29 11.48
C SER C 195 20.38 26.48 11.87
N ARG C 196 20.74 27.28 10.86
CA ARG C 196 21.22 28.63 11.12
C ARG C 196 20.03 29.59 11.26
N LYS C 197 19.21 29.34 12.27
CA LYS C 197 17.97 30.09 12.45
C LYS C 197 18.31 31.48 12.97
N ILE C 198 17.30 32.18 13.51
CA ILE C 198 17.47 33.52 14.07
C ILE C 198 18.72 33.57 14.91
N CYS C 199 19.49 34.64 14.73
CA CYS C 199 20.80 34.81 15.34
C CYS C 199 20.78 35.92 16.38
N THR C 200 19.78 35.83 17.25
CA THR C 200 19.48 36.76 18.33
C THR C 200 20.70 37.29 19.07
N ILE C 201 20.68 38.58 19.39
CA ILE C 201 21.83 39.28 19.97
C ILE C 201 21.60 39.59 21.44
N GLY C 202 20.48 40.24 21.76
CA GLY C 202 20.12 40.56 23.13
C GLY C 202 21.19 41.23 23.98
N ILE C 203 21.51 42.48 23.66
CA ILE C 203 22.59 43.19 24.34
C ILE C 203 22.13 43.53 25.76
N ALA C 204 23.02 43.29 26.72
CA ALA C 204 22.76 43.66 28.11
C ALA C 204 24.08 44.03 28.77
N PRO C 205 24.07 44.48 30.04
CA PRO C 205 25.33 44.78 30.71
C PRO C 205 25.97 43.59 31.40
N TRP C 206 27.16 43.84 31.97
CA TRP C 206 27.87 42.92 32.83
C TRP C 206 27.61 43.21 34.31
N GLY C 207 26.75 44.18 34.61
CA GLY C 207 26.57 44.65 35.96
C GLY C 207 25.48 43.93 36.72
N VAL C 208 24.32 43.74 36.07
CA VAL C 208 23.20 43.05 36.72
C VAL C 208 23.24 41.56 36.44
N ILE C 209 24.37 41.05 35.95
CA ILE C 209 24.45 39.69 35.45
C ILE C 209 24.85 38.72 36.55
N GLU C 210 24.31 37.51 36.47
CA GLU C 210 24.58 36.44 37.42
C GLU C 210 25.73 35.56 36.94
N ASN C 211 26.52 35.10 37.89
CA ASN C 211 27.68 34.26 37.64
C ASN C 211 28.62 34.91 36.64
N ARG C 212 28.89 36.19 36.84
CA ARG C 212 29.88 36.90 36.07
C ARG C 212 31.25 36.24 36.14
N ASN C 213 31.57 35.64 37.30
CA ASN C 213 32.91 35.11 37.52
C ASN C 213 33.13 33.79 36.76
N ASP C 214 32.04 33.09 36.42
CA ASP C 214 32.18 31.84 35.69
C ASP C 214 32.78 32.07 34.31
N LEU C 215 32.42 33.17 33.66
CA LEU C 215 32.75 33.42 32.26
C LEU C 215 33.77 34.54 32.12
N VAL C 216 34.73 34.59 33.05
CA VAL C 216 35.86 35.51 32.98
C VAL C 216 37.01 34.80 32.28
N GLY C 217 37.82 35.56 31.56
CA GLY C 217 39.01 35.05 30.90
C GLY C 217 38.93 35.36 29.42
N ARG C 218 40.09 35.35 28.78
CA ARG C 218 40.18 35.66 27.36
C ARG C 218 39.84 34.42 26.54
N ASP C 219 39.02 34.61 25.50
CA ASP C 219 38.55 33.63 24.52
C ASP C 219 38.35 32.23 25.12
N VAL C 220 37.57 32.19 26.21
CA VAL C 220 37.55 31.06 27.13
C VAL C 220 36.12 30.52 27.20
N VAL C 221 35.99 29.20 27.12
CA VAL C 221 34.71 28.54 27.33
C VAL C 221 34.28 28.84 28.76
N ALA C 222 32.97 28.92 28.98
CA ALA C 222 32.40 29.35 30.25
C ALA C 222 31.55 28.22 30.81
N PRO C 223 31.78 27.83 32.08
CA PRO C 223 30.80 26.95 32.74
C PRO C 223 29.64 27.75 33.30
N TYR C 224 28.90 28.38 32.40
CA TYR C 224 27.75 29.18 32.80
C TYR C 224 26.57 28.27 33.11
N GLN C 225 25.96 28.47 34.28
CA GLN C 225 25.06 27.48 34.86
C GLN C 225 23.65 28.03 34.99
N THR C 226 22.70 27.09 34.89
CA THR C 226 21.27 27.38 34.94
C THR C 226 20.78 27.54 36.38
N LEU C 227 21.01 28.74 36.93
CA LEU C 227 20.62 29.04 38.32
C LEU C 227 19.21 29.60 38.38
N LEU C 228 18.25 28.76 38.73
CA LEU C 228 16.91 29.19 39.09
C LEU C 228 16.70 29.23 40.61
N ASN C 229 17.74 29.57 41.37
CA ASN C 229 17.71 29.91 42.78
C ASN C 229 16.54 30.86 43.01
N PRO C 230 15.59 30.59 43.98
CA PRO C 230 14.35 31.37 44.02
C PRO C 230 14.52 32.89 44.13
N LEU C 231 15.54 33.38 44.83
CA LEU C 231 15.68 34.83 45.00
C LEU C 231 16.59 35.44 43.94
N SER C 232 17.90 35.17 44.02
CA SER C 232 18.89 35.51 42.99
C SER C 232 18.72 36.91 42.42
N LYS C 233 19.03 37.96 43.20
CA LYS C 233 18.95 39.33 42.69
C LYS C 233 19.64 39.47 41.34
N LEU C 234 20.82 38.87 41.18
CA LEU C 234 21.41 38.76 39.86
C LEU C 234 20.63 37.74 39.03
N ASN C 235 20.62 37.94 37.72
CA ASN C 235 19.74 37.22 36.82
C ASN C 235 20.56 36.46 35.79
N VAL C 236 20.01 35.35 35.33
CA VAL C 236 20.63 34.56 34.26
C VAL C 236 20.28 35.20 32.92
N LEU C 237 21.18 35.05 31.94
CA LEU C 237 20.82 35.26 30.55
C LEU C 237 19.81 34.20 30.16
N ASN C 238 18.87 34.57 29.31
CA ASN C 238 17.90 33.59 28.86
C ASN C 238 18.57 32.55 27.97
N ASN C 239 17.96 31.37 27.95
CA ASN C 239 18.51 30.20 27.28
C ASN C 239 18.75 30.42 25.80
N LEU C 240 17.68 30.54 25.02
CA LEU C 240 17.77 30.25 23.60
C LEU C 240 18.51 31.31 22.81
N HIS C 241 18.67 32.50 23.38
CA HIS C 241 19.50 33.55 22.80
C HIS C 241 20.86 33.04 22.38
N SER C 242 21.19 33.27 21.12
CA SER C 242 22.52 33.11 20.55
C SER C 242 23.33 34.32 20.98
N HIS C 243 24.31 34.74 20.15
CA HIS C 243 25.32 35.76 20.41
C HIS C 243 24.91 36.81 21.43
N PHE C 244 25.77 37.11 22.40
CA PHE C 244 25.50 38.11 23.43
C PHE C 244 26.57 39.19 23.37
N ILE C 245 26.22 40.34 23.93
CA ILE C 245 27.19 41.38 24.26
C ILE C 245 26.92 41.77 25.71
N LEU C 246 28.00 42.00 26.44
CA LEU C 246 27.93 42.19 27.89
C LEU C 246 28.69 43.46 28.25
N VAL C 247 28.31 44.57 27.62
CA VAL C 247 28.95 45.88 27.76
C VAL C 247 29.15 46.18 29.23
N ASP C 248 30.41 46.29 29.65
CA ASP C 248 30.73 46.59 31.04
C ASP C 248 30.93 48.10 31.15
N ASP C 249 29.90 48.75 31.69
CA ASP C 249 29.96 50.16 32.07
C ASP C 249 31.17 50.44 32.95
N GLY C 250 31.61 49.45 33.73
CA GLY C 250 32.65 49.60 34.71
C GLY C 250 32.06 49.63 36.10
N THR C 251 30.85 49.06 36.23
CA THR C 251 30.12 49.08 37.49
C THR C 251 29.11 47.94 37.52
N VAL C 252 29.25 47.10 38.54
CA VAL C 252 28.20 46.18 38.97
C VAL C 252 26.91 46.92 39.28
N GLY C 253 25.78 46.23 39.12
CA GLY C 253 24.49 46.70 39.60
C GLY C 253 23.80 47.71 38.70
N LYS C 254 24.55 48.72 38.26
CA LYS C 254 24.04 49.79 37.42
C LYS C 254 23.41 49.25 36.13
N TYR C 255 22.64 50.11 35.47
CA TYR C 255 22.00 49.82 34.19
C TYR C 255 22.65 50.67 33.11
N GLY C 256 22.09 50.67 31.91
CA GLY C 256 22.45 51.62 30.89
C GLY C 256 23.20 51.03 29.71
N ALA C 257 23.74 49.81 29.83
CA ALA C 257 24.53 49.26 28.74
C ALA C 257 23.64 48.47 27.79
N GLU C 258 22.52 49.09 27.41
CA GLU C 258 21.67 48.65 26.32
C GLU C 258 21.65 49.77 25.30
N VAL C 259 21.24 50.96 25.75
CA VAL C 259 20.84 52.05 24.87
C VAL C 259 22.03 52.71 24.18
N ARG C 260 23.19 52.74 24.84
CA ARG C 260 24.36 53.39 24.26
C ARG C 260 24.78 52.72 22.96
N LEU C 261 24.49 51.42 22.83
CA LEU C 261 24.81 50.65 21.63
C LEU C 261 23.56 50.23 20.89
N ARG C 262 22.53 49.80 21.63
CA ARG C 262 21.29 49.35 20.99
C ARG C 262 20.62 50.50 20.24
N ARG C 263 20.98 51.73 20.57
CA ARG C 263 20.69 52.86 19.70
C ARG C 263 21.55 52.81 18.44
N GLU C 264 22.87 52.85 18.63
CA GLU C 264 23.81 53.02 17.55
C GLU C 264 23.73 51.87 16.56
N LEU C 265 23.61 50.65 17.07
CA LEU C 265 23.56 49.46 16.24
C LEU C 265 22.40 49.57 15.25
N GLU C 266 21.21 49.82 15.76
CA GLU C 266 20.01 49.99 14.95
C GLU C 266 20.21 50.97 13.80
N LYS C 267 20.64 52.19 14.13
CA LYS C 267 20.93 53.18 13.09
C LYS C 267 22.05 52.71 12.19
N THR C 268 23.06 52.05 12.76
CA THR C 268 24.25 51.72 12.00
C THR C 268 24.02 50.56 11.04
N ILE C 269 23.10 49.66 11.38
CA ILE C 269 22.67 48.65 10.42
C ILE C 269 21.75 49.24 9.38
N ASN C 270 20.87 50.16 9.79
CA ASN C 270 20.01 50.88 8.86
C ASN C 270 20.78 51.81 7.93
N GLN C 271 22.06 52.03 8.20
CA GLN C 271 22.94 52.78 7.31
C GLN C 271 23.54 51.92 6.22
N GLN C 272 23.52 50.60 6.37
CA GLN C 272 24.19 49.70 5.44
C GLN C 272 23.20 49.21 4.38
N ARG C 273 23.75 48.81 3.24
CA ARG C 273 22.95 48.40 2.09
C ARG C 273 22.45 46.97 2.28
N ILE C 274 21.16 46.76 2.01
CA ILE C 274 20.48 45.49 2.26
C ILE C 274 21.04 44.37 1.39
N HIS C 275 21.65 44.70 0.26
CA HIS C 275 22.12 43.69 -0.69
C HIS C 275 22.95 44.42 -1.73
N ALA C 276 23.78 43.66 -2.45
CA ALA C 276 24.65 44.23 -3.47
C ALA C 276 23.85 45.00 -4.53
N ARG C 277 22.82 44.36 -5.08
CA ARG C 277 21.97 44.98 -6.09
C ARG C 277 21.15 46.12 -5.50
N ILE C 278 20.42 45.84 -4.42
CA ILE C 278 19.49 46.80 -3.84
C ILE C 278 20.30 47.90 -3.18
N GLY C 279 19.71 49.08 -3.02
CA GLY C 279 20.40 50.24 -2.46
C GLY C 279 19.60 50.99 -1.41
N GLN C 280 18.81 50.27 -0.62
CA GLN C 280 18.06 50.85 0.48
C GLN C 280 18.88 50.75 1.76
N GLY C 281 18.27 51.11 2.89
CA GLY C 281 18.84 50.86 4.19
C GLY C 281 18.17 49.67 4.83
N VAL C 282 18.92 48.88 5.60
CA VAL C 282 18.36 47.71 6.26
C VAL C 282 17.23 48.18 7.18
N PRO C 283 16.08 47.53 7.20
CA PRO C 283 14.97 48.04 7.99
C PRO C 283 15.11 47.73 9.46
N VAL C 284 14.56 48.62 10.28
CA VAL C 284 14.44 48.43 11.71
C VAL C 284 12.97 48.44 12.05
N VAL C 285 12.54 47.49 12.87
CA VAL C 285 11.18 47.43 13.38
C VAL C 285 11.26 47.22 14.88
N ALA C 286 10.44 47.97 15.61
CA ALA C 286 10.43 47.92 17.06
C ALA C 286 9.19 47.21 17.55
N LEU C 287 9.38 46.11 18.27
CA LEU C 287 8.28 45.37 18.86
C LEU C 287 8.19 45.67 20.33
N ILE C 288 6.97 45.56 20.88
CA ILE C 288 6.66 45.97 22.23
C ILE C 288 5.89 44.84 22.89
N PHE C 289 6.45 44.29 23.95
CA PHE C 289 5.73 43.40 24.86
C PHE C 289 5.58 44.16 26.18
N GLU C 290 4.39 44.71 26.39
CA GLU C 290 3.89 45.38 27.60
C GLU C 290 4.75 46.52 28.15
N GLY C 291 5.81 46.93 27.44
CA GLY C 291 6.53 48.18 27.67
C GLY C 291 6.69 48.67 29.10
N GLY C 292 6.31 49.92 29.33
CA GLY C 292 6.48 50.54 30.61
C GLY C 292 6.50 52.04 30.53
N PRO C 293 6.73 52.70 31.66
CA PRO C 293 6.80 54.17 31.65
C PRO C 293 7.94 54.66 30.79
N ASN C 294 9.08 53.97 30.84
CA ASN C 294 10.21 54.33 30.00
C ASN C 294 10.02 53.85 28.56
N VAL C 295 9.46 52.65 28.38
CA VAL C 295 9.31 52.09 27.04
C VAL C 295 8.35 52.94 26.24
N ILE C 296 7.21 53.31 26.83
CA ILE C 296 6.17 54.10 26.16
C ILE C 296 6.76 55.40 25.65
N LEU C 297 7.84 55.89 26.29
CA LEU C 297 8.63 56.96 25.71
C LEU C 297 9.62 56.42 24.67
N THR C 298 10.20 55.24 24.92
CA THR C 298 11.08 54.63 23.94
C THR C 298 10.33 54.39 22.63
N VAL C 299 9.10 53.88 22.74
CA VAL C 299 8.17 53.77 21.62
C VAL C 299 8.12 55.10 20.90
N LEU C 300 7.96 56.18 21.66
CA LEU C 300 7.83 57.49 21.06
C LEU C 300 9.10 57.90 20.34
N GLU C 301 10.25 57.48 20.86
CA GLU C 301 11.51 57.91 20.29
C GLU C 301 11.63 57.40 18.87
N TYR C 302 11.35 56.12 18.67
CA TYR C 302 11.40 55.55 17.32
C TYR C 302 10.39 56.19 16.40
N LEU C 303 9.22 56.55 16.95
CA LEU C 303 8.29 57.37 16.19
C LEU C 303 8.92 58.71 15.84
N GLN C 304 9.77 59.24 16.72
CA GLN C 304 10.40 60.54 16.51
C GLN C 304 11.77 60.48 15.86
N GLU C 305 12.30 59.30 15.56
CA GLU C 305 13.63 59.22 14.95
C GLU C 305 13.61 59.68 13.51
N SER C 306 14.81 59.82 12.93
CA SER C 306 14.97 60.08 11.50
C SER C 306 16.15 59.23 11.03
N PRO C 307 15.88 58.10 10.33
CA PRO C 307 14.64 57.56 9.75
C PRO C 307 13.55 57.23 10.78
N PRO C 308 12.26 57.53 10.49
CA PRO C 308 11.21 57.20 11.46
C PRO C 308 10.98 55.70 11.61
N VAL C 309 11.82 55.09 12.44
CA VAL C 309 11.74 53.67 12.78
C VAL C 309 10.34 53.40 13.32
N PRO C 310 9.52 52.53 12.70
CA PRO C 310 8.17 52.32 13.23
C PRO C 310 8.17 51.49 14.49
N VAL C 311 6.98 51.19 15.01
CA VAL C 311 6.82 50.36 16.19
C VAL C 311 5.67 49.40 15.95
N VAL C 312 5.72 48.26 16.61
CA VAL C 312 4.61 47.30 16.63
C VAL C 312 4.30 47.06 18.11
N VAL C 313 3.06 47.32 18.49
CA VAL C 313 2.56 46.96 19.81
C VAL C 313 1.53 45.85 19.63
N CYS C 314 1.05 45.33 20.76
CA CYS C 314 0.23 44.13 20.80
C CYS C 314 -0.88 44.31 21.84
N GLU C 315 -2.13 44.15 21.42
CA GLU C 315 -3.22 44.12 22.36
C GLU C 315 -3.17 42.83 23.17
N GLY C 316 -2.80 42.93 24.45
CA GLY C 316 -2.97 41.83 25.37
C GLY C 316 -1.70 41.14 25.82
N THR C 317 -0.56 41.83 25.78
CA THR C 317 0.65 41.39 26.46
C THR C 317 0.81 42.04 27.82
N GLY C 318 0.38 43.29 27.97
CA GLY C 318 0.35 43.92 29.27
C GLY C 318 0.23 45.43 29.13
N ARG C 319 0.52 46.10 30.24
CA ARG C 319 0.27 47.53 30.48
C ARG C 319 0.50 48.46 29.28
N ALA C 320 1.69 48.49 28.68
CA ALA C 320 1.99 49.50 27.69
C ALA C 320 1.43 49.13 26.33
N ALA C 321 1.74 47.93 25.88
CA ALA C 321 1.23 47.40 24.63
C ALA C 321 -0.30 47.46 24.61
N ASP C 322 -0.92 47.22 25.77
CA ASP C 322 -2.36 47.39 25.89
C ASP C 322 -2.75 48.86 25.75
N LEU C 323 -2.09 49.75 26.49
CA LEU C 323 -2.51 51.15 26.51
C LEU C 323 -2.23 51.83 25.18
N LEU C 324 -1.07 51.56 24.59
CA LEU C 324 -0.78 52.08 23.26
C LEU C 324 -1.80 51.54 22.26
N ALA C 325 -2.21 50.28 22.44
CA ALA C 325 -3.32 49.74 21.67
C ALA C 325 -4.66 50.31 22.14
N TYR C 326 -4.76 50.64 23.43
CA TYR C 326 -5.98 51.24 23.97
C TYR C 326 -6.21 52.61 23.38
N ILE C 327 -5.22 53.49 23.43
CA ILE C 327 -5.41 54.84 22.91
C ILE C 327 -5.51 54.82 21.40
N HIS C 328 -4.91 53.81 20.77
CA HIS C 328 -5.09 53.63 19.32
C HIS C 328 -6.56 53.44 18.98
N LYS C 329 -7.34 52.91 19.91
CA LYS C 329 -8.79 52.84 19.74
C LYS C 329 -9.45 54.19 20.01
N GLN C 330 -9.13 54.80 21.15
CA GLN C 330 -9.68 56.12 21.49
C GLN C 330 -9.26 57.18 20.49
N THR C 331 -7.95 57.44 20.40
CA THR C 331 -7.44 58.45 19.50
C THR C 331 -7.75 58.08 18.05
N GLU C 332 -8.30 59.04 17.32
CA GLU C 332 -8.58 58.94 15.91
C GLU C 332 -7.85 60.07 15.20
N GLU C 333 -7.23 59.74 14.06
CA GLU C 333 -6.37 60.62 13.27
C GLU C 333 -5.01 60.88 13.92
N GLY C 334 -4.82 60.44 15.16
CA GLY C 334 -3.64 60.83 15.92
C GLY C 334 -3.80 62.15 16.64
N GLY C 335 -4.21 63.18 15.90
CA GLY C 335 -4.32 64.51 16.47
C GLY C 335 -5.42 64.64 17.51
N ASN C 336 -6.49 63.86 17.37
CA ASN C 336 -7.58 63.89 18.33
C ASN C 336 -7.15 63.12 19.59
N LEU C 337 -7.99 63.15 20.63
CA LEU C 337 -7.69 62.42 21.85
C LEU C 337 -8.93 62.17 22.70
N PRO C 338 -10.02 61.59 22.14
CA PRO C 338 -11.34 62.22 22.33
C PRO C 338 -11.53 62.86 23.69
N ASP C 339 -11.77 64.17 23.67
CA ASP C 339 -11.68 64.98 24.89
C ASP C 339 -12.67 64.55 25.96
N ALA C 340 -13.70 63.79 25.58
CA ALA C 340 -14.62 63.23 26.55
C ALA C 340 -13.94 62.26 27.52
N ALA C 341 -12.75 61.77 27.17
CA ALA C 341 -12.06 60.76 27.96
C ALA C 341 -10.57 61.08 28.05
N GLU C 342 -10.19 62.36 27.95
CA GLU C 342 -8.77 62.69 27.93
C GLU C 342 -8.09 62.53 29.28
N PRO C 343 -8.74 62.69 30.44
CA PRO C 343 -8.26 62.00 31.64
C PRO C 343 -8.94 60.68 31.99
N ASP C 344 -9.95 60.26 31.23
CA ASP C 344 -10.53 58.95 31.52
C ASP C 344 -9.56 57.83 31.15
N ILE C 345 -8.72 58.06 30.14
CA ILE C 345 -7.57 57.19 29.98
C ILE C 345 -6.64 57.37 31.16
N ILE C 346 -6.47 58.61 31.64
CA ILE C 346 -5.63 58.84 32.81
C ILE C 346 -6.23 58.15 34.04
N SER C 347 -7.52 57.85 34.02
CA SER C 347 -8.08 56.92 34.99
C SER C 347 -7.51 55.52 34.78
N THR C 348 -7.36 55.12 33.51
CA THR C 348 -6.81 53.80 33.20
C THR C 348 -5.30 53.78 33.36
N ILE C 349 -4.64 54.89 33.00
CA ILE C 349 -3.19 55.02 33.14
C ILE C 349 -2.78 54.81 34.59
N LYS C 350 -3.65 55.24 35.51
CA LYS C 350 -3.47 55.04 36.94
C LYS C 350 -3.53 53.57 37.32
N LYS C 351 -4.63 52.89 37.00
CA LYS C 351 -4.91 51.58 37.57
C LYS C 351 -3.91 50.52 37.08
N THR C 352 -3.57 50.57 35.79
CA THR C 352 -2.72 49.55 35.19
C THR C 352 -1.34 49.53 35.83
N PHE C 353 -0.64 50.66 35.79
CA PHE C 353 0.69 50.76 36.37
C PHE C 353 0.68 50.78 37.89
N ASN C 354 -0.29 51.49 38.48
CA ASN C 354 -0.26 52.16 39.80
C ASN C 354 0.57 53.45 39.79
N PHE C 355 0.42 54.26 38.75
CA PHE C 355 1.04 55.58 38.65
C PHE C 355 0.48 56.57 39.67
N GLY C 356 0.93 57.83 39.60
CA GLY C 356 0.42 58.94 40.38
C GLY C 356 -0.42 59.90 39.56
N GLN C 357 -0.11 61.20 39.63
CA GLN C 357 -0.84 62.23 38.89
C GLN C 357 0.07 63.01 37.95
N SER C 358 1.16 63.56 38.47
CA SER C 358 2.07 64.35 37.64
C SER C 358 2.68 63.51 36.54
N GLU C 359 2.89 62.21 36.80
CA GLU C 359 3.32 61.26 35.79
C GLU C 359 2.17 60.73 34.96
N ALA C 360 0.94 60.80 35.49
CA ALA C 360 -0.23 60.33 34.77
C ALA C 360 -0.46 61.15 33.52
N VAL C 361 -0.37 62.48 33.63
CA VAL C 361 -0.42 63.33 32.45
C VAL C 361 0.85 63.16 31.63
N HIS C 362 1.97 62.88 32.28
CA HIS C 362 3.23 62.68 31.57
C HIS C 362 3.17 61.46 30.67
N LEU C 363 2.59 60.37 31.18
CA LEU C 363 2.30 59.23 30.33
C LEU C 363 1.33 59.63 29.23
N PHE C 364 0.26 60.32 29.60
CA PHE C 364 -0.71 60.81 28.63
C PHE C 364 -0.06 61.73 27.61
N GLN C 365 0.90 62.54 28.06
CA GLN C 365 1.66 63.37 27.14
C GLN C 365 2.36 62.50 26.10
N THR C 366 3.13 61.51 26.55
CA THR C 366 3.81 60.58 25.66
C THR C 366 2.83 59.93 24.70
N MET C 367 1.65 59.54 25.21
CA MET C 367 0.61 58.97 24.36
C MET C 367 0.24 59.90 23.21
N MET C 368 0.24 61.20 23.43
CA MET C 368 -0.15 62.14 22.38
C MET C 368 0.83 62.10 21.23
N GLU C 369 2.11 62.41 21.48
CA GLU C 369 3.10 62.40 20.41
C GLU C 369 3.21 61.02 19.79
N CYS C 370 2.92 59.97 20.56
CA CYS C 370 2.89 58.63 20.01
C CYS C 370 1.84 58.53 18.93
N MET C 371 0.68 59.15 19.20
CA MET C 371 -0.43 59.06 18.26
C MET C 371 -0.31 60.07 17.13
N LYS C 372 0.42 61.19 17.36
CA LYS C 372 0.52 62.26 16.36
C LYS C 372 0.94 61.72 14.99
N LYS C 373 1.78 60.68 14.99
CA LYS C 373 1.88 59.78 13.84
C LYS C 373 1.31 58.40 14.18
N LYS C 374 -0.01 58.23 14.01
CA LYS C 374 -0.57 56.88 13.95
C LYS C 374 -0.23 56.18 12.65
N GLU C 375 0.35 56.89 11.69
CA GLU C 375 0.70 56.33 10.39
C GLU C 375 1.65 55.16 10.53
N LEU C 376 2.86 55.41 11.03
CA LEU C 376 3.90 54.39 11.06
C LEU C 376 3.93 53.58 12.36
N ILE C 377 2.76 53.15 12.81
CA ILE C 377 2.68 52.28 13.98
C ILE C 377 1.40 51.48 13.88
N THR C 378 1.43 50.26 14.42
CA THR C 378 0.37 49.29 14.24
C THR C 378 0.08 48.60 15.57
N VAL C 379 -0.92 47.73 15.55
CA VAL C 379 -1.35 46.98 16.73
C VAL C 379 -1.66 45.57 16.29
N PHE C 380 -1.48 44.62 17.21
CA PHE C 380 -1.76 43.20 16.96
C PHE C 380 -2.96 42.78 17.80
N HIS C 381 -4.10 42.63 17.15
CA HIS C 381 -5.35 42.25 17.80
C HIS C 381 -5.58 40.75 17.62
N ILE C 382 -4.92 39.97 18.48
CA ILE C 382 -5.02 38.52 18.43
C ILE C 382 -6.46 38.07 18.65
N GLY C 383 -7.25 38.84 19.40
CA GLY C 383 -8.63 38.48 19.65
C GLY C 383 -9.51 38.49 18.42
N SER C 384 -9.05 39.10 17.33
CA SER C 384 -9.84 39.21 16.10
C SER C 384 -8.99 38.87 14.88
N GLU C 385 -9.63 38.97 13.71
CA GLU C 385 -9.00 38.66 12.42
C GLU C 385 -8.34 39.90 11.82
N ASP C 386 -7.51 40.57 12.60
CA ASP C 386 -6.95 41.87 12.21
C ASP C 386 -5.52 41.68 11.74
N HIS C 387 -5.35 41.42 10.44
CA HIS C 387 -4.06 41.13 9.84
C HIS C 387 -3.30 40.05 10.60
N GLN C 388 -3.74 38.80 10.53
CA GLN C 388 -3.27 37.74 11.41
C GLN C 388 -1.76 37.57 11.39
N ASP C 389 -1.24 36.78 12.34
CA ASP C 389 0.10 36.22 12.19
C ASP C 389 1.13 37.33 12.10
N ILE C 390 1.49 37.90 13.25
CA ILE C 390 2.17 39.20 13.41
C ILE C 390 3.22 39.49 12.33
N ASP C 391 3.77 38.46 11.70
CA ASP C 391 4.59 38.54 10.49
C ASP C 391 4.17 39.62 9.53
N VAL C 392 2.95 39.50 9.04
CA VAL C 392 2.42 40.35 7.99
C VAL C 392 2.47 41.76 8.53
N ALA C 393 2.00 41.94 9.76
CA ALA C 393 2.02 43.24 10.40
C ALA C 393 3.43 43.80 10.49
N ILE C 394 4.39 42.98 10.93
CA ILE C 394 5.78 43.42 11.08
C ILE C 394 6.33 43.78 9.71
N LEU C 395 6.29 42.81 8.79
CA LEU C 395 6.79 43.01 7.44
C LEU C 395 6.07 44.18 6.77
N THR C 396 4.74 44.24 6.90
CA THR C 396 3.95 45.29 6.26
C THR C 396 4.26 46.66 6.85
N ALA C 397 4.40 46.72 8.18
CA ALA C 397 4.46 48.00 8.89
C ALA C 397 5.61 48.87 8.41
N LEU C 398 6.68 48.25 7.91
CA LEU C 398 7.79 48.99 7.35
C LEU C 398 7.46 49.61 6.01
N LEU C 399 6.35 49.22 5.38
CA LEU C 399 5.99 49.66 4.04
C LEU C 399 4.87 50.69 4.06
N LYS C 400 3.86 50.47 4.89
CA LYS C 400 2.73 51.37 4.99
C LYS C 400 3.17 52.72 5.53
N GLY C 401 3.84 52.72 6.66
CA GLY C 401 4.22 53.96 7.31
C GLY C 401 5.33 54.70 6.61
N THR C 402 6.49 54.06 6.51
CA THR C 402 7.65 54.65 5.86
C THR C 402 7.31 55.00 4.42
N ASN C 403 7.28 56.30 4.13
CA ASN C 403 6.94 56.75 2.79
C ASN C 403 8.00 56.27 1.80
N ALA C 404 7.57 55.36 0.92
CA ALA C 404 8.44 54.82 -0.12
C ALA C 404 7.60 54.34 -1.30
N SER C 405 8.09 54.56 -2.51
CA SER C 405 7.36 54.13 -3.69
C SER C 405 7.19 52.62 -3.72
N ALA C 406 6.22 52.16 -4.52
CA ALA C 406 5.95 50.73 -4.61
C ALA C 406 7.17 49.97 -5.10
N PHE C 407 7.98 50.62 -5.95
CA PHE C 407 9.32 50.12 -6.21
C PHE C 407 10.07 49.91 -4.90
N ASP C 408 10.27 51.00 -4.15
CA ASP C 408 11.02 50.92 -2.90
C ASP C 408 10.35 49.97 -1.91
N GLN C 409 9.05 49.76 -2.04
CA GLN C 409 8.37 48.73 -1.26
C GLN C 409 8.75 47.35 -1.77
N LEU C 410 8.46 47.11 -3.05
CA LEU C 410 8.68 45.82 -3.71
C LEU C 410 10.10 45.31 -3.51
N ILE C 411 11.07 46.14 -3.85
CA ILE C 411 12.49 45.78 -3.84
C ILE C 411 12.91 45.27 -2.48
N LEU C 412 12.26 45.77 -1.42
CA LEU C 412 12.50 45.23 -0.09
C LEU C 412 11.90 43.83 0.03
N THR C 413 10.64 43.67 -0.40
CA THR C 413 10.01 42.36 -0.39
C THR C 413 10.79 41.36 -1.24
N LEU C 414 11.40 41.86 -2.31
CA LEU C 414 12.26 41.01 -3.13
C LEU C 414 13.44 40.51 -2.33
N ALA C 415 14.08 41.41 -1.58
CA ALA C 415 15.20 41.01 -0.75
C ALA C 415 14.75 39.97 0.27
N TRP C 416 13.54 40.12 0.76
CA TRP C 416 12.90 39.13 1.62
C TRP C 416 12.07 38.14 0.84
N ASP C 417 12.55 37.54 -0.25
CA ASP C 417 12.09 36.25 -0.80
C ASP C 417 10.65 35.87 -0.42
N ARG C 418 9.71 36.82 -0.50
CA ARG C 418 8.34 36.64 0.03
C ARG C 418 7.40 37.44 -0.87
N VAL C 419 6.64 36.72 -1.69
CA VAL C 419 5.67 37.35 -2.57
C VAL C 419 4.37 37.63 -1.84
N ASP C 420 3.98 36.72 -0.95
CA ASP C 420 2.66 36.73 -0.33
C ASP C 420 2.34 38.06 0.32
N ILE C 421 3.36 38.75 0.81
CA ILE C 421 3.23 40.12 1.29
C ILE C 421 2.87 41.00 0.11
N ALA C 422 3.76 41.05 -0.88
CA ALA C 422 3.58 41.97 -2.00
C ALA C 422 2.34 41.62 -2.82
N LYS C 423 2.00 40.33 -2.87
CA LYS C 423 0.81 39.91 -3.59
C LYS C 423 -0.45 40.52 -3.02
N ASN C 424 -0.44 40.91 -1.75
CA ASN C 424 -1.65 41.34 -1.05
C ASN C 424 -1.46 42.68 -0.35
N HIS C 425 -0.25 43.27 -0.43
CA HIS C 425 0.02 44.55 0.23
C HIS C 425 0.82 45.53 -0.61
N VAL C 426 1.38 45.10 -1.74
CA VAL C 426 2.04 46.00 -2.67
C VAL C 426 1.36 45.94 -4.03
N PHE C 427 1.04 44.74 -4.49
CA PHE C 427 0.27 44.54 -5.71
C PHE C 427 -1.23 44.55 -5.42
N VAL C 428 -1.68 45.67 -4.84
CA VAL C 428 -3.05 45.84 -4.39
C VAL C 428 -3.75 46.79 -5.35
N TYR C 429 -5.06 46.93 -5.17
CA TYR C 429 -5.90 47.78 -6.02
C TYR C 429 -5.37 49.20 -6.14
N GLY C 430 -5.65 49.84 -7.29
CA GLY C 430 -5.42 51.26 -7.50
C GLY C 430 -4.07 51.77 -7.08
N GLN C 431 -3.03 51.27 -7.73
CA GLN C 431 -1.65 51.53 -7.34
C GLN C 431 -0.95 52.31 -8.45
N GLN C 432 0.10 53.03 -8.07
CA GLN C 432 0.70 54.08 -8.89
C GLN C 432 1.91 53.60 -9.68
N TRP C 433 1.86 52.35 -10.15
CA TRP C 433 3.02 51.66 -10.71
C TRP C 433 3.78 52.44 -11.77
N LEU C 434 5.02 52.77 -11.44
CA LEU C 434 5.91 53.54 -12.30
C LEU C 434 6.19 52.77 -13.58
N VAL C 435 6.61 53.48 -14.61
CA VAL C 435 6.71 52.92 -15.96
C VAL C 435 7.80 51.86 -16.04
N GLY C 436 8.98 52.14 -15.50
CA GLY C 436 10.12 51.24 -15.61
C GLY C 436 10.51 50.53 -14.34
N SER C 437 9.80 50.78 -13.25
CA SER C 437 10.11 50.14 -11.99
C SER C 437 9.84 48.64 -12.05
N LEU C 438 8.74 48.26 -12.70
CA LEU C 438 8.47 46.84 -12.92
C LEU C 438 9.61 46.18 -13.66
N GLU C 439 10.08 46.85 -14.72
CA GLU C 439 11.20 46.34 -15.50
C GLU C 439 12.44 46.23 -14.63
N GLN C 440 12.81 47.33 -13.96
CA GLN C 440 14.01 47.36 -13.15
C GLN C 440 13.95 46.37 -11.99
N ALA C 441 12.75 45.93 -11.61
CA ALA C 441 12.64 44.91 -10.58
C ALA C 441 12.91 43.52 -11.15
N MET C 442 12.44 43.27 -12.38
CA MET C 442 12.70 41.99 -13.01
C MET C 442 14.19 41.79 -13.23
N LEU C 443 14.92 42.89 -13.46
CA LEU C 443 16.37 42.79 -13.50
C LEU C 443 16.92 42.22 -12.20
N ASP C 444 16.27 42.52 -11.08
CA ASP C 444 16.78 42.14 -9.78
C ASP C 444 16.32 40.75 -9.38
N ALA C 445 15.06 40.42 -9.71
CA ALA C 445 14.53 39.12 -9.35
C ALA C 445 15.17 38.00 -10.16
N LEU C 446 15.55 38.28 -11.40
CA LEU C 446 16.19 37.27 -12.23
C LEU C 446 17.60 36.97 -11.74
N VAL C 447 18.39 38.02 -11.51
CA VAL C 447 19.77 37.83 -11.11
C VAL C 447 19.86 37.21 -9.72
N MET C 448 18.98 37.62 -8.81
CA MET C 448 18.98 37.13 -7.44
C MET C 448 18.31 35.76 -7.30
N ASP C 449 17.82 35.18 -8.39
CA ASP C 449 17.14 33.89 -8.37
C ASP C 449 15.92 33.94 -7.45
N ARG C 450 14.97 34.83 -7.75
CA ARG C 450 13.67 34.84 -7.10
C ARG C 450 12.61 34.61 -8.16
N VAL C 451 12.36 33.35 -8.47
CA VAL C 451 11.38 32.97 -9.48
C VAL C 451 10.00 33.47 -9.08
N SER C 452 9.73 33.45 -7.77
CA SER C 452 8.39 33.75 -7.28
C SER C 452 8.00 35.17 -7.64
N PHE C 453 8.96 36.07 -7.69
CA PHE C 453 8.68 37.45 -8.08
C PHE C 453 8.70 37.61 -9.58
N VAL C 454 9.41 36.72 -10.29
CA VAL C 454 9.34 36.70 -11.74
C VAL C 454 7.89 36.41 -12.11
N LYS C 455 7.35 35.34 -11.51
CA LYS C 455 5.96 34.94 -11.68
C LYS C 455 5.03 36.09 -11.34
N LEU C 456 5.33 36.78 -10.25
CA LEU C 456 4.48 37.87 -9.80
C LEU C 456 4.46 38.99 -10.82
N LEU C 457 5.64 39.36 -11.30
CA LEU C 457 5.74 40.51 -12.19
C LEU C 457 5.19 40.17 -13.56
N ILE C 458 5.50 38.98 -14.07
CA ILE C 458 4.98 38.57 -15.38
C ILE C 458 3.48 38.40 -15.34
N GLU C 459 2.91 38.12 -14.16
CA GLU C 459 1.46 38.11 -13.99
C GLU C 459 0.88 39.51 -14.01
N ASN C 460 1.33 40.38 -13.12
CA ASN C 460 0.86 41.76 -13.04
C ASN C 460 1.16 42.55 -14.30
N GLY C 461 2.00 42.03 -15.18
CA GLY C 461 2.22 42.55 -16.52
C GLY C 461 3.61 43.11 -16.65
N VAL C 462 4.51 42.25 -17.09
CA VAL C 462 5.85 42.63 -17.50
C VAL C 462 6.20 41.73 -18.67
N SER C 463 6.10 42.26 -19.87
CA SER C 463 6.36 41.45 -21.04
C SER C 463 7.85 41.22 -21.21
N MET C 464 8.24 39.95 -21.28
CA MET C 464 9.63 39.62 -21.55
C MET C 464 10.06 40.17 -22.90
N HIS C 465 9.13 40.25 -23.85
CA HIS C 465 9.44 40.87 -25.14
C HIS C 465 9.91 42.29 -24.98
N LYS C 466 9.37 42.99 -23.98
CA LYS C 466 9.72 44.39 -23.78
C LYS C 466 10.97 44.55 -22.92
N PHE C 467 11.15 43.67 -21.92
CA PHE C 467 12.28 43.72 -21.00
C PHE C 467 13.35 42.69 -21.40
N LEU C 468 13.87 42.82 -22.61
CA LEU C 468 14.95 41.89 -22.95
C LEU C 468 15.97 42.41 -23.98
N THR C 469 16.53 43.60 -23.78
CA THR C 469 17.45 44.14 -24.75
C THR C 469 18.79 43.41 -24.76
N ILE C 470 19.67 43.86 -25.66
CA ILE C 470 21.08 43.42 -25.63
C ILE C 470 21.72 43.79 -24.30
N PRO C 471 21.75 45.09 -23.87
CA PRO C 471 22.48 45.41 -22.64
C PRO C 471 21.93 44.72 -21.39
N ARG C 472 20.61 44.64 -21.27
CA ARG C 472 20.02 43.94 -20.13
C ARG C 472 20.51 42.49 -20.10
N LEU C 473 20.13 41.72 -21.11
CA LEU C 473 20.51 40.32 -21.23
C LEU C 473 22.01 40.13 -21.08
N GLU C 474 22.80 41.03 -21.66
CA GLU C 474 24.24 40.83 -21.75
C GLU C 474 24.87 40.77 -20.37
N GLU C 475 24.36 41.57 -19.42
CA GLU C 475 24.98 41.60 -18.10
C GLU C 475 24.44 40.51 -17.21
N LEU C 476 23.23 40.01 -17.46
CA LEU C 476 22.69 38.90 -16.68
C LEU C 476 23.67 37.74 -16.60
N TYR C 477 24.48 37.54 -17.63
CA TYR C 477 25.62 36.65 -17.54
C TYR C 477 26.72 37.21 -16.66
N ASN C 478 27.00 38.50 -16.80
CA ASN C 478 28.06 39.16 -16.06
C ASN C 478 27.59 39.61 -14.69
N THR C 479 27.17 38.66 -13.86
CA THR C 479 26.79 38.93 -12.47
C THR C 479 27.29 37.80 -11.60
N LYS C 480 27.79 38.15 -10.43
CA LYS C 480 28.06 37.19 -9.37
C LYS C 480 27.00 37.20 -8.29
N GLN C 481 26.03 38.10 -8.39
CA GLN C 481 25.02 38.29 -7.36
C GLN C 481 23.91 37.25 -7.46
N GLY C 482 24.28 35.99 -7.42
CA GLY C 482 23.31 34.92 -7.41
C GLY C 482 23.95 33.55 -7.38
N PRO C 483 23.14 32.50 -7.39
CA PRO C 483 23.70 31.15 -7.49
C PRO C 483 24.35 30.89 -8.83
N THR C 484 25.53 31.50 -9.01
CA THR C 484 26.23 31.44 -10.27
C THR C 484 26.85 30.07 -10.47
N ASN C 485 26.93 29.65 -11.73
CA ASN C 485 27.76 28.52 -12.10
C ASN C 485 29.16 29.07 -12.33
N PRO C 486 30.16 28.66 -11.55
CA PRO C 486 31.52 29.14 -11.84
C PRO C 486 32.16 28.41 -13.01
N MET C 487 31.41 27.53 -13.67
CA MET C 487 31.88 26.79 -14.83
C MET C 487 31.69 27.54 -16.14
N LEU C 488 30.71 28.45 -16.20
CA LEU C 488 30.46 29.20 -17.43
C LEU C 488 31.70 29.95 -17.87
N PHE C 489 32.42 30.53 -16.92
CA PHE C 489 33.65 31.25 -17.23
C PHE C 489 34.72 30.30 -17.73
N HIS C 490 34.58 29.00 -17.47
CA HIS C 490 35.56 28.04 -17.92
C HIS C 490 35.33 27.70 -19.39
N LEU C 491 34.08 27.42 -19.75
CA LEU C 491 33.76 27.09 -21.13
C LEU C 491 34.08 28.25 -22.05
N ILE C 492 33.93 29.48 -21.54
CA ILE C 492 34.23 30.66 -22.34
C ILE C 492 35.73 30.73 -22.61
N ARG C 493 36.55 30.59 -21.57
CA ARG C 493 37.99 30.74 -21.77
C ARG C 493 38.55 29.59 -22.59
N ASP C 494 37.80 28.50 -22.74
CA ASP C 494 38.19 27.43 -23.64
C ASP C 494 37.94 27.83 -25.10
N VAL C 495 36.72 28.27 -25.41
CA VAL C 495 36.37 28.57 -26.79
C VAL C 495 37.12 29.79 -27.28
N LYS C 496 37.62 30.62 -26.37
CA LYS C 496 38.55 31.68 -26.75
C LYS C 496 39.95 31.15 -27.01
N GLN C 497 40.18 29.85 -26.85
CA GLN C 497 41.50 29.25 -27.05
C GLN C 497 42.51 29.88 -26.11
N GLY C 498 42.21 29.86 -24.81
CA GLY C 498 43.17 30.24 -23.79
C GLY C 498 43.09 31.69 -23.35
N ASN C 499 42.66 32.57 -24.24
CA ASN C 499 42.59 34.00 -23.95
C ASN C 499 41.72 34.27 -22.74
N LEU C 500 42.12 35.24 -21.91
CA LEU C 500 41.44 35.52 -20.66
C LEU C 500 41.78 36.93 -20.19
N PRO C 501 41.04 37.96 -20.61
CA PRO C 501 41.36 39.33 -20.19
C PRO C 501 41.12 39.54 -18.71
N PRO C 502 41.45 40.73 -18.16
CA PRO C 502 41.30 40.97 -16.73
C PRO C 502 39.88 40.81 -16.20
N GLY C 503 38.94 41.59 -16.73
CA GLY C 503 37.56 41.59 -16.25
C GLY C 503 36.65 40.85 -17.19
N TYR C 504 36.89 41.03 -18.49
CA TYR C 504 36.23 40.24 -19.52
C TYR C 504 34.71 40.36 -19.48
N LYS C 505 34.18 41.48 -19.92
CA LYS C 505 32.76 41.57 -20.20
C LYS C 505 32.36 40.49 -21.19
N ILE C 506 31.57 39.53 -20.73
CA ILE C 506 31.02 38.50 -21.61
C ILE C 506 30.15 39.20 -22.65
N THR C 507 30.42 38.91 -23.92
CA THR C 507 29.61 39.42 -25.01
C THR C 507 28.76 38.29 -25.57
N LEU C 508 27.70 38.67 -26.28
CA LEU C 508 26.78 37.64 -26.74
C LEU C 508 27.37 36.87 -27.91
N ILE C 509 28.44 37.36 -28.54
CA ILE C 509 29.21 36.50 -29.45
C ILE C 509 29.65 35.26 -28.68
N ASP C 510 30.01 35.47 -27.42
CA ASP C 510 30.69 34.43 -26.67
C ASP C 510 29.72 33.33 -26.31
N ILE C 511 28.57 33.71 -25.75
CA ILE C 511 27.55 32.75 -25.36
C ILE C 511 27.12 31.92 -26.56
N GLY C 512 27.12 32.50 -27.75
CA GLY C 512 26.81 31.76 -28.93
C GLY C 512 27.83 30.68 -29.18
N LEU C 513 29.11 31.05 -29.16
CA LEU C 513 30.18 30.09 -29.45
C LEU C 513 30.24 28.98 -28.41
N VAL C 514 29.71 29.22 -27.22
CA VAL C 514 29.60 28.17 -26.22
C VAL C 514 28.50 27.19 -26.61
N ILE C 515 27.36 27.71 -27.04
CA ILE C 515 26.23 26.87 -27.37
C ILE C 515 26.52 26.08 -28.65
N GLU C 516 27.13 26.74 -29.64
CA GLU C 516 27.67 26.04 -30.79
C GLU C 516 28.60 24.93 -30.40
N TYR C 517 29.32 25.08 -29.28
CA TYR C 517 30.21 24.08 -28.75
C TYR C 517 29.52 23.07 -27.86
N LEU C 518 28.49 23.48 -27.14
CA LEU C 518 27.78 22.56 -26.25
C LEU C 518 26.78 21.71 -27.00
N MET C 519 25.99 22.34 -27.86
CA MET C 519 24.99 21.61 -28.62
C MET C 519 25.61 20.80 -29.74
N GLY C 520 26.80 21.18 -30.17
CA GLY C 520 27.58 20.34 -31.06
C GLY C 520 27.00 20.25 -32.45
N GLY C 521 27.67 19.43 -33.26
CA GLY C 521 27.24 19.22 -34.62
C GLY C 521 27.40 20.48 -35.45
N THR C 522 26.29 21.09 -35.75
CA THR C 522 26.27 22.36 -36.47
C THR C 522 25.29 23.35 -35.87
N TYR C 523 24.95 23.24 -34.60
CA TYR C 523 23.92 24.11 -34.05
C TYR C 523 24.43 25.54 -34.07
N ARG C 524 23.92 26.34 -34.98
CA ARG C 524 24.25 27.76 -35.04
C ARG C 524 23.23 28.54 -34.23
N CYS C 525 23.70 29.25 -33.22
CA CYS C 525 22.82 30.12 -32.45
C CYS C 525 22.56 31.42 -33.22
N THR C 526 21.50 32.11 -32.83
CA THR C 526 21.22 33.42 -33.39
C THR C 526 22.32 34.43 -33.05
N TYR C 527 23.05 34.18 -31.97
CA TYR C 527 24.02 35.13 -31.47
C TYR C 527 25.26 35.23 -32.34
N THR C 528 25.47 34.30 -33.26
CA THR C 528 26.69 34.25 -34.06
C THR C 528 26.46 34.58 -35.52
N ARG C 529 25.22 34.71 -35.96
CA ARG C 529 24.93 34.93 -37.37
C ARG C 529 25.31 36.35 -37.77
N LYS C 530 25.54 36.54 -39.06
CA LYS C 530 26.13 37.76 -39.60
C LYS C 530 25.28 38.98 -39.26
N ARG C 531 23.97 38.80 -39.25
CA ARG C 531 23.04 39.85 -38.86
C ARG C 531 23.32 40.32 -37.44
N PHE C 532 23.28 39.38 -36.49
CA PHE C 532 23.41 39.75 -35.08
C PHE C 532 24.79 40.31 -34.79
N ARG C 533 25.82 39.79 -35.46
CA ARG C 533 27.17 40.31 -35.29
C ARG C 533 27.22 41.79 -35.67
N LEU C 534 26.50 42.16 -36.72
CA LEU C 534 26.44 43.55 -37.14
C LEU C 534 25.84 44.42 -36.05
N ILE C 535 24.60 44.12 -35.66
CA ILE C 535 23.85 45.00 -34.77
C ILE C 535 24.52 45.10 -33.41
N TYR C 536 25.18 44.02 -32.98
CA TYR C 536 25.89 44.07 -31.71
C TYR C 536 27.06 45.05 -31.75
N ASN C 537 27.70 45.18 -32.91
CA ASN C 537 28.79 46.13 -33.10
C ASN C 537 28.28 47.53 -33.48
N SER C 538 27.00 47.81 -33.24
CA SER C 538 26.40 49.08 -33.64
C SER C 538 25.78 49.81 -32.45
N LEU C 539 25.18 49.06 -31.53
CA LEU C 539 24.52 49.66 -30.38
C LEU C 539 25.50 50.41 -29.50
N GLU C 613 13.27 49.15 -31.02
CA GLU C 613 12.93 47.78 -30.68
C GLU C 613 13.74 46.77 -31.50
N THR C 614 14.44 47.24 -32.53
CA THR C 614 15.30 46.34 -33.30
C THR C 614 16.47 45.82 -32.49
N LYS C 615 16.82 46.51 -31.40
CA LYS C 615 17.81 46.01 -30.45
C LYS C 615 17.25 44.96 -29.50
N ARG C 616 16.04 44.45 -29.75
CA ARG C 616 15.41 43.43 -28.94
C ARG C 616 15.62 42.06 -29.57
N PHE C 617 15.05 41.04 -28.93
CA PHE C 617 15.01 39.67 -29.42
C PHE C 617 13.56 39.33 -29.70
N PRO C 618 13.23 38.58 -30.77
CA PRO C 618 11.82 38.22 -30.96
C PRO C 618 11.28 37.34 -29.86
N TYR C 619 11.96 36.23 -29.58
CA TYR C 619 11.49 35.22 -28.63
C TYR C 619 12.36 35.25 -27.37
N PRO C 620 11.98 36.00 -26.35
CA PRO C 620 12.86 36.14 -25.20
C PRO C 620 13.02 34.88 -24.37
N LEU C 621 11.92 34.23 -24.02
CA LEU C 621 11.97 33.06 -23.18
C LEU C 621 12.69 31.89 -23.83
N ASN C 622 13.05 31.96 -25.11
CA ASN C 622 14.05 31.06 -25.67
C ASN C 622 15.46 31.50 -25.34
N GLU C 623 15.66 32.78 -25.02
CA GLU C 623 16.97 33.30 -24.71
C GLU C 623 17.28 33.24 -23.22
N LEU C 624 16.28 33.41 -22.37
CA LEU C 624 16.48 33.31 -20.94
C LEU C 624 16.61 31.85 -20.49
N LEU C 625 15.88 30.95 -21.15
CA LEU C 625 15.96 29.53 -20.85
C LEU C 625 17.37 29.02 -21.02
N ILE C 626 18.13 29.61 -21.91
CA ILE C 626 19.55 29.31 -22.05
C ILE C 626 20.31 29.88 -20.87
N TRP C 627 20.04 31.13 -20.54
CA TRP C 627 20.67 31.77 -19.40
C TRP C 627 20.41 31.00 -18.12
N ALA C 628 19.17 30.64 -17.86
CA ALA C 628 18.82 29.91 -16.66
C ALA C 628 19.48 28.55 -16.57
N CYS C 629 19.95 28.02 -17.70
CA CYS C 629 20.59 26.72 -17.73
C CYS C 629 22.10 26.80 -17.77
N LEU C 630 22.66 27.77 -18.48
CA LEU C 630 24.09 27.94 -18.47
C LEU C 630 24.60 28.31 -17.09
N MET C 631 23.88 29.19 -16.40
CA MET C 631 24.22 29.61 -15.05
C MET C 631 23.61 28.70 -13.99
N LYS C 632 23.16 27.51 -14.37
CA LYS C 632 22.67 26.49 -13.47
C LYS C 632 21.64 27.03 -12.48
N ARG C 633 20.50 27.46 -13.00
CA ARG C 633 19.42 28.05 -12.22
C ARG C 633 18.13 27.32 -12.53
N GLN C 634 18.15 26.00 -12.32
CA GLN C 634 17.07 25.08 -12.67
C GLN C 634 15.67 25.59 -12.40
N VAL C 635 15.43 26.04 -11.16
CA VAL C 635 14.11 26.47 -10.71
C VAL C 635 13.65 27.66 -11.54
N MET C 636 14.59 28.42 -12.08
CA MET C 636 14.25 29.46 -13.05
C MET C 636 13.98 28.84 -14.40
N ALA C 637 14.76 27.83 -14.78
CA ALA C 637 14.66 27.26 -16.11
C ALA C 637 13.30 26.65 -16.35
N ARG C 638 12.82 25.84 -15.40
CA ARG C 638 11.52 25.20 -15.56
C ARG C 638 10.41 26.22 -15.61
N PHE C 639 10.51 27.25 -14.77
CA PHE C 639 9.51 28.31 -14.81
C PHE C 639 9.50 29.00 -16.16
N LEU C 640 10.68 29.27 -16.70
CA LEU C 640 10.76 29.89 -18.01
C LEU C 640 10.46 28.91 -19.14
N TRP C 641 10.31 27.63 -18.82
CA TRP C 641 9.98 26.64 -19.84
C TRP C 641 8.48 26.55 -20.06
N GLN C 642 7.71 26.46 -18.98
CA GLN C 642 6.26 26.33 -19.09
C GLN C 642 5.67 27.55 -19.78
N HIS C 643 6.28 28.71 -19.58
CA HIS C 643 5.89 29.89 -20.34
C HIS C 643 6.49 29.83 -21.73
N GLY C 644 6.11 30.79 -22.56
CA GLY C 644 6.56 30.77 -23.91
C GLY C 644 5.94 29.63 -24.70
N GLU C 645 6.61 29.29 -25.79
CA GLU C 645 6.14 28.27 -26.72
C GLU C 645 7.32 27.43 -27.17
N GLU C 646 7.01 26.37 -27.92
CA GLU C 646 7.97 25.36 -28.38
C GLU C 646 8.46 24.52 -27.22
N SER C 647 7.57 24.20 -26.27
CA SER C 647 7.93 23.55 -25.03
C SER C 647 8.74 22.27 -25.18
N MET C 648 8.33 21.37 -26.07
CA MET C 648 9.09 20.14 -26.27
C MET C 648 10.50 20.43 -26.74
N ALA C 649 10.64 21.40 -27.64
CA ALA C 649 11.95 21.71 -28.19
C ALA C 649 12.88 22.21 -27.12
N LYS C 650 12.41 23.15 -26.31
CA LYS C 650 13.24 23.77 -25.29
C LYS C 650 13.76 22.73 -24.30
N ALA C 651 12.89 21.84 -23.86
CA ALA C 651 13.27 20.83 -22.89
C ALA C 651 14.36 19.91 -23.41
N LEU C 652 14.37 19.65 -24.70
CA LEU C 652 15.37 18.77 -25.27
C LEU C 652 16.66 19.49 -25.57
N VAL C 653 16.61 20.82 -25.68
CA VAL C 653 17.83 21.61 -25.74
C VAL C 653 18.49 21.63 -24.39
N ALA C 654 17.70 21.87 -23.35
CA ALA C 654 18.20 21.86 -21.99
C ALA C 654 18.85 20.53 -21.64
N CYS C 655 18.19 19.43 -21.97
CA CYS C 655 18.78 18.12 -21.73
C CYS C 655 20.12 17.96 -22.43
N LYS C 656 20.33 18.66 -23.53
CA LYS C 656 21.61 18.61 -24.22
C LYS C 656 22.63 19.51 -23.54
N ILE C 657 22.22 20.70 -23.13
CA ILE C 657 23.14 21.65 -22.53
C ILE C 657 23.67 21.10 -21.22
N TYR C 658 22.76 20.72 -20.32
CA TYR C 658 23.18 20.13 -19.05
C TYR C 658 24.02 18.89 -19.26
N ARG C 659 23.54 17.98 -20.12
CA ARG C 659 24.32 16.80 -20.46
C ARG C 659 25.67 17.15 -21.06
N SER C 660 25.78 18.33 -21.67
CA SER C 660 27.03 18.74 -22.30
C SER C 660 27.93 19.46 -21.31
N MET C 661 27.35 20.17 -20.35
CA MET C 661 28.15 20.79 -19.30
C MET C 661 28.71 19.73 -18.36
N ALA C 662 27.91 18.72 -18.05
CA ALA C 662 28.36 17.65 -17.16
C ALA C 662 29.63 16.99 -17.69
N TYR C 663 29.65 16.71 -18.99
CA TYR C 663 30.82 16.07 -19.60
C TYR C 663 32.05 16.96 -19.53
N GLU C 664 31.85 18.28 -19.63
CA GLU C 664 32.98 19.20 -19.57
C GLU C 664 33.45 19.42 -18.14
N ALA C 665 32.56 19.21 -17.18
CA ALA C 665 32.91 19.38 -15.77
C ALA C 665 33.82 18.26 -15.31
N LYS C 666 33.39 17.02 -15.56
CA LYS C 666 34.19 15.83 -15.29
C LYS C 666 35.59 15.97 -15.86
N GLN C 667 35.66 16.24 -17.16
CA GLN C 667 36.94 16.36 -17.85
C GLN C 667 37.78 17.45 -17.24
N SER C 668 37.27 18.68 -17.27
CA SER C 668 37.98 19.83 -16.72
C SER C 668 37.53 20.12 -15.29
N ASP C 669 38.15 19.46 -14.32
CA ASP C 669 37.81 19.61 -12.92
C ASP C 669 38.60 20.75 -12.28
N LEU C 670 38.00 21.43 -11.30
CA LEU C 670 38.76 22.28 -10.40
C LEU C 670 38.38 22.05 -8.94
N VAL C 671 37.08 21.92 -8.65
CA VAL C 671 36.58 21.50 -7.34
C VAL C 671 35.34 20.68 -7.65
N ASP C 672 34.50 20.40 -6.64
CA ASP C 672 33.35 19.49 -6.70
C ASP C 672 32.66 19.52 -8.06
N ASP C 673 32.43 18.32 -8.62
CA ASP C 673 32.11 18.21 -10.03
C ASP C 673 30.85 18.97 -10.40
N THR C 674 29.84 18.93 -9.52
CA THR C 674 28.50 19.41 -9.85
C THR C 674 27.94 18.69 -11.06
N SER C 675 28.49 17.54 -11.43
CA SER C 675 28.09 16.87 -12.64
C SER C 675 26.81 16.08 -12.45
N GLU C 676 26.75 15.26 -11.40
CA GLU C 676 25.53 14.59 -11.03
C GLU C 676 24.41 15.57 -10.71
N GLU C 677 24.76 16.80 -10.32
CA GLU C 677 23.78 17.86 -10.19
C GLU C 677 23.25 18.25 -11.55
N LEU C 678 24.11 18.24 -12.57
CA LEU C 678 23.68 18.60 -13.92
C LEU C 678 23.00 17.42 -14.59
N LYS C 679 23.56 16.22 -14.44
CA LYS C 679 22.96 15.03 -15.02
C LYS C 679 21.56 14.79 -14.49
N GLN C 680 21.28 15.24 -13.27
CA GLN C 680 19.93 15.18 -12.75
C GLN C 680 19.09 16.28 -13.38
N TYR C 681 19.71 17.42 -13.67
CA TYR C 681 19.00 18.52 -14.28
C TYR C 681 18.62 18.23 -15.73
N SER C 682 19.45 17.45 -16.43
CA SER C 682 19.12 17.08 -17.80
C SER C 682 17.98 16.08 -17.83
N ASN C 683 18.14 14.97 -17.11
CA ASN C 683 17.14 13.92 -17.04
C ASN C 683 15.82 14.37 -16.44
N ASP C 684 15.74 15.57 -15.89
CA ASP C 684 14.47 16.17 -15.53
C ASP C 684 13.75 16.79 -16.71
N PHE C 685 14.39 17.72 -17.41
CA PHE C 685 13.88 18.20 -18.68
C PHE C 685 13.66 17.05 -19.65
N GLY C 686 14.70 16.29 -19.91
CA GLY C 686 14.65 15.15 -20.80
C GLY C 686 13.59 14.12 -20.51
N GLN C 687 13.00 14.16 -19.32
CA GLN C 687 11.85 13.36 -18.97
C GLN C 687 10.54 14.10 -19.15
N LEU C 688 10.55 15.43 -19.16
CA LEU C 688 9.34 16.16 -19.48
C LEU C 688 8.95 15.96 -20.93
N ALA C 689 9.94 15.98 -21.83
CA ALA C 689 9.69 15.76 -23.24
C ALA C 689 9.02 14.42 -23.48
N VAL C 690 9.54 13.37 -22.87
CA VAL C 690 8.94 12.04 -22.96
C VAL C 690 7.53 12.07 -22.40
N GLU C 691 7.32 12.76 -21.29
CA GLU C 691 6.00 12.82 -20.67
C GLU C 691 5.11 13.85 -21.32
N LEU C 692 5.69 14.76 -22.10
CA LEU C 692 4.89 15.68 -22.90
C LEU C 692 4.48 15.00 -24.20
N LEU C 693 5.32 14.13 -24.72
CA LEU C 693 5.01 13.41 -25.94
C LEU C 693 3.82 12.48 -25.76
N GLU C 694 3.88 11.60 -24.75
CA GLU C 694 2.82 10.64 -24.52
C GLU C 694 1.48 11.34 -24.33
N GLN C 695 1.50 12.53 -23.75
CA GLN C 695 0.30 13.34 -23.63
C GLN C 695 -0.17 13.89 -24.96
N SER C 696 0.67 13.88 -25.97
CA SER C 696 0.33 14.29 -27.32
C SER C 696 0.07 13.11 -28.23
N PHE C 697 0.75 11.99 -28.01
CA PHE C 697 0.50 10.77 -28.76
C PHE C 697 -0.86 10.18 -28.42
N ARG C 698 -1.37 10.43 -27.22
CA ARG C 698 -2.66 9.88 -26.84
C ARG C 698 -3.82 10.73 -27.34
N GLN C 699 -3.57 11.92 -27.89
CA GLN C 699 -4.62 12.78 -28.43
C GLN C 699 -4.85 12.50 -29.91
N ASP C 700 -3.83 12.76 -30.72
CA ASP C 700 -3.87 12.57 -32.17
C ASP C 700 -2.47 12.11 -32.55
N GLU C 701 -2.32 10.80 -32.69
CA GLU C 701 -1.03 10.17 -32.96
C GLU C 701 -0.38 10.72 -34.22
N THR C 702 -1.18 11.24 -35.14
CA THR C 702 -0.64 11.77 -36.39
C THR C 702 0.11 13.06 -36.14
N MET C 703 -0.55 14.06 -35.55
CA MET C 703 0.09 15.34 -35.32
C MET C 703 1.27 15.20 -34.38
N ALA C 704 1.16 14.32 -33.40
CA ALA C 704 2.25 14.06 -32.49
C ALA C 704 3.46 13.44 -33.15
N MET C 705 3.34 12.94 -34.38
CA MET C 705 4.49 12.55 -35.18
C MET C 705 4.99 13.70 -36.05
N LYS C 706 4.15 14.67 -36.37
CA LYS C 706 4.60 15.90 -36.99
C LYS C 706 5.38 16.78 -36.04
N LEU C 707 5.12 16.68 -34.74
CA LEU C 707 5.86 17.48 -33.77
C LEU C 707 7.33 17.12 -33.76
N LEU C 708 7.63 15.86 -34.00
CA LEU C 708 8.99 15.35 -33.95
C LEU C 708 9.80 15.70 -35.17
N THR C 709 9.24 16.42 -36.14
CA THR C 709 9.87 16.56 -37.45
C THR C 709 9.81 17.96 -38.03
N TYR C 710 9.00 18.87 -37.52
CA TYR C 710 8.92 20.19 -38.13
C TYR C 710 10.17 20.99 -37.82
N GLU C 711 10.67 21.66 -38.83
CA GLU C 711 11.85 22.50 -38.70
C GLU C 711 11.55 23.62 -37.71
N LEU C 712 12.43 23.81 -36.74
CA LEU C 712 12.10 24.61 -35.58
C LEU C 712 12.28 26.10 -35.83
N LYS C 713 13.35 26.49 -36.50
CA LYS C 713 13.59 27.85 -37.00
C LYS C 713 13.96 28.86 -35.94
N ASN C 714 13.81 28.50 -34.66
CA ASN C 714 14.39 29.24 -33.55
C ASN C 714 15.51 28.46 -32.89
N TRP C 715 15.80 27.25 -33.36
CA TRP C 715 16.78 26.37 -32.76
C TRP C 715 17.64 25.76 -33.85
N SER C 716 18.06 26.63 -34.77
CA SER C 716 19.03 26.32 -35.82
C SER C 716 18.50 25.34 -36.86
N ASN C 717 17.23 25.50 -37.21
CA ASN C 717 16.60 24.71 -38.27
C ASN C 717 16.68 23.22 -37.97
N SER C 718 16.75 22.89 -36.70
CA SER C 718 16.83 21.52 -36.24
C SER C 718 15.42 21.01 -35.94
N THR C 719 15.35 19.90 -35.23
CA THR C 719 14.16 19.08 -35.15
C THR C 719 14.04 18.53 -33.74
N CYS C 720 12.80 18.45 -33.24
CA CYS C 720 12.57 17.98 -31.88
C CYS C 720 13.08 16.56 -31.64
N LEU C 721 13.39 15.80 -32.67
CA LEU C 721 13.93 14.47 -32.55
C LEU C 721 15.44 14.43 -32.73
N LYS C 722 15.98 15.22 -33.64
CA LYS C 722 17.43 15.28 -33.82
C LYS C 722 18.15 15.83 -32.61
N LEU C 723 17.43 16.47 -31.69
CA LEU C 723 17.99 16.93 -30.44
C LEU C 723 18.05 15.83 -29.40
N ALA C 724 17.03 14.98 -29.37
CA ALA C 724 17.02 13.82 -28.49
C ALA C 724 18.13 12.86 -28.83
N VAL C 725 18.27 12.52 -30.10
CA VAL C 725 19.38 11.70 -30.57
C VAL C 725 20.72 12.32 -30.26
N SER C 726 20.81 13.64 -30.21
CA SER C 726 22.04 14.30 -29.88
C SER C 726 22.36 14.16 -28.41
N SER C 727 21.34 14.10 -27.58
CA SER C 727 21.50 13.96 -26.14
C SER C 727 21.47 12.51 -25.68
N ARG C 728 21.37 11.56 -26.61
CA ARG C 728 21.34 10.14 -26.28
C ARG C 728 20.22 9.86 -25.29
N LEU C 729 19.06 10.44 -25.56
CA LEU C 729 17.90 10.37 -24.68
C LEU C 729 17.01 9.22 -25.15
N ARG C 730 17.49 8.02 -24.85
CA ARG C 730 16.87 6.76 -25.26
C ARG C 730 15.36 6.64 -25.02
N PRO C 731 14.80 7.15 -23.91
CA PRO C 731 13.37 6.90 -23.65
C PRO C 731 12.41 7.64 -24.57
N PHE C 732 12.89 8.56 -25.38
CA PHE C 732 12.10 9.35 -26.29
C PHE C 732 12.08 8.75 -27.68
N VAL C 733 13.26 8.44 -28.20
CA VAL C 733 13.45 7.72 -29.45
C VAL C 733 12.87 6.33 -29.32
N ALA C 734 12.81 5.82 -28.09
CA ALA C 734 12.20 4.53 -27.80
C ALA C 734 10.77 4.66 -27.30
N HIS C 735 10.11 5.79 -27.57
CA HIS C 735 8.70 5.94 -27.29
C HIS C 735 7.95 5.28 -28.44
N THR C 736 6.65 5.07 -28.30
CA THR C 736 5.88 4.41 -29.34
C THR C 736 5.32 5.36 -30.37
N CYS C 737 5.79 6.60 -30.41
CA CYS C 737 5.49 7.55 -31.46
C CYS C 737 6.69 7.75 -32.36
N THR C 738 7.88 7.77 -31.77
CA THR C 738 9.13 7.76 -32.50
C THR C 738 9.43 6.42 -33.14
N GLN C 739 8.55 5.43 -33.01
CA GLN C 739 8.72 4.13 -33.60
C GLN C 739 7.67 3.86 -34.67
N MET C 740 6.48 4.43 -34.49
CA MET C 740 5.45 4.37 -35.50
C MET C 740 5.68 5.35 -36.62
N LEU C 741 6.40 6.43 -36.37
CA LEU C 741 6.89 7.27 -37.44
C LEU C 741 7.99 6.59 -38.23
N LEU C 742 8.95 6.03 -37.53
CA LEU C 742 10.06 5.37 -38.19
C LEU C 742 9.59 4.20 -39.03
N SER C 743 8.51 3.57 -38.64
CA SER C 743 7.89 2.56 -39.49
C SER C 743 7.27 3.22 -40.71
N ASP C 744 6.60 4.34 -40.51
CA ASP C 744 5.96 5.04 -41.61
C ASP C 744 6.96 5.55 -42.63
N MET C 745 8.19 5.83 -42.21
CA MET C 745 9.26 6.10 -43.16
C MET C 745 9.86 4.84 -43.73
N TRP C 746 9.93 3.78 -42.94
CA TRP C 746 10.42 2.49 -43.42
C TRP C 746 9.59 2.01 -44.58
N MET C 747 8.28 2.21 -44.51
CA MET C 747 7.40 1.92 -45.62
C MET C 747 7.74 2.76 -46.83
N GLY C 748 7.57 4.07 -46.69
CA GLY C 748 7.75 5.01 -47.77
C GLY C 748 6.42 5.41 -48.35
N ARG C 749 6.32 5.40 -49.67
CA ARG C 749 5.06 5.57 -50.36
C ARG C 749 4.25 4.28 -50.41
N LEU C 750 4.76 3.19 -49.86
CA LEU C 750 4.07 1.92 -49.76
C LEU C 750 3.13 1.90 -48.56
N ASN C 751 1.97 1.25 -48.72
CA ASN C 751 1.07 0.98 -47.61
C ASN C 751 1.24 -0.49 -47.19
N MET C 752 2.33 -0.75 -46.49
CA MET C 752 2.68 -2.12 -46.18
C MET C 752 1.80 -2.77 -45.13
N ARG C 753 0.81 -2.08 -44.57
CA ARG C 753 -0.18 -2.79 -43.76
C ARG C 753 -1.12 -3.63 -44.62
N LYS C 754 -1.39 -3.19 -45.85
CA LYS C 754 -2.16 -3.99 -46.80
C LYS C 754 -1.25 -4.97 -47.53
N ASN C 755 -0.19 -4.47 -48.14
CA ASN C 755 0.78 -5.31 -48.80
C ASN C 755 1.49 -6.18 -47.77
N SER C 756 2.29 -7.12 -48.25
CA SER C 756 2.98 -8.06 -47.39
C SER C 756 4.40 -8.26 -47.91
N TRP C 757 5.30 -8.57 -46.99
CA TRP C 757 6.71 -8.70 -47.29
C TRP C 757 6.99 -9.73 -48.39
N TYR C 758 6.08 -10.68 -48.57
CA TYR C 758 6.15 -11.57 -49.72
C TYR C 758 6.15 -10.78 -51.01
N LYS C 759 5.34 -9.73 -51.09
CA LYS C 759 5.13 -9.04 -52.35
C LYS C 759 6.33 -8.18 -52.71
N VAL C 760 7.00 -7.62 -51.72
CA VAL C 760 8.15 -6.77 -51.96
C VAL C 760 9.30 -7.59 -52.53
N ILE C 761 9.62 -8.70 -51.87
CA ILE C 761 10.66 -9.61 -52.34
C ILE C 761 10.35 -10.07 -53.75
N LEU C 762 9.08 -10.33 -54.05
CA LEU C 762 8.66 -10.63 -55.40
C LEU C 762 8.83 -9.41 -56.30
N SER C 763 8.30 -8.27 -55.87
CA SER C 763 8.28 -7.08 -56.69
C SER C 763 9.67 -6.55 -57.00
N ILE C 764 10.69 -6.98 -56.26
CA ILE C 764 12.07 -6.63 -56.57
C ILE C 764 12.60 -7.49 -57.69
N LEU C 765 12.49 -8.80 -57.54
CA LEU C 765 12.88 -9.74 -58.59
C LEU C 765 11.86 -9.81 -59.72
N VAL C 766 10.72 -9.14 -59.58
CA VAL C 766 9.72 -9.01 -60.63
C VAL C 766 9.38 -7.53 -60.70
N PRO C 767 10.12 -6.73 -61.46
CA PRO C 767 9.85 -5.28 -61.52
C PRO C 767 8.42 -4.94 -61.89
N PRO C 768 7.82 -5.58 -62.93
CA PRO C 768 6.46 -5.17 -63.29
C PRO C 768 5.39 -5.58 -62.30
N ALA C 769 5.75 -6.30 -61.23
CA ALA C 769 4.82 -6.52 -60.13
C ALA C 769 4.76 -5.35 -59.17
N ILE C 770 5.60 -4.33 -59.37
CA ILE C 770 5.51 -3.09 -58.61
C ILE C 770 4.19 -2.41 -58.88
N LEU C 771 3.63 -2.60 -60.07
CA LEU C 771 2.43 -1.90 -60.49
C LEU C 771 1.16 -2.51 -59.91
N MET C 772 1.28 -3.54 -59.07
CA MET C 772 0.15 -4.12 -58.35
C MET C 772 0.26 -3.90 -56.84
N LEU C 773 1.15 -3.01 -56.42
CA LEU C 773 1.34 -2.70 -55.01
C LEU C 773 0.56 -1.46 -54.66
N GLU C 774 -0.14 -1.50 -53.54
CA GLU C 774 -1.07 -0.45 -53.16
C GLU C 774 -0.34 0.61 -52.34
N TYR C 775 -0.13 1.77 -52.96
CA TYR C 775 0.64 2.84 -52.36
C TYR C 775 -0.26 3.72 -51.47
N LYS C 776 0.30 4.83 -51.01
CA LYS C 776 -0.33 5.73 -50.06
C LYS C 776 -0.54 7.09 -50.71
N THR C 777 -1.63 7.75 -50.33
CA THR C 777 -1.91 9.06 -50.88
C THR C 777 -1.08 10.12 -50.18
N LYS C 778 -1.02 11.29 -50.79
CA LYS C 778 -0.31 12.43 -50.24
C LYS C 778 -0.93 12.86 -48.91
N ALA C 779 -2.17 12.48 -48.66
CA ALA C 779 -2.79 12.70 -47.35
C ALA C 779 -2.21 11.78 -46.29
N GLU C 780 -1.97 10.52 -46.64
CA GLU C 780 -1.41 9.55 -45.72
C GLU C 780 0.10 9.71 -45.52
N MET C 781 0.73 10.65 -46.22
CA MET C 781 2.15 10.95 -46.07
C MET C 781 2.34 12.41 -45.70
N SER C 782 1.47 12.94 -44.86
CA SER C 782 1.62 14.30 -44.36
C SER C 782 2.55 14.34 -43.17
N HIS C 783 2.42 13.38 -42.27
CA HIS C 783 3.25 13.29 -41.08
C HIS C 783 4.62 12.70 -41.33
N ILE C 784 4.96 12.42 -42.58
CA ILE C 784 6.17 11.67 -42.92
C ILE C 784 7.14 12.64 -43.59
N PRO C 785 8.24 13.00 -42.97
CA PRO C 785 9.19 13.87 -43.66
C PRO C 785 9.77 13.23 -44.90
N GLN C 786 9.98 14.06 -45.91
CA GLN C 786 10.39 13.61 -47.23
C GLN C 786 11.59 14.41 -47.68
N SER C 787 12.22 13.93 -48.75
CA SER C 787 13.21 14.74 -49.43
C SER C 787 12.51 15.68 -50.40
N GLN C 788 13.30 16.56 -51.02
CA GLN C 788 12.75 17.52 -51.96
C GLN C 788 12.09 16.81 -53.14
N ASP C 789 12.75 15.77 -53.64
CA ASP C 789 12.30 15.13 -54.88
C ASP C 789 10.98 14.40 -54.70
N ALA C 790 10.79 13.74 -53.56
CA ALA C 790 9.54 13.02 -53.32
C ALA C 790 8.39 13.99 -53.12
N HIS C 791 8.67 15.13 -52.50
CA HIS C 791 7.67 16.19 -52.43
C HIS C 791 7.25 16.61 -53.84
N GLN C 792 8.22 16.76 -54.74
CA GLN C 792 7.92 17.14 -56.12
C GLN C 792 7.08 16.10 -56.84
N MET C 793 7.41 14.82 -56.69
CA MET C 793 6.60 13.76 -57.29
C MET C 793 5.18 13.72 -56.72
N THR C 794 4.95 14.33 -55.56
CA THR C 794 3.62 14.51 -55.01
C THR C 794 3.04 15.89 -55.31
N MET C 795 3.85 16.83 -55.78
CA MET C 795 3.36 18.09 -56.34
C MET C 795 3.11 18.00 -57.84
N GLU C 796 4.14 17.68 -58.62
CA GLU C 796 3.99 17.57 -60.07
C GLU C 796 3.37 16.23 -60.45
N LEU C 838 -1.83 6.97 -59.20
CA LEU C 838 -0.45 7.42 -59.43
C LEU C 838 0.02 6.91 -60.81
N PRO C 839 0.72 7.73 -61.60
CA PRO C 839 1.17 7.23 -62.90
C PRO C 839 2.25 6.17 -62.77
N ILE C 840 2.48 5.48 -63.88
CA ILE C 840 3.40 4.35 -63.96
C ILE C 840 4.81 4.78 -63.60
N THR C 841 5.24 5.95 -64.11
CA THR C 841 6.62 6.36 -63.87
C THR C 841 6.84 6.83 -62.44
N ARG C 842 5.85 7.49 -61.83
CA ARG C 842 5.94 7.83 -60.42
C ARG C 842 5.61 6.65 -59.52
N LYS C 843 5.13 5.55 -60.08
CA LYS C 843 4.78 4.36 -59.31
C LYS C 843 5.96 3.40 -59.18
N PHE C 844 7.05 3.63 -59.92
CA PHE C 844 8.30 2.91 -59.67
C PHE C 844 9.17 3.65 -58.69
N TYR C 845 9.49 4.91 -59.00
CA TYR C 845 10.29 5.80 -58.17
C TYR C 845 9.90 5.76 -56.70
N ALA C 846 8.63 5.61 -56.39
CA ALA C 846 8.17 5.55 -55.02
C ALA C 846 8.47 4.22 -54.35
N PHE C 847 8.71 3.19 -55.16
CA PHE C 847 9.05 1.87 -54.63
C PHE C 847 10.55 1.83 -54.32
N TYR C 848 11.35 2.03 -55.36
CA TYR C 848 12.79 1.86 -55.26
C TYR C 848 13.43 2.78 -54.25
N HIS C 849 12.83 3.93 -53.99
CA HIS C 849 13.35 4.91 -53.04
C HIS C 849 12.65 4.76 -51.69
N ALA C 850 12.25 3.54 -51.35
CA ALA C 850 11.65 3.21 -50.08
C ALA C 850 12.71 2.55 -49.21
N PRO C 851 12.80 2.84 -47.91
CA PRO C 851 13.84 2.20 -47.11
C PRO C 851 13.69 0.70 -46.98
N ILE C 852 12.45 0.24 -46.85
CA ILE C 852 12.20 -1.19 -46.74
C ILE C 852 12.62 -1.91 -47.99
N VAL C 853 12.52 -1.26 -49.13
CA VAL C 853 12.94 -1.85 -50.38
C VAL C 853 14.45 -1.86 -50.52
N LYS C 854 15.11 -0.75 -50.20
CA LYS C 854 16.56 -0.72 -50.17
C LYS C 854 17.15 -1.75 -49.23
N PHE C 855 16.40 -2.15 -48.22
CA PHE C 855 16.84 -3.19 -47.31
C PHE C 855 16.73 -4.56 -47.96
N TRP C 856 15.52 -4.97 -48.32
CA TRP C 856 15.28 -6.27 -48.92
C TRP C 856 15.87 -6.43 -50.31
N PHE C 857 16.51 -5.39 -50.82
CA PHE C 857 17.24 -5.36 -52.08
C PHE C 857 18.74 -5.37 -51.88
N ASN C 858 19.17 -5.20 -50.63
CA ASN C 858 20.54 -5.42 -50.19
C ASN C 858 20.70 -6.77 -49.50
N THR C 859 19.75 -7.14 -48.64
CA THR C 859 19.76 -8.46 -48.02
C THR C 859 19.87 -9.56 -49.06
N LEU C 860 19.01 -9.52 -50.07
CA LEU C 860 19.04 -10.54 -51.10
C LEU C 860 20.28 -10.46 -51.96
N ALA C 861 21.02 -9.37 -51.89
CA ALA C 861 22.34 -9.31 -52.51
C ALA C 861 23.38 -9.86 -51.56
N TYR C 862 23.39 -9.35 -50.33
CA TYR C 862 24.31 -9.83 -49.31
C TYR C 862 24.15 -11.32 -49.06
N LEU C 863 22.92 -11.79 -49.03
CA LEU C 863 22.67 -13.21 -48.94
C LEU C 863 22.96 -13.94 -50.23
N GLY C 864 23.35 -13.23 -51.28
CA GLY C 864 23.85 -13.82 -52.50
C GLY C 864 25.35 -13.62 -52.62
N PHE C 865 25.87 -12.73 -51.78
CA PHE C 865 27.30 -12.60 -51.54
C PHE C 865 27.84 -13.67 -50.61
N LEU C 866 27.17 -13.91 -49.49
CA LEU C 866 27.57 -14.96 -48.58
C LEU C 866 27.38 -16.36 -49.12
N MET C 867 26.60 -16.55 -50.17
CA MET C 867 26.44 -17.84 -50.78
C MET C 867 27.50 -18.12 -51.82
N LEU C 868 28.12 -17.08 -52.35
CA LEU C 868 29.22 -17.21 -53.29
C LEU C 868 30.56 -17.22 -52.58
N TYR C 869 30.78 -16.28 -51.69
CA TYR C 869 31.96 -16.27 -50.85
C TYR C 869 32.13 -17.58 -50.13
N THR C 870 31.07 -18.05 -49.48
CA THR C 870 31.05 -19.37 -48.89
C THR C 870 31.43 -20.46 -49.88
N PHE C 871 31.01 -20.34 -51.13
CA PHE C 871 31.35 -21.32 -52.16
C PHE C 871 32.84 -21.25 -52.48
N VAL C 872 33.40 -20.05 -52.52
CA VAL C 872 34.81 -19.86 -52.84
C VAL C 872 35.67 -20.41 -51.72
N VAL C 873 35.32 -20.07 -50.49
CA VAL C 873 36.03 -20.46 -49.29
C VAL C 873 36.14 -21.97 -49.18
N LEU C 874 35.07 -22.69 -49.50
CA LEU C 874 35.02 -24.13 -49.36
C LEU C 874 35.65 -24.85 -50.54
N VAL C 875 35.43 -24.36 -51.72
CA VAL C 875 35.90 -24.99 -52.94
C VAL C 875 37.32 -24.51 -53.22
N LYS C 876 38.09 -25.36 -53.91
CA LYS C 876 39.48 -25.07 -54.16
C LYS C 876 39.62 -23.83 -55.01
N MET C 877 40.81 -23.25 -54.97
CA MET C 877 41.05 -21.94 -55.54
C MET C 877 42.32 -21.98 -56.37
N GLU C 878 42.15 -21.81 -57.68
CA GLU C 878 43.18 -21.99 -58.68
C GLU C 878 43.99 -20.70 -58.77
N GLN C 879 44.80 -20.55 -59.81
CA GLN C 879 45.72 -19.41 -59.88
C GLN C 879 44.95 -18.10 -59.95
N LEU C 880 43.89 -18.07 -60.73
CA LEU C 880 43.11 -16.87 -60.97
C LEU C 880 41.74 -16.99 -60.31
N PRO C 881 41.15 -15.88 -59.86
CA PRO C 881 39.82 -15.96 -59.26
C PRO C 881 38.79 -16.44 -60.25
N SER C 882 37.93 -17.33 -59.78
CA SER C 882 36.75 -17.75 -60.51
C SER C 882 35.74 -16.62 -60.58
N VAL C 883 34.73 -16.81 -61.43
CA VAL C 883 33.71 -15.81 -61.70
C VAL C 883 33.06 -15.39 -60.39
N GLN C 884 32.87 -16.35 -59.49
CA GLN C 884 32.31 -16.05 -58.20
C GLN C 884 33.19 -15.11 -57.42
N GLU C 885 34.48 -15.41 -57.33
CA GLU C 885 35.38 -14.63 -56.49
C GLU C 885 35.58 -13.23 -57.02
N TRP C 886 35.45 -13.04 -58.34
CA TRP C 886 35.47 -11.68 -58.88
C TRP C 886 34.27 -10.89 -58.42
N ILE C 887 33.09 -11.51 -58.46
CA ILE C 887 31.88 -10.88 -57.95
C ILE C 887 32.00 -10.59 -56.47
N VAL C 888 32.77 -11.40 -55.75
CA VAL C 888 32.96 -11.22 -54.32
C VAL C 888 33.76 -9.97 -54.04
N ILE C 889 34.87 -9.81 -54.76
CA ILE C 889 35.72 -8.64 -54.65
C ILE C 889 34.93 -7.40 -55.03
N ALA C 890 34.10 -7.52 -56.06
CA ALA C 890 33.30 -6.41 -56.56
C ALA C 890 32.39 -5.85 -55.48
N TYR C 891 31.67 -6.75 -54.79
CA TYR C 891 30.82 -6.32 -53.69
C TYR C 891 31.62 -5.55 -52.66
N ILE C 892 32.69 -6.14 -52.15
CA ILE C 892 33.45 -5.55 -51.06
C ILE C 892 34.00 -4.19 -51.46
N PHE C 893 34.62 -4.12 -52.63
CA PHE C 893 35.17 -2.88 -53.16
C PHE C 893 34.11 -1.79 -53.24
N THR C 894 33.07 -2.04 -54.04
CA THR C 894 31.95 -1.14 -54.15
C THR C 894 31.27 -0.90 -52.81
N TYR C 895 31.27 -1.91 -51.94
CA TYR C 895 30.75 -1.72 -50.60
C TYR C 895 31.63 -0.78 -49.80
N ALA C 896 32.95 -0.90 -49.96
CA ALA C 896 33.87 -0.02 -49.25
C ALA C 896 33.62 1.43 -49.62
N ILE C 897 33.45 1.69 -50.92
CA ILE C 897 33.14 3.03 -51.41
C ILE C 897 31.89 3.57 -50.75
N GLU C 898 30.87 2.73 -50.62
CA GLU C 898 29.67 3.10 -49.89
C GLU C 898 29.96 3.48 -48.45
N LYS C 899 31.00 2.89 -47.87
CA LYS C 899 31.35 3.20 -46.49
C LYS C 899 32.20 4.46 -46.37
N VAL C 900 32.92 4.82 -47.43
CA VAL C 900 33.67 6.07 -47.43
C VAL C 900 32.71 7.25 -47.59
N ARG C 901 31.92 7.22 -48.66
CA ARG C 901 30.93 8.26 -48.91
C ARG C 901 29.94 8.39 -47.77
N GLU C 902 29.73 7.31 -47.02
CA GLU C 902 28.93 7.36 -45.81
C GLU C 902 29.59 8.21 -44.73
N VAL C 903 30.91 8.36 -44.80
CA VAL C 903 31.65 9.13 -43.81
C VAL C 903 31.70 10.59 -44.25
N PHE C 904 32.28 10.85 -45.41
CA PHE C 904 32.48 12.21 -45.90
C PHE C 904 31.17 13.00 -45.97
N MET C 905 30.08 12.34 -46.37
CA MET C 905 28.77 12.99 -46.46
C MET C 905 27.96 12.72 -45.20
N SER C 906 28.63 12.56 -44.07
CA SER C 906 27.95 12.38 -42.80
C SER C 906 27.48 13.72 -42.25
N GLU C 907 26.60 13.66 -41.25
CA GLU C 907 26.01 14.88 -40.69
C GLU C 907 27.05 15.71 -39.96
N ALA C 908 28.00 15.05 -39.29
CA ALA C 908 29.00 15.73 -38.47
C ALA C 908 29.80 16.76 -39.26
N GLY C 909 30.52 17.61 -38.53
CA GLY C 909 31.22 18.74 -39.11
C GLY C 909 32.67 18.44 -39.40
N LYS C 910 33.57 18.85 -38.51
CA LYS C 910 34.98 18.59 -38.65
C LYS C 910 35.22 17.11 -38.87
N ILE C 911 36.14 16.79 -39.79
CA ILE C 911 36.39 15.39 -40.17
C ILE C 911 36.77 14.58 -38.94
N SER C 912 37.51 15.17 -38.01
CA SER C 912 37.89 14.46 -36.79
C SER C 912 36.66 14.03 -35.98
N GLN C 913 35.53 14.69 -36.20
CA GLN C 913 34.28 14.27 -35.56
C GLN C 913 33.51 13.29 -36.44
N LYS C 914 33.68 13.39 -37.76
CA LYS C 914 33.11 12.38 -38.65
C LYS C 914 33.79 11.03 -38.46
N ILE C 915 35.06 11.05 -38.08
CA ILE C 915 35.91 9.88 -37.94
C ILE C 915 35.86 9.40 -36.49
N LYS C 916 34.84 9.86 -35.74
CA LYS C 916 34.66 9.52 -34.34
C LYS C 916 33.26 9.01 -34.03
N VAL C 917 32.32 9.15 -34.96
CA VAL C 917 30.96 8.62 -34.80
C VAL C 917 30.84 7.34 -35.61
N TRP C 918 31.48 7.30 -36.78
CA TRP C 918 31.45 6.13 -37.62
C TRP C 918 32.34 5.02 -37.12
N PHE C 919 33.28 5.31 -36.22
CA PHE C 919 34.08 4.29 -35.55
C PHE C 919 33.60 4.00 -34.15
N SER C 920 32.46 4.57 -33.73
CA SER C 920 31.81 4.22 -32.48
C SER C 920 30.66 3.26 -32.73
N ASP C 921 30.84 2.36 -33.67
CA ASP C 921 29.82 1.46 -34.17
C ASP C 921 30.46 0.10 -34.40
N TYR C 922 29.86 -0.94 -33.81
CA TYR C 922 30.51 -2.25 -33.81
C TYR C 922 30.73 -2.78 -35.20
N PHE C 923 29.84 -2.47 -36.12
CA PHE C 923 29.88 -3.04 -37.45
C PHE C 923 30.64 -2.20 -38.45
N ASN C 924 30.90 -0.95 -38.13
CA ASN C 924 31.69 -0.11 -39.01
C ASN C 924 33.18 -0.28 -38.72
N VAL C 925 33.52 -0.67 -37.50
CA VAL C 925 34.85 -1.18 -37.20
C VAL C 925 35.04 -2.53 -37.88
N SER C 926 34.09 -3.43 -37.70
CA SER C 926 34.18 -4.77 -38.24
C SER C 926 34.19 -4.80 -39.75
N ASP C 927 33.60 -3.81 -40.39
CA ASP C 927 33.79 -3.62 -41.82
C ASP C 927 35.20 -3.18 -42.16
N THR C 928 35.68 -2.14 -41.50
CA THR C 928 37.04 -1.66 -41.64
C THR C 928 38.05 -2.79 -41.48
N ILE C 929 37.85 -3.64 -40.49
CA ILE C 929 38.74 -4.78 -40.28
C ILE C 929 38.56 -5.81 -41.37
N ALA C 930 37.37 -5.90 -41.94
CA ALA C 930 37.06 -6.91 -42.93
C ALA C 930 37.30 -6.46 -44.36
N ILE C 931 37.23 -5.16 -44.63
CA ILE C 931 37.55 -4.63 -45.94
C ILE C 931 39.05 -4.48 -46.09
N ILE C 932 39.73 -4.02 -45.03
CA ILE C 932 41.18 -3.98 -45.02
C ILE C 932 41.78 -5.37 -45.10
N SER C 933 41.19 -6.34 -44.43
CA SER C 933 41.73 -7.69 -44.39
C SER C 933 41.54 -8.46 -45.69
N PHE C 934 40.41 -8.32 -46.35
CA PHE C 934 40.20 -9.01 -47.61
C PHE C 934 41.15 -8.56 -48.69
N PHE C 935 41.64 -7.34 -48.60
CA PHE C 935 42.57 -6.79 -49.56
C PHE C 935 44.02 -7.05 -49.18
N VAL C 936 44.28 -7.45 -47.94
CA VAL C 936 45.49 -8.20 -47.64
C VAL C 936 45.38 -9.59 -48.23
N GLY C 937 44.18 -10.16 -48.24
CA GLY C 937 43.96 -11.49 -48.76
C GLY C 937 44.01 -11.52 -50.27
N PHE C 938 43.33 -10.59 -50.91
CA PHE C 938 43.40 -10.52 -52.36
C PHE C 938 44.78 -10.10 -52.82
N GLY C 939 45.49 -9.32 -52.01
CA GLY C 939 46.84 -8.95 -52.36
C GLY C 939 47.77 -10.14 -52.42
N LEU C 940 47.74 -10.97 -51.39
CA LEU C 940 48.62 -12.13 -51.30
C LEU C 940 48.12 -13.32 -52.09
N ARG C 941 46.88 -13.29 -52.57
CA ARG C 941 46.31 -14.37 -53.38
C ARG C 941 46.51 -14.17 -54.87
N PHE C 942 46.25 -12.95 -55.35
CA PHE C 942 46.51 -12.60 -56.74
C PHE C 942 47.99 -12.30 -56.95
N GLY C 943 48.61 -11.64 -55.97
CA GLY C 943 50.02 -11.34 -55.99
C GLY C 943 50.88 -12.46 -55.44
N ALA C 944 51.10 -13.52 -56.21
CA ALA C 944 51.89 -14.63 -55.71
C ALA C 944 52.39 -15.47 -56.88
N LYS C 945 53.33 -16.37 -56.59
CA LYS C 945 54.10 -17.02 -57.64
C LYS C 945 53.47 -18.32 -58.12
N TRP C 946 52.65 -18.95 -57.26
CA TRP C 946 51.84 -20.08 -57.72
C TRP C 946 52.69 -21.23 -58.23
N ASN C 947 53.24 -22.06 -57.34
CA ASN C 947 54.25 -23.07 -57.64
C ASN C 947 53.97 -23.93 -58.88
N TYR C 948 52.74 -23.98 -59.39
CA TYR C 948 52.40 -24.65 -60.66
C TYR C 948 52.47 -26.17 -60.54
N ILE C 949 52.61 -26.68 -59.31
CA ILE C 949 52.71 -28.12 -59.07
C ILE C 949 51.63 -28.47 -58.07
N ASN C 950 51.55 -27.72 -56.97
CA ASN C 950 50.51 -27.86 -55.97
C ASN C 950 50.38 -26.50 -55.31
N ALA C 951 49.14 -26.00 -55.23
CA ALA C 951 48.90 -24.90 -54.33
C ALA C 951 49.07 -25.40 -52.91
N TYR C 952 49.03 -24.48 -51.95
CA TYR C 952 49.38 -24.74 -50.56
C TYR C 952 50.82 -25.23 -50.43
N ASP C 953 51.68 -24.85 -51.37
CA ASP C 953 53.12 -24.90 -51.20
C ASP C 953 53.73 -23.51 -51.33
N ASN C 954 52.90 -22.47 -51.49
CA ASN C 954 53.31 -21.08 -51.43
C ASN C 954 52.61 -20.48 -50.23
N HIS C 955 53.35 -20.26 -49.15
CA HIS C 955 52.79 -19.76 -47.91
C HIS C 955 52.18 -18.38 -48.07
N VAL C 956 52.60 -17.68 -49.12
CA VAL C 956 51.95 -16.43 -49.49
C VAL C 956 50.51 -16.70 -49.94
N PHE C 957 50.35 -17.66 -50.85
CA PHE C 957 49.03 -18.03 -51.32
C PHE C 957 48.17 -18.56 -50.19
N VAL C 958 48.72 -19.49 -49.41
CA VAL C 958 48.10 -20.06 -48.22
C VAL C 958 47.59 -18.94 -47.34
N ALA C 959 48.47 -17.99 -47.07
CA ALA C 959 48.13 -16.90 -46.19
C ALA C 959 46.92 -16.14 -46.70
N GLY C 960 46.93 -15.75 -47.96
CA GLY C 960 45.89 -14.90 -48.49
C GLY C 960 44.53 -15.56 -48.44
N ARG C 961 44.50 -16.88 -48.53
CA ARG C 961 43.27 -17.63 -48.38
C ARG C 961 42.77 -17.59 -46.95
N LEU C 962 43.59 -18.07 -46.02
CA LEU C 962 43.24 -18.10 -44.61
C LEU C 962 42.81 -16.74 -44.08
N ILE C 963 43.23 -15.67 -44.74
CA ILE C 963 42.59 -14.38 -44.58
C ILE C 963 41.13 -14.44 -45.03
N TYR C 964 40.85 -15.05 -46.18
CA TYR C 964 39.46 -15.16 -46.63
C TYR C 964 38.66 -16.01 -45.67
N CYS C 965 39.18 -17.20 -45.35
CA CYS C 965 38.42 -18.18 -44.59
C CYS C 965 38.17 -17.74 -43.16
N LEU C 966 38.79 -16.65 -42.71
CA LEU C 966 38.59 -16.08 -41.40
C LEU C 966 37.84 -14.78 -41.45
N ASN C 967 38.10 -13.98 -42.49
CA ASN C 967 37.34 -12.76 -42.70
C ASN C 967 35.85 -13.04 -42.83
N ILE C 968 35.52 -14.21 -43.34
CA ILE C 968 34.14 -14.68 -43.48
C ILE C 968 33.35 -14.53 -42.19
N ILE C 969 34.01 -14.68 -41.06
CA ILE C 969 33.31 -14.59 -39.78
C ILE C 969 32.81 -13.17 -39.57
N PHE C 970 33.47 -12.18 -40.15
CA PHE C 970 32.95 -10.83 -40.05
C PHE C 970 31.67 -10.68 -40.83
N TRP C 971 31.46 -11.54 -41.83
CA TRP C 971 30.38 -11.36 -42.78
C TRP C 971 29.17 -12.23 -42.48
N TYR C 972 29.31 -13.33 -41.74
CA TYR C 972 28.14 -13.99 -41.20
C TYR C 972 27.62 -13.28 -39.97
N VAL C 973 28.53 -12.80 -39.13
CA VAL C 973 28.16 -12.06 -37.94
C VAL C 973 27.43 -10.79 -38.27
N ARG C 974 27.56 -10.29 -39.49
CA ARG C 974 26.91 -9.06 -39.88
C ARG C 974 25.42 -9.25 -40.12
N LEU C 975 24.97 -10.48 -40.34
CA LEU C 975 23.57 -10.80 -40.51
C LEU C 975 22.76 -10.50 -39.27
N LEU C 976 23.42 -10.26 -38.15
CA LEU C 976 22.79 -9.76 -36.95
C LEU C 976 22.49 -8.28 -37.04
N ASP C 977 23.12 -7.58 -37.98
CA ASP C 977 22.71 -6.23 -38.32
C ASP C 977 21.40 -6.25 -39.10
N PHE C 978 21.17 -7.34 -39.84
CA PHE C 978 19.95 -7.53 -40.60
C PHE C 978 18.88 -8.20 -39.77
N LEU C 979 19.27 -9.18 -38.94
CA LEU C 979 18.32 -9.92 -38.16
C LEU C 979 17.77 -9.12 -36.99
N ALA C 980 18.47 -8.09 -36.58
CA ALA C 980 18.01 -7.25 -35.50
C ALA C 980 16.95 -6.26 -35.93
N VAL C 981 16.61 -6.22 -37.21
CA VAL C 981 15.53 -5.38 -37.69
C VAL C 981 14.22 -5.77 -37.05
N ASN C 982 14.06 -7.04 -36.71
CA ASN C 982 12.82 -7.54 -36.14
C ASN C 982 12.68 -7.15 -34.69
N GLN C 983 11.42 -6.93 -34.29
CA GLN C 983 11.09 -6.51 -32.95
C GLN C 983 11.27 -7.59 -31.91
N GLN C 984 11.42 -8.84 -32.33
CA GLN C 984 11.72 -9.95 -31.42
C GLN C 984 13.19 -10.32 -31.41
N ALA C 985 13.85 -10.27 -32.55
CA ALA C 985 15.25 -10.67 -32.64
C ALA C 985 16.22 -9.61 -32.24
N GLY C 986 15.90 -8.34 -32.45
CA GLY C 986 16.76 -7.25 -32.09
C GLY C 986 17.29 -7.33 -30.69
N PRO C 987 16.40 -7.37 -29.70
CA PRO C 987 16.82 -7.50 -28.31
C PRO C 987 17.80 -8.62 -28.03
N TYR C 988 17.49 -9.84 -28.45
CA TYR C 988 18.40 -10.96 -28.23
C TYR C 988 19.76 -10.72 -28.86
N VAL C 989 19.83 -9.93 -29.92
CA VAL C 989 21.12 -9.53 -30.48
C VAL C 989 21.77 -8.46 -29.62
N MET C 990 20.98 -7.59 -29.01
CA MET C 990 21.50 -6.52 -28.19
C MET C 990 21.71 -6.95 -26.74
N MET C 991 21.54 -8.23 -26.43
CA MET C 991 21.84 -8.79 -25.13
C MET C 991 23.19 -9.46 -25.10
N ILE C 992 23.57 -10.08 -26.22
CA ILE C 992 24.83 -10.78 -26.34
C ILE C 992 26.02 -9.84 -26.18
N GLY C 993 25.81 -8.55 -26.26
CA GLY C 993 26.80 -7.58 -25.83
C GLY C 993 26.80 -7.39 -24.35
N LYS C 994 25.63 -7.29 -23.74
CA LYS C 994 25.52 -7.01 -22.32
C LYS C 994 25.67 -8.23 -21.43
N MET C 995 25.95 -9.38 -22.01
CA MET C 995 26.18 -10.60 -21.24
C MET C 995 27.64 -10.98 -21.38
N VAL C 996 28.20 -10.75 -22.56
CA VAL C 996 29.64 -10.85 -22.77
C VAL C 996 30.41 -9.81 -22.00
N ALA C 997 29.83 -8.64 -21.79
CA ALA C 997 30.51 -7.58 -21.06
C ALA C 997 30.44 -7.85 -19.57
N ASN C 998 29.23 -7.98 -19.04
CA ASN C 998 29.08 -8.18 -17.61
C ASN C 998 29.27 -9.63 -17.21
N MET C 999 30.28 -10.32 -17.74
CA MET C 999 30.72 -11.54 -17.10
C MET C 999 32.20 -11.77 -17.31
N PHE C 1000 32.94 -10.71 -17.67
CA PHE C 1000 34.37 -10.83 -17.83
C PHE C 1000 35.04 -11.31 -16.56
N TYR C 1001 34.42 -11.07 -15.41
CA TYR C 1001 35.10 -11.29 -14.15
C TYR C 1001 34.86 -12.69 -13.61
N ILE C 1002 33.73 -13.31 -13.94
CA ILE C 1002 33.59 -14.72 -13.65
C ILE C 1002 34.54 -15.52 -14.51
N VAL C 1003 34.74 -15.08 -15.76
CA VAL C 1003 35.47 -15.84 -16.75
C VAL C 1003 36.98 -15.74 -16.58
N VAL C 1004 37.45 -14.75 -15.83
CA VAL C 1004 38.84 -14.72 -15.40
C VAL C 1004 39.03 -15.65 -14.21
N ILE C 1005 38.04 -15.70 -13.31
CA ILE C 1005 38.06 -16.68 -12.24
C ILE C 1005 38.02 -18.06 -12.80
N MET C 1006 37.42 -18.25 -13.97
CA MET C 1006 37.42 -19.54 -14.61
C MET C 1006 38.70 -19.85 -15.35
N ALA C 1007 39.64 -18.90 -15.44
CA ALA C 1007 40.93 -19.13 -16.06
C ALA C 1007 42.08 -19.28 -15.08
N LEU C 1008 41.91 -18.83 -13.84
CA LEU C 1008 42.85 -19.21 -12.79
C LEU C 1008 42.73 -20.70 -12.49
N VAL C 1009 41.50 -21.16 -12.33
CA VAL C 1009 41.22 -22.54 -11.99
C VAL C 1009 41.74 -23.46 -13.06
N LEU C 1010 41.66 -23.02 -14.30
CA LEU C 1010 42.18 -23.73 -15.45
C LEU C 1010 43.68 -23.92 -15.37
N LEU C 1011 44.41 -22.92 -14.89
CA LEU C 1011 45.85 -23.00 -14.78
C LEU C 1011 46.32 -23.45 -13.41
N SER C 1012 45.51 -23.21 -12.38
CA SER C 1012 45.68 -23.90 -11.12
C SER C 1012 45.74 -25.41 -11.31
N PHE C 1013 44.99 -25.94 -12.29
CA PHE C 1013 44.96 -27.36 -12.59
C PHE C 1013 45.89 -27.77 -13.72
N GLY C 1014 46.03 -26.94 -14.75
CA GLY C 1014 46.83 -27.34 -15.90
C GLY C 1014 48.31 -27.35 -15.67
N VAL C 1015 48.79 -26.55 -14.74
CA VAL C 1015 50.21 -26.48 -14.46
C VAL C 1015 50.66 -27.64 -13.58
N PRO C 1016 49.93 -27.98 -12.52
CA PRO C 1016 50.32 -29.18 -11.78
C PRO C 1016 50.26 -30.45 -12.58
N ARG C 1017 49.29 -30.58 -13.45
CA ARG C 1017 49.09 -31.82 -14.18
C ARG C 1017 50.16 -32.02 -15.24
N LYS C 1018 50.52 -30.96 -15.95
CA LYS C 1018 51.56 -31.09 -16.96
C LYS C 1018 52.93 -31.21 -16.31
N ALA C 1019 53.05 -30.80 -15.06
CA ALA C 1019 54.25 -30.96 -14.27
C ALA C 1019 54.36 -32.36 -13.68
N ILE C 1020 53.25 -32.89 -13.18
CA ILE C 1020 53.22 -34.19 -12.56
C ILE C 1020 53.29 -35.33 -13.57
N LEU C 1021 52.83 -35.12 -14.81
CA LEU C 1021 52.67 -36.19 -15.78
C LEU C 1021 53.80 -36.25 -16.81
N TYR C 1022 54.37 -35.11 -17.17
CA TYR C 1022 55.43 -35.01 -18.18
C TYR C 1022 56.66 -34.39 -17.55
N PRO C 1023 57.35 -35.08 -16.66
CA PRO C 1023 58.39 -34.45 -15.86
C PRO C 1023 59.79 -34.45 -16.46
N HIS C 1024 59.89 -34.26 -17.76
CA HIS C 1024 61.19 -34.27 -18.42
C HIS C 1024 61.22 -33.26 -19.55
N GLU C 1025 60.30 -32.31 -19.53
CA GLU C 1025 60.05 -31.46 -20.67
C GLU C 1025 61.04 -30.31 -20.69
N GLU C 1026 61.83 -30.25 -21.72
CA GLU C 1026 62.63 -29.08 -21.96
C GLU C 1026 61.71 -27.90 -22.26
N PRO C 1027 62.22 -26.69 -22.24
CA PRO C 1027 61.39 -25.54 -22.59
C PRO C 1027 60.84 -25.64 -24.00
N SER C 1028 59.56 -25.31 -24.15
CA SER C 1028 58.84 -25.54 -25.39
C SER C 1028 57.61 -24.66 -25.41
N TRP C 1029 57.10 -24.43 -26.60
CA TRP C 1029 55.80 -23.78 -26.74
C TRP C 1029 54.64 -24.71 -26.49
N SER C 1030 54.88 -26.03 -26.49
CA SER C 1030 53.84 -26.97 -26.13
C SER C 1030 53.44 -26.87 -24.66
N LEU C 1031 54.33 -26.33 -23.83
CA LEU C 1031 54.02 -26.08 -22.44
C LEU C 1031 53.13 -24.89 -22.24
N ALA C 1032 52.70 -24.23 -23.32
CA ALA C 1032 51.75 -23.13 -23.29
C ALA C 1032 50.39 -23.51 -23.81
N LYS C 1033 50.31 -24.59 -24.57
CA LYS C 1033 49.05 -25.20 -24.98
C LYS C 1033 48.57 -26.22 -23.97
N ASP C 1034 49.42 -27.11 -23.55
CA ASP C 1034 49.00 -28.26 -22.78
C ASP C 1034 48.71 -27.95 -21.32
N ILE C 1035 48.98 -26.72 -20.88
CA ILE C 1035 48.50 -26.21 -19.62
C ILE C 1035 47.19 -25.46 -19.77
N VAL C 1036 46.68 -25.36 -21.00
CA VAL C 1036 45.46 -24.60 -21.26
C VAL C 1036 44.49 -25.39 -22.13
N PHE C 1037 44.95 -26.48 -22.74
CA PHE C 1037 44.19 -27.14 -23.79
C PHE C 1037 43.13 -28.05 -23.21
N HIS C 1038 43.54 -29.18 -22.63
CA HIS C 1038 42.56 -30.12 -22.07
C HIS C 1038 41.73 -29.53 -20.94
N PRO C 1039 42.25 -28.70 -20.06
CA PRO C 1039 41.41 -28.10 -19.03
C PRO C 1039 40.35 -27.15 -19.53
N TYR C 1040 40.38 -26.81 -20.82
CA TYR C 1040 39.34 -26.00 -21.43
C TYR C 1040 38.26 -26.84 -22.05
N TRP C 1041 38.62 -28.01 -22.54
CA TRP C 1041 37.67 -28.89 -23.15
C TRP C 1041 36.92 -29.73 -22.13
N MET C 1042 37.43 -29.81 -20.90
CA MET C 1042 36.73 -30.34 -19.73
C MET C 1042 35.52 -29.52 -19.32
N ILE C 1043 35.58 -28.20 -19.41
CA ILE C 1043 34.44 -27.33 -19.13
C ILE C 1043 33.24 -27.71 -19.97
N PHE C 1044 33.45 -28.37 -21.10
CA PHE C 1044 32.43 -28.75 -22.04
C PHE C 1044 32.15 -30.24 -22.01
N GLY C 1045 32.47 -30.88 -20.89
CA GLY C 1045 32.07 -32.23 -20.63
C GLY C 1045 32.98 -33.31 -21.14
N GLU C 1046 34.12 -32.96 -21.74
CA GLU C 1046 35.09 -33.96 -22.19
C GLU C 1046 36.08 -34.21 -21.06
N VAL C 1047 35.92 -35.38 -20.43
CA VAL C 1047 36.58 -35.70 -19.18
C VAL C 1047 37.92 -36.36 -19.39
N TYR C 1048 38.17 -36.86 -20.59
CA TYR C 1048 39.38 -37.59 -20.93
C TYR C 1048 39.56 -38.74 -19.95
N ALA C 1049 38.55 -39.60 -19.97
CA ALA C 1049 38.33 -40.59 -18.95
C ALA C 1049 39.34 -41.71 -19.01
N TYR C 1050 39.83 -42.00 -20.20
CA TYR C 1050 40.87 -42.99 -20.41
C TYR C 1050 42.26 -42.35 -20.47
N GLU C 1051 42.41 -41.20 -19.81
CA GLU C 1051 43.68 -40.56 -19.60
C GLU C 1051 43.88 -40.14 -18.15
N ILE C 1052 42.82 -40.15 -17.35
CA ILE C 1052 42.91 -40.15 -15.90
C ILE C 1052 43.46 -41.50 -15.46
N ASP C 1053 44.30 -41.49 -14.43
CA ASP C 1053 44.85 -42.71 -13.88
C ASP C 1053 45.62 -43.42 -14.97
N VAL C 1054 46.64 -42.73 -15.50
CA VAL C 1054 47.42 -43.21 -16.62
C VAL C 1054 48.10 -44.54 -16.37
N CYS C 1055 48.24 -44.94 -15.11
CA CYS C 1055 48.80 -46.24 -14.76
C CYS C 1055 47.77 -47.35 -14.82
N ALA C 1056 46.49 -47.02 -14.97
CA ALA C 1056 45.44 -48.02 -15.07
C ALA C 1056 45.61 -48.88 -16.30
N ASN C 1057 44.85 -49.98 -16.36
CA ASN C 1057 44.95 -50.93 -17.44
C ASN C 1057 44.16 -50.53 -18.66
N ASP C 1058 43.22 -49.59 -18.53
CA ASP C 1058 42.38 -49.15 -19.63
C ASP C 1058 42.87 -47.85 -20.24
N SER C 1059 44.14 -47.53 -20.05
CA SER C 1059 44.65 -46.21 -20.34
C SER C 1059 45.08 -46.08 -21.78
N THR C 1060 44.78 -44.94 -22.37
CA THR C 1060 45.36 -44.48 -23.61
C THR C 1060 46.77 -43.94 -23.42
N LEU C 1061 47.21 -43.77 -22.18
CA LEU C 1061 48.53 -43.24 -21.84
C LEU C 1061 49.19 -44.20 -20.86
N PRO C 1062 49.60 -45.37 -21.33
CA PRO C 1062 50.32 -46.31 -20.46
C PRO C 1062 51.79 -46.01 -20.30
N THR C 1063 52.30 -45.03 -21.02
CA THR C 1063 53.69 -44.63 -20.96
C THR C 1063 53.93 -43.44 -20.05
N ILE C 1064 52.87 -42.78 -19.62
CA ILE C 1064 52.94 -41.61 -18.76
C ILE C 1064 52.94 -42.05 -17.30
N CYS C 1065 52.87 -43.35 -17.06
CA CYS C 1065 52.85 -43.87 -15.69
C CYS C 1065 54.21 -43.65 -15.05
N GLY C 1066 54.20 -42.99 -13.90
CA GLY C 1066 55.42 -42.71 -13.18
C GLY C 1066 55.13 -42.20 -11.80
N PRO C 1067 56.17 -41.74 -11.10
CA PRO C 1067 55.97 -41.21 -9.75
C PRO C 1067 55.12 -39.94 -9.76
N GLY C 1068 54.11 -39.93 -8.90
CA GLY C 1068 53.28 -38.77 -8.71
C GLY C 1068 52.04 -38.71 -9.56
N THR C 1069 51.90 -39.58 -10.55
CA THR C 1069 50.80 -39.52 -11.49
C THR C 1069 49.50 -40.08 -10.94
N TRP C 1070 49.50 -40.50 -9.68
CA TRP C 1070 48.28 -40.83 -8.96
C TRP C 1070 47.57 -39.63 -8.39
N LEU C 1071 48.12 -38.43 -8.56
CA LEU C 1071 47.57 -37.23 -7.99
C LEU C 1071 46.59 -36.52 -8.90
N THR C 1072 46.69 -36.75 -10.19
CA THR C 1072 45.89 -36.05 -11.18
C THR C 1072 44.41 -36.43 -11.13
N PRO C 1073 44.01 -37.66 -10.79
CA PRO C 1073 42.58 -37.88 -10.57
C PRO C 1073 41.97 -37.03 -9.48
N PHE C 1074 42.72 -36.75 -8.43
CA PHE C 1074 42.23 -35.89 -7.38
C PHE C 1074 42.13 -34.45 -7.82
N LEU C 1075 43.19 -33.93 -8.43
CA LEU C 1075 43.20 -32.56 -8.90
C LEU C 1075 42.05 -32.28 -9.85
N GLN C 1076 41.70 -33.28 -10.65
CA GLN C 1076 40.68 -33.12 -11.66
C GLN C 1076 39.28 -33.21 -11.08
N ALA C 1077 39.10 -34.11 -10.12
CA ALA C 1077 37.91 -34.14 -9.29
C ALA C 1077 37.62 -32.78 -8.71
N VAL C 1078 38.63 -32.20 -8.07
CA VAL C 1078 38.53 -30.86 -7.53
C VAL C 1078 38.27 -29.86 -8.64
N TYR C 1079 38.85 -30.07 -9.81
CA TYR C 1079 38.76 -29.12 -10.90
C TYR C 1079 37.35 -28.97 -11.43
N LEU C 1080 36.72 -30.07 -11.79
CA LEU C 1080 35.43 -30.02 -12.43
C LEU C 1080 34.31 -29.65 -11.52
N PHE C 1081 34.37 -30.10 -10.28
CA PHE C 1081 33.50 -29.61 -9.24
C PHE C 1081 33.49 -28.10 -9.18
N VAL C 1082 34.59 -27.47 -9.57
CA VAL C 1082 34.67 -26.02 -9.64
C VAL C 1082 34.26 -25.52 -11.02
N GLN C 1083 34.71 -26.18 -12.09
CA GLN C 1083 34.48 -25.73 -13.45
C GLN C 1083 33.23 -26.27 -14.12
N TYR C 1084 32.41 -27.03 -13.41
CA TYR C 1084 31.19 -27.56 -14.01
C TYR C 1084 30.01 -27.48 -13.04
N ILE C 1085 30.27 -27.27 -11.76
CA ILE C 1085 29.23 -27.29 -10.74
C ILE C 1085 29.20 -25.96 -10.00
N ILE C 1086 30.35 -25.46 -9.56
CA ILE C 1086 30.39 -24.15 -8.93
C ILE C 1086 30.32 -23.04 -9.97
N MET C 1087 31.24 -23.02 -10.91
CA MET C 1087 31.44 -21.82 -11.72
C MET C 1087 30.55 -21.76 -12.95
N VAL C 1088 30.41 -22.87 -13.68
CA VAL C 1088 29.54 -22.86 -14.85
C VAL C 1088 28.08 -22.78 -14.48
N ASN C 1089 27.72 -23.10 -13.24
CA ASN C 1089 26.38 -22.86 -12.73
C ASN C 1089 26.30 -21.56 -11.95
N LEU C 1090 27.38 -20.79 -11.88
CA LEU C 1090 27.33 -19.42 -11.42
C LEU C 1090 26.96 -18.50 -12.58
N LEU C 1091 27.41 -18.84 -13.78
CA LEU C 1091 26.97 -18.16 -14.99
C LEU C 1091 25.47 -18.23 -15.14
N ILE C 1092 24.92 -19.45 -15.06
CA ILE C 1092 23.51 -19.71 -15.22
C ILE C 1092 22.74 -18.83 -14.25
N ALA C 1093 23.18 -18.80 -13.01
CA ALA C 1093 22.53 -17.95 -12.04
C ALA C 1093 22.80 -16.48 -12.29
N PHE C 1094 23.89 -16.16 -12.97
CA PHE C 1094 24.09 -14.78 -13.36
C PHE C 1094 23.04 -14.36 -14.37
N PHE C 1095 23.02 -15.04 -15.52
CA PHE C 1095 22.10 -14.72 -16.59
C PHE C 1095 20.64 -14.74 -16.15
N ASN C 1096 20.24 -15.72 -15.36
CA ASN C 1096 18.84 -15.85 -14.96
C ASN C 1096 18.36 -14.68 -14.14
N GLN C 1097 19.26 -13.99 -13.45
CA GLN C 1097 18.91 -12.91 -12.54
C GLN C 1097 19.21 -11.55 -13.14
N VAL C 1098 19.93 -11.51 -14.26
CA VAL C 1098 20.20 -10.29 -14.99
C VAL C 1098 19.45 -10.27 -16.33
N TYR C 1099 18.35 -11.01 -16.42
CA TYR C 1099 17.67 -11.21 -17.69
C TYR C 1099 16.62 -10.14 -17.95
N LEU C 1100 15.74 -9.88 -16.98
CA LEU C 1100 14.76 -8.82 -17.16
C LEU C 1100 15.43 -7.48 -17.36
N GLN C 1101 16.49 -7.21 -16.60
CA GLN C 1101 17.03 -5.87 -16.54
C GLN C 1101 17.99 -5.61 -17.69
N VAL C 1102 18.32 -6.65 -18.45
CA VAL C 1102 19.02 -6.47 -19.72
C VAL C 1102 18.05 -6.58 -20.88
N LYS C 1103 16.97 -7.31 -20.72
CA LYS C 1103 15.98 -7.42 -21.77
C LYS C 1103 15.16 -6.14 -21.88
N ALA C 1104 14.86 -5.53 -20.74
CA ALA C 1104 14.20 -4.23 -20.75
C ALA C 1104 15.08 -3.18 -21.40
N ILE C 1105 16.35 -3.12 -21.03
CA ILE C 1105 17.26 -2.17 -21.66
C ILE C 1105 17.40 -2.46 -23.14
N SER C 1106 17.86 -3.67 -23.47
CA SER C 1106 18.15 -4.05 -24.85
C SER C 1106 17.01 -3.82 -25.81
N ASN C 1107 15.76 -3.79 -25.32
CA ASN C 1107 14.67 -3.27 -26.12
C ASN C 1107 14.88 -1.80 -26.41
N ILE C 1108 15.26 -1.04 -25.38
CA ILE C 1108 15.37 0.40 -25.49
C ILE C 1108 16.59 0.78 -26.31
N VAL C 1109 17.69 0.07 -26.13
CA VAL C 1109 18.88 0.30 -26.96
C VAL C 1109 18.59 -0.09 -28.39
N TRP C 1110 17.66 -1.03 -28.59
CA TRP C 1110 17.30 -1.44 -29.93
C TRP C 1110 16.42 -0.39 -30.58
N LYS C 1111 15.36 0.00 -29.88
CA LYS C 1111 14.44 0.99 -30.39
C LYS C 1111 15.11 2.33 -30.64
N TYR C 1112 16.21 2.59 -29.93
CA TYR C 1112 17.02 3.77 -30.19
C TYR C 1112 17.91 3.62 -31.41
N GLN C 1113 18.52 2.47 -31.57
CA GLN C 1113 19.36 2.19 -32.72
C GLN C 1113 18.56 2.00 -34.00
N ARG C 1114 17.26 1.78 -33.88
CA ARG C 1114 16.40 1.71 -35.07
C ARG C 1114 16.34 3.05 -35.77
N TYR C 1115 16.54 4.15 -35.03
CA TYR C 1115 16.64 5.46 -35.65
C TYR C 1115 17.83 5.54 -36.58
N HIS C 1116 19.03 5.30 -36.06
CA HIS C 1116 20.26 5.45 -36.84
C HIS C 1116 20.32 4.49 -38.01
N PHE C 1117 19.48 3.47 -38.02
CA PHE C 1117 19.44 2.43 -39.04
C PHE C 1117 18.51 2.81 -40.18
N ILE C 1118 17.28 3.17 -39.84
CA ILE C 1118 16.31 3.60 -40.83
C ILE C 1118 16.79 4.85 -41.55
N MET C 1119 17.23 5.83 -40.79
CA MET C 1119 17.70 7.09 -41.34
C MET C 1119 19.05 6.98 -42.02
N ALA C 1120 19.59 5.77 -42.14
CA ALA C 1120 20.71 5.50 -43.01
C ALA C 1120 20.30 4.92 -44.35
N TYR C 1121 19.19 4.18 -44.41
CA TYR C 1121 18.63 3.75 -45.68
C TYR C 1121 17.89 4.87 -46.37
N HIS C 1122 17.37 5.81 -45.59
CA HIS C 1122 16.70 6.99 -46.10
C HIS C 1122 17.67 8.01 -46.71
N GLU C 1123 18.96 7.68 -46.70
CA GLU C 1123 19.97 8.43 -47.43
C GLU C 1123 20.92 7.49 -48.17
N LYS C 1124 20.53 6.23 -48.30
CA LYS C 1124 21.35 5.23 -48.96
C LYS C 1124 20.97 5.16 -50.43
N PRO C 1125 21.89 4.76 -51.29
CA PRO C 1125 21.50 4.51 -52.68
C PRO C 1125 20.50 3.38 -52.82
N VAL C 1126 19.70 3.50 -53.86
CA VAL C 1126 18.73 2.48 -54.20
C VAL C 1126 19.37 1.14 -54.49
N LEU C 1127 20.50 1.15 -55.03
CA LEU C 1127 21.06 0.07 -55.80
C LEU C 1127 22.18 -0.60 -55.01
N PRO C 1128 22.24 -1.93 -54.89
CA PRO C 1128 23.02 -2.52 -53.82
C PRO C 1128 24.50 -2.51 -54.13
N PRO C 1129 25.33 -2.92 -53.18
CA PRO C 1129 26.77 -2.68 -53.30
C PRO C 1129 27.50 -3.49 -54.36
N PRO C 1130 26.85 -4.29 -55.21
CA PRO C 1130 27.52 -4.68 -56.46
C PRO C 1130 27.31 -3.71 -57.60
N LEU C 1131 26.14 -3.07 -57.65
CA LEU C 1131 25.74 -2.18 -58.73
C LEU C 1131 25.68 -0.73 -58.27
N ILE C 1132 25.90 -0.48 -56.98
CA ILE C 1132 25.89 0.86 -56.40
C ILE C 1132 26.82 1.80 -57.13
N ILE C 1133 27.88 1.25 -57.74
CA ILE C 1133 28.90 2.04 -58.42
C ILE C 1133 28.28 2.89 -59.51
N LEU C 1134 27.19 2.41 -60.11
CA LEU C 1134 26.44 3.21 -61.06
C LEU C 1134 25.88 4.44 -60.36
N SER C 1135 25.10 4.25 -59.29
CA SER C 1135 24.53 5.38 -58.57
C SER C 1135 25.60 6.29 -57.98
N HIS C 1136 26.80 5.78 -57.75
CA HIS C 1136 27.89 6.66 -57.34
C HIS C 1136 28.33 7.56 -58.50
N ILE C 1137 28.59 6.94 -59.65
CA ILE C 1137 29.08 7.68 -60.82
C ILE C 1137 28.05 8.74 -61.24
N VAL C 1138 26.77 8.40 -61.13
CA VAL C 1138 25.71 9.36 -61.43
C VAL C 1138 25.83 10.56 -60.52
N SER C 1139 25.94 10.31 -59.21
CA SER C 1139 26.01 11.40 -58.25
C SER C 1139 27.33 12.14 -58.36
N LEU C 1140 28.42 11.40 -58.60
CA LEU C 1140 29.73 12.02 -58.74
C LEU C 1140 29.79 12.88 -60.00
N PHE C 1141 29.51 12.25 -61.15
CA PHE C 1141 29.58 12.91 -62.45
C PHE C 1141 28.76 14.20 -62.47
N CYS C 1142 27.59 14.17 -61.86
CA CYS C 1142 26.67 15.29 -61.93
C CYS C 1142 26.97 16.34 -60.86
N CYS C 1143 27.32 15.91 -59.66
CA CYS C 1143 27.69 16.86 -58.61
C CYS C 1143 28.86 17.73 -59.03
N VAL C 1144 29.77 17.18 -59.84
CA VAL C 1144 30.85 17.95 -60.44
C VAL C 1144 30.35 18.80 -61.60
N CYS C 1145 29.22 18.43 -62.21
CA CYS C 1145 28.66 19.15 -63.34
C CYS C 1145 27.44 19.99 -62.94
N LYS C 1146 26.38 19.39 -62.43
CA LYS C 1146 25.20 20.16 -62.04
C LYS C 1146 25.42 20.83 -60.68
N GLY C 1156 19.10 16.04 -46.43
CA GLY C 1156 18.25 15.18 -45.63
C GLY C 1156 16.79 15.55 -45.77
N PRO C 1157 15.92 14.82 -45.08
CA PRO C 1157 14.48 15.05 -45.24
C PRO C 1157 13.96 16.28 -44.53
N LYS C 1158 12.73 16.65 -44.88
CA LYS C 1158 12.04 17.77 -44.28
C LYS C 1158 10.55 17.47 -44.24
N LEU C 1159 9.89 17.93 -43.19
CA LEU C 1159 8.44 17.77 -43.05
C LEU C 1159 7.78 19.01 -43.64
N PHE C 1160 7.40 18.90 -44.91
CA PHE C 1160 6.83 20.02 -45.65
C PHE C 1160 5.39 20.25 -45.22
N LEU C 1161 5.16 21.33 -44.50
CA LEU C 1161 3.83 21.79 -44.15
C LEU C 1161 3.47 23.03 -44.94
N THR C 1162 2.18 23.22 -45.12
CA THR C 1162 1.64 24.49 -45.57
C THR C 1162 1.52 25.43 -44.38
N GLU C 1163 1.49 26.72 -44.67
CA GLU C 1163 1.39 27.74 -43.62
C GLU C 1163 0.15 27.54 -42.77
N GLU C 1164 -0.90 26.96 -43.35
CA GLU C 1164 -2.11 26.66 -42.59
C GLU C 1164 -1.87 25.51 -41.63
N ASP C 1165 -1.08 24.52 -42.04
CA ASP C 1165 -0.86 23.36 -41.19
C ASP C 1165 0.13 23.68 -40.08
N GLN C 1166 1.05 24.62 -40.32
CA GLN C 1166 1.95 25.06 -39.27
C GLN C 1166 1.17 25.62 -38.10
N LYS C 1167 0.04 26.26 -38.37
CA LYS C 1167 -0.80 26.79 -37.32
C LYS C 1167 -1.54 25.69 -36.59
N LYS C 1168 -2.11 24.74 -37.34
CA LYS C 1168 -2.87 23.66 -36.74
C LYS C 1168 -1.99 22.80 -35.85
N LEU C 1169 -0.76 22.58 -36.28
CA LEU C 1169 0.20 21.87 -35.44
C LEU C 1169 0.58 22.70 -34.22
N HIS C 1170 0.78 24.00 -34.44
CA HIS C 1170 1.10 24.91 -33.35
C HIS C 1170 -0.01 24.89 -32.30
N ASP C 1171 -1.25 24.82 -32.77
CA ASP C 1171 -2.39 24.69 -31.88
C ASP C 1171 -2.33 23.38 -31.11
N PHE C 1172 -1.86 22.32 -31.76
CA PHE C 1172 -1.82 20.99 -31.16
C PHE C 1172 -0.86 20.98 -29.98
N GLU C 1173 0.32 21.57 -30.17
CA GLU C 1173 1.32 21.62 -29.12
C GLU C 1173 0.81 22.38 -27.92
N GLU C 1174 0.26 23.57 -28.15
CA GLU C 1174 -0.27 24.43 -27.10
C GLU C 1174 -1.23 23.69 -26.19
N GLN C 1175 -2.28 23.13 -26.77
CA GLN C 1175 -3.27 22.40 -25.99
C GLN C 1175 -2.63 21.24 -25.23
N CYS C 1176 -1.76 20.48 -25.91
CA CYS C 1176 -1.18 19.30 -25.29
C CYS C 1176 -0.29 19.64 -24.10
N VAL C 1177 0.39 20.79 -24.16
CA VAL C 1177 1.15 21.25 -23.00
C VAL C 1177 0.21 21.56 -21.85
N GLU C 1178 -0.85 22.32 -22.14
CA GLU C 1178 -1.78 22.79 -21.13
C GLU C 1178 -2.42 21.65 -20.37
N MET C 1179 -2.61 20.51 -21.05
CA MET C 1179 -3.24 19.35 -20.43
C MET C 1179 -2.27 18.66 -19.49
N TYR C 1180 -1.02 18.51 -19.92
CA TYR C 1180 0.04 17.88 -19.16
C TYR C 1180 0.13 18.42 -17.74
N PHE C 1181 -0.06 19.73 -17.62
CA PHE C 1181 -0.02 20.39 -16.32
C PHE C 1181 -1.35 20.20 -15.62
N ASP C 1182 -2.46 20.37 -16.35
CA ASP C 1182 -3.78 20.29 -15.76
C ASP C 1182 -4.11 18.88 -15.30
N GLU C 1183 -3.47 17.87 -15.90
CA GLU C 1183 -3.70 16.50 -15.47
C GLU C 1183 -2.88 16.17 -14.23
N LYS C 1184 -1.58 16.51 -14.25
CA LYS C 1184 -0.72 16.19 -13.12
C LYS C 1184 -1.15 16.92 -11.86
N ASP C 1185 -1.63 18.15 -12.00
CA ASP C 1185 -2.17 18.88 -10.86
C ASP C 1185 -3.33 18.13 -10.23
N ASP C 1186 -4.14 17.46 -11.06
CA ASP C 1186 -5.27 16.71 -10.54
C ASP C 1186 -4.84 15.32 -10.04
N LYS C 1187 -3.90 14.69 -10.73
CA LYS C 1187 -3.31 13.44 -10.24
C LYS C 1187 -2.63 13.62 -8.89
N PHE C 1188 -2.23 14.83 -8.55
CA PHE C 1188 -1.71 15.17 -7.24
C PHE C 1188 -2.82 15.53 -6.26
N ASN C 1189 -3.77 16.37 -6.68
CA ASN C 1189 -4.85 16.79 -5.81
C ASN C 1189 -5.87 15.68 -5.58
N SER C 1190 -5.96 14.71 -6.49
CA SER C 1190 -6.93 13.63 -6.35
C SER C 1190 -6.37 12.47 -5.54
N GLY C 1191 -5.04 12.33 -5.48
CA GLY C 1191 -4.41 11.31 -4.70
C GLY C 1191 -4.80 11.32 -3.24
N SER C 1192 -4.73 10.16 -2.60
CA SER C 1192 -5.17 10.03 -1.21
C SER C 1192 -4.23 10.76 -0.27
N GLU C 1193 -2.93 10.54 -0.43
CA GLU C 1193 -1.90 11.19 0.39
C GLU C 1193 -2.11 12.70 0.48
N GLU C 1194 -2.58 13.30 -0.61
CA GLU C 1194 -2.82 14.73 -0.63
C GLU C 1194 -4.11 15.09 0.08
N ARG C 1195 -5.14 14.25 -0.06
CA ARG C 1195 -6.40 14.51 0.60
C ARG C 1195 -6.29 14.29 2.11
N ILE C 1196 -5.39 13.39 2.51
CA ILE C 1196 -5.10 13.23 3.94
C ILE C 1196 -4.41 14.47 4.48
N ARG C 1197 -3.46 15.02 3.71
CA ARG C 1197 -2.76 16.23 4.12
C ARG C 1197 -3.74 17.37 4.37
N VAL C 1198 -4.60 17.65 3.40
CA VAL C 1198 -5.56 18.75 3.53
C VAL C 1198 -6.51 18.47 4.69
N THR C 1199 -7.20 17.34 4.63
CA THR C 1199 -8.08 16.86 5.69
C THR C 1199 -7.47 17.05 7.07
N PHE C 1200 -6.24 16.56 7.24
CA PHE C 1200 -5.47 16.78 8.45
C PHE C 1200 -5.39 18.25 8.80
N GLU C 1201 -4.91 19.06 7.86
CA GLU C 1201 -4.68 20.48 8.15
C GLU C 1201 -5.99 21.23 8.35
N ARG C 1202 -7.06 20.82 7.67
CA ARG C 1202 -8.36 21.40 7.94
C ARG C 1202 -8.81 21.05 9.35
N VAL C 1203 -8.84 19.76 9.64
CA VAL C 1203 -9.34 19.20 10.89
C VAL C 1203 -8.58 19.77 12.07
N GLU C 1204 -7.31 20.11 11.88
CA GLU C 1204 -6.61 20.92 12.88
C GLU C 1204 -7.32 22.25 13.05
N GLN C 1205 -7.50 22.97 11.93
CA GLN C 1205 -8.12 24.28 11.98
C GLN C 1205 -9.55 24.18 12.49
N MET C 1206 -10.24 23.10 12.14
CA MET C 1206 -11.62 22.92 12.55
C MET C 1206 -11.75 22.84 14.07
N SER C 1207 -10.87 22.05 14.69
CA SER C 1207 -10.81 21.91 16.13
C SER C 1207 -10.77 23.27 16.79
N ILE C 1208 -9.98 24.17 16.22
CA ILE C 1208 -9.82 25.52 16.76
C ILE C 1208 -11.12 26.29 16.64
N GLN C 1209 -11.67 26.38 15.42
CA GLN C 1209 -12.82 27.25 15.21
C GLN C 1209 -14.09 26.66 15.82
N ILE C 1210 -14.08 25.39 16.22
CA ILE C 1210 -15.21 24.83 16.95
C ILE C 1210 -15.08 25.21 18.42
N LYS C 1211 -13.93 24.91 19.01
CA LYS C 1211 -13.77 25.07 20.46
C LYS C 1211 -13.93 26.52 20.88
N GLU C 1212 -13.54 27.45 20.01
CA GLU C 1212 -13.76 28.86 20.32
C GLU C 1212 -15.24 29.18 20.31
N VAL C 1213 -16.00 28.58 19.40
CA VAL C 1213 -17.45 28.67 19.48
C VAL C 1213 -17.95 27.99 20.75
N GLY C 1214 -17.39 26.82 21.05
CA GLY C 1214 -17.72 26.10 22.25
C GLY C 1214 -17.52 26.94 23.50
N ASP C 1215 -16.45 27.73 23.49
CA ASP C 1215 -16.28 28.75 24.52
C ASP C 1215 -17.42 29.75 24.43
N ARG C 1216 -17.53 30.45 23.29
CA ARG C 1216 -18.44 31.57 23.13
C ARG C 1216 -19.89 31.20 23.42
N VAL C 1217 -20.31 30.04 22.94
CA VAL C 1217 -21.63 29.51 23.23
C VAL C 1217 -21.79 29.33 24.74
N ASN C 1218 -20.69 28.99 25.43
CA ASN C 1218 -20.77 28.84 26.88
C ASN C 1218 -20.84 30.19 27.59
N TYR C 1219 -20.60 31.28 26.86
CA TYR C 1219 -20.78 32.61 27.42
C TYR C 1219 -22.17 33.17 27.13
N ILE C 1220 -22.73 32.81 25.97
CA ILE C 1220 -24.08 33.24 25.64
C ILE C 1220 -25.09 32.48 26.51
N LYS C 1221 -24.72 31.30 27.03
CA LYS C 1221 -25.62 30.59 27.95
C LYS C 1221 -25.58 31.21 29.34
N ARG C 1222 -24.41 31.33 29.95
CA ARG C 1222 -24.30 31.91 31.28
C ARG C 1222 -24.80 33.35 31.30
N SER C 1223 -24.71 34.03 30.14
CA SER C 1223 -25.41 35.29 29.98
C SER C 1223 -26.91 35.12 30.24
N LEU C 1224 -27.60 34.40 29.34
CA LEU C 1224 -29.07 34.44 29.37
C LEU C 1224 -29.63 33.80 30.62
N GLN C 1225 -28.84 33.00 31.33
CA GLN C 1225 -29.23 32.52 32.64
C GLN C 1225 -29.34 33.65 33.67
N SER C 1226 -28.85 34.86 33.35
CA SER C 1226 -28.78 35.96 34.31
C SER C 1226 -29.30 37.30 33.81
N LEU C 1227 -29.42 37.51 32.49
CA LEU C 1227 -29.86 38.81 31.99
C LEU C 1227 -31.27 39.14 32.48
N ASP C 1228 -32.25 38.35 32.03
CA ASP C 1228 -33.62 38.56 32.50
C ASP C 1228 -33.81 38.00 33.91
N SER C 1229 -33.13 36.91 34.23
CA SER C 1229 -33.20 36.27 35.54
C SER C 1229 -34.63 35.82 35.86
N GLN D 2 -9.02 38.93 -53.25
CA GLN D 2 -8.82 39.60 -51.97
C GLN D 2 -8.27 38.66 -50.90
N LYS D 3 -8.59 37.36 -51.01
CA LYS D 3 -7.98 36.27 -50.22
C LYS D 3 -8.41 36.23 -48.77
N SER D 4 -9.16 37.23 -48.29
CA SER D 4 -9.62 37.25 -46.92
C SER D 4 -11.10 37.54 -46.88
N TRP D 5 -11.88 36.54 -46.47
CA TRP D 5 -13.33 36.68 -46.40
C TRP D 5 -13.76 37.78 -45.43
N ILE D 6 -12.87 38.14 -44.49
CA ILE D 6 -13.19 39.14 -43.48
C ILE D 6 -13.40 40.47 -44.17
N GLU D 7 -12.34 41.00 -44.78
CA GLU D 7 -12.41 42.32 -45.39
C GLU D 7 -13.12 42.27 -46.74
N SER D 8 -13.07 41.11 -47.40
CA SER D 8 -13.87 40.89 -48.60
C SER D 8 -15.35 41.11 -48.31
N THR D 9 -15.76 40.90 -47.06
CA THR D 9 -17.14 41.02 -46.65
C THR D 9 -17.32 42.25 -45.77
N LEU D 10 -16.57 42.30 -44.67
CA LEU D 10 -16.68 43.42 -43.74
C LEU D 10 -15.91 44.62 -44.25
N THR D 11 -16.20 45.77 -43.63
CA THR D 11 -15.61 47.05 -43.99
C THR D 11 -15.40 47.84 -42.70
N LYS D 12 -14.56 48.86 -42.79
CA LYS D 12 -14.28 49.76 -41.67
C LYS D 12 -14.86 51.12 -42.01
N ARG D 13 -15.60 51.70 -41.07
CA ARG D 13 -16.12 53.04 -41.23
C ARG D 13 -15.18 54.04 -40.57
N GLU D 14 -15.18 55.27 -41.07
CA GLU D 14 -14.34 56.34 -40.53
C GLU D 14 -14.75 57.68 -41.11
N CYS D 15 -14.52 58.77 -40.35
CA CYS D 15 -14.87 60.11 -40.82
C CYS D 15 -14.06 60.45 -42.07
N VAL D 16 -14.74 61.02 -43.05
CA VAL D 16 -14.14 61.41 -44.33
C VAL D 16 -14.28 62.89 -44.61
N TYR D 17 -15.29 63.52 -44.05
CA TYR D 17 -15.55 64.95 -44.05
C TYR D 17 -14.90 65.51 -42.77
N ILE D 18 -15.12 66.79 -42.48
CA ILE D 18 -14.63 67.38 -41.23
C ILE D 18 -15.70 68.28 -40.62
N ILE D 19 -15.75 68.28 -39.29
CA ILE D 19 -16.74 68.99 -38.47
C ILE D 19 -16.03 69.45 -37.20
N PRO D 20 -15.42 70.66 -37.14
CA PRO D 20 -14.74 71.08 -35.91
C PRO D 20 -15.59 71.03 -34.64
N SER D 21 -15.11 70.25 -33.67
CA SER D 21 -15.78 70.11 -32.38
C SER D 21 -15.32 71.19 -31.41
N SER D 22 -16.23 72.12 -31.08
CA SER D 22 -15.93 73.21 -30.16
C SER D 22 -14.80 74.10 -30.67
N LYS D 23 -15.08 74.85 -31.74
CA LYS D 23 -14.13 75.71 -32.45
C LYS D 23 -13.26 76.58 -31.56
N ASP D 24 -13.76 77.02 -30.41
CA ASP D 24 -13.10 78.05 -29.62
C ASP D 24 -11.73 77.56 -29.13
N PRO D 25 -10.61 78.19 -29.52
CA PRO D 25 -9.30 77.75 -29.03
C PRO D 25 -9.12 78.14 -27.57
N HIS D 26 -8.22 77.43 -26.88
CA HIS D 26 -8.04 77.64 -25.45
C HIS D 26 -7.17 78.86 -25.15
N ARG D 27 -5.96 78.93 -25.72
CA ARG D 27 -4.95 79.93 -25.36
C ARG D 27 -4.00 80.07 -26.53
N CYS D 28 -2.80 80.65 -26.32
CA CYS D 28 -1.82 80.81 -27.39
C CYS D 28 -2.38 81.69 -28.51
N LEU D 29 -2.41 83.00 -28.25
CA LEU D 29 -3.27 84.04 -28.80
C LEU D 29 -3.75 83.80 -30.24
N PRO D 30 -2.90 83.50 -31.22
CA PRO D 30 -3.44 83.18 -32.54
C PRO D 30 -4.07 81.80 -32.57
N GLY D 31 -5.38 81.76 -32.82
CA GLY D 31 -6.09 80.51 -32.89
C GLY D 31 -5.65 79.60 -34.01
N CYS D 32 -5.50 80.14 -35.23
CA CYS D 32 -5.46 79.41 -36.49
C CYS D 32 -4.72 78.08 -36.46
N GLN D 33 -3.55 78.04 -35.82
CA GLN D 33 -2.75 76.82 -35.78
C GLN D 33 -3.14 75.96 -34.58
N ILE D 34 -3.01 76.51 -33.37
CA ILE D 34 -3.34 75.78 -32.16
C ILE D 34 -4.81 75.40 -32.10
N CYS D 35 -5.67 76.16 -32.77
CA CYS D 35 -7.06 75.79 -32.91
C CYS D 35 -7.15 74.48 -33.67
N GLN D 36 -6.70 74.48 -34.92
CA GLN D 36 -6.74 73.28 -35.75
C GLN D 36 -5.90 72.16 -35.15
N GLN D 37 -4.76 72.51 -34.56
CA GLN D 37 -3.87 71.49 -34.01
C GLN D 37 -4.52 70.74 -32.86
N LEU D 38 -5.42 71.40 -32.12
CA LEU D 38 -6.07 70.83 -30.95
C LEU D 38 -7.55 70.54 -31.16
N VAL D 39 -8.27 71.44 -31.83
CA VAL D 39 -9.72 71.33 -31.92
C VAL D 39 -10.05 70.13 -32.79
N ARG D 40 -10.52 69.06 -32.14
CA ARG D 40 -10.88 67.82 -32.79
C ARG D 40 -12.12 68.02 -33.65
N CYS D 41 -12.27 67.20 -34.68
CA CYS D 41 -13.53 67.12 -35.40
C CYS D 41 -14.55 66.42 -34.50
N PHE D 42 -15.84 66.71 -34.71
CA PHE D 42 -16.89 65.95 -34.04
C PHE D 42 -16.90 64.53 -34.56
N CYS D 43 -16.25 64.30 -35.70
CA CYS D 43 -15.78 63.00 -36.15
C CYS D 43 -15.25 62.11 -35.04
N GLY D 44 -14.53 62.70 -34.08
CA GLY D 44 -13.66 61.91 -33.25
C GLY D 44 -12.33 62.60 -32.99
N ARG D 45 -11.26 62.02 -33.54
CA ARG D 45 -9.89 62.29 -33.12
C ARG D 45 -9.51 63.71 -33.52
N LEU D 46 -8.22 64.04 -33.34
CA LEU D 46 -7.72 65.35 -33.74
C LEU D 46 -8.05 65.59 -35.20
N VAL D 47 -8.54 66.80 -35.48
CA VAL D 47 -8.99 67.13 -36.83
C VAL D 47 -7.86 66.88 -37.82
N LYS D 48 -6.61 67.16 -37.42
CA LYS D 48 -5.47 66.99 -38.31
C LYS D 48 -5.21 65.51 -38.63
N GLN D 49 -5.64 64.60 -37.75
CA GLN D 49 -5.36 63.19 -37.93
C GLN D 49 -6.24 62.52 -38.99
N HIS D 50 -7.30 63.19 -39.44
CA HIS D 50 -8.26 62.61 -40.39
C HIS D 50 -7.69 62.64 -41.80
N ALA D 51 -6.84 61.66 -42.12
CA ALA D 51 -6.04 61.81 -43.32
C ALA D 51 -6.91 61.72 -44.58
N CYS D 52 -7.33 60.51 -44.96
CA CYS D 52 -8.43 60.26 -45.91
C CYS D 52 -8.49 61.30 -47.04
N PHE D 53 -7.44 61.30 -47.88
CA PHE D 53 -6.89 62.49 -48.54
C PHE D 53 -7.86 63.64 -48.83
N THR D 54 -9.09 63.34 -49.28
CA THR D 54 -10.06 64.38 -49.62
C THR D 54 -10.28 65.35 -48.46
N ALA D 55 -10.39 64.82 -47.24
CA ALA D 55 -10.43 65.69 -46.07
C ALA D 55 -9.10 66.43 -45.87
N SER D 56 -7.99 65.81 -46.26
CA SER D 56 -6.67 66.39 -45.99
C SER D 56 -6.36 67.55 -46.93
N LEU D 57 -6.99 67.60 -48.10
CA LEU D 57 -6.91 68.80 -48.91
C LEU D 57 -7.78 69.92 -48.38
N ALA D 58 -8.53 69.66 -47.29
CA ALA D 58 -9.24 70.69 -46.54
C ALA D 58 -8.57 70.96 -45.19
N MET D 59 -8.04 69.93 -44.53
CA MET D 59 -7.24 70.13 -43.31
C MET D 59 -6.08 71.08 -43.55
N LYS D 60 -5.57 71.10 -44.79
CA LYS D 60 -4.51 71.99 -45.23
C LYS D 60 -4.67 73.41 -44.67
N TYR D 61 -5.84 74.03 -44.86
CA TYR D 61 -6.05 75.34 -44.24
C TYR D 61 -6.53 75.20 -42.79
N SER D 62 -7.73 74.67 -42.54
CA SER D 62 -8.14 74.32 -41.18
C SER D 62 -8.99 73.05 -41.14
N ASP D 63 -9.92 72.94 -42.07
CA ASP D 63 -11.00 71.95 -42.01
C ASP D 63 -11.67 71.91 -43.38
N VAL D 64 -12.87 71.31 -43.45
CA VAL D 64 -13.74 71.46 -44.61
C VAL D 64 -14.68 72.62 -44.26
N LYS D 65 -15.33 73.21 -45.27
CA LYS D 65 -16.33 74.25 -45.02
C LYS D 65 -15.74 75.47 -44.31
N LEU D 66 -15.05 76.32 -45.07
CA LEU D 66 -14.09 77.33 -44.60
C LEU D 66 -14.44 78.03 -43.30
N GLY D 67 -13.61 77.80 -42.27
CA GLY D 67 -13.74 78.47 -40.98
C GLY D 67 -15.15 78.52 -40.45
N GLU D 68 -15.72 79.73 -40.40
CA GLU D 68 -17.10 79.91 -39.99
C GLU D 68 -18.05 79.19 -40.94
N HIS D 69 -18.24 79.75 -42.15
CA HIS D 69 -19.01 79.19 -43.28
C HIS D 69 -20.20 78.35 -42.80
N PHE D 70 -21.11 78.95 -42.05
CA PHE D 70 -22.18 78.22 -41.34
C PHE D 70 -21.57 77.20 -40.38
N ASN D 71 -20.90 77.71 -39.34
CA ASN D 71 -20.37 76.87 -38.28
C ASN D 71 -21.47 76.04 -37.60
N GLN D 72 -22.72 76.51 -37.63
CA GLN D 72 -23.83 75.74 -37.07
C GLN D 72 -24.18 74.54 -37.94
N ALA D 73 -24.01 74.67 -39.26
CA ALA D 73 -24.49 73.67 -40.20
C ALA D 73 -23.81 72.32 -40.00
N ILE D 74 -22.60 72.30 -39.42
CA ILE D 74 -21.82 71.07 -39.43
C ILE D 74 -22.32 70.07 -38.39
N GLU D 75 -21.91 70.20 -37.12
CA GLU D 75 -22.63 69.79 -35.91
C GLU D 75 -23.58 68.59 -36.03
N GLU D 76 -23.30 67.63 -36.91
CA GLU D 76 -24.00 66.36 -36.87
C GLU D 76 -23.07 65.19 -37.19
N TRP D 77 -22.08 65.42 -38.06
CA TRP D 77 -21.21 64.37 -38.57
C TRP D 77 -22.03 63.16 -39.00
N SER D 78 -22.78 63.30 -40.10
CA SER D 78 -23.61 62.21 -40.59
C SER D 78 -22.78 60.95 -40.75
N VAL D 79 -23.19 59.88 -40.07
CA VAL D 79 -22.44 58.64 -40.20
C VAL D 79 -23.08 57.87 -41.36
N GLU D 80 -23.10 58.47 -42.56
CA GLU D 80 -23.00 57.77 -43.85
C GLU D 80 -22.43 58.67 -44.96
N LYS D 81 -22.65 59.99 -44.87
CA LYS D 81 -22.28 60.92 -45.95
C LYS D 81 -20.96 61.62 -45.64
N HIS D 82 -20.88 62.20 -44.44
CA HIS D 82 -19.63 62.66 -43.86
C HIS D 82 -18.76 61.51 -43.36
N THR D 83 -19.15 60.26 -43.66
CA THR D 83 -18.51 59.08 -43.11
C THR D 83 -18.70 57.92 -44.10
N GLU D 84 -17.71 57.68 -44.94
CA GLU D 84 -17.70 56.51 -45.82
C GLU D 84 -16.85 55.40 -45.20
N GLN D 85 -17.17 54.17 -45.56
CA GLN D 85 -16.44 52.99 -45.09
C GLN D 85 -15.69 52.34 -46.24
N SER D 86 -14.79 51.43 -45.87
CA SER D 86 -13.84 50.83 -46.79
C SER D 86 -13.41 49.50 -46.20
N PRO D 87 -12.72 48.64 -47.00
CA PRO D 87 -12.33 47.32 -46.46
C PRO D 87 -11.50 47.40 -45.19
N THR D 88 -11.69 46.43 -44.30
CA THR D 88 -11.07 46.48 -42.99
C THR D 88 -9.57 46.32 -43.11
N ASP D 89 -8.84 47.04 -42.25
CA ASP D 89 -7.40 46.90 -42.12
C ASP D 89 -6.97 46.70 -40.67
N ALA D 90 -7.89 46.30 -39.79
CA ALA D 90 -7.55 45.94 -38.41
C ALA D 90 -8.38 44.70 -38.06
N TYR D 91 -7.81 43.54 -38.36
CA TYR D 91 -8.43 42.26 -38.03
C TYR D 91 -7.31 41.25 -38.00
N GLY D 92 -7.16 40.55 -36.89
CA GLY D 92 -5.97 39.77 -36.67
C GLY D 92 -6.14 38.77 -35.55
N VAL D 93 -5.13 38.66 -34.70
CA VAL D 93 -5.22 37.84 -33.50
C VAL D 93 -4.45 38.48 -32.36
N ILE D 94 -5.15 38.84 -31.28
CA ILE D 94 -4.49 39.30 -30.07
C ILE D 94 -3.64 38.16 -29.53
N ASN D 95 -2.55 38.51 -28.85
CA ASN D 95 -1.68 37.56 -28.16
C ASN D 95 -1.56 37.94 -26.68
N PHE D 96 -2.01 39.14 -26.30
CA PHE D 96 -1.97 39.59 -24.91
C PHE D 96 -0.55 39.54 -24.35
N GLN D 97 0.31 40.43 -24.83
CA GLN D 97 1.74 40.35 -24.54
C GLN D 97 1.99 40.38 -23.05
N GLY D 98 2.36 39.22 -22.51
CA GLY D 98 2.58 39.01 -21.09
C GLY D 98 1.30 38.49 -20.46
N GLY D 99 1.17 37.17 -20.31
CA GLY D 99 -0.08 36.61 -19.83
C GLY D 99 -0.02 35.32 -19.05
N SER D 100 1.17 34.81 -18.72
CA SER D 100 1.29 33.62 -17.90
C SER D 100 0.61 32.40 -18.52
N HIS D 101 1.25 31.81 -19.55
CA HIS D 101 0.75 30.81 -20.50
C HIS D 101 0.04 31.46 -21.68
N SER D 102 -0.08 32.79 -21.67
CA SER D 102 -0.41 33.57 -22.86
C SER D 102 -1.74 33.13 -23.46
N TYR D 103 -2.78 33.11 -22.62
CA TYR D 103 -4.17 33.03 -23.03
C TYR D 103 -4.41 33.87 -24.27
N ARG D 104 -5.13 33.34 -25.25
CA ARG D 104 -5.25 34.00 -26.54
C ARG D 104 -6.69 34.44 -26.80
N ALA D 105 -6.84 35.26 -27.83
CA ALA D 105 -8.13 35.74 -28.30
C ALA D 105 -7.96 36.18 -29.75
N LYS D 106 -8.93 36.92 -30.26
CA LYS D 106 -8.95 37.24 -31.68
C LYS D 106 -9.92 38.39 -31.91
N TYR D 107 -9.74 39.11 -33.02
CA TYR D 107 -10.49 40.34 -33.24
C TYR D 107 -10.78 40.56 -34.72
N VAL D 108 -11.78 41.41 -34.94
CA VAL D 108 -12.20 41.90 -36.24
C VAL D 108 -12.50 43.37 -36.01
N ARG D 109 -12.89 44.10 -37.06
CA ARG D 109 -13.24 45.51 -36.90
C ARG D 109 -14.19 45.92 -38.01
N LEU D 110 -15.47 46.10 -37.69
CA LEU D 110 -16.50 46.25 -38.69
C LEU D 110 -17.29 47.53 -38.48
N SER D 111 -18.28 47.71 -39.35
CA SER D 111 -19.17 48.86 -39.32
C SER D 111 -20.52 48.46 -38.75
N TYR D 112 -21.07 49.30 -37.87
CA TYR D 112 -22.25 48.89 -37.11
C TYR D 112 -23.48 48.68 -37.99
N ASP D 113 -23.48 49.22 -39.21
CA ASP D 113 -24.58 48.97 -40.14
C ASP D 113 -24.54 47.54 -40.67
N THR D 114 -23.44 46.82 -40.43
CA THR D 114 -23.30 45.43 -40.84
C THR D 114 -24.48 44.60 -40.33
N LYS D 115 -24.92 43.64 -41.13
CA LYS D 115 -26.10 42.86 -40.81
C LYS D 115 -25.70 41.58 -40.08
N PRO D 116 -26.52 41.08 -39.15
CA PRO D 116 -26.06 39.99 -38.28
C PRO D 116 -25.78 38.69 -39.02
N GLU D 117 -26.32 38.54 -40.23
CA GLU D 117 -26.02 37.37 -41.05
C GLU D 117 -24.52 37.25 -41.27
N ILE D 118 -23.85 38.40 -41.40
CA ILE D 118 -22.42 38.42 -41.71
C ILE D 118 -21.61 38.07 -40.48
N ILE D 119 -22.02 38.60 -39.33
CA ILE D 119 -21.30 38.35 -38.09
C ILE D 119 -21.45 36.89 -37.72
N LEU D 120 -22.65 36.35 -37.88
CA LEU D 120 -22.92 34.96 -37.53
C LEU D 120 -22.11 34.01 -38.43
N GLN D 121 -22.18 34.22 -39.74
CA GLN D 121 -21.58 33.26 -40.67
C GLN D 121 -20.06 33.20 -40.51
N LEU D 122 -19.41 34.35 -40.38
CA LEU D 122 -17.96 34.33 -40.16
C LEU D 122 -17.63 33.73 -38.81
N LEU D 123 -18.48 33.96 -37.81
CA LEU D 123 -18.25 33.41 -36.50
C LEU D 123 -18.23 31.89 -36.56
N LEU D 124 -19.17 31.31 -37.32
CA LEU D 124 -19.30 29.87 -37.43
C LEU D 124 -18.61 29.29 -38.66
N LYS D 125 -18.12 30.14 -39.58
CA LYS D 125 -17.33 29.66 -40.71
C LYS D 125 -15.89 30.13 -40.60
N GLU D 126 -15.69 31.44 -40.57
CA GLU D 126 -14.35 32.00 -40.58
C GLU D 126 -13.67 31.69 -39.27
N TRP D 127 -14.29 32.08 -38.17
CA TRP D 127 -13.74 31.78 -36.85
C TRP D 127 -14.00 30.33 -36.47
N GLN D 128 -14.87 29.65 -37.21
CA GLN D 128 -15.00 28.19 -37.15
C GLN D 128 -15.39 27.71 -35.76
N MET D 129 -16.62 27.99 -35.35
CA MET D 129 -17.17 27.49 -34.11
C MET D 129 -18.46 26.76 -34.43
N GLU D 130 -19.00 26.05 -33.44
CA GLU D 130 -20.38 25.58 -33.53
C GLU D 130 -21.29 26.56 -32.81
N LEU D 131 -22.52 26.66 -33.31
CA LEU D 131 -23.58 27.36 -32.63
C LEU D 131 -23.61 26.93 -31.17
N PRO D 132 -23.84 27.83 -30.23
CA PRO D 132 -23.73 27.42 -28.83
C PRO D 132 -24.99 26.65 -28.49
N LYS D 133 -25.09 26.29 -27.23
CA LYS D 133 -26.36 25.84 -26.69
C LYS D 133 -26.90 26.78 -25.62
N LEU D 134 -26.19 27.86 -25.32
CA LEU D 134 -26.70 28.94 -24.50
C LEU D 134 -25.94 30.21 -24.83
N VAL D 135 -26.60 31.35 -24.63
CA VAL D 135 -26.01 32.67 -24.84
C VAL D 135 -26.23 33.45 -23.55
N ILE D 136 -25.17 33.57 -22.75
CA ILE D 136 -25.22 34.34 -21.52
C ILE D 136 -24.74 35.75 -21.83
N SER D 137 -25.64 36.61 -22.27
CA SER D 137 -25.31 38.01 -22.53
C SER D 137 -25.41 38.82 -21.25
N VAL D 138 -24.25 39.19 -20.69
CA VAL D 138 -24.21 39.78 -19.36
C VAL D 138 -24.40 41.29 -19.42
N HIS D 139 -25.64 41.76 -19.58
CA HIS D 139 -25.89 43.18 -19.70
C HIS D 139 -25.87 43.84 -18.33
N GLY D 140 -24.72 43.86 -17.67
CA GLY D 140 -24.64 44.39 -16.32
C GLY D 140 -24.00 45.76 -16.27
N GLY D 141 -23.63 46.18 -15.06
CA GLY D 141 -22.97 47.46 -14.87
C GLY D 141 -21.48 47.34 -15.13
N MET D 142 -20.92 48.41 -15.70
CA MET D 142 -19.61 48.32 -16.35
C MET D 142 -18.60 49.29 -15.74
N GLN D 143 -18.50 49.32 -14.42
CA GLN D 143 -17.69 50.32 -13.71
C GLN D 143 -16.73 49.66 -12.72
N LYS D 144 -15.97 48.65 -13.17
CA LYS D 144 -14.82 48.04 -12.48
C LYS D 144 -15.00 47.81 -10.98
N PHE D 145 -16.24 47.59 -10.59
CA PHE D 145 -16.75 47.65 -9.22
C PHE D 145 -16.16 46.56 -8.33
N GLU D 146 -16.59 46.48 -7.07
CA GLU D 146 -15.90 45.69 -6.05
C GLU D 146 -16.90 44.90 -5.21
N LEU D 147 -16.48 43.69 -4.83
CA LEU D 147 -17.34 42.69 -4.20
C LEU D 147 -16.65 42.15 -2.94
N HIS D 148 -17.31 41.19 -2.29
CA HIS D 148 -16.93 40.34 -1.16
C HIS D 148 -16.45 39.00 -1.70
N PRO D 149 -15.44 38.33 -1.05
CA PRO D 149 -14.86 37.11 -1.66
C PRO D 149 -15.85 36.03 -2.05
N ARG D 150 -16.79 35.70 -1.17
CA ARG D 150 -17.75 34.63 -1.42
C ARG D 150 -18.47 34.83 -2.75
N ILE D 151 -18.90 36.06 -3.00
CA ILE D 151 -19.64 36.34 -4.23
C ILE D 151 -18.69 36.59 -5.40
N LYS D 152 -17.47 37.05 -5.11
CA LYS D 152 -16.42 37.05 -6.13
C LYS D 152 -16.06 35.64 -6.54
N GLN D 153 -16.22 34.68 -5.62
CA GLN D 153 -15.68 33.34 -5.74
C GLN D 153 -16.78 32.36 -6.12
N LEU D 154 -17.84 32.28 -5.30
CA LEU D 154 -18.94 31.34 -5.52
C LEU D 154 -19.68 31.65 -6.81
N LEU D 155 -20.01 32.92 -7.03
CA LEU D 155 -20.83 33.31 -8.18
C LEU D 155 -20.20 32.85 -9.48
N GLY D 156 -18.88 32.84 -9.55
CA GLY D 156 -18.19 32.28 -10.68
C GLY D 156 -18.31 30.77 -10.75
N LYS D 157 -18.37 30.10 -9.60
CA LYS D 157 -18.43 28.65 -9.57
C LYS D 157 -19.64 28.19 -10.34
N GLY D 158 -20.74 28.92 -10.21
CA GLY D 158 -21.86 28.65 -11.07
C GLY D 158 -21.60 29.08 -12.50
N LEU D 159 -21.56 30.39 -12.71
CA LEU D 159 -21.55 31.03 -14.03
C LEU D 159 -20.64 30.34 -15.05
N ILE D 160 -19.44 29.96 -14.60
CA ILE D 160 -18.53 29.19 -15.42
C ILE D 160 -19.18 27.86 -15.74
N LYS D 161 -19.66 27.19 -14.69
CA LYS D 161 -20.15 25.83 -14.81
C LYS D 161 -21.34 25.73 -15.74
N ALA D 162 -22.26 26.68 -15.66
CA ALA D 162 -23.41 26.68 -16.55
C ALA D 162 -22.99 26.87 -18.00
N ALA D 163 -21.87 27.55 -18.23
CA ALA D 163 -21.45 27.88 -19.59
C ALA D 163 -20.57 26.81 -20.22
N VAL D 164 -19.73 26.14 -19.43
CA VAL D 164 -18.97 25.00 -19.92
C VAL D 164 -19.86 23.78 -20.13
N THR D 165 -20.89 23.60 -19.31
CA THR D 165 -21.83 22.49 -19.45
C THR D 165 -22.83 22.69 -20.56
N THR D 166 -22.85 23.88 -21.18
CA THR D 166 -23.75 24.14 -22.30
C THR D 166 -23.03 24.79 -23.47
N GLY D 167 -21.71 24.75 -23.51
CA GLY D 167 -20.92 25.28 -24.62
C GLY D 167 -21.29 26.71 -24.98
N ALA D 168 -21.53 27.52 -23.96
CA ALA D 168 -22.13 28.82 -24.16
C ALA D 168 -21.19 29.78 -24.88
N TRP D 169 -21.70 30.96 -25.19
CA TRP D 169 -20.92 32.11 -25.62
C TRP D 169 -21.19 33.30 -24.72
N ILE D 170 -20.42 33.50 -23.66
CA ILE D 170 -20.68 34.64 -22.78
C ILE D 170 -20.40 35.89 -23.60
N LEU D 171 -21.35 36.81 -23.61
CA LEU D 171 -21.31 37.99 -24.47
C LEU D 171 -21.28 39.24 -23.60
N THR D 172 -20.07 39.63 -23.21
CA THR D 172 -19.87 40.76 -22.32
C THR D 172 -19.84 42.07 -23.09
N GLY D 173 -19.42 43.15 -22.44
CA GLY D 173 -19.13 44.40 -23.10
C GLY D 173 -17.68 44.52 -23.55
N GLY D 174 -16.86 43.49 -23.29
CA GLY D 174 -15.47 43.52 -23.70
C GLY D 174 -14.53 44.16 -22.70
N VAL D 175 -14.69 45.47 -22.51
CA VAL D 175 -13.76 46.33 -21.78
C VAL D 175 -13.39 45.79 -20.41
N ASN D 176 -12.14 46.02 -19.99
CA ASN D 176 -11.66 45.53 -18.71
C ASN D 176 -12.00 46.47 -17.55
N THR D 177 -12.96 47.38 -17.76
CA THR D 177 -13.42 48.26 -16.68
C THR D 177 -14.89 48.02 -16.41
N GLY D 178 -15.36 46.81 -16.73
CA GLY D 178 -16.77 46.53 -16.59
C GLY D 178 -17.01 45.04 -16.45
N VAL D 179 -18.26 44.65 -16.72
CA VAL D 179 -18.77 43.30 -16.53
C VAL D 179 -17.81 42.26 -17.08
N ALA D 180 -17.18 42.58 -18.20
CA ALA D 180 -16.05 41.81 -18.70
C ALA D 180 -15.00 41.60 -17.61
N LYS D 181 -14.58 42.66 -16.93
CA LYS D 181 -13.54 42.57 -15.91
C LYS D 181 -13.85 41.52 -14.85
N HIS D 182 -15.14 41.31 -14.58
CA HIS D 182 -15.57 40.54 -13.41
C HIS D 182 -15.68 39.06 -13.75
N VAL D 183 -16.13 38.74 -14.96
CA VAL D 183 -16.21 37.34 -15.36
C VAL D 183 -14.80 36.75 -15.48
N GLY D 184 -13.85 37.57 -15.94
CA GLY D 184 -12.46 37.16 -16.01
C GLY D 184 -11.91 36.77 -14.66
N ASP D 185 -12.36 37.46 -13.62
CA ASP D 185 -11.97 37.08 -12.26
C ASP D 185 -12.48 35.68 -11.94
N ALA D 186 -13.62 35.33 -12.52
CA ALA D 186 -14.15 33.98 -12.36
C ALA D 186 -13.50 33.02 -13.34
N LEU D 187 -13.31 33.46 -14.58
CA LEU D 187 -12.73 32.59 -15.59
C LEU D 187 -11.35 32.08 -15.19
N LYS D 188 -10.62 32.84 -14.36
CA LYS D 188 -9.26 32.48 -13.96
C LYS D 188 -9.27 31.67 -12.68
N GLU D 189 -10.14 32.05 -11.73
CA GLU D 189 -10.26 31.31 -10.47
C GLU D 189 -10.65 29.85 -10.72
N HIS D 190 -11.24 29.57 -11.88
CA HIS D 190 -11.67 28.23 -12.22
C HIS D 190 -10.76 27.59 -13.25
N ALA D 191 -10.33 28.34 -14.28
CA ALA D 191 -9.35 27.95 -15.29
C ALA D 191 -9.91 26.95 -16.31
N SER D 192 -11.10 26.40 -16.06
CA SER D 192 -11.77 25.41 -16.92
C SER D 192 -10.88 24.26 -17.36
N ARG D 193 -9.80 23.96 -16.63
CA ARG D 193 -8.93 22.82 -16.88
C ARG D 193 -8.55 22.70 -18.35
N SER D 194 -7.66 23.61 -18.80
CA SER D 194 -7.62 24.17 -20.14
C SER D 194 -8.10 23.24 -21.25
N SER D 195 -9.01 23.75 -22.06
CA SER D 195 -9.81 22.96 -22.97
C SER D 195 -10.36 23.90 -24.02
N ARG D 196 -11.34 23.41 -24.78
CA ARG D 196 -12.21 24.30 -25.54
C ARG D 196 -13.34 24.82 -24.66
N LYS D 197 -12.97 25.55 -23.62
CA LYS D 197 -13.95 26.00 -22.63
C LYS D 197 -14.77 27.13 -23.22
N ILE D 198 -15.46 27.88 -22.35
CA ILE D 198 -16.29 29.01 -22.76
C ILE D 198 -15.56 29.84 -23.79
N CYS D 199 -16.28 30.22 -24.84
CA CYS D 199 -15.72 30.90 -26.00
C CYS D 199 -16.21 32.35 -26.07
N THR D 200 -16.09 33.02 -24.93
CA THR D 200 -16.50 34.40 -24.68
C THR D 200 -16.22 35.36 -25.83
N ILE D 201 -17.18 36.24 -26.11
CA ILE D 201 -17.13 37.15 -27.25
C ILE D 201 -16.84 38.58 -26.83
N GLY D 202 -17.62 39.11 -25.89
CA GLY D 202 -17.42 40.44 -25.38
C GLY D 202 -17.27 41.57 -26.38
N ILE D 203 -18.34 41.89 -27.10
CA ILE D 203 -18.28 42.88 -28.17
C ILE D 203 -18.10 44.26 -27.55
N ALA D 204 -17.20 45.04 -28.13
CA ALA D 204 -17.00 46.42 -27.72
C ALA D 204 -16.58 47.24 -28.93
N PRO D 205 -16.42 48.57 -28.79
CA PRO D 205 -15.97 49.37 -29.93
C PRO D 205 -14.46 49.45 -30.07
N TRP D 206 -14.03 50.11 -31.15
CA TRP D 206 -12.65 50.47 -31.39
C TRP D 206 -12.35 51.90 -30.94
N GLY D 207 -13.32 52.58 -30.34
CA GLY D 207 -13.18 53.99 -30.02
C GLY D 207 -12.61 54.26 -28.65
N VAL D 208 -13.12 53.55 -27.63
CA VAL D 208 -12.64 53.73 -26.27
C VAL D 208 -11.49 52.79 -25.95
N ILE D 209 -10.89 52.18 -26.98
CA ILE D 209 -9.94 51.09 -26.78
C ILE D 209 -8.53 51.63 -26.68
N GLU D 210 -7.72 50.96 -25.85
CA GLU D 210 -6.33 51.31 -25.63
C GLU D 210 -5.42 50.52 -26.57
N ASN D 211 -4.35 51.19 -27.01
CA ASN D 211 -3.37 50.62 -27.92
C ASN D 211 -4.04 50.08 -29.18
N ARG D 212 -4.93 50.89 -29.74
CA ARG D 212 -5.53 50.59 -31.02
C ARG D 212 -4.49 50.42 -32.11
N ASN D 213 -3.39 51.17 -32.03
CA ASN D 213 -2.41 51.17 -33.10
C ASN D 213 -1.56 49.91 -33.10
N ASP D 214 -1.47 49.22 -31.96
CA ASP D 214 -0.69 47.99 -31.89
C ASP D 214 -1.28 46.91 -32.78
N LEU D 215 -2.60 46.83 -32.87
CA LEU D 215 -3.30 45.74 -33.53
C LEU D 215 -3.96 46.20 -34.82
N VAL D 216 -3.29 47.09 -35.56
CA VAL D 216 -3.71 47.51 -36.89
C VAL D 216 -3.04 46.61 -37.91
N GLY D 217 -3.72 46.38 -39.03
CA GLY D 217 -3.19 45.61 -40.13
C GLY D 217 -4.10 44.46 -40.44
N ARG D 218 -3.98 43.94 -41.65
CA ARG D 218 -4.82 42.84 -42.10
C ARG D 218 -4.24 41.52 -41.61
N ASP D 219 -5.13 40.65 -41.10
CA ASP D 219 -4.88 39.30 -40.58
C ASP D 219 -3.53 39.17 -39.90
N VAL D 220 -3.28 40.07 -38.94
CA VAL D 220 -1.95 40.35 -38.42
C VAL D 220 -1.93 40.08 -36.92
N VAL D 221 -0.90 39.38 -36.46
CA VAL D 221 -0.68 39.19 -35.03
C VAL D 221 -0.46 40.57 -34.42
N ALA D 222 -0.87 40.73 -33.17
CA ALA D 222 -0.87 42.02 -32.49
C ALA D 222 0.04 41.96 -31.28
N PRO D 223 1.00 42.90 -31.13
CA PRO D 223 1.69 43.03 -29.84
C PRO D 223 0.87 43.84 -28.86
N TYR D 224 -0.30 43.30 -28.50
CA TYR D 224 -1.17 43.97 -27.57
C TYR D 224 -0.67 43.76 -26.14
N GLN D 225 -0.53 44.85 -25.40
CA GLN D 225 0.25 44.85 -24.18
C GLN D 225 -0.61 45.16 -22.96
N THR D 226 -0.19 44.59 -21.82
CA THR D 226 -0.90 44.68 -20.55
C THR D 226 -0.57 46.01 -19.86
N LEU D 227 -1.26 47.07 -20.27
CA LEU D 227 -1.04 48.40 -19.73
C LEU D 227 -1.96 48.67 -18.54
N LEU D 228 -1.41 48.54 -17.33
CA LEU D 228 -2.07 48.99 -16.11
C LEU D 228 -1.51 50.33 -15.62
N ASN D 229 -1.13 51.20 -16.56
CA ASN D 229 -0.81 52.62 -16.33
C ASN D 229 -1.91 53.20 -15.44
N PRO D 230 -1.58 53.89 -14.29
CA PRO D 230 -2.63 54.23 -13.32
C PRO D 230 -3.79 55.05 -13.86
N LEU D 231 -3.56 55.95 -14.83
CA LEU D 231 -4.66 56.78 -15.32
C LEU D 231 -5.33 56.18 -16.55
N SER D 232 -4.63 56.18 -17.69
CA SER D 232 -5.03 55.50 -18.91
C SER D 232 -6.51 55.65 -19.26
N LYS D 233 -6.94 56.83 -19.67
CA LYS D 233 -8.34 57.03 -20.08
C LYS D 233 -8.82 55.95 -21.02
N LEU D 234 -8.00 55.58 -22.00
CA LEU D 234 -8.29 54.39 -22.80
C LEU D 234 -8.03 53.14 -21.94
N ASN D 235 -8.77 52.09 -22.24
CA ASN D 235 -8.84 50.91 -21.39
C ASN D 235 -8.38 49.68 -22.16
N VAL D 236 -7.83 48.72 -21.44
CA VAL D 236 -7.42 47.45 -22.02
C VAL D 236 -8.64 46.55 -22.14
N LEU D 237 -8.64 45.66 -23.13
CA LEU D 237 -9.54 44.51 -23.13
C LEU D 237 -9.15 43.62 -21.97
N ASN D 238 -10.14 43.00 -21.35
CA ASN D 238 -9.84 42.10 -20.26
C ASN D 238 -9.13 40.86 -20.78
N ASN D 239 -8.34 40.25 -19.90
CA ASN D 239 -7.47 39.14 -20.23
C ASN D 239 -8.22 37.95 -20.81
N LEU D 240 -9.01 37.27 -19.98
CA LEU D 240 -9.35 35.88 -20.26
C LEU D 240 -10.33 35.72 -21.41
N HIS D 241 -11.02 36.80 -21.77
CA HIS D 241 -11.88 36.82 -22.94
C HIS D 241 -11.18 36.28 -24.18
N SER D 242 -11.81 35.29 -24.79
CA SER D 242 -11.47 34.78 -26.12
C SER D 242 -12.05 35.76 -27.13
N HIS D 243 -12.42 35.28 -28.33
CA HIS D 243 -12.84 36.05 -29.50
C HIS D 243 -13.41 37.42 -29.20
N PHE D 244 -12.96 38.45 -29.91
CA PHE D 244 -13.45 39.82 -29.72
C PHE D 244 -14.02 40.33 -31.03
N ILE D 245 -14.87 41.34 -30.91
CA ILE D 245 -15.27 42.17 -32.03
C ILE D 245 -15.08 43.62 -31.60
N LEU D 246 -14.58 44.43 -32.53
CA LEU D 246 -14.14 45.79 -32.23
C LEU D 246 -14.79 46.74 -33.23
N VAL D 247 -16.13 46.69 -33.28
CA VAL D 247 -16.96 47.46 -34.21
C VAL D 247 -16.51 48.92 -34.20
N ASP D 248 -16.01 49.39 -35.34
CA ASP D 248 -15.56 50.77 -35.44
C ASP D 248 -16.71 51.59 -36.01
N ASP D 249 -17.36 52.33 -35.11
CA ASP D 249 -18.35 53.32 -35.49
C ASP D 249 -17.81 54.29 -36.53
N GLY D 250 -16.51 54.53 -36.52
CA GLY D 250 -15.86 55.52 -37.34
C GLY D 250 -15.48 56.72 -36.51
N THR D 251 -15.35 56.51 -35.20
CA THR D 251 -15.07 57.60 -34.26
C THR D 251 -14.44 57.04 -33.00
N VAL D 252 -13.25 57.53 -32.70
CA VAL D 252 -12.63 57.44 -31.38
C VAL D 252 -13.55 58.00 -30.30
N GLY D 253 -13.41 57.48 -29.08
CA GLY D 253 -14.04 58.05 -27.91
C GLY D 253 -15.50 57.70 -27.70
N LYS D 254 -16.28 57.83 -28.76
CA LYS D 254 -17.71 57.57 -28.75
C LYS D 254 -18.01 56.15 -28.25
N TYR D 255 -19.28 55.93 -27.90
CA TYR D 255 -19.80 54.64 -27.47
C TYR D 255 -20.77 54.12 -28.53
N GLY D 256 -21.47 53.03 -28.24
CA GLY D 256 -22.59 52.60 -29.04
C GLY D 256 -22.36 51.32 -29.81
N ALA D 257 -21.10 50.88 -29.97
CA ALA D 257 -20.83 49.71 -30.78
C ALA D 257 -20.89 48.45 -29.91
N GLU D 258 -21.94 48.35 -29.10
CA GLU D 258 -22.32 47.14 -28.40
C GLU D 258 -23.71 46.77 -28.88
N VAL D 259 -24.64 47.70 -28.73
CA VAL D 259 -26.08 47.42 -28.82
C VAL D 259 -26.53 47.19 -30.26
N ARG D 260 -25.88 47.84 -31.22
CA ARG D 260 -26.29 47.69 -32.62
C ARG D 260 -26.15 46.25 -33.09
N LEU D 261 -25.21 45.52 -32.49
CA LEU D 261 -24.98 44.11 -32.81
C LEU D 261 -25.35 43.19 -31.67
N ARG D 262 -25.02 43.59 -30.44
CA ARG D 262 -25.33 42.75 -29.28
C ARG D 262 -26.84 42.60 -29.11
N ARG D 263 -27.62 43.49 -29.72
CA ARG D 263 -29.04 43.25 -29.92
C ARG D 263 -29.24 42.16 -30.97
N GLU D 264 -28.75 42.41 -32.17
CA GLU D 264 -29.05 41.58 -33.34
C GLU D 264 -28.54 40.16 -33.14
N LEU D 265 -27.34 40.04 -32.59
CA LEU D 265 -26.71 38.74 -32.39
C LEU D 265 -27.61 37.86 -31.53
N GLU D 266 -28.00 38.37 -30.35
CA GLU D 266 -28.90 37.68 -29.43
C GLU D 266 -30.14 37.14 -30.13
N LYS D 267 -30.88 38.02 -30.80
CA LYS D 267 -32.06 37.59 -31.54
C LYS D 267 -31.69 36.62 -32.65
N THR D 268 -30.56 36.87 -33.30
CA THR D 268 -30.20 36.10 -34.50
C THR D 268 -29.73 34.70 -34.14
N ILE D 269 -29.13 34.52 -32.97
CA ILE D 269 -28.83 33.19 -32.47
C ILE D 269 -30.09 32.50 -31.98
N ASN D 270 -30.97 33.24 -31.32
CA ASN D 270 -32.26 32.73 -30.88
C ASN D 270 -33.18 32.38 -32.04
N GLN D 271 -32.83 32.79 -33.26
CA GLN D 271 -33.55 32.41 -34.46
C GLN D 271 -33.10 31.06 -35.01
N GLN D 272 -31.93 30.58 -34.61
CA GLN D 272 -31.35 29.38 -35.18
C GLN D 272 -31.72 28.16 -34.32
N ARG D 273 -31.70 26.99 -34.94
CA ARG D 273 -32.12 25.74 -34.32
C ARG D 273 -31.01 25.21 -33.43
N ILE D 274 -31.38 24.82 -32.20
CA ILE D 274 -30.43 24.40 -31.17
C ILE D 274 -29.67 23.15 -31.57
N HIS D 275 -30.23 22.33 -32.46
CA HIS D 275 -29.64 21.04 -32.81
C HIS D 275 -30.43 20.50 -34.00
N ALA D 276 -29.82 19.55 -34.70
CA ALA D 276 -30.46 18.97 -35.88
C ALA D 276 -31.81 18.36 -35.55
N ARG D 277 -31.86 17.53 -34.52
CA ARG D 277 -33.09 16.89 -34.08
C ARG D 277 -34.06 17.91 -33.51
N ILE D 278 -33.61 18.69 -32.53
CA ILE D 278 -34.48 19.59 -31.80
C ILE D 278 -34.84 20.74 -32.74
N GLY D 279 -35.97 21.42 -32.47
CA GLY D 279 -36.47 22.48 -33.32
C GLY D 279 -36.91 23.72 -32.56
N GLN D 280 -36.23 24.03 -31.46
CA GLN D 280 -36.49 25.24 -30.70
C GLN D 280 -35.58 26.37 -31.19
N GLY D 281 -35.60 27.50 -30.49
CA GLY D 281 -34.65 28.57 -30.70
C GLY D 281 -33.59 28.52 -29.62
N VAL D 282 -32.35 28.87 -29.95
CA VAL D 282 -31.26 28.87 -28.98
C VAL D 282 -31.64 29.84 -27.88
N PRO D 283 -31.46 29.50 -26.60
CA PRO D 283 -31.93 30.39 -25.54
C PRO D 283 -30.99 31.55 -25.30
N VAL D 284 -31.56 32.65 -24.85
CA VAL D 284 -30.82 33.82 -24.41
C VAL D 284 -31.18 34.05 -22.95
N VAL D 285 -30.16 34.30 -22.14
CA VAL D 285 -30.35 34.65 -20.74
C VAL D 285 -29.51 35.88 -20.46
N ALA D 286 -30.09 36.83 -19.74
CA ALA D 286 -29.42 38.10 -19.44
C ALA D 286 -29.03 38.12 -17.97
N LEU D 287 -27.74 38.25 -17.72
CA LEU D 287 -27.22 38.36 -16.36
C LEU D 287 -26.88 39.81 -16.06
N ILE D 288 -26.95 40.17 -14.79
CA ILE D 288 -26.82 41.54 -14.33
C ILE D 288 -25.84 41.55 -13.18
N PHE D 289 -24.73 42.26 -13.35
CA PHE D 289 -23.83 42.60 -12.24
C PHE D 289 -23.95 44.11 -12.04
N GLU D 290 -24.71 44.50 -11.03
CA GLU D 290 -24.91 45.85 -10.50
C GLU D 290 -25.35 46.92 -11.51
N GLY D 291 -25.66 46.54 -12.76
CA GLY D 291 -26.37 47.37 -13.73
C GLY D 291 -26.10 48.86 -13.74
N GLY D 292 -27.18 49.63 -13.68
CA GLY D 292 -27.10 51.06 -13.75
C GLY D 292 -28.40 51.70 -14.19
N PRO D 293 -28.38 53.02 -14.36
CA PRO D 293 -29.58 53.71 -14.83
C PRO D 293 -30.00 53.23 -16.21
N ASN D 294 -29.01 53.01 -17.08
CA ASN D 294 -29.30 52.49 -18.41
C ASN D 294 -29.58 51.00 -18.39
N VAL D 295 -28.83 50.25 -17.58
CA VAL D 295 -29.00 48.79 -17.54
C VAL D 295 -30.38 48.43 -17.03
N ILE D 296 -30.80 49.07 -15.93
CA ILE D 296 -32.09 48.80 -15.31
C ILE D 296 -33.23 49.00 -16.32
N LEU D 297 -33.00 49.85 -17.33
CA LEU D 297 -33.88 49.88 -18.49
C LEU D 297 -33.55 48.76 -19.47
N THR D 298 -32.26 48.45 -19.65
CA THR D 298 -31.88 47.34 -20.52
C THR D 298 -32.48 46.05 -20.00
N VAL D 299 -32.43 45.84 -18.68
CA VAL D 299 -33.11 44.76 -17.99
C VAL D 299 -34.56 44.74 -18.46
N LEU D 300 -35.19 45.91 -18.44
CA LEU D 300 -36.59 45.98 -18.79
C LEU D 300 -36.82 45.61 -20.24
N GLU D 301 -35.87 45.93 -21.10
CA GLU D 301 -36.05 45.71 -22.52
C GLU D 301 -36.21 44.21 -22.78
N TYR D 302 -35.30 43.41 -22.21
CA TYR D 302 -35.38 41.96 -22.37
C TYR D 302 -36.66 41.41 -21.76
N LEU D 303 -37.13 42.00 -20.66
CA LEU D 303 -38.44 41.67 -20.15
C LEU D 303 -39.51 42.02 -21.18
N GLN D 304 -39.29 43.09 -21.95
CA GLN D 304 -40.27 43.56 -22.93
C GLN D 304 -40.05 43.02 -24.34
N GLU D 305 -38.99 42.23 -24.58
CA GLU D 305 -38.75 41.72 -25.93
C GLU D 305 -39.77 40.66 -26.32
N SER D 306 -39.74 40.27 -27.60
CA SER D 306 -40.51 39.15 -28.11
C SER D 306 -39.62 38.38 -29.08
N PRO D 307 -39.07 37.23 -28.66
CA PRO D 307 -39.26 36.39 -27.46
C PRO D 307 -38.91 37.10 -26.14
N PRO D 308 -39.70 36.92 -25.07
CA PRO D 308 -39.36 37.56 -23.79
C PRO D 308 -38.11 36.99 -23.14
N VAL D 309 -36.96 37.47 -23.61
CA VAL D 309 -35.66 37.10 -23.08
C VAL D 309 -35.66 37.37 -21.58
N PRO D 310 -35.48 36.37 -20.70
CA PRO D 310 -35.51 36.67 -19.26
C PRO D 310 -34.27 37.41 -18.78
N VAL D 311 -34.20 37.65 -17.47
CA VAL D 311 -33.04 38.30 -16.87
C VAL D 311 -32.73 37.58 -15.58
N VAL D 312 -31.46 37.62 -15.18
CA VAL D 312 -31.02 37.13 -13.88
C VAL D 312 -30.29 38.30 -13.22
N VAL D 313 -30.76 38.71 -12.05
CA VAL D 313 -30.05 39.67 -11.22
C VAL D 313 -29.53 38.95 -9.98
N CYS D 314 -28.77 39.67 -9.17
CA CYS D 314 -28.02 39.10 -8.06
C CYS D 314 -28.09 40.04 -6.86
N GLU D 315 -28.55 39.53 -5.73
CA GLU D 315 -28.48 40.30 -4.49
C GLU D 315 -27.04 40.40 -4.04
N GLY D 316 -26.45 41.60 -4.16
CA GLY D 316 -25.18 41.89 -3.53
C GLY D 316 -23.98 42.02 -4.44
N THR D 317 -24.21 42.36 -5.70
CA THR D 317 -23.14 42.82 -6.59
C THR D 317 -23.05 44.33 -6.65
N GLY D 318 -24.17 45.02 -6.56
CA GLY D 318 -24.15 46.46 -6.45
C GLY D 318 -25.51 47.04 -6.77
N ARG D 319 -25.51 48.36 -7.00
CA ARG D 319 -26.69 49.22 -7.11
C ARG D 319 -27.91 48.62 -7.81
N ALA D 320 -27.79 48.16 -9.06
CA ALA D 320 -28.98 47.78 -9.82
C ALA D 320 -29.45 46.39 -9.46
N ALA D 321 -28.51 45.44 -9.52
CA ALA D 321 -28.78 44.05 -9.13
C ALA D 321 -29.35 44.01 -7.72
N ASP D 322 -28.85 44.87 -6.84
CA ASP D 322 -29.42 44.99 -5.51
C ASP D 322 -30.85 45.53 -5.56
N LEU D 323 -31.05 46.64 -6.28
CA LEU D 323 -32.35 47.30 -6.25
C LEU D 323 -33.41 46.47 -6.97
N LEU D 324 -33.05 45.87 -8.10
CA LEU D 324 -33.96 44.96 -8.78
C LEU D 324 -34.28 43.78 -7.88
N ALA D 325 -33.29 43.33 -7.11
CA ALA D 325 -33.53 42.34 -6.06
C ALA D 325 -34.24 42.95 -4.87
N TYR D 326 -34.00 44.23 -4.60
CA TYR D 326 -34.67 44.93 -3.52
C TYR D 326 -36.16 45.05 -3.78
N ILE D 327 -36.54 45.56 -4.96
CA ILE D 327 -37.97 45.73 -5.24
C ILE D 327 -38.64 44.38 -5.43
N HIS D 328 -37.86 43.37 -5.85
CA HIS D 328 -38.40 42.01 -5.92
C HIS D 328 -38.87 41.55 -4.54
N LYS D 329 -38.28 42.08 -3.48
CA LYS D 329 -38.78 41.82 -2.13
C LYS D 329 -40.01 42.67 -1.82
N GLN D 330 -39.93 43.98 -2.07
CA GLN D 330 -41.07 44.87 -1.84
C GLN D 330 -42.25 44.51 -2.73
N THR D 331 -42.07 44.62 -4.05
CA THR D 331 -43.15 44.32 -4.97
C THR D 331 -43.56 42.86 -4.87
N GLU D 332 -44.87 42.64 -4.76
CA GLU D 332 -45.48 41.33 -4.74
C GLU D 332 -46.48 41.28 -5.88
N GLU D 333 -46.49 40.15 -6.60
CA GLU D 333 -47.29 39.91 -7.81
C GLU D 333 -46.78 40.67 -9.02
N GLY D 334 -45.81 41.57 -8.83
CA GLY D 334 -45.42 42.47 -9.90
C GLY D 334 -46.27 43.72 -9.97
N GLY D 335 -47.59 43.54 -10.00
CA GLY D 335 -48.50 44.67 -10.15
C GLY D 335 -48.53 45.58 -8.94
N ASN D 336 -48.28 45.05 -7.76
CA ASN D 336 -48.26 45.85 -6.54
C ASN D 336 -46.93 46.62 -6.50
N LEU D 337 -46.79 47.50 -5.51
CA LEU D 337 -45.54 48.26 -5.36
C LEU D 337 -45.37 48.82 -3.95
N PRO D 338 -45.49 48.00 -2.87
CA PRO D 338 -46.37 48.41 -1.76
C PRO D 338 -46.39 49.90 -1.49
N ASP D 339 -47.59 50.49 -1.63
CA ASP D 339 -47.71 51.94 -1.70
C ASP D 339 -47.21 52.63 -0.43
N ALA D 340 -47.08 51.89 0.68
CA ALA D 340 -46.50 52.44 1.89
C ALA D 340 -45.04 52.86 1.70
N ALA D 341 -44.38 52.38 0.65
CA ALA D 341 -42.97 52.65 0.42
C ALA D 341 -42.70 52.94 -1.05
N GLU D 342 -43.69 53.47 -1.77
CA GLU D 342 -43.51 53.68 -3.20
C GLU D 342 -42.57 54.83 -3.54
N PRO D 343 -42.42 55.89 -2.73
CA PRO D 343 -41.16 56.66 -2.77
C PRO D 343 -40.14 56.31 -1.71
N ASP D 344 -40.43 55.38 -0.78
CA ASP D 344 -39.41 54.99 0.18
C ASP D 344 -38.32 54.19 -0.50
N ILE D 345 -38.66 53.45 -1.55
CA ILE D 345 -37.61 52.95 -2.44
C ILE D 345 -36.94 54.12 -3.14
N ILE D 346 -37.72 55.14 -3.54
CA ILE D 346 -37.13 56.33 -4.16
C ILE D 346 -36.23 57.06 -3.17
N SER D 347 -36.42 56.82 -1.87
CA SER D 347 -35.40 57.21 -0.90
C SER D 347 -34.13 56.40 -1.10
N THR D 348 -34.28 55.09 -1.38
CA THR D 348 -33.13 54.23 -1.59
C THR D 348 -32.55 54.43 -2.99
N ILE D 349 -33.41 54.68 -3.98
CA ILE D 349 -32.98 54.92 -5.36
C ILE D 349 -32.04 56.12 -5.39
N LYS D 350 -32.30 57.10 -4.51
CA LYS D 350 -31.45 58.27 -4.35
C LYS D 350 -30.07 57.91 -3.82
N LYS D 351 -30.02 57.26 -2.66
CA LYS D 351 -28.75 57.12 -1.93
C LYS D 351 -27.75 56.24 -2.67
N THR D 352 -28.23 55.15 -3.27
CA THR D 352 -27.35 54.18 -3.91
C THR D 352 -26.60 54.80 -5.08
N PHE D 353 -27.33 55.33 -6.05
CA PHE D 353 -26.73 55.96 -7.22
C PHE D 353 -26.09 57.31 -6.90
N ASN D 354 -26.76 58.12 -6.07
CA ASN D 354 -26.74 59.59 -6.03
C ASN D 354 -27.56 60.24 -7.16
N PHE D 355 -28.73 59.68 -7.44
CA PHE D 355 -29.68 60.25 -8.40
C PHE D 355 -30.26 61.59 -7.94
N GLY D 356 -31.19 62.14 -8.73
CA GLY D 356 -31.96 63.33 -8.39
C GLY D 356 -33.39 63.02 -8.02
N GLN D 357 -34.35 63.71 -8.64
CA GLN D 357 -35.77 63.51 -8.39
C GLN D 357 -36.53 63.08 -9.64
N SER D 358 -36.42 63.86 -10.71
CA SER D 358 -37.13 63.55 -11.95
C SER D 358 -36.68 62.21 -12.51
N GLU D 359 -35.42 61.84 -12.31
CA GLU D 359 -34.92 60.52 -12.66
C GLU D 359 -35.22 59.49 -11.59
N ALA D 360 -35.44 59.92 -10.35
CA ALA D 360 -35.75 59.01 -9.26
C ALA D 360 -37.06 58.28 -9.52
N VAL D 361 -38.09 59.02 -9.94
CA VAL D 361 -39.33 58.37 -10.35
C VAL D 361 -39.13 57.63 -11.67
N HIS D 362 -38.23 58.13 -12.52
CA HIS D 362 -37.96 57.47 -13.79
C HIS D 362 -37.33 56.10 -13.57
N LEU D 363 -36.39 56.01 -12.64
CA LEU D 363 -35.91 54.71 -12.22
C LEU D 363 -37.03 53.88 -11.64
N PHE D 364 -37.81 54.48 -10.74
CA PHE D 364 -38.96 53.81 -10.15
C PHE D 364 -39.96 53.39 -11.21
N GLN D 365 -40.12 54.21 -12.25
CA GLN D 365 -40.96 53.82 -13.39
C GLN D 365 -40.45 52.52 -14.00
N THR D 366 -39.17 52.50 -14.37
CA THR D 366 -38.55 51.31 -14.94
C THR D 366 -38.73 50.11 -14.02
N MET D 367 -38.58 50.32 -12.71
CA MET D 367 -38.81 49.25 -11.74
C MET D 367 -40.21 48.65 -11.87
N MET D 368 -41.21 49.46 -12.19
CA MET D 368 -42.58 48.95 -12.27
C MET D 368 -42.72 47.98 -13.42
N GLU D 369 -42.44 48.41 -14.66
CA GLU D 369 -42.57 47.51 -15.80
C GLU D 369 -41.64 46.31 -15.66
N CYS D 370 -40.53 46.49 -14.94
CA CYS D 370 -39.63 45.36 -14.66
C CYS D 370 -40.38 44.31 -13.85
N MET D 371 -41.17 44.78 -12.88
CA MET D 371 -41.87 43.86 -11.99
C MET D 371 -43.16 43.35 -12.61
N LYS D 372 -43.76 44.11 -13.54
CA LYS D 372 -45.05 43.75 -14.13
C LYS D 372 -45.04 42.31 -14.65
N LYS D 373 -43.90 41.85 -15.16
CA LYS D 373 -43.60 40.43 -15.23
C LYS D 373 -42.49 40.04 -14.25
N LYS D 374 -42.86 39.76 -13.00
CA LYS D 374 -41.93 39.03 -12.11
C LYS D 374 -41.78 37.57 -12.51
N GLU D 375 -42.61 37.09 -13.43
CA GLU D 375 -42.58 35.70 -13.86
C GLU D 375 -41.21 35.32 -14.42
N LEU D 376 -40.82 35.94 -15.53
CA LEU D 376 -39.61 35.53 -16.23
C LEU D 376 -38.37 36.30 -15.78
N ILE D 377 -38.18 36.43 -14.46
CA ILE D 377 -36.99 37.06 -13.93
C ILE D 377 -36.78 36.51 -12.53
N THR D 378 -35.51 36.43 -12.12
CA THR D 378 -35.13 35.76 -10.88
C THR D 378 -34.07 36.59 -10.17
N VAL D 379 -33.68 36.11 -8.99
CA VAL D 379 -32.69 36.77 -8.15
C VAL D 379 -31.79 35.71 -7.56
N PHE D 380 -30.54 36.07 -7.30
CA PHE D 380 -29.56 35.18 -6.69
C PHE D 380 -29.24 35.67 -5.28
N HIS D 381 -29.77 34.96 -4.30
CA HIS D 381 -29.58 35.30 -2.89
C HIS D 381 -28.48 34.42 -2.31
N ILE D 382 -27.24 34.84 -2.55
CA ILE D 382 -26.07 34.11 -2.06
C ILE D 382 -26.08 34.02 -0.54
N GLY D 383 -26.67 35.01 0.14
CA GLY D 383 -26.70 34.99 1.59
C GLY D 383 -27.55 33.87 2.18
N SER D 384 -28.37 33.21 1.36
CA SER D 384 -29.25 32.14 1.83
C SER D 384 -29.21 30.95 0.88
N GLU D 385 -30.01 29.94 1.22
CA GLU D 385 -30.10 28.70 0.47
C GLU D 385 -31.18 28.78 -0.61
N ASP D 386 -31.14 29.83 -1.43
CA ASP D 386 -32.21 30.12 -2.38
C ASP D 386 -31.77 29.68 -3.78
N HIS D 387 -32.05 28.42 -4.11
CA HIS D 387 -31.64 27.82 -5.38
C HIS D 387 -30.16 28.03 -5.65
N GLN D 388 -29.29 27.35 -4.91
CA GLN D 388 -27.85 27.64 -4.89
C GLN D 388 -27.22 27.62 -6.27
N ASP D 389 -25.97 28.11 -6.36
CA ASP D 389 -25.13 27.79 -7.49
C ASP D 389 -25.75 28.28 -8.78
N ILE D 390 -25.63 29.58 -9.05
CA ILE D 390 -26.41 30.36 -10.01
C ILE D 390 -26.78 29.60 -11.30
N ASP D 391 -25.99 28.58 -11.66
CA ASP D 391 -26.31 27.60 -12.69
C ASP D 391 -27.78 27.24 -12.78
N VAL D 392 -28.30 26.70 -11.69
CA VAL D 392 -29.63 26.14 -11.63
C VAL D 392 -30.57 27.28 -11.95
N ALA D 393 -30.35 28.43 -11.32
CA ALA D 393 -31.15 29.62 -11.57
C ALA D 393 -31.12 30.02 -13.04
N ILE D 394 -29.92 30.07 -13.62
CA ILE D 394 -29.76 30.48 -15.02
C ILE D 394 -30.47 29.46 -15.90
N LEU D 395 -30.07 28.19 -15.78
CA LEU D 395 -30.65 27.12 -16.58
C LEU D 395 -32.16 27.04 -16.35
N THR D 396 -32.59 27.12 -15.09
CA THR D 396 -34.01 27.02 -14.75
C THR D 396 -34.81 28.21 -15.30
N ALA D 397 -34.25 29.40 -15.19
CA ALA D 397 -34.98 30.63 -15.45
C ALA D 397 -35.55 30.68 -16.86
N LEU D 398 -34.89 30.00 -17.80
CA LEU D 398 -35.38 29.92 -19.16
C LEU D 398 -36.59 29.00 -19.29
N LEU D 399 -36.90 28.22 -18.26
CA LEU D 399 -37.96 27.22 -18.29
C LEU D 399 -39.19 27.66 -17.52
N LYS D 400 -38.98 28.26 -16.35
CA LYS D 400 -40.07 28.71 -15.50
C LYS D 400 -40.84 29.84 -16.18
N GLY D 401 -40.12 30.88 -16.59
CA GLY D 401 -40.76 32.05 -17.15
C GLY D 401 -41.31 31.83 -18.54
N THR D 402 -40.43 31.49 -19.47
CA THR D 402 -40.81 31.26 -20.86
C THR D 402 -41.84 30.14 -20.92
N ASN D 403 -43.07 30.49 -21.30
CA ASN D 403 -44.14 29.51 -21.37
C ASN D 403 -43.81 28.46 -22.42
N ALA D 404 -43.58 27.24 -21.95
CA ALA D 404 -43.28 26.12 -22.82
C ALA D 404 -43.66 24.82 -22.13
N SER D 405 -44.19 23.87 -22.89
CA SER D 405 -44.59 22.59 -22.33
C SER D 405 -43.39 21.85 -21.77
N ALA D 406 -43.67 20.89 -20.88
CA ALA D 406 -42.60 20.12 -20.26
C ALA D 406 -41.77 19.39 -21.30
N PHE D 407 -42.41 18.97 -22.40
CA PHE D 407 -41.67 18.59 -23.59
C PHE D 407 -40.68 19.67 -23.98
N ASP D 408 -41.19 20.85 -24.31
CA ASP D 408 -40.34 21.95 -24.75
C ASP D 408 -39.33 22.35 -23.67
N GLN D 409 -39.65 22.07 -22.41
CA GLN D 409 -38.67 22.23 -21.34
C GLN D 409 -37.61 21.16 -21.42
N LEU D 410 -38.05 19.90 -21.34
CA LEU D 410 -37.18 18.73 -21.33
C LEU D 410 -36.20 18.73 -22.48
N ILE D 411 -36.72 18.87 -23.70
CA ILE D 411 -35.95 18.77 -24.93
C ILE D 411 -34.79 19.76 -24.91
N LEU D 412 -34.97 20.89 -24.23
CA LEU D 412 -33.86 21.83 -24.04
C LEU D 412 -32.84 21.25 -23.08
N THR D 413 -33.30 20.73 -21.94
CA THR D 413 -32.41 20.08 -20.98
C THR D 413 -31.69 18.90 -21.61
N LEU D 414 -32.35 18.22 -22.54
CA LEU D 414 -31.71 17.14 -23.27
C LEU D 414 -30.56 17.67 -24.09
N ALA D 415 -30.78 18.78 -24.79
CA ALA D 415 -29.71 19.40 -25.57
C ALA D 415 -28.55 19.77 -24.68
N TRP D 416 -28.87 20.21 -23.47
CA TRP D 416 -27.87 20.46 -22.43
C TRP D 416 -27.65 19.28 -21.54
N ASP D 417 -27.46 18.06 -22.04
CA ASP D 417 -26.77 16.94 -21.36
C ASP D 417 -26.76 17.02 -19.83
N ARG D 418 -27.91 17.36 -19.22
CA ARG D 418 -27.99 17.67 -17.78
C ARG D 418 -29.35 17.21 -17.28
N VAL D 419 -29.35 16.12 -16.54
CA VAL D 419 -30.58 15.58 -15.97
C VAL D 419 -30.93 16.29 -14.67
N ASP D 420 -29.92 16.63 -13.88
CA ASP D 420 -30.09 17.12 -12.52
C ASP D 420 -31.05 18.31 -12.45
N ILE D 421 -31.07 19.11 -13.51
CA ILE D 421 -32.05 20.17 -13.65
C ILE D 421 -33.42 19.53 -13.79
N ALA D 422 -33.60 18.72 -14.84
CA ALA D 422 -34.91 18.17 -15.14
C ALA D 422 -35.37 17.22 -14.04
N LYS D 423 -34.44 16.55 -13.38
CA LYS D 423 -34.78 15.66 -12.28
C LYS D 423 -35.47 16.38 -11.14
N ASN D 424 -35.25 17.69 -11.01
CA ASN D 424 -35.71 18.46 -9.86
C ASN D 424 -36.46 19.71 -10.26
N HIS D 425 -36.60 19.97 -11.57
CA HIS D 425 -37.29 21.17 -12.03
C HIS D 425 -38.21 20.94 -13.22
N VAL D 426 -38.15 19.77 -13.86
CA VAL D 426 -39.08 19.39 -14.91
C VAL D 426 -39.86 18.14 -14.53
N PHE D 427 -39.16 17.16 -13.99
CA PHE D 427 -39.76 15.94 -13.44
C PHE D 427 -40.14 16.14 -11.99
N VAL D 428 -40.98 17.15 -11.75
CA VAL D 428 -41.39 17.56 -10.41
C VAL D 428 -42.83 17.13 -10.20
N TYR D 429 -43.31 17.28 -8.96
CA TYR D 429 -44.66 16.89 -8.57
C TYR D 429 -45.74 17.48 -9.48
N GLY D 430 -46.85 16.76 -9.63
CA GLY D 430 -48.07 17.25 -10.26
C GLY D 430 -47.86 17.93 -11.59
N GLN D 431 -47.38 17.18 -12.57
CA GLN D 431 -46.98 17.71 -13.86
C GLN D 431 -47.88 17.14 -14.94
N GLN D 432 -47.96 17.86 -16.06
CA GLN D 432 -48.99 17.66 -17.07
C GLN D 432 -48.53 16.79 -18.24
N TRP D 433 -47.71 15.80 -17.94
CA TRP D 433 -46.98 15.03 -18.94
C TRP D 433 -47.84 14.50 -20.09
N LEU D 434 -47.56 15.01 -21.29
CA LEU D 434 -48.28 14.67 -22.50
C LEU D 434 -48.10 13.19 -22.80
N VAL D 435 -49.00 12.63 -23.61
CA VAL D 435 -49.07 11.19 -23.81
C VAL D 435 -47.85 10.67 -24.56
N GLY D 436 -47.47 11.33 -25.66
CA GLY D 436 -46.38 10.87 -26.51
C GLY D 436 -45.11 11.66 -26.42
N SER D 437 -45.09 12.71 -25.61
CA SER D 437 -43.90 13.54 -25.48
C SER D 437 -42.76 12.77 -24.83
N LEU D 438 -43.09 11.96 -23.83
CA LEU D 438 -42.08 11.10 -23.22
C LEU D 438 -41.47 10.17 -24.27
N GLU D 439 -42.33 9.58 -25.09
CA GLU D 439 -41.87 8.71 -26.17
C GLU D 439 -40.98 9.48 -27.14
N GLN D 440 -41.50 10.60 -27.64
CA GLN D 440 -40.78 11.39 -28.63
C GLN D 440 -39.47 11.94 -28.07
N ALA D 441 -39.33 12.02 -26.75
CA ALA D 441 -38.07 12.43 -26.16
C ALA D 441 -37.06 11.30 -26.15
N MET D 442 -37.53 10.08 -25.89
CA MET D 442 -36.65 8.93 -25.91
C MET D 442 -36.07 8.72 -27.30
N LEU D 443 -36.85 9.06 -28.33
CA LEU D 443 -36.31 9.06 -29.68
C LEU D 443 -35.09 9.95 -29.79
N ASP D 444 -35.08 11.04 -29.03
CA ASP D 444 -34.02 12.04 -29.17
C ASP D 444 -32.85 11.71 -28.26
N ALA D 445 -33.12 11.21 -27.07
CA ALA D 445 -32.04 10.89 -26.14
C ALA D 445 -31.24 9.68 -26.59
N LEU D 446 -31.88 8.74 -27.28
CA LEU D 446 -31.19 7.57 -27.76
C LEU D 446 -30.26 7.92 -28.91
N VAL D 447 -30.78 8.66 -29.89
CA VAL D 447 -29.99 8.99 -31.07
C VAL D 447 -28.84 9.92 -30.71
N MET D 448 -29.08 10.87 -29.82
CA MET D 448 -28.08 11.85 -29.41
C MET D 448 -27.09 11.30 -28.39
N ASP D 449 -27.23 10.04 -27.99
CA ASP D 449 -26.38 9.41 -26.98
C ASP D 449 -26.42 10.19 -25.67
N ARG D 450 -27.60 10.29 -25.07
CA ARG D 450 -27.77 10.82 -23.72
C ARG D 450 -28.39 9.71 -22.87
N VAL D 451 -27.55 8.83 -22.35
CA VAL D 451 -27.98 7.72 -21.52
C VAL D 451 -28.69 8.24 -20.28
N SER D 452 -28.21 9.37 -19.76
CA SER D 452 -28.68 9.87 -18.48
C SER D 452 -30.16 10.21 -18.56
N PHE D 453 -30.63 10.64 -19.74
CA PHE D 453 -32.03 10.94 -19.93
C PHE D 453 -32.82 9.68 -20.28
N VAL D 454 -32.14 8.68 -20.84
CA VAL D 454 -32.78 7.39 -21.06
C VAL D 454 -33.16 6.85 -19.69
N LYS D 455 -32.19 6.84 -18.77
CA LYS D 455 -32.39 6.45 -17.39
C LYS D 455 -33.51 7.24 -16.76
N LEU D 456 -33.53 8.53 -17.00
CA LEU D 456 -34.53 9.41 -16.41
C LEU D 456 -35.91 9.05 -16.90
N LEU D 457 -36.04 8.85 -18.21
CA LEU D 457 -37.35 8.61 -18.79
C LEU D 457 -37.86 7.21 -18.45
N ILE D 458 -36.96 6.22 -18.51
CA ILE D 458 -37.35 4.86 -18.18
C ILE D 458 -37.69 4.73 -16.70
N GLU D 459 -37.14 5.61 -15.86
CA GLU D 459 -37.54 5.68 -14.46
C GLU D 459 -38.92 6.30 -14.29
N ASN D 460 -39.10 7.52 -14.79
CA ASN D 460 -40.38 8.20 -14.70
C ASN D 460 -41.50 7.48 -15.45
N GLY D 461 -41.16 6.51 -16.27
CA GLY D 461 -42.10 5.59 -16.88
C GLY D 461 -42.17 5.81 -18.38
N VAL D 462 -41.34 5.05 -19.08
CA VAL D 462 -41.38 4.94 -20.52
C VAL D 462 -41.01 3.50 -20.83
N SER D 463 -42.01 2.68 -21.11
CA SER D 463 -41.75 1.28 -21.39
C SER D 463 -41.14 1.10 -22.75
N MET D 464 -39.97 0.47 -22.79
CA MET D 464 -39.35 0.15 -24.06
C MET D 464 -40.24 -0.77 -24.89
N HIS D 465 -41.03 -1.62 -24.23
CA HIS D 465 -42.01 -2.45 -24.92
C HIS D 465 -42.97 -1.60 -25.73
N LYS D 466 -43.31 -0.42 -25.21
CA LYS D 466 -44.28 0.43 -25.88
C LYS D 466 -43.63 1.32 -26.93
N PHE D 467 -42.40 1.80 -26.67
CA PHE D 467 -41.66 2.69 -27.56
C PHE D 467 -40.62 1.91 -28.36
N LEU D 468 -41.08 0.91 -29.13
CA LEU D 468 -40.09 0.23 -29.97
C LEU D 468 -40.63 -0.38 -31.27
N THR D 469 -41.36 0.38 -32.07
CA THR D 469 -41.93 -0.17 -33.29
C THR D 469 -40.87 -0.45 -34.35
N ILE D 470 -41.34 -0.99 -35.48
CA ILE D 470 -40.50 -1.10 -36.68
C ILE D 470 -40.03 0.28 -37.13
N PRO D 471 -40.91 1.27 -37.42
CA PRO D 471 -40.41 2.54 -37.95
C PRO D 471 -39.48 3.29 -37.01
N ARG D 472 -39.79 3.30 -35.71
CA ARG D 472 -38.91 3.94 -34.75
C ARG D 472 -37.54 3.30 -34.80
N LEU D 473 -37.44 2.03 -34.44
CA LEU D 473 -36.19 1.28 -34.44
C LEU D 473 -35.47 1.39 -35.76
N GLU D 474 -36.21 1.35 -36.86
CA GLU D 474 -35.60 1.25 -38.18
C GLU D 474 -34.75 2.47 -38.49
N GLU D 475 -35.18 3.65 -38.04
CA GLU D 475 -34.43 4.86 -38.39
C GLU D 475 -33.31 5.12 -37.40
N LEU D 476 -33.41 4.59 -36.17
CA LEU D 476 -32.31 4.72 -35.20
C LEU D 476 -30.98 4.29 -35.80
N TYR D 477 -30.99 3.33 -36.72
CA TYR D 477 -29.82 3.04 -37.52
C TYR D 477 -29.55 4.15 -38.54
N ASN D 478 -30.60 4.65 -39.18
CA ASN D 478 -30.47 5.66 -40.22
C ASN D 478 -30.43 7.06 -39.62
N THR D 479 -29.42 7.32 -38.80
CA THR D 479 -29.17 8.64 -38.24
C THR D 479 -27.68 8.90 -38.24
N LYS D 480 -27.30 10.14 -38.58
CA LYS D 480 -25.95 10.63 -38.37
C LYS D 480 -25.84 11.52 -37.15
N GLN D 481 -26.96 11.82 -36.49
CA GLN D 481 -27.01 12.77 -35.40
C GLN D 481 -26.56 12.14 -34.09
N GLY D 482 -25.35 11.58 -34.08
CA GLY D 482 -24.77 11.06 -32.88
C GLY D 482 -23.41 10.46 -33.11
N PRO D 483 -22.79 9.91 -32.05
CA PRO D 483 -21.51 9.21 -32.24
C PRO D 483 -21.65 7.95 -33.06
N THR D 484 -21.85 8.14 -34.35
CA THR D 484 -22.12 7.03 -35.25
C THR D 484 -20.84 6.24 -35.50
N ASN D 485 -21.02 4.94 -35.71
CA ASN D 485 -19.95 4.12 -36.26
C ASN D 485 -20.04 4.24 -37.77
N PRO D 486 -19.03 4.79 -38.46
CA PRO D 486 -19.10 4.82 -39.92
C PRO D 486 -18.78 3.47 -40.56
N MET D 487 -18.58 2.44 -39.75
CA MET D 487 -18.30 1.10 -40.22
C MET D 487 -19.56 0.30 -40.50
N LEU D 488 -20.67 0.62 -39.85
CA LEU D 488 -21.91 -0.12 -40.05
C LEU D 488 -22.32 -0.09 -41.51
N PHE D 489 -22.17 1.06 -42.15
CA PHE D 489 -22.49 1.19 -43.56
C PHE D 489 -21.55 0.34 -44.43
N HIS D 490 -20.40 -0.05 -43.88
CA HIS D 490 -19.46 -0.86 -44.64
C HIS D 490 -19.88 -2.32 -44.62
N LEU D 491 -20.22 -2.83 -43.43
CA LEU D 491 -20.64 -4.21 -43.32
C LEU D 491 -21.91 -4.47 -44.11
N ILE D 492 -22.77 -3.44 -44.21
CA ILE D 492 -24.00 -3.57 -44.96
C ILE D 492 -23.69 -3.70 -46.44
N ARG D 493 -22.86 -2.81 -46.98
CA ARG D 493 -22.58 -2.85 -48.41
C ARG D 493 -21.77 -4.08 -48.80
N ASP D 494 -21.18 -4.76 -47.81
CA ASP D 494 -20.54 -6.05 -48.08
C ASP D 494 -21.58 -7.15 -48.24
N VAL D 495 -22.49 -7.27 -47.27
CA VAL D 495 -23.45 -8.37 -47.29
C VAL D 495 -24.45 -8.20 -48.43
N LYS D 496 -24.59 -6.97 -48.95
CA LYS D 496 -25.32 -6.76 -50.18
C LYS D 496 -24.54 -7.18 -51.41
N GLN D 497 -23.29 -7.63 -51.24
CA GLN D 497 -22.44 -8.03 -52.35
C GLN D 497 -22.23 -6.85 -53.30
N GLY D 498 -21.75 -5.74 -52.76
CA GLY D 498 -21.32 -4.61 -53.55
C GLY D 498 -22.36 -3.54 -53.79
N ASN D 499 -23.64 -3.93 -53.80
CA ASN D 499 -24.73 -3.00 -54.07
C ASN D 499 -24.73 -1.86 -53.07
N LEU D 500 -25.05 -0.64 -53.56
CA LEU D 500 -24.96 0.56 -52.74
C LEU D 500 -25.84 1.65 -53.35
N PRO D 501 -27.13 1.72 -53.02
CA PRO D 501 -28.00 2.76 -53.61
C PRO D 501 -27.61 4.15 -53.14
N PRO D 502 -28.27 5.21 -53.67
CA PRO D 502 -27.90 6.58 -53.30
C PRO D 502 -28.00 6.90 -51.82
N GLY D 503 -29.20 6.75 -51.25
CA GLY D 503 -29.45 7.10 -49.87
C GLY D 503 -29.54 5.88 -48.99
N TYR D 504 -30.17 4.83 -49.52
CA TYR D 504 -30.17 3.52 -48.88
C TYR D 504 -30.76 3.54 -47.48
N LYS D 505 -32.07 3.65 -47.37
CA LYS D 505 -32.73 3.37 -46.11
C LYS D 505 -32.38 1.98 -45.64
N ILE D 506 -31.64 1.89 -44.54
CA ILE D 506 -31.33 0.61 -43.92
C ILE D 506 -32.66 -0.01 -43.50
N THR D 507 -32.87 -1.27 -43.92
CA THR D 507 -34.04 -2.02 -43.51
C THR D 507 -33.62 -3.08 -42.53
N LEU D 508 -34.59 -3.59 -41.76
CA LEU D 508 -34.23 -4.52 -40.71
C LEU D 508 -33.89 -5.89 -41.28
N ILE D 509 -34.22 -6.16 -42.55
CA ILE D 509 -33.63 -7.32 -43.22
C ILE D 509 -32.12 -7.21 -43.14
N ASP D 510 -31.63 -5.99 -43.30
CA ASP D 510 -30.21 -5.78 -43.51
C ASP D 510 -29.45 -6.03 -42.22
N ILE D 511 -29.91 -5.41 -41.13
CA ILE D 511 -29.28 -5.57 -39.83
C ILE D 511 -29.23 -7.04 -39.44
N GLY D 512 -30.24 -7.80 -39.83
CA GLY D 512 -30.23 -9.23 -39.57
C GLY D 512 -29.09 -9.91 -40.29
N LEU D 513 -28.96 -9.64 -41.59
CA LEU D 513 -27.94 -10.29 -42.39
C LEU D 513 -26.54 -9.90 -41.95
N VAL D 514 -26.40 -8.78 -41.28
CA VAL D 514 -25.13 -8.39 -40.69
C VAL D 514 -24.84 -9.25 -39.47
N ILE D 515 -25.83 -9.43 -38.62
CA ILE D 515 -25.64 -10.19 -37.39
C ILE D 515 -25.44 -11.66 -37.71
N GLU D 516 -26.22 -12.19 -38.65
CA GLU D 516 -25.95 -13.52 -39.20
C GLU D 516 -24.52 -13.64 -39.70
N TYR D 517 -23.95 -12.55 -40.19
CA TYR D 517 -22.57 -12.52 -40.66
C TYR D 517 -21.57 -12.25 -39.56
N LEU D 518 -21.96 -11.46 -38.56
CA LEU D 518 -21.03 -11.15 -37.48
C LEU D 518 -20.98 -12.27 -36.44
N MET D 519 -22.14 -12.76 -36.03
CA MET D 519 -22.18 -13.81 -35.05
C MET D 519 -21.77 -15.16 -35.64
N GLY D 520 -21.87 -15.30 -36.95
CA GLY D 520 -21.29 -16.43 -37.62
C GLY D 520 -22.02 -17.73 -37.34
N GLY D 521 -21.46 -18.80 -37.90
CA GLY D 521 -22.01 -20.11 -37.71
C GLY D 521 -23.36 -20.25 -38.37
N THR D 522 -24.39 -20.29 -37.54
CA THR D 522 -25.76 -20.32 -38.01
C THR D 522 -26.67 -19.38 -37.24
N TYR D 523 -26.14 -18.32 -36.63
CA TYR D 523 -26.97 -17.48 -35.79
C TYR D 523 -28.01 -16.80 -36.66
N ARG D 524 -29.24 -17.25 -36.57
CA ARG D 524 -30.35 -16.62 -37.28
C ARG D 524 -30.99 -15.59 -36.37
N CYS D 525 -31.01 -14.33 -36.82
CA CYS D 525 -31.70 -13.29 -36.07
C CYS D 525 -33.20 -13.36 -36.33
N THR D 526 -33.96 -12.76 -35.43
CA THR D 526 -35.40 -12.65 -35.64
C THR D 526 -35.73 -11.81 -36.88
N TYR D 527 -34.81 -10.95 -37.28
CA TYR D 527 -35.07 -10.01 -38.36
C TYR D 527 -35.12 -10.67 -39.73
N THR D 528 -34.67 -11.91 -39.86
CA THR D 528 -34.57 -12.58 -41.14
C THR D 528 -35.56 -13.72 -41.31
N ARG D 529 -36.26 -14.11 -40.26
CA ARG D 529 -37.15 -15.25 -40.34
C ARG D 529 -38.37 -14.92 -41.15
N LYS D 530 -39.03 -15.95 -41.68
CA LYS D 530 -40.08 -15.83 -42.66
C LYS D 530 -41.24 -14.99 -42.13
N ARG D 531 -41.51 -15.13 -40.84
CA ARG D 531 -42.55 -14.34 -40.18
C ARG D 531 -42.23 -12.86 -40.28
N PHE D 532 -41.05 -12.47 -39.81
CA PHE D 532 -40.72 -11.04 -39.76
C PHE D 532 -40.60 -10.45 -41.15
N ARG D 533 -40.11 -11.25 -42.10
CA ARG D 533 -40.03 -10.78 -43.49
C ARG D 533 -41.41 -10.42 -44.01
N LEU D 534 -42.42 -11.19 -43.64
CA LEU D 534 -43.79 -10.92 -44.05
C LEU D 534 -44.24 -9.57 -43.50
N ILE D 535 -44.23 -9.42 -42.18
CA ILE D 535 -44.84 -8.27 -41.53
C ILE D 535 -44.12 -6.99 -41.92
N TYR D 536 -42.81 -7.09 -42.17
CA TYR D 536 -42.06 -5.91 -42.59
C TYR D 536 -42.51 -5.44 -43.97
N ASN D 537 -42.91 -6.36 -44.84
CA ASN D 537 -43.43 -6.02 -46.15
C ASN D 537 -44.93 -5.73 -46.13
N SER D 538 -45.49 -5.44 -44.95
CA SER D 538 -46.93 -5.22 -44.81
C SER D 538 -47.24 -3.87 -44.19
N LEU D 539 -46.41 -3.44 -43.24
CA LEU D 539 -46.64 -2.17 -42.55
C LEU D 539 -46.56 -0.99 -43.50
N GLU D 613 -50.22 -3.53 -31.94
CA GLU D 613 -49.03 -3.90 -31.18
C GLU D 613 -48.27 -5.05 -31.83
N THR D 614 -48.87 -5.70 -32.83
CA THR D 614 -48.17 -6.77 -33.54
C THR D 614 -46.99 -6.23 -34.34
N LYS D 615 -46.98 -4.94 -34.65
CA LYS D 615 -45.83 -4.29 -35.26
C LYS D 615 -44.72 -3.98 -34.25
N ARG D 616 -44.81 -4.49 -33.03
CA ARG D 616 -43.80 -4.29 -31.99
C ARG D 616 -42.86 -5.49 -31.94
N PHE D 617 -41.93 -5.41 -31.00
CA PHE D 617 -41.00 -6.50 -30.69
C PHE D 617 -41.31 -6.99 -29.28
N PRO D 618 -41.25 -8.29 -28.99
CA PRO D 618 -41.49 -8.71 -27.61
C PRO D 618 -40.47 -8.17 -26.64
N TYR D 619 -39.18 -8.42 -26.93
CA TYR D 619 -38.09 -8.08 -26.02
C TYR D 619 -37.28 -6.92 -26.59
N PRO D 620 -37.60 -5.68 -26.25
CA PRO D 620 -36.93 -4.55 -26.89
C PRO D 620 -35.46 -4.42 -26.52
N LEU D 621 -35.13 -4.46 -25.25
CA LEU D 621 -33.77 -4.28 -24.82
C LEU D 621 -32.83 -5.36 -25.30
N ASN D 622 -33.31 -6.44 -25.91
CA ASN D 622 -32.48 -7.31 -26.71
C ASN D 622 -32.23 -6.73 -28.10
N GLU D 623 -33.10 -5.85 -28.58
CA GLU D 623 -32.96 -5.26 -29.89
C GLU D 623 -32.17 -3.97 -29.87
N LEU D 624 -32.28 -3.18 -28.80
CA LEU D 624 -31.51 -1.96 -28.68
C LEU D 624 -30.06 -2.25 -28.32
N LEU D 625 -29.83 -3.28 -27.52
CA LEU D 625 -28.48 -3.69 -27.16
C LEU D 625 -27.64 -4.01 -28.38
N ILE D 626 -28.28 -4.49 -29.43
CA ILE D 626 -27.62 -4.68 -30.70
C ILE D 626 -27.33 -3.33 -31.34
N TRP D 627 -28.34 -2.47 -31.37
CA TRP D 627 -28.18 -1.13 -31.91
C TRP D 627 -27.07 -0.36 -31.21
N ALA D 628 -27.06 -0.38 -29.88
CA ALA D 628 -26.05 0.32 -29.12
C ALA D 628 -24.65 -0.22 -29.36
N CYS D 629 -24.52 -1.42 -29.88
CA CYS D 629 -23.24 -2.04 -30.13
C CYS D 629 -22.82 -1.95 -31.58
N LEU D 630 -23.76 -2.11 -32.51
CA LEU D 630 -23.42 -1.95 -33.93
C LEU D 630 -22.97 -0.53 -34.22
N MET D 631 -23.65 0.46 -33.64
CA MET D 631 -23.31 1.86 -33.80
C MET D 631 -22.29 2.34 -32.79
N LYS D 632 -21.60 1.42 -32.11
CA LYS D 632 -20.52 1.71 -31.18
C LYS D 632 -20.90 2.78 -30.17
N ARG D 633 -21.85 2.47 -29.31
CA ARG D 633 -22.37 3.39 -28.32
C ARG D 633 -22.32 2.70 -26.95
N GLN D 634 -21.12 2.27 -26.57
CA GLN D 634 -20.84 1.47 -25.37
C GLN D 634 -21.63 1.89 -24.14
N VAL D 635 -21.55 3.17 -23.79
CA VAL D 635 -22.16 3.70 -22.58
C VAL D 635 -23.67 3.51 -22.62
N MET D 636 -24.23 3.44 -23.83
CA MET D 636 -25.63 3.06 -23.97
C MET D 636 -25.79 1.57 -23.82
N ALA D 637 -24.83 0.80 -24.36
CA ALA D 637 -24.95 -0.64 -24.38
C ALA D 637 -25.00 -1.21 -22.97
N ARG D 638 -24.07 -0.79 -22.12
CA ARG D 638 -24.03 -1.29 -20.75
C ARG D 638 -25.28 -0.90 -20.00
N PHE D 639 -25.76 0.32 -20.20
CA PHE D 639 -26.99 0.73 -19.55
C PHE D 639 -28.15 -0.12 -20.00
N LEU D 640 -28.23 -0.42 -21.28
CA LEU D 640 -29.29 -1.28 -21.79
C LEU D 640 -29.05 -2.73 -21.47
N TRP D 641 -27.89 -3.08 -20.92
CA TRP D 641 -27.60 -4.45 -20.53
C TRP D 641 -28.12 -4.76 -19.14
N GLN D 642 -27.83 -3.90 -18.17
CA GLN D 642 -28.25 -4.11 -16.80
C GLN D 642 -29.77 -4.18 -16.71
N HIS D 643 -30.46 -3.44 -17.55
CA HIS D 643 -31.90 -3.56 -17.66
C HIS D 643 -32.25 -4.79 -18.48
N GLY D 644 -33.53 -5.09 -18.55
CA GLY D 644 -33.95 -6.26 -19.25
C GLY D 644 -33.55 -7.52 -18.49
N GLU D 645 -33.51 -8.61 -19.25
CA GLU D 645 -33.21 -9.92 -18.72
C GLU D 645 -32.31 -10.67 -19.69
N GLU D 646 -31.85 -11.84 -19.26
CA GLU D 646 -30.88 -12.68 -19.98
C GLU D 646 -29.51 -12.02 -19.99
N SER D 647 -29.12 -11.39 -18.89
CA SER D 647 -27.93 -10.58 -18.79
C SER D 647 -26.64 -11.28 -19.23
N MET D 648 -26.41 -12.51 -18.79
CA MET D 648 -25.21 -13.22 -19.20
C MET D 648 -25.19 -13.43 -20.70
N ALA D 649 -26.34 -13.76 -21.27
CA ALA D 649 -26.40 -14.03 -22.70
C ALA D 649 -26.06 -12.81 -23.51
N LYS D 650 -26.64 -11.68 -23.15
CA LYS D 650 -26.45 -10.44 -23.90
C LYS D 650 -24.99 -10.03 -23.92
N ALA D 651 -24.34 -10.11 -22.76
CA ALA D 651 -22.94 -9.71 -22.66
C ALA D 651 -22.04 -10.55 -23.55
N LEU D 652 -22.37 -11.82 -23.73
CA LEU D 652 -21.54 -12.68 -24.55
C LEU D 652 -21.86 -12.54 -26.02
N VAL D 653 -23.03 -12.01 -26.36
CA VAL D 653 -23.32 -11.64 -27.73
C VAL D 653 -22.53 -10.40 -28.10
N ALA D 654 -22.55 -9.40 -27.22
CA ALA D 654 -21.78 -8.19 -27.41
C ALA D 654 -20.31 -8.47 -27.59
N CYS D 655 -19.74 -9.33 -26.74
CA CYS D 655 -18.34 -9.71 -26.89
C CYS D 655 -18.07 -10.33 -28.24
N LYS D 656 -19.06 -10.95 -28.85
CA LYS D 656 -18.88 -11.52 -30.18
C LYS D 656 -19.01 -10.46 -31.26
N ILE D 657 -19.98 -9.56 -31.11
CA ILE D 657 -20.21 -8.53 -32.11
C ILE D 657 -19.00 -7.61 -32.20
N TYR D 658 -18.60 -7.04 -31.07
CA TYR D 658 -17.42 -6.18 -31.05
C TYR D 658 -16.18 -6.92 -31.54
N ARG D 659 -15.95 -8.12 -31.01
CA ARG D 659 -14.85 -8.93 -31.49
C ARG D 659 -14.96 -9.23 -32.98
N SER D 660 -16.17 -9.21 -33.52
CA SER D 660 -16.37 -9.51 -34.94
C SER D 660 -16.25 -8.25 -35.78
N MET D 661 -16.63 -7.10 -35.24
CA MET D 661 -16.43 -5.84 -35.95
C MET D 661 -14.96 -5.49 -36.01
N ALA D 662 -14.23 -5.74 -34.93
CA ALA D 662 -12.80 -5.43 -34.88
C ALA D 662 -12.06 -6.14 -36.01
N TYR D 663 -12.37 -7.42 -36.21
CA TYR D 663 -11.71 -8.20 -37.25
C TYR D 663 -12.02 -7.65 -38.63
N GLU D 664 -13.23 -7.13 -38.82
CA GLU D 664 -13.61 -6.60 -40.13
C GLU D 664 -13.02 -5.21 -40.34
N ALA D 665 -12.72 -4.50 -39.26
CA ALA D 665 -12.15 -3.16 -39.36
C ALA D 665 -10.70 -3.25 -39.83
N LYS D 666 -9.92 -4.06 -39.13
CA LYS D 666 -8.54 -4.35 -39.51
C LYS D 666 -8.43 -4.72 -40.98
N GLN D 667 -9.20 -5.73 -41.38
CA GLN D 667 -9.17 -6.22 -42.75
C GLN D 667 -9.55 -5.13 -43.72
N SER D 668 -10.76 -4.60 -43.57
CA SER D 668 -11.25 -3.55 -44.45
C SER D 668 -11.03 -2.17 -43.82
N ASP D 669 -9.86 -1.60 -44.04
CA ASP D 669 -9.48 -0.31 -43.48
C ASP D 669 -9.91 0.83 -44.41
N LEU D 670 -10.26 1.98 -43.83
CA LEU D 670 -10.32 3.21 -44.60
C LEU D 670 -9.63 4.38 -43.89
N VAL D 671 -9.83 4.50 -42.58
CA VAL D 671 -9.09 5.44 -41.73
C VAL D 671 -8.93 4.71 -40.41
N ASP D 672 -8.54 5.44 -39.33
CA ASP D 672 -8.20 4.89 -38.02
C ASP D 672 -9.02 3.68 -37.64
N ASP D 673 -8.34 2.61 -37.21
CA ASP D 673 -8.96 1.29 -37.16
C ASP D 673 -10.17 1.27 -36.24
N THR D 674 -10.09 1.97 -35.11
CA THR D 674 -11.08 1.85 -34.04
C THR D 674 -11.19 0.41 -33.56
N SER D 675 -10.19 -0.43 -33.84
CA SER D 675 -10.30 -1.83 -33.52
C SER D 675 -9.96 -2.09 -32.06
N GLU D 676 -8.85 -1.56 -31.59
CA GLU D 676 -8.54 -1.61 -30.18
C GLU D 676 -9.60 -0.92 -29.33
N GLU D 677 -10.33 0.02 -29.91
CA GLU D 677 -11.50 0.58 -29.25
C GLU D 677 -12.59 -0.46 -29.12
N LEU D 678 -12.74 -1.31 -30.13
CA LEU D 678 -13.76 -2.36 -30.09
C LEU D 678 -13.28 -3.54 -29.27
N LYS D 679 -12.02 -3.94 -29.44
CA LYS D 679 -11.47 -5.05 -28.66
C LYS D 679 -11.51 -4.76 -27.18
N GLN D 680 -11.45 -3.49 -26.80
CA GLN D 680 -11.63 -3.13 -25.40
C GLN D 680 -13.10 -3.20 -25.03
N TYR D 681 -13.97 -2.89 -25.98
CA TYR D 681 -15.40 -2.94 -25.73
C TYR D 681 -15.90 -4.37 -25.59
N SER D 682 -15.27 -5.32 -26.28
CA SER D 682 -15.66 -6.72 -26.15
C SER D 682 -15.22 -7.27 -24.81
N ASN D 683 -13.93 -7.15 -24.52
CA ASN D 683 -13.35 -7.64 -23.28
C ASN D 683 -13.90 -6.96 -22.03
N ASP D 684 -14.70 -5.91 -22.17
CA ASP D 684 -15.46 -5.37 -21.07
C ASP D 684 -16.74 -6.16 -20.81
N PHE D 685 -17.61 -6.30 -21.80
CA PHE D 685 -18.73 -7.23 -21.69
C PHE D 685 -18.26 -8.63 -21.37
N GLY D 686 -17.38 -9.16 -22.19
CA GLY D 686 -16.82 -10.48 -22.02
C GLY D 686 -16.19 -10.76 -20.67
N GLN D 687 -15.90 -9.73 -19.90
CA GLN D 687 -15.45 -9.85 -18.52
C GLN D 687 -16.59 -9.73 -17.53
N LEU D 688 -17.71 -9.11 -17.90
CA LEU D 688 -18.86 -9.11 -17.02
C LEU D 688 -19.45 -10.50 -16.89
N ALA D 689 -19.53 -11.23 -17.99
CA ALA D 689 -20.03 -12.59 -17.99
C ALA D 689 -19.22 -13.47 -17.03
N VAL D 690 -17.90 -13.40 -17.12
CA VAL D 690 -17.03 -14.13 -16.21
C VAL D 690 -17.29 -13.70 -14.78
N GLU D 691 -17.45 -12.40 -14.55
CA GLU D 691 -17.67 -11.89 -13.20
C GLU D 691 -19.12 -12.03 -12.77
N LEU D 692 -20.03 -12.25 -13.72
CA LEU D 692 -21.41 -12.57 -13.37
C LEU D 692 -21.54 -14.04 -13.06
N LEU D 693 -20.75 -14.88 -13.72
CA LEU D 693 -20.78 -16.30 -13.47
C LEU D 693 -20.31 -16.65 -12.07
N GLU D 694 -19.12 -16.16 -11.68
CA GLU D 694 -18.56 -16.46 -10.38
C GLU D 694 -19.51 -16.04 -9.26
N GLN D 695 -20.26 -14.97 -9.49
CA GLN D 695 -21.29 -14.53 -8.56
C GLN D 695 -22.47 -15.47 -8.52
N SER D 696 -22.62 -16.32 -9.52
CA SER D 696 -23.66 -17.34 -9.57
C SER D 696 -23.15 -18.71 -9.19
N PHE D 697 -21.88 -19.01 -9.49
CA PHE D 697 -21.26 -20.25 -9.06
C PHE D 697 -21.08 -20.30 -7.55
N ARG D 698 -20.93 -19.15 -6.90
CA ARG D 698 -20.75 -19.13 -5.46
C ARG D 698 -22.06 -19.23 -4.70
N GLN D 699 -23.20 -19.15 -5.37
CA GLN D 699 -24.51 -19.27 -4.71
C GLN D 699 -24.99 -20.72 -4.73
N ASP D 700 -25.22 -21.25 -5.91
CA ASP D 700 -25.69 -22.62 -6.11
C ASP D 700 -25.01 -23.11 -7.38
N GLU D 701 -23.91 -23.84 -7.20
CA GLU D 701 -23.08 -24.31 -8.29
C GLU D 701 -23.87 -25.13 -9.31
N THR D 702 -24.97 -25.74 -8.87
CA THR D 702 -25.77 -26.56 -9.77
C THR D 702 -26.50 -25.69 -10.78
N MET D 703 -27.30 -24.74 -10.30
CA MET D 703 -28.07 -23.90 -11.22
C MET D 703 -27.16 -23.08 -12.10
N ALA D 704 -26.03 -22.64 -11.56
CA ALA D 704 -25.05 -21.90 -12.34
C ALA D 704 -24.41 -22.72 -13.45
N MET D 705 -24.56 -24.04 -13.44
CA MET D 705 -24.21 -24.88 -14.57
C MET D 705 -25.37 -25.07 -15.53
N LYS D 706 -26.61 -24.94 -15.07
CA LYS D 706 -27.76 -24.88 -15.94
C LYS D 706 -27.83 -23.58 -16.74
N LEU D 707 -27.27 -22.50 -16.21
CA LEU D 707 -27.29 -21.25 -16.92
C LEU D 707 -26.48 -21.33 -18.21
N LEU D 708 -25.42 -22.12 -18.19
CA LEU D 708 -24.54 -22.25 -19.33
C LEU D 708 -25.08 -23.12 -20.43
N THR D 709 -26.28 -23.66 -20.29
CA THR D 709 -26.76 -24.71 -21.17
C THR D 709 -28.20 -24.58 -21.62
N TYR D 710 -29.02 -23.73 -20.99
CA TYR D 710 -30.41 -23.66 -21.39
C TYR D 710 -30.54 -22.94 -22.73
N GLU D 711 -31.37 -23.50 -23.59
CA GLU D 711 -31.63 -22.92 -24.89
C GLU D 711 -32.24 -21.54 -24.71
N LEU D 712 -31.69 -20.56 -25.42
CA LEU D 712 -31.97 -19.17 -25.10
C LEU D 712 -33.27 -18.68 -25.71
N LYS D 713 -33.53 -19.03 -26.97
CA LYS D 713 -34.82 -18.83 -27.65
C LYS D 713 -35.08 -17.38 -28.06
N ASN D 714 -34.28 -16.45 -27.58
CA ASN D 714 -34.22 -15.10 -28.09
C ASN D 714 -32.91 -14.80 -28.81
N TRP D 715 -32.01 -15.79 -28.86
CA TRP D 715 -30.68 -15.63 -29.41
C TRP D 715 -30.36 -16.83 -30.29
N SER D 716 -31.34 -17.22 -31.09
CA SER D 716 -31.20 -18.24 -32.14
C SER D 716 -31.01 -19.64 -31.56
N ASN D 717 -31.72 -19.94 -30.49
CA ASN D 717 -31.71 -21.27 -29.89
C ASN D 717 -30.31 -21.72 -29.50
N SER D 718 -29.46 -20.75 -29.22
CA SER D 718 -28.09 -20.97 -28.84
C SER D 718 -28.00 -21.01 -27.31
N THR D 719 -26.79 -20.92 -26.82
CA THR D 719 -26.46 -21.30 -25.46
C THR D 719 -25.44 -20.32 -24.90
N CYS D 720 -25.56 -19.98 -23.62
CA CYS D 720 -24.65 -19.01 -23.01
C CYS D 720 -23.19 -19.43 -23.06
N LEU D 721 -22.91 -20.70 -23.35
CA LEU D 721 -21.55 -21.18 -23.47
C LEU D 721 -21.09 -21.30 -24.91
N LYS D 722 -21.97 -21.69 -25.82
CA LYS D 722 -21.61 -21.76 -27.23
C LYS D 722 -21.32 -20.39 -27.82
N LEU D 723 -21.69 -19.32 -27.14
CA LEU D 723 -21.36 -17.97 -27.55
C LEU D 723 -19.96 -17.58 -27.09
N ALA D 724 -19.58 -18.00 -25.89
CA ALA D 724 -18.23 -17.77 -25.40
C ALA D 724 -17.20 -18.46 -26.27
N VAL D 725 -17.42 -19.74 -26.54
CA VAL D 725 -16.56 -20.48 -27.46
C VAL D 725 -16.50 -19.85 -28.83
N SER D 726 -17.56 -19.18 -29.26
CA SER D 726 -17.57 -18.52 -30.54
C SER D 726 -16.71 -17.27 -30.52
N SER D 727 -16.64 -16.62 -29.37
CA SER D 727 -15.85 -15.41 -29.20
C SER D 727 -14.45 -15.69 -28.68
N ARG D 728 -14.08 -16.96 -28.52
CA ARG D 728 -12.76 -17.34 -28.03
C ARG D 728 -12.47 -16.65 -26.71
N LEU D 729 -13.46 -16.68 -25.83
CA LEU D 729 -13.40 -15.99 -24.54
C LEU D 729 -12.93 -16.99 -23.49
N ARG D 730 -11.64 -17.28 -23.55
CA ARG D 730 -10.96 -18.26 -22.71
C ARG D 730 -11.26 -18.17 -21.21
N PRO D 731 -11.39 -17.00 -20.59
CA PRO D 731 -11.55 -16.95 -19.13
C PRO D 731 -12.88 -17.46 -18.60
N PHE D 732 -13.84 -17.72 -19.47
CA PHE D 732 -15.17 -18.17 -19.12
C PHE D 732 -15.26 -19.69 -19.21
N VAL D 733 -14.84 -20.23 -20.34
CA VAL D 733 -14.71 -21.67 -20.58
C VAL D 733 -13.67 -22.23 -19.62
N ALA D 734 -12.74 -21.40 -19.18
CA ALA D 734 -11.74 -21.78 -18.21
C ALA D 734 -12.11 -21.33 -16.79
N HIS D 735 -13.38 -21.08 -16.54
CA HIS D 735 -13.85 -20.83 -15.19
C HIS D 735 -14.05 -22.19 -14.53
N THR D 736 -14.25 -22.22 -13.22
CA THR D 736 -14.39 -23.49 -12.52
C THR D 736 -15.82 -23.99 -12.45
N CYS D 737 -16.72 -23.41 -13.25
CA CYS D 737 -18.07 -23.91 -13.43
C CYS D 737 -18.23 -24.55 -14.79
N THR D 738 -17.60 -23.94 -15.80
CA THR D 738 -17.48 -24.54 -17.12
C THR D 738 -16.54 -25.72 -17.17
N GLN D 739 -15.95 -26.12 -16.04
CA GLN D 739 -15.05 -27.25 -15.97
C GLN D 739 -15.63 -28.36 -15.11
N MET D 740 -16.43 -28.00 -14.12
CA MET D 740 -17.15 -28.96 -13.32
C MET D 740 -18.38 -29.48 -14.02
N LEU D 741 -18.94 -28.71 -14.95
CA LEU D 741 -19.95 -29.23 -15.85
C LEU D 741 -19.35 -30.20 -16.85
N LEU D 742 -18.26 -29.80 -17.47
CA LEU D 742 -17.62 -30.63 -18.47
C LEU D 742 -17.16 -31.95 -17.88
N SER D 743 -16.81 -31.95 -16.61
CA SER D 743 -16.55 -33.20 -15.92
C SER D 743 -17.83 -34.01 -15.76
N ASP D 744 -18.91 -33.33 -15.39
CA ASP D 744 -20.17 -34.00 -15.19
C ASP D 744 -20.71 -34.61 -16.47
N MET D 745 -20.36 -34.05 -17.62
CA MET D 745 -20.64 -34.71 -18.89
C MET D 745 -19.63 -35.78 -19.23
N TRP D 746 -18.37 -35.57 -18.85
CA TRP D 746 -17.34 -36.57 -19.06
C TRP D 746 -17.71 -37.87 -18.37
N MET D 747 -18.29 -37.78 -17.19
CA MET D 747 -18.82 -38.94 -16.50
C MET D 747 -19.93 -39.59 -17.29
N GLY D 748 -21.02 -38.85 -17.46
CA GLY D 748 -22.22 -39.36 -18.09
C GLY D 748 -23.24 -39.74 -17.05
N ARG D 749 -23.83 -40.91 -17.22
CA ARG D 749 -24.69 -41.51 -16.22
C ARG D 749 -23.89 -42.20 -15.11
N LEU D 750 -22.57 -42.19 -15.19
CA LEU D 750 -21.69 -42.75 -14.18
C LEU D 750 -21.48 -41.75 -13.06
N ASN D 751 -21.38 -42.25 -11.82
CA ASN D 751 -20.97 -41.42 -10.67
C ASN D 751 -19.51 -41.75 -10.35
N MET D 752 -18.63 -41.20 -11.15
CA MET D 752 -17.22 -41.57 -11.05
C MET D 752 -16.53 -40.99 -9.86
N ARG D 753 -17.18 -40.22 -8.99
CA ARG D 753 -16.57 -39.88 -7.71
C ARG D 753 -16.55 -41.09 -6.77
N LYS D 754 -17.54 -41.97 -6.87
CA LYS D 754 -17.52 -43.22 -6.12
C LYS D 754 -16.72 -44.29 -6.84
N ASN D 755 -17.05 -44.53 -8.11
CA ASN D 755 -16.30 -45.47 -8.93
C ASN D 755 -14.90 -44.94 -9.15
N SER D 756 -14.05 -45.77 -9.75
CA SER D 756 -12.66 -45.42 -9.97
C SER D 756 -12.25 -45.89 -11.36
N TRP D 757 -11.29 -45.18 -11.94
CA TRP D 757 -10.84 -45.44 -13.30
C TRP D 757 -10.37 -46.87 -13.50
N TYR D 758 -9.94 -47.54 -12.42
CA TYR D 758 -9.66 -48.96 -12.47
C TYR D 758 -10.88 -49.73 -12.95
N LYS D 759 -12.07 -49.34 -12.47
CA LYS D 759 -13.27 -50.14 -12.71
C LYS D 759 -13.74 -50.00 -14.14
N VAL D 760 -13.56 -48.82 -14.74
CA VAL D 760 -14.00 -48.58 -16.11
C VAL D 760 -13.17 -49.40 -17.07
N ILE D 761 -11.85 -49.33 -16.94
CA ILE D 761 -10.94 -50.13 -17.77
C ILE D 761 -11.27 -51.60 -17.63
N LEU D 762 -11.61 -52.04 -16.42
CA LEU D 762 -12.07 -53.40 -16.22
C LEU D 762 -13.42 -53.61 -16.88
N SER D 763 -14.37 -52.72 -16.61
CA SER D 763 -15.73 -52.88 -17.07
C SER D 763 -15.85 -52.83 -18.59
N ILE D 764 -14.83 -52.34 -19.28
CA ILE D 764 -14.80 -52.37 -20.74
C ILE D 764 -14.38 -53.74 -21.23
N LEU D 765 -13.26 -54.24 -20.73
CA LEU D 765 -12.79 -55.58 -21.05
C LEU D 765 -13.55 -56.66 -20.31
N VAL D 766 -14.44 -56.28 -19.39
CA VAL D 766 -15.33 -57.19 -18.69
C VAL D 766 -16.72 -56.57 -18.78
N PRO D 767 -17.47 -56.83 -19.84
CA PRO D 767 -18.80 -56.21 -19.99
C PRO D 767 -19.72 -56.45 -18.81
N PRO D 768 -19.83 -57.68 -18.28
CA PRO D 768 -20.78 -57.88 -17.18
C PRO D 768 -20.36 -57.25 -15.86
N ALA D 769 -19.18 -56.64 -15.79
CA ALA D 769 -18.82 -55.81 -14.65
C ALA D 769 -19.43 -54.43 -14.71
N ILE D 770 -20.09 -54.08 -15.83
CA ILE D 770 -20.82 -52.83 -15.92
C ILE D 770 -21.94 -52.81 -14.91
N LEU D 771 -22.49 -53.97 -14.57
CA LEU D 771 -23.66 -54.07 -13.71
C LEU D 771 -23.32 -53.91 -12.24
N MET D 772 -22.05 -53.65 -11.91
CA MET D 772 -21.63 -53.35 -10.54
C MET D 772 -21.14 -51.92 -10.41
N LEU D 773 -21.39 -51.07 -11.40
CA LEU D 773 -20.98 -49.68 -11.39
C LEU D 773 -22.15 -48.81 -10.92
N GLU D 774 -21.85 -47.89 -10.03
CA GLU D 774 -22.88 -47.10 -9.36
C GLU D 774 -23.17 -45.85 -10.18
N TYR D 775 -24.34 -45.83 -10.81
CA TYR D 775 -24.72 -44.76 -11.70
C TYR D 775 -25.38 -43.62 -10.92
N LYS D 776 -25.93 -42.66 -11.65
CA LYS D 776 -26.48 -41.43 -11.12
C LYS D 776 -27.97 -41.37 -11.42
N THR D 777 -28.73 -40.78 -10.50
CA THR D 777 -30.15 -40.66 -10.69
C THR D 777 -30.47 -39.50 -11.63
N LYS D 778 -31.70 -39.49 -12.12
CA LYS D 778 -32.18 -38.43 -12.99
C LYS D 778 -32.17 -37.08 -12.27
N ALA D 779 -32.16 -37.10 -10.94
CA ALA D 779 -31.98 -35.88 -10.16
C ALA D 779 -30.56 -35.35 -10.25
N GLU D 780 -29.58 -36.24 -10.20
CA GLU D 780 -28.18 -35.86 -10.29
C GLU D 780 -27.72 -35.54 -11.70
N MET D 781 -28.60 -35.68 -12.69
CA MET D 781 -28.32 -35.32 -14.08
C MET D 781 -29.33 -34.31 -14.59
N SER D 782 -29.70 -33.36 -13.75
CA SER D 782 -30.58 -32.28 -14.15
C SER D 782 -29.79 -31.16 -14.80
N HIS D 783 -28.63 -30.84 -14.25
CA HIS D 783 -27.78 -29.78 -14.77
C HIS D 783 -26.94 -30.22 -15.96
N ILE D 784 -27.12 -31.44 -16.45
CA ILE D 784 -26.23 -32.03 -17.44
C ILE D 784 -27.02 -32.11 -18.74
N PRO D 785 -26.68 -31.34 -19.78
CA PRO D 785 -27.41 -31.49 -21.03
C PRO D 785 -27.20 -32.84 -21.65
N GLN D 786 -28.26 -33.35 -22.27
CA GLN D 786 -28.32 -34.69 -22.80
C GLN D 786 -28.79 -34.66 -24.24
N SER D 787 -28.64 -35.79 -24.91
CA SER D 787 -29.28 -35.97 -26.19
C SER D 787 -30.72 -36.40 -25.98
N GLN D 788 -31.46 -36.51 -27.08
CA GLN D 788 -32.86 -36.90 -27.00
C GLN D 788 -32.99 -38.31 -26.44
N ASP D 789 -32.11 -39.21 -26.86
CA ASP D 789 -32.25 -40.62 -26.53
C ASP D 789 -32.00 -40.87 -25.04
N ALA D 790 -31.02 -40.18 -24.46
CA ALA D 790 -30.73 -40.37 -23.04
C ALA D 790 -31.83 -39.81 -22.18
N HIS D 791 -32.43 -38.71 -22.63
CA HIS D 791 -33.63 -38.20 -21.97
C HIS D 791 -34.73 -39.25 -21.97
N GLN D 792 -34.92 -39.94 -23.10
CA GLN D 792 -35.94 -40.99 -23.18
C GLN D 792 -35.65 -42.16 -22.25
N MET D 793 -34.40 -42.61 -22.19
CA MET D 793 -34.04 -43.66 -21.25
C MET D 793 -34.24 -43.26 -19.80
N THR D 794 -34.32 -41.96 -19.52
CA THR D 794 -34.67 -41.45 -18.20
C THR D 794 -36.15 -41.11 -18.09
N MET D 795 -36.88 -41.02 -19.20
CA MET D 795 -38.33 -40.96 -19.19
C MET D 795 -38.99 -42.32 -19.23
N GLU D 796 -38.72 -43.12 -20.26
CA GLU D 796 -39.29 -44.45 -20.39
C GLU D 796 -38.54 -45.44 -19.50
N LEU D 838 -31.95 -48.97 -11.86
CA LEU D 838 -31.98 -48.89 -13.31
C LEU D 838 -31.98 -50.32 -13.89
N PRO D 839 -32.77 -50.60 -14.93
CA PRO D 839 -32.77 -51.96 -15.48
C PRO D 839 -31.47 -52.30 -16.19
N ILE D 840 -31.29 -53.59 -16.43
CA ILE D 840 -30.08 -54.14 -17.00
C ILE D 840 -29.82 -53.54 -18.38
N THR D 841 -30.86 -53.43 -19.21
CA THR D 841 -30.66 -52.95 -20.57
C THR D 841 -30.35 -51.46 -20.61
N ARG D 842 -30.98 -50.66 -19.76
CA ARG D 842 -30.62 -49.26 -19.65
C ARG D 842 -29.35 -49.03 -18.84
N LYS D 843 -28.84 -50.07 -18.19
CA LYS D 843 -27.62 -49.97 -17.40
C LYS D 843 -26.37 -50.25 -18.21
N PHE D 844 -26.52 -50.74 -19.45
CA PHE D 844 -25.40 -50.80 -20.39
C PHE D 844 -25.31 -49.54 -21.22
N TYR D 845 -26.39 -49.20 -21.92
CA TYR D 845 -26.51 -48.01 -22.75
C TYR D 845 -25.98 -46.76 -22.08
N ALA D 846 -26.14 -46.62 -20.78
CA ALA D 846 -25.64 -45.45 -20.06
C ALA D 846 -24.15 -45.49 -19.85
N PHE D 847 -23.55 -46.66 -19.96
CA PHE D 847 -22.10 -46.81 -19.82
C PHE D 847 -21.43 -46.48 -21.15
N TYR D 848 -21.78 -47.26 -22.17
CA TYR D 848 -21.12 -47.19 -23.45
C TYR D 848 -21.24 -45.83 -24.11
N HIS D 849 -22.30 -45.09 -23.82
CA HIS D 849 -22.54 -43.76 -24.37
C HIS D 849 -22.07 -42.68 -23.41
N ALA D 850 -21.03 -42.98 -22.64
CA ALA D 850 -20.40 -42.04 -21.74
C ALA D 850 -19.12 -41.54 -22.37
N PRO D 851 -18.77 -40.25 -22.28
CA PRO D 851 -17.55 -39.79 -22.94
C PRO D 851 -16.28 -40.40 -22.36
N ILE D 852 -16.25 -40.56 -21.04
CA ILE D 852 -15.08 -41.15 -20.39
C ILE D 852 -14.88 -42.57 -20.85
N VAL D 853 -15.96 -43.27 -21.15
CA VAL D 853 -15.85 -44.63 -21.64
C VAL D 853 -15.41 -44.68 -23.08
N LYS D 854 -15.98 -43.84 -23.94
CA LYS D 854 -15.52 -43.73 -25.31
C LYS D 854 -14.05 -43.37 -25.40
N PHE D 855 -13.52 -42.69 -24.38
CA PHE D 855 -12.12 -42.37 -24.34
C PHE D 855 -11.28 -43.58 -24.00
N TRP D 856 -11.49 -44.16 -22.81
CA TRP D 856 -10.74 -45.32 -22.34
C TRP D 856 -11.01 -46.58 -23.14
N PHE D 857 -11.89 -46.51 -24.13
CA PHE D 857 -12.22 -47.57 -25.06
C PHE D 857 -11.62 -47.32 -26.43
N ASN D 858 -11.09 -46.12 -26.65
CA ASN D 858 -10.25 -45.77 -27.79
C ASN D 858 -8.77 -45.79 -27.44
N THR D 859 -8.41 -45.26 -26.26
CA THR D 859 -7.03 -45.33 -25.80
C THR D 859 -6.53 -46.75 -25.81
N LEU D 860 -7.27 -47.67 -25.22
CA LEU D 860 -6.85 -49.06 -25.17
C LEU D 860 -6.87 -49.72 -26.52
N ALA D 861 -7.51 -49.10 -27.51
CA ALA D 861 -7.39 -49.55 -28.89
C ALA D 861 -6.18 -48.93 -29.54
N TYR D 862 -6.07 -47.61 -29.44
CA TYR D 862 -4.93 -46.89 -29.97
C TYR D 862 -3.62 -47.38 -29.36
N LEU D 863 -3.62 -47.63 -28.07
CA LEU D 863 -2.47 -48.24 -27.43
C LEU D 863 -2.32 -49.71 -27.77
N GLY D 864 -3.24 -50.28 -28.52
CA GLY D 864 -3.10 -51.60 -29.09
C GLY D 864 -2.84 -51.53 -30.58
N PHE D 865 -3.04 -50.36 -31.14
CA PHE D 865 -2.57 -50.00 -32.47
C PHE D 865 -1.09 -49.67 -32.51
N LEU D 866 -0.63 -48.84 -31.58
CA LEU D 866 0.77 -48.50 -31.50
C LEU D 866 1.66 -49.65 -31.06
N MET D 867 1.10 -50.70 -30.47
CA MET D 867 1.88 -51.85 -30.09
C MET D 867 2.00 -52.85 -31.22
N LEU D 868 1.11 -52.80 -32.19
CA LEU D 868 1.18 -53.63 -33.39
C LEU D 868 1.94 -52.95 -34.50
N TYR D 869 1.60 -51.71 -34.78
CA TYR D 869 2.35 -50.90 -35.74
C TYR D 869 3.82 -50.88 -35.41
N THR D 870 4.14 -50.59 -34.14
CA THR D 870 5.50 -50.68 -33.65
C THR D 870 6.11 -52.05 -33.92
N PHE D 871 5.33 -53.12 -33.79
CA PHE D 871 5.83 -54.46 -34.05
C PHE D 871 6.12 -54.64 -35.54
N VAL D 872 5.28 -54.09 -36.40
CA VAL D 872 5.46 -54.20 -37.85
C VAL D 872 6.70 -53.44 -38.28
N VAL D 873 6.81 -52.20 -37.80
CA VAL D 873 7.90 -51.31 -38.12
C VAL D 873 9.24 -51.92 -37.80
N LEU D 874 9.36 -52.58 -36.66
CA LEU D 874 10.61 -53.15 -36.20
C LEU D 874 10.92 -54.49 -36.82
N VAL D 875 9.93 -55.31 -36.98
CA VAL D 875 10.07 -56.66 -37.50
C VAL D 875 10.04 -56.62 -39.01
N LYS D 876 10.70 -57.58 -39.64
CA LYS D 876 10.81 -57.59 -41.09
C LYS D 876 9.45 -57.76 -41.72
N MET D 877 9.38 -57.39 -43.00
CA MET D 877 8.11 -57.26 -43.69
C MET D 877 8.21 -57.95 -45.04
N GLU D 878 7.45 -59.03 -45.18
CA GLU D 878 7.50 -59.94 -46.30
C GLU D 878 6.64 -59.37 -47.43
N GLN D 879 6.34 -60.18 -48.44
CA GLN D 879 5.67 -59.67 -49.63
C GLN D 879 4.29 -59.14 -49.27
N LEU D 880 3.57 -59.86 -48.43
CA LEU D 880 2.21 -59.57 -48.07
C LEU D 880 2.12 -59.10 -46.62
N PRO D 881 1.19 -58.21 -46.28
CA PRO D 881 1.08 -57.78 -44.89
C PRO D 881 0.71 -58.93 -43.98
N SER D 882 1.38 -58.97 -42.83
CA SER D 882 1.02 -59.88 -41.76
C SER D 882 -0.29 -59.45 -41.12
N VAL D 883 -0.83 -60.34 -40.29
CA VAL D 883 -2.12 -60.15 -39.64
C VAL D 883 -2.13 -58.83 -38.89
N GLN D 884 -0.99 -58.52 -38.28
CA GLN D 884 -0.87 -57.26 -37.56
C GLN D 884 -1.05 -56.08 -38.51
N GLU D 885 -0.32 -56.08 -39.62
CA GLU D 885 -0.31 -54.93 -40.52
C GLU D 885 -1.66 -54.73 -41.19
N TRP D 886 -2.42 -55.81 -41.39
CA TRP D 886 -3.78 -55.64 -41.87
C TRP D 886 -4.65 -54.92 -40.86
N ILE D 887 -4.54 -55.32 -39.59
CA ILE D 887 -5.25 -54.62 -38.52
C ILE D 887 -4.81 -53.18 -38.43
N VAL D 888 -3.57 -52.89 -38.80
CA VAL D 888 -3.05 -51.54 -38.72
C VAL D 888 -3.71 -50.66 -39.77
N ILE D 889 -3.78 -51.17 -41.00
CA ILE D 889 -4.44 -50.47 -42.10
C ILE D 889 -5.90 -50.26 -41.77
N ALA D 890 -6.52 -51.27 -41.16
CA ALA D 890 -7.94 -51.21 -40.80
C ALA D 890 -8.24 -50.05 -39.88
N TYR D 891 -7.43 -49.90 -38.82
CA TYR D 891 -7.60 -48.78 -37.91
C TYR D 891 -7.54 -47.46 -38.67
N ILE D 892 -6.46 -47.25 -39.43
CA ILE D 892 -6.24 -45.95 -40.09
C ILE D 892 -7.38 -45.65 -41.05
N PHE D 893 -7.73 -46.62 -41.88
CA PHE D 893 -8.81 -46.47 -42.84
C PHE D 893 -10.11 -46.09 -42.16
N THR D 894 -10.59 -46.96 -41.27
CA THR D 894 -11.77 -46.67 -40.47
C THR D 894 -11.62 -45.43 -39.64
N TYR D 895 -10.40 -45.13 -39.19
CA TYR D 895 -10.15 -43.89 -38.49
C TYR D 895 -10.31 -42.70 -39.42
N ALA D 896 -9.84 -42.83 -40.65
CA ALA D 896 -9.97 -41.74 -41.62
C ALA D 896 -11.43 -41.40 -41.85
N ILE D 897 -12.26 -42.42 -42.02
CA ILE D 897 -13.69 -42.24 -42.20
C ILE D 897 -14.28 -41.47 -41.02
N GLU D 898 -13.85 -41.81 -39.81
CA GLU D 898 -14.26 -41.04 -38.64
C GLU D 898 -13.85 -39.59 -38.74
N LYS D 899 -12.76 -39.28 -39.44
CA LYS D 899 -12.31 -37.92 -39.57
C LYS D 899 -13.03 -37.18 -40.69
N VAL D 900 -13.56 -37.91 -41.68
CA VAL D 900 -14.36 -37.28 -42.72
C VAL D 900 -15.73 -36.92 -42.17
N ARG D 901 -16.43 -37.90 -41.63
CA ARG D 901 -17.74 -37.70 -41.04
C ARG D 901 -17.68 -36.66 -39.91
N GLU D 902 -16.53 -36.53 -39.27
CA GLU D 902 -16.31 -35.47 -38.29
C GLU D 902 -16.34 -34.10 -38.93
N VAL D 903 -16.07 -34.02 -40.23
CA VAL D 903 -16.05 -32.75 -40.94
C VAL D 903 -17.44 -32.44 -41.47
N PHE D 904 -17.97 -33.33 -42.31
CA PHE D 904 -19.25 -33.10 -42.96
C PHE D 904 -20.37 -32.86 -41.96
N MET D 905 -20.35 -33.57 -40.83
CA MET D 905 -21.36 -33.40 -39.80
C MET D 905 -20.88 -32.46 -38.71
N SER D 906 -20.02 -31.51 -39.07
CA SER D 906 -19.56 -30.50 -38.14
C SER D 906 -20.60 -29.42 -37.95
N GLU D 907 -20.41 -28.61 -36.90
CA GLU D 907 -21.38 -27.58 -36.57
C GLU D 907 -21.43 -26.48 -37.64
N ALA D 908 -20.28 -26.16 -38.21
CA ALA D 908 -20.15 -25.07 -39.17
C ALA D 908 -21.09 -25.24 -40.37
N GLY D 909 -21.26 -24.17 -41.13
CA GLY D 909 -22.22 -24.11 -42.21
C GLY D 909 -21.61 -24.43 -43.56
N LYS D 910 -21.28 -23.40 -44.32
CA LYS D 910 -20.65 -23.59 -45.63
C LYS D 910 -19.41 -24.46 -45.49
N ILE D 911 -19.24 -25.39 -46.45
CA ILE D 911 -18.16 -26.35 -46.39
C ILE D 911 -16.81 -25.65 -46.28
N SER D 912 -16.66 -24.50 -46.95
CA SER D 912 -15.42 -23.76 -46.87
C SER D 912 -15.12 -23.31 -45.45
N GLN D 913 -16.14 -23.23 -44.60
CA GLN D 913 -15.93 -22.93 -43.19
C GLN D 913 -15.74 -24.21 -42.37
N LYS D 914 -16.33 -25.33 -42.81
CA LYS D 914 -16.05 -26.61 -42.18
C LYS D 914 -14.61 -27.04 -42.41
N ILE D 915 -14.05 -26.64 -43.54
CA ILE D 915 -12.72 -27.02 -43.99
C ILE D 915 -11.71 -25.97 -43.53
N LYS D 916 -12.11 -25.15 -42.54
CA LYS D 916 -11.28 -24.08 -42.02
C LYS D 916 -11.19 -24.12 -40.50
N VAL D 917 -12.02 -24.91 -39.83
CA VAL D 917 -11.96 -25.10 -38.38
C VAL D 917 -11.28 -26.42 -38.07
N TRP D 918 -11.53 -27.42 -38.89
CA TRP D 918 -10.93 -28.74 -38.71
C TRP D 918 -9.47 -28.77 -39.16
N PHE D 919 -9.02 -27.79 -39.94
CA PHE D 919 -7.62 -27.64 -40.28
C PHE D 919 -6.92 -26.56 -39.47
N SER D 920 -7.60 -25.99 -38.47
CA SER D 920 -6.99 -25.08 -37.52
C SER D 920 -6.67 -25.80 -36.22
N ASP D 921 -6.25 -27.05 -36.34
CA ASP D 921 -6.05 -27.97 -35.23
C ASP D 921 -4.80 -28.78 -35.51
N TYR D 922 -3.87 -28.79 -34.56
CA TYR D 922 -2.55 -29.36 -34.81
C TYR D 922 -2.64 -30.83 -35.13
N PHE D 923 -3.60 -31.54 -34.57
CA PHE D 923 -3.67 -32.98 -34.71
C PHE D 923 -4.55 -33.41 -35.85
N ASN D 924 -5.39 -32.53 -36.38
CA ASN D 924 -6.20 -32.87 -37.52
C ASN D 924 -5.44 -32.64 -38.82
N VAL D 925 -4.47 -31.72 -38.79
CA VAL D 925 -3.48 -31.64 -39.84
C VAL D 925 -2.57 -32.85 -39.80
N SER D 926 -2.05 -33.16 -38.63
CA SER D 926 -1.13 -34.27 -38.45
C SER D 926 -1.75 -35.61 -38.76
N ASP D 927 -3.06 -35.75 -38.58
CA ASP D 927 -3.77 -36.90 -39.11
C ASP D 927 -3.81 -36.92 -40.62
N THR D 928 -4.25 -35.83 -41.23
CA THR D 928 -4.26 -35.66 -42.66
C THR D 928 -2.91 -36.00 -43.27
N ILE D 929 -1.82 -35.54 -42.65
CA ILE D 929 -0.49 -35.84 -43.15
C ILE D 929 -0.15 -37.30 -42.91
N ALA D 930 -0.72 -37.91 -41.88
CA ALA D 930 -0.40 -39.27 -41.50
C ALA D 930 -1.31 -40.30 -42.15
N ILE D 931 -2.54 -39.93 -42.48
CA ILE D 931 -3.44 -40.83 -43.19
C ILE D 931 -3.14 -40.81 -44.67
N ILE D 932 -2.84 -39.63 -45.22
CA ILE D 932 -2.38 -39.53 -46.60
C ILE D 932 -1.07 -40.23 -46.80
N SER D 933 -0.15 -40.13 -45.85
CA SER D 933 1.17 -40.70 -45.99
C SER D 933 1.21 -42.21 -45.86
N PHE D 934 0.42 -42.78 -44.96
CA PHE D 934 0.39 -44.23 -44.81
C PHE D 934 -0.13 -44.92 -46.06
N PHE D 935 -0.96 -44.23 -46.83
CA PHE D 935 -1.53 -44.78 -48.04
C PHE D 935 -0.67 -44.49 -49.27
N VAL D 936 0.29 -43.58 -49.16
CA VAL D 936 1.44 -43.61 -50.03
C VAL D 936 2.33 -44.79 -49.67
N GLY D 937 2.41 -45.12 -48.39
CA GLY D 937 3.22 -46.22 -47.93
C GLY D 937 2.62 -47.56 -48.26
N PHE D 938 1.33 -47.73 -47.98
CA PHE D 938 0.67 -48.96 -48.37
C PHE D 938 0.59 -49.11 -49.87
N GLY D 939 0.52 -47.99 -50.59
CA GLY D 939 0.49 -48.05 -52.03
C GLY D 939 1.78 -48.62 -52.60
N LEU D 940 2.91 -48.11 -52.14
CA LEU D 940 4.21 -48.54 -52.65
C LEU D 940 4.71 -49.82 -52.00
N ARG D 941 4.06 -50.29 -50.94
CA ARG D 941 4.43 -51.53 -50.27
C ARG D 941 3.68 -52.74 -50.81
N PHE D 942 2.38 -52.61 -50.99
CA PHE D 942 1.58 -53.65 -51.60
C PHE D 942 1.71 -53.61 -53.11
N GLY D 943 1.79 -52.42 -53.69
CA GLY D 943 2.00 -52.23 -55.10
C GLY D 943 3.46 -52.22 -55.50
N ALA D 944 4.09 -53.39 -55.57
CA ALA D 944 5.50 -53.44 -55.92
C ALA D 944 5.87 -54.84 -56.39
N LYS D 945 7.06 -54.96 -56.97
CA LYS D 945 7.41 -56.16 -57.74
C LYS D 945 8.08 -57.21 -56.88
N TRP D 946 8.71 -56.80 -55.77
CA TRP D 946 9.19 -57.77 -54.79
C TRP D 946 10.21 -58.73 -55.37
N ASN D 947 11.48 -58.30 -55.49
CA ASN D 947 12.54 -58.99 -56.23
C ASN D 947 12.64 -60.50 -55.97
N TYR D 948 12.04 -61.04 -54.90
CA TYR D 948 11.95 -62.49 -54.66
C TYR D 948 13.30 -63.10 -54.28
N ILE D 949 14.30 -62.25 -54.04
CA ILE D 949 15.64 -62.71 -53.70
C ILE D 949 16.02 -62.04 -52.38
N ASN D 950 15.84 -60.73 -52.30
CA ASN D 950 16.03 -59.96 -51.08
C ASN D 950 15.13 -58.76 -51.19
N ALA D 951 14.33 -58.50 -50.15
CA ALA D 951 13.72 -57.20 -50.04
C ALA D 951 14.81 -56.17 -49.79
N TYR D 952 14.43 -54.91 -49.80
CA TYR D 952 15.37 -53.79 -49.80
C TYR D 952 16.32 -53.82 -50.99
N ASP D 953 15.87 -54.43 -52.09
CA ASP D 953 16.48 -54.23 -53.39
C ASP D 953 15.45 -53.67 -54.38
N ASN D 954 14.24 -53.37 -53.92
CA ASN D 954 13.23 -52.64 -54.66
C ASN D 954 13.00 -51.33 -53.92
N HIS D 955 13.54 -50.25 -54.47
CA HIS D 955 13.46 -48.93 -53.83
C HIS D 955 12.03 -48.46 -53.67
N VAL D 956 11.13 -49.03 -54.45
CA VAL D 956 9.71 -48.80 -54.25
C VAL D 956 9.27 -49.40 -52.92
N PHE D 957 9.62 -50.65 -52.68
CA PHE D 957 9.30 -51.31 -51.43
C PHE D 957 9.94 -50.60 -50.25
N VAL D 958 11.24 -50.34 -50.37
CA VAL D 958 12.02 -49.58 -49.39
C VAL D 958 11.29 -48.31 -49.03
N ALA D 959 10.90 -47.58 -50.07
CA ALA D 959 10.25 -46.30 -49.88
C ALA D 959 9.00 -46.45 -49.04
N GLY D 960 8.13 -47.39 -49.42
CA GLY D 960 6.84 -47.50 -48.76
C GLY D 960 6.97 -47.83 -47.29
N ARG D 961 8.03 -48.53 -46.93
CA ARG D 961 8.31 -48.82 -45.54
C ARG D 961 8.74 -47.56 -44.79
N LEU D 962 9.81 -46.93 -45.26
CA LEU D 962 10.33 -45.71 -44.64
C LEU D 962 9.26 -44.64 -44.49
N ILE D 963 8.22 -44.69 -45.32
CA ILE D 963 7.00 -43.97 -45.02
C ILE D 963 6.37 -44.46 -43.73
N TYR D 964 6.29 -45.79 -43.52
CA TYR D 964 5.73 -46.29 -42.27
C TYR D 964 6.58 -45.90 -41.09
N CYS D 965 7.89 -46.15 -41.20
CA CYS D 965 8.79 -45.98 -40.07
C CYS D 965 8.96 -44.52 -39.67
N LEU D 966 8.44 -43.59 -40.46
CA LEU D 966 8.47 -42.16 -40.17
C LEU D 966 7.10 -41.64 -39.83
N ASN D 967 6.07 -42.17 -40.48
CA ASN D 967 4.70 -41.81 -40.14
C ASN D 967 4.39 -42.13 -38.70
N ILE D 968 5.04 -43.14 -38.16
CA ILE D 968 4.92 -43.56 -36.77
C ILE D 968 5.08 -42.39 -35.81
N ILE D 969 5.92 -41.43 -36.17
CA ILE D 969 6.16 -40.31 -35.28
C ILE D 969 4.90 -39.47 -35.14
N PHE D 970 4.03 -39.48 -36.15
CA PHE D 970 2.77 -38.78 -36.01
C PHE D 970 1.88 -39.46 -35.00
N TRP D 971 2.10 -40.76 -34.77
CA TRP D 971 1.19 -41.56 -33.99
C TRP D 971 1.64 -41.77 -32.54
N TYR D 972 2.93 -41.63 -32.23
CA TYR D 972 3.34 -41.52 -30.85
C TYR D 972 3.09 -40.13 -30.32
N VAL D 973 3.35 -39.12 -31.13
CA VAL D 973 3.12 -37.74 -30.75
C VAL D 973 1.66 -37.46 -30.46
N ARG D 974 0.77 -38.30 -30.97
CA ARG D 974 -0.65 -38.09 -30.76
C ARG D 974 -1.08 -38.47 -29.35
N LEU D 975 -0.29 -39.27 -28.65
CA LEU D 975 -0.58 -39.63 -27.27
C LEU D 975 -0.55 -38.43 -26.34
N LEU D 976 -0.06 -37.31 -26.82
CA LEU D 976 -0.17 -36.05 -26.12
C LEU D 976 -1.55 -35.45 -26.25
N ASP D 977 -2.33 -35.91 -27.23
CA ASP D 977 -3.76 -35.59 -27.27
C ASP D 977 -4.50 -36.36 -26.19
N PHE D 978 -3.97 -37.53 -25.82
CA PHE D 978 -4.55 -38.35 -24.77
C PHE D 978 -3.98 -37.99 -23.40
N LEU D 979 -2.69 -37.70 -23.35
CA LEU D 979 -2.03 -37.41 -22.09
C LEU D 979 -2.39 -36.04 -21.57
N ALA D 980 -2.85 -35.14 -22.43
CA ALA D 980 -3.24 -33.81 -22.01
C ALA D 980 -4.61 -33.78 -21.37
N VAL D 981 -5.30 -34.91 -21.31
CA VAL D 981 -6.57 -35.00 -20.61
C VAL D 981 -6.39 -34.68 -19.13
N ASN D 982 -5.23 -34.98 -18.58
CA ASN D 982 -4.98 -34.78 -17.17
C ASN D 982 -4.75 -33.32 -16.85
N GLN D 983 -5.17 -32.93 -15.66
CA GLN D 983 -5.06 -31.56 -15.18
C GLN D 983 -3.64 -31.15 -14.85
N GLN D 984 -2.72 -32.10 -14.75
CA GLN D 984 -1.31 -31.81 -14.54
C GLN D 984 -0.50 -31.91 -15.82
N ALA D 985 -0.80 -32.85 -16.69
CA ALA D 985 -0.05 -33.06 -17.91
C ALA D 985 -0.44 -32.15 -19.05
N GLY D 986 -1.71 -31.75 -19.12
CA GLY D 986 -2.19 -30.88 -20.15
C GLY D 986 -1.33 -29.66 -20.35
N PRO D 987 -1.17 -28.86 -19.31
CA PRO D 987 -0.33 -27.66 -19.40
C PRO D 987 1.05 -27.90 -19.96
N TYR D 988 1.81 -28.85 -19.43
CA TYR D 988 3.14 -29.15 -19.93
C TYR D 988 3.13 -29.52 -21.41
N VAL D 989 2.02 -30.08 -21.89
CA VAL D 989 1.87 -30.31 -23.32
C VAL D 989 1.56 -29.02 -24.05
N MET D 990 0.83 -28.11 -23.43
CA MET D 990 0.45 -26.86 -24.05
C MET D 990 1.50 -25.78 -23.85
N MET D 991 2.66 -26.13 -23.27
CA MET D 991 3.80 -25.23 -23.15
C MET D 991 4.82 -25.46 -24.23
N ILE D 992 4.97 -26.70 -24.65
CA ILE D 992 5.94 -27.08 -25.67
C ILE D 992 5.61 -26.45 -27.01
N GLY D 993 4.42 -25.91 -27.18
CA GLY D 993 4.12 -25.04 -28.28
C GLY D 993 4.60 -23.62 -28.05
N LYS D 994 4.40 -23.11 -26.85
CA LYS D 994 4.73 -21.73 -26.54
C LYS D 994 6.18 -21.52 -26.17
N MET D 995 7.00 -22.56 -26.24
CA MET D 995 8.43 -22.45 -25.98
C MET D 995 9.16 -22.67 -27.28
N VAL D 996 8.65 -23.57 -28.10
CA VAL D 996 9.13 -23.74 -29.47
C VAL D 996 8.84 -22.53 -30.32
N ALA D 997 7.76 -21.82 -30.05
CA ALA D 997 7.42 -20.65 -30.84
C ALA D 997 8.25 -19.47 -30.41
N ASN D 998 8.19 -19.13 -29.13
CA ASN D 998 8.92 -17.97 -28.65
C ASN D 998 10.38 -18.28 -28.36
N MET D 999 11.06 -19.04 -29.22
CA MET D 999 12.51 -19.02 -29.19
C MET D 999 13.10 -19.24 -30.56
N PHE D 1000 12.31 -19.02 -31.60
CA PHE D 1000 12.80 -19.15 -32.96
C PHE D 1000 13.98 -18.22 -33.20
N TYR D 1001 14.07 -17.13 -32.47
CA TYR D 1001 15.03 -16.08 -32.79
C TYR D 1001 16.35 -16.28 -32.08
N ILE D 1002 16.35 -16.92 -30.91
CA ILE D 1002 17.61 -17.34 -30.35
C ILE D 1002 18.22 -18.42 -31.19
N VAL D 1003 17.39 -19.30 -31.75
CA VAL D 1003 17.84 -20.51 -32.43
C VAL D 1003 18.32 -20.23 -33.84
N VAL D 1004 17.98 -19.08 -34.41
CA VAL D 1004 18.60 -18.62 -35.63
C VAL D 1004 19.96 -18.00 -35.31
N ILE D 1005 20.06 -17.28 -34.21
CA ILE D 1005 21.34 -16.79 -33.75
C ILE D 1005 22.26 -17.94 -33.44
N MET D 1006 21.71 -19.09 -33.06
CA MET D 1006 22.51 -20.26 -32.83
C MET D 1006 22.89 -21.00 -34.12
N ALA D 1007 22.36 -20.58 -35.26
CA ALA D 1007 22.71 -21.18 -36.55
C ALA D 1007 23.64 -20.32 -37.38
N LEU D 1008 23.75 -19.03 -37.10
CA LEU D 1008 24.83 -18.24 -37.67
C LEU D 1008 26.16 -18.68 -37.10
N VAL D 1009 26.21 -18.82 -35.79
CA VAL D 1009 27.42 -19.18 -35.07
C VAL D 1009 27.91 -20.54 -35.53
N LEU D 1010 26.99 -21.42 -35.83
CA LEU D 1010 27.26 -22.75 -36.35
C LEU D 1010 27.94 -22.69 -37.70
N LEU D 1011 27.55 -21.76 -38.55
CA LEU D 1011 28.14 -21.62 -39.88
C LEU D 1011 29.27 -20.60 -39.92
N SER D 1012 29.24 -19.63 -39.02
CA SER D 1012 30.42 -18.84 -38.74
C SER D 1012 31.62 -19.71 -38.42
N PHE D 1013 31.40 -20.86 -37.77
CA PHE D 1013 32.45 -21.80 -37.42
C PHE D 1013 32.62 -22.94 -38.40
N GLY D 1014 31.52 -23.45 -38.97
CA GLY D 1014 31.63 -24.61 -39.83
C GLY D 1014 32.23 -24.34 -41.18
N VAL D 1015 32.12 -23.12 -41.67
CA VAL D 1015 32.65 -22.78 -42.98
C VAL D 1015 34.14 -22.52 -42.91
N PRO D 1016 34.66 -21.79 -41.91
CA PRO D 1016 36.10 -21.67 -41.81
C PRO D 1016 36.82 -22.98 -41.57
N ARG D 1017 36.23 -23.86 -40.79
CA ARG D 1017 36.89 -25.11 -40.42
C ARG D 1017 36.95 -26.07 -41.57
N LYS D 1018 35.88 -26.18 -42.34
CA LYS D 1018 35.90 -27.07 -43.48
C LYS D 1018 36.74 -26.50 -44.61
N ALA D 1019 36.96 -25.19 -44.59
CA ALA D 1019 37.84 -24.53 -45.53
C ALA D 1019 39.30 -24.65 -45.14
N ILE D 1020 39.58 -24.52 -43.84
CA ILE D 1020 40.94 -24.58 -43.34
C ILE D 1020 41.48 -26.01 -43.30
N LEU D 1021 40.62 -27.02 -43.16
CA LEU D 1021 41.04 -28.39 -42.93
C LEU D 1021 41.03 -29.26 -44.16
N TYR D 1022 40.10 -29.02 -45.09
CA TYR D 1022 39.94 -29.81 -46.31
C TYR D 1022 40.09 -28.90 -47.51
N PRO D 1023 41.29 -28.41 -47.80
CA PRO D 1023 41.44 -27.36 -48.79
C PRO D 1023 41.65 -27.82 -50.23
N HIS D 1024 40.96 -28.87 -50.64
CA HIS D 1024 41.12 -29.39 -51.99
C HIS D 1024 39.80 -29.91 -52.52
N GLU D 1025 38.71 -29.48 -51.89
CA GLU D 1025 37.42 -30.11 -52.12
C GLU D 1025 36.77 -29.53 -53.37
N GLU D 1026 36.54 -30.37 -54.32
CA GLU D 1026 35.71 -29.99 -55.45
C GLU D 1026 34.30 -29.74 -54.96
N PRO D 1027 33.45 -29.12 -55.77
CA PRO D 1027 32.06 -28.94 -55.36
C PRO D 1027 31.37 -30.26 -55.09
N SER D 1028 30.60 -30.30 -54.01
CA SER D 1028 30.02 -31.54 -53.52
C SER D 1028 28.86 -31.19 -52.61
N TRP D 1029 27.99 -32.16 -52.41
CA TRP D 1029 26.95 -32.04 -51.40
C TRP D 1029 27.47 -32.31 -50.00
N SER D 1030 28.64 -32.92 -49.86
CA SER D 1030 29.24 -33.10 -48.55
C SER D 1030 29.65 -31.79 -47.93
N LEU D 1031 29.85 -30.76 -48.75
CA LEU D 1031 30.14 -29.43 -48.25
C LEU D 1031 28.92 -28.73 -47.69
N ALA D 1032 27.77 -29.39 -47.68
CA ALA D 1032 26.55 -28.90 -47.08
C ALA D 1032 26.20 -29.59 -45.79
N LYS D 1033 26.75 -30.79 -45.57
CA LYS D 1033 26.66 -31.50 -44.31
C LYS D 1033 27.78 -31.11 -43.37
N ASP D 1034 29.01 -31.11 -43.85
CA ASP D 1034 30.16 -30.99 -42.99
C ASP D 1034 30.42 -29.58 -42.51
N ILE D 1035 29.68 -28.60 -43.02
CA ILE D 1035 29.63 -27.27 -42.45
C ILE D 1035 28.51 -27.12 -41.45
N VAL D 1036 27.72 -28.17 -41.24
CA VAL D 1036 26.57 -28.11 -40.35
C VAL D 1036 26.53 -29.30 -39.39
N PHE D 1037 27.34 -30.33 -39.65
CA PHE D 1037 27.18 -31.59 -38.96
C PHE D 1037 27.86 -31.57 -37.60
N HIS D 1038 29.18 -31.56 -37.56
CA HIS D 1038 29.89 -31.56 -36.28
C HIS D 1038 29.60 -30.33 -35.44
N PRO D 1039 29.46 -29.14 -35.98
CA PRO D 1039 29.12 -28.00 -35.14
C PRO D 1039 27.75 -28.04 -34.51
N TYR D 1040 26.92 -29.01 -34.88
CA TYR D 1040 25.65 -29.21 -34.24
C TYR D 1040 25.71 -30.22 -33.12
N TRP D 1041 26.60 -31.18 -33.24
CA TRP D 1041 26.77 -32.18 -32.22
C TRP D 1041 27.67 -31.71 -31.08
N MET D 1042 28.43 -30.64 -31.30
CA MET D 1042 29.14 -29.89 -30.27
C MET D 1042 28.24 -29.21 -29.26
N ILE D 1043 27.10 -28.66 -29.70
CA ILE D 1043 26.12 -28.07 -28.82
C ILE D 1043 25.68 -29.04 -27.74
N PHE D 1044 25.80 -30.33 -27.99
CA PHE D 1044 25.39 -31.39 -27.10
C PHE D 1044 26.56 -32.07 -26.42
N GLY D 1045 27.69 -31.38 -26.34
CA GLY D 1045 28.80 -31.81 -25.55
C GLY D 1045 29.79 -32.72 -26.21
N GLU D 1046 29.62 -33.03 -27.50
CA GLU D 1046 30.59 -33.84 -28.22
C GLU D 1046 31.61 -32.92 -28.86
N VAL D 1047 32.80 -32.92 -28.27
CA VAL D 1047 33.84 -31.94 -28.57
C VAL D 1047 34.75 -32.37 -29.69
N TYR D 1048 34.73 -33.65 -30.03
CA TYR D 1048 35.60 -34.24 -31.04
C TYR D 1048 37.05 -33.91 -30.70
N ALA D 1049 37.42 -34.38 -29.52
CA ALA D 1049 38.62 -33.95 -28.84
C ALA D 1049 39.86 -34.49 -29.50
N TYR D 1050 39.76 -35.66 -30.12
CA TYR D 1050 40.85 -36.25 -30.87
C TYR D 1050 40.73 -35.93 -32.36
N GLU D 1051 40.11 -34.81 -32.68
CA GLU D 1051 40.08 -34.24 -34.02
C GLU D 1051 40.42 -32.77 -34.04
N ILE D 1052 40.43 -32.12 -32.87
CA ILE D 1052 41.08 -30.84 -32.67
C ILE D 1052 42.59 -31.06 -32.74
N ASP D 1053 43.30 -30.11 -33.33
CA ASP D 1053 44.74 -30.17 -33.41
C ASP D 1053 45.13 -31.43 -34.17
N VAL D 1054 44.66 -31.52 -35.41
CA VAL D 1054 44.84 -32.70 -36.24
C VAL D 1054 46.29 -33.06 -36.47
N CYS D 1055 47.21 -32.14 -36.24
CA CYS D 1055 48.63 -32.41 -36.33
C CYS D 1055 49.21 -33.05 -35.08
N ALA D 1056 48.44 -33.08 -34.00
CA ALA D 1056 48.89 -33.69 -32.76
C ALA D 1056 49.13 -35.18 -32.93
N ASN D 1057 49.78 -35.77 -31.93
CA ASN D 1057 50.15 -37.18 -31.98
C ASN D 1057 49.01 -38.10 -31.58
N ASP D 1058 47.97 -37.58 -30.93
CA ASP D 1058 46.85 -38.39 -30.46
C ASP D 1058 45.66 -38.28 -31.40
N SER D 1059 45.89 -37.91 -32.65
CA SER D 1059 44.83 -37.51 -33.53
C SER D 1059 44.26 -38.71 -34.27
N THR D 1060 42.94 -38.70 -34.41
CA THR D 1060 42.21 -39.55 -35.34
C THR D 1060 42.31 -39.06 -36.77
N LEU D 1061 42.84 -37.86 -36.98
CA LEU D 1061 42.98 -37.25 -38.29
C LEU D 1061 44.43 -36.81 -38.48
N PRO D 1062 45.35 -37.76 -38.63
CA PRO D 1062 46.75 -37.40 -38.87
C PRO D 1062 47.05 -37.04 -40.32
N THR D 1063 46.09 -37.19 -41.21
CA THR D 1063 46.24 -36.88 -42.62
C THR D 1063 45.72 -35.51 -42.98
N ILE D 1064 44.99 -34.86 -42.08
CA ILE D 1064 44.40 -33.55 -42.30
C ILE D 1064 45.40 -32.47 -41.89
N CYS D 1065 46.58 -32.88 -41.42
CA CYS D 1065 47.58 -31.92 -40.99
C CYS D 1065 48.13 -31.18 -42.19
N GLY D 1066 48.07 -29.86 -42.15
CA GLY D 1066 48.55 -29.04 -43.22
C GLY D 1066 48.63 -27.59 -42.82
N PRO D 1067 48.88 -26.72 -43.78
CA PRO D 1067 48.95 -25.28 -43.47
C PRO D 1067 47.60 -24.74 -43.02
N GLY D 1068 47.62 -24.03 -41.91
CA GLY D 1068 46.47 -23.35 -41.39
C GLY D 1068 45.63 -24.13 -40.41
N THR D 1069 45.89 -25.42 -40.24
CA THR D 1069 45.07 -26.27 -39.41
C THR D 1069 45.35 -26.11 -37.92
N TRP D 1070 46.24 -25.20 -37.56
CA TRP D 1070 46.43 -24.79 -36.18
C TRP D 1070 45.43 -23.75 -35.73
N LEU D 1071 44.52 -23.32 -36.59
CA LEU D 1071 43.58 -22.27 -36.29
C LEU D 1071 42.27 -22.79 -35.74
N THR D 1072 41.94 -24.03 -36.03
CA THR D 1072 40.67 -24.61 -35.65
C THR D 1072 40.51 -24.81 -34.15
N PRO D 1073 41.55 -25.10 -33.37
CA PRO D 1073 41.36 -25.10 -31.92
C PRO D 1073 40.92 -23.77 -31.37
N PHE D 1074 41.38 -22.67 -31.94
CA PHE D 1074 40.95 -21.37 -31.50
C PHE D 1074 39.51 -21.08 -31.89
N LEU D 1075 39.17 -21.31 -33.15
CA LEU D 1075 37.82 -21.09 -33.62
C LEU D 1075 36.80 -21.86 -32.80
N GLN D 1076 37.18 -23.04 -32.36
CA GLN D 1076 36.26 -23.91 -31.64
C GLN D 1076 36.14 -23.50 -30.19
N ALA D 1077 37.24 -23.09 -29.58
CA ALA D 1077 37.23 -22.43 -28.29
C ALA D 1077 36.24 -21.29 -28.27
N VAL D 1078 36.35 -20.40 -29.25
CA VAL D 1078 35.43 -19.30 -29.41
C VAL D 1078 34.03 -19.81 -29.66
N TYR D 1079 33.90 -20.93 -30.38
CA TYR D 1079 32.60 -21.44 -30.77
C TYR D 1079 31.78 -21.91 -29.59
N LEU D 1080 32.34 -22.77 -28.76
CA LEU D 1080 31.59 -23.38 -27.69
C LEU D 1080 31.31 -22.46 -26.55
N PHE D 1081 32.23 -21.58 -26.24
CA PHE D 1081 31.98 -20.47 -25.35
C PHE D 1081 30.74 -19.69 -25.74
N VAL D 1082 30.40 -19.69 -27.02
CA VAL D 1082 29.18 -19.08 -27.51
C VAL D 1082 28.04 -20.08 -27.52
N GLN D 1083 28.27 -21.30 -27.98
CA GLN D 1083 27.23 -22.30 -28.16
C GLN D 1083 26.99 -23.21 -26.96
N TYR D 1084 27.66 -22.98 -25.84
CA TYR D 1084 27.44 -23.82 -24.67
C TYR D 1084 27.40 -22.99 -23.39
N ILE D 1085 27.85 -21.74 -23.44
CA ILE D 1085 27.97 -20.90 -22.25
C ILE D 1085 27.17 -19.63 -22.43
N ILE D 1086 27.32 -18.95 -23.57
CA ILE D 1086 26.50 -17.77 -23.84
C ILE D 1086 25.10 -18.17 -24.28
N MET D 1087 24.98 -18.95 -25.34
CA MET D 1087 23.69 -19.09 -26.01
C MET D 1087 22.82 -20.19 -25.41
N VAL D 1088 23.39 -21.36 -25.15
CA VAL D 1088 22.58 -22.43 -24.56
C VAL D 1088 22.19 -22.13 -23.13
N ASN D 1089 22.88 -21.21 -22.46
CA ASN D 1089 22.45 -20.71 -21.16
C ASN D 1089 21.67 -19.42 -21.28
N LEU D 1090 21.41 -18.94 -22.49
CA LEU D 1090 20.43 -17.89 -22.72
C LEU D 1090 19.05 -18.50 -22.85
N LEU D 1091 18.97 -19.70 -23.43
CA LEU D 1091 17.73 -20.46 -23.44
C LEU D 1091 17.22 -20.70 -22.03
N ILE D 1092 18.11 -21.22 -21.17
CA ILE D 1092 17.78 -21.56 -19.79
C ILE D 1092 17.20 -20.34 -19.13
N ALA D 1093 17.85 -19.21 -19.30
CA ALA D 1093 17.35 -17.98 -18.72
C ALA D 1093 16.10 -17.50 -19.43
N PHE D 1094 15.90 -17.89 -20.68
CA PHE D 1094 14.63 -17.57 -21.32
C PHE D 1094 13.50 -18.32 -20.64
N PHE D 1095 13.57 -19.65 -20.66
CA PHE D 1095 12.53 -20.49 -20.09
C PHE D 1095 12.26 -20.18 -18.63
N ASN D 1096 13.29 -19.97 -17.83
CA ASN D 1096 13.10 -19.75 -16.40
C ASN D 1096 12.31 -18.49 -16.11
N GLN D 1097 12.34 -17.52 -17.01
CA GLN D 1097 11.70 -16.23 -16.79
C GLN D 1097 10.40 -16.10 -17.55
N VAL D 1098 10.12 -17.02 -18.47
CA VAL D 1098 8.87 -17.08 -19.19
C VAL D 1098 8.04 -18.29 -18.75
N TYR D 1099 8.26 -18.78 -17.54
CA TYR D 1099 7.64 -20.02 -17.09
C TYR D 1099 6.28 -19.80 -16.44
N LEU D 1100 6.19 -18.87 -15.50
CA LEU D 1100 4.90 -18.57 -14.90
C LEU D 1100 3.91 -18.08 -15.93
N GLN D 1101 4.36 -17.24 -16.85
CA GLN D 1101 3.44 -16.52 -17.71
C GLN D 1101 3.04 -17.36 -18.92
N VAL D 1102 3.71 -18.51 -19.10
CA VAL D 1102 3.25 -19.51 -20.04
C VAL D 1102 2.51 -20.63 -19.35
N LYS D 1103 2.83 -20.88 -18.09
CA LYS D 1103 2.16 -21.92 -17.33
C LYS D 1103 0.77 -21.45 -16.93
N ALA D 1104 0.63 -20.17 -16.59
CA ALA D 1104 -0.67 -19.60 -16.32
C ALA D 1104 -1.56 -19.63 -17.56
N ILE D 1105 -1.03 -19.21 -18.70
CA ILE D 1105 -1.78 -19.27 -19.95
C ILE D 1105 -2.14 -20.71 -20.29
N SER D 1106 -1.12 -21.54 -20.46
CA SER D 1106 -1.29 -22.93 -20.91
C SER D 1106 -2.28 -23.72 -20.07
N ASN D 1107 -2.50 -23.35 -18.81
CA ASN D 1107 -3.65 -23.85 -18.09
C ASN D 1107 -4.94 -23.40 -18.74
N ILE D 1108 -5.00 -22.12 -19.10
CA ILE D 1108 -6.23 -21.52 -19.61
C ILE D 1108 -6.49 -22.01 -21.03
N VAL D 1109 -5.45 -22.13 -21.84
CA VAL D 1109 -5.61 -22.69 -23.17
C VAL D 1109 -5.98 -24.16 -23.08
N TRP D 1110 -5.60 -24.83 -22.00
CA TRP D 1110 -5.95 -26.22 -21.81
C TRP D 1110 -7.40 -26.34 -21.40
N LYS D 1111 -7.78 -25.59 -20.37
CA LYS D 1111 -9.14 -25.61 -19.86
C LYS D 1111 -10.14 -25.17 -20.92
N TYR D 1112 -9.70 -24.37 -21.88
CA TYR D 1112 -10.53 -24.00 -23.01
C TYR D 1112 -10.63 -25.10 -24.04
N GLN D 1113 -9.53 -25.76 -24.35
CA GLN D 1113 -9.51 -26.86 -25.29
C GLN D 1113 -10.17 -28.11 -24.74
N ARG D 1114 -10.37 -28.18 -23.43
CA ARG D 1114 -11.10 -29.29 -22.84
C ARG D 1114 -12.55 -29.29 -23.29
N TYR D 1115 -13.09 -28.11 -23.62
CA TYR D 1115 -14.43 -28.03 -24.19
C TYR D 1115 -14.50 -28.76 -25.52
N HIS D 1116 -13.67 -28.35 -26.48
CA HIS D 1116 -13.72 -28.90 -27.83
C HIS D 1116 -13.40 -30.39 -27.86
N PHE D 1117 -12.83 -30.92 -26.80
CA PHE D 1117 -12.41 -32.30 -26.68
C PHE D 1117 -13.53 -33.18 -26.13
N ILE D 1118 -14.09 -32.76 -25.00
CA ILE D 1118 -15.20 -33.48 -24.40
C ILE D 1118 -16.40 -33.50 -25.33
N MET D 1119 -16.76 -32.36 -25.86
CA MET D 1119 -17.89 -32.22 -26.75
C MET D 1119 -17.64 -32.81 -28.13
N ALA D 1120 -16.50 -33.45 -28.34
CA ALA D 1120 -16.28 -34.29 -29.49
C ALA D 1120 -16.51 -35.76 -29.21
N TYR D 1121 -16.27 -36.22 -27.97
CA TYR D 1121 -16.65 -37.57 -27.59
C TYR D 1121 -18.13 -37.68 -27.33
N HIS D 1122 -18.75 -36.59 -26.93
CA HIS D 1122 -20.19 -36.51 -26.72
C HIS D 1122 -20.98 -36.53 -28.04
N GLU D 1123 -20.28 -36.59 -29.17
CA GLU D 1123 -20.89 -36.84 -30.46
C GLU D 1123 -20.10 -37.89 -31.24
N LYS D 1124 -19.23 -38.62 -30.57
CA LYS D 1124 -18.40 -39.63 -31.20
C LYS D 1124 -19.09 -40.98 -31.11
N PRO D 1125 -18.82 -41.89 -32.04
CA PRO D 1125 -19.35 -43.24 -31.88
C PRO D 1125 -18.78 -43.94 -30.66
N VAL D 1126 -19.60 -44.84 -30.13
CA VAL D 1126 -19.22 -45.67 -29.01
C VAL D 1126 -18.00 -46.52 -29.31
N LEU D 1127 -17.88 -46.94 -30.49
CA LEU D 1127 -17.11 -48.10 -30.87
C LEU D 1127 -15.83 -47.67 -31.59
N PRO D 1128 -14.64 -48.18 -31.26
CA PRO D 1128 -13.44 -47.48 -31.62
C PRO D 1128 -13.09 -47.68 -33.08
N PRO D 1129 -12.06 -46.99 -33.57
CA PRO D 1129 -11.84 -46.91 -35.01
C PRO D 1129 -11.36 -48.19 -35.69
N PRO D 1130 -11.28 -49.34 -35.03
CA PRO D 1130 -11.27 -50.60 -35.81
C PRO D 1130 -12.64 -51.16 -36.09
N LEU D 1131 -13.59 -50.96 -35.17
CA LEU D 1131 -14.93 -51.51 -35.26
C LEU D 1131 -15.97 -50.43 -35.49
N ILE D 1132 -15.54 -49.16 -35.53
CA ILE D 1132 -16.43 -48.01 -35.75
C ILE D 1132 -17.22 -48.18 -37.04
N ILE D 1133 -16.67 -48.91 -38.01
CA ILE D 1133 -17.28 -49.09 -39.31
C ILE D 1133 -18.68 -49.69 -39.18
N LEU D 1134 -18.89 -50.50 -38.14
CA LEU D 1134 -20.22 -50.99 -37.82
C LEU D 1134 -21.14 -49.82 -37.50
N SER D 1135 -20.77 -49.01 -36.50
CA SER D 1135 -21.60 -47.86 -36.13
C SER D 1135 -21.77 -46.87 -37.26
N HIS D 1136 -20.84 -46.84 -38.22
CA HIS D 1136 -21.05 -46.02 -39.40
C HIS D 1136 -22.15 -46.60 -40.28
N ILE D 1137 -22.04 -47.89 -40.59
CA ILE D 1137 -23.00 -48.53 -41.48
C ILE D 1137 -24.40 -48.46 -40.89
N VAL D 1138 -24.50 -48.60 -39.57
CA VAL D 1138 -25.79 -48.46 -38.88
C VAL D 1138 -26.36 -47.08 -39.15
N SER D 1139 -25.55 -46.05 -38.92
CA SER D 1139 -26.03 -44.68 -39.09
C SER D 1139 -26.25 -44.36 -40.56
N LEU D 1140 -25.39 -44.86 -41.43
CA LEU D 1140 -25.53 -44.63 -42.87
C LEU D 1140 -26.77 -45.34 -43.40
N PHE D 1141 -26.83 -46.66 -43.20
CA PHE D 1141 -27.93 -47.49 -43.69
C PHE D 1141 -29.28 -46.93 -43.27
N CYS D 1142 -29.38 -46.47 -42.05
CA CYS D 1142 -30.66 -46.05 -41.48
C CYS D 1142 -30.99 -44.61 -41.85
N CYS D 1143 -29.99 -43.72 -41.83
CA CYS D 1143 -30.21 -42.34 -42.23
C CYS D 1143 -30.74 -42.24 -43.65
N VAL D 1144 -30.31 -43.17 -44.52
CA VAL D 1144 -30.87 -43.28 -45.86
C VAL D 1144 -32.25 -43.92 -45.85
N CYS D 1145 -32.57 -44.69 -44.80
CA CYS D 1145 -33.86 -45.37 -44.69
C CYS D 1145 -34.79 -44.69 -43.70
N LYS D 1146 -34.42 -44.57 -42.43
CA LYS D 1146 -35.28 -43.93 -41.44
C LYS D 1146 -35.19 -42.41 -41.57
N GLY D 1156 -27.13 -32.42 -31.50
CA GLY D 1156 -26.35 -32.16 -30.31
C GLY D 1156 -27.20 -32.18 -29.06
N PRO D 1157 -26.57 -31.97 -27.91
CA PRO D 1157 -27.32 -32.07 -26.65
C PRO D 1157 -28.22 -30.89 -26.34
N LYS D 1158 -29.08 -31.08 -25.36
CA LYS D 1158 -29.99 -30.05 -24.90
C LYS D 1158 -30.21 -30.24 -23.41
N LEU D 1159 -30.38 -29.13 -22.70
CA LEU D 1159 -30.66 -29.16 -21.27
C LEU D 1159 -32.17 -29.12 -21.10
N PHE D 1160 -32.76 -30.30 -20.96
CA PHE D 1160 -34.20 -30.46 -20.88
C PHE D 1160 -34.69 -30.05 -19.48
N LEU D 1161 -35.36 -28.91 -19.44
CA LEU D 1161 -36.04 -28.45 -18.23
C LEU D 1161 -37.53 -28.58 -18.39
N THR D 1162 -38.20 -28.70 -17.25
CA THR D 1162 -39.64 -28.53 -17.19
C THR D 1162 -39.96 -27.05 -17.09
N GLU D 1163 -41.18 -26.69 -17.46
CA GLU D 1163 -41.61 -25.30 -17.44
C GLU D 1163 -41.49 -24.70 -16.05
N GLU D 1164 -41.61 -25.55 -15.01
CA GLU D 1164 -41.43 -25.08 -13.65
C GLU D 1164 -39.97 -24.76 -13.36
N ASP D 1165 -39.05 -25.55 -13.92
CA ASP D 1165 -37.64 -25.33 -13.65
C ASP D 1165 -37.10 -24.16 -14.46
N GLN D 1166 -37.69 -23.89 -15.61
CA GLN D 1166 -37.31 -22.70 -16.38
C GLN D 1166 -37.53 -21.44 -15.57
N LYS D 1167 -38.55 -21.45 -14.73
CA LYS D 1167 -38.83 -20.30 -13.87
C LYS D 1167 -37.84 -20.22 -12.73
N LYS D 1168 -37.56 -21.36 -12.09
CA LYS D 1168 -36.64 -21.37 -10.95
C LYS D 1168 -35.25 -20.95 -11.38
N LEU D 1169 -34.84 -21.37 -12.56
CA LEU D 1169 -33.56 -20.92 -13.11
C LEU D 1169 -33.61 -19.44 -13.45
N HIS D 1170 -34.73 -19.01 -14.04
CA HIS D 1170 -34.91 -17.60 -14.36
C HIS D 1170 -34.82 -16.74 -13.11
N ASP D 1171 -35.37 -17.25 -12.01
CA ASP D 1171 -35.25 -16.58 -10.73
C ASP D 1171 -33.80 -16.52 -10.28
N PHE D 1172 -33.04 -17.56 -10.57
CA PHE D 1172 -31.65 -17.67 -10.13
C PHE D 1172 -30.81 -16.59 -10.79
N GLU D 1173 -31.00 -16.41 -12.10
CA GLU D 1173 -30.25 -15.42 -12.84
C GLU D 1173 -30.54 -14.02 -12.34
N GLU D 1174 -31.83 -13.70 -12.19
CA GLU D 1174 -32.27 -12.39 -11.71
C GLU D 1174 -31.57 -11.99 -10.43
N GLN D 1175 -31.70 -12.82 -9.40
CA GLN D 1175 -31.08 -12.51 -8.12
C GLN D 1175 -29.57 -12.37 -8.25
N CYS D 1176 -28.94 -13.28 -9.00
CA CYS D 1176 -27.49 -13.26 -9.10
C CYS D 1176 -26.97 -12.01 -9.81
N VAL D 1177 -27.74 -11.48 -10.76
CA VAL D 1177 -27.37 -10.21 -11.37
C VAL D 1177 -27.45 -9.10 -10.35
N GLU D 1178 -28.56 -9.05 -9.62
CA GLU D 1178 -28.83 -7.98 -8.67
C GLU D 1178 -27.76 -7.89 -7.60
N MET D 1179 -27.16 -9.03 -7.26
CA MET D 1179 -26.12 -9.06 -6.22
C MET D 1179 -24.81 -8.51 -6.76
N TYR D 1180 -24.46 -8.90 -7.98
CA TYR D 1180 -23.25 -8.47 -8.66
C TYR D 1180 -23.08 -6.96 -8.62
N PHE D 1181 -24.18 -6.25 -8.77
CA PHE D 1181 -24.16 -4.79 -8.72
C PHE D 1181 -24.14 -4.33 -7.27
N ASP D 1182 -24.96 -4.95 -6.44
CA ASP D 1182 -25.08 -4.53 -5.04
C ASP D 1182 -23.81 -4.80 -4.26
N GLU D 1183 -23.01 -5.77 -4.70
CA GLU D 1183 -21.74 -6.06 -4.04
C GLU D 1183 -20.67 -5.07 -4.48
N LYS D 1184 -20.53 -4.88 -5.79
CA LYS D 1184 -19.49 -3.99 -6.30
C LYS D 1184 -19.70 -2.56 -5.83
N ASP D 1185 -20.95 -2.12 -5.74
CA ASP D 1185 -21.26 -0.80 -5.21
C ASP D 1185 -20.74 -0.66 -3.79
N ASP D 1186 -20.80 -1.74 -3.01
CA ASP D 1186 -20.31 -1.69 -1.64
C ASP D 1186 -18.81 -1.88 -1.57
N LYS D 1187 -18.25 -2.74 -2.43
CA LYS D 1187 -16.81 -2.87 -2.54
C LYS D 1187 -16.14 -1.57 -2.96
N PHE D 1188 -16.88 -0.68 -3.60
CA PHE D 1188 -16.43 0.67 -3.92
C PHE D 1188 -16.68 1.65 -2.79
N ASN D 1189 -17.88 1.62 -2.20
CA ASN D 1189 -18.21 2.53 -1.12
C ASN D 1189 -17.53 2.16 0.19
N SER D 1190 -17.12 0.89 0.35
CA SER D 1190 -16.49 0.47 1.59
C SER D 1190 -14.97 0.66 1.53
N GLY D 1191 -14.41 0.71 0.33
CA GLY D 1191 -12.98 0.95 0.16
C GLY D 1191 -12.50 2.22 0.82
N SER D 1192 -11.22 2.24 1.20
CA SER D 1192 -10.67 3.38 1.92
C SER D 1192 -10.56 4.60 1.03
N GLU D 1193 -10.01 4.43 -0.18
CA GLU D 1193 -9.86 5.50 -1.16
C GLU D 1193 -11.16 6.28 -1.35
N GLU D 1194 -12.29 5.58 -1.29
CA GLU D 1194 -13.58 6.22 -1.45
C GLU D 1194 -14.00 6.95 -0.19
N ARG D 1195 -13.71 6.38 0.97
CA ARG D 1195 -14.06 7.03 2.22
C ARG D 1195 -13.18 8.24 2.47
N ILE D 1196 -11.95 8.24 1.96
CA ILE D 1196 -11.11 9.42 2.01
C ILE D 1196 -11.69 10.52 1.13
N ARG D 1197 -12.17 10.15 -0.06
CA ARG D 1197 -12.78 11.12 -0.97
C ARG D 1197 -13.95 11.83 -0.31
N VAL D 1198 -14.89 11.06 0.23
CA VAL D 1198 -16.07 11.64 0.86
C VAL D 1198 -15.66 12.49 2.05
N THR D 1199 -14.95 11.87 3.01
CA THR D 1199 -14.39 12.53 4.18
C THR D 1199 -13.75 13.87 3.81
N PHE D 1200 -12.86 13.84 2.83
CA PHE D 1200 -12.27 15.05 2.29
C PHE D 1200 -13.33 16.06 1.88
N GLU D 1201 -14.25 15.64 1.02
CA GLU D 1201 -15.24 16.56 0.48
C GLU D 1201 -16.22 17.04 1.55
N ARG D 1202 -16.52 16.20 2.53
CA ARG D 1202 -17.33 16.65 3.65
C ARG D 1202 -16.58 17.70 4.44
N VAL D 1203 -15.37 17.34 4.89
CA VAL D 1203 -14.54 18.15 5.75
C VAL D 1203 -14.26 19.51 5.12
N GLU D 1204 -14.21 19.55 3.79
CA GLU D 1204 -14.22 20.85 3.10
C GLU D 1204 -15.50 21.59 3.44
N GLN D 1205 -16.63 20.94 3.20
CA GLN D 1205 -17.93 21.57 3.44
C GLN D 1205 -18.10 21.90 4.92
N MET D 1206 -17.56 21.05 5.79
CA MET D 1206 -17.70 21.26 7.23
C MET D 1206 -17.02 22.55 7.67
N SER D 1207 -15.81 22.77 7.17
CA SER D 1207 -15.03 23.97 7.44
C SER D 1207 -15.88 25.20 7.17
N ILE D 1208 -16.63 25.16 6.06
CA ILE D 1208 -17.47 26.28 5.65
C ILE D 1208 -18.61 26.47 6.64
N GLN D 1209 -19.38 25.41 6.89
CA GLN D 1209 -20.58 25.58 7.70
C GLN D 1209 -20.25 25.78 9.18
N ILE D 1210 -19.01 25.53 9.59
CA ILE D 1210 -18.59 25.86 10.96
C ILE D 1210 -18.24 27.33 11.03
N LYS D 1211 -17.34 27.78 10.13
CA LYS D 1211 -16.81 29.13 10.23
C LYS D 1211 -17.91 30.17 10.07
N GLU D 1212 -18.92 29.87 9.27
CA GLU D 1212 -20.05 30.79 9.15
C GLU D 1212 -20.81 30.86 10.46
N VAL D 1213 -20.96 29.73 11.17
CA VAL D 1213 -21.48 29.78 12.52
C VAL D 1213 -20.52 30.55 13.43
N GLY D 1214 -19.23 30.29 13.28
CA GLY D 1214 -18.21 31.00 14.03
C GLY D 1214 -18.32 32.50 13.85
N ASP D 1215 -18.63 32.92 12.63
CA ASP D 1215 -18.99 34.31 12.40
C ASP D 1215 -20.25 34.65 13.19
N ARG D 1216 -21.35 33.98 12.86
CA ARG D 1216 -22.67 34.32 13.39
C ARG D 1216 -22.71 34.33 14.91
N VAL D 1217 -22.08 33.33 15.54
CA VAL D 1217 -21.95 33.27 16.98
C VAL D 1217 -21.20 34.51 17.47
N ASN D 1218 -20.26 35.00 16.67
CA ASN D 1218 -19.52 36.21 17.08
C ASN D 1218 -20.38 37.47 16.91
N TYR D 1219 -21.54 37.35 16.24
CA TYR D 1219 -22.47 38.47 16.16
C TYR D 1219 -23.52 38.41 17.26
N ILE D 1220 -23.91 37.19 17.65
CA ILE D 1220 -24.85 37.03 18.76
C ILE D 1220 -24.18 37.39 20.08
N LYS D 1221 -22.84 37.30 20.16
CA LYS D 1221 -22.16 37.74 21.37
C LYS D 1221 -22.07 39.26 21.45
N ARG D 1222 -21.51 39.92 20.42
CA ARG D 1222 -21.39 41.38 20.42
C ARG D 1222 -22.76 42.03 20.51
N SER D 1223 -23.79 41.34 20.03
CA SER D 1223 -25.15 41.76 20.30
C SER D 1223 -25.40 41.84 21.80
N LEU D 1224 -25.42 40.68 22.48
CA LEU D 1224 -25.92 40.64 23.85
C LEU D 1224 -25.02 41.41 24.81
N GLN D 1225 -23.79 41.70 24.41
CA GLN D 1225 -22.95 42.61 25.17
C GLN D 1225 -23.49 44.04 25.18
N SER D 1226 -24.48 44.36 24.33
CA SER D 1226 -24.96 45.72 24.15
C SER D 1226 -26.48 45.88 24.18
N LEU D 1227 -27.27 44.82 23.97
CA LEU D 1227 -28.72 44.97 23.93
C LEU D 1227 -29.24 45.48 25.28
N ASP D 1228 -29.10 44.67 26.32
CA ASP D 1228 -29.54 45.11 27.65
C ASP D 1228 -28.52 46.08 28.26
N SER D 1229 -27.24 45.88 27.97
CA SER D 1229 -26.16 46.74 28.48
C SER D 1229 -26.11 46.74 30.00
N POV E . 1.99 -37.99 1.89
P POV E . 4.14 -35.39 -1.66
C1 POV E . 5.90 -37.23 -1.10
C2 POV E . 6.36 -38.58 -1.53
C3 POV E . 7.33 -39.13 -0.51
C210 POV E . 12.91 -42.88 -7.84
C310 POV E . 17.84 -43.03 -4.90
C11 POV E . 2.32 -36.18 0.09
O11 POV E . 4.98 -36.68 -2.07
C211 POV E . 13.25 -42.14 -9.08
C311 POV E . 19.26 -43.36 -5.22
C12 POV E . 2.86 -37.40 0.80
O12 POV E . 2.78 -36.15 -1.28
C212 POV E . 14.17 -42.90 -10.00
C312 POV E . 19.39 -44.50 -6.18
C13 POV E . 0.85 -38.76 1.29
O13 POV E . 4.72 -34.76 -0.45
C213 POV E . 13.48 -44.00 -10.76
C313 POV E . 20.76 -44.61 -6.74
C14 POV E . 2.81 -38.93 2.72
O14 POV E . 3.93 -34.58 -2.88
C214 POV E . 14.13 -44.32 -12.08
C314 POV E . 21.18 -46.00 -7.05
C15 POV E . 1.44 -36.92 2.77
C215 POV E . 13.92 -43.26 -13.16
C315 POV E . 20.38 -46.68 -8.08
C216 POV E . 13.76 -43.82 -14.54
C316 POV E . 20.87 -48.05 -8.31
C217 POV E . 14.89 -44.67 -15.00
C218 POV E . 14.66 -45.28 -16.30
C21 POV E . 6.93 -39.17 -3.89
O21 POV E . 7.05 -38.35 -2.81
C22 POV E . 6.60 -40.60 -3.55
O22 POV E . 7.06 -38.80 -5.02
C23 POV E . 7.06 -41.56 -4.64
C24 POV E . 8.57 -41.58 -4.81
C25 POV E . 9.09 -42.57 -5.85
C26 POV E . 9.62 -43.86 -5.25
C27 POV E . 10.26 -44.82 -6.26
C28 POV E . 11.76 -44.65 -6.47
C29 POV E . 12.13 -43.94 -7.74
C31 POV E . 9.27 -40.49 -0.61
O31 POV E . 8.47 -39.63 -1.23
C32 POV E . 10.39 -40.95 -1.50
O32 POV E . 9.09 -40.86 0.52
C33 POV E . 10.71 -40.02 -2.67
C34 POV E . 11.57 -40.69 -3.71
C35 POV E . 13.04 -40.70 -3.39
C36 POV E . 13.83 -41.42 -4.46
C37 POV E . 15.12 -42.07 -3.98
C38 POV E . 16.35 -41.18 -4.07
C39 POV E . 17.66 -41.91 -3.92
H29 POV E . 11.77 -44.34 -8.56
H1 POV E . 5.47 -37.27 -0.23
H1A POV E . 6.68 -36.64 -1.03
H2 POV E . 5.57 -39.15 -1.58
H3 POV E . 6.90 -39.83 0.02
H3A POV E . 7.64 -38.42 0.09
H310 POV E . 17.38 -42.80 -5.73
H31A POV E . 17.41 -43.83 -4.55
H210 POV E . 13.35 -42.56 -7.04
H11 POV E . 1.34 -36.21 0.07
H11A POV E . 2.56 -35.37 0.58
H211 POV E . 12.41 -41.93 -9.54
H21A POV E . 13.65 -41.27 -8.88
H311 POV E . 19.70 -42.58 -5.60
H31B POV E . 19.71 -43.57 -4.38
H12 POV E . 3.70 -37.17 1.24
H12A POV E . 3.02 -38.11 0.15
H22 POV E . 7.05 -40.88 -2.73
H212 POV E . 14.59 -42.28 -10.62
H22A POV E . 5.63 -40.67 -3.43
H21B POV E . 14.88 -43.29 -9.46
H32 POV E . 11.19 -41.08 -0.96
H312 POV E . 19.16 -45.33 -5.73
H32A POV E . 10.09 -41.79 -1.88
H31C POV E . 18.77 -44.36 -6.90
H13 POV E . 0.24 -38.97 2.02
H13A POV E . 0.41 -38.20 0.62
H13B POV E . 1.19 -39.58 0.87
H23 POV E . 6.64 -41.30 -5.49
H213 POV E . 13.46 -44.81 -10.22
H23A POV E . 6.74 -42.46 -4.44
H21C POV E . 12.54 -43.76 -10.91
H33 POV E . 9.89 -39.73 -3.12
H313 POV E . 20.81 -44.07 -7.55
H33A POV E . 11.16 -39.23 -2.33
H31D POV E . 21.38 -44.23 -6.10
H14 POV E . 3.58 -39.24 2.21
H14A POV E . 3.09 -38.47 3.53
H14B POV E . 2.25 -39.69 2.97
H24 POV E . 8.88 -40.69 -5.06
H214 POV E . 15.08 -44.42 -11.93
H24A POV E . 8.97 -41.81 -3.95
H21D POV E . 13.80 -45.17 -12.42
H34 POV E . 11.27 -41.62 -3.85
H314 POV E . 22.10 -46.00 -7.35
H34A POV E . 11.45 -40.24 -4.57
H31E POV E . 21.14 -46.54 -6.24
H15 POV E . 2.14 -36.26 2.96
H15A POV E . 0.71 -36.47 2.31
H15B POV E . 1.11 -37.34 3.59
H25 POV E . 8.38 -42.78 -6.47
H215 POV E . 13.13 -42.74 -12.94
H25A POV E . 9.80 -42.14 -6.36
H21E POV E . 14.69 -42.66 -13.16
H35 POV E . 13.35 -39.78 -3.35
H315 POV E . 19.44 -46.71 -7.81
H35A POV E . 13.18 -41.11 -2.51
H31F POV E . 20.44 -46.18 -8.92
H26 POV E . 8.88 -44.33 -4.82
H216 POV E . 12.95 -44.37 -14.54
H26A POV E . 10.27 -43.65 -4.56
H21F POV E . 13.64 -43.10 -15.17
H36 POV E . 13.26 -42.12 -4.83
H316 POV E . 20.16 -48.71 -8.18
H36A POV E . 14.03 -40.79 -5.17
H31G POV E . 21.20 -48.14 -9.22
H31H POV E . 21.59 -48.27 -7.70
H27 POV E . 10.07 -45.73 -5.97
H217 POV E . 15.69 -44.11 -15.04
H27A POV E . 9.80 -44.70 -7.12
H21G POV E . 15.06 -45.39 -14.38
H37 POV E . 15.02 -42.37 -3.07
H37A POV E . 15.22 -42.89 -4.51
H28 POV E . 12.16 -44.20 -5.69
H218 POV E . 13.78 -45.06 -16.65
H28A POV E . 12.17 -45.53 -6.50
H21H POV E . 15.31 -44.95 -16.95
H21J POV E . 14.75 -46.25 -16.24
H38 POV E . 16.35 -40.71 -4.94
H38A POV E . 16.30 -40.49 -3.39
H39 POV E . 17.70 -42.28 -3.02
H39A POV E . 18.39 -41.28 -4.00
N POV F . 22.93 -74.89 -13.43
P POV F . 20.08 -75.29 -9.84
C1 POV F . 18.83 -73.46 -11.32
C2 POV F . 17.56 -73.05 -10.61
C3 POV F . 17.69 -71.65 -10.02
C210 POV F . 12.11 -68.91 -4.59
C310 POV F . 12.22 -61.23 -5.28
C11 POV F . 22.46 -74.70 -10.89
O11 POV F . 19.87 -73.80 -10.38
C211 POV F . 11.76 -68.22 -3.32
C311 POV F . 12.39 -60.35 -4.06
C12 POV F . 21.92 -74.74 -12.30
O12 POV F . 21.66 -75.50 -9.97
C212 POV F . 11.12 -66.87 -3.60
C312 POV F . 11.25 -60.43 -3.05
C13 POV F . 22.19 -74.62 -14.71
O13 POV F . 19.72 -75.33 -8.40
C213 POV F . 10.42 -66.22 -2.43
C313 POV F . 11.19 -59.21 -2.13
C14 POV F . 24.08 -73.92 -13.33
O14 POV F . 19.43 -76.24 -10.77
C214 POV F . 9.52 -65.08 -2.87
C314 POV F . 9.89 -59.04 -1.37
C15 POV F . 23.46 -76.28 -13.47
C215 POV F . 9.38 -63.97 -1.86
C315 POV F . 9.66 -57.60 -0.97
C216 POV F . 8.87 -64.43 -0.52
C316 POV F . 8.44 -57.39 -0.11
C217 POV F . 8.07 -63.36 0.20
C218 POV F . 7.72 -63.76 1.62
C21 POV F . 16.19 -74.26 -8.90
O21 POV F . 17.39 -74.02 -9.53
C22 POV F . 15.03 -73.41 -9.37
O22 POV F . 16.07 -75.09 -8.03
C23 POV F . 13.83 -73.50 -8.44
C24 POV F . 13.93 -72.55 -7.23
C25 POV F . 14.96 -72.96 -6.19
C26 POV F . 14.95 -72.10 -4.94
C27 POV F . 13.72 -72.27 -4.08
C28 POV F . 13.08 -70.97 -3.60
C29 POV F . 12.65 -70.09 -4.71
C31 POV F . 16.45 -69.54 -10.32
O31 POV F . 16.82 -70.77 -10.76
C32 POV F . 16.91 -69.19 -8.93
O32 POV F . 15.82 -68.78 -11.00
C33 POV F . 16.50 -67.80 -8.47
C34 POV F . 15.00 -67.59 -8.42
C35 POV F . 14.48 -66.85 -7.20
C36 POV F . 14.10 -65.41 -7.43
C37 POV F . 13.40 -64.79 -6.24
C38 POV F . 13.03 -63.34 -6.42
C39 POV F . 12.67 -62.66 -5.11
H29 POV F . 12.79 -70.45 -5.61
H1 POV F . 18.67 -74.23 -11.91
H1A POV F . 19.13 -72.71 -11.88
H2 POV F . 16.84 -73.03 -11.27
H3 POV F . 18.63 -71.36 -10.06
H3A POV F . 17.41 -71.76 -9.09
H310 POV F . 11.27 -61.24 -5.54
H31A POV F . 12.71 -60.83 -6.02
H210 POV F . 11.92 -68.41 -5.41
H11 POV F . 23.36 -75.07 -10.87
H11A POV F . 22.54 -73.78 -10.59
H211 POV F . 11.14 -68.78 -2.83
H21A POV F . 12.53 -68.11 -2.73
H311 POV F . 13.23 -60.58 -3.60
H31B POV F . 12.49 -59.42 -4.35
H12 POV F . 21.41 -73.93 -12.49
H12A POV F . 21.31 -75.51 -12.40
H22 POV F . 15.26 -72.47 -9.40
H212 POV F . 11.80 -66.25 -3.94
H22A POV F . 14.79 -73.72 -10.27
H21B POV F . 10.47 -66.97 -4.33
H32 POV F . 16.52 -69.83 -8.30
H312 POV F . 10.41 -60.54 -3.52
H32A POV F . 17.89 -69.23 -8.89
H31C POV F . 11.38 -61.23 -2.50
H13 POV F . 22.80 -74.83 -15.45
H13A POV F . 21.41 -75.21 -14.74
H13B POV F . 21.90 -73.69 -14.75
H23 POV F . 13.02 -73.28 -8.94
H213 POV F . 9.87 -66.88 -1.95
H23A POV F . 13.71 -74.42 -8.12
H21C POV F . 11.07 -65.88 -1.79
H33 POV F . 16.90 -67.65 -7.59
H313 POV F . 11.92 -59.27 -1.49
H33A POV F . 16.89 -67.14 -9.07
H31D POV F . 11.33 -58.40 -2.65
H14 POV F . 24.15 -73.44 -14.18
H14A POV F . 23.95 -73.29 -12.62
H14B POV F . 24.91 -74.43 -13.19
H24 POV F . 14.14 -71.65 -7.55
H214 POV F . 9.86 -64.72 -3.71
H24A POV F . 13.05 -72.49 -6.82
H21D POV F . 8.63 -65.45 -3.06
H34 POV F . 14.74 -67.09 -9.22
H314 POV F . 9.15 -59.36 -1.92
H34A POV F . 14.56 -68.46 -8.48
H31E POV F . 9.91 -59.60 -0.57
H15 POV F . 24.12 -76.37 -14.19
H15A POV F . 23.91 -76.48 -12.63
H15B POV F . 22.71 -76.90 -13.60
H25 POV F . 14.83 -73.89 -5.95
H215 POV F . 10.25 -63.54 -1.74
H25A POV F . 15.85 -72.89 -6.58
H21E POV F . 8.78 -63.28 -2.22
H35 POV F . 13.69 -67.32 -6.85
H315 POV F . 10.43 -57.28 -0.49
H35A POV F . 15.13 -66.87 -6.47
H31F POV F . 9.57 -57.06 -1.78
H26 POV F . 15.73 -72.34 -4.40
H216 POV F . 8.32 -65.22 -0.65
H26A POV F . 15.07 -71.17 -5.20
H21F POV F . 9.63 -64.69 0.02
H36 POV F . 14.91 -64.89 -7.63
H316 POV F . 7.63 -57.66 -0.58
H36A POV F . 13.52 -65.34 -8.21
H31G POV F . 8.51 -57.89 0.72
H31H POV F . 8.34 -56.44 0.12
H27 POV F . 13.05 -72.80 -4.56
H217 POV F . 8.58 -62.52 0.23
H27A POV F . 13.98 -72.80 -3.30
H21G POV F . 7.25 -63.17 -0.28
H37 POV F . 12.60 -65.30 -6.05
H37A POV F . 13.98 -64.88 -5.46
H28 POV F . 12.31 -71.17 -3.01
H218 POV F . 8.17 -64.59 1.87
H28A POV F . 13.70 -70.46 -3.05
H21H POV F . 8.00 -63.06 2.25
H21J POV F . 6.76 -63.88 1.71
H38 POV F . 13.77 -62.87 -6.84
H38A POV F . 12.27 -63.27 -7.03
H39 POV F . 13.45 -62.68 -4.52
H39A POV F . 11.96 -63.17 -4.68
C18 3FD G . 12.63 -40.35 2.17
C17 3FD G . 13.49 -41.21 1.50
C16 3FD G . 14.22 -40.76 0.44
CL20 3FD G . 15.34 -41.83 -0.40
C15 3FD G . 14.10 -39.47 0.02
C14 3FD G . 13.25 -38.62 0.67
C13 3FD G . 12.50 -39.05 1.74
C12 3FD G . 11.58 -38.05 2.42
N11 3FD G . 10.60 -38.62 3.32
C6 3FD G . 9.27 -38.06 3.41
N7 3FD G . 8.76 -37.20 2.55
C8 3FD G . 7.51 -36.88 2.95
C4 3FD G . 6.50 -36.05 2.45
N10 3FD G . 6.80 -35.30 1.25
N1 3FD G . 5.34 -35.96 3.07
C2 3FD G . 5.13 -36.67 4.17
N3 3FD G . 6.06 -37.48 4.66
C9 3FD G . 7.27 -37.60 4.07
N5 3FD G . 8.37 -38.34 4.34
C21 3FD G . 8.47 -39.14 5.36
O22 3FD G . 9.69 -38.77 6.23
C24 3FD G . 8.74 -40.64 4.97
O26 3FD G . 7.53 -41.47 5.23
C25 3FD G . 9.67 -41.02 5.72
O27 3FD G . 9.33 -42.25 6.38
C23 3FD G . 9.81 -39.85 6.88
C28 3FD G . 11.15 -39.91 7.50
O29 3FD G . 11.87 -38.82 6.98
C30 3FD G . 13.23 -38.82 7.29
C31 3FD G . 13.47 -37.99 8.54
C32 3FD G . 14.23 -38.50 9.54
C33 3FD G . 14.47 -37.77 10.68
C34 3FD G . 13.93 -36.52 10.82
C37 3FD G . 14.18 -35.73 12.08
N38 3FD G . 14.39 -35.15 13.02
C35 3FD G . 13.15 -36.00 9.81
C36 3FD G . 12.92 -36.73 8.67
CL21 3FD G . 15.07 -38.92 -1.36
H18 3FD G . 12.05 -40.70 3.00
H17 3FD G . 13.60 -42.23 1.83
H14 3FD G . 13.14 -37.61 0.33
H12 3FD G . 11.10 -37.47 1.64
H12A 3FD G . 12.19 -37.39 2.99
HN11 3FD G . 10.85 -39.38 3.92
HN10 3FD G . 7.72 -35.34 0.87
HN1A 3FD G . 6.08 -34.76 0.81
H2 3FD G . 4.18 -36.61 4.68
H21 3FD G . 7.59 -39.11 5.98
H24 3FD G . 9.03 -40.75 3.94
HO26 3FD G . 7.09 -41.64 4.42
H25 3FD G . 10.60 -41.11 5.19
HO27 3FD G . 8.74 -42.00 7.08
H23 3FD G . 9.03 -39.94 7.61
H28 3FD G . 11.60 -40.85 7.22
H28A 3FD G . 11.07 -39.84 8.57
H30 3FD G . 13.77 -38.38 6.47
H30A 3FD G . 13.59 -39.83 7.47
H32 3FD G . 14.67 -39.49 9.45
H33 3FD G . 15.07 -38.19 11.47
H35 3FD G . 12.73 -35.01 9.92
H36 3FD G . 12.31 -36.33 7.88
C1 CLR H . 14.20 -47.16 -5.08
C2 CLR H . 14.15 -46.21 -3.89
C3 CLR H . 14.21 -47.00 -2.60
C4 CLR H . 15.49 -47.79 -2.56
C5 CLR H . 15.65 -48.69 -3.76
C6 CLR H . 15.96 -49.97 -3.61
C7 CLR H . 16.22 -50.92 -4.73
C8 CLR H . 16.30 -50.26 -6.10
C9 CLR H . 15.26 -49.15 -6.20
C10 CLR H . 15.45 -48.04 -5.12
C11 CLR H . 15.14 -48.58 -7.62
C12 CLR H . 14.99 -49.65 -8.69
C13 CLR H . 16.10 -50.71 -8.62
C14 CLR H . 16.05 -51.28 -7.19
C15 CLR H . 16.92 -52.54 -7.27
C16 CLR H . 16.67 -53.08 -8.67
C17 CLR H . 15.85 -52.00 -9.43
C18 CLR H . 17.46 -50.09 -8.95
C19 CLR H . 16.68 -47.16 -5.42
C20 CLR H . 16.15 -52.03 -10.94
C21 CLR H . 15.55 -50.83 -11.68
C22 CLR H . 15.64 -53.31 -11.58
C23 CLR H . 16.54 -54.53 -11.52
C24 CLR H . 16.19 -55.56 -12.58
C25 CLR H . 14.77 -55.98 -12.57
C26 CLR H . 13.92 -55.23 -13.54
C27 CLR H . 14.61 -57.46 -12.76
O1 CLR H . 14.14 -46.13 -1.49
H11 CLR H . 13.39 -47.72 -5.06
H12 CLR H . 14.13 -46.62 -5.89
H21 CLR H . 14.89 -45.59 -3.93
H22 CLR H . 13.34 -45.67 -3.91
H3 CLR H . 13.45 -47.60 -2.57
H41 CLR H . 16.24 -47.17 -2.47
H42 CLR H . 15.51 -48.34 -1.75
H6 CLR H . 16.05 -50.35 -2.71
H71 CLR H . 17.05 -51.42 -4.52
H72 CLR H . 15.51 -51.59 -4.75
H8 CLR H . 17.19 -49.89 -6.19
H9 CLR H . 14.41 -49.57 -6.02
H111 CLR H . 14.35 -48.01 -7.69
H112 CLR H . 15.91 -48.03 -7.85
H121 CLR H . 14.12 -50.09 -8.57
H122 CLR H . 14.95 -49.20 -9.55
H14 CLR H . 15.13 -51.60 -7.05
H151 CLR H . 17.86 -52.33 -7.12
H152 CLR H . 16.66 -53.19 -6.59
H161 CLR H . 17.50 -53.25 -9.15
H162 CLR H . 16.18 -53.93 -8.60
H17 CLR H . 14.92 -52.23 -9.33
H181 CLR H . 17.71 -49.37 -8.35
H182 CLR H . 18.18 -50.74 -8.91
H183 CLR H . 17.49 -49.71 -9.84
H191 CLR H . 17.31 -47.60 -6.02
H192 CLR H . 16.42 -46.33 -5.85
H193 CLR H . 17.18 -46.95 -4.61
H20 CLR H . 17.12 -51.99 -11.06
H211 CLR H . 15.62 -50.92 -12.65
H212 CLR H . 14.60 -50.74 -11.43
H213 CLR H . 15.96 -49.98 -11.43
H221 CLR H . 14.77 -53.54 -11.21
H222 CLR H . 15.48 -53.17 -12.53
H231 CLR H . 17.48 -54.24 -11.61
H232 CLR H . 16.44 -54.96 -10.65
H241 CLR H . 16.41 -55.20 -13.46
H242 CLR H . 16.75 -56.34 -12.46
H25 CLR H . 14.42 -55.79 -11.67
H261 CLR H . 13.11 -55.72 -13.76
H262 CLR H . 13.64 -54.37 -13.16
H263 CLR H . 14.40 -55.05 -14.38
H271 CLR H . 13.71 -57.74 -12.52
H272 CLR H . 14.78 -57.70 -13.69
H273 CLR H . 15.24 -57.97 -12.20
H1 CLR H . 14.93 -45.85 -1.36
N POV I . 21.43 -70.45 -19.98
P POV I . 21.17 -68.16 -16.83
C1 POV I . 22.76 -66.05 -16.76
C2 POV I . 22.12 -64.86 -16.06
C3 POV I . 22.01 -65.08 -14.56
C210 POV I . 12.42 -60.11 -11.92
C310 POV I . 15.39 -59.01 -7.89
C11 POV I . 23.05 -69.11 -18.47
O11 POV I . 21.80 -66.84 -17.48
C211 POV I . 11.50 -59.51 -12.94
C311 POV I . 14.04 -58.33 -7.82
C12 POV I . 22.14 -69.14 -19.68
O12 POV I . 22.35 -69.18 -17.20
C212 POV I . 10.41 -58.61 -12.37
C312 POV I . 14.00 -56.97 -8.48
C13 POV I . 21.18 -71.31 -18.78
O13 POV I . 21.06 -68.00 -15.37
C213 POV I . 10.89 -57.23 -11.97
C313 POV I . 12.67 -56.27 -8.38
C14 POV I . 20.10 -70.11 -20.61
O14 POV I . 19.97 -68.50 -17.62
C214 POV I . 9.81 -56.17 -12.03
C314 POV I . 12.65 -54.90 -9.02
C15 POV I . 22.24 -71.23 -20.97
C215 POV I . 9.42 -55.81 -13.46
C315 POV I . 11.36 -54.12 -8.85
C216 POV I . 7.94 -55.72 -13.70
C316 POV I . 11.48 -52.66 -9.16
C217 POV I . 7.33 -54.39 -13.27
C218 POV I . 5.89 -54.25 -13.69
C21 POV I . 19.71 -65.12 -16.50
O21 POV I . 20.87 -64.49 -16.76
C22 POV I . 18.64 -64.65 -17.43
O22 POV I . 19.55 -65.95 -15.64
C23 POV I . 17.28 -64.50 -16.77
C24 POV I . 17.25 -63.42 -15.70
C25 POV I . 15.98 -62.60 -15.67
C26 POV I . 14.90 -63.20 -14.80
C27 POV I . 14.77 -62.53 -13.45
C28 POV I . 14.00 -61.23 -13.49
C29 POV I . 13.48 -60.84 -12.16
C31 POV I . 20.62 -64.64 -12.71
O31 POV I . 20.91 -64.34 -13.98
C32 POV I . 19.46 -63.87 -12.20
O32 POV I . 21.23 -65.47 -12.07
C33 POV I . 18.72 -64.68 -11.15
C34 POV I . 17.32 -64.20 -10.90
C35 POV I . 17.19 -62.73 -10.57
C36 POV I . 18.14 -62.26 -9.51
C37 POV I . 17.55 -61.16 -8.66
C38 POV I . 17.15 -59.93 -9.41
C39 POV I . 15.71 -59.57 -9.24
H29 POV I . 13.97 -61.20 -11.39
H1 POV I . 23.42 -65.74 -17.42
H1A POV I . 23.23 -66.61 -16.11
H2 POV I . 22.74 -64.11 -16.15
H3 POV I . 21.87 -66.03 -14.39
H3A POV I . 22.83 -64.77 -14.13
H310 POV I . 16.09 -58.37 -7.63
H31A POV I . 15.42 -59.74 -7.23
H210 POV I . 12.18 -59.92 -10.98
H11 POV I . 23.65 -69.88 -18.50
H11A POV I . 23.64 -68.33 -18.51
H211 POV I . 12.07 -58.99 -13.55
H21A POV I . 11.09 -60.21 -13.50
H311 POV I . 13.38 -58.90 -8.24
H31B POV I . 13.79 -58.24 -6.87
H12 POV I . 22.69 -68.97 -20.48
H12A POV I . 21.47 -68.44 -19.63
H22 POV I . 18.93 -63.79 -17.80
H212 POV I . 9.68 -58.54 -13.03
H22A POV I . 18.58 -65.30 -18.17
H21B POV I . 10.02 -59.04 -11.58
H32 POV I . 19.78 -63.04 -11.81
H312 POV I . 14.69 -56.41 -8.07
H32A POV I . 18.86 -63.67 -12.96
H31C POV I . 14.24 -57.06 -9.42
H13 POV I . 20.61 -72.06 -19.06
H13A POV I . 22.04 -71.66 -18.45
H13B POV I . 20.73 -70.80 -18.07
H23 POV I . 16.61 -64.31 -17.46
H213 POV I . 11.60 -56.96 -12.57
H23A POV I . 17.02 -65.37 -16.37
H21C POV I . 11.27 -57.27 -11.06
H33 POV I . 18.70 -65.61 -11.44
H313 POV I . 11.98 -56.82 -8.79
H33A POV I . 19.25 -64.65 -10.33
H31D POV I . 12.43 -56.17 -7.44
H14 POV I . 19.70 -70.94 -20.95
H14A POV I . 19.53 -69.72 -19.92
H14B POV I . 20.24 -69.48 -21.33
H24 POV I . 17.38 -63.85 -14.83
H214 POV I . 9.03 -56.47 -11.53
H24A POV I . 18.03 -62.83 -15.84
H21D POV I . 10.15 -55.37 -11.58
H34 POV I . 16.78 -64.40 -11.69
H314 POV I . 13.39 -54.38 -8.68
H34A POV I . 16.94 -64.73 -10.17
H31E POV I . 12.82 -55.01 -9.98
H15 POV I . 21.89 -72.15 -21.03
H15A POV I . 22.14 -70.81 -21.84
H15B POV I . 23.17 -71.22 -20.69
H25 POV I . 16.18 -61.71 -15.32
H215 POV I . 9.80 -56.47 -14.07
H25A POV I . 15.62 -62.47 -16.57
H21E POV I . 9.84 -54.96 -13.69
H35 POV I . 17.35 -62.21 -11.37
H315 POV I . 10.67 -54.51 -9.43
H35A POV I . 16.28 -62.54 -10.27
H31F POV I . 11.04 -54.23 -7.93
H26 POV I . 14.05 -63.14 -15.29
H216 POV I . 7.77 -55.85 -14.66
H26A POV I . 15.09 -64.15 -14.68
H21F POV I . 7.48 -56.45 -13.23
H36 POV I . 18.38 -63.00 -8.94
H316 POV I . 11.72 -52.52 -10.10
H36A POV I . 18.95 -61.92 -9.94
H31G POV I . 10.63 -52.19 -9.00
H31H POV I . 12.17 -52.24 -8.60
H27 POV I . 14.34 -63.13 -12.81
H217 POV I . 7.39 -54.30 -12.30
H27A POV I . 15.67 -62.35 -13.12
H21G POV I . 7.85 -53.66 -13.67
H37 POV I . 16.77 -61.51 -8.19
H37A POV I . 18.20 -60.91 -7.98
H28 POV I . 13.29 -61.27 -14.16
H218 POV I . 5.34 -54.91 -13.23
H28A POV I . 14.60 -60.51 -13.80
H21H POV I . 5.80 -54.39 -14.65
H21J POV I . 5.56 -53.36 -13.47
H38 POV I . 17.70 -59.19 -9.08
H38A POV I . 17.36 -60.03 -10.36
H39 POV I . 15.17 -60.37 -9.38
H39A POV I . 15.46 -58.93 -9.93
N POV J . -1.98 -37.65 -9.16
P POV J . -4.10 -40.05 -12.11
C1 POV J . -3.40 -39.67 -14.75
C2 POV J . -1.95 -40.05 -14.74
C3 POV J . -1.39 -40.23 -16.14
C210 POV J . 4.50 -39.71 -8.09
C310 POV J . 9.70 -43.55 -16.48
C11 POV J . -3.49 -37.62 -11.29
O11 POV J . -3.83 -39.19 -13.44
C211 POV J . 4.97 -40.57 -9.21
C311 POV J . 11.20 -43.36 -16.69
C12 POV J . -3.10 -36.97 -9.99
O12 POV J . -4.28 -38.82 -11.11
C212 POV J . 6.47 -40.53 -9.45
C312 POV J . 11.65 -43.14 -18.12
C13 POV J . -2.44 -37.65 -7.74
O13 POV J . -5.38 -40.80 -12.18
C213 POV J . 7.27 -41.70 -8.90
C313 POV J . 12.31 -41.80 -18.33
C14 POV J . -1.74 -39.08 -9.57
O14 POV J . -2.89 -40.77 -11.68
C214 POV J . 8.05 -42.46 -9.96
C314 POV J . 12.85 -41.62 -19.71
C15 POV J . -0.66 -36.92 -9.24
C215 POV J . 9.36 -41.81 -10.41
C315 POV J . 13.22 -40.21 -20.06
C216 POV J . 9.32 -41.10 -11.76
C316 POV J . 13.80 -39.42 -18.94
C217 POV J . 9.05 -39.62 -11.68
C218 POV J . 10.27 -38.79 -11.69
C21 POV J . -0.68 -41.53 -13.32
O21 POV J . -1.81 -41.33 -14.02
C22 POV J . -0.73 -42.84 -12.58
O22 POV J . 0.23 -40.75 -13.28
C23 POV J . -0.02 -42.75 -11.25
C24 POV J . 1.49 -42.76 -11.39
C25 POV J . 2.25 -42.72 -10.09
C26 POV J . 1.84 -41.61 -9.13
C27 POV J . 1.80 -40.22 -9.76
C28 POV J . 2.12 -39.04 -8.84
C29 POV J . 3.33 -39.09 -7.93
C31 POV J . 0.27 -41.51 -17.24
O31 POV J . -0.18 -41.02 -16.09
C32 POV J . 1.54 -42.30 -17.03
O32 POV J . -0.26 -41.35 -18.30
C33 POV J . 1.61 -43.59 -17.82
C34 POV J . 2.99 -43.87 -18.38
C35 POV J . 4.09 -43.98 -17.35
C36 POV J . 5.49 -44.07 -17.97
C37 POV J . 6.60 -43.59 -17.07
C38 POV J . 7.69 -42.89 -17.84
C39 POV J . 8.83 -42.41 -16.98
H29 POV J . 3.21 -38.60 -7.10
H1 POV J . -3.53 -38.92 -15.37
H1A POV J . -3.95 -40.40 -15.07
H2 POV J . -1.43 -39.34 -14.32
H3 POV J . -2.05 -40.64 -16.72
H3A POV J . -1.13 -39.36 -16.50
H310 POV J . 9.39 -44.36 -16.90
H31A POV J . 9.53 -43.65 -15.52
H210 POV J . 5.15 -39.60 -7.37
H11 POV J . -4.05 -36.99 -11.79
H11A POV J . -2.71 -37.77 -11.84
H211 POV J . 4.68 -41.48 -9.02
H21A POV J . 4.54 -40.33 -10.05
H311 POV J . 11.52 -42.61 -16.14
H31B POV J . 11.66 -44.15 -16.38
H12 POV J . -3.88 -36.93 -9.41
H12A POV J . -2.84 -36.04 -10.19
H22 POV J . -1.67 -43.08 -12.44
H212 POV J . 6.62 -40.48 -10.40
H22A POV J . -0.31 -43.53 -13.13
H21B POV J . 6.83 -39.71 -9.06
H32 POV J . 2.29 -41.74 -17.25
H312 POV J . 12.29 -43.84 -18.37
H32A POV J . 1.57 -42.52 -16.08
H31C POV J . 10.89 -43.23 -18.73
H13 POV J . -2.61 -36.72 -7.47
H13A POV J . -3.25 -38.19 -7.66
H13B POV J . -1.76 -38.04 -7.15
H23 POV J . -0.30 -41.94 -10.81
H213 POV J . 7.90 -41.35 -8.24
H23A POV J . -0.31 -43.50 -10.67
H21C POV J . 6.68 -42.31 -8.43
H33 POV J . 1.33 -44.33 -17.26
H313 POV J . 11.67 -41.09 -18.14
H33A POV J . 0.97 -43.52 -18.55
H31D POV J . 13.04 -41.73 -17.70
H14 POV J . -1.09 -39.46 -8.97
H14A POV J . -2.57 -39.57 -9.51
H14B POV J . -1.39 -39.12 -10.49
H24 POV J . 1.76 -43.56 -11.89
H214 POV J . 8.25 -43.35 -9.63
H24A POV J . 1.78 -42.00 -11.94
H21D POV J . 7.46 -42.60 -10.74
H34 POV J . 2.96 -44.71 -18.89
H314 POV J . 13.64 -42.18 -19.80
H34A POV J . 3.22 -43.16 -19.01
H31E POV J . 12.21 -41.95 -20.35
H15 POV J . -0.09 -37.30 -9.93
H15A POV J . -0.79 -35.96 -9.43
H15B POV J . -0.21 -36.98 -8.37
H25 POV J . 2.15 -43.58 -9.63
H215 POV J . 9.64 -41.16 -9.73
H25A POV J . 3.20 -42.64 -10.29
H21E POV J . 10.05 -42.49 -10.45
H35 POV J . 4.06 -43.22 -16.74
H315 POV J . 13.87 -40.24 -20.80
H35A POV J . 3.93 -44.78 -16.81
H31F POV J . 12.43 -39.75 -20.41
H26 POV J . 0.95 -41.81 -8.78
H216 POV J . 10.20 -41.22 -12.19
H26A POV J . 2.45 -41.63 -8.37
H21F POV J . 8.67 -41.53 -12.36
H36 POV J . 5.67 -45.00 -18.19
H316 POV J . 14.23 -38.61 -19.29
H36A POV J . 5.50 -43.57 -18.80
H31G POV J . 13.09 -39.14 -18.33
H31H POV J . 14.45 -39.93 -18.44
H27 POV J . 2.38 -40.20 -10.54
H217 POV J . 8.48 -39.36 -12.43
H27A POV J . 0.90 -40.09 -10.10
H21G POV J . 8.57 -39.41 -10.86
H37 POV J . 6.28 -42.96 -16.38
H37A POV J . 6.99 -44.35 -16.60
H28 POV J . 1.32 -38.85 -8.30
H218 POV J . 10.09 -37.88 -11.40
H28A POV J . 2.23 -38.24 -9.39
H21H POV J . 10.98 -39.17 -11.13
H21J POV J . 10.61 -38.76 -12.61
H38 POV J . 8.01 -43.50 -18.52
H38A POV J . 7.30 -42.12 -18.31
H39 POV J . 8.48 -41.93 -16.21
H39A POV J . 9.37 -41.80 -17.50
N POV K . -3.05 -41.91 5.14
P POV K . 0.52 -41.91 2.77
C1 POV K . 2.97 -42.32 1.81
C2 POV K . 2.62 -43.47 0.87
C3 POV K . 1.96 -44.67 1.55
C210 POV K . 11.25 -50.55 -4.82
C310 POV K . 6.07 -51.87 -3.42
C11 POV K . -1.44 -43.34 3.74
O11 POV K . 2.07 -42.24 2.93
C211 POV K . 11.40 -51.87 -5.44
C311 POV K . 6.50 -53.31 -3.65
C12 POV K . -1.73 -42.63 5.03
O12 POV K . -0.04 -43.23 3.45
C212 POV K . 12.48 -52.75 -4.84
C312 POV K . 7.88 -53.48 -4.20
C13 POV K . -4.16 -42.81 4.68
O13 POV K . 0.17 -40.73 3.61
C213 POV K . 12.93 -53.83 -5.79
C313 POV K . 8.40 -54.88 -4.00
C14 POV K . -3.27 -41.55 6.57
O14 POV K . 0.14 -41.90 1.34
C214 POV K . 14.09 -54.67 -5.33
C314 POV K . 9.41 -55.28 -5.04
C15 POV K . -3.03 -40.67 4.31
C215 POV K . 13.74 -55.72 -4.32
C315 POV K . 10.16 -56.55 -4.70
C216 POV K . 14.79 -56.79 -4.18
C316 POV K . 9.27 -57.73 -4.61
C217 POV K . 16.00 -56.30 -3.48
C218 POV K . 16.97 -57.40 -3.22
C21 POV K . 4.83 -44.48 0.78
O21 POV K . 3.81 -43.89 0.12
C22 POV K . 5.93 -44.87 -0.16
O22 POV K . 4.84 -44.67 1.97
C23 POV K . 6.03 -46.37 -0.34
C24 POV K . 7.45 -46.93 -0.25
C25 POV K . 8.16 -47.05 -1.57
C26 POV K . 9.60 -47.50 -1.42
C27 POV K . 9.89 -48.85 -1.99
C28 POV K . 10.06 -48.80 -3.49
C29 POV K . 10.23 -50.15 -4.09
C31 POV K . -0.33 -45.58 1.69
O31 POV K . 0.55 -44.66 1.23
C32 POV K . 0.20 -46.67 2.59
O32 POV K . -1.51 -45.54 1.40
C33 POV K . 0.23 -48.06 1.96
C34 POV K . 0.96 -48.13 0.63
C35 POV K . 2.06 -49.16 0.62
C36 POV K . 2.90 -49.12 -0.62
C37 POV K . 3.59 -50.43 -0.88
C38 POV K . 4.59 -50.41 -2.01
C39 POV K . 5.17 -51.77 -2.23
H29 POV K . 9.52 -50.79 -3.92
H1 POV K . 3.88 -42.37 2.18
H1A POV K . 2.92 -41.48 1.29
H2 POV K . 1.96 -43.14 0.22
H3 POV K . 2.38 -45.50 1.25
H3A POV K . 2.08 -44.60 2.52
H310 POV K . 6.85 -51.31 -3.29
H31A POV K . 5.61 -51.54 -4.22
H210 POV K . 11.98 -49.92 -4.96
H11 POV K . -1.65 -44.29 3.83
H11A POV K . -1.99 -43.02 2.99
H211 POV K . 10.54 -52.33 -5.34
H21A POV K . 11.55 -51.79 -6.40
H311 POV K . 5.87 -53.73 -4.26
H31B POV K . 6.43 -53.79 -2.81
H12 POV K . -1.04 -41.95 5.21
H12A POV K . -1.72 -43.28 5.78
H22 POV K . 5.76 -44.43 -1.02
H212 POV K . 13.23 -52.19 -4.57
H22A POV K . 6.76 -44.50 0.22
H21B POV K . 12.13 -53.16 -4.02
H32 POV K . -0.47 -46.73 3.30
H312 POV K . 7.89 -53.25 -5.15
H32A POV K . 1.03 -46.52 3.07
H31C POV K . 8.49 -52.85 -3.75
H13 POV K . -4.21 -42.75 3.71
H13A POV K . -3.96 -43.72 4.95
H13B POV K . -5.01 -42.53 5.08
H23 POV K . 5.48 -46.79 0.34
H213 POV K . 12.17 -54.43 -5.96
H23A POV K . 5.65 -46.60 -1.20
H21C POV K . 13.14 -53.42 -6.65
H33 POV K . 0.64 -48.69 2.58
H313 POV K . 8.81 -54.94 -3.12
H33A POV K . -0.69 -48.37 1.84
H31D POV K . 7.65 -55.50 -4.02
H14 POV K . -3.87 -40.77 6.60
H14A POV K . -2.42 -41.32 6.98
H14B POV K . -3.68 -42.31 7.04
H24 POV K . 7.98 -46.38 0.34
H214 POV K . 14.49 -55.12 -6.11
H24A POV K . 7.40 -47.81 0.16
H21D POV K . 14.80 -54.10 -4.94
H34 POV K . 0.32 -48.36 -0.07
H314 POV K . 8.97 -55.39 -5.90
H34A POV K . 1.34 -47.28 0.39
H31E POV K . 10.05 -54.55 -5.13
H15 POV K . -3.93 -40.28 4.28
H15A POV K . -2.43 -40.04 4.73
H15B POV K . -2.71 -40.88 3.41
H25 POV K . 7.71 -47.69 -2.14
H215 POV K . 13.63 -55.29 -3.46
H25A POV K . 8.13 -46.19 -2.04
H21E POV K . 12.90 -56.14 -4.55
H35 POV K . 2.63 -49.03 1.41
H315 POV K . 10.83 -56.72 -5.39
H35A POV K . 1.67 -50.05 0.73
H31F POV K . 10.62 -56.43 -3.85
H26 POV K . 10.18 -46.85 -1.88
H216 POV K . 14.42 -57.56 -3.70
H26A POV K . 9.85 -47.50 -0.48
H21F POV K . 15.04 -57.11 -5.06
H36 POV K . 2.35 -48.89 -1.40
H316 POV K . 9.82 -58.53 -4.49
H36A POV K . 3.58 -48.41 -0.54
H31G POV K . 8.66 -57.65 -3.86
H31H POV K . 8.75 -57.84 -5.44
H27 POV K . 10.70 -49.21 -1.59
H217 POV K . 16.42 -55.60 -4.02
H27A POV K . 9.16 -49.46 -1.77
H21G POV K . 15.73 -55.91 -2.63
H37 POV K . 4.06 -50.71 -0.06
H37A POV K . 2.92 -51.10 -1.06
H28 POV K . 9.31 -48.32 -3.89
H218 POV K . 17.26 -57.81 -4.05
H28A POV K . 10.86 -48.29 -3.70
H21H POV K . 17.77 -57.11 -2.72
H21J POV K . 16.52 -58.08 -2.69
H38 POV K . 4.15 -50.09 -2.83
H38A POV K . 5.30 -49.77 -1.83
H39 POV K . 4.44 -52.42 -2.33
H39A POV K . 5.66 -52.03 -1.44
N POV L . 18.46 -76.05 -4.62
P POV L . 16.56 -73.01 -0.90
C1 POV L . 14.50 -71.90 0.26
C2 POV L . 15.27 -70.87 1.04
C3 POV L . 16.14 -71.47 2.13
C210 POV L . 10.22 -62.30 6.36
C310 POV L . 13.59 -65.57 8.54
C11 POV L . 17.38 -74.80 -2.63
O11 POV L . 15.21 -72.18 -0.96
C211 POV L . 11.01 -61.62 7.41
C311 POV L . 13.80 -64.69 9.75
C12 POV L . 17.41 -75.06 -4.12
O12 POV L . 16.53 -73.67 -2.36
C212 POV L . 10.25 -61.39 8.71
C312 POV L . 12.72 -63.64 9.87
C13 POV L . 18.13 -76.38 -6.05
O13 POV L . 17.71 -72.08 -0.78
C213 POV L . 10.46 -60.01 9.28
C313 POV L . 12.43 -63.18 11.28
C14 POV L . 19.83 -75.44 -4.57
O14 POV L . 16.40 -74.10 0.08
C214 POV L . 9.67 -58.94 8.56
C314 POV L . 13.25 -62.01 11.73
C15 POV L . 18.44 -77.31 -3.81
C215 POV L . 10.09 -57.54 8.90
C315 POV L . 13.04 -61.62 13.17
C216 POV L . 8.99 -56.52 8.76
C316 POV L . 11.69 -61.03 13.44
C217 POV L . 8.05 -56.50 9.93
C218 POV L . 8.69 -55.91 11.11
C21 POV L . 13.78 -68.98 0.89
O21 POV L . 14.35 -69.92 1.67
C22 POV L . 12.95 -68.03 1.69
O22 POV L . 13.93 -68.93 -0.31
C23 POV L . 13.50 -67.88 3.10
C24 POV L . 13.03 -66.63 3.81
C25 POV L . 11.55 -66.59 4.08
C26 POV L . 10.77 -65.79 3.07
C27 POV L . 10.67 -64.32 3.42
C28 POV L . 9.80 -64.03 4.63
C29 POV L . 10.56 -63.38 5.71
C31 POV L . 15.85 -72.91 4.11
O31 POV L . 15.33 -72.22 3.06
C32 POV L . 17.35 -72.88 4.25
O32 POV L . 15.16 -73.52 4.88
C33 POV L . 17.95 -71.66 4.95
C34 POV L . 17.30 -71.34 6.30
C35 POV L . 16.10 -70.44 6.20
C36 POV L . 16.33 -69.04 6.74
C37 POV L . 15.31 -68.02 6.27
C38 POV L . 14.27 -67.65 7.30
C39 POV L . 14.70 -66.57 8.27
H29 POV L . 11.41 -63.82 5.95
H1 POV L . 14.42 -72.73 0.76
H1A POV L . 13.60 -71.56 0.05
H2 POV L . 15.85 -70.39 0.43
H3 POV L . 16.83 -72.01 1.70
H3A POV L . 16.55 -70.72 2.62
H310 POV L . 12.75 -66.06 8.64
H31A POV L . 13.48 -65.00 7.75
H210 POV L . 9.35 -61.90 6.14
H11 POV L . 16.98 -75.58 -2.17
H11A POV L . 18.28 -74.70 -2.26
H211 POV L . 11.79 -62.17 7.59
H21A POV L . 11.36 -60.76 7.10
H311 POV L . 13.84 -65.25 10.55
H31B POV L . 14.67 -64.26 9.67
H12 POV L . 17.59 -74.22 -4.59
H12A POV L . 16.55 -75.40 -4.41
H22 POV L . 12.95 -67.16 1.24
H212 POV L . 9.28 -61.52 8.55
H22A POV L . 12.04 -68.37 1.73
H21B POV L . 10.52 -62.05 9.38
H32 POV L . 17.55 -73.64 4.84
H312 POV L . 13.01 -62.85 9.36
H32A POV L . 17.82 -73.08 3.42
H31C POV L . 11.90 -63.97 9.45
H13 POV L . 18.85 -76.94 -6.40
H13A POV L . 17.28 -76.86 -6.07
H13B POV L . 18.05 -75.55 -6.57
H23 POV L . 13.23 -68.67 3.63
H213 POV L . 10.22 -60.01 10.23
H23A POV L . 14.47 -67.90 3.08
H21C POV L . 11.41 -59.79 9.23
H33 POV L . 18.89 -71.84 5.12
H313 POV L . 11.48 -62.93 11.33
H33A POV L . 17.93 -70.87 4.38
H31D POV L . 12.56 -63.91 11.91
H14 POV L . 20.44 -76.10 -4.18
H14A POV L . 20.11 -75.23 -5.48
H14B POV L . 19.81 -74.64 -4.02
H24 POV L . 13.52 -66.54 4.65
H214 POV L . 9.75 -59.08 7.59
H24A POV L . 13.27 -65.85 3.27
H21D POV L . 8.73 -59.06 8.78
H34 POV L . 17.03 -72.17 6.74
H314 POV L . 14.20 -62.21 11.57
H34A POV L . 17.96 -70.93 6.88
H31E POV L . 13.03 -61.24 11.17
H15 POV L . 18.99 -77.99 -4.25
H15A POV L . 18.83 -77.13 -2.93
H15B POV L . 17.52 -77.61 -3.71
H25 POV L . 11.20 -67.50 4.10
H215 POV L . 10.45 -57.53 9.81
H25A POV L . 11.42 -66.21 4.98
H21E POV L . 10.83 -57.27 8.32
H35 POV L . 15.83 -70.37 5.26
H315 POV L . 13.17 -62.40 13.74
H35A POV L . 15.35 -70.85 6.68
H31F POV L . 13.73 -60.98 13.43
H26 POV L . 11.20 -65.87 2.20
H216 POV L . 9.39 -55.65 8.64
H26A POV L . 9.87 -66.15 2.99
H21F POV L . 8.49 -56.73 7.95
H36 POV L . 16.30 -69.07 7.72
H316 POV L . 11.61 -60.76 14.38
H36A POV L . 17.23 -68.74 6.49
H31G POV L . 11.53 -60.24 12.88
H31H POV L . 10.97 -61.68 13.26
H27 POV L . 11.56 -63.98 3.61
H217 POV L . 7.24 -55.99 9.72
H27A POV L . 10.33 -63.83 2.65
H21G POV L . 7.77 -57.41 10.15
H37 POV L . 15.78 -67.21 5.97
H37A POV L . 14.85 -68.36 5.49
H28 POV L . 9.02 -63.50 4.37
H218 POV L . 9.22 -55.13 10.86
H28A POV L . 9.45 -64.88 4.98
H21H POV L . 8.01 -55.63 11.76
H21J POV L . 9.28 -56.56 11.53
H38 POV L . 13.46 -67.37 6.84
H38A POV L . 14.04 -68.45 7.81
H39 POV L . 15.48 -66.10 7.92
H39A POV L . 14.96 -66.98 9.12
N POV M . 30.61 -73.53 11.85
P POV M . 26.63 -72.21 11.84
C1 POV M . 27.23 -70.74 13.93
C2 POV M . 28.11 -69.56 13.61
C3 POV M . 29.53 -69.82 14.01
C210 POV M . 19.83 -64.88 14.61
C310 POV M . 27.38 -61.71 17.64
C11 POV M . 28.76 -72.52 10.32
O11 POV M . 26.34 -70.98 12.83
C211 POV M . 20.31 -64.57 13.22
C311 POV M . 26.86 -60.34 18.00
C12 POV M . 29.51 -73.74 10.80
O12 POV M . 28.11 -71.80 11.40
C212 POV M . 19.48 -65.22 12.11
C312 POV M . 25.36 -60.22 17.94
C13 POV M . 30.01 -73.47 13.21
O13 POV M . 26.68 -73.47 12.61
C213 POV M . 19.38 -66.72 12.23
C313 POV M . 24.64 -60.84 19.12
C14 POV M . 31.53 -74.70 11.79
O14 POV M . 25.74 -72.10 10.68
C214 POV M . 19.03 -67.44 10.94
C314 POV M . 24.81 -60.04 20.39
C15 POV M . 31.41 -72.28 11.61
C215 POV M . 19.40 -68.92 10.94
C315 POV M . 24.01 -60.51 21.57
C216 POV M . 20.89 -69.17 11.02
C316 POV M . 24.91 -60.77 22.75
C217 POV M . 21.34 -69.76 12.34
C218 POV M . 22.83 -69.82 12.51
C21 POV M . 26.44 -67.92 14.21
O21 POV M . 27.68 -68.37 14.35
C22 POV M . 26.22 -66.69 15.03
O22 POV M . 25.60 -68.45 13.53
C23 POV M . 25.57 -65.55 14.28
C24 POV M . 24.11 -65.79 13.92
C25 POV M . 23.18 -65.92 15.13
C26 POV M . 23.16 -64.72 16.06
C27 POV M . 22.59 -63.46 15.44
C28 POV M . 21.16 -63.14 15.85
C29 POV M . 20.23 -64.31 15.73
C31 POV M . 31.51 -68.51 14.19
O31 POV M . 30.42 -68.82 13.48
C32 POV M . 32.36 -67.47 13.53
O32 POV M . 31.78 -69.01 15.26
C33 POV M . 31.66 -66.17 13.17
C34 POV M . 30.37 -65.85 13.93
C35 POV M . 30.58 -65.66 15.40
C36 POV M . 30.30 -64.24 15.84
C37 POV M . 28.83 -63.92 15.87
C38 POV M . 28.51 -62.49 15.55
C39 POV M . 27.23 -62.02 16.18
H29 POV M . 19.91 -64.68 16.58
H1 POV M . 27.76 -71.55 14.07
H1A POV M . 26.72 -70.57 14.75
H2 POV M . 28.09 -69.38 12.64
H3 POV M . 29.56 -69.87 14.98
H3A POV M . 29.82 -70.68 13.64
H310 POV M . 28.31 -61.78 17.91
H31A POV M . 26.89 -62.38 18.16
H210 POV M . 19.15 -65.58 14.70
H11 POV M . 29.36 -71.89 9.88
H11A POV M . 28.11 -72.78 9.64
H211 POV M . 20.29 -63.60 13.14
H21A POV M . 21.24 -64.83 13.11
H311 POV M . 27.18 -60.11 18.90
H31B POV M . 27.26 -59.69 17.40
H12 POV M . 29.96 -74.17 10.03
H12A POV M . 28.89 -74.38 11.18
H22 POV M . 25.69 -66.92 15.82
H212 POV M . 18.58 -64.82 12.09
H22A POV M . 27.11 -66.40 15.33
H21B POV M . 19.89 -65.01 11.25
H32 POV M . 33.12 -67.27 14.12
H312 POV M . 25.12 -59.27 17.87
H32A POV M . 32.69 -67.86 12.70
H31C POV M . 25.04 -60.64 17.12
H13 POV M . 30.52 -72.84 13.75
H13A POV M . 29.07 -73.18 13.16
H13B POV M . 30.03 -74.36 13.62
H23 POV M . 25.67 -64.72 14.79
H213 POV M . 20.20 -67.08 12.61
H23A POV M . 26.06 -65.41 13.44
H21C POV M . 18.67 -66.93 12.87
H33 POV M . 32.28 -65.43 13.33
H313 POV M . 23.69 -60.93 18.90
H33A POV M . 31.52 -66.17 12.20
H31D POV M . 24.99 -61.74 19.26
H14 POV M . 32.07 -74.64 10.98
H14A POV M . 32.12 -74.68 12.58
H14B POV M . 30.99 -75.52 11.80
H24 POV M . 23.80 -65.06 13.35
H214 POV M . 18.07 -67.34 10.77
H24A POV M . 24.04 -66.60 13.40
H21D POV M . 19.48 -66.99 10.19
H34 POV M . 30.00 -65.03 13.56
H314 POV M . 25.75 -59.99 20.64
H34A POV M . 29.68 -66.53 13.78
H31E POV M . 24.54 -59.12 20.20
H15 POV M . 32.21 -72.29 12.18
H15A POV M . 31.70 -72.29 10.68
H15B POV M . 30.86 -71.50 11.78
H25 POV M . 22.28 -66.09 14.81
H215 POV M . 18.96 -69.35 11.70
H25A POV M . 23.44 -66.72 15.64
H21E POV M . 19.05 -69.34 10.13
H35 POV M . 29.99 -66.26 15.88
H315 POV M . 23.52 -61.32 21.35
H35A POV M . 31.50 -65.90 15.64
H31F POV M . 23.36 -59.83 21.81
H26 POV M . 22.65 -64.96 16.86
H216 POV M . 21.16 -69.77 10.29
H26A POV M . 24.07 -64.54 16.38
H21F POV M . 21.37 -68.33 10.88
H36 POV M . 30.67 -64.11 16.72
H316 POV M . 25.59 -61.42 22.53
H36A POV M . 30.75 -63.62 15.23
H31G POV M . 25.36 -59.94 23.03
H31H POV M . 24.39 -61.10 23.52
H27 POV M . 23.16 -62.70 15.71
H217 POV M . 20.97 -69.24 13.07
H27A POV M . 22.63 -63.50 14.47
H21G POV M . 20.99 -70.67 12.42
H37 POV M . 28.36 -64.48 15.23
H37A POV M . 28.47 -64.14 16.75
H28 POV M . 21.15 -62.78 16.76
H218 POV M . 23.25 -70.31 11.78
H28A POV M . 20.81 -62.44 15.27
H21H POV M . 23.22 -68.92 12.55
H21J POV M . 23.06 -70.27 13.36
H38 POV M . 29.25 -61.91 15.83
H38A POV M . 28.44 -62.40 14.58
H39 POV M . 26.57 -62.73 16.07
H39A POV M . 26.90 -61.24 15.71
N POV N . 36.68 -68.21 12.31
P POV N . 38.49 -64.20 14.08
C1 POV N . 36.98 -64.77 16.19
C2 POV N . 35.68 -64.51 15.49
C210 POV N . 29.26 -54.48 18.45
C11 POV N . 38.05 -66.01 12.20
O11 POV N . 37.96 -65.19 15.22
C211 POV N . 27.92 -54.41 19.12
C12 POV N . 37.32 -67.03 13.03
O12 POV N . 38.99 -65.28 13.02
C212 POV N . 27.39 -53.01 19.47
C13 POV N . 35.86 -67.76 11.14
O13 POV N . 37.38 -63.40 13.52
C213 POV N . 27.66 -51.92 18.45
C14 POV N . 37.72 -69.17 11.82
O14 POV N . 39.68 -63.50 14.61
C214 POV N . 28.94 -51.15 18.72
C15 POV N . 35.79 -68.92 13.28
C215 POV N . 28.74 -49.71 19.16
C216 POV N . 28.76 -48.72 18.02
C217 POV N . 29.85 -47.70 18.18
C218 POV N . 29.48 -46.65 19.17
C21 POV N . 35.12 -62.35 16.37
O21 POV N . 34.84 -63.67 16.34
C22 POV N . 34.14 -61.63 17.24
O22 POV N . 36.03 -61.84 15.78
C23 POV N . 32.73 -62.23 17.17
C24 POV N . 31.67 -61.46 17.90
C25 POV N . 31.61 -59.99 17.52
C26 POV N . 30.31 -59.30 17.86
C27 POV N . 30.52 -57.85 18.21
C28 POV N . 29.33 -56.94 18.01
C29 POV N . 29.80 -55.54 17.91
H29 POV N . 30.60 -55.40 17.37
H1 POV N . 37.32 -63.97 16.64
H1A POV N . 36.84 -65.47 16.86
H2 POV N . 35.22 -65.36 15.35
H210 POV N . 29.81 -53.67 18.45
H11 POV N . 38.56 -66.44 11.49
H11A POV N . 37.42 -65.41 11.74
H211 POV N . 27.30 -54.85 18.51
H21A POV N . 27.93 -54.96 19.92
H12 POV N . 36.59 -66.59 13.51
H12A POV N . 37.94 -67.42 13.69
H22 POV N . 34.47 -61.67 18.17
H212 POV N . 26.42 -53.06 19.60
H22A POV N . 34.14 -60.70 16.95
H21B POV N . 27.75 -52.73 20.33
H13 POV N . 35.27 -67.04 11.44
H13A POV N . 36.46 -67.45 10.43
H13B POV N . 35.32 -68.51 10.80
H23 POV N . 32.48 -62.32 16.23
H213 POV N . 27.71 -52.32 17.56
H23A POV N . 32.75 -63.15 17.53
H21C POV N . 26.90 -51.31 18.44
H14 POV N . 38.20 -69.53 12.59
H14A POV N . 37.27 -69.87 11.32
H14B POV N . 38.34 -68.69 11.22
H24 POV N . 30.80 -61.87 17.73
H214 POV N . 29.47 -51.59 19.40
H24A POV N . 31.83 -61.52 18.87
H21D POV N . 29.50 -51.16 17.91
H15 POV N . 35.80 -69.89 13.10
H15A POV N . 36.12 -68.78 14.18
H15B POV N . 34.88 -68.56 13.19
H25 POV N . 32.35 -59.52 17.96
H215 POV N . 27.88 -49.63 19.63
H25A POV N . 31.77 -59.92 16.56
H21E POV N . 29.42 -49.49 19.81
H26 POV N . 29.70 -59.36 17.09
H216 POV N . 28.85 -49.16 17.15
H26A POV N . 29.88 -59.75 18.60
H21F POV N . 27.90 -48.26 18.01
H27 POV N . 30.81 -57.81 19.14
H217 POV N . 30.67 -48.14 18.49
H27A POV N . 31.28 -57.52 17.69
H21G POV N . 30.05 -47.30 17.32
H28 POV N . 28.82 -57.22 17.23
H218 POV N . 28.64 -46.20 18.92
H28A POV N . 28.73 -57.02 18.77
H21H POV N . 29.36 -47.02 20.07
H21J POV N . 30.17 -45.96 19.21
N POV O . 46.20 -59.77 4.21
P POV O . 42.32 -57.79 5.35
C1 POV O . 42.29 -56.91 7.81
C2 POV O . 40.83 -56.93 8.10
C3 POV O . 40.34 -55.66 8.72
C210 POV O . 34.22 -55.23 14.72
C310 POV O . 33.21 -50.67 12.28
C11 POV O . 44.90 -58.16 5.73
O11 POV O . 42.58 -58.00 6.91
C211 POV O . 32.94 -54.69 14.21
C311 POV O . 34.04 -50.08 13.42
C12 POV O . 46.12 -58.42 4.89
O12 POV O . 43.83 -57.67 4.88
C212 POV O . 32.08 -54.09 15.31
C312 POV O . 34.27 -48.58 13.43
C13 POV O . 46.61 -60.83 5.19
O13 POV O . 41.60 -56.51 5.15
C213 POV O . 31.83 -52.60 15.16
C313 POV O . 33.02 -47.72 13.23
C14 POV O . 44.88 -60.15 3.61
O14 POV O . 41.74 -59.04 4.80
C214 POV O . 30.53 -52.23 14.48
C314 POV O . 33.31 -46.50 12.38
C15 POV O . 47.22 -59.71 3.12
C215 POV O . 29.31 -52.54 15.31
C315 POV O . 32.07 -45.75 12.00
C216 POV O . 28.52 -53.75 14.87
C316 POV O . 31.37 -45.19 13.18
C217 POV O . 27.35 -53.44 14.03
C218 POV O . 26.70 -54.67 13.52
C21 POV O . 39.37 -58.59 9.03
O21 POV O . 40.57 -58.01 9.06
C22 POV O . 39.24 -59.64 10.10
O22 POV O . 38.50 -58.31 8.26
C23 POV O . 38.16 -59.27 11.09
C24 POV O . 37.83 -60.36 12.08
C25 POV O . 36.43 -60.23 12.68
C26 POV O . 36.13 -58.89 13.34
C27 POV O . 35.63 -57.81 12.39
C28 POV O . 34.52 -56.96 12.96
C29 POV O . 34.91 -56.21 14.18
C31 POV O . 38.26 -55.43 7.61
O31 POV O . 38.91 -55.68 8.75
C32 POV O . 36.78 -55.51 7.82
O32 POV O . 38.81 -55.18 6.58
C33 POV O . 36.38 -54.98 9.17
C34 POV O . 36.87 -53.57 9.45
C35 POV O . 36.45 -52.56 8.42
C36 POV O . 34.97 -52.49 8.21
C37 POV O . 34.17 -52.19 9.47
C38 POV O . 34.66 -50.97 10.21
C39 POV O . 33.56 -50.19 10.88
H29 POV O . 35.75 -56.47 14.60
H1 POV O . 42.55 -56.07 7.36
H1A POV O . 42.80 -57.01 8.64
H2 POV O . 40.35 -57.08 7.26
H3 POV O . 40.70 -55.58 9.63
H3A POV O . 40.63 -54.89 8.18
H310 POV O . 33.31 -51.64 12.29
H31A POV O . 32.26 -50.48 12.44
H210 POV O . 34.57 -54.82 15.53
H11 POV O . 44.62 -59.00 6.13
H11A POV O . 45.10 -57.55 6.46
H211 POV O . 33.16 -54.03 13.52
H21A POV O . 32.43 -55.38 13.76
H311 POV O . 33.60 -50.30 14.27
H31B POV O . 34.91 -50.55 13.43
H12 POV O . 46.19 -57.76 4.18
H12A POV O . 46.93 -58.36 5.46
H22 POV O . 39.04 -60.49 9.67
H212 POV O . 31.22 -54.55 15.31
H22A POV O . 40.11 -59.71 10.56
H21B POV O . 32.48 -54.26 16.18
H32 POV O . 36.33 -54.99 7.13
H312 POV O . 34.67 -48.34 14.28
H32A POV O . 36.53 -56.44 7.76
H31C POV O . 34.94 -48.37 12.74
H13 POV O . 47.58 -60.90 5.17
H13A POV O . 46.31 -60.57 6.08
H13B POV O . 46.20 -61.69 4.95
H23 POV O . 38.44 -58.48 11.59
H213 POV O . 31.86 -52.17 16.04
H23A POV O . 37.36 -59.01 10.60
H21C POV O . 32.56 -52.22 14.64
H33 POV O . 35.41 -55.00 9.23
H313 POV O . 32.29 -48.21 12.82
H33A POV O . 36.71 -55.59 9.87
H31D POV O . 32.72 -47.42 14.10
H14 POV O . 44.29 -60.48 4.32
H14A POV O . 44.49 -59.37 3.18
H14B POV O . 45.04 -60.85 2.95
H24 POV O . 37.90 -61.23 11.64
H214 POV O . 30.54 -51.27 14.29
H24A POV O . 38.48 -60.36 12.81
H21D POV O . 30.46 -52.70 13.63
H34 POV O . 36.54 -53.29 10.33
H314 POV O . 33.91 -45.90 12.86
H34A POV O . 37.84 -53.56 9.54
H31E POV O . 33.76 -46.77 11.56
H15 POV O . 47.44 -60.61 2.81
H15A POV O . 46.83 -59.21 2.37
H15B POV O . 48.01 -59.23 3.45
H25 POV O . 35.77 -60.40 11.98
H215 POV O . 29.59 -52.68 16.23
H25A POV O . 36.31 -60.94 13.34
H21E POV O . 28.71 -51.77 15.31
H35 POV O . 36.81 -51.69 8.68
H315 POV O . 32.29 -45.04 11.37
H35A POV O . 36.88 -52.79 7.58
H31F POV O . 31.46 -46.37 11.53
H26 POV O . 35.45 -59.02 14.04
H216 POV O . 29.11 -54.37 14.37
H26A POV O . 36.94 -58.57 13.78
H21F POV O . 28.22 -54.24 15.65
H36 POV O . 34.79 -51.79 7.55
H316 POV O . 30.95 -44.33 12.96
H36A POV O . 34.66 -53.32 7.82
H31G POV O . 30.69 -45.80 13.49
H31H POV O . 32.01 -45.06 13.92
H27 POV O . 36.39 -57.23 12.15
H217 POV O . 26.70 -52.91 14.53
H27A POV O . 35.33 -58.22 11.56
H21G POV O . 27.64 -52.89 13.27
H37 POV O . 33.24 -52.09 9.22
H37A POV O . 34.22 -52.96 10.06
H28 POV O . 34.20 -56.36 12.27
H218 POV O . 26.64 -55.35 14.22
H28A POV O . 33.77 -57.54 13.19
H21H POV O . 25.79 -54.50 13.20
H21J POV O . 27.22 -55.04 12.78
H38 POV O . 35.29 -51.27 10.90
H38A POV O . 35.13 -50.38 9.60
H39 POV O . 32.77 -50.22 10.33
H39A POV O . 33.82 -49.25 10.88
C210 POV P . 3.42 -58.34 -25.46
C211 POV P . 2.97 -57.19 -24.57
C212 POV P . 4.04 -56.68 -23.61
C213 POV P . 3.96 -55.19 -23.36
C214 POV P . 5.05 -54.65 -22.44
C215 POV P . 5.14 -53.14 -22.39
C216 POV P . 3.84 -52.45 -22.03
C22 POV P . 7.06 -66.67 -25.59
C23 POV P . 6.77 -65.18 -25.56
C24 POV P . 5.61 -64.78 -26.46
C25 POV P . 5.46 -63.29 -26.68
C26 POV P . 5.47 -62.46 -25.41
C27 POV P . 5.04 -61.03 -25.62
C28 POV P . 3.55 -60.84 -25.82
C29 POV P . 2.96 -59.71 -25.01
H29 POV P . 3.20 -59.84 -24.07
H31A POV P . 4.39 -58.34 -25.54
H210 POV P . 3.06 -58.18 -26.36
H211 POV P . 2.67 -56.45 -25.12
H21A POV P . 2.19 -57.48 -24.06
H212 POV P . 3.94 -57.15 -22.76
H21B POV P . 4.93 -56.90 -23.94
H23 POV P . 6.56 -64.91 -24.64
H213 POV P . 4.01 -54.71 -24.21
H23A POV P . 7.58 -64.68 -25.82
H21C POV P . 3.09 -54.98 -22.97
H24 POV P . 5.73 -65.21 -27.33
H214 POV P . 4.91 -55.00 -21.55
H24A POV P . 4.78 -65.13 -26.08
H21D POV P . 5.92 -55.02 -22.74
H25 POV P . 6.17 -62.97 -27.27
H215 POV P . 5.82 -52.88 -21.74
H25A POV P . 4.61 -63.13 -27.15
H21E POV P . 5.44 -52.81 -23.25
H26 POV P . 4.89 -62.89 -24.76
H216 POV P . 3.99 -51.49 -21.90
H26A POV P . 6.37 -62.47 -25.04
H21F POV P . 3.18 -52.56 -22.74
H31H POV P . 3.46 -52.82 -21.21
H27 POV P . 5.32 -60.50 -24.84
H27A POV P . 5.51 -60.66 -26.38
H28 POV P . 3.39 -60.66 -26.77
H28A POV P . 3.09 -61.67 -25.61
H39A POV P . 1.99 -59.76 -25.08
C13 DU0 Q . 2.43 -47.36 -25.86
C15 DU0 Q . 5.26 -49.06 -27.85
C17 DU0 Q . 6.39 -55.81 -28.36
C20 DU0 Q . 6.93 -58.64 -28.70
C21 DU0 Q . 7.20 -60.08 -29.10
C22 DU0 Q . 8.42 -60.66 -28.40
C24 DU0 Q . 9.55 -62.83 -28.24
C26 DU0 Q . 11.08 -64.90 -28.84
C01 DU0 Q . 7.35 -52.98 -29.13
C02 DU0 Q . 7.20 -53.45 -27.68
C03 DU0 Q . 6.13 -54.54 -27.54
C04 DU0 Q . 4.82 -53.78 -27.71
C05 DU0 Q . 5.08 -52.54 -26.87
C06 DU0 Q . 6.60 -52.37 -26.74
C07 DU0 Q . 6.84 -50.86 -26.97
C08 DU0 Q . 7.78 -50.21 -25.98
C09 DU0 Q . 5.43 -50.28 -26.98
C11 DU0 Q . 3.82 -49.37 -25.43
C12 DU0 Q . 3.74 -48.07 -26.14
C14 DU0 Q . 3.94 -48.33 -27.60
C18 DU0 Q . 5.29 -56.83 -28.13
C19 DU0 Q . 5.71 -58.25 -28.38
C25 DU0 Q . 9.98 -63.90 -29.21
C27 DU0 Q . 12.39 -64.20 -28.52
C51 DU0 Q . 10.62 -65.84 -27.74
C75 DU0 Q . 9.60 -59.76 -28.57
C76 DU0 Q . 9.30 -58.37 -28.03
C77 DU0 Q . 8.11 -57.69 -28.72
C78 DU0 Q . 8.49 -57.39 -30.18
C79 DU0 Q . 7.75 -56.40 -27.93
C80 DU0 Q . 8.86 -55.35 -27.95
C81 DU0 Q . 8.50 -54.08 -27.18
O10 DU0 Q . 5.09 -50.00 -25.62
O16 DU0 Q . 4.62 -51.32 -27.48
O23 DU0 Q . 8.69 -61.94 -28.97
O28 DU0 Q . 13.50 -64.88 -29.09
O52 DU0 Q . 11.50 -66.94 -27.58
H1 DU0 Q . 2.19 -46.81 -26.64
H2 DU0 Q . 1.71 -48.00 -25.69
H3 DU0 Q . 2.50 -46.77 -25.09
H4 DU0 Q . 5.29 -49.31 -28.79
H5 DU0 Q . 5.98 -48.43 -27.70
H6 DU0 Q . 6.39 -55.60 -29.30
H7 DU0 Q . 6.43 -60.65 -28.91
H8 DU0 Q . 7.33 -60.13 -30.06
H9 DU0 Q . 8.25 -60.75 -27.44
H10 DU0 Q . 10.33 -62.36 -27.88
H11 DU0 Q . 9.07 -63.23 -27.50
H12 DU0 Q . 11.24 -65.45 -29.64
H13 DU0 Q . 7.54 -53.70 -29.76
H14 DU0 Q . 6.55 -52.51 -29.42
H15 DU0 Q . 8.09 -52.35 -29.23
H16 DU0 Q . 6.13 -54.83 -26.61
H17 DU0 Q . 4.06 -54.31 -27.39
H18 DU0 Q . 4.64 -53.55 -28.64
H19 DU0 Q . 4.68 -52.61 -25.98
H20 DU0 Q . 6.82 -52.60 -25.81
H21 DU0 Q . 7.21 -50.66 -27.84
H22 DU0 Q . 8.71 -50.39 -26.22
H23 DU0 Q . 7.63 -49.25 -25.97
H24 DU0 Q . 7.62 -50.55 -25.08
H25 DU0 Q . 3.69 -49.23 -24.48
H26 DU0 Q . 3.12 -49.97 -25.74
H27 DU0 Q . 4.46 -47.50 -25.84
H28 DU0 Q . 3.19 -48.86 -27.94
H29 DU0 Q . 3.92 -47.48 -28.09
H30 DU0 Q . 4.96 -56.76 -27.22
H31 DU0 Q . 4.54 -56.61 -28.71
H32 DU0 Q . 5.00 -58.92 -28.32
H33 DU0 Q . 9.19 -64.40 -29.48
H34 DU0 Q . 10.26 -63.44 -30.02
H35 DU0 Q . 12.42 -63.28 -28.84
H36 DU0 Q . 12.54 -64.14 -27.56
H37 DU0 Q . 10.55 -65.37 -26.89
H38 DU0 Q . 9.74 -66.20 -27.98
H39 DU0 Q . 9.83 -59.70 -29.52
H40 DU0 Q . 10.39 -60.12 -28.13
H41 DU0 Q . 10.11 -57.83 -28.14
H42 DU0 Q . 9.13 -58.45 -27.07
H43 DU0 Q . 8.31 -58.16 -30.77
H44 DU0 Q . 8.02 -56.61 -30.53
H45 DU0 Q . 9.44 -57.20 -30.27
H46 DU0 Q . 7.64 -56.65 -27.00
H47 DU0 Q . 9.10 -55.10 -28.86
H48 DU0 Q . 9.67 -55.70 -27.54
H49 DU0 Q . 9.22 -53.43 -27.24
H50 DU0 Q . 8.40 -54.32 -26.24
H51 DU0 Q . 14.00 -64.28 -29.42
H52 DU0 Q . 12.16 -66.82 -28.10
N POV R . 21.06 -27.97 17.49
P POV R . 22.46 -30.32 14.40
C1 POV R . 22.63 -33.00 14.52
C2 POV R . 23.67 -33.11 13.44
C3 POV R . 23.33 -34.16 12.41
C210 POV R . 29.55 -39.36 11.82
C310 POV R . 27.54 -40.02 5.65
C11 POV R . 20.89 -28.34 14.95
O11 POV R . 22.67 -31.71 15.17
C211 POV R . 30.70 -38.75 12.53
C311 POV R . 26.86 -40.18 4.30
C12 POV R . 20.30 -27.75 16.20
O12 POV R . 21.17 -29.74 15.12
C212 POV R . 31.88 -39.68 12.57
C312 POV R . 27.76 -40.77 3.24
C13 POV R . 20.63 -29.26 18.13
O13 POV R . 23.61 -29.42 14.68
C213 POV R . 31.72 -40.77 13.60
C313 POV R . 28.72 -39.76 2.67
C14 POV R . 20.74 -26.85 18.42
O14 POV R . 22.07 -30.57 13.00
C214 POV R . 32.93 -41.69 13.71
C314 POV R . 30.02 -40.34 2.16
C15 POV R . 22.55 -28.01 17.28
C215 POV R . 34.14 -41.03 14.37
C315 POV R . 31.16 -39.36 2.25
C216 POV R . 34.41 -41.51 15.78
C316 POV R . 32.50 -39.97 1.92
C217 POV R . 35.19 -42.82 15.88
C218 POV R . 34.34 -44.04 15.73
C21 POV R . 25.68 -32.45 14.53
O21 POV R . 24.97 -33.45 13.99
C22 POV R . 27.07 -32.88 14.89
O22 POV R . 25.24 -31.36 14.72
C23 POV R . 27.98 -33.11 13.70
C24 POV R . 27.83 -34.48 13.08
C25 POV R . 28.54 -34.61 11.76
C26 POV R . 29.11 -35.99 11.49
C27 POV R . 28.81 -36.51 10.11
C28 POV R . 29.46 -37.86 9.80
C29 POV R . 29.00 -38.97 10.69
C31 POV R . 23.75 -36.58 12.28
O31 POV R . 23.53 -35.46 13.01
C32 POV R . 23.82 -36.39 10.80
O32 POV R . 23.88 -37.65 12.78
C33 POV R . 24.01 -37.70 10.05
C34 POV R . 25.33 -38.37 10.32
C35 POV R . 25.21 -39.86 10.51
C36 POV R . 24.75 -40.60 9.28
C37 POV R . 25.76 -40.60 8.16
C38 POV R . 25.57 -39.50 7.14
C39 POV R . 26.87 -39.02 6.55
H29 POV R . 28.21 -39.43 10.38
H1 POV R . 21.73 -33.13 14.15
H1A POV R . 22.79 -33.71 15.18
H2 POV R . 23.77 -32.29 12.95
H3 POV R . 22.42 -34.04 12.09
H3A POV R . 23.97 -33.96 11.70
H310 POV R . 27.58 -40.89 6.10
H31A POV R . 28.47 -39.75 5.52
H210 POV R . 29.18 -40.15 12.23
H11 POV R . 20.25 -28.28 14.21
H11A POV R . 21.68 -27.85 14.64
H211 POV R . 30.98 -37.93 12.09
H21A POV R . 30.47 -38.49 13.45
H311 POV R . 26.08 -40.74 4.42
H31B POV R . 26.54 -39.31 4.00
H12 POV R . 19.40 -28.11 16.36
H12A POV R . 20.23 -26.77 16.11
H22 POV R . 27.43 -32.12 15.39
H212 POV R . 31.99 -40.09 11.71
H22A POV R . 27.04 -33.66 15.46
H21B POV R . 32.68 -39.17 12.77
H32 POV R . 23.00 -35.97 10.47
H312 POV R . 28.26 -41.51 3.64
H32A POV R . 24.59 -35.82 10.60
H31C POV R . 27.21 -41.14 2.52
H13 POV R . 20.40 -29.90 17.43
H13A POV R . 21.37 -29.61 18.66
H13B POV R . 19.85 -29.11 18.69
H23 POV R . 27.84 -32.41 13.03
H213 POV R . 31.54 -40.37 14.47
H23A POV R . 28.90 -33.02 13.97
H21C POV R . 30.93 -41.31 13.36
H33 POV R . 23.29 -38.31 10.30
H313 POV R . 28.26 -39.31 1.94
H33A POV R . 23.94 -37.54 9.09
H31D POV R . 28.90 -39.08 3.35
H14 POV R . 21.04 -27.08 19.33
H14A POV R . 21.21 -26.04 18.10
H14B POV R . 19.77 -26.69 18.40
H24 POV R . 28.17 -35.13 13.72
H214 POV R . 32.67 -42.48 14.21
H24A POV R . 26.89 -34.67 12.94
H21D POV R . 33.18 -41.99 12.81
H34 POV R . 25.93 -38.20 9.57
H314 POV R . 30.25 -41.15 2.67
H34A POV R . 25.75 -37.98 11.10
H31E POV R . 29.90 -40.61 1.23
H15 POV R . 23.01 -27.90 18.13
H15A POV R . 22.79 -28.89 16.91
H15B POV R . 22.80 -27.30 16.66
H25 POV R . 27.92 -34.38 11.05
H215 POV R . 34.92 -41.20 13.80
H25A POV R . 29.26 -33.94 11.72
H21E POV R . 34.01 -40.07 14.40
H35 POV R . 26.07 -40.21 10.81
H315 POV R . 30.98 -38.59 1.67
H35A POV R . 24.58 -40.02 11.24
H31F POV R . 31.19 -39.02 3.16
H26 POV R . 30.08 -35.92 11.60
H216 POV R . 34.90 -40.81 16.26
H26A POV R . 28.79 -36.62 12.16
H21F POV R . 33.56 -41.61 16.25
H36 POV R . 24.56 -41.53 9.53
H316 POV R . 32.84 -39.59 1.08
H36A POV R . 23.92 -40.20 8.97
H31G POV R . 33.15 -39.79 2.63
H31H POV R . 32.43 -40.94 1.81
H27 POV R . 27.84 -36.57 10.01
H217 POV R . 35.88 -42.84 15.19
H27A POV R . 29.10 -35.84 9.46
H21G POV R . 35.64 -42.86 16.74
H37 POV R . 26.65 -40.49 8.55
H37A POV R . 25.74 -41.45 7.70
H28 POV R . 29.31 -38.10 8.86
H218 POV R . 34.08 -44.17 14.79
H28A POV R . 30.43 -37.78 9.89
H21H POV R . 34.82 -44.84 16.02
H21J POV R . 33.53 -43.96 16.26
H38 POV R . 25.00 -39.85 6.42
H38A POV R . 25.07 -38.76 7.53
H39 POV R . 27.48 -38.80 7.27
H39A POV R . 26.69 -38.20 6.04
N POV S . 30.34 -42.29 -48.30
P POV S . 28.06 -38.27 -49.43
C1 POV S . 27.58 -36.69 -47.31
C2 POV S . 26.09 -36.66 -47.30
C3 POV S . 25.46 -37.93 -46.77
C210 POV S . 19.95 -28.77 -42.97
C310 POV S . 22.23 -30.13 -38.45
C11 POV S . 29.35 -39.94 -47.81
O11 POV S . 28.05 -36.86 -48.67
C211 POV S . 18.94 -28.90 -41.90
C311 POV S . 20.91 -29.42 -38.34
C12 POV S . 29.12 -41.43 -47.98
O12 POV S . 28.11 -39.27 -48.18
C212 POV S . 17.77 -27.99 -42.17
C312 POV S . 21.03 -27.98 -37.90
C13 POV S . 31.42 -42.14 -47.26
O13 POV S . 26.77 -38.44 -50.13
C213 POV S . 17.91 -26.60 -41.63
C313 POV S . 21.06 -26.97 -39.01
C14 POV S . 29.91 -43.72 -48.34
O14 POV S . 29.33 -38.33 -50.20
C214 POV S . 17.52 -26.47 -40.18
C314 POV S . 21.70 -25.66 -38.62
C15 POV S . 30.91 -41.92 -49.63
C215 POV S . 16.02 -26.55 -39.88
C315 POV S . 21.43 -24.54 -39.59
C216 POV S . 15.20 -25.44 -40.50
C316 POV S . 22.43 -24.45 -40.67
C217 POV S . 13.92 -25.13 -39.73
C218 POV S . 12.74 -24.84 -40.62
C21 POV S . 24.58 -35.75 -49.06
O21 POV S . 25.67 -36.47 -48.69
C22 POV S . 24.12 -34.74 -48.05
O22 POV S . 24.01 -35.90 -50.10
C23 POV S . 23.18 -33.68 -48.60
C24 POV S . 22.96 -32.53 -47.67
C25 POV S . 22.17 -32.86 -46.45
C26 POV S . 22.24 -31.83 -45.37
C27 POV S . 21.53 -30.56 -45.67
C28 POV S . 21.65 -29.56 -44.56
C29 POV S . 20.67 -29.73 -43.49
C31 POV S . 23.66 -37.35 -45.30
O31 POV S . 24.96 -37.65 -45.44
C32 POV S . 23.31 -37.07 -43.87
O32 POV S . 22.87 -37.35 -46.22
C33 POV S . 22.10 -36.17 -43.70
C34 POV S . 22.43 -34.76 -43.34
C35 POV S . 22.79 -34.55 -41.90
C36 POV S . 22.00 -33.49 -41.22
C37 POV S . 22.55 -33.09 -39.89
C38 POV S . 21.55 -32.46 -38.98
C39 POV S . 22.20 -31.55 -37.99
H29 POV S . 20.56 -30.64 -43.15
H1 POV S . 27.97 -37.37 -46.73
H1A POV S . 27.89 -35.82 -47.00
H2 POV S . 25.87 -35.98 -46.63
H3 POV S . 24.76 -38.23 -47.38
H3A POV S . 26.13 -38.63 -46.68
H310 POV S . 22.48 -30.13 -39.39
H31A POV S . 22.93 -29.67 -37.95
H210 POV S . 20.07 -27.88 -43.32
H11 POV S . 29.50 -39.74 -46.87
H11A POV S . 30.14 -39.62 -48.28
H211 POV S . 18.65 -29.82 -41.86
H21A POV S . 19.31 -28.68 -41.03
H311 POV S . 20.48 -29.45 -39.21
H31B POV S . 20.33 -29.90 -37.73
H12 POV S . 28.47 -41.59 -48.69
H12A POV S . 28.76 -41.77 -47.14
H22 POV S . 23.69 -35.21 -47.31
H212 POV S . 17.68 -27.90 -43.14
H22A POV S . 24.89 -34.25 -47.71
H21B POV S . 16.95 -28.40 -41.83
H32 POV S . 23.14 -37.92 -43.43
H312 POV S . 20.25 -27.79 -37.34
H32A POV S . 24.07 -36.65 -43.45
H31C POV S . 21.80 -27.85 -37.34
H13 POV S . 32.17 -42.70 -47.53
H13A POV S . 31.70 -41.20 -47.23
H13B POV S . 31.08 -42.41 -46.38
H23 POV S . 23.55 -33.35 -49.44
H213 POV S . 18.84 -26.33 -41.72
H23A POV S . 22.33 -34.09 -48.83
H21C POV S . 17.38 -25.98 -42.17
H33 POV S . 21.59 -36.15 -44.53
H313 POV S . 21.51 -27.36 -39.79
H33A POV S . 21.52 -36.55 -43.01
H31D POV S . 20.14 -26.79 -39.28
H14 POV S . 30.48 -44.24 -47.73
H14A POV S . 28.99 -43.80 -48.05
H14B POV S . 30.00 -44.06 -49.24
H24 POV S . 23.83 -32.18 -47.38
H214 POV S . 17.95 -27.19 -39.68
H24A POV S . 22.50 -31.81 -48.14
H21D POV S . 17.89 -25.64 -39.84
H34 POV S . 23.17 -34.46 -43.89
H314 POV S . 21.40 -25.39 -37.73
H34A POV S . 21.68 -34.20 -43.54
H31E POV S . 22.66 -25.79 -38.57
H15 POV S . 31.56 -42.58 -49.92
H15A POV S . 30.17 -41.89 -50.27
H15B POV S . 31.33 -41.03 -49.57
H25 POV S . 21.24 -32.97 -46.71
H215 POV S . 15.68 -27.41 -40.19
H25A POV S . 22.48 -33.71 -46.08
H21E POV S . 15.88 -26.54 -38.92
H35 POV S . 22.68 -35.40 -41.42
H315 POV S . 20.56 -24.65 -40.00
H35A POV S . 23.74 -34.32 -41.85
H31F POV S . 21.42 -23.69 -39.11
H26 POV S . 21.87 -32.17 -44.54
H216 POV S . 15.75 -24.63 -40.58
H26A POV S . 23.19 -31.62 -45.21
H21F POV S . 14.96 -25.70 -41.42
H36 POV S . 22.00 -32.70 -41.79
H316 POV S . 23.28 -24.13 -40.32
H36A POV S . 21.07 -33.77 -41.13
H31G POV S . 22.59 -25.33 -41.07
H31H POV S . 22.13 -23.84 -41.37
H27 POV S . 21.88 -30.20 -46.50
H217 POV S . 13.69 -25.87 -39.13
H27A POV S . 20.59 -30.76 -45.81
H21G POV S . 14.06 -24.36 -39.16
H37 POV S . 22.91 -33.87 -39.44
H37A POV S . 23.28 -32.47 -40.03
H28 POV S . 22.56 -29.61 -44.18
H218 POV S . 11.96 -24.59 -40.06
H28A POV S . 21.55 -28.67 -44.91
H21H POV S . 12.92 -24.11 -41.23
H21J POV S . 12.49 -25.63 -41.13
H38 POV S . 20.90 -31.96 -39.50
H38A POV S . 21.07 -33.16 -38.50
H39 POV S . 23.11 -31.87 -37.83
H39A POV S . 21.72 -31.61 -37.14
N POV T . 24.01 -47.00 -50.08
P POV T . 24.57 -42.14 -48.90
C1 POV T . 22.53 -41.39 -50.43
C2 POV T . 22.21 -39.93 -50.30
C3 POV T . 20.94 -39.67 -49.53
C210 POV T . 20.50 -29.85 -49.82
C310 POV T . 16.45 -28.97 -45.29
C11 POV T . 23.62 -44.48 -49.76
O11 POV T . 23.96 -41.58 -50.27
C211 POV T . 20.92 -28.41 -49.97
C311 POV T . 15.07 -29.07 -44.63
C12 POV T . 24.41 -45.71 -49.40
O12 POV T . 23.70 -43.48 -48.72
C212 POV T . 20.67 -27.56 -48.72
C312 POV T . 14.99 -30.10 -43.51
C13 POV T . 22.74 -47.53 -49.48
O13 POV T . 25.98 -42.50 -49.11
C213 POV T . 21.92 -26.88 -48.22
C313 POV T . 13.73 -30.00 -42.65
C14 POV T . 23.81 -46.78 -51.55
O14 POV T . 24.21 -41.21 -47.81
C214 POV T . 21.84 -26.35 -46.79
C314 POV T . 13.96 -29.53 -41.21
C15 POV T . 25.09 -48.03 -49.90
C215 POV T . 23.20 -26.30 -46.12
C315 POV T . 12.91 -30.00 -40.19
C216 POV T . 23.21 -25.93 -44.64
C316 POV T . 12.92 -29.23 -38.92
C217 POV T . 22.30 -24.81 -44.20
C218 POV T . 21.04 -25.30 -43.61
C21 POV T . 22.87 -38.52 -52.16
O21 POV T . 21.96 -39.37 -51.63
C22 POV T . 22.41 -37.99 -53.48
O22 POV T . 23.93 -38.27 -51.64
C23 POV T . 22.42 -36.47 -53.53
C24 POV T . 21.26 -35.83 -52.78
C25 POV T . 21.63 -34.67 -51.87
C26 POV T . 21.22 -33.31 -52.38
C27 POV T . 19.85 -32.88 -51.97
C28 POV T . 19.83 -32.11 -50.66
C29 POV T . 20.25 -30.69 -50.81
C31 POV T . 20.05 -37.53 -48.96
O31 POV T . 21.07 -38.39 -48.90
C32 POV T . 20.39 -36.27 -48.26
O32 POV T . 19.01 -37.75 -49.52
C33 POV T . 19.26 -35.55 -47.57
C34 POV T . 18.35 -34.83 -48.53
C35 POV T . 17.40 -33.85 -47.85
C36 POV T . 18.08 -32.58 -47.40
C37 POV T . 17.32 -31.84 -46.33
C38 POV T . 16.21 -30.96 -46.85
C39 POV T . 16.52 -29.48 -46.70
H29 POV T . 20.34 -30.37 -51.72
H1 POV T . 22.07 -41.94 -49.77
H1A POV T . 22.27 -41.69 -51.32
H2 POV T . 22.91 -39.46 -49.81
H3 POV T . 20.20 -39.71 -50.16
H3A POV T . 20.83 -40.33 -48.83
H310 POV T . 16.72 -28.03 -45.30
H31A POV T . 17.09 -29.45 -44.75
H210 POV T . 20.42 -30.18 -48.91
H11 POV T . 24.00 -44.07 -50.57
H11A POV T . 22.69 -44.69 -49.98
H211 POV T . 21.87 -28.43 -50.18
H21A POV T . 20.49 -28.00 -50.74
H311 POV T . 14.81 -28.19 -44.28
H31B POV T . 14.41 -29.29 -45.31
H12 POV T . 24.34 -45.88 -48.44
H12A POV T . 25.35 -45.56 -49.62
H22 POV T . 23.01 -38.35 -54.17
H212 POV T . 20.01 -26.87 -48.94
H22A POV T . 21.51 -38.32 -53.64
H21B POV T . 20.28 -28.10 -48.01
H32 POV T . 21.10 -36.48 -47.63
H312 POV T . 15.02 -30.98 -43.91
H32A POV T . 20.75 -35.69 -48.97
H31C POV T . 15.78 -30.02 -42.95
H13 POV T . 22.38 -48.19 -50.11
H13A POV T . 22.96 -47.96 -48.63
H13B POV T . 22.10 -46.80 -49.33
H23 POV T . 22.38 -36.19 -54.47
H213 POV T . 22.68 -27.49 -48.28
H23A POV T . 23.28 -36.15 -53.19
H21C POV T . 22.11 -26.13 -48.82
H33 POV T . 18.77 -36.17 -47.02
H313 POV T . 13.11 -29.38 -43.08
H33A POV T . 19.64 -34.90 -46.96
H31D POV T . 13.28 -30.87 -42.64
H14 POV T . 23.80 -47.66 -51.99
H14A POV T . 22.94 -46.34 -51.69
H14B POV T . 24.54 -46.22 -51.88
H24 POV T . 20.62 -35.51 -53.44
H214 POV T . 21.44 -25.46 -46.81
H24A POV T . 20.82 -36.53 -52.26
H21D POV T . 21.22 -26.90 -46.26
H34 POV T . 18.88 -34.36 -49.20
H314 POV T . 14.84 -29.82 -40.90
H34A POV T . 17.83 -35.51 -49.02
H31E POV T . 13.97 -28.56 -41.21
H15 POV T . 25.70 -48.01 -50.66
H15A POV T . 25.59 -47.82 -49.09
H15B POV T . 24.66 -48.92 -49.81
H25 POV T . 21.18 -34.81 -51.01
H215 POV T . 23.63 -27.17 -46.20
H25A POV T . 22.58 -34.67 -51.67
H21E POV T . 23.77 -25.68 -46.61
H35 POV T . 16.67 -33.64 -48.47
H315 POV T . 12.01 -29.98 -40.59
H35A POV T . 17.00 -34.29 -47.09
H31F POV T . 13.09 -30.94 -39.96
H26 POV T . 21.85 -32.65 -52.02
H216 POV T . 22.99 -26.74 -44.13
H26A POV T . 21.27 -33.29 -53.36
H21F POV T . 24.12 -25.70 -44.40
H36 POV T . 18.96 -32.76 -47.06
H316 POV T . 12.53 -28.33 -39.05
H36A POV T . 18.17 -31.98 -48.16
H31G POV T . 13.84 -29.11 -38.60
H31H POV T . 12.39 -29.69 -38.23
H27 POV T . 19.45 -32.36 -52.68
H217 POV T . 22.76 -24.27 -43.54
H27A POV T . 19.30 -33.68 -51.86
H21G POV T . 22.06 -24.24 -44.94
H37 POV T . 16.95 -32.46 -45.69
H37A POV T . 17.94 -31.27 -45.85
H28 POV T . 18.94 -32.16 -50.28
H218 POV T . 20.49 -24.55 -43.30
H28A POV T . 20.46 -32.52 -50.04
H21H POV T . 20.53 -25.81 -44.28
H21J POV T . 21.21 -25.88 -42.85
H38 POV T . 16.06 -31.17 -47.79
H38A POV T . 15.40 -31.18 -46.36
H39 POV T . 15.92 -28.96 -47.28
H39A POV T . 17.42 -29.32 -47.04
CA CA U . 28.15 -33.57 -21.72
N POV V . 24.60 -61.03 -26.72
P POV V . 20.23 -59.99 -25.88
C1 POV V . 19.29 -57.55 -25.34
C2 POV V . 18.97 -57.64 -23.87
C3 POV V . 20.18 -57.85 -23.00
C210 POV V . 12.18 -50.53 -19.35
C310 POV V . 16.41 -47.03 -20.33
C11 POV V . 22.74 -59.28 -26.43
O11 POV V . 19.13 -58.84 -25.95
C211 POV V . 12.41 -49.63 -18.19
C311 POV V . 15.26 -46.80 -19.39
C12 POV V . 23.57 -60.37 -25.82
O12 POV V . 21.56 -59.12 -25.62
C212 POV V . 11.12 -49.37 -17.43
C312 POV V . 14.32 -45.68 -19.79
C13 POV V . 25.45 -60.01 -27.42
O13 POV V . 19.96 -60.84 -24.71
C213 POV V . 10.34 -48.17 -17.91
C313 POV V . 12.93 -46.12 -20.19
C14 POV V . 25.49 -61.88 -25.87
O14 POV V . 20.33 -60.59 -27.22
C214 POV V . 10.75 -46.88 -17.22
C314 POV V . 12.21 -45.11 -21.03
C15 POV V . 23.93 -61.88 -27.74
C215 POV V . 10.32 -46.75 -15.76
C315 POV V . 10.75 -45.39 -21.23
C216 POV V . 8.82 -46.77 -15.53
C316 POV V . 10.48 -46.28 -22.38
C217 POV V . 8.38 -46.03 -14.27
C218 POV V . 7.55 -46.88 -13.35
C21 POV V . 16.90 -58.85 -23.09
O21 POV V . 18.10 -58.83 -23.74
C22 POV V . 16.35 -57.48 -22.76
O22 POV V . 16.33 -59.85 -22.79
C23 POV V . 14.93 -57.51 -22.24
C24 POV V . 14.31 -56.14 -22.17
C25 POV V . 14.88 -55.25 -21.11
C26 POV V . 14.53 -53.81 -21.27
C27 POV V . 13.12 -53.47 -20.96
C28 POV V . 12.81 -52.02 -21.19
C29 POV V . 13.08 -51.15 -20.04
C31 POV V . 19.76 -56.47 -21.10
O31 POV V . 20.41 -56.63 -22.26
C32 POV V . 20.13 -55.16 -20.47
O32 POV V . 19.01 -57.27 -20.64
C33 POV V . 19.02 -54.60 -19.58
C34 POV V . 18.03 -53.80 -20.33
C35 POV V . 18.43 -52.37 -20.53
C36 POV V . 17.69 -51.39 -19.69
C37 POV V . 17.83 -49.99 -20.18
C38 POV V . 17.53 -48.95 -19.16
C39 POV V . 17.65 -47.56 -19.69
H29 POV V . 14.02 -51.04 -19.80
H1 POV V . 20.19 -57.19 -25.50
H1A POV V . 18.65 -56.93 -25.73
H2 POV V . 18.64 -56.76 -23.63
H3 POV V . 20.02 -58.61 -22.41
H3A POV V . 20.97 -58.02 -23.54
H310 POV V . 16.13 -47.67 -21.02
H31A POV V . 16.66 -46.20 -20.79
H210 POV V . 11.25 -50.67 -19.60
H11 POV V . 23.23 -58.44 -26.39
H11A POV V . 22.54 -59.45 -27.37
H211 POV V . 13.05 -50.06 -17.60
H21A POV V . 12.80 -48.79 -18.48
H311 POV V . 14.76 -47.63 -19.31
H31B POV V . 15.63 -46.63 -18.51
H12 POV V . 23.00 -61.10 -25.48
H12A POV V . 24.07 -60.01 -25.05
H22 POV V . 16.94 -57.08 -22.08
H212 POV V . 10.52 -50.14 -17.51
H22A POV V . 16.36 -56.92 -23.55
H21B POV V . 11.33 -49.26 -16.49
H32 POV V . 20.94 -55.28 -19.95
H312 POV V . 14.23 -45.08 -19.03
H32A POV V . 20.30 -54.51 -21.18
H31C POV V . 14.70 -45.17 -20.52
H13 POV V . 26.19 -60.49 -27.86
H13A POV V . 24.91 -59.55 -28.09
H13B POV V . 25.80 -59.38 -26.77
H23 POV V . 14.40 -58.08 -22.82
H213 POV V . 10.49 -48.07 -18.87
H23A POV V . 14.90 -57.92 -21.36
H21C POV V . 9.39 -48.33 -17.77
H33 POV V . 18.55 -55.35 -19.16
H313 POV V . 12.97 -46.97 -20.64
H33A POV V . 19.41 -54.06 -18.88
H31D POV V . 12.41 -46.27 -19.38
H14 POV V . 26.11 -62.36 -26.45
H14A POV V . 25.98 -61.32 -25.25
H14B POV V . 24.93 -62.51 -25.38
H24 POV V . 14.42 -55.69 -23.03
H214 POV V . 11.72 -46.82 -17.24
H24A POV V . 13.35 -56.22 -22.01
H21D POV V . 10.40 -46.14 -17.74
H34 POV V . 17.90 -54.22 -21.20
H314 POV V . 12.30 -44.23 -20.63
H34A POV V . 17.18 -53.85 -19.85
H31E POV V . 12.62 -45.06 -21.91
H15 POV V . 24.59 -62.42 -28.21
H15A POV V . 23.31 -62.49 -27.27
H15B POV V . 23.42 -61.31 -28.35
H25 POV V . 14.55 -55.57 -20.25
H215 POV V . 10.72 -47.47 -15.23
H25A POV V . 15.84 -55.35 -21.11
H21E POV V . 10.69 -45.93 -15.40
H35 POV V . 19.39 -52.28 -20.34
H315 POV V . 10.38 -45.80 -20.42
H35A POV V . 18.30 -52.13 -21.46
H31F POV V . 10.26 -44.55 -21.37
H26 POV V . 15.10 -53.26 -20.70
H216 POV V . 8.38 -46.39 -16.31
H26A POV V . 14.71 -53.55 -22.19
H21F POV V . 8.52 -47.70 -15.48
H36 POV V . 16.75 -51.62 -19.68
H316 POV V . 10.68 -45.82 -23.22
H36A POV V . 18.01 -51.45 -18.78
H31G POV V . 11.04 -47.08 -22.33
H31H POV V . 9.54 -46.56 -22.39
H27 POV V . 12.55 -54.04 -21.51
H217 POV V . 9.15 -45.70 -13.76
H27A POV V . 12.95 -53.69 -20.02
H21G POV V . 7.87 -45.24 -14.52
H37 POV V . 18.74 -49.85 -20.50
H37A POV V . 17.24 -49.85 -20.95
H28 POV V . 13.31 -51.71 -21.97
H218 POV V . 7.28 -46.36 -12.56
H28A POV V . 11.87 -51.92 -21.40
H21H POV V . 6.74 -47.19 -13.80
H21J POV V . 8.06 -47.66 -13.04
H38 POV V . 16.64 -49.10 -18.80
H38A POV V . 18.16 -49.04 -18.42
H39 POV V . 18.37 -47.55 -20.35
H39A POV V . 17.91 -46.96 -18.96
N POV W . 25.86 -65.11 -19.73
P POV W . 22.54 -61.69 -21.28
C1 POV W . 20.53 -62.85 -19.99
C2 POV W . 19.30 -61.97 -20.04
C3 POV W . 19.24 -61.04 -18.89
C210 POV W . 10.41 -56.96 -20.86
C310 POV W . 10.48 -52.70 -16.63
C11 POV W . 23.78 -63.59 -19.93
O11 POV W . 21.29 -62.68 -21.20
C211 POV W . 9.40 -56.39 -21.81
C311 POV W . 10.32 -52.13 -15.24
C12 POV W . 25.26 -63.77 -20.13
O12 POV W . 23.40 -62.20 -20.05
C212 POV W . 9.08 -54.91 -21.59
C312 POV W . 11.60 -51.60 -14.61
C13 POV W . 26.01 -65.18 -18.24
O13 POV W . 23.27 -61.93 -22.55
C213 POV W . 9.04 -54.11 -22.89
C313 POV W . 11.41 -50.90 -13.27
C14 POV W . 24.98 -66.24 -20.18
O14 POV W . 22.06 -60.32 -20.99
C214 POV W . 9.22 -52.62 -22.71
C314 POV W . 11.66 -49.38 -13.29
C15 POV W . 27.21 -65.28 -20.34
C215 POV W . 9.90 -51.95 -23.90
C315 POV W . 12.21 -48.81 -11.98
C216 POV W . 10.26 -50.48 -23.75
C316 POV W . 12.07 -47.32 -11.88
C217 POV W . 9.33 -49.59 -22.97
C218 POV W . 9.69 -49.52 -21.53
C21 POV W . 17.40 -63.06 -21.08
O21 POV W . 18.12 -62.84 -19.95
C22 POV W . 16.26 -64.00 -20.80
O22 POV W . 17.64 -62.57 -22.14
C23 POV W . 14.95 -63.60 -21.47
C24 POV W . 14.14 -62.55 -20.73
C25 POV W . 14.06 -61.19 -21.40
C26 POV W . 12.67 -60.59 -21.42
C27 POV W . 12.07 -60.27 -20.09
C28 POV W . 11.81 -58.79 -19.90
C29 POV W . 10.77 -58.21 -20.78
C31 POV W . 17.20 -59.85 -18.51
O31 POV W . 18.33 -59.97 -19.22
C32 POV W . 16.40 -58.70 -19.02
O32 POV W . 16.86 -60.59 -17.64
C33 POV W . 15.76 -57.82 -17.97
C34 POV W . 14.52 -58.42 -17.37
C35 POV W . 13.67 -57.42 -16.63
C36 POV W . 12.90 -56.48 -17.52
C37 POV W . 12.76 -55.09 -16.98
C38 POV W . 11.60 -54.91 -16.07
C39 POV W . 10.43 -54.21 -16.72
H29 POV W . 10.32 -58.87 -21.34
H1 POV W . 21.09 -62.62 -19.23
H1A POV W . 20.24 -63.77 -19.90
H2 POV W . 19.31 -61.43 -20.85
H3 POV W . 19.01 -61.53 -18.08
H3A POV W . 20.13 -60.62 -18.77
H310 POV W . 9.79 -52.34 -17.22
H31A POV W . 11.34 -52.40 -17.01
H210 POV W . 10.84 -56.32 -20.24
H11 POV W . 23.29 -64.08 -20.62
H11A POV W . 23.50 -63.98 -19.06
H211 POV W . 9.78 -56.54 -22.70
H21A POV W . 8.57 -56.91 -21.79
H311 POV W . 9.66 -51.41 -15.25
H31B POV W . 9.96 -52.83 -14.65
H12 POV W . 25.76 -63.10 -19.63
H12A POV W . 25.47 -63.67 -21.09
H22 POV W . 16.53 -64.88 -21.12
H212 POV W . 8.20 -54.84 -21.17
H22A POV W . 16.13 -64.06 -19.83
H21B POV W . 9.72 -54.51 -20.98
H32 POV W . 16.99 -58.17 -19.59
H312 POV W . 12.21 -52.34 -14.46
H32A POV W . 15.70 -59.09 -19.56
H31C POV W . 12.05 -51.01 -15.25
H13 POV W . 25.83 -66.09 -17.94
H13A POV W . 26.93 -64.94 -18.01
H13B POV W . 25.39 -64.54 -17.81
H23 POV W . 14.39 -64.40 -21.54
H213 POV W . 9.72 -54.44 -23.51
H23A POV W . 15.15 -63.33 -22.38
H21C POV W . 8.17 -54.29 -23.30
H33 POV W . 16.42 -57.63 -17.27
H313 POV W . 10.49 -51.05 -12.97
H33A POV W . 15.54 -56.95 -18.36
H31D POV W . 11.99 -51.31 -12.61
H14 POV W . 25.51 -67.06 -20.16
H14A POV W . 24.22 -66.31 -19.58
H14B POV W . 24.68 -66.04 -21.09
H24 POV W . 13.24 -62.88 -20.60
H214 POV W . 8.34 -52.21 -22.56
H24A POV W . 14.52 -62.41 -19.83
H21D POV W . 9.73 -52.43 -21.90
H34 POV W . 13.99 -58.83 -18.08
H314 POV W . 12.28 -49.14 -14.01
H34A POV W . 14.80 -59.15 -16.77
H31E POV W . 10.82 -48.94 -13.49
H15 POV W . 27.14 -65.34 -21.32
H15A POV W . 27.75 -64.50 -20.12
H15B POV W . 27.63 -66.07 -19.96
H25 POV W . 14.67 -60.57 -20.95
H215 POV W . 10.73 -52.42 -24.09
H25A POV W . 14.36 -61.26 -22.32
H21E POV W . 9.35 -52.08 -24.70
H35 POV W . 13.03 -57.91 -16.07
H315 POV W . 11.77 -49.22 -11.21
H35A POV W . 14.24 -56.92 -16.03
H31F POV W . 13.16 -49.01 -11.91
H26 POV W . 12.70 -59.77 -21.94
H216 POV W . 11.15 -50.44 -23.36
H26A POV W . 12.06 -61.20 -21.88
H21F POV W . 10.37 -50.09 -24.65
H36 POV W . 13.33 -56.44 -18.40
H316 POV W . 11.14 -47.07 -11.71
H36A POV W . 12.00 -56.83 -17.65
H31G POV W . 12.34 -46.91 -12.72
H31H POV W . 12.62 -46.97 -11.15
H27 POV W . 11.23 -60.78 -19.99
H217 POV W . 9.34 -48.70 -23.33
H27A POV W . 12.66 -60.59 -19.39
H21G POV W . 8.42 -49.92 -23.02
H37 POV W . 13.58 -54.82 -16.51
H37A POV W . 12.66 -54.47 -17.73
H28 POV W . 11.60 -58.61 -18.96
H218 POV W . 9.23 -48.76 -21.11
H28A POV W . 12.63 -58.31 -20.11
H21H POV W . 9.44 -50.33 -21.06
H21J POV W . 10.65 -49.37 -21.41
H38 POV W . 11.32 -55.79 -15.75
H38A POV W . 11.89 -54.40 -15.29
H39 POV W . 9.59 -54.51 -16.31
H39A POV W . 10.39 -54.46 -17.66
N POV X . 33.42 -16.21 8.75
P POV X . 30.38 -17.93 5.38
C1 POV X . 32.74 -18.22 4.29
C2 POV X . 33.84 -19.21 4.16
C3 POV X . 35.06 -18.51 3.61
C210 POV X . 37.02 -26.49 -2.19
C310 POV X . 39.89 -23.73 -6.13
C11 POV X . 31.19 -16.91 7.67
O11 POV X . 31.56 -18.86 4.84
C211 POV X . 35.92 -27.16 -2.94
C311 POV X . 40.54 -24.07 -7.42
C12 POV X . 32.69 -16.81 7.57
O12 POV X . 30.71 -18.06 6.93
C212 POV X . 36.42 -28.37 -3.72
C312 POV X . 41.10 -25.45 -7.44
C13 POV X . 33.47 -17.18 9.90
O13 POV X . 30.57 -16.54 4.92
C213 POV X . 36.69 -29.58 -2.86
C313 POV X . 41.42 -25.92 -8.81
C14 POV X . 34.81 -15.85 8.36
O14 POV X . 29.09 -18.62 5.09
C214 POV X . 36.64 -30.88 -3.62
C314 POV X . 42.60 -26.83 -8.88
C15 POV X . 32.72 -14.97 9.22
C215 POV X . 35.24 -31.32 -4.00
C315 POV X . 42.44 -28.12 -8.20
C216 POV X . 35.07 -32.82 -4.01
C316 POV X . 43.66 -28.93 -8.29
C217 POV X . 35.86 -33.54 -5.04
C218 POV X . 36.25 -34.89 -4.63
C21 POV X . 33.58 -21.53 3.30
O21 POV X . 33.34 -20.20 3.20
C22 POV X . 34.82 -21.89 4.08
O22 POV X . 32.88 -22.37 2.81
C23 POV X . 35.33 -23.28 3.71
C24 POV X . 35.78 -23.38 2.26
C25 POV X . 36.31 -24.75 1.83
C26 POV X . 37.82 -24.82 1.74
C27 POV X . 38.37 -26.14 1.21
C28 POV X . 38.64 -26.19 -0.31
C29 POV X . 37.58 -26.91 -1.08
C31 POV X . 36.81 -19.13 2.14
O31 POV X . 35.55 -19.29 2.51
C32 POV X . 37.17 -20.06 1.02
O32 POV X . 37.56 -18.35 2.65
C33 POV X . 36.01 -20.67 0.25
C34 POV X . 36.41 -21.86 -0.59
C35 POV X . 37.02 -21.51 -1.91
C36 POV X . 37.39 -22.74 -2.71
C37 POV X . 38.58 -22.58 -3.64
C38 POV X . 38.22 -22.19 -5.05
C39 POV X . 39.34 -22.33 -6.05
H29 POV X . 37.32 -27.79 -0.74
H1 POV X . 32.99 -17.48 4.88
H1A POV X . 32.53 -17.86 3.40
H2 POV X . 34.03 -19.55 5.06
H3 POV X . 35.74 -18.40 4.32
H3A POV X . 34.82 -17.64 3.26
H310 POV X . 39.17 -24.36 -5.96
H31A POV X . 40.54 -23.85 -5.42
H210 POV X . 37.33 -25.66 -2.59
H11 POV X . 30.92 -17.04 8.60
H11A POV X . 30.78 -16.08 7.38
H211 POV X . 35.25 -27.45 -2.31
H21A POV X . 35.47 -26.56 -3.56
H311 POV X . 39.90 -23.98 -8.14
H31B POV X . 41.26 -23.43 -7.58
H12 POV X . 32.92 -16.25 6.81
H12A POV X . 33.08 -17.70 7.45
H22 POV X . 35.55 -21.28 3.90
H212 POV X . 35.77 -28.61 -4.41
H22A POV X . 34.60 -21.86 5.04
H21B POV X . 37.24 -28.12 -4.18
H32 POV X . 37.76 -19.60 0.39
H312 POV X . 41.89 -25.51 -6.89
H32A POV X . 37.64 -20.80 1.43
H31C POV X . 40.44 -26.06 -7.06
H13 POV X . 33.82 -16.70 10.67
H13A POV X . 32.58 -17.51 10.08
H13B POV X . 34.07 -17.93 9.66
H23 POV X . 34.62 -23.93 3.88
H213 POV X . 37.58 -29.48 -2.45
H23A POV X . 36.08 -23.53 4.31
H21C POV X . 36.04 -29.60 -2.13
H33 POV X . 35.31 -20.97 0.85
H313 POV X . 40.65 -26.38 -9.18
H33A POV X . 35.63 -19.98 -0.32
H31D POV X . 41.60 -25.14 -9.36
H14 POV X . 35.07 -16.35 7.56
H14A POV X . 34.87 -14.89 8.19
H14B POV X . 35.42 -16.08 9.09
H24 POV X . 35.04 -23.16 1.67
H214 POV X . 37.16 -30.77 -4.44
H24A POV X . 36.47 -22.72 2.11
H21D POV X . 37.07 -31.58 -3.10
H34 POV X . 37.04 -22.41 -0.09
H314 POV X . 42.82 -27.00 -9.82
H34A POV X . 35.63 -22.41 -0.75
H31E POV X . 43.38 -26.39 -8.49
H15 POV X . 32.45 -14.43 8.44
H15A POV X . 31.92 -15.22 9.71
H15B POV X . 33.32 -14.47 9.81
H25 POV X . 35.99 -25.43 2.47
H215 POV X . 34.60 -30.96 -3.37
H25A POV X . 35.92 -24.98 0.96
H21E POV X . 35.03 -30.99 -4.88
H35 POV X . 36.37 -21.01 -2.43
H315 POV X . 42.21 -27.97 -7.26
H35A POV X . 37.79 -20.93 -1.78
H31F POV X . 41.71 -28.61 -8.62
H26 POV X . 38.20 -24.66 2.62
H216 POV X . 35.32 -33.15 -3.14
H26A POV X . 38.13 -24.09 1.17
H21F POV X . 34.13 -33.03 -4.15
H36 POV X . 37.59 -23.45 -2.07
H316 POV X . 44.03 -29.12 -7.41
H36A POV X . 36.61 -23.02 -3.22
H31G POV X . 43.48 -29.77 -8.74
H31H POV X . 44.34 -28.46 -8.80
H27 POV X . 39.20 -26.33 1.69
H217 POV X . 35.33 -33.59 -5.85
H27A POV X . 37.74 -26.85 1.44
H21G POV X . 36.68 -33.04 -5.25
H37 POV X . 39.20 -21.93 -3.28
H37A POV X . 39.07 -23.42 -3.62
H28 POV X . 38.77 -25.29 -0.65
H218 POV X . 35.46 -35.45 -4.48
H28A POV X . 39.48 -26.66 -0.45
H21H POV X . 36.80 -35.33 -5.32
H21J POV X . 36.78 -34.87 -3.81
H38 POV X . 37.46 -22.71 -5.36
H38A POV X . 37.92 -21.25 -5.07
H39 POV X . 40.06 -21.73 -5.80
H39A POV X . 39.03 -22.06 -6.93
N POV Y . 47.61 -51.46 -11.91
P POV Y . 45.94 -50.07 -7.85
C1 POV Y . 43.77 -48.52 -7.65
C2 POV Y . 44.36 -47.28 -7.04
C3 POV Y . 45.26 -46.53 -7.99
C210 POV Y . 37.99 -40.33 -1.74
C310 POV Y . 36.10 -39.27 -6.39
C11 POV Y . 45.89 -50.19 -10.49
O11 POV Y . 44.52 -49.68 -7.23
C211 POV Y . 37.87 -38.88 -1.99
C311 POV Y . 35.73 -38.08 -5.55
C12 POV Y . 47.34 -50.51 -10.77
O12 POV Y . 45.83 -49.39 -9.29
C212 POV Y . 37.67 -38.13 -0.69
C312 POV Y . 34.34 -38.14 -4.97
C13 POV Y . 46.94 -50.99 -13.16
O13 POV Y . 47.01 -49.41 -7.07
C213 POV Y . 36.25 -38.04 -0.22
C313 POV Y . 34.21 -38.86 -3.68
C14 POV Y . 49.09 -51.50 -12.14
O14 POV Y . 45.95 -51.53 -8.03
C214 POV Y . 35.52 -36.82 -0.75
C314 POV Y . 32.79 -39.24 -3.34
C15 POV Y . 47.13 -52.84 -11.58
C215 POV Y . 35.94 -35.49 -0.14
C315 POV Y . 32.55 -39.62 -1.92
C216 POV Y . 35.60 -35.34 1.33
C316 POV Y . 32.59 -41.08 -1.70
C217 POV Y . 35.41 -33.88 1.76
C218 POV Y . 36.10 -33.56 3.05
C21 POV Y . 45.06 -47.25 -4.64
O21 POV Y . 45.18 -47.74 -5.91
C22 POV Y . 43.88 -46.36 -4.40
O22 POV Y . 45.84 -47.51 -3.77
C23 POV Y . 43.66 -45.99 -2.95
C24 POV Y . 42.33 -45.31 -2.71
C25 POV Y . 42.23 -43.94 -3.28
C26 POV Y . 40.82 -43.41 -3.33
C27 POV Y . 40.24 -43.09 -2.01
C28 POV Y . 38.83 -42.60 -2.11
C29 POV Y . 38.71 -41.17 -2.41
C31 POV Y . 44.77 -44.23 -7.53
O31 POV Y . 44.60 -45.29 -8.33
C32 POV Y . 44.00 -43.05 -8.02
O32 POV Y . 45.48 -44.26 -6.56
C33 POV Y . 43.61 -42.09 -6.92
C34 POV Y . 42.21 -42.25 -6.44
C35 POV Y . 41.17 -41.65 -7.35
C36 POV Y . 40.27 -40.67 -6.68
C37 POV Y . 39.03 -40.37 -7.46
C38 POV Y . 38.43 -39.02 -7.21
C39 POV Y . 36.99 -38.97 -7.56
H29 POV Y . 39.23 -40.86 -3.16
H1 POV Y . 43.72 -48.49 -8.62
H1A POV Y . 42.86 -48.60 -7.31
H2 POV Y . 43.61 -46.69 -6.92
H3 POV Y . 46.13 -46.37 -7.55
H3A POV Y . 45.41 -47.03 -8.81
H310 POV Y . 36.55 -39.92 -5.82
H31A POV Y . 35.29 -39.70 -6.73
H210 POV Y . 37.48 -40.66 -0.98
H11 POV Y . 45.51 -49.64 -11.21
H11A POV Y . 45.33 -51.00 -10.43
H211 POV Y . 38.68 -38.58 -2.43
H21A POV Y . 37.13 -38.69 -2.60
H311 POV Y . 36.39 -38.00 -4.83
H31B POV Y . 35.81 -37.27 -6.07
H12 POV Y . 47.76 -50.90 -9.98
H12A POV Y . 47.81 -49.68 -10.98
H22 POV Y . 44.01 -45.54 -4.93
H212 POV Y . 38.18 -38.58 0.00
H22A POV Y . 43.07 -46.80 -4.71
H21B POV Y . 38.05 -37.23 -0.80
H32 POV Y . 44.54 -42.59 -8.69
H312 POV Y . 34.05 -37.21 -4.84
H32A POV Y . 43.19 -43.37 -8.44
H31C POV Y . 33.74 -38.53 -5.61
H13 POV Y . 47.41 -51.39 -13.92
H13A POV Y . 46.00 -51.27 -13.16
H13B POV Y . 46.99 -50.02 -13.20
H23 POV Y . 43.70 -46.80 -2.42
H213 POV Y . 35.77 -38.84 -0.52
H23A POV Y . 44.38 -45.41 -2.65
H21C POV Y . 36.22 -38.03 0.75
H33 POV Y . 44.20 -42.21 -6.16
H313 POV Y . 34.78 -39.65 -3.68
H33A POV Y . 43.73 -41.17 -7.24
H31D POV Y . 34.55 -38.29 -2.96
H14 POV Y . 49.29 -52.17 -12.83
H14A POV Y . 49.38 -50.61 -12.44
H14B POV Y . 49.52 -51.73 -11.30
H24 POV Y . 41.62 -45.86 -3.10
H214 POV Y . 35.66 -36.76 -1.72
H24A POV Y . 42.17 -45.25 -1.75
H21D POV Y . 34.55 -36.96 -0.62
H34 POV Y . 42.02 -43.20 -6.35
H314 POV Y . 32.20 -38.49 -3.56
H34A POV Y . 42.13 -41.84 -5.56
H31E POV Y . 32.52 -39.98 -3.91
H15 POV Y . 47.45 -53.48 -12.25
H15A POV Y . 47.50 -53.10 -10.71
H15B POV Y . 46.15 -52.84 -11.51
H25 POV Y . 42.77 -43.34 -2.73
H215 POV Y . 36.89 -35.37 -0.26
H25A POV Y . 42.60 -43.93 -4.18
H21E POV Y . 35.51 -34.77 -0.65
H35 POV Y . 41.61 -41.22 -8.10
H315 POV Y . 33.21 -39.21 -1.34
H35A POV Y . 40.63 -42.36 -7.71
H31F POV Y . 31.67 -39.29 -1.63
H26 POV Y . 40.79 -42.60 -3.87
H216 POV Y . 34.79 -35.85 1.52
H26A POV Y . 40.26 -44.08 -3.76
H21F POV Y . 36.31 -35.74 1.86
H36 POV Y . 39.99 -41.05 -5.82
H316 POV Y . 31.81 -41.50 -2.11
H36A POV Y . 40.75 -39.85 -6.49
H31G POV Y . 33.38 -41.47 -2.10
H31H POV Y . 32.58 -41.29 -0.74
H27 POV Y . 40.28 -43.89 -1.45
H217 POV Y . 35.75 -33.28 1.07
H27A POV Y . 40.78 -42.40 -1.58
H21G POV Y . 34.46 -33.70 1.86
H37 POV Y . 39.23 -40.45 -8.42
H37A POV Y . 38.36 -41.05 -7.25
H28 POV Y . 38.36 -43.12 -2.79
H218 POV Y . 35.92 -32.65 3.32
H28A POV Y . 38.36 -42.76 -1.28
H21H POV Y . 35.80 -34.15 3.77
H21J POV Y . 37.07 -33.67 2.96
H38 POV Y . 38.56 -38.78 -6.28
H38A POV Y . 38.91 -38.37 -7.76
H39 POV Y . 36.83 -39.62 -8.27
H39A POV Y . 36.79 -38.10 -7.93
N POV Z . 64.64 -46.05 -4.04
P POV Z . 65.53 -43.32 -0.45
C1 POV Z . 62.91 -43.68 -0.05
C2 POV Z . 62.51 -42.92 1.20
C3 POV Z . 61.69 -41.70 0.86
C210 POV Z . 59.94 -35.91 6.36
C310 POV Z . 53.05 -32.92 3.72
C11 POV Z . 65.40 -43.76 -3.08
O11 POV Z . 63.98 -43.01 -0.76
C211 POV Z . 59.80 -34.48 6.74
C311 POV Z . 53.00 -31.41 3.62
C12 POV Z . 64.68 -45.07 -2.87
O12 POV Z . 66.16 -43.35 -1.92
C212 POV Z . 58.33 -34.11 6.91
C312 POV Z . 53.15 -30.69 4.94
C13 POV Z . 63.61 -47.08 -3.72
O13 POV Z . 66.10 -42.18 0.29
C213 POV Z . 58.07 -32.82 7.66
C313 POV Z . 52.51 -29.31 4.92
C14 POV Z . 64.29 -45.42 -5.37
O14 POV Z . 65.65 -44.67 0.12
C214 POV Z . 56.63 -32.72 8.11
C314 POV Z . 52.28 -28.68 6.27
C15 POV Z . 65.97 -46.73 -4.17
C215 POV Z . 56.08 -31.31 8.13
C315 POV Z . 51.15 -27.68 6.22
C216 POV Z . 56.86 -30.37 9.01
C316 POV Z . 50.97 -26.87 7.47
C217 POV Z . 55.99 -29.25 9.58
C218 POV Z . 56.81 -28.22 10.32
C21 POV Z . 63.90 -42.08 3.12
O21 POV Z . 63.78 -42.49 1.82
C22 POV Z . 62.63 -42.18 3.94
O22 POV Z . 64.93 -41.68 3.58
C23 POV Z . 62.74 -41.39 5.26
C24 POV Z . 62.46 -39.90 5.10
C25 POV Z . 63.57 -39.12 4.42
C26 POV Z . 63.37 -37.62 4.42
C27 POV Z . 63.51 -36.97 5.79
C28 POV Z . 62.42 -35.97 6.16
C29 POV Z . 61.06 -36.55 6.13
C31 POV Z . 59.36 -41.01 1.27
O31 POV Z . 60.31 -41.97 1.20
C32 POV Z . 59.86 -39.60 1.08
O32 POV Z . 58.20 -41.25 1.47
C33 POV Z . 58.79 -38.52 1.12
C34 POV Z . 58.01 -38.46 2.41
C35 POV Z . 57.72 -37.06 2.93
C36 POV Z . 56.25 -36.73 3.04
C37 POV Z . 56.01 -35.39 3.69
C38 POV Z . 54.58 -34.92 3.62
C39 POV Z . 54.41 -33.48 4.02
H29 POV Z . 61.01 -37.51 5.94
H1 POV Z . 63.20 -44.60 0.18
H1A POV Z . 62.13 -43.74 -0.63
H2 POV Z . 61.98 -43.51 1.75
H3 POV Z . 61.78 -41.50 -0.10
H3A POV Z . 62.07 -40.98 1.38
H310 POV Z . 52.43 -33.22 4.43
H31A POV Z . 52.73 -33.31 2.89
H210 POV Z . 59.10 -36.40 6.25
H11 POV Z . 66.03 -43.84 -3.82
H11A POV Z . 64.76 -43.07 -3.36
H211 POV Z . 60.28 -34.35 7.57
H21A POV Z . 60.22 -33.88 6.08
H311 POV Z . 53.70 -31.12 3.01
H31B POV Z . 52.16 -31.16 3.20
H12 POV Z . 63.75 -44.90 -2.63
H12A POV Z . 65.10 -45.57 -2.14
H22 POV Z . 61.86 -41.79 3.51
H212 POV Z . 57.91 -34.05 6.03
H22A POV Z . 62.47 -43.12 4.13
H21B POV Z . 57.86 -34.83 7.37
H32 POV Z . 60.50 -39.39 1.79
H312 POV Z . 52.75 -31.24 5.65
H32A POV Z . 60.29 -39.53 0.21
H31C POV Z . 54.09 -30.61 5.14
H13 POV Z . 63.67 -47.79 -4.38
H13A POV Z . 63.80 -47.43 -2.84
H13B POV Z . 62.71 -46.68 -3.72
H23 POV Z . 62.10 -41.78 5.90
H213 POV Z . 58.65 -32.76 8.43
H23A POV Z . 63.62 -41.53 5.66
H21C POV Z . 58.29 -32.05 7.09
H33 POV Z . 59.23 -37.67 0.94
H313 POV Z . 53.08 -28.71 4.40
H33A POV Z . 58.16 -38.68 0.38
H31D POV Z . 51.65 -29.34 4.46
H14 POV Z . 63.56 -45.93 -5.76
H14A POV Z . 64.01 -44.49 -5.26
H14B POV Z . 65.07 -45.47 -5.95
H24 POV Z . 61.64 -39.77 4.60
H214 POV Z . 56.08 -33.28 7.54
H24A POV Z . 62.29 -39.52 5.99
H21D POV Z . 56.57 -33.09 9.01
H34 POV Z . 57.16 -38.92 2.29
H314 POV Z . 52.06 -29.37 6.93
H34A POV Z . 58.49 -38.97 3.10
H31E POV Z . 53.09 -28.24 6.58
H15 POV Z . 65.96 -47.34 -4.94
H15A POV Z . 66.66 -46.05 -4.31
H15B POV Z . 66.15 -47.22 -3.34
H25 POV Z . 64.43 -39.33 4.83
H215 POV Z . 56.08 -30.97 7.21
H25A POV Z . 63.62 -39.40 3.48
H21E POV Z . 55.15 -31.34 8.42
H35 POV Z . 58.12 -36.95 3.80
H315 POV Z . 51.31 -27.07 5.48
H35A POV Z . 58.12 -36.38 2.36
H31F POV Z . 50.32 -28.15 6.01
H26 POV Z . 64.04 -37.22 3.83
H216 POV Z . 57.28 -30.88 9.73
H26A POV Z . 62.50 -37.42 4.02
H21F POV Z . 57.59 -29.98 8.48
H36 POV Z . 55.85 -36.72 2.14
H316 POV Z . 50.76 -27.45 8.22
H36A POV Z . 55.80 -37.42 3.55
H31G POV Z . 51.78 -26.37 7.69
H31H POV Z . 50.23 -26.23 7.37
H27 POV Z . 63.55 -37.68 6.46
H217 POV Z . 55.50 -28.81 8.87
H27A POV Z . 64.38 -36.52 5.81
H21G POV Z . 55.34 -29.63 10.20
H37 POV Z . 56.27 -35.44 4.63
H37A POV Z . 56.58 -34.72 3.27
H28 POV Z . 62.61 -35.59 7.04
H218 POV Z . 57.76 -28.31 10.12
H28A POV Z . 62.42 -35.22 5.53
H21H POV Z . 56.54 -27.31 10.04
H21J POV Z . 56.68 -28.29 11.28
H38 POV Z . 54.27 -35.04 2.70
H38A POV Z . 54.02 -35.49 4.18
H39 POV Z . 55.08 -32.93 3.56
H39A POV Z . 54.58 -33.40 4.98
C18 3FD AA . 38.98 -16.49 -0.54
C17 3FD AA . 39.71 -17.43 -1.26
C16 3FD AA . 39.12 -18.12 -2.29
CL20 3FD AA . 40.03 -19.31 -3.22
C15 3FD AA . 37.82 -17.88 -2.61
C14 3FD AA . 37.10 -16.96 -1.90
C13 3FD AA . 37.67 -16.26 -0.87
C12 3FD AA . 36.81 -15.26 -0.14
N11 3FD AA . 37.36 -14.74 1.10
C6 3FD AA . 36.49 -14.47 2.23
N7 3FD AA . 35.24 -14.84 2.31
C8 3FD AA . 34.74 -14.42 3.48
C4 3FD AA . 33.49 -14.51 4.11
N10 3FD AA . 32.44 -15.19 3.38
N1 3FD AA . 33.30 -13.99 5.31
C2 3FD AA . 34.31 -13.37 5.92
N3 3FD AA . 35.49 -13.27 5.35
C9 3FD AA . 35.74 -13.79 4.13
N5 3FD AA . 36.84 -13.83 3.34
C21 3FD AA . 38.01 -13.31 3.66
O22 3FD AA . 38.46 -12.28 2.62
C24 3FD AA . 39.17 -14.35 3.72
O26 3FD AA . 39.59 -14.58 5.14
C25 3FD AA . 40.11 -13.81 3.10
O27 3FD AA . 41.32 -13.87 3.89
C23 3FD AA . 39.69 -12.23 2.91
C28 3FD AA . 40.46 -11.67 1.79
O29 3FD AA . 39.61 -11.72 0.68
C30 3FD AA . 40.20 -11.35 -0.52
C31 3FD AA . 40.08 -9.85 -0.71
C32 3FD AA . 41.18 -9.13 -1.09
C33 3FD AA . 41.10 -7.77 -1.27
C34 3FD AA . 39.90 -7.13 -1.07
C37 3FD AA . 39.81 -5.63 -1.27
N38 3FD AA . 39.76 -4.51 -1.42
C35 3FD AA . 38.79 -7.84 -0.69
C36 3FD AA . 38.88 -9.21 -0.51
CL21 3FD AA . 37.10 -18.79 -3.95
H18 3FD AA . 39.45 -15.95 0.26
H17 3FD AA . 40.75 -17.61 -1.03
H14 3FD AA . 36.07 -16.79 -2.14
H12 3FD AA . 35.84 -15.72 0.02
H12A 3FD AA . 36.67 -14.42 -0.79
HN11 3FD AA . 38.33 -14.54 1.17
HN10 3FD AA . 32.61 -15.50 2.45
HN1A 3FD AA . 31.56 -15.36 3.82
H2 3FD AA . 34.16 -12.95 6.90
H21 3FD AA . 37.95 -12.81 4.62
H24 3FD AA . 38.91 -15.29 3.26
HO26 3FD AA . 39.22 -15.40 5.43
H25 3FD AA . 40.26 -14.26 2.13
HO27 3FD AA . 41.08 -13.52 4.73
H23 3FD AA . 39.86 -11.69 3.82
H28 3FD AA . 41.34 -12.27 1.64
H28A 3FD AA . 40.74 -10.65 1.99
H30 3FD AA . 39.69 -11.85 -1.33
H30A 3FD AA . 41.25 -11.62 -0.52
H32 3FD AA . 42.13 -9.63 -1.24
H33 3FD AA . 41.97 -7.21 -1.56
H35 3FD AA . 37.86 -7.34 -0.54
H36 3FD AA . 38.01 -9.78 -0.21
C1 CLR BA . 42.13 -26.04 -1.62
C2 CLR BA . 41.83 -24.55 -1.59
C3 CLR BA . 43.06 -23.77 -1.19
C4 CLR BA . 44.17 -24.04 -2.18
C5 CLR BA . 44.46 -25.51 -2.32
C6 CLR BA . 45.71 -25.96 -2.24
C7 CLR BA . 46.13 -27.38 -2.43
C8 CLR BA . 45.01 -28.27 -2.97
C9 CLR BA . 43.68 -27.90 -2.31
C10 CLR BA . 43.27 -26.41 -2.58
C11 CLR BA . 42.57 -28.89 -2.65
C12 CLR BA . 42.96 -30.34 -2.38
C13 CLR BA . 44.24 -30.73 -3.13
C14 CLR BA . 45.33 -29.74 -2.67
C15 CLR BA . 46.62 -30.34 -3.20
C16 CLR BA . 46.40 -31.85 -3.02
C17 CLR BA . 44.90 -32.06 -2.71
C18 CLR BA . 44.01 -30.70 -4.65
C19 CLR BA . 42.80 -26.21 -4.03
C20 CLR BA . 44.37 -33.39 -3.28
C21 CLR BA . 42.85 -33.49 -3.21
C22 CLR BA . 44.99 -34.59 -2.55
C23 CLR BA . 46.35 -35.05 -3.01
C24 CLR BA . 46.63 -36.49 -2.62
C25 CLR BA . 46.46 -36.77 -1.16
C26 CLR BA . 45.09 -37.28 -0.82
C27 CLR BA . 47.50 -37.67 -0.61
O1 CLR BA . 42.77 -22.38 -1.16
H11 CLR BA . 42.35 -26.32 -0.71
H12 CLR BA . 41.32 -26.50 -1.87
H21 CLR BA . 41.53 -24.26 -2.47
H22 CLR BA . 41.08 -24.35 -0.99
H3 CLR BA . 43.34 -24.05 -0.31
H41 CLR BA . 43.93 -23.63 -3.03
H42 CLR BA . 44.97 -23.57 -1.88
H6 CLR BA . 46.44 -25.34 -2.04
H71 CLR BA . 46.90 -27.39 -3.02
H72 CLR BA . 46.43 -27.73 -1.58
H8 CLR BA . 44.97 -28.13 -3.93
H9 CLR BA . 43.83 -27.99 -1.35
H111 CLR BA . 41.78 -28.72 -2.11
H112 CLR BA . 42.29 -28.82 -3.57
H121 CLR BA . 43.10 -30.45 -1.43
H122 CLR BA . 42.20 -30.90 -2.62
H14 CLR BA . 45.37 -29.82 -1.71
H151 CLR BA . 46.78 -30.11 -4.14
H152 CLR BA . 47.39 -30.05 -2.69
H161 CLR BA . 46.63 -32.34 -3.83
H162 CLR BA . 46.98 -32.18 -2.31
H17 CLR BA . 44.82 -32.11 -1.73
H181 CLR BA . 44.02 -29.81 -5.04
H182 CLR BA . 44.68 -31.24 -5.12
H183 CLR BA . 43.15 -31.06 -4.88
H191 CLR BA . 43.22 -26.83 -4.65
H192 CLR BA . 41.84 -26.35 -4.10
H193 CLR BA . 43.01 -25.32 -4.36
H20 CLR BA . 44.63 -33.45 -4.22
H211 CLR BA . 42.53 -34.39 -3.43
H212 CLR BA . 42.55 -33.26 -2.31
H213 CLR BA . 42.40 -32.86 -3.80
H221 CLR BA . 45.02 -34.41 -1.59
H222 CLR BA . 44.41 -35.36 -2.66
H231 CLR BA . 46.42 -34.94 -3.98
H232 CLR BA . 47.04 -34.50 -2.59
H241 CLR BA . 46.06 -37.09 -3.14
H242 CLR BA . 47.55 -36.71 -2.87
H25 CLR BA . 46.56 -35.92 -0.69
H261 CLR BA . 45.11 -37.79 0.01
H262 CLR BA . 44.47 -36.54 -0.69
H263 CLR BA . 44.73 -37.86 -1.52
H271 CLR BA . 47.49 -37.63 0.36
H272 CLR BA . 47.34 -38.59 -0.89
H273 CLR BA . 48.39 -37.42 -0.91
H1 CLR BA . 42.83 -22.11 -1.95
N POV CA . 57.92 -49.68 -4.81
P POV CA . 56.94 -45.89 -4.97
C1 POV CA . 55.74 -44.69 -7.02
C2 POV CA . 54.83 -43.57 -6.53
C3 POV CA . 55.62 -42.35 -6.09
C210 POV CA . 49.31 -38.51 2.21
C310 POV CA . 51.51 -34.01 -0.09
C11 POV CA . 57.80 -47.81 -6.60
O11 POV CA . 55.79 -45.79 -6.09
C211 POV CA . 48.06 -39.21 2.65
C311 POV CA . 50.52 -33.57 0.94
C12 POV CA . 57.12 -48.95 -5.88
O12 POV CA . 58.08 -46.66 -5.77
C212 POV CA . 47.22 -38.43 3.64
C312 POV CA . 49.10 -33.47 0.42
C13 POV CA . 58.90 -48.82 -4.06
O13 POV CA . 57.41 -44.52 -4.64
C213 POV CA . 46.36 -37.33 3.04
C313 POV CA . 48.08 -33.16 1.49
C14 POV CA . 56.95 -50.27 -3.82
O14 POV CA . 56.40 -46.73 -3.89
C214 POV CA . 45.15 -36.97 3.87
C314 POV CA . 46.67 -33.08 0.97
C15 POV CA . 58.67 -50.81 -5.45
C215 POV CA . 44.06 -38.02 3.85
C315 POV CA . 45.66 -32.67 2.01
C216 POV CA . 43.26 -38.13 5.14
C316 POV CA . 44.33 -32.25 1.44
C217 POV CA . 42.24 -37.03 5.34
C218 POV CA . 41.37 -37.26 6.55
C21 POV CA . 54.16 -44.22 -4.25
O21 POV CA . 53.86 -44.11 -5.56
C22 POV CA . 53.05 -44.89 -3.49
O22 POV CA . 55.17 -43.83 -3.74
C23 POV CA . 52.89 -44.33 -2.10
C24 POV CA . 52.36 -42.90 -2.08
C25 POV CA . 51.11 -42.71 -1.25
C26 POV CA . 51.40 -42.41 0.19
C27 POV CA . 51.48 -40.92 0.47
C28 POV CA . 50.13 -40.25 0.60
C29 POV CA . 50.21 -38.97 1.36
C31 POV CA . 55.67 -40.69 -4.43
O31 POV CA . 54.93 -41.57 -5.09
C32 POV CA . 54.88 -39.97 -3.39
O32 POV CA . 56.84 -40.50 -4.64
C33 POV CA . 55.82 -39.31 -2.40
C34 POV CA . 55.15 -38.84 -1.13
C35 POV CA . 53.94 -37.98 -1.34
C36 POV CA . 54.13 -36.86 -2.32
C37 POV CA . 53.38 -35.62 -1.96
C38 POV CA . 51.91 -35.80 -1.78
C39 POV CA . 51.45 -35.47 -0.40
H29 POV CA . 51.00 -38.43 1.20
H1 POV CA . 55.41 -45.03 -7.87
H1A POV CA . 56.66 -44.35 -7.17
H2 POV CA . 54.32 -43.27 -7.31
H3 POV CA . 56.47 -42.64 -5.72
H3A POV CA . 55.77 -41.77 -6.86
H310 POV CA . 51.36 -33.49 -0.90
H31A POV CA . 52.42 -33.78 0.22
H210 POV CA . 49.47 -37.63 2.61
H11 POV CA . 58.66 -48.13 -6.92
H11A POV CA . 57.30 -47.57 -7.40
H211 POV CA . 47.54 -39.39 1.84
H21A POV CA . 48.25 -40.09 3.02
H311 POV CA . 50.53 -34.21 1.69
H31B POV CA . 50.79 -32.70 1.31
H12 POV CA . 56.87 -49.64 -6.53
H12A POV CA . 56.29 -48.64 -5.45
H22 POV CA . 52.23 -44.77 -4.00
H212 POV CA . 46.66 -39.05 4.14
H22A POV CA . 53.26 -45.84 -3.44
H21B POV CA . 47.81 -38.01 4.30
H32 POV CA . 54.33 -39.30 -3.83
H312 POV CA . 49.07 -32.78 -0.26
H32A POV CA . 54.31 -40.62 -2.92
H31C POV CA . 48.86 -34.31 -0.02
H13 POV CA . 59.26 -49.35 -3.32
H13A POV CA . 59.62 -48.57 -4.67
H13B POV CA . 58.47 -48.03 -3.72
H23 POV CA . 52.30 -44.91 -1.58
H213 POV CA . 46.04 -37.63 2.16
H23A POV CA . 53.75 -44.35 -1.64
H21C POV CA . 46.91 -36.54 2.88
H33 POV CA . 56.52 -39.96 -2.17
H313 POV CA . 48.12 -33.84 2.19
H33A POV CA . 56.26 -38.58 -2.85
H31D POV CA . 48.31 -32.30 1.90
H14 POV CA . 57.43 -50.89 -3.24
H14A POV CA . 56.58 -49.54 -3.29
H14B POV CA . 56.24 -50.71 -4.32
H24 POV CA . 53.06 -42.30 -1.73
H214 POV CA . 45.44 -36.81 4.80
H24A POV CA . 52.19 -42.61 -3.00
H21D POV CA . 44.78 -36.13 3.54
H34 POV CA . 54.89 -39.63 -0.61
H314 POV CA . 46.64 -32.46 0.21
H34A POV CA . 55.80 -38.35 -0.60
H31E POV CA . 46.42 -33.95 0.62
H15 POV CA . 59.31 -51.21 -4.82
H15A POV CA . 58.03 -51.50 -5.72
H15B POV CA . 59.13 -50.46 -6.25
H25 POV CA . 50.59 -41.96 -1.62
H215 POV CA . 44.44 -38.90 3.65
H25A POV CA . 50.54 -43.50 -1.31
H21E POV CA . 43.43 -37.81 3.13
H35 POV CA . 53.20 -38.53 -1.65
H315 POV CA . 45.51 -33.42 2.63
H35A POV CA . 53.67 -37.59 -0.49
H31F POV CA . 46.02 -31.94 2.54
H26 POV CA . 50.70 -42.81 0.75
H216 POV CA . 42.81 -39.00 5.16
H26A POV CA . 52.24 -42.84 0.43
H21F POV CA . 43.89 -38.14 5.90
H36 POV CA . 55.08 -36.65 -2.39
H316 POV CA . 43.90 -33.00 0.96
H36A POV CA . 53.84 -37.16 -3.21
H31G POV CA . 43.72 -31.96 2.16
H31H POV CA . 44.44 -31.51 0.82
H27 POV CA . 52.01 -40.75 1.28
H217 POV CA . 42.70 -36.17 5.44
H27A POV CA . 51.96 -40.50 -0.27
H21G POV CA . 41.66 -36.98 4.55
H37 POV CA . 53.76 -35.26 -1.14
H37A POV CA . 53.52 -34.95 -2.66
H28 POV CA . 49.50 -40.88 0.99
H218 POV CA . 41.90 -37.22 7.37
H28A POV CA . 49.80 -40.05 -0.29
H21H POV CA . 40.94 -38.15 6.51
H21J POV CA . 40.67 -36.59 6.61
H38 POV CA . 51.45 -35.21 -2.41
H38A POV CA . 51.64 -36.71 -2.00
H39 POV CA . 52.04 -35.94 0.24
H39A POV CA . 50.55 -35.81 -0.26
N POV DA . 26.90 -25.89 10.33
P POV DA . 26.98 -29.74 12.32
C1 POV DA . 25.78 -31.84 11.04
C2 POV DA . 26.61 -31.97 9.79
C3 POV DA . 26.31 -33.22 9.02
C210 POV DA . 31.34 -25.66 5.16
C310 POV DA . 32.77 -34.49 -0.54
C11 POV DA . 25.47 -27.82 11.30
O11 POV DA . 25.78 -30.49 11.56
C211 POV DA . 31.64 -27.00 4.58
C311 POV DA . 32.95 -34.59 -2.06
C12 POV DA . 25.68 -26.34 11.13
O12 POV DA . 26.31 -28.30 12.39
C212 POV DA . 32.06 -26.98 3.13
C312 POV DA . 32.23 -35.72 -2.74
C13 POV DA . 27.39 -24.61 10.93
O13 POV DA . 27.18 -30.23 13.70
C213 POV DA . 33.55 -27.09 2.86
C313 POV DA . 31.32 -35.26 -3.85
C14 POV DA . 28.01 -26.89 10.37
O14 POV DA . 28.15 -29.62 11.43
C214 POV DA . 33.93 -28.36 2.13
C314 POV DA . 30.71 -36.37 -4.63
C15 POV DA . 26.54 -25.64 8.90
C215 POV DA . 33.56 -28.36 0.65
C315 POV DA . 29.54 -35.99 -5.49
C216 POV DA . 32.50 -29.37 0.21
C316 POV DA . 29.60 -34.61 -6.06
C217 POV DA . 31.14 -28.77 -0.02
C218 POV DA . 31.03 -28.12 -1.35
C21 POV DA . 28.91 -31.39 9.34
O21 POV DA . 28.04 -31.98 10.16
C22 POV DA . 30.31 -31.50 9.87
O22 POV DA . 28.60 -30.84 8.32
C23 POV DA . 31.16 -30.30 9.46
C24 POV DA . 31.56 -30.34 7.99
C25 POV DA . 32.36 -29.13 7.52
C26 POV DA . 31.72 -27.79 7.83
C27 POV DA . 30.27 -27.67 7.39
C28 POV DA . 29.74 -26.26 7.08
C29 POV DA . 30.55 -25.37 6.18
C31 POV DA . 27.44 -34.72 7.58
O31 POV DA . 27.39 -33.51 8.12
C32 POV DA . 28.63 -34.86 6.67
O32 POV DA . 26.63 -35.58 7.80
C33 POV DA . 29.32 -36.21 6.75
C34 POV DA . 29.83 -36.71 5.42
C35 POV DA . 30.79 -35.79 4.70
C36 POV DA . 31.10 -36.22 3.27
C37 POV DA . 31.41 -35.11 2.31
C38 POV DA . 30.94 -35.40 0.93
C39 POV DA . 31.35 -34.37 -0.08
H29 POV DA . 30.45 -24.41 6.40
H1 POV DA . 24.85 -32.06 10.83
H1A POV DA . 26.08 -32.49 11.71
H2 POV DA . 26.40 -31.21 9.20
H3 POV DA . 26.16 -33.96 9.63
H3A POV DA . 25.52 -33.08 8.47
H310 POV DA . 33.16 -35.27 -0.12
H31A POV DA . 33.28 -33.72 -0.21
H210 POV DA . 31.80 -24.93 4.71
H11 POV DA . 24.54 -27.98 11.55
H11A POV DA . 25.62 -28.29 10.47
H211 POV DA . 32.34 -27.42 5.14
H21A POV DA . 30.86 -27.58 4.65
H311 POV DA . 32.68 -33.75 -2.47
H31B POV DA . 33.90 -34.69 -2.25
H12 POV DA . 25.78 -25.92 12.02
H12A POV DA . 24.88 -25.95 10.71
H22 POV DA . 30.28 -31.54 10.84
H212 POV DA . 31.64 -27.72 2.70
H22A POV DA . 30.72 -32.31 9.53
H21B POV DA . 31.73 -26.16 2.72
H32 POV DA . 28.33 -34.71 5.76
H312 POV DA . 32.89 -36.34 -3.12
H32A POV DA . 29.26 -34.17 6.92
H31C POV DA . 31.72 -36.24 -2.09
H13 POV DA . 26.62 -24.00 11.03
H13A POV DA . 27.78 -24.80 11.80
H13B POV DA . 28.07 -24.21 10.35
H23 POV DA . 30.64 -29.49 9.66
H213 POV DA . 33.83 -26.32 2.33
H23A POV DA . 31.96 -30.26 10.03
H21C POV DA . 34.04 -27.04 3.70
H33 POV DA . 30.08 -36.14 7.37
H313 POV DA . 30.61 -34.71 -3.47
H33A POV DA . 28.69 -36.84 7.12
H31D POV DA . 31.84 -34.70 -4.45
H14 POV DA . 28.81 -26.47 10.00
H14A POV DA . 28.18 -27.14 11.31
H14B POV DA . 27.77 -27.68 9.84
H24 POV DA . 32.10 -31.14 7.84
H214 POV DA . 34.89 -28.51 2.22
H24A POV DA . 30.78 -30.42 7.43
H21D POV DA . 33.51 -29.12 2.59
H34 POV DA . 30.28 -37.56 5.56
H314 POV DA . 31.41 -36.77 -5.19
H34A POV DA . 29.06 -36.89 4.84
H31E POV DA . 30.44 -37.07 -4.02
H15 POV DA . 27.26 -25.93 8.30
H15A POV DA . 25.74 -26.14 8.66
H15B POV DA . 26.36 -24.68 8.78
H25 POV DA . 33.25 -29.16 7.92
H215 POV DA . 33.25 -27.47 0.40
H25A POV DA . 32.49 -29.20 6.56
H21E POV DA . 34.37 -28.53 0.12
H35 POV DA . 30.42 -34.88 4.67
H315 POV DA . 29.48 -36.63 -6.23
H35A POV DA . 31.62 -35.74 5.21
H31F POV DA . 28.72 -36.08 -4.97
H26 POV DA . 31.76 -27.63 8.79
H216 POV DA . 32.80 -29.79 -0.61
H26A POV DA . 32.26 -27.09 7.40
H21F POV DA . 32.41 -30.10 0.87
H36 POV DA . 31.86 -36.83 3.29
H316 POV DA . 28.93 -34.51 -6.76
H36A POV DA . 30.34 -36.73 2.92
H31G POV DA . 29.40 -33.95 -5.38
H31H POV DA . 30.48 -34.42 -6.44
H27 POV DA . 30.11 -28.27 6.65
H217 POV DA . 30.46 -29.46 0.05
H27A POV DA . 29.71 -28.03 8.13
H21G POV DA . 30.93 -28.09 0.64
H37 POV DA . 31.00 -34.26 2.59
H37A POV DA . 32.37 -34.96 2.29
H28 POV DA . 29.56 -25.80 7.91
H218 POV DA . 30.28 -27.49 -1.38
H28A POV DA . 28.87 -26.35 6.65
H21H POV DA . 31.85 -27.68 -1.60
H21J POV DA . 30.85 -28.82 -2.00
H38 POV DA . 31.27 -36.28 0.66
H38A POV DA . 29.97 -35.47 0.94
H39 POV DA . 31.22 -33.47 0.29
H39A POV DA . 30.76 -34.45 -0.85
N POV EA . 36.28 -15.42 15.16
P POV EA . 36.73 -17.23 11.32
C1 POV EA . 37.47 -18.26 8.98
C2 POV EA . 37.89 -19.64 9.47
C3 POV EA . 38.99 -19.63 10.53
C210 POV EA . 44.18 -27.57 2.13
C310 POV EA . 44.20 -27.22 7.61
C11 POV EA . 37.56 -17.18 13.80
O11 POV EA . 37.64 -17.26 10.01
C211 POV EA . 45.16 -28.66 2.26
C311 POV EA . 45.51 -27.96 7.51
C12 POV EA . 37.38 -15.73 14.17
O12 POV EA . 37.89 -17.26 12.40
C212 POV EA . 46.49 -28.41 1.59
C312 POV EA . 45.78 -28.56 6.16
C13 POV EA . 36.36 -16.34 16.34
O13 POV EA . 36.01 -15.95 11.41
C213 POV EA . 47.22 -29.69 1.28
C313 POV EA . 47.20 -29.04 6.02
C14 POV EA . 36.47 -14.01 15.62
O14 POV EA . 35.97 -18.50 11.41
C214 POV EA . 48.50 -29.54 0.48
C314 POV EA . 47.32 -30.23 5.09
C15 POV EA . 34.95 -15.56 14.50
C215 POV EA . 49.76 -29.49 1.30
C315 POV EA . 48.73 -30.48 4.62
C216 POV EA . 51.00 -29.73 0.47
C316 POV EA . 49.59 -31.02 5.67
C217 POV EA . 51.23 -28.65 -0.55
C218 POV EA . 52.52 -28.83 -1.30
C21 POV EA . 39.43 -20.15 7.65
O21 POV EA . 38.32 -20.47 8.34
C22 POV EA . 39.74 -21.17 6.60
O22 POV EA . 40.09 -19.17 7.88
C23 POV EA . 41.12 -21.77 6.83
C24 POV EA . 41.91 -21.99 5.56
C25 POV EA . 41.43 -23.14 4.72
C26 POV EA . 42.21 -23.31 3.45
C27 POV EA . 43.30 -24.34 3.50
C28 POV EA . 42.83 -25.65 2.94
C29 POV EA . 43.84 -26.73 3.06
C31 POV EA . 39.07 -19.91 12.99
O31 POV EA . 38.37 -19.83 11.83
C32 POV EA . 40.57 -19.75 12.91
O32 POV EA . 38.52 -20.10 14.04
C33 POV EA . 41.37 -21.03 13.13
C34 POV EA . 41.02 -22.19 12.20
C35 POV EA . 42.07 -22.44 11.15
C36 POV EA . 41.80 -23.65 10.29
C37 POV EA . 43.06 -24.40 9.98
C38 POV EA . 42.95 -25.43 8.88
C39 POV EA . 44.21 -26.21 8.73
H29 POV EA . 44.28 -26.79 3.93
H1 POV EA . 37.97 -17.95 8.19
H1A POV EA . 36.53 -18.30 8.74
H2 POV EA . 37.12 -20.07 9.88
H3 POV EA . 39.63 -20.35 10.35
H3A POV EA . 39.45 -18.77 10.52
H310 POV EA . 44.02 -26.75 6.77
H31A POV EA . 43.48 -27.85 7.76
H210 POV EA . 43.74 -27.50 1.26
H11 POV EA . 38.31 -17.56 14.31
H11A POV EA . 36.77 -17.73 14.00
H211 POV EA . 45.32 -28.76 3.23
H21A POV EA . 44.78 -29.51 1.97
H311 POV EA . 45.51 -28.68 8.17
H31B POV EA . 46.24 -27.36 7.74
H12 POV EA . 37.17 -15.20 13.36
H12A POV EA . 38.21 -15.39 14.57
H22 POV EA . 39.07 -21.86 6.65
H212 POV EA . 46.33 -27.91 0.77
H22A POV EA . 39.70 -20.73 5.73
H21B POV EA . 47.04 -27.85 2.15
H32 POV EA . 40.77 -19.21 13.69
H312 POV EA . 45.17 -29.30 6.01
H32A POV EA . 40.95 -19.25 12.16
H31C POV EA . 45.61 -27.89 5.48
H13 POV EA . 35.91 -17.18 16.11
H13A POV EA . 37.31 -16.51 16.53
H13B POV EA . 35.94 -15.93 17.12
H23 POV EA . 41.63 -21.16 7.42
H213 POV EA . 47.43 -30.14 2.12
H23A POV EA . 41.03 -22.61 7.31
H21C POV EA . 46.61 -30.27 0.80
H33 POV EA . 42.31 -20.83 13.03
H313 POV EA . 47.76 -28.32 5.66
H33A POV EA . 41.25 -21.32 14.06
H31D POV EA . 47.56 -29.27 6.89
H14 POV EA . 35.62 -13.70 16.01
H14A POV EA . 36.69 -13.45 14.85
H14B POV EA . 37.18 -13.98 16.29
H24 POV EA . 41.85 -21.17 5.02
H214 POV EA . 48.58 -30.27 -0.16
H24A POV EA . 42.84 -22.12 5.78
H21D POV EA . 48.46 -28.71 -0.04
H34 POV EA . 40.93 -23.01 12.73
H314 POV EA . 47.01 -31.03 5.57
H34A POV EA . 40.16 -22.06 11.77
H31E POV EA . 46.74 -30.10 4.33
H15 POV EA . 34.23 -15.38 15.15
H15A POV EA . 34.89 -14.88 13.79
H15B POV EA . 34.86 -16.44 14.11
H25 POV EA . 41.50 -23.97 5.24
H215 POV EA . 49.83 -28.62 1.72
H25A POV EA . 40.48 -23.03 4.52
H21E POV EA . 49.73 -30.17 2.00
H35 POV EA . 42.11 -21.65 10.56
H315 POV EA . 48.70 -31.11 3.86
H35A POV EA . 42.94 -22.52 11.57
H31F POV EA . 49.12 -29.64 4.29
H26 POV EA . 41.60 -23.54 2.73
H216 POV EA . 51.79 -29.79 1.05
H26A POV EA . 42.63 -22.44 3.21
H21F POV EA . 50.92 -30.58 0.01
H36 POV EA . 41.18 -24.25 10.76
H316 POV EA . 50.47 -31.24 5.29
H36A POV EA . 41.36 -23.39 9.46
H31G POV EA . 49.72 -30.38 6.39
H31H POV EA . 49.21 -31.85 6.04
H27 POV EA . 44.07 -24.03 3.00
H217 POV EA . 50.49 -28.67 -1.19
H27A POV EA . 43.60 -24.47 4.42
H21G POV EA . 51.21 -27.79 -0.10
H37 POV EA . 43.77 -23.76 9.74
H37A POV EA . 43.37 -24.85 10.79
H28 POV EA . 41.98 -25.90 3.36
H218 POV EA . 52.45 -28.55 -2.24
H28A POV EA . 42.64 -25.54 1.99
H21H POV EA . 53.22 -28.28 -0.90
H21J POV EA . 52.82 -29.76 -1.27
H38 POV EA . 42.21 -26.04 9.06
H38A POV EA . 42.73 -24.99 8.03
H39 POV EA . 44.42 -26.66 9.56
H39A POV EA . 44.95 -25.58 8.57
N POV FA . 67.97 -39.01 2.29
P POV FA . 66.41 -34.40 3.98
C1 POV FA . 65.29 -32.94 5.86
C2 POV FA . 65.01 -31.74 5.00
C3 POV FA . 66.26 -31.02 4.55
C210 POV FA . 58.42 -23.25 8.49
C310 POV FA . 63.23 -22.75 6.62
C11 POV FA . 67.46 -36.72 3.36
O11 POV FA . 65.23 -34.11 5.03
C211 POV FA . 58.53 -21.96 7.77
C311 POV FA . 63.08 -21.26 6.44
C12 POV FA . 67.02 -38.14 3.11
O12 POV FA . 66.34 -35.99 3.93
C212 POV FA . 58.65 -20.75 8.67
C312 POV FA . 61.88 -20.71 7.19
C13 POV FA . 67.50 -40.42 2.38
O13 POV FA . 66.05 -33.83 2.67
C213 POV FA . 57.82 -19.59 8.20
C313 POV FA . 62.00 -19.26 7.64
C14 POV FA . 67.96 -38.59 0.85
O14 POV FA . 67.69 -34.03 4.61
C214 POV FA . 56.35 -19.75 8.53
C314 POV FA . 61.49 -18.27 6.63
C15 POV FA . 69.37 -38.92 2.81
C215 POV FA . 55.46 -18.77 7.82
C315 POV FA . 61.75 -16.83 7.00
C216 POV FA . 54.19 -18.46 8.56
C316 POV FA . 60.89 -16.37 8.18
C217 POV FA . 54.36 -17.49 9.69
C218 POV FA . 54.62 -16.13 9.19
C21 POV FA . 62.86 -31.05 5.85
O21 POV FA . 64.17 -30.78 5.73
C22 POV FA . 62.14 -29.93 6.53
O22 POV FA . 62.36 -32.08 5.47
C23 POV FA . 62.80 -28.60 6.25
C24 POV FA . 61.90 -27.41 6.49
C25 POV FA . 61.51 -27.22 7.93
C26 POV FA . 60.14 -27.76 8.25
C27 POV FA . 59.02 -26.76 8.03
C28 POV FA . 59.03 -25.61 9.01
C29 POV FA . 59.17 -24.31 8.31
C31 POV FA . 68.23 -29.97 5.59
O31 POV FA . 67.04 -30.60 5.70
C32 POV FA . 68.76 -29.74 4.20
O32 POV FA . 68.85 -29.61 6.56
C33 POV FA . 68.24 -28.51 3.45
C34 POV FA . 68.37 -27.21 4.25
C35 POV FA . 67.17 -26.91 5.12
C36 POV FA . 66.28 -25.80 4.58
C37 POV FA . 64.89 -25.79 5.18
C38 POV FA . 64.70 -24.76 6.28
C39 POV FA . 64.33 -23.38 5.80
H29 POV FA . 59.91 -24.25 7.67
H1 POV FA . 66.18 -32.89 6.25
H1A POV FA . 64.63 -33.01 6.56
H2 POV FA . 64.53 -32.03 4.21
H3 POV FA . 66.76 -31.61 3.96
H3A POV FA . 65.99 -30.22 4.06
H310 POV FA . 63.39 -22.94 7.56
H31A POV FA . 62.38 -23.17 6.39
H210 POV FA . 57.71 -23.30 9.16
H11 POV FA . 68.17 -36.70 4.03
H11A POV FA . 67.80 -36.29 2.56
H211 POV FA . 59.32 -22.03 7.20
H21A POV FA . 57.78 -21.83 7.16
H311 POV FA . 63.91 -20.81 6.75
H31B POV FA . 63.00 -21.06 5.50
H12 POV FA . 66.17 -38.16 2.63
H12A POV FA . 66.91 -38.60 3.97
H22 POV FA . 61.22 -29.93 6.21
H212 POV FA . 58.38 -20.99 9.58
H22A POV FA . 62.13 -30.11 7.49
H21B POV FA . 59.59 -20.46 8.72
H32 POV FA . 69.71 -29.58 4.32
H312 POV FA . 61.11 -20.77 6.60
H32A POV FA . 68.72 -30.54 3.63
H31C POV FA . 61.69 -21.27 7.96
H13 POV FA . 68.07 -40.98 1.80
H13A POV FA . 67.59 -40.73 3.31
H13B POV FA . 66.57 -40.48 2.11
H23 POV FA . 63.60 -28.52 6.82
H213 POV FA . 58.14 -18.76 8.62
H23A POV FA . 63.12 -28.58 5.33
H21C POV FA . 57.92 -19.48 7.24
H33 POV FA . 68.75 -28.41 2.63
H313 POV FA . 61.48 -19.14 8.46
H33A POV FA . 67.31 -28.63 3.18
H31D POV FA . 62.93 -19.05 7.84
H14 POV FA . 68.87 -38.51 0.54
H14A POV FA . 67.50 -39.28 0.32
H14B POV FA . 67.49 -37.73 0.76
H24 POV FA . 62.36 -26.60 6.17
H214 POV FA . 56.07 -20.66 8.29
H24A POV FA . 61.10 -27.51 5.95
H21D POV FA . 56.22 -19.66 9.49
H34 POV FA . 69.16 -27.26 4.82
H314 POV FA . 61.92 -18.45 5.76
H34A POV FA . 68.50 -26.48 3.63
H31E POV FA . 60.53 -18.41 6.51
H15 POV FA . 69.94 -39.59 2.37
H15A POV FA . 69.74 -38.04 2.60
H15B POV FA . 69.35 -39.05 3.79
H25 POV FA . 62.16 -27.66 8.51
H215 POV FA . 55.96 -17.95 7.65
H25A POV FA . 61.54 -26.26 8.13
H21E POV FA . 55.23 -19.12 6.94
H35 POV FA . 66.64 -27.73 5.22
H315 POV FA . 62.69 -16.71 7.23
H35A POV FA . 67.49 -26.67 6.01
H31F POV FA . 61.56 -16.26 6.24
H26 POV FA . 59.97 -28.55 7.70
H216 POV FA . 53.53 -18.10 7.94
H26A POV FA . 60.11 -28.05 9.18
H21F POV FA . 53.83 -19.30 8.92
H36 POV FA . 66.70 -24.94 4.78
H316 POV FA . 61.12 -15.44 8.40
H36A POV FA . 66.22 -25.88 3.61
H31G POV FA . 59.94 -16.40 7.94
H31H POV FA . 61.04 -16.91 8.97
H27 POV FA . 59.11 -26.39 7.13
H217 POV FA . 53.57 -17.47 10.27
H27A POV FA . 58.16 -27.22 8.06
H21G POV FA . 55.12 -17.75 10.24
H37 POV FA . 64.24 -25.63 4.47
H37A POV FA . 64.68 -26.67 5.55
H28 POV FA . 58.22 -25.63 9.55
H218 POV FA . 54.04 -15.93 8.43
H28A POV FA . 59.77 -25.71 9.61
H21H POV FA . 54.46 -15.47 9.89
H21J POV FA . 55.54 -16.06 8.89
H38 POV FA . 63.99 -25.08 6.88
H38A POV FA . 65.51 -24.71 6.80
H39 POV FA . 64.06 -23.41 4.86
H39A POV FA . 65.13 -22.81 5.84
N POV GA . 77.34 -22.68 -6.70
P POV GA . 74.73 -22.27 -3.42
C1 POV GA . 74.62 -19.72 -4.03
C2 POV GA . 73.72 -19.50 -5.22
C3 POV GA . 74.53 -19.41 -6.48
C210 POV GA . 67.18 -16.63 1.43
C310 POV GA . 68.48 -12.18 -5.63
C11 POV GA . 75.09 -23.54 -5.71
O11 POV GA . 74.09 -20.82 -3.26
C211 POV GA . 67.30 -17.85 0.56
C311 POV GA . 67.33 -11.22 -5.44
C12 POV GA . 76.59 -23.73 -5.89
O12 POV GA . 74.73 -22.32 -5.02
C212 POV GA . 66.60 -19.10 1.10
C312 POV GA . 66.72 -11.31 -4.06
C13 POV GA . 77.52 -21.41 -5.91
O13 POV GA . 76.12 -22.27 -2.92
C213 POV GA . 67.15 -19.58 2.43
C313 POV GA . 67.51 -10.60 -2.99
C14 POV GA . 78.71 -23.22 -7.00
O14 POV GA . 73.77 -23.27 -2.92
C214 POV GA . 66.95 -21.05 2.70
C314 POV GA . 67.41 -9.09 -3.09
C15 POV GA . 76.67 -22.36 -8.00
C215 POV GA . 68.25 -21.82 2.83
C315 POV GA . 68.07 -8.31 -1.99
C216 POV GA . 69.08 -21.87 1.56
C316 POV GA . 69.07 -7.34 -2.54
C217 POV GA . 70.36 -21.07 1.63
C218 POV GA . 71.24 -21.26 0.41
C21 POV GA . 72.19 -18.05 -4.04
O21 POV GA . 72.98 -18.24 -5.10
C22 POV GA . 71.50 -16.73 -4.11
O22 POV GA . 72.10 -18.84 -3.13
C23 POV GA . 69.99 -16.78 -3.91
C24 POV GA . 69.55 -17.46 -2.63
C25 POV GA . 70.03 -16.76 -1.37
C26 POV GA . 69.43 -15.38 -1.09
C27 POV GA . 67.93 -15.20 -1.37
C28 POV GA . 67.11 -14.64 -0.21
C29 POV GA . 67.18 -15.33 1.10
C31 POV GA . 74.07 -18.27 -8.53
O31 POV GA . 73.70 -19.20 -7.64
C32 POV GA . 73.14 -18.21 -9.70
O32 POV GA . 75.04 -17.56 -8.40
C33 POV GA . 71.66 -17.99 -9.35
C34 POV GA . 71.40 -17.27 -8.04
C35 POV GA . 71.90 -15.85 -8.01
C36 POV GA . 70.79 -14.84 -8.10
C37 POV GA . 70.01 -14.70 -6.82
C38 POV GA . 68.59 -14.29 -6.99
C39 POV GA . 68.04 -13.62 -5.77
H29 POV GA . 67.21 -14.71 1.85
H1 POV GA . 75.53 -19.97 -4.33
H1A POV GA . 74.70 -18.92 -3.49
H2 POV GA . 73.09 -20.24 -5.31
H3 POV GA . 75.22 -18.73 -6.35
H3A POV GA . 74.95 -20.29 -6.60
H310 POV GA . 68.98 -11.92 -6.43
H31A POV GA . 69.09 -12.11 -4.87
H210 POV GA . 67.08 -16.82 2.38
H11 POV GA . 74.64 -23.52 -6.59
H11A POV GA . 74.72 -24.32 -5.25
H211 POV GA . 66.98 -17.67 -0.33
H21A POV GA . 68.23 -18.12 0.48
H311 POV GA . 67.64 -10.32 -5.60
H31B POV GA . 66.65 -11.41 -6.10
H12 POV GA . 76.75 -24.58 -6.34
H12A POV GA . 77.01 -23.77 -5.01
H22 POV GA . 71.91 -16.13 -3.45
H212 POV GA . 65.64 -18.91 1.20
H22A POV GA . 71.68 -16.38 -5.01
H21B POV GA . 66.69 -19.81 0.43
H32 POV GA . 73.44 -17.49 -10.30
H312 POV GA . 65.80 -10.94 -4.09
H32A POV GA . 73.20 -19.06 -10.16
H31C POV GA . 66.63 -12.25 -3.81
H13 POV GA . 77.18 -20.67 -6.44
H13A POV GA . 77.01 -21.49 -5.07
H13B POV GA . 78.45 -21.28 -5.69
H23 POV GA . 69.64 -15.87 -3.90
H213 POV GA . 68.10 -19.37 2.48
H23A POV GA . 69.58 -17.21 -4.67
H21C POV GA . 66.71 -19.07 3.14
H33 POV GA . 71.25 -17.47 -10.06
H313 POV GA . 67.19 -10.89 -2.11
H33A POV GA . 71.24 -18.86 -9.37
H31D POV GA . 68.45 -10.86 -3.06
H14 POV GA . 78.61 -24.00 -7.59
H14A POV GA . 79.23 -22.53 -7.44
H14B POV GA . 79.12 -23.48 -6.15
H24 POV GA . 68.58 -17.56 -2.66
H214 POV GA . 66.43 -21.14 3.53
H24A POV GA . 69.85 -18.39 -2.60
H21D POV GA . 66.41 -21.45 2.00
H34 POV GA . 70.43 -17.24 -7.92
H314 POV GA . 67.78 -8.79 -3.94
H34A POV GA . 71.74 -17.76 -7.27
H31E POV GA . 66.47 -8.85 -3.11
H15 POV GA . 77.24 -21.77 -8.53
H15A POV GA . 76.56 -23.19 -8.49
H15B POV GA . 75.80 -21.95 -7.84
H25 POV GA . 69.92 -17.35 -0.60
H215 POV GA . 68.79 -21.39 3.55
H25A POV GA . 70.99 -16.65 -1.44
H21E POV GA . 68.06 -22.73 3.13
H35 POV GA . 72.39 -15.71 -7.18
H315 POV GA . 68.51 -8.91 -1.35
H35A POV GA . 72.53 -15.71 -8.75
H31F POV GA . 67.38 -7.82 -1.50
H26 POV GA . 69.62 -15.16 -0.16
H216 POV GA . 69.30 -22.80 1.37
H26A POV GA . 69.93 -14.72 -1.63
H21F POV GA . 68.54 -21.54 0.83
H36 POV GA . 71.16 -13.98 -8.34
H316 POV GA . 69.75 -7.81 -3.08
H36A POV GA . 70.16 -15.11 -8.81
H31G POV GA . 68.63 -6.69 -3.12
H31H POV GA . 69.52 -6.86 -1.82
H27 POV GA . 67.85 -14.56 -2.12
H217 POV GA . 70.15 -20.12 1.71
H27A POV GA . 67.47 -15.99 -1.66
H21G POV GA . 70.88 -21.34 2.42
H37 POV GA . 70.01 -15.56 -6.35
H37A POV GA . 70.47 -14.07 -6.22
H28 POV GA . 67.33 -13.69 -0.11
H218 POV GA . 71.35 -22.21 0.20
H28A POV GA . 66.17 -14.65 -0.48
H21H POV GA . 70.87 -20.80 -0.36
H21J POV GA . 72.14 -20.89 0.58
H38 POV GA . 68.51 -13.71 -7.77
H38A POV GA . 68.06 -15.08 -7.17
H39 POV GA . 68.34 -14.11 -4.98
H39A POV GA . 67.07 -13.66 -5.77
N POV HA . 74.73 -19.45 -13.68
P POV HA . 72.65 -15.91 -16.08
C1 POV HA . 73.49 -14.38 -14.08
C2 POV HA . 72.52 -14.93 -13.07
C210 POV HA . 63.23 -7.87 -9.21
C11 POV HA . 73.27 -18.45 -15.58
O11 POV HA . 73.78 -15.40 -15.07
C211 POV HA . 63.00 -7.36 -7.83
C12 POV HA . 74.26 -18.22 -14.45
O12 POV HA . 73.31 -17.31 -16.49
C212 POV HA . 61.77 -6.46 -7.64
C13 POV HA . 73.59 -20.30 -13.22
O13 POV HA . 71.36 -16.13 -15.39
C213 POV HA . 60.51 -6.94 -8.34
C14 POV HA . 75.64 -20.29 -14.53
O14 POV HA . 72.69 -15.04 -17.27
C214 POV HA . 60.29 -6.31 -9.72
C15 POV HA . 75.49 -18.97 -12.48
C215 POV HA . 59.16 -5.33 -9.78
C216 POV HA . 57.96 -5.80 -10.59
C217 POV HA . 57.71 -4.91 -11.77
C218 POV HA . 57.16 -3.58 -11.36
C21 POV HA . 70.92 -13.15 -12.95
O21 POV HA . 71.91 -13.83 -12.35
C22 POV HA . 70.37 -12.09 -12.06
O22 POV HA . 70.54 -13.39 -14.07
C23 POV HA . 70.33 -12.52 -10.60
C24 POV HA . 69.66 -11.53 -9.67
C25 POV HA . 68.26 -11.13 -10.10
C26 POV HA . 67.37 -10.59 -9.01
C27 POV HA . 66.36 -9.64 -9.54
C28 POV HA . 65.10 -9.47 -8.72
C29 POV HA . 64.06 -8.82 -9.56
H29 POV HA . 63.98 -9.17 -10.47
H1 POV HA . 73.13 -13.61 -14.54
H1A POV HA . 74.31 -14.12 -13.61
H2 POV HA . 73.01 -15.49 -12.44
H210 POV HA . 62.76 -7.42 -9.93
H11 POV HA . 73.53 -19.24 -16.11
H11A POV HA . 72.37 -18.62 -15.25
H211 POV HA . 62.92 -8.15 -7.25
H21A POV HA . 63.80 -6.90 -7.52
H12 POV HA . 73.84 -17.63 -13.79
H12A POV HA . 75.06 -17.79 -14.81
H22 POV HA . 70.93 -11.30 -12.16
H212 POV HA . 61.57 -6.38 -6.69
H22A POV HA . 69.47 -11.88 -12.40
H21B POV HA . 61.98 -5.55 -7.94
H13 POV HA . 72.94 -19.71 -12.77
H13A POV HA . 73.17 -20.72 -14.00
H13B POV HA . 73.90 -20.98 -12.61
H23 POV HA . 69.88 -13.38 -10.52
H213 POV HA . 60.56 -7.92 -8.45
H23A POV HA . 71.24 -12.66 -10.28
H21C POV HA . 59.76 -6.77 -7.76
H14 POV HA . 76.42 -19.76 -14.77
H14A POV HA . 75.90 -21.07 -13.99
H14B POV HA . 75.16 -20.59 -15.32
H24 POV HA . 69.62 -11.92 -8.78
H214 POV HA . 61.11 -5.85 -10.00
H24A POV HA . 70.21 -10.72 -9.61
H21D POV HA . 60.16 -7.03 -10.37
H15 POV HA . 76.25 -19.56 -12.30
H15A POV HA . 75.83 -18.07 -12.65
H15B POV HA . 74.88 -18.95 -11.72
H25 POV HA . 68.33 -10.47 -10.82
H215 POV HA . 58.85 -5.07 -8.89
H25A POV HA . 67.84 -11.91 -10.51
H21E POV HA . 59.50 -4.50 -10.19
H26 POV HA . 66.91 -11.34 -8.57
H216 POV HA . 58.04 -6.72 -10.90
H26A POV HA . 67.92 -10.16 -8.32
H21F POV HA . 57.18 -5.78 -10.01
H27 POV HA . 66.79 -8.77 -9.64
H217 POV HA . 58.56 -4.78 -12.24
H27A POV HA . 66.12 -9.92 -10.45
H21G POV HA . 57.11 -5.33 -12.41
H28 POV HA . 64.80 -10.33 -8.36
H218 POV HA . 56.41 -3.68 -10.74
H28A POV HA . 65.29 -8.90 -7.95
H21H POV HA . 57.85 -3.03 -10.93
H21J POV HA . 56.84 -3.09 -12.14
N POV IA . 67.31 -22.22 -26.53
P POV IA . 64.84 -20.46 -23.19
C1 POV IA . 65.16 -17.88 -22.93
C2 POV IA . 64.83 -17.71 -21.48
C3 POV IA . 63.86 -16.59 -21.25
C210 POV IA . 64.00 -11.39 -14.51
C310 POV IA . 58.86 -11.50 -15.14
C11 POV IA . 66.15 -20.20 -25.47
O11 POV IA . 65.77 -19.17 -23.09
C211 POV IA . 62.84 -11.60 -13.60
C311 POV IA . 59.12 -10.16 -15.82
C12 POV IA . 66.42 -21.01 -26.71
O12 POV IA . 65.04 -20.78 -24.74
C212 POV IA . 62.72 -10.46 -12.61
C312 POV IA . 57.91 -9.45 -16.42
C13 POV IA . 68.75 -21.79 -26.47
O13 POV IA . 63.44 -20.06 -22.90
C213 POV IA . 61.45 -9.63 -12.76
C313 POV IA . 56.71 -9.29 -15.50
C14 POV IA . 66.97 -22.98 -25.28
O14 POV IA . 65.46 -21.55 -22.40
C214 POV IA . 60.24 -10.15 -12.01
C314 POV IA . 55.40 -9.56 -16.21
C15 POV IA . 67.13 -23.13 -27.70
C215 POV IA . 60.31 -9.94 -10.50
C315 POV IA . 54.19 -9.48 -15.34
C216 POV IA . 60.90 -11.08 -9.71
C316 POV IA . 53.99 -8.12 -14.80
C217 POV IA . 60.02 -11.54 -8.60
C218 POV IA . 60.68 -12.61 -7.79
C21 POV IA . 66.15 -17.75 -19.48
O21 POV IA . 66.06 -17.38 -20.77
C22 POV IA . 67.44 -17.29 -18.87
O22 POV IA . 65.29 -18.35 -18.89
C23 POV IA . 67.19 -16.29 -17.75
C24 POV IA . 68.41 -15.98 -16.92
C25 POV IA . 68.08 -15.47 -15.53
C26 POV IA . 67.13 -14.26 -15.48
C27 POV IA . 65.66 -14.61 -15.49
C28 POV IA . 64.83 -13.75 -14.57
C29 POV IA . 64.84 -12.31 -14.92
C31 POV IA . 62.53 -17.55 -19.55
O31 POV IA . 63.44 -16.64 -19.87
C32 POV IA . 62.20 -17.48 -18.09
O32 POV IA . 62.03 -18.31 -20.34
C33 POV IA . 62.22 -16.06 -17.58
C34 POV IA . 61.33 -15.12 -18.36
C35 POV IA . 59.91 -15.58 -18.47
C36 POV IA . 59.25 -15.83 -17.14
C37 POV IA . 59.26 -14.64 -16.21
C38 POV IA . 58.71 -13.38 -16.83
C39 POV IA . 57.98 -12.48 -15.87
H29 POV IA . 65.55 -12.03 -15.52
H1 POV IA . 64.35 -17.86 -23.49
H1A POV IA . 65.77 -17.17 -23.22
H2 POV IA . 64.44 -18.54 -21.15
H3 POV IA . 64.30 -15.73 -21.43
H3A POV IA . 63.08 -16.68 -21.82
H310 POV IA . 59.74 -11.93 -15.00
H31A POV IA . 58.49 -11.33 -14.25
H210 POV IA . 64.14 -10.48 -14.82
H11 POV IA . 66.94 -20.22 -24.91
H11A POV IA . 65.99 -19.25 -25.69
H211 POV IA . 62.03 -11.67 -14.15
H21A POV IA . 62.90 -12.44 -13.11
H311 POV IA . 59.53 -9.55 -15.18
H31B POV IA . 59.78 -10.30 -16.54
H12 POV IA . 65.58 -21.35 -27.07
H12A POV IA . 66.84 -20.45 -27.38
H22 POV IA . 67.91 -18.08 -18.52
H212 POV IA . 62.76 -10.82 -11.70
H22A POV IA . 67.98 -16.88 -19.57
H21B POV IA . 63.49 -9.87 -12.70
H32 POV IA . 61.33 -17.87 -17.93
H312 POV IA . 58.19 -8.55 -16.71
H32A POV IA . 62.90 -17.99 -17.63
H31C POV IA . 57.63 -9.91 -17.24
H13 POV IA . 69.10 -21.81 -27.38
H13A POV IA . 68.79 -20.88 -26.11
H13B POV IA . 69.24 -22.40 -25.89
H23 POV IA . 66.85 -15.46 -18.14
H213 POV IA . 61.63 -8.72 -12.48
H23A POV IA . 66.47 -16.63 -17.18
H21C POV IA . 61.23 -9.58 -13.71
H33 POV IA . 61.94 -16.08 -16.65
H313 POV IA . 56.76 -9.88 -14.73
H33A POV IA . 63.14 -15.73 -17.60
H31D POV IA . 56.69 -8.38 -15.16
H14 POV IA . 67.36 -22.51 -24.51
H14A POV IA . 66.00 -23.03 -25.20
H14B POV IA . 67.36 -23.87 -25.36
H24 POV IA . 68.96 -16.77 -16.85
H214 POV IA . 59.45 -9.71 -12.35
H24A POV IA . 68.95 -15.30 -17.39
H21D POV IA . 60.14 -11.11 -12.20
H34 POV IA . 61.35 -14.24 -17.94
H314 POV IA . 55.29 -8.93 -16.94
H34A POV IA . 61.68 -14.99 -19.27
H31E POV IA . 55.42 -10.45 -16.62
H15 POV IA . 67.84 -23.80 -27.72
H15A POV IA . 66.27 -23.58 -27.60
H15B POV IA . 67.12 -22.59 -28.52
H25 POV IA . 67.69 -16.20 -15.01
H215 POV IA . 60.86 -9.16 -10.34
H25A POV IA . 68.91 -15.23 -15.08
H21E POV IA . 59.42 -9.74 -10.16
H35 POV IA . 59.40 -14.93 -18.97
H315 POV IA . 53.40 -9.76 -15.83
H35A POV IA . 59.87 -16.41 -18.98
H31F POV IA . 54.29 -10.11 -14.59
H26 POV IA . 67.32 -13.74 -14.68
H216 POV IA . 61.11 -11.83 -10.29
H26A POV IA . 67.33 -13.69 -16.25
H21F POV IA . 61.75 -10.78 -9.32
H36 POV IA . 58.32 -16.10 -17.29
H316 POV IA . 53.03 -7.93 -14.69
H36A POV IA . 59.69 -16.59 -16.70
H31G POV IA . 54.41 -8.04 -13.93
H31H POV IA . 54.37 -7.45 -15.38
H27 POV IA . 65.32 -14.51 -16.40
H217 POV IA . 59.77 -10.79 -8.03
H27A POV IA . 65.54 -15.55 -15.26
H21G POV IA . 59.19 -11.90 -8.98
H37 POV IA . 58.75 -14.87 -15.41
H37A POV IA . 60.17 -14.47 -15.92
H28 POV IA . 63.91 -14.10 -14.54
H218 POV IA . 60.22 -12.75 -6.93
H28A POV IA . 65.16 -13.84 -13.66
H21H POV IA . 60.65 -13.46 -8.28
H21J POV IA . 61.61 -12.39 -7.61
H38 POV IA . 59.45 -12.88 -17.21
H38A POV IA . 58.12 -13.62 -17.56
H39 POV IA . 57.52 -13.03 -15.22
H39A POV IA . 57.26 -12.03 -16.37
C210 POV JA . 39.16 -49.72 7.52
C211 POV JA . 38.43 -48.41 7.77
C212 POV JA . 38.77 -47.30 6.78
C213 POV JA . 37.62 -46.32 6.56
C214 POV JA . 37.91 -45.26 5.52
C215 POV JA . 36.69 -44.48 5.06
C216 POV JA . 35.84 -43.92 6.18
C22 POV JA . 47.36 -53.49 6.30
C23 POV JA . 46.00 -52.84 6.14
C24 POV JA . 44.94 -53.45 7.04
C25 POV JA . 43.52 -53.00 6.76
C26 POV JA . 43.32 -51.51 6.69
C27 POV JA . 41.87 -51.07 6.65
C28 POV JA . 41.17 -51.18 7.98
C29 POV JA . 40.39 -49.94 8.37
H29 POV JA . 40.98 -49.16 8.29
H31A POV JA . 39.42 -49.79 6.58
H210 POV JA . 38.54 -50.45 7.70
H211 POV JA . 37.47 -48.56 7.76
H21A POV JA . 38.64 -48.10 8.68
H212 POV JA . 39.55 -46.80 7.11
H21B POV JA . 39.04 -47.67 5.92
H23 POV JA . 46.08 -51.88 6.34
H213 POV JA . 36.82 -46.82 6.28
H23A POV JA . 45.71 -52.90 5.21
H21C POV JA . 37.40 -45.90 7.41
H24 POV JA . 44.99 -54.43 6.96
H214 POV JA . 38.57 -44.63 5.89
H24A POV JA . 45.16 -53.23 7.97
H21D POV JA . 38.33 -45.67 4.74
H25 POV JA . 43.23 -53.40 5.91
H215 POV JA . 36.96 -43.75 4.47
H25A POV JA . 42.93 -53.37 7.44
H21E POV JA . 36.13 -45.07 4.52
H26 POV JA . 43.77 -51.09 7.46
H216 POV JA . 35.14 -43.33 5.83
H26A POV JA . 43.78 -51.16 5.89
H21F POV JA . 35.40 -44.63 6.68
H31H POV JA . 36.38 -43.39 6.81
H27 POV JA . 41.81 -50.15 6.33
H27A POV JA . 41.40 -51.63 6.00
H28 POV JA . 40.54 -51.93 7.96
H28A POV JA . 41.82 -51.39 8.69
H39A POV JA . 40.13 -50.01 9.30
C13 DU0 KA . 29.41 -44.97 5.42
C15 DU0 KA . 30.89 -47.41 2.83
C17 DU0 KA . 36.76 -50.94 3.46
C20 DU0 KA . 39.17 -52.54 3.65
C21 DU0 KA . 40.29 -53.56 3.70
C22 DU0 KA . 41.47 -53.16 2.86
C24 DU0 KA . 43.74 -53.98 2.38
C26 DU0 KA . 45.73 -55.44 1.43
C01 DU0 KA . 34.36 -50.26 1.64
C02 DU0 KA . 35.32 -49.20 2.19
C03 DU0 KA . 35.95 -49.65 3.54
C04 DU0 KA . 34.79 -49.51 4.52
C05 DU0 KA . 34.19 -48.18 4.12
C06 DU0 KA . 34.60 -47.89 2.66
C07 DU0 KA . 33.31 -47.41 1.98
C08 DU0 KA . 33.49 -46.19 1.10
C09 DU0 KA . 32.35 -47.19 3.15
C11 DU0 KA . 31.73 -45.47 4.72
C12 DU0 KA . 30.31 -45.50 4.32
C14 DU0 KA . 29.96 -46.91 3.92
C18 DU0 KA . 37.34 -51.28 4.82
C19 DU0 KA . 38.56 -52.15 4.75
C25 DU0 KA . 44.39 -55.32 2.15
C27 DU0 KA . 45.71 -54.78 0.07
C51 DU0 KA . 46.87 -54.93 2.32
C75 DU0 KA . 41.04 -52.81 1.45
C76 DU0 KA . 40.00 -51.70 1.47
C77 DU0 KA . 38.75 -52.06 2.27
C78 DU0 KA . 37.99 -53.19 1.55
C79 DU0 KA . 37.88 -50.78 2.42
C80 DU0 KA . 37.37 -50.23 1.09
C81 DU0 KA . 36.49 -48.99 1.24
O10 DU0 KA . 32.59 -45.88 3.65
O16 DU0 KA . 32.75 -48.15 4.11
O23 DU0 KA . 42.40 -54.25 2.82
O28 DU0 KA . 46.42 -55.54 -0.89
O52 DU0 KA . 48.13 -55.38 1.87
H1 DU0 KA . 28.49 -45.26 5.25
H2 DU0 KA . 29.69 -45.33 6.29
H3 DU0 KA . 29.42 -44.00 5.46
H4 DU0 KA . 30.72 -48.35 2.70
H5 DU0 KA . 30.67 -46.95 2.00
H6 DU0 KA . 36.17 -51.68 3.21
H7 DU0 KA . 40.58 -53.71 4.62
H8 DU0 KA . 39.95 -54.43 3.39
H9 DU0 KA . 41.91 -52.37 3.23
H10 DU0 KA . 43.75 -53.44 1.57
H11 DU0 KA . 44.23 -53.51 3.08
H12 DU0 KA . 45.90 -56.39 1.30
H13 DU0 KA . 34.77 -51.14 1.52
H14 DU0 KA . 33.58 -50.35 2.20
H15 DU0 KA . 34.03 -50.01 0.75
H16 DU0 KA . 36.58 -48.97 3.79
H17 DU0 KA . 35.11 -49.51 5.44
H18 DU0 KA . 34.14 -50.23 4.44
H19 DU0 KA . 34.51 -47.45 4.68
H20 DU0 KA . 35.26 -47.19 2.68
H21 DU0 KA . 32.88 -48.06 1.41
H22 DU0 KA . 33.88 -46.43 0.23
H23 DU0 KA . 32.64 -45.74 0.95
H24 DU0 KA . 34.08 -45.55 1.53
H25 DU0 KA . 31.99 -44.56 4.98
H26 DU0 KA . 31.89 -46.05 5.48
H27 DU0 KA . 30.20 -44.93 3.54
H28 DU0 KA . 30.03 -47.48 4.71
H29 DU0 KA . 29.03 -46.93 3.63
H30 DU0 KA . 37.57 -50.46 5.29
H31 DU0 KA . 36.66 -51.74 5.35
H32 DU0 KA . 38.93 -52.43 5.62
H33 DU0 KA . 44.45 -55.79 3.01
H34 DU0 KA . 43.75 -55.85 1.64
H35 DU0 KA . 44.80 -54.66 -0.27
H36 DU0 KA . 46.11 -53.89 0.08
H37 DU0 KA . 46.88 -53.95 2.34
H38 DU0 KA . 46.74 -55.27 3.22
H39 DU0 KA . 40.66 -53.62 1.03
H40 DU0 KA . 41.80 -52.56 0.90
H41 DU0 KA . 39.77 -51.51 0.54
H42 DU0 KA . 40.43 -50.90 1.84
H43 DU0 KA . 38.44 -54.05 1.66
H44 DU0 KA . 37.07 -53.28 1.87
H45 DU0 KA . 37.94 -53.01 0.60
H46 DU0 KA . 38.45 -50.08 2.78
H47 DU0 KA . 36.85 -50.90 0.61
H48 DU0 KA . 38.10 -49.98 0.51
H49 DU0 KA . 36.16 -48.69 0.38
H50 DU0 KA . 37.06 -48.27 1.59
H51 DU0 KA . 45.95 -55.54 -1.60
H52 DU0 KA . 48.06 -55.56 1.04
N POV LA . 38.09 3.27 -8.77
P POV LA . 39.09 -0.49 -10.12
C1 POV LA . 41.44 -1.66 -9.52
C2 POV LA . 41.40 -2.62 -10.69
C3 POV LA . 41.70 -4.03 -10.31
C210 POV LA . 47.99 -6.64 -14.89
C310 POV LA . 45.31 -12.69 -14.05
C11 POV LA . 37.15 0.89 -9.08
O11 POV LA . 40.66 -0.47 -9.79
C211 POV LA . 48.15 -5.66 -16.01
C311 POV LA . 44.26 -13.77 -13.88
C12 POV LA . 37.04 2.25 -8.42
O12 POV LA . 38.48 0.35 -8.92
C212 POV LA . 49.37 -5.96 -16.86
C312 POV LA . 44.47 -14.98 -14.76
C13 POV LA . 39.26 3.15 -7.84
O13 POV LA . 38.83 0.23 -11.39
C213 POV LA . 50.67 -5.74 -16.14
C313 POV LA . 44.14 -14.72 -16.21
C14 POV LA . 37.49 4.63 -8.59
O14 POV LA . 38.56 -1.85 -9.96
C214 POV LA . 51.88 -5.81 -17.05
C314 POV LA . 45.14 -15.31 -17.16
C15 POV LA . 38.56 3.14 -10.19
C215 POV LA . 52.02 -4.61 -17.97
C315 POV LA . 44.83 -14.98 -18.59
C216 POV LA . 53.29 -3.79 -17.78
C316 POV LA . 45.83 -15.55 -19.57
C217 POV LA . 54.55 -4.42 -18.35
C218 POV LA . 55.20 -5.43 -17.47
C21 POV LA . 42.01 -1.24 -12.55
O21 POV LA . 42.36 -2.23 -11.72
C22 POV LA . 42.98 -1.06 -13.66
O22 POV LA . 41.03 -0.56 -12.39
C23 POV LA . 42.98 -2.17 -14.69
C24 POV LA . 43.81 -3.36 -14.32
C25 POV LA . 43.61 -4.54 -15.25
C26 POV LA . 44.85 -5.39 -15.47
C27 POV LA . 44.62 -6.86 -15.24
C28 POV LA . 45.84 -7.74 -15.55
C29 POV LA . 47.00 -7.46 -14.67
C31 POV LA . 43.81 -5.27 -10.02
O31 POV LA . 43.11 -4.12 -9.96
C32 POV LA . 43.07 -6.48 -10.51
O32 POV LA . 44.96 -5.33 -9.71
C33 POV LA . 43.91 -7.73 -10.48
C34 POV LA . 45.08 -7.72 -11.43
C35 POV LA . 46.34 -8.29 -10.85
C36 POV LA . 46.24 -9.77 -10.51
C37 POV LA . 46.21 -10.66 -11.72
C38 POV LA . 44.83 -11.02 -12.21
C39 POV LA . 44.81 -11.31 -13.70
H29 POV LA . 47.01 -7.96 -13.84
H1 POV LA . 41.09 -2.09 -8.72
H1A POV LA . 42.36 -1.41 -9.37
H2 POV LA . 40.53 -2.65 -11.12
H3 POV LA . 41.14 -4.30 -9.55
H3A POV LA . 41.46 -4.54 -11.11
H310 POV LA . 46.06 -12.90 -13.46
H31A POV LA . 45.66 -12.70 -14.96
H210 POV LA . 48.74 -6.66 -14.26
H11 POV LA . 36.55 0.26 -8.65
H11A POV LA . 36.90 0.92 -10.02
H211 POV LA . 47.36 -5.68 -16.58
H21A POV LA . 48.21 -4.75 -15.68
H311 POV LA . 44.25 -14.05 -12.94
H31B POV LA . 43.38 -13.40 -14.06
H12 POV LA . 37.08 2.16 -7.44
H12A POV LA . 36.18 2.65 -8.67
H22 POV LA . 42.71 -0.24 -14.10
H212 POV LA . 49.33 -6.89 -17.16
H22A POV LA . 43.89 -0.94 -13.29
H21B POV LA . 49.34 -5.40 -17.66
H32 POV LA . 42.27 -6.62 -9.96
H312 POV LA . 45.39 -15.29 -14.69
H32A POV LA . 42.80 -6.31 -11.43
H31C POV LA . 43.91 -15.72 -14.45
H13 POV LA . 39.40 2.20 -7.62
H13A POV LA . 40.05 3.49 -8.30
H13B POV LA . 39.11 3.65 -7.03
H23 POV LA . 42.05 -2.44 -14.87
H213 POV LA . 50.63 -4.87 -15.71
H23A POV LA . 43.31 -1.82 -15.54
H21C POV LA . 50.75 -6.42 -15.43
H33 POV LA . 44.26 -7.86 -9.59
H313 POV LA . 43.26 -15.09 -16.42
H33A POV LA . 43.37 -8.51 -10.70
H31D POV LA . 44.08 -13.76 -16.36
H14 POV LA . 38.20 5.30 -8.58
H14A POV LA . 36.87 4.80 -9.35
H14B POV LA . 36.99 4.64 -7.74
H24 POV LA . 44.75 -3.08 -14.32
H214 POV LA . 52.68 -5.88 -16.47
H24A POV LA . 43.59 -3.64 -13.41
H21D POV LA . 51.85 -6.62 -17.59
H34 POV LA . 44.85 -8.21 -12.24
H314 POV LA . 46.03 -14.97 -16.94
H34A POV LA . 45.26 -6.80 -11.71
H31E POV LA . 45.16 -16.27 -17.03
H15 POV LA . 39.03 3.96 -10.46
H15A POV LA . 39.20 2.40 -10.23
H15B POV LA . 37.80 2.97 -10.76
H25 POV LA . 42.90 -5.10 -14.89
H215 POV LA . 51.97 -4.92 -18.90
H25A POV LA . 43.30 -4.20 -16.11
H21E POV LA . 51.24 -4.02 -17.85
H35 POV LA . 47.08 -8.15 -11.46
H315 POV LA . 43.93 -15.28 -18.81
H35A POV LA . 46.55 -7.80 -10.03
H31F POV LA . 44.84 -14.00 -18.69
H26 POV LA . 45.15 -5.24 -16.38
H216 POV LA . 53.16 -2.92 -18.17
H26A POV LA . 45.57 -5.08 -14.88
H21F POV LA . 53.43 -3.66 -16.82
H36 POV LA . 47.00 -10.00 -9.95
H316 POV LA . 45.43 -15.57 -20.46
H36A POV LA . 45.44 -9.92 -9.99
H31G POV LA . 46.63 -14.99 -19.61
H31H POV LA . 46.10 -16.46 -19.31
H27 POV LA . 44.33 -7.00 -14.32
H217 POV LA . 54.34 -4.86 -19.20
H27A POV LA . 43.87 -7.14 -15.80
H21G POV LA . 55.20 -3.71 -18.55
H37 POV LA . 46.71 -10.22 -12.44
H37A POV LA . 46.68 -11.49 -11.52
H28 POV LA . 45.60 -8.68 -15.51
H218 POV LA . 54.69 -6.27 -17.46
H28A POV LA . 46.12 -7.57 -16.47
H21H POV LA . 56.11 -5.63 -17.76
H21J POV LA . 55.25 -5.10 -16.55
H38 POV LA . 44.54 -11.81 -11.74
H38A POV LA . 44.19 -10.32 -11.98
H39 POV LA . 45.36 -10.67 -14.18
H39A POV LA . 43.90 -11.20 -14.04
C210 POV MA . 58.02 -14.86 -21.90
C211 POV MA . 56.80 -14.04 -21.53
C212 POV MA . 55.55 -14.37 -22.34
C213 POV MA . 54.25 -14.15 -21.57
C214 POV MA . 53.01 -14.56 -22.35
C215 POV MA . 51.76 -14.66 -21.49
C216 POV MA . 51.48 -13.45 -20.64
C22 POV MA . 63.41 -17.37 -28.77
C23 POV MA . 62.32 -17.19 -27.73
C24 POV MA . 62.86 -16.87 -26.36
C25 POV MA . 61.84 -16.97 -25.23
C26 POV MA . 60.55 -16.25 -25.50
C27 POV MA . 59.65 -16.10 -24.28
C28 POV MA . 60.13 -15.06 -23.29
C29 POV MA . 59.01 -14.16 -22.79
H29 POV MA . 58.54 -13.78 -23.56
H31A POV MA . 57.75 -15.69 -22.33
H210 POV MA . 58.48 -15.11 -21.08
H211 POV MA . 56.60 -14.16 -20.58
H21A POV MA . 57.01 -13.09 -21.64
H212 POV MA . 55.54 -13.81 -23.15
H21B POV MA . 55.57 -15.29 -22.65
H23 POV MA . 61.73 -16.47 -28.02
H213 POV MA . 54.28 -14.65 -20.74
H23A POV MA . 61.77 -18.00 -27.70
H21C POV MA . 54.18 -13.21 -21.34
H24 POV MA . 63.60 -17.48 -26.16
H214 POV MA . 52.86 -13.91 -23.06
H24A POV MA . 63.24 -15.97 -26.36
H21D POV MA . 53.17 -15.41 -22.78
H25 POV MA . 61.65 -17.91 -25.04
H215 POV MA . 50.98 -14.84 -22.06
H25A POV MA . 62.24 -16.60 -24.42
H21E POV MA . 51.85 -15.44 -20.91
H26 POV MA . 60.74 -15.37 -25.86
H216 POV MA . 50.59 -13.53 -20.23
H26A POV MA . 60.05 -16.73 -26.19
H21F POV MA . 52.14 -13.36 -19.93
H31H POV MA . 51.49 -12.63 -21.18
H27 POV MA . 58.75 -15.88 -24.57
H27A POV MA . 59.61 -16.97 -23.83
H28 POV MA . 60.52 -15.50 -22.52
H28A POV MA . 60.83 -14.51 -23.70
H39A POV MA . 59.41 -13.42 -22.30
N POV NA . 54.79 -46.87 -10.69
P POV NA . 50.18 -46.85 -8.68
C1 POV NA . 51.01 -46.22 -6.25
C2 POV NA . 49.84 -45.94 -5.35
C3 POV NA . 49.54 -44.48 -5.26
C210 POV NA . 42.30 -44.62 1.83
C310 POV NA . 40.54 -39.16 1.21
C11 POV NA . 52.77 -46.50 -9.12
O11 POV NA . 50.65 -47.23 -7.21
C211 POV NA . 40.98 -45.26 2.15
C311 POV NA . 40.59 -37.66 1.49
C12 POV NA . 53.28 -46.79 -10.52
O12 POV NA . 51.42 -45.98 -9.17
C212 POV NA . 39.76 -44.36 1.99
C312 POV NA . 40.90 -36.80 0.28
C13 POV NA . 55.39 -45.50 -10.66
O13 POV NA . 50.07 -48.08 -9.50
C213 POV NA . 38.54 -45.13 1.56
C313 POV NA . 40.83 -35.29 0.52
C14 POV NA . 55.39 -47.69 -9.59
O14 POV NA . 49.00 -45.96 -8.57
C214 POV NA . 37.38 -44.27 1.09
C314 POV NA . 39.63 -34.58 -0.12
C15 POV NA . 55.12 -47.52 -11.99
C215 POV NA . 36.55 -44.95 0.00
C315 POV NA . 39.89 -33.14 -0.55
C216 POV NA . 35.51 -44.09 -0.67
C316 POV NA . 38.65 -32.40 -0.92
C217 POV NA . 34.72 -43.15 0.20
C218 POV NA . 35.22 -41.77 0.19
C21 POV NA . 49.58 -47.45 -3.45
O21 POV NA . 50.20 -46.37 -3.99
C22 POV NA . 50.10 -47.74 -2.08
O22 POV NA . 48.73 -48.07 -4.01
C23 POV NA . 49.04 -48.17 -1.07
C24 POV NA . 48.24 -47.03 -0.46
C25 POV NA . 46.81 -46.92 -0.94
C26 POV NA . 45.77 -46.80 0.16
C27 POV NA . 45.81 -45.55 1.00
C28 POV NA . 44.61 -44.63 0.87
C29 POV NA . 43.30 -45.22 1.22
C31 POV NA . 47.95 -43.61 -3.69
O31 POV NA . 48.17 -44.32 -4.80
C32 POV NA . 46.49 -43.58 -3.40
O32 POV NA . 48.79 -43.09 -3.03
C33 POV NA . 45.98 -42.27 -2.81
C34 POV NA . 46.35 -42.12 -1.36
C35 POV NA . 45.54 -41.05 -0.64
C36 POV NA . 44.10 -41.44 -0.36
C37 POV NA . 43.14 -40.28 -0.34
C38 POV NA . 43.02 -39.61 0.99
C39 POV NA . 41.73 -39.93 1.71
H29 POV NA . 43.15 -46.15 0.96
H1 POV NA . 51.28 -45.42 -6.74
H1A POV NA . 51.77 -46.51 -5.71
H2 POV NA . 49.03 -46.38 -5.67
H3 POV NA . 50.20 -44.06 -4.69
H3A POV NA . 49.56 -44.09 -6.16
H310 POV NA . 39.74 -39.53 1.61
H31A POV NA . 40.46 -39.30 0.25
H210 POV NA . 42.42 -43.69 2.09
H11 POV NA . 52.74 -47.34 -8.62
H11A POV NA . 53.37 -45.91 -8.64
H211 POV NA . 40.90 -46.03 1.55
H21A POV NA . 40.98 -45.64 3.05
H311 POV NA . 39.74 -37.37 1.89
H31B POV NA . 41.27 -37.50 2.17
H12 POV NA . 52.99 -46.08 -11.13
H12A POV NA . 52.93 -47.64 -10.83
H22 POV NA . 50.76 -48.45 -2.17
H212 POV NA . 39.56 -43.93 2.85
H22A POV NA . 50.56 -46.94 -1.75
H21B POV NA . 39.95 -43.64 1.35
H32 POV NA . 46.01 -43.78 -4.22
H312 POV NA . 41.81 -37.01 -0.03
H32A POV NA . 46.35 -44.29 -2.75
H31C POV NA . 40.30 -37.05 -0.45
H13 POV NA . 56.30 -45.58 -10.32
H13A POV NA . 55.40 -45.17 -11.58
H13B POV NA . 54.86 -44.91 -10.10
H23 POV NA . 49.49 -48.63 -0.34
H213 POV NA . 38.78 -45.75 0.84
H23A POV NA . 48.47 -48.83 -1.50
H21C POV NA . 38.25 -45.69 2.31
H33 POV NA . 46.33 -41.53 -3.33
H313 POV NA . 40.78 -35.15 1.50
H33A POV NA . 45.01 -42.23 -2.91
H31D POV NA . 41.66 -34.88 0.22
H14 POV NA . 56.28 -47.99 -9.87
H14A POV NA . 55.46 -47.15 -8.77
H14B POV NA . 54.81 -48.46 -9.42
H24 POV NA . 48.24 -47.12 0.51
H214 POV NA . 36.81 -44.07 1.86
H24A POV NA . 48.68 -46.18 -0.65
H21D POV NA . 37.70 -43.41 0.77
H34 POV NA . 46.24 -42.96 -0.90
H314 POV NA . 39.31 -35.08 -0.91
H34A POV NA . 47.30 -41.89 -1.31
H31E POV NA . 38.89 -34.59 0.52
H15 POV NA . 55.03 -48.49 -11.92
H15A POV NA . 54.48 -47.19 -12.66
H15B POV NA . 56.03 -47.25 -12.25
H25 POV NA . 46.72 -46.15 -1.53
H215 POV NA . 37.14 -45.30 -0.69
H25A POV NA . 46.57 -47.70 -1.47
H21E POV NA . 36.12 -45.75 0.38
H35 POV NA . 45.98 -40.82 0.20
H315 POV NA . 40.36 -32.65 0.16
H35A POV NA . 45.55 -40.25 -1.19
H31F POV NA . 40.47 -33.14 -1.33
H26 POV NA . 44.90 -46.85 -0.29
H216 POV NA . 35.96 -43.56 -1.36
H26A POV NA . 45.84 -47.57 0.76
H21F POV NA . 34.89 -44.67 -1.14
H36 POV NA . 43.79 -42.09 -1.02
H316 POV NA . 38.09 -32.23 -0.13
H36A POV NA . 44.07 -41.87 0.51
H31G POV NA . 38.12 -32.91 -1.56
H31H POV NA . 38.87 -31.53 -1.33
H27 POV NA . 45.90 -45.81 1.94
H217 POV NA . 33.79 -43.14 -0.10
H27A POV NA . 46.63 -45.06 0.78
H21G POV NA . 34.72 -43.44 1.13
H37 POV NA . 43.38 -39.62 -1.00
H37A POV NA . 42.25 -40.61 -0.58
H28 POV NA . 44.77 -43.84 1.41
H218 POV NA . 34.64 -41.19 0.72
H28A POV NA . 44.54 -44.32 -0.07
H21H POV NA . 36.13 -41.73 0.56
H21J POV NA . 35.25 -41.42 -0.72
H38 POV NA . 43.78 -39.88 1.55
H38A POV NA . 43.09 -38.65 0.85
H39 POV NA . 41.83 -39.79 2.67
H39A POV NA . 41.55 -40.89 1.58
N POV OA . 28.39 1.76 -25.34
P POV OA . 27.43 -2.25 -22.71
C1 POV OA . 28.00 -3.20 -25.06
C2 POV OA . 29.13 -3.75 -25.86
C3 POV OA . 28.73 -3.86 -27.31
C210 POV OA . 33.55 -12.56 -28.04
C310 POV OA . 30.49 -14.59 -32.45
C11 POV OA . 27.77 0.30 -23.31
O11 POV OA . 28.37 -3.09 -23.68
C211 POV OA . 33.45 -13.60 -26.99
C311 POV OA . 30.44 -15.92 -33.12
C12 POV OA . 28.19 0.38 -24.75
O12 POV OA . 28.29 -0.90 -22.69
C212 POV OA . 34.23 -14.83 -27.34
C312 POV OA . 31.78 -16.53 -33.33
C13 POV OA . 29.69 2.34 -24.86
O13 POV OA . 26.12 -2.01 -23.34
C213 POV OA . 35.73 -14.68 -27.15
C313 POV OA . 31.70 -17.96 -33.74
C14 POV OA . 28.42 1.68 -26.82
O14 POV OA . 27.48 -2.88 -21.37
C214 POV OA . 36.44 -15.97 -26.91
C314 POV OA . 32.82 -18.40 -34.62
C15 POV OA . 27.27 2.67 -24.93
C215 POV OA . 36.22 -16.57 -25.54
C315 POV OA . 34.15 -18.35 -34.01
C216 POV OA . 37.42 -17.26 -24.97
C316 POV OA . 35.19 -18.80 -34.96
C217 POV OA . 37.99 -18.33 -25.83
C218 POV OA . 39.18 -18.94 -25.27
C21 POV OA . 30.61 -5.60 -25.08
O21 POV OA . 29.37 -5.08 -25.30
C22 POV OA . 31.68 -5.05 -26.00
O22 POV OA . 30.85 -6.42 -24.24
C23 POV OA . 32.84 -6.04 -26.15
C24 POV OA . 32.44 -7.33 -26.84
C25 POV OA . 33.57 -8.32 -27.08
C26 POV OA . 34.11 -8.30 -28.50
C27 POV OA . 35.17 -9.37 -28.79
C28 POV OA . 34.63 -10.70 -29.33
C29 POV OA . 34.57 -11.79 -28.30
C31 POV OA . 29.19 -5.37 -29.07
O31 POV OA . 29.09 -5.18 -27.76
C32 POV OA . 29.62 -6.77 -29.38
O32 POV OA . 28.97 -4.52 -29.90
C33 POV OA . 29.39 -7.80 -28.28
C34 POV OA . 30.16 -9.08 -28.50
C35 POV OA . 29.51 -10.04 -29.43
C36 POV OA . 30.34 -11.29 -29.63
C37 POV OA . 30.19 -11.97 -30.97
C38 POV OA . 29.12 -13.05 -31.01
C39 POV OA . 29.17 -13.93 -32.24
H29 POV OA . 35.40 -11.94 -27.82
H1 POV OA . 27.74 -2.32 -25.39
H1A POV OA . 27.24 -3.81 -25.14
H2 POV OA . 29.88 -3.12 -25.78
H3 POV OA . 29.14 -3.15 -27.84
H3A POV OA . 27.76 -3.79 -27.39
H310 POV OA . 30.94 -14.70 -31.59
H31A POV OA . 31.06 -14.00 -32.99
H210 POV OA . 32.74 -12.46 -28.59
H11 POV OA . 28.14 1.05 -22.81
H11A POV OA . 26.80 0.36 -23.23
H211 POV OA . 33.78 -13.22 -26.15
H21A POV OA . 32.52 -13.85 -26.80
H311 POV OA . 29.90 -16.53 -32.59
H31B POV OA . 29.98 -15.81 -33.98
H12 POV OA . 27.49 -0.03 -25.31
H12A POV OA . 29.03 -0.11 -24.88
H22 POV OA . 31.34 -4.90 -26.90
H212 POV OA . 33.92 -15.59 -26.80
H22A POV OA . 32.00 -4.22 -25.61
H21B POV OA . 34.06 -15.06 -28.27
H32 POV OA . 29.18 -7.07 -30.20
H312 POV OA . 32.27 -16.03 -34.00
H32A POV OA . 30.59 -6.73 -29.52
H31C POV OA . 32.28 -16.48 -32.50
H13 POV OA . 29.69 3.28 -25.12
H13A POV OA . 29.73 2.26 -23.88
H13B POV OA . 30.43 1.86 -25.27
H23 POV OA . 33.21 -6.24 -25.26
H213 POV OA . 36.10 -14.25 -27.95
H23A POV OA . 33.56 -5.60 -26.66
H21C POV OA . 35.90 -14.07 -26.41
H33 POV OA . 29.67 -7.45 -27.41
H313 POV OA . 31.67 -18.51 -32.94
H33A POV OA . 28.44 -7.99 -28.22
H31D POV OA . 30.86 -18.08 -34.21
H14 POV OA . 28.66 0.77 -27.11
H14A POV OA . 27.54 1.93 -27.18
H14B POV OA . 29.09 2.31 -27.16
H24 POV OA . 31.75 -7.78 -26.31
H214 POV OA . 36.15 -16.61 -27.58
H24A POV OA . 32.04 -7.11 -27.70
H21D POV OA . 37.40 -15.84 -27.04
H34 POV OA . 31.05 -8.87 -28.82
H314 POV OA . 32.65 -19.31 -34.91
H34A POV OA . 30.29 -9.52 -27.63
H31E POV OA . 32.84 -17.85 -35.41
H15 POV OA . 26.41 2.19 -25.00
H15A POV OA . 27.41 2.94 -24.00
H15B POV OA . 27.29 3.46 -25.50
H25 POV OA . 34.30 -8.13 -26.46
H215 POV OA . 35.95 -15.86 -24.92
H25A POV OA . 33.25 -9.22 -26.87
H21E POV OA . 35.50 -17.22 -25.58
H35 POV OA . 28.66 -10.30 -29.05
H315 POV OA . 34.35 -17.45 -33.71
H35A POV OA . 29.33 -9.60 -30.29
H31F POV OA . 34.16 -18.93 -33.23
H26 POV OA . 34.50 -7.42 -28.68
H216 POV OA . 38.10 -16.58 -24.83
H26A POV OA . 33.36 -8.41 -29.11
H21F POV OA . 37.20 -17.65 -24.10
H36 POV OA . 31.28 -11.03 -29.52
H316 POV OA . 35.88 -18.13 -35.06
H36A POV OA . 30.13 -11.92 -28.91
H31G POV OA . 35.60 -19.62 -34.63
H31H POV OA . 34.80 -18.99 -35.83
H27 POV OA . 35.80 -8.99 -29.44
H217 POV OA . 37.31 -19.01 -25.95
H27A POV OA . 35.67 -9.52 -27.98
H21G POV OA . 38.24 -17.98 -26.71
H37 POV OA . 29.99 -11.32 -31.65
H37A POV OA . 31.07 -12.33 -31.20
H28 POV OA . 33.75 -10.56 -29.75
H218 POV OA . 39.59 -18.38 -24.60
H28A POV OA . 35.21 -11.01 -30.05
H21H POV OA . 38.98 -19.80 -24.88
H21J POV OA . 39.84 -19.08 -25.99
H38 POV OA . 29.19 -13.62 -30.21
H38A POV OA . 28.24 -12.64 -30.96
H39 POV OA . 28.96 -13.39 -33.01
H39A POV OA . 28.48 -14.62 -32.16
N POV PA . 58.34 -22.02 -49.26
P POV PA . 57.73 -17.55 -50.26
C1 POV PA . 57.51 -17.59 -47.60
C2 POV PA . 57.23 -16.18 -47.13
C3 POV PA . 55.79 -16.01 -46.69
C210 POV PA . 52.72 -8.42 -45.45
C310 POV PA . 46.98 -9.40 -40.40
C11 POV PA . 57.04 -20.12 -50.45
O11 POV PA . 56.93 -17.82 -48.90
C211 POV PA . 51.65 -7.40 -45.62
C311 POV PA . 45.61 -8.83 -40.70
C12 POV PA . 57.99 -20.55 -49.34
O12 POV PA . 57.46 -18.90 -51.09
C212 POV PA . 50.94 -7.15 -44.29
C312 POV PA . 45.55 -7.30 -40.77
C13 POV PA . 59.03 -22.23 -47.94
O13 POV PA . 57.10 -16.42 -50.97
C213 POV PA . 50.06 -5.91 -44.25
C313 POV PA . 44.14 -6.76 -40.60
C14 POV PA . 57.16 -22.94 -49.33
O14 POV PA . 59.18 -17.50 -49.96
C214 POV PA . 49.69 -5.54 -42.83
C314 POV PA . 44.06 -5.29 -40.26
C15 POV PA . 59.30 -22.38 -50.35
C215 POV PA . 48.35 -4.88 -42.69
C315 POV PA . 42.79 -4.95 -39.52
C216 POV PA . 48.21 -3.63 -43.52
C316 POV PA . 42.58 -3.49 -39.26
C217 POV PA . 47.25 -2.62 -42.90
C218 POV PA . 46.96 -1.45 -43.82
C21 POV PA . 57.77 -13.98 -48.20
O21 POV PA . 57.50 -15.31 -48.28
C22 POV PA . 57.73 -13.40 -46.81
O22 POV PA . 58.01 -13.30 -49.16
C23 POV PA . 57.73 -11.88 -46.80
C24 POV PA . 56.34 -11.27 -47.00
C25 POV PA . 55.78 -11.41 -48.41
C26 POV PA . 54.47 -10.69 -48.64
C27 POV PA . 54.58 -9.18 -48.63
C28 POV PA . 53.52 -8.45 -47.80
C29 POV PA . 53.54 -8.84 -46.36
C31 POV PA . 54.72 -15.32 -44.58
O31 POV PA . 55.78 -15.81 -45.25
C32 POV PA . 53.56 -14.87 -45.43
O32 POV PA . 54.68 -15.24 -43.38
C33 POV PA . 52.36 -14.33 -44.64
C34 POV PA . 52.70 -13.11 -43.83
C35 POV PA . 51.65 -12.00 -43.84
C36 POV PA . 50.76 -11.94 -42.63
C37 POV PA . 49.90 -10.70 -42.61
C38 POV PA . 48.97 -10.59 -41.43
C39 POV PA . 47.89 -9.55 -41.61
H29 POV PA . 54.23 -9.48 -46.12
H1 POV PA . 58.47 -17.76 -47.64
H1A POV PA . 57.12 -18.21 -46.94
H2 POV PA . 57.81 -16.01 -46.35
H3 POV PA . 55.27 -16.80 -46.96
H3A POV PA . 55.48 -15.22 -47.18
H310 POV PA . 47.43 -8.83 -39.75
H31A POV PA . 46.88 -10.28 -39.99
H210 POV PA . 52.80 -8.80 -44.55
H11 POV PA . 57.02 -20.81 -51.14
H11A POV PA . 56.13 -20.05 -50.10
H211 POV PA . 52.06 -6.58 -45.94
H21A POV PA . 51.00 -7.67 -46.30
H311 POV PA . 45.29 -9.18 -41.55
H31B POV PA . 44.99 -9.14 -40.02
H12 POV PA . 57.61 -20.30 -48.47
H12A POV PA . 58.84 -20.07 -49.45
H22 POV PA . 56.91 -13.64 -46.33
H212 POV PA . 50.38 -7.93 -44.08
H22A POV PA . 58.51 -13.74 -46.32
H21B POV PA . 51.60 -7.08 -43.58
H32 POV PA . 53.86 -14.15 -46.03
H312 POV PA . 46.14 -6.93 -40.09
H32A POV PA . 53.24 -15.64 -45.96
H31C POV PA . 45.92 -7.01 -41.62
H13 POV PA . 59.39 -23.13 -47.92
H13A POV PA . 59.75 -21.57 -47.88
H13B POV PA . 58.40 -22.08 -47.20
H23 POV PA . 58.09 -11.56 -45.95
H213 POV PA . 50.54 -5.16 -44.66
H23A POV PA . 58.34 -11.54 -47.48
H21C POV PA . 49.25 -6.06 -44.76
H33 POV PA . 51.65 -14.13 -45.27
H313 POV PA . 43.65 -6.91 -41.43
H33A POV PA . 52.04 -15.04 -44.05
H31D POV PA . 43.67 -7.26 -39.90
H14 POV PA . 57.20 -23.55 -48.56
H14A POV PA . 56.32 -22.44 -49.29
H14B POV PA . 57.21 -23.46 -50.15
H24 POV PA . 55.70 -11.66 -46.37
H214 POV PA . 49.71 -6.35 -42.27
H24A POV PA . 56.38 -10.31 -46.76
H21D POV PA . 50.38 -4.94 -42.48
H34 POV PA . 52.83 -13.40 -42.90
H314 POV PA . 44.82 -5.03 -39.72
H34A POV PA . 53.56 -12.75 -44.13
H31E POV PA . 44.08 -4.76 -41.08
H15 POV PA . 59.53 -23.32 -50.30
H15A POV PA . 58.88 -22.20 -51.22
H15B POV PA . 60.10 -21.82 -50.25
H25 POV PA . 56.44 -11.10 -49.06
H215 POV PA . 47.65 -5.51 -42.95
H25A POV PA . 55.62 -12.36 -48.59
H21E POV PA . 48.19 -4.66 -41.75
H35 POV PA . 52.10 -11.14 -43.93
H315 POV PA . 42.02 -5.30 -40.01
H35A POV PA . 51.10 -12.08 -44.64
H31F POV PA . 42.79 -5.42 -38.65
H26 POV PA . 54.12 -10.96 -49.52
H216 POV PA . 49.09 -3.22 -43.64
H26A POV PA . 53.82 -11.00 -47.98
H21F POV PA . 47.88 -3.88 -44.41
H36 POV PA . 50.18 -12.73 -42.62
H316 POV PA . 43.30 -3.12 -38.72
H36A POV PA . 51.30 -11.97 -41.83
H31G POV PA . 42.54 -2.99 -40.10
H31H POV PA . 41.74 -3.33 -38.79
H27 POV PA . 55.48 -8.93 -48.31
H217 POV PA . 46.40 -3.06 -42.68
H27A POV PA . 54.52 -8.87 -49.56
H21G POV PA . 47.62 -2.28 -42.06
H37 POV PA . 50.48 -9.91 -42.62
H37A POV PA . 49.36 -10.66 -43.43
H28 POV PA . 53.65 -7.48 -47.89
H218 POV PA . 47.31 -1.63 -44.72
H28A POV PA . 52.64 -8.63 -48.15
H21H POV PA . 46.00 -1.31 -43.89
H21J POV PA . 47.36 -0.64 -43.47
H38 POV PA . 48.56 -11.46 -41.26
H38A POV PA . 49.49 -10.39 -40.62
H39 POV PA . 47.36 -9.78 -42.39
H39A POV PA . 48.31 -8.68 -41.79
C18 3FD QA . 26.53 -6.34 -32.39
C17 3FD QA . 27.26 -7.37 -32.95
C16 3FD QA . 27.20 -8.62 -32.41
CL20 3FD QA . 28.11 -9.97 -33.11
C15 3FD QA . 26.43 -8.86 -31.31
C14 3FD QA . 25.71 -7.83 -30.75
C13 3FD QA . 25.76 -6.57 -31.28
C12 3FD QA . 24.93 -5.49 -30.61
N11 3FD QA . 25.25 -4.12 -30.99
C6 3FD QA . 25.21 -3.06 -30.01
N7 3FD QA . 25.14 -3.24 -28.72
C8 3FD QA . 25.12 -2.03 -28.12
C4 3FD QA . 25.05 -1.58 -26.80
N10 3FD QA . 24.97 -2.59 -25.77
N1 3FD QA . 25.04 -0.29 -26.52
C2 3FD QA . 25.12 0.59 -27.51
N3 3FD QA . 25.20 0.21 -28.77
C9 3FD QA . 25.19 -1.10 -29.11
N5 3FD QA . 25.26 -1.76 -30.29
C21 3FD QA . 25.33 -1.18 -31.46
O22 3FD QA . 24.19 -1.63 -32.37
C24 3FD QA . 26.64 -1.54 -32.27
O26 3FD QA . 27.56 -0.36 -32.31
C25 3FD QA . 26.23 -1.79 -33.43
O27 3FD QA . 26.98 -1.03 -34.39
C23 3FD QA . 24.66 -1.27 -33.49
C28 3FD QA . 23.95 -1.95 -34.59
O29 3FD QA . 23.09 -2.87 -33.98
C30 3FD QA . 22.47 -3.77 -34.85
C31 3FD QA . 21.09 -3.24 -35.23
C32 3FD QA . 20.74 -3.21 -36.56
C33 3FD QA . 19.50 -2.75 -36.92
C34 3FD QA . 18.62 -2.30 -35.96
C37 3FD QA . 17.25 -1.79 -36.39
N38 3FD QA . 16.25 -1.42 -36.71
C35 3FD QA . 18.98 -2.33 -34.64
C36 3FD QA . 20.22 -2.80 -34.27
CL21 3FD QA . 26.38 -10.50 -30.64
H18 3FD QA . 26.57 -5.35 -32.82
H17 3FD QA . 27.86 -7.20 -33.82
H14 3FD QA . 25.12 -8.02 -29.87
H12 3FD QA . 25.02 -5.63 -29.55
H12A 3FD QA . 23.91 -5.66 -30.88
HN11 3FD QA . 25.46 -3.91 -31.94
HN10 3FD QA . 24.88 -3.55 -26.04
HN1A 3FD QA . 25.01 -2.34 -24.81
H2 3FD QA . 25.13 1.65 -27.30
H21 3FD QA . 25.29 -0.10 -31.36
H24 3FD QA . 27.15 -2.39 -31.86
HO26 3FD QA . 28.26 -0.51 -31.71
H25 3FD QA . 26.27 -2.84 -33.64
HO27 3FD QA . 26.67 -0.15 -34.33
H23 3FD QA . 24.63 -0.20 -33.59
H28 3FD QA . 24.67 -2.43 -35.22
H28A 3FD QA . 23.38 -1.23 -35.16
H30 3FD QA . 22.36 -4.71 -34.34
H30A 3FD QA . 23.05 -3.90 -35.74
H32 3FD QA . 21.43 -3.56 -37.31
H33 3FD QA . 19.23 -2.73 -37.96
H35 3FD QA . 18.29 -1.98 -33.89
H36 3FD QA . 20.50 -2.83 -33.23
C1 CLR RA . 35.09 -11.61 -32.95
C2 CLR RA . 33.75 -10.90 -33.07
C3 CLR RA . 33.69 -10.12 -34.36
C4 CLR RA . 33.85 -11.06 -35.53
C5 CLR RA . 35.13 -11.86 -35.43
C6 CLR RA . 35.95 -11.95 -36.46
C7 CLR RA . 37.19 -12.79 -36.51
C8 CLR RA . 37.34 -13.72 -35.30
C9 CLR RA . 36.87 -13.01 -34.03
C10 CLR RA . 35.39 -12.58 -34.11
C11 CLR RA . 37.20 -13.82 -32.77
C12 CLR RA . 38.65 -14.29 -32.70
C13 CLR RA . 39.06 -15.07 -33.96
C14 CLR RA . 38.80 -14.13 -35.14
C15 CLR RA . 39.54 -14.78 -36.31
C16 CLR RA . 40.77 -15.42 -35.66
C17 CLR RA . 40.57 -15.31 -34.13
C18 CLR RA . 38.27 -16.38 -34.07
C19 CLR RA . 34.43 -13.78 -34.02
C20 CLR RA . 41.27 -16.45 -33.37
C21 CLR RA . 40.91 -16.49 -31.89
C22 CLR RA . 42.79 -16.36 -33.52
C23 CLR RA . 43.41 -16.99 -34.75
C24 CLR RA . 44.89 -17.29 -34.55
C25 CLR RA . 45.70 -16.13 -34.10
C26 CLR RA . 45.86 -16.06 -32.61
C27 CLR RA . 47.01 -16.09 -34.77
O1 CLR RA . 32.44 -9.44 -34.46
H11 CLR RA . 35.79 -10.93 -32.90
H12 CLR RA . 35.11 -12.08 -32.10
H21 CLR RA . 33.03 -11.54 -33.04
H22 CLR RA . 33.60 -10.30 -32.30
H3 CLR RA . 34.40 -9.46 -34.37
H41 CLR RA . 33.07 -11.64 -35.59
H42 CLR RA . 33.87 -10.54 -36.36
H6 CLR RA . 35.78 -11.44 -37.28
H71 CLR RA . 37.19 -13.28 -37.35
H72 CLR RA . 37.97 -12.20 -36.54
H8 CLR RA . 36.80 -14.50 -35.48
H9 CLR RA . 37.41 -12.21 -33.97
H111 CLR RA . 37.05 -13.27 -31.98
H112 CLR RA . 36.62 -14.60 -32.67
H121 CLR RA . 39.22 -13.52 -32.59
H122 CLR RA . 38.73 -14.82 -31.89
H14 CLR RA . 39.29 -13.30 -34.95
H151 CLR RA . 38.98 -15.44 -36.75
H152 CLR RA . 39.80 -14.12 -36.98
H161 CLR RA . 40.84 -16.36 -35.91
H162 CLR RA . 41.56 -14.96 -35.97
H17 CLR RA . 41.02 -14.48 -33.86
H181 CLR RA . 37.31 -16.26 -34.10
H182 CLR RA . 38.51 -16.87 -34.88
H183 CLR RA . 38.46 -16.97 -33.33
H191 CLR RA . 34.88 -14.62 -34.22
H192 CLR RA . 34.05 -13.87 -33.12
H193 CLR RA . 33.69 -13.71 -34.65
H20 CLR RA . 40.98 -17.29 -33.77
H211 CLR RA . 41.45 -17.12 -31.40
H212 CLR RA . 41.03 -15.60 -31.51
H213 CLR RA . 39.98 -16.72 -31.73
H221 CLR RA . 43.07 -15.42 -33.47
H222 CLR RA . 43.21 -16.81 -32.76
H231 CLR RA . 42.92 -17.80 -34.99
H232 CLR RA . 43.35 -16.37 -35.49
H241 CLR RA . 44.99 -18.03 -33.92
H242 CLR RA . 45.25 -17.60 -35.39
H25 CLR RA . 45.22 -15.32 -34.36
H261 CLR RA . 46.66 -15.58 -32.37
H262 CLR RA . 45.10 -15.58 -32.21
H263 CLR RA . 45.89 -16.94 -32.20
H271 CLR RA . 47.50 -15.27 -34.56
H272 CLR RA . 47.57 -16.85 -34.50
H273 CLR RA . 46.93 -16.13 -35.75
H1 CLR RA . 31.89 -10.01 -34.77
N POV SA . 58.66 -25.00 -41.99
P POV SA . 55.34 -23.03 -42.24
C1 POV SA . 53.13 -24.39 -41.68
C2 POV SA . 52.05 -23.52 -41.07
C3 POV SA . 51.47 -22.53 -42.05
C210 POV SA . 49.39 -13.64 -35.77
C310 POV SA . 45.47 -13.58 -39.08
C11 POV SA . 56.22 -25.47 -42.78
O11 POV SA . 54.45 -23.96 -41.29
C211 POV SA . 49.80 -13.58 -34.34
C311 POV SA . 45.36 -12.51 -38.01
C12 POV SA . 57.24 -25.47 -41.66
O12 POV SA . 55.85 -24.14 -43.24
C212 POV SA . 49.18 -12.42 -33.56
C312 POV SA . 44.65 -12.97 -36.76
C13 POV SA . 58.75 -24.08 -43.17
O13 POV SA . 54.48 -22.05 -42.95
C213 POV SA . 47.73 -12.62 -33.21
C313 POV SA . 44.49 -11.89 -35.71
C14 POV SA . 59.21 -24.29 -40.79
O14 POV SA . 56.47 -22.53 -41.43
C214 POV SA . 47.29 -11.86 -31.97
C314 POV SA . 43.74 -12.34 -34.48
C15 POV SA . 59.51 -26.20 -42.26
C215 POV SA . 47.86 -12.43 -30.69
C315 POV SA . 43.46 -11.25 -33.47
C216 POV SA . 48.38 -11.41 -29.70
C316 POV SA . 42.40 -11.61 -32.44
C217 POV SA . 47.30 -10.76 -28.86
C218 POV SA . 47.87 -9.87 -27.79
C21 POV SA . 53.29 -21.84 -39.77
O21 POV SA . 52.53 -22.96 -39.79
C22 POV SA . 53.77 -21.56 -38.38
O22 POV SA . 53.53 -21.16 -40.72
C23 POV SA . 53.68 -20.10 -37.96
C24 POV SA . 52.26 -19.62 -37.82
C25 POV SA . 52.07 -18.52 -36.79
C26 POV SA . 52.47 -17.16 -37.29
C27 POV SA . 51.28 -16.27 -37.59
C28 POV SA . 50.58 -15.76 -36.36
C29 POV SA . 49.74 -14.56 -36.63
C31 POV SA . 50.63 -20.35 -42.25
O31 POV SA . 50.95 -21.34 -41.43
C32 POV SA . 50.15 -19.14 -41.50
O32 POV SA . 50.74 -20.41 -43.44
C33 POV SA . 50.49 -17.89 -42.27
C34 POV SA . 50.46 -16.63 -41.43
C35 POV SA . 49.17 -16.42 -40.67
C36 POV SA . 47.93 -16.55 -41.49
C37 POV SA . 46.83 -15.63 -41.05
C38 POV SA . 46.39 -15.84 -39.63
C39 POV SA . 46.51 -14.62 -38.77
H29 POV SA . 49.44 -14.46 -37.56
H1 POV SA . 53.03 -25.31 -41.40
H1A POV SA . 53.06 -24.36 -42.66
H2 POV SA . 51.30 -24.12 -40.85
H3 POV SA . 52.16 -22.28 -42.69
H3A POV SA . 50.73 -22.95 -42.53
H310 POV SA . 44.60 -14.00 -39.19
H31A POV SA . 45.68 -13.15 -39.93
H210 POV SA . 48.81 -12.92 -36.08
H11 POV SA . 56.61 -25.94 -43.54
H11A POV SA . 55.44 -25.99 -42.52
H211 POV SA . 49.54 -14.42 -33.92
H21A POV SA . 50.77 -13.55 -34.24
H311 POV SA . 46.25 -12.20 -37.78
H31B POV SA . 44.88 -11.74 -38.39
H12 POV SA . 57.35 -26.40 -41.33
H12A POV SA . 56.93 -24.94 -40.90
H22 POV SA . 53.23 -22.11 -37.77
H212 POV SA . 49.70 -12.26 -32.75
H22A POV SA . 54.70 -21.87 -38.32
H21B POV SA . 49.26 -11.60 -34.09
H32 POV SA . 49.17 -19.21 -41.39
H312 POV SA . 43.77 -13.32 -37.00
H32A POV SA . 50.58 -19.13 -40.62
H31C POV SA . 45.15 -13.71 -36.36
H13 POV SA . 59.67 -23.77 -43.24
H13A POV SA . 58.51 -24.58 -43.99
H13B POV SA . 58.15 -23.31 -43.06
H23 POV SA . 54.16 -19.99 -37.12
H213 POV SA . 47.56 -13.56 -33.06
H23A POV SA . 54.16 -19.56 -38.62
H21C POV SA . 47.17 -12.34 -33.97
H33 POV SA . 51.38 -18.00 -42.66
H313 POV SA . 45.36 -11.56 -35.44
H33A POV SA . 49.87 -17.81 -43.02
H31D POV SA . 44.01 -11.13 -36.11
H14 POV SA . 60.15 -24.12 -40.93
H14A POV SA . 58.73 -23.45 -40.68
H14B POV SA . 59.07 -24.85 -40.00
H24 POV SA . 51.96 -19.29 -38.69
H214 POV SA . 47.54 -10.92 -32.06
H24A POV SA . 51.68 -20.37 -37.59
H21D POV SA . 46.31 -11.88 -31.92
H34 POV SA . 51.20 -16.67 -40.80
H314 POV SA . 42.89 -12.75 -34.75
H34A POV SA . 50.62 -15.87 -42.01
H31E POV SA . 44.26 -13.04 -34.03
H15 POV SA . 60.38 -25.93 -42.63
H15A POV SA . 59.67 -26.67 -41.41
H15B POV SA . 59.04 -26.79 -42.88
H25 POV SA . 51.14 -18.49 -36.52
H215 POV SA . 48.59 -13.05 -30.91
H25A POV SA . 52.58 -18.73 -35.98
H21E POV SA . 47.17 -12.96 -30.25
H35 POV SA . 49.12 -17.06 -39.94
H315 POV SA . 44.28 -11.03 -32.99
H35A POV SA . 49.18 -15.53 -40.26
H31F POV SA . 43.17 -10.43 -33.93
H26 POV SA . 53.03 -16.74 -36.62
H216 POV SA . 49.03 -11.83 -29.12
H26A POV SA . 53.01 -17.27 -38.10
H21F POV SA . 48.86 -10.71 -30.20
H36 POV SA . 48.15 -16.36 -42.42
H316 POV SA . 42.67 -12.38 -31.93
H36A POV SA . 47.62 -17.47 -41.44
H31G POV SA . 42.24 -10.87 -31.83
H31H POV SA . 41.55 -11.82 -32.90
H27 POV SA . 51.55 -15.52 -38.15
H217 POV SA . 46.70 -10.23 -29.42
H27A POV SA . 50.64 -16.79 -38.12
H21G POV SA . 46.75 -11.46 -28.44
H37 POV SA . 47.13 -14.71 -41.13
H37A POV SA . 46.06 -15.75 -41.62
H28 POV SA . 51.23 -15.60 -35.65
H218 POV SA . 48.34 -9.11 -28.17
H28A POV SA . 49.99 -16.46 -36.01
H21H POV SA . 48.50 -10.38 -27.22
H21J POV SA . 47.15 -9.54 -27.20
H38 POV SA . 45.45 -16.11 -39.65
H38A POV SA . 46.88 -16.58 -39.23
H39 POV SA . 47.39 -14.23 -38.91
H39A POV SA . 46.45 -14.87 -37.84
N POV TA . 35.10 -1.82 -16.38
P POV TA . 39.21 -1.87 -14.97
C1 POV TA . 40.01 -4.04 -13.51
C2 POV TA . 39.84 -5.17 -14.50
C3 POV TA . 40.53 -6.44 -14.04
C210 POV TA . 34.06 -6.23 -21.73
C310 POV TA . 39.59 -15.21 -21.57
C11 POV TA . 36.64 -1.89 -14.30
O11 POV TA . 39.08 -2.95 -13.80
C211 POV TA . 35.14 -7.25 -21.77
C311 POV TA . 39.07 -16.54 -22.10
C12 POV TA . 35.39 -1.37 -14.95
O12 POV TA . 37.80 -1.14 -14.75
C212 POV TA . 34.69 -8.58 -22.34
C312 POV TA . 39.47 -17.78 -21.32
C13 POV TA . 34.47 -0.67 -17.10
O13 POV TA . 40.28 -0.87 -14.73
C213 POV TA . 35.07 -8.86 -23.78
C313 POV TA . 38.29 -18.50 -20.72
C14 POV TA . 36.34 -2.23 -17.13
O14 POV TA . 39.14 -2.51 -16.30
C214 POV TA . 35.98 -10.06 -23.97
C314 POV TA . 38.66 -19.78 -20.04
C15 POV TA . 34.13 -2.97 -16.39
C215 POV TA . 35.27 -11.42 -23.99
C315 POV TA . 37.59 -20.36 -19.16
C216 POV TA . 35.35 -12.24 -22.71
C316 POV TA . 36.20 -20.19 -19.67
C217 POV TA . 34.20 -12.01 -21.75
C218 POV TA . 33.15 -13.05 -21.83
C21 POV TA . 39.85 -5.19 -16.91
O21 POV TA . 40.43 -4.75 -15.78
C22 POV TA . 40.54 -4.63 -18.12
O22 POV TA . 38.90 -5.93 -16.92
C23 POV TA . 39.56 -4.41 -19.26
C24 POV TA . 39.14 -5.69 -19.94
C25 POV TA . 38.20 -5.50 -21.11
C26 POV TA . 36.97 -4.67 -20.83
C27 POV TA . 36.18 -5.09 -19.60
C28 POV TA . 34.66 -4.85 -19.63
C29 POV TA . 33.86 -5.24 -20.85
C31 POV TA . 41.54 -8.34 -15.00
O31 POV TA . 40.72 -7.32 -15.17
C32 POV TA . 41.62 -9.17 -16.26
O32 POV TA . 42.13 -8.58 -13.98
C33 POV TA . 43.02 -9.64 -16.60
C34 POV TA . 43.07 -11.05 -17.17
C35 POV TA . 42.22 -11.28 -18.41
C36 POV TA . 42.16 -12.74 -18.82
C37 POV TA . 40.94 -13.11 -19.64
C38 POV TA . 40.42 -14.48 -19.31
C39 POV TA . 39.23 -14.89 -20.15
H29 POV TA . 33.09 -4.67 -21.00
H1 POV TA . 39.79 -4.36 -12.62
H1A POV TA . 40.93 -3.73 -13.50
H2 POV TA . 38.90 -5.37 -14.58
H3 POV TA . 41.38 -6.23 -13.62
H3A POV TA . 39.94 -6.91 -13.42
H310 POV TA . 40.56 -15.17 -21.65
H31A POV TA . 39.25 -14.49 -22.14
H210 POV TA . 33.41 -6.30 -22.46
H11 POV TA . 36.57 -1.77 -13.34
H11A POV TA . 36.73 -2.85 -14.45
H211 POV TA . 35.88 -6.89 -22.28
H21A POV TA . 35.48 -7.43 -20.88
H311 POV TA . 38.09 -16.52 -22.17
H31B POV TA . 39.41 -16.68 -23.00
H12 POV TA . 35.45 -0.39 -14.99
H12A POV TA . 34.62 -1.60 -14.40
H22 POV TA . 40.96 -3.80 -17.87
H212 POV TA . 35.07 -9.29 -21.79
H22A POV TA . 41.22 -5.27 -18.41
H21B POV TA . 33.72 -8.66 -22.26
H32 POV TA . 41.04 -9.94 -16.15
H312 POV TA . 39.94 -18.40 -21.91
H32A POV TA . 41.29 -8.61 -16.98
H31C POV TA . 40.10 -17.53 -20.61
H13 POV TA . 33.75 -0.32 -16.55
H13A POV TA . 35.15 0.02 -17.25
H13B POV TA . 34.12 -0.97 -17.97
H23 POV TA . 38.77 -3.95 -18.90
H213 POV TA . 34.24 -8.99 -24.29
H23A POV TA . 39.95 -3.79 -19.91
H21C POV TA . 35.51 -8.07 -24.16
H33 POV TA . 43.42 -9.03 -17.25
H313 POV TA . 37.84 -17.93 -20.08
H33A POV TA . 43.56 -9.59 -15.79
H31D POV TA . 37.67 -18.70 -21.44
H14 POV TA . 36.10 -2.36 -18.07
H14A POV TA . 37.00 -1.52 -17.05
H14B POV TA . 36.68 -3.07 -16.76
H24 POV TA . 39.94 -6.16 -20.25
H214 POV TA . 36.47 -9.97 -24.81
H24A POV TA . 38.71 -6.29 -19.30
H21D POV TA . 36.66 -10.06 -23.27
H34 POV TA . 43.99 -11.28 -17.38
H314 POV TA . 38.88 -20.43 -20.72
H34A POV TA . 42.78 -11.67 -16.47
H31E POV TA . 39.47 -19.64 -19.52
H15 POV TA . 34.34 -3.57 -17.13
H15A POV TA . 34.20 -3.46 -15.56
H15B POV TA . 33.23 -2.60 -16.48
H25 POV TA . 38.70 -5.10 -21.86
H215 POV TA . 34.32 -11.29 -24.22
H25A POV TA . 37.93 -6.39 -21.43
H21E POV TA . 35.65 -11.96 -24.71
H35 POV TA . 41.31 -10.96 -18.26
H315 POV TA . 37.77 -21.31 -19.05
H35A POV TA . 42.59 -10.74 -19.13
H31F POV TA . 37.66 -19.95 -18.27
H26 POV TA . 37.24 -3.74 -20.71
H216 POV TA . 35.36 -13.18 -22.94
H26A POV TA . 36.40 -4.68 -21.63
H21F POV TA . 36.19 -12.06 -22.25
H36 POV TA . 42.95 -12.95 -19.36
H316 POV TA . 35.59 -20.77 -19.18
H36A POV TA . 42.20 -13.32 -18.03
H31G POV TA . 35.90 -19.27 -19.52
H31H POV TA . 36.15 -20.39 -20.62
H27 POV TA . 36.37 -6.03 -19.39
H217 POV TA . 34.55 -11.96 -20.84
H27A POV TA . 36.53 -4.58 -18.84
H21G POV TA . 33.78 -11.15 -21.94
H37 POV TA . 40.21 -12.48 -19.51
H37A POV TA . 41.17 -13.09 -20.59
H28 POV TA . 34.50 -3.91 -19.43
H218 POV TA . 32.32 -12.76 -21.39
H28A POV TA . 34.26 -5.33 -18.88
H21H POV TA . 32.94 -13.29 -22.76
H21J POV TA . 33.46 -13.85 -21.38
H38 POV TA . 41.15 -15.12 -19.43
H38A POV TA . 40.17 -14.50 -18.37
H39 POV TA . 38.57 -14.18 -20.15
H39A POV TA . 38.82 -15.68 -19.73
N POV UA . 31.52 7.94 -27.11
P POV UA . 31.51 3.69 -27.51
C1 POV UA . 31.50 1.18 -28.43
C2 POV UA . 33.02 0.96 -28.38
C3 POV UA . 33.83 1.97 -29.19
C210 POV UA . 38.56 -8.87 -33.80
C310 POV UA . 40.74 -3.90 -32.65
C11 POV UA . 32.82 5.91 -27.98
O11 POV UA . 31.17 2.57 -28.59
C211 POV UA . 39.90 -9.33 -34.25
C311 POV UA . 41.77 -4.32 -33.66
C12 POV UA . 31.70 6.89 -28.18
O12 POV UA . 32.42 4.61 -28.45
C212 POV UA . 39.96 -9.77 -35.69
C312 POV UA . 41.71 -5.77 -34.07
C13 POV UA . 32.84 8.59 -26.81
O13 POV UA . 30.28 4.41 -27.13
C213 POV UA . 41.17 -10.63 -35.96
C313 POV UA . 42.46 -6.03 -35.34
C14 POV UA . 30.57 8.98 -27.62
O14 POV UA . 32.37 3.11 -26.45
C214 POV UA . 41.23 -11.26 -37.35
C314 POV UA . 43.15 -7.37 -35.36
C15 POV UA . 30.96 7.34 -25.86
C215 POV UA . 41.67 -10.32 -38.43
C315 POV UA . 43.65 -7.76 -36.71
C216 POV UA . 42.05 -11.03 -39.70
C316 POV UA . 44.80 -6.94 -37.15
C217 POV UA . 40.87 -11.55 -40.42
C218 POV UA . 41.24 -12.10 -41.76
C21 POV UA . 33.12 -0.80 -30.06
O21 POV UA . 33.34 -0.41 -28.79
C22 POV UA . 33.55 -2.22 -30.28
O22 POV UA . 32.66 -0.08 -30.90
C23 POV UA . 34.79 -2.31 -31.15
C24 POV UA . 34.70 -3.33 -32.29
C25 POV UA . 35.28 -4.68 -31.96
C26 POV UA . 35.08 -5.69 -33.07
C27 POV UA . 36.35 -6.27 -33.64
C28 POV UA . 36.96 -7.29 -32.74
C29 POV UA . 38.30 -7.74 -33.21
C31 POV UA . 35.27 3.91 -28.67
O31 POV UA . 34.47 2.89 -28.28
C32 POV UA . 35.49 4.10 -30.16
O32 POV UA . 35.79 4.65 -27.87
C33 POV UA . 36.90 3.77 -30.63
C34 POV UA . 37.38 2.39 -30.24
C35 POV UA . 37.86 1.59 -31.42
C36 POV UA . 38.18 0.15 -31.07
C37 POV UA . 39.09 -0.49 -32.07
C38 POV UA . 39.35 -1.96 -31.86
C39 POV UA . 40.32 -2.49 -32.87
H29 POV UA . 39.03 -7.12 -33.06
H1 POV UA . 31.06 0.69 -29.15
H1A POV UA . 31.13 0.87 -27.58
H2 POV UA . 33.31 1.07 -27.45
H3 POV UA . 34.51 1.49 -29.73
H3A POV UA . 33.24 2.46 -29.80
H310 POV UA . 39.95 -4.48 -32.70
H31A POV UA . 41.09 -4.00 -31.74
H210 POV UA . 37.83 -9.49 -33.96
H11 POV UA . 33.60 6.18 -28.51
H11A POV UA . 33.14 5.87 -27.05
H211 POV UA . 40.50 -8.57 -34.13
H21A POV UA . 40.23 -10.04 -33.66
H311 POV UA . 42.66 -4.15 -33.30
H31B POV UA . 41.68 -3.77 -34.46
H12 POV UA . 30.84 6.42 -28.23
H12A POV UA . 31.82 7.37 -29.01
H22 POV UA . 33.72 -2.62 -29.40
H212 POV UA . 39.15 -10.26 -35.91
H22A POV UA . 32.79 -2.67 -30.70
H21B POV UA . 39.99 -8.99 -36.27
H32 POV UA . 35.40 5.07 -30.28
H312 POV UA . 42.07 -6.33 -33.35
H32A POV UA . 34.84 3.71 -30.78
H31C POV UA . 40.77 -6.03 -34.20
H13 POV UA . 33.31 8.03 -26.16
H13A POV UA . 33.35 8.65 -27.64
H13B POV UA . 32.70 9.49 -26.44
H23 POV UA . 34.97 -1.43 -31.53
H213 POV UA . 41.96 -10.09 -35.85
H23A POV UA . 35.55 -2.53 -30.58
H21C POV UA . 41.21 -11.33 -35.28
H33 POV UA . 36.94 3.86 -31.60
H313 POV UA . 41.84 -5.99 -36.09
H33A POV UA . 37.51 4.44 -30.28
H31D POV UA . 43.12 -5.33 -35.48
H14 POV UA . 30.15 9.42 -26.87
H14A POV UA . 29.89 8.54 -28.18
H14B POV UA . 31.06 9.63 -28.16
H24 POV UA . 33.77 -3.45 -32.56
H214 POV UA . 41.85 -12.02 -37.33
H24A POV UA . 35.17 -2.96 -33.06
H21D POV UA . 40.35 -11.62 -37.59
H34 POV UA . 38.12 2.48 -29.61
H314 POV UA . 43.90 -7.34 -34.73
H34A POV UA . 36.69 1.88 -29.79
H31E POV UA . 42.53 -8.05 -35.02
H15 POV UA . 30.98 8.00 -25.14
H15A POV UA . 30.04 7.10 -26.04
H15B POV UA . 31.47 6.54 -25.63
H25 POV UA . 36.24 -4.61 -31.80
H215 POV UA . 40.94 -9.70 -38.62
H25A POV UA . 34.89 -5.02 -31.14
H21E POV UA . 42.44 -9.80 -38.12
H35 POV UA . 37.19 1.60 -32.13
H315 POV UA . 43.92 -8.69 -36.71
H35A POV UA . 38.66 2.01 -31.80
H31F POV UA . 42.93 -7.65 -37.37
H26 POV UA . 34.56 -6.44 -32.72
H216 POV UA . 42.54 -10.41 -40.29
H26A POV UA . 34.56 -5.29 -33.79
H21F POV UA . 42.66 -11.76 -39.50
H36 POV UA . 38.58 0.10 -30.18
H316 POV UA . 45.12 -7.26 -38.02
H36A POV UA . 37.35 -0.37 -31.03
H31G POV UA . 44.55 -6.00 -37.24
H31H POV UA . 45.55 -7.02 -36.51
H27 POV UA . 36.15 -6.67 -34.50
H217 POV UA . 40.44 -12.25 -39.88
H27A POV UA . 36.98 -5.54 -33.80
H21G POV UA . 40.23 -10.83 -40.55
H37 POV UA . 38.74 -0.34 -32.97
H37A POV UA . 39.96 -0.02 -32.04
H28 POV UA . 37.00 -6.94 -31.83
H218 POV UA . 41.91 -12.81 -41.69
H28A POV UA . 36.38 -8.07 -32.71
H21H POV UA . 40.48 -12.45 -42.26
H21J POV UA . 41.63 -11.37 -42.29
H38 POV UA . 39.68 -2.11 -30.96
H38A POV UA . 38.50 -2.44 -31.94
H39 POV UA . 41.10 -1.91 -32.89
H39A POV UA . 39.91 -2.41 -33.75
N POV VA . 56.22 -13.05 -53.04
P POV VA . 52.58 -9.46 -52.45
C1 POV VA . 51.80 -7.17 -51.44
C2 POV VA . 50.34 -7.36 -51.67
C3 POV VA . 49.96 -7.36 -53.14
C210 POV VA . 42.55 -0.62 -47.08
C310 POV VA . 42.87 -1.77 -52.12
C11 POV VA . 54.61 -11.05 -52.93
O11 POV VA . 52.42 -8.46 -51.22
C211 POV VA . 41.20 -0.65 -47.70
C311 POV VA . 41.49 -1.25 -52.42
C12 POV VA . 55.56 -11.98 -52.21
O12 POV VA . 53.86 -10.28 -51.97
C212 POV VA . 40.62 0.73 -47.96
C312 POV VA . 40.96 -0.37 -51.30
C13 POV VA . 57.34 -13.65 -52.23
O13 POV VA . 51.41 -10.34 -52.54
C213 POV VA . 39.16 0.83 -47.57
C313 POV VA . 39.97 0.69 -51.73
C14 POV VA . 55.26 -14.14 -53.40
O14 POV VA . 52.99 -8.67 -53.64
C214 POV VA . 38.96 0.97 -46.08
C314 POV VA . 38.54 0.24 -51.70
C15 POV VA . 56.81 -12.47 -54.30
C215 POV VA . 37.52 0.75 -45.66
C315 POV VA . 37.57 1.26 -52.23
C216 POV VA . 37.17 1.49 -44.39
C316 POV VA . 37.42 2.47 -51.35
C217 POV VA . 36.86 2.93 -44.60
C218 POV VA . 35.57 3.11 -45.28
C21 POV VA . 49.42 -6.40 -49.67
O21 POV VA . 49.57 -6.31 -51.00
C22 POV VA . 48.54 -5.30 -49.15
O22 POV VA . 49.95 -7.24 -48.99
C23 POV VA . 47.52 -4.89 -50.19
C24 POV VA . 46.32 -4.15 -49.62
C25 POV VA . 46.65 -2.82 -49.00
C26 POV VA . 46.79 -2.87 -47.50
C27 POV VA . 45.49 -2.66 -46.76
C28 POV VA . 44.95 -1.25 -46.87
C29 POV VA . 43.61 -1.23 -47.52
C31 POV VA . 50.18 -5.82 -55.06
O31 POV VA . 50.35 -6.09 -53.75
C32 POV VA . 49.58 -6.93 -55.91
O32 POV VA . 50.49 -4.77 -55.55
C33 POV VA . 48.06 -7.05 -55.90
C34 POV VA . 47.32 -5.74 -56.17
C35 POV VA . 47.06 -4.91 -54.93
C36 POV VA . 45.60 -4.83 -54.54
C37 POV VA . 45.39 -4.37 -53.12
C38 POV VA . 44.92 -2.94 -52.98
C39 POV VA . 43.43 -2.75 -53.13
H29 POV VA . 43.55 -1.73 -48.36
H1 POV VA . 52.23 -6.75 -52.21
H1A POV VA . 51.95 -6.61 -50.65
H2 POV VA . 50.07 -8.23 -51.31
H3 POV VA . 50.37 -8.13 -53.57
H3A POV VA . 48.99 -7.43 -53.21
H310 POV VA . 43.49 -1.01 -52.04
H31A POV VA . 42.86 -2.19 -51.23
H210 POV VA . 42.63 -0.09 -46.26
H11 POV VA . 55.12 -10.41 -53.47
H11A POV VA . 54.03 -11.53 -53.55
H211 POV VA . 41.29 -1.12 -48.54
H21A POV VA . 40.57 -1.16 -47.17
H311 POV VA . 41.51 -0.76 -53.26
H31B POV VA . 40.89 -2.00 -52.55
H12 POV VA . 55.08 -12.44 -51.49
H12A POV VA . 56.28 -11.45 -51.79
H22 POV VA . 48.08 -5.63 -48.35
H212 POV VA . 41.11 1.40 -47.45
H22A POV VA . 49.09 -4.54 -48.91
H21B POV VA . 40.72 0.97 -48.90
H32 POV VA . 49.81 -6.68 -56.83
H312 POV VA . 40.51 -0.95 -50.66
H32A POV VA . 50.01 -7.80 -55.76
H31C POV VA . 41.71 0.04 -50.84
H13 POV VA . 57.71 -14.40 -52.72
H13A POV VA . 58.03 -12.97 -52.09
H13B POV VA . 56.99 -13.94 -51.37
H23 POV VA . 47.96 -4.30 -50.84
H213 POV VA . 38.76 1.60 -48.02
H23A POV VA . 47.20 -5.66 -50.69
H21C POV VA . 38.69 0.04 -47.90
H33 POV VA . 47.79 -7.68 -56.59
H313 POV VA . 40.06 1.46 -51.13
H33A POV VA . 47.74 -7.44 -55.06
H31D POV VA . 40.17 1.01 -52.63
H14 POV VA . 55.37 -14.35 -54.35
H14A POV VA . 55.45 -14.93 -52.86
H14B POV VA . 54.34 -13.82 -53.23
H24 POV VA . 45.66 -4.03 -50.32
H214 POV VA . 39.53 0.31 -45.62
H24A POV VA . 45.91 -4.72 -48.93
H21D POV VA . 39.24 1.85 -45.80
H34 POV VA . 47.85 -5.21 -56.81
H314 POV VA . 38.46 -0.59 -52.21
H34A POV VA . 46.47 -5.94 -56.61
H31E POV VA . 38.30 0.04 -50.77
H15 POV VA . 57.39 -13.13 -54.74
H15A POV VA . 56.08 -12.26 -54.92
H15B POV VA . 57.31 -11.66 -54.08
H25 POV VA . 47.49 -2.49 -49.39
H215 POV VA . 36.94 1.02 -46.39
H25A POV VA . 45.95 -2.19 -49.24
H21E POV VA . 37.36 -0.20 -45.52
H35 POV VA . 47.58 -5.28 -54.20
H315 POV VA . 37.86 1.55 -53.12
H35A POV VA . 47.41 -4.01 -55.09
H31F POV VA . 36.69 0.84 -52.34
H26 POV VA . 47.17 -3.73 -47.24
H216 POV VA . 36.40 1.04 -43.98
H26A POV VA . 47.44 -2.18 -47.21
H21F POV VA . 37.91 1.40 -43.77
H36 POV VA . 45.15 -4.19 -55.14
H316 POV VA . 36.75 3.07 -51.70
H36A POV VA . 45.18 -5.70 -54.67
H31G POV VA . 37.14 2.21 -50.44
H31H POV VA . 38.26 2.97 -51.28
H27 POV VA . 44.83 -3.27 -47.13
H217 POV VA . 36.84 3.42 -43.75
H27A POV VA . 45.62 -2.89 -45.82
H21G POV VA . 37.55 3.34 -45.15
H37 POV VA . 44.74 -4.97 -52.68
H37A POV VA . 46.22 -4.45 -52.61
H28 POV VA . 44.92 -0.83 -45.98
H218 POV VA . 34.90 2.50 -44.91
H28A POV VA . 45.55 -0.71 -47.42
H21H POV VA . 35.24 4.02 -45.15
H21J POV VA . 35.67 2.93 -46.23
H38 POV VA . 45.19 -2.60 -52.11
H38A POV VA . 45.38 -2.40 -53.66
H39 POV VA . 42.97 -3.60 -53.04
H39A POV VA . 43.23 -2.42 -54.03
N POV WA . 41.72 -12.74 -67.67
P POV WA . 42.03 -9.67 -64.84
C1 POV WA . 39.60 -8.95 -65.51
C2 POV WA . 38.53 -9.92 -65.04
C3 POV WA . 38.05 -10.78 -66.18
C210 POV WA . 37.12 -3.05 -58.56
C310 POV WA . 30.52 -7.33 -62.32
C11 POV WA . 42.34 -12.27 -65.19
O11 POV WA . 40.66 -8.91 -64.54
C211 POV WA . 37.41 -4.30 -57.80
C311 POV WA . 29.42 -6.78 -61.44
C12 POV WA . 42.80 -12.51 -66.62
O12 POV WA . 41.43 -11.14 -65.07
C212 POV WA . 38.77 -4.29 -57.07
C312 POV WA . 29.87 -5.64 -60.56
C13 POV WA . 41.18 -11.43 -68.16
O13 POV WA . 42.61 -9.17 -66.11
C213 POV WA . 39.95 -4.00 -58.00
C313 POV WA . 30.00 -4.33 -61.29
C14 POV WA . 42.37 -13.44 -68.83
O14 POV WA . 42.85 -9.67 -63.61
C214 POV WA . 41.29 -4.48 -57.47
C314 POV WA . 28.66 -3.72 -61.64
C15 POV WA . 40.59 -13.59 -67.17
C215 POV WA . 42.32 -4.69 -58.58
C315 POV WA . 28.70 -2.34 -62.24
C216 POV WA . 41.97 -5.82 -59.54
C316 POV WA . 27.97 -2.30 -63.56
C217 POV WA . 41.62 -5.33 -60.93
C218 POV WA . 41.09 -6.41 -61.84
C21 POV WA . 37.49 -8.33 -63.56
O21 POV WA . 37.37 -9.20 -64.56
C22 POV WA . 36.17 -7.72 -63.19
O22 POV WA . 38.54 -8.05 -63.03
C23 POV WA . 35.89 -7.73 -61.70
C24 POV WA . 36.74 -6.76 -60.90
C25 POV WA . 36.54 -5.30 -61.24
C26 POV WA . 35.11 -4.79 -61.06
C27 POV WA . 34.63 -4.78 -59.61
C28 POV WA . 34.66 -3.43 -58.93
C29 POV WA . 35.95 -2.71 -59.09
C31 POV WA . 36.26 -12.31 -66.50
O31 POV WA . 37.24 -11.88 -65.70
C32 POV WA . 35.50 -13.45 -65.89
O32 POV WA . 36.02 -11.84 -67.58
C33 POV WA . 34.88 -13.19 -64.52
C34 POV WA . 34.68 -11.73 -64.14
C35 POV WA . 33.70 -11.00 -65.02
C36 POV WA . 32.46 -10.60 -64.27
C37 POV WA . 32.67 -9.43 -63.34
C38 POV WA . 31.82 -9.46 -62.11
C39 POV WA . 31.56 -8.10 -61.56
H29 POV WA . 35.92 -1.91 -59.65
H1 POV WA . 39.99 -9.24 -66.37
H1A POV WA . 39.22 -8.07 -65.64
H2 POV WA . 38.89 -10.50 -64.34
H3 POV WA . 37.59 -10.21 -66.81
H3A POV WA . 38.83 -11.19 -66.62
H310 POV WA . 30.13 -7.90 -63.00
H31A POV WA . 30.96 -6.59 -62.79
H210 POV WA . 37.85 -2.41 -58.69
H11 POV WA . 41.87 -13.05 -64.84
H11A POV WA . 43.11 -12.14 -64.61
H211 POV WA . 36.70 -4.42 -57.15
H21A POV WA . 37.38 -5.09 -58.38
H311 POV WA . 28.68 -6.50 -62.00
H31B POV WA . 29.08 -7.50 -60.88
H12 POV WA . 43.38 -13.29 -66.64
H12A POV WA . 43.32 -11.74 -66.92
H22 POV WA . 36.14 -6.82 -63.55
H212 POV WA . 38.76 -3.63 -56.36
H22A POV WA . 35.49 -8.26 -63.65
H21B POV WA . 38.91 -5.16 -56.66
H32 POV WA . 34.78 -13.70 -66.51
H312 POV WA . 29.24 -5.54 -59.82
H32A POV WA . 36.11 -14.19 -65.81
H31C POV WA . 30.74 -5.86 -60.16
H13 POV WA . 40.24 -11.56 -68.38
H13A POV WA . 41.29 -10.76 -67.47
H13B POV WA . 41.67 -11.16 -68.97
H23 POV WA . 34.94 -7.54 -61.55
H213 POV WA . 39.76 -4.37 -58.88
H23A POV WA . 36.04 -8.63 -61.37
H21C POV WA . 40.02 -3.03 -58.12
H33 POV WA . 34.01 -13.62 -64.49
H313 POV WA . 30.50 -3.70 -60.73
H33A POV WA . 35.43 -13.66 -63.86
H31D POV WA . 30.52 -4.45 -62.11
H14 POV WA . 42.56 -14.37 -68.57
H14A POV WA . 41.75 -13.44 -69.58
H14B POV WA . 43.19 -12.97 -69.06
H24 POV WA . 36.58 -6.92 -59.95
H214 POV WA . 41.63 -3.82 -56.84
H24A POV WA . 37.68 -6.98 -61.04
H21D POV WA . 41.16 -5.31 -56.98
H34 POV WA . 34.35 -11.70 -63.22
H314 POV WA . 28.19 -4.32 -62.26
H34A POV WA . 35.52 -11.23 -64.11
H31E POV WA . 28.12 -3.68 -60.83
H15 POV WA . 40.03 -13.88 -67.93
H15A POV WA . 40.97 -14.39 -66.77
H15B POV WA . 40.08 -13.09 -66.51
H25 POV WA . 37.14 -4.77 -60.70
H215 POV WA . 42.42 -3.86 -59.08
H25A POV WA . 36.81 -5.14 -62.16
H21E POV WA . 43.20 -4.88 -58.17
H35 POV WA . 34.14 -10.20 -65.37
H315 POV WA . 29.62 -2.04 -62.36
H35A POV WA . 33.47 -11.56 -65.78
H31F POV WA . 28.26 -1.71 -61.63
H26 POV WA . 35.06 -3.88 -61.41
H216 POV WA . 42.72 -6.43 -59.60
H26A POV WA . 34.50 -5.32 -61.59
H21F POV WA . 41.22 -6.31 -59.17
H36 POV WA . 31.76 -10.36 -64.92
H316 POV WA . 28.36 -2.94 -64.18
H36A POV WA . 32.12 -11.36 -63.75
H31G POV WA . 27.03 -2.54 -63.43
H31H POV WA . 28.01 -1.41 -63.96
H27 POV WA . 33.71 -5.12 -59.60
H217 POV WA . 40.95 -4.61 -60.87
H27A POV WA . 35.14 -5.41 -59.07
H21G POV WA . 42.42 -4.94 -61.35
H37 POV WA . 33.61 -9.42 -63.06
H37A POV WA . 32.52 -8.60 -63.82
H28 POV WA . 33.91 -2.88 -59.24
H218 POV WA . 41.72 -7.16 -61.90
H28A POV WA . 34.52 -3.56 -57.97
H21H POV WA . 40.23 -6.74 -61.51
H21J POV WA . 40.95 -6.05 -62.74
H38 POV WA . 30.97 -9.91 -62.31
H38A POV WA . 32.26 -10.01 -61.44
H39 POV WA . 32.40 -7.60 -61.58
H39A POV WA . 31.29 -8.16 -60.63
N POV XA . 35.27 -17.58 -67.82
P POV XA . 30.58 -18.15 -67.38
C1 POV XA . 30.47 -15.64 -68.23
C2 POV XA . 31.05 -15.05 -66.98
C210 POV XA . 23.77 -8.73 -59.38
C11 POV XA . 33.13 -18.84 -67.10
O11 POV XA . 30.96 -16.98 -68.40
C211 POV XA . 23.83 -7.28 -59.04
C12 POV XA . 33.75 -17.70 -67.87
O12 POV XA . 31.81 -19.13 -67.64
C212 POV XA . 22.72 -6.72 -58.13
C13 POV XA . 35.79 -17.66 -66.41
O13 POV XA . 30.61 -17.66 -65.98
C213 POV XA . 22.27 -7.64 -57.01
C14 POV XA . 35.93 -18.64 -68.63
O14 POV XA . 29.35 -18.81 -67.88
C214 POV XA . 21.08 -8.52 -57.38
C15 POV XA . 35.64 -16.23 -68.38
C215 POV XA . 19.80 -8.18 -56.66
C216 POV XA . 19.61 -8.94 -55.37
C217 POV XA . 18.37 -9.78 -55.37
C218 POV XA . 17.15 -8.94 -55.14
C21 POV XA . 29.07 -14.19 -65.92
O21 POV XA . 30.23 -13.92 -66.56
C22 POV XA . 28.38 -12.93 -65.50
O22 POV XA . 28.67 -15.31 -65.72
C23 POV XA . 29.37 -11.83 -65.12
C24 POV XA . 28.74 -10.59 -64.54
C25 POV XA . 27.81 -10.86 -63.38
C26 POV XA . 27.53 -9.66 -62.50
C27 POV XA . 26.13 -9.69 -61.95
C28 POV XA . 25.91 -8.91 -60.66
C29 POV XA . 24.70 -9.43 -59.98
H29 POV XA . 24.60 -10.40 -59.98
H1 POV XA . 29.49 -15.68 -68.19
H1A POV XA . 30.72 -15.09 -68.99
H2 POV XA . 31.95 -14.72 -67.18
H210 POV XA . 22.95 -9.22 -59.17
H11 POV XA . 33.67 -19.65 -67.20
H11A POV XA . 33.10 -18.64 -66.15
H211 POV XA . 24.71 -7.13 -58.64
H21A POV XA . 23.86 -6.77 -59.87
H12 POV XA . 33.41 -16.86 -67.54
H12A POV XA . 33.52 -17.79 -68.82
H22 POV XA . 27.83 -12.63 -66.25
H212 POV XA . 23.03 -5.88 -57.73
H22A POV XA . 27.80 -13.17 -64.76
H21B POV XA . 21.94 -6.46 -58.68
H13 POV XA . 35.24 -17.08 -65.86
H13A POV XA . 35.71 -18.59 -66.11
H13B POV XA . 36.72 -17.39 -66.38
H23 POV XA . 30.01 -12.19 -64.47
H213 POV XA . 23.02 -8.19 -56.73
H23A POV XA . 29.89 -11.57 -65.90
H21C POV XA . 22.04 -7.08 -56.23
H14 POV XA . 35.68 -18.51 -69.57
H14A POV XA . 36.89 -18.55 -68.53
H14B POV XA . 35.64 -19.51 -68.31
H24 POV XA . 29.45 -9.98 -64.25
H214 POV XA . 20.92 -8.47 -58.34
H24A POV XA . 28.24 -10.13 -65.24
H21D POV XA . 21.32 -9.45 -57.20
H15 POV XA . 36.50 -16.28 -68.84
H15A POV XA . 34.96 -15.96 -69.02
H15B POV XA . 35.67 -15.58 -67.65
H25 POV XA . 26.97 -11.21 -63.73
H215 POV XA . 19.77 -7.23 -56.46
H25A POV XA . 28.20 -11.58 -62.84
H21E POV XA . 19.05 -8.37 -57.25
H26 POV XA . 28.16 -9.66 -61.75
H216 POV XA . 20.38 -9.51 -55.17
H26A POV XA . 27.67 -8.84 -63.00
H21F POV XA . 19.55 -8.30 -54.65
H27 POV XA . 25.54 -9.34 -62.63
H217 POV XA . 18.28 -10.23 -56.23
H27A POV XA . 25.87 -10.63 -61.81
H21G POV XA . 18.44 -10.48 -54.70
H28 POV XA . 26.71 -8.97 -60.09
H218 POV XA . 17.21 -8.44 -54.30
H28A POV XA . 25.78 -7.97 -60.87
H21H POV XA . 17.02 -8.30 -55.86
H21J POV XA . 16.36 -9.52 -55.09
N POV YA . 29.52 -30.51 -62.64
P POV YA . 28.66 -26.87 -60.14
C1 POV YA . 26.71 -25.40 -61.08
C2 POV YA . 27.08 -24.06 -60.53
C3 POV YA . 25.92 -23.38 -59.87
C210 POV YA . 24.60 -14.91 -60.10
C310 POV YA . 22.59 -15.88 -55.41
C11 POV YA . 27.89 -28.66 -61.92
O11 POV YA . 27.93 -26.11 -61.34
C211 POV YA . 24.90 -14.20 -58.83
C311 POV YA . 21.26 -15.90 -56.16
C12 POV YA . 28.12 -30.13 -62.20
O12 POV YA . 28.30 -28.36 -60.56
C212 POV YA . 24.13 -12.90 -58.67
C312 POV YA . 19.99 -16.09 -55.34
C13 POV YA . 29.70 -30.18 -64.09
O13 POV YA . 27.99 -26.49 -58.87
C213 POV YA . 23.11 -12.90 -57.55
C313 POV YA . 19.88 -15.25 -54.07
C14 POV YA . 30.56 -29.81 -61.85
O14 POV YA . 30.12 -26.67 -60.28
C214 POV YA . 23.59 -12.30 -56.25
C314 POV YA . 19.12 -15.95 -52.96
C15 POV YA . 29.68 -31.99 -62.47
C215 POV YA . 23.81 -10.80 -56.31
C315 POV YA . 19.30 -15.33 -51.62
C216 POV YA . 25.25 -10.37 -56.38
C316 POV YA . 18.46 -14.13 -51.46
C217 POV YA . 25.83 -9.98 -55.07
C218 POV YA . 27.30 -9.71 -55.18
C21 POV YA . 28.40 -22.25 -61.37
O21 POV YA . 27.52 -23.22 -61.64
C22 POV YA . 28.72 -21.44 -62.60
O22 POV YA . 28.88 -22.05 -60.29
C23 POV YA . 28.30 -19.99 -62.40
C24 POV YA . 28.78 -19.06 -63.49
C25 POV YA . 28.83 -17.60 -63.06
C26 POV YA . 27.53 -17.05 -62.47
C27 POV YA . 27.35 -17.30 -60.99
C28 POV YA . 26.76 -16.12 -60.25
C29 POV YA . 25.39 -15.75 -60.70
C31 POV YA . 27.03 -22.41 -58.01
O31 POV YA . 26.43 -22.21 -59.17
C32 POV YA . 27.49 -21.12 -57.42
O32 POV YA . 27.18 -23.50 -57.51
C33 POV YA . 26.53 -20.00 -57.71
C34 POV YA . 25.11 -20.29 -57.26
C35 POV YA . 25.00 -20.64 -55.81
C36 POV YA . 25.54 -19.60 -54.87
C37 POV YA . 24.92 -18.23 -55.05
C38 POV YA . 23.41 -18.23 -55.00
C39 POV YA . 22.80 -17.00 -54.41
H29 POV YA . 25.09 -16.17 -61.52
H1 POV YA . 26.19 -25.92 -60.43
H1A POV YA . 26.19 -25.29 -61.90
H2 POV YA . 27.80 -24.18 -59.88
H3 POV YA . 25.28 -23.10 -60.55
H3A POV YA . 25.50 -23.97 -59.23
H310 POV YA . 23.32 -15.93 -56.07
H31A POV YA . 22.69 -15.02 -54.96
H210 POV YA . 23.72 -14.74 -60.49
H11 POV YA . 28.44 -28.14 -62.53
H11A POV YA . 26.96 -28.41 -62.09
H211 POV YA . 24.72 -14.81 -58.10
H21A POV YA . 25.85 -13.99 -58.77
H311 POV YA . 21.15 -15.06 -56.66
H31B POV YA . 21.31 -16.61 -56.85
H12 POV YA . 27.95 -30.65 -61.39
H12A POV YA . 27.51 -30.42 -62.91
H22 POV YA . 29.68 -21.50 -62.77
H212 POV YA . 24.77 -12.18 -58.52
H22A POV YA . 28.23 -21.82 -63.35
H21B POV YA . 23.68 -12.68 -59.51
H32 POV YA . 27.62 -21.22 -56.46
H312 POV YA . 19.23 -15.88 -55.90
H32A POV YA . 28.35 -20.92 -57.85
H31C POV YA . 19.91 -17.04 -55.11
H13 POV YA . 29.44 -30.96 -64.62
H13A POV YA . 29.14 -29.41 -64.31
H13B POV YA . 30.64 -29.96 -64.27
H23 POV YA . 27.33 -19.94 -62.35
H213 POV YA . 22.31 -12.43 -57.83
H23A POV YA . 28.63 -19.67 -61.54
H21C POV YA . 22.85 -13.83 -57.38
H33 POV YA . 26.85 -19.20 -57.25
H313 POV YA . 20.75 -14.99 -53.71
H33A POV YA . 26.54 -19.81 -58.66
H31D POV YA . 19.41 -14.42 -54.27
H14 POV YA . 30.65 -28.89 -62.18
H14A POV YA . 30.29 -29.80 -60.91
H14B POV YA . 31.41 -30.29 -61.95
H24 POV YA . 29.66 -19.33 -63.79
H214 POV YA . 22.94 -12.50 -55.56
H24A POV YA . 28.18 -19.13 -64.26
H21D POV YA . 24.43 -12.74 -55.98
H34 POV YA . 24.56 -19.51 -57.44
H314 POV YA . 18.17 -15.94 -53.19
H34A POV YA . 24.72 -21.02 -57.79
H31E POV YA . 19.39 -16.89 -52.90
H15 POV YA . 30.48 -32.29 -62.95
H15A POV YA . 29.82 -32.16 -61.51
H15B POV YA . 28.87 -32.43 -62.78
H25 POV YA . 29.55 -17.51 -62.41
H215 POV YA . 23.34 -10.47 -57.09
H25A POV YA . 29.08 -17.06 -63.84
H21E POV YA . 23.39 -10.39 -55.53
H35 POV YA . 24.06 -20.81 -55.60
H315 POV YA . 19.08 -15.98 -50.92
H35A POV YA . 25.47 -21.48 -55.64
H31F POV YA . 20.24 -15.08 -51.49
H26 POV YA . 27.50 -16.08 -62.63
H216 POV YA . 25.80 -11.09 -56.76
H26A POV YA . 26.78 -17.43 -62.96
H21F POV YA . 25.33 -9.61 -56.99
H36 POV YA . 25.40 -19.89 -53.95
H316 POV YA . 17.51 -14.39 -51.46
H36A POV YA . 26.50 -19.54 -55.00
H31G POV YA . 18.65 -13.67 -50.62
H31H POV YA . 18.60 -13.50 -52.20
H27 POV YA . 26.77 -18.07 -60.87
H217 POV YA . 25.37 -9.19 -54.73
H27A POV YA . 28.20 -17.53 -60.59
H21G POV YA . 25.69 -10.72 -54.43
H37 POV YA . 25.27 -17.64 -54.35
H37A POV YA . 25.20 -17.85 -55.91
H28 POV YA . 26.76 -16.32 -59.29
H218 POV YA . 27.49 -9.19 -55.98
H28A POV YA . 27.33 -15.35 -60.36
H21H POV YA . 27.63 -9.22 -54.41
H21J POV YA . 27.78 -10.57 -55.24
H38 POV YA . 23.08 -18.35 -55.91
H38A POV YA . 23.11 -19.01 -54.48
H39 POV YA . 23.37 -16.67 -53.70
H39A POV YA . 21.97 -17.25 -53.97
C13 DU0 ZA . 49.84 -14.98 -14.48
C15 DU0 ZA . 51.25 -18.32 -15.75
C17 DU0 ZA . 56.46 -19.15 -20.16
C20 DU0 ZA . 58.69 -19.62 -21.96
C21 DU0 ZA . 59.94 -20.00 -22.72
C22 DU0 ZA . 59.63 -20.49 -24.12
C24 DU0 ZA . 60.87 -21.18 -26.13
C26 DU0 ZA . 62.32 -22.62 -27.81
C01 DU0 ZA . 54.29 -20.54 -18.46
C02 DU0 ZA . 53.98 -19.50 -19.54
C03 DU0 ZA . 55.14 -18.51 -19.74
C04 DU0 ZA . 55.06 -17.63 -18.49
C05 DU0 ZA . 53.56 -17.38 -18.37
C06 DU0 ZA . 52.84 -18.51 -19.13
C07 DU0 ZA . 51.69 -18.93 -18.19
C08 DU0 ZA . 50.36 -19.11 -18.89
C09 DU0 ZA . 51.70 -17.86 -17.11
C11 DU0 ZA . 50.74 -15.70 -16.68
C12 DU0 ZA . 50.10 -16.14 -15.41
C14 DU0 ZA . 50.99 -17.18 -14.79
C18 DU0 ZA . 57.53 -18.09 -20.36
C19 DU0 ZA . 58.64 -18.49 -21.27
C25 DU0 ZA . 62.10 -22.01 -26.43
C27 DU0 ZA . 61.16 -23.50 -28.23
C51 DU0 ZA . 62.65 -21.55 -28.83
C75 DU0 ZA . 58.59 -21.60 -24.09
C76 DU0 ZA . 57.32 -21.09 -23.41
C77 DU0 ZA . 57.55 -20.63 -21.97
C78 DU0 ZA . 57.93 -21.83 -21.09
C79 DU0 ZA . 56.25 -19.93 -21.46
C80 DU0 ZA . 55.05 -20.87 -21.39
C81 DU0 ZA . 53.78 -20.18 -20.89
O10 DU0 ZA . 50.91 -16.79 -17.60
O16 DU0 ZA . 53.06 -17.46 -17.03
O23 DU0 ZA . 60.84 -20.99 -24.71
O28 DU0 ZA . 61.61 -24.68 -28.88
O52 DU0 ZA . 63.19 -22.10 -30.03
H1 DU0 ZA . 49.84 -15.30 -13.56
H2 DU0 ZA . 50.52 -14.28 -14.58
H3 DU0 ZA . 48.96 -14.58 -14.64
H4 DU0 ZA . 51.93 -18.91 -15.35
H5 DU0 ZA . 50.43 -18.85 -15.84
H6 DU0 ZA . 56.79 -19.74 -19.46
H7 DU0 ZA . 60.55 -19.25 -22.79
H8 DU0 ZA . 60.42 -20.69 -22.24
H9 DU0 ZA . 59.27 -19.77 -24.67
H10 DU0 ZA . 60.07 -21.63 -26.45
H11 DU0 ZA . 60.94 -20.32 -26.58
H12 DU0 ZA . 63.12 -23.19 -27.74
H13 DU0 ZA . 55.11 -21.04 -18.61
H14 DU0 ZA . 54.34 -20.12 -17.58
H15 DU0 ZA . 53.58 -21.22 -18.39
H16 DU0 ZA . 54.89 -17.93 -20.47
H17 DU0 ZA . 55.57 -16.81 -18.61
H18 DU0 ZA . 55.40 -18.08 -17.70
H19 DU0 ZA . 53.31 -16.53 -18.75
H20 DU0 ZA . 52.48 -18.11 -19.94
H21 DU0 ZA . 51.85 -19.77 -17.73
H22 DU0 ZA . 50.31 -19.98 -19.34
H23 DU0 ZA . 49.63 -19.05 -18.23
H24 DU0 ZA . 50.21 -18.41 -19.55
H25 DU0 ZA . 50.19 -15.01 -17.11
H26 DU0 ZA . 51.61 -15.29 -16.49
H27 DU0 ZA . 49.25 -16.57 -15.62
H28 DU0 ZA . 51.83 -16.76 -14.53
H29 DU0 ZA . 50.57 -17.49 -13.97
H30 DU0 ZA . 57.12 -17.27 -20.69
H31 DU0 ZA . 57.91 -17.87 -19.49
H32 DU0 ZA . 59.37 -17.85 -21.37
H33 DU0 ZA . 62.89 -21.47 -26.19
H34 DU0 ZA . 62.10 -22.73 -25.78
H35 DU0 ZA . 60.62 -23.78 -27.47
H36 DU0 ZA . 60.55 -23.05 -28.83
H37 DU0 ZA . 61.85 -21.03 -29.07
H38 DU0 ZA . 63.33 -20.94 -28.46
H39 DU0 ZA . 58.96 -22.35 -23.60
H40 DU0 ZA . 58.40 -21.91 -24.98
H41 DU0 ZA . 56.68 -21.83 -23.44
H42 DU0 ZA . 56.95 -20.37 -23.95
H43 DU0 ZA . 58.89 -22.02 -21.13
H44 DU0 ZA . 57.66 -21.71 -20.16
H45 DU0 ZA . 57.47 -22.65 -21.40
H46 DU0 ZA . 56.01 -19.26 -22.13
H47 DU0 ZA . 55.24 -21.63 -20.82
H48 DU0 ZA . 54.84 -21.23 -22.27
H49 DU0 ZA . 53.04 -20.82 -20.84
H50 DU0 ZA . 53.52 -19.51 -21.56
H51 DU0 ZA . 61.14 -25.32 -28.58
H52 DU0 ZA . 63.04 -22.92 -30.01
N POV AB . 6.09 -4.35 -38.45
P POV AB . 9.03 -7.24 -38.71
C1 POV AB . 11.03 -7.14 -40.51
C2 POV AB . 11.33 -8.62 -40.44
C3 POV AB . 12.79 -8.91 -40.28
C210 POV AB . 15.06 -13.94 -46.34
C310 POV AB . 19.39 -15.98 -41.89
C11 POV AB . 7.72 -5.76 -37.04
O11 POV AB . 9.67 -6.86 -40.13
C211 POV AB . 13.79 -14.44 -46.97
C311 POV AB . 20.45 -16.26 -40.85
C12 POV AB . 6.82 -4.55 -37.13
O12 POV AB . 8.64 -5.81 -38.14
C212 POV AB . 14.05 -15.23 -48.22
C312 POV AB . 21.18 -17.57 -41.07
C13 POV AB . 6.94 -3.55 -39.38
O13 POV AB . 7.78 -8.03 -38.91
C213 POV AB . 14.59 -14.40 -49.36
C313 POV AB . 20.42 -18.73 -40.52
C14 POV AB . 4.84 -3.59 -38.17
O14 POV AB . 10.07 -7.76 -37.82
C214 POV AB . 14.68 -15.14 -50.67
C314 POV AB . 20.72 -20.05 -41.21
C15 POV AB . 5.74 -5.65 -39.11
C215 POV AB . 13.34 -15.42 -51.33
C315 POV AB . 19.52 -20.94 -41.36
C216 POV AB . 13.19 -14.81 -52.72
C316 POV AB . 19.76 -22.08 -42.32
C217 POV AB . 13.91 -15.55 -53.84
C218 POV AB . 15.37 -15.25 -53.93
C21 POV AB . 9.58 -9.58 -41.74
O21 POV AB . 10.88 -9.29 -41.65
C22 POV AB . 9.26 -10.44 -42.92
O22 POV AB . 8.76 -9.18 -40.96
C23 POV AB . 9.76 -11.87 -42.81
C24 POV AB . 11.20 -12.05 -43.18
C25 POV AB . 11.73 -13.43 -42.85
C26 POV AB . 12.74 -13.97 -43.83
C27 POV AB . 13.99 -14.52 -43.17
C28 POV AB . 14.98 -15.15 -44.14
C29 POV AB . 15.52 -14.21 -45.15
C31 POV AB . 14.62 -9.17 -41.91
O31 POV AB . 13.44 -8.63 -41.54
C32 POV AB . 15.23 -10.14 -40.93
O32 POV AB . 15.17 -8.91 -42.94
C33 POV AB . 16.57 -10.66 -41.39
C34 POV AB . 16.50 -11.53 -42.62
C35 POV AB . 17.59 -11.23 -43.60
C36 POV AB . 18.98 -11.55 -43.10
C37 POV AB . 19.23 -13.03 -42.89
C38 POV AB . 18.97 -13.52 -41.50
C39 POV AB . 18.41 -14.92 -41.48
H29 POV AB . 16.34 -13.73 -44.87
H1 POV AB . 11.63 -6.65 -39.90
H1A POV AB . 11.20 -6.83 -41.41
H2 POV AB . 10.90 -9.05 -39.68
H3 POV AB . 13.18 -8.38 -39.56
H3A POV AB . 12.80 -9.86 -40.05
H310 POV AB . 19.81 -15.71 -42.73
H31A POV AB . 18.90 -16.81 -42.09
H210 POV AB . 15.59 -13.35 -46.90
H11 POV AB . 8.27 -5.71 -36.22
H11A POV AB . 7.21 -6.59 -36.96
H211 POV AB . 13.32 -15.01 -46.33
H21A POV AB . 13.18 -13.71 -47.17
H311 POV AB . 21.09 -15.52 -40.86
H31B POV AB . 20.05 -16.27 -39.96
H12 POV AB . 7.32 -3.73 -36.98
H12A POV AB . 6.11 -4.62 -36.45
H22 POV AB . 8.29 -10.45 -42.96
H212 POV AB . 14.70 -15.93 -48.03
H22A POV AB . 9.62 -10.01 -43.73
H21B POV AB . 13.23 -15.66 -48.51
H32 POV AB . 15.34 -9.69 -40.07
H312 POV AB . 21.30 -17.68 -42.04
H32A POV AB . 14.62 -10.90 -40.84
H31C POV AB . 22.06 -17.53 -40.66
H13 POV AB . 7.89 -3.75 -39.23
H13A POV AB . 6.70 -3.79 -40.30
H13B POV AB . 6.79 -2.60 -39.24
H23 POV AB . 9.58 -12.21 -41.93
H213 POV AB . 14.01 -13.61 -49.47
H23A POV AB . 9.23 -12.44 -43.41
H21C POV AB . 15.47 -14.05 -49.12
H33 POV AB . 17.17 -9.91 -41.57
H313 POV AB . 20.64 -18.81 -39.57
H33A POV AB . 16.97 -11.18 -40.68
H31D POV AB . 19.46 -18.55 -40.56
H14 POV AB . 4.47 -3.27 -39.01
H14A POV AB . 4.20 -4.20 -37.74
H14B POV AB . 5.05 -2.84 -37.56
H24 POV AB . 11.29 -11.88 -44.15
H214 POV AB . 15.23 -14.61 -51.27
H24A POV AB . 11.75 -11.38 -42.72
H21D POV AB . 15.15 -15.99 -50.52
H34 POV AB . 16.56 -12.46 -42.34
H314 POV AB . 21.12 -19.91 -42.08
H34A POV AB . 15.64 -11.41 -43.05
H31E POV AB . 21.39 -20.53 -40.67
H15 POV AB . 5.06 -5.50 -39.79
H15A POV AB . 6.53 -6.02 -39.54
H15B POV AB . 5.40 -6.27 -38.42
H25 POV AB . 12.13 -13.39 -41.96
H215 POV AB . 13.22 -16.39 -51.39
H25A POV AB . 10.97 -14.04 -42.80
H21E POV AB . 12.63 -15.07 -50.75
H35 POV AB . 17.42 -11.73 -44.43
H315 POV AB . 19.24 -21.29 -40.49
H35A POV AB . 17.56 -10.28 -43.84
H31F POV AB . 18.77 -20.41 -41.71
H26 POV AB . 12.31 -14.69 -44.33
H216 POV AB . 12.24 -14.75 -52.93
H26A POV AB . 13.00 -13.29 -44.47
H21F POV AB . 13.52 -13.89 -52.70
H36 POV AB . 19.63 -11.21 -43.74
H316 POV AB . 19.28 -22.89 -42.04
H36A POV AB . 19.13 -11.08 -42.26
H31G POV AB . 19.45 -21.86 -43.22
H31H POV AB . 20.72 -22.30 -42.39
H27 POV AB . 14.43 -13.79 -42.68
H217 POV AB . 13.81 -16.50 -53.71
H27A POV AB . 13.72 -15.16 -42.49
H21G POV AB . 13.50 -15.32 -54.69
H37 POV AB . 18.65 -13.52 -43.51
H37A POV AB . 20.15 -13.25 -43.14
H28 POV AB . 15.71 -15.59 -43.65
H218 POV AB . 15.86 -15.68 -53.19
H28A POV AB . 14.53 -15.87 -44.62
H21H POV AB . 15.75 -15.56 -54.77
H21J POV AB . 15.52 -14.28 -53.86
H38 POV AB . 19.81 -13.52 -41.00
H38A POV AB . 18.37 -12.91 -41.03
H39 POV AB . 17.64 -14.97 -42.07
H39A POV AB . 18.10 -15.12 -40.56
C210 POV BB . 22.27 -23.44 -54.95
C211 POV BB . 21.33 -22.79 -53.94
C212 POV BB . 20.82 -23.73 -52.86
C213 POV BB . 20.60 -23.03 -51.52
C214 POV BB . 20.16 -23.97 -50.41
C215 POV BB . 20.21 -23.36 -49.02
C216 POV BB . 19.48 -22.05 -48.88
C22 POV BB . 23.20 -30.39 -60.72
C23 POV BB . 23.13 -29.45 -59.53
C24 POV BB . 23.65 -28.06 -59.85
C25 POV BB . 23.86 -27.17 -58.64
C26 POV BB . 22.70 -27.13 -57.67
C27 POV BB . 22.81 -26.04 -56.63
C28 POV BB . 22.52 -24.65 -57.15
C29 POV BB . 21.61 -23.84 -56.25
H29 POV BB . 20.81 -24.35 -56.07
H31A POV BB . 22.69 -24.22 -54.55
H210 POV BB . 22.99 -22.80 -55.15
H211 POV BB . 21.78 -22.04 -53.53
H21A POV BB . 20.57 -22.41 -54.42
H212 POV BB . 19.98 -24.13 -53.15
H21B POV BB . 21.44 -24.47 -52.72
H23 POV BB . 22.20 -29.38 -59.23
H213 POV BB . 21.42 -22.58 -51.24
H23A POV BB . 23.63 -29.83 -58.78
H21C POV BB . 19.92 -22.33 -51.63
H24 POV BB . 24.49 -28.15 -60.34
H214 POV BB . 19.25 -24.28 -50.60
H24A POV BB . 23.02 -27.62 -60.46
H21D POV BB . 20.72 -24.77 -50.43
H25 POV BB . 24.67 -27.45 -58.16
H215 POV BB . 19.85 -23.99 -48.37
H25A POV BB . 24.05 -26.25 -58.95
H21E POV BB . 21.14 -23.22 -48.77
H26 POV BB . 21.88 -27.02 -58.17
H216 POV BB . 19.44 -21.77 -47.95
H26A POV BB . 22.65 -27.99 -57.21
H21F POV BB . 19.93 -21.34 -49.40
H31H POV BB . 18.56 -22.12 -49.22
H27 POV BB . 22.20 -26.23 -55.89
H27A POV BB . 23.71 -26.04 -56.25
H28 POV BB . 23.37 -24.17 -57.27
H28A POV BB . 22.13 -24.71 -58.04
H39A POV BB . 21.35 -23.03 -56.74
C13 DU0 CB . 22.87 -17.36 -45.75
C15 DU0 CB . 25.61 -19.97 -46.44
C17 DU0 CB . 26.11 -24.01 -51.99
C20 DU0 CB . 26.45 -25.71 -54.31
C21 DU0 CB . 26.86 -26.51 -55.53
C22 DU0 CB . 26.56 -27.98 -55.38
C24 DU0 CB . 26.69 -30.01 -56.77
C26 DU0 CB . 27.66 -32.09 -58.08
C01 DU0 CB . 27.30 -23.27 -49.24
C02 DU0 CB . 25.86 -23.75 -49.42
C03 DU0 CB . 25.32 -23.40 -50.82
C04 DU0 CB . 25.09 -21.89 -50.75
C05 DU0 CB . 24.45 -21.74 -49.37
C06 DU0 CB . 24.84 -22.97 -48.54
C07 DU0 CB . 25.23 -22.40 -47.17
C08 DU0 CB . 24.66 -23.15 -45.98
C09 DU0 CB . 24.79 -20.94 -47.26
C11 DU0 CB . 22.83 -19.59 -46.84
C12 DU0 CB . 23.54 -18.71 -45.88
C14 DU0 CB . 24.97 -18.59 -46.32
C18 DU0 CB . 25.47 -23.63 -53.32
C19 DU0 CB . 25.77 -24.59 -54.43
C25 DU0 CB . 27.67 -30.59 -57.75
C27 DU0 CB . 27.83 -32.94 -56.83
C51 DU0 CB . 26.43 -32.46 -58.88
C75 DU0 CB . 27.17 -28.52 -54.11
C76 DU0 CB . 26.63 -27.74 -52.90
C77 DU0 CB . 26.92 -26.25 -52.96
C78 DU0 CB . 28.44 -26.02 -52.84
C79 DU0 CB . 26.13 -25.53 -51.83
C80 DU0 CB . 26.56 -25.97 -50.42
C81 DU0 CB . 25.79 -25.26 -49.32
O10 DU0 CB . 23.42 -20.90 -46.88
O16 DU0 CB . 24.92 -20.61 -48.63
O23 DU0 CB . 27.13 -28.68 -56.51
O28 DU0 CB . 28.67 -34.06 -57.07
O52 DU0 CB . 26.55 -33.74 -59.47
H1 DU0 CB . 23.50 -16.70 -45.41
H2 DU0 CB . 22.55 -17.06 -46.63
H3 DU0 CB . 22.11 -17.38 -45.14
H4 DU0 CB . 26.50 -19.85 -46.85
H5 DU0 CB . 25.75 -20.32 -45.54
H6 DU0 CB . 27.01 -23.65 -52.00
H7 DU0 CB . 26.41 -26.17 -56.33
H8 DU0 CB . 27.82 -26.38 -55.70
H9 DU0 CB . 25.61 -28.14 -55.34
H10 DU0 CB . 26.65 -30.54 -55.95
H11 DU0 CB . 25.79 -30.00 -57.16
H12 DU0 CB . 28.43 -32.26 -58.65
H13 DU0 CB . 27.93 -23.60 -49.92
H14 DU0 CB . 27.35 -22.30 -49.24
H15 DU0 CB . 27.68 -23.56 -48.39
H16 DU0 CB . 24.43 -23.78 -50.89
H17 DU0 CB . 24.52 -21.58 -51.47
H18 DU0 CB . 25.93 -21.38 -50.81
H19 DU0 CB . 23.47 -21.69 -49.44
H20 DU0 CB . 24.04 -23.51 -48.46
H21 DU0 CB . 26.19 -22.36 -47.01
H22 DU0 CB . 25.16 -23.98 -45.82
H23 DU0 CB . 24.68 -22.58 -45.19
H24 DU0 CB . 23.73 -23.37 -46.16
H25 DU0 CB . 21.90 -19.69 -46.56
H26 DU0 CB . 22.85 -19.21 -47.73
H27 DU0 CB . 23.53 -19.14 -45.00
H28 DU0 CB . 25.00 -18.13 -47.17
H29 DU0 CB . 25.45 -18.03 -45.69
H30 DU0 CB . 24.51 -23.56 -53.21
H31 DU0 CB . 25.79 -22.74 -53.56
H32 DU0 CB . 25.43 -24.33 -55.31
H33 DU0 CB . 27.59 -30.10 -58.59
H34 DU0 CB . 28.55 -30.38 -57.41
H35 DU0 CB . 28.22 -32.43 -56.09
H36 DU0 CB . 26.98 -33.28 -56.49
H37 DU0 CB . 25.63 -32.46 -58.32
H38 DU0 CB . 26.31 -31.81 -59.61
H39 DU0 CB . 28.14 -28.44 -54.15
H40 DU0 CB . 26.98 -29.47 -54.01
H41 DU0 CB . 27.04 -28.14 -52.11
H42 DU0 CB . 25.67 -27.90 -52.84
H43 DU0 CB . 28.92 -26.33 -53.64
H44 DU0 CB . 28.65 -25.08 -52.72
H45 DU0 CB . 28.81 -26.48 -52.07
H46 DU0 CB . 25.20 -25.82 -51.92
H47 DU0 CB . 27.51 -25.81 -50.28
H48 DU0 CB . 26.41 -26.93 -50.30
H49 DU0 CB . 26.11 -25.55 -48.44
H50 DU0 CB . 24.85 -25.54 -49.38
H51 DU0 CB . 29.23 -34.07 -56.43
H52 DU0 CB . 27.21 -34.14 -59.10
N POV DB . -10.97 -35.73 -12.14
P POV DB . -7.62 -37.05 -14.13
C1 POV DB . -7.81 -38.48 -16.41
C2 POV DB . -6.44 -39.10 -16.28
C3 POV DB . -5.64 -38.99 -17.54
C210 POV DB . -3.32 -46.63 -19.62
C310 POV DB . 1.94 -43.65 -22.40
C11 POV DB . -8.61 -35.00 -12.89
O11 POV DB . -8.34 -38.09 -15.11
C211 POV DB . -3.56 -47.50 -18.43
C311 POV DB . 3.06 -42.66 -22.61
C12 POV DB . -9.97 -34.61 -12.35
O12 POV DB . -8.72 -35.92 -14.00
C212 POV DB . -3.28 -48.95 -18.73
C312 POV DB . 4.40 -43.30 -22.94
C13 POV DB . -11.68 -36.06 -13.42
O13 POV DB . -7.40 -37.66 -12.80
C213 POV DB . -4.28 -49.56 -19.67
C313 POV DB . 5.04 -43.94 -21.74
C14 POV DB . -11.97 -35.25 -11.13
O14 POV DB . -6.48 -36.43 -14.82
C214 POV DB . -4.18 -51.08 -19.77
C314 POV DB . 5.65 -45.29 -22.05
C15 POV DB . -10.30 -36.96 -11.60
C215 POV DB . -4.65 -51.80 -18.51
C315 POV DB . 6.22 -45.93 -20.82
C216 POV DB . -5.84 -52.72 -18.72
C316 POV DB . 6.89 -47.24 -21.09
C217 POV DB . -5.52 -54.07 -19.33
C218 POV DB . -5.30 -54.03 -20.81
C21 POV DB . -6.75 -40.79 -14.64
O21 POV DB . -6.52 -40.51 -15.92
C22 POV DB . -6.66 -42.26 -14.36
O22 POV DB . -7.03 -39.97 -13.81
C23 POV DB . -5.25 -42.82 -14.41
C24 POV DB . -4.78 -43.18 -15.80
C25 POV DB . -3.31 -43.52 -15.86
C26 POV DB . -2.96 -44.57 -16.89
C27 POV DB . -1.82 -44.17 -17.80
C28 POV DB . -1.38 -45.27 -18.78
C29 POV DB . -2.44 -45.66 -19.74
C31 POV DB . -5.49 -40.41 -19.55
O31 POV DB . -6.20 -39.89 -18.52
C32 POV DB . -4.03 -40.06 -19.59
O32 POV DB . -5.98 -41.13 -20.37
C33 POV DB . -3.33 -40.65 -20.80
C34 POV DB . -3.26 -42.15 -20.82
C35 POV DB . -3.53 -42.73 -22.17
C36 POV DB . -2.50 -42.38 -23.22
C37 POV DB . -1.17 -43.05 -23.03
C38 POV DB . -0.17 -42.25 -22.25
C39 POV DB . 0.84 -43.14 -21.52
H29 POV DB . -2.48 -45.13 -20.55
H1 POV DB . -7.78 -37.69 -16.98
H1A POV DB . -8.40 -39.14 -16.82
H2 POV DB . -5.90 -38.65 -15.59
H3 POV DB . -5.63 -38.07 -17.87
H3A POV DB . -4.74 -39.24 -17.25
H310 POV DB . 1.55 -43.88 -23.27
H31A POV DB . 2.29 -44.49 -22.03
H210 POV DB . -3.87 -46.83 -20.40
H11 POV DB . -8.15 -34.20 -13.23
H11A POV DB . -8.04 -35.37 -12.19
H211 POV DB . -2.99 -47.22 -17.69
H21A POV DB . -4.48 -47.41 -18.11
H311 POV DB . 2.81 -42.04 -23.33
H31B POV DB . 3.17 -42.12 -21.82
H12 POV DB . -10.40 -33.96 -12.95
H12A POV DB . -9.86 -34.20 -11.47
H22 POV DB . -6.99 -42.37 -13.45
H212 POV DB . -2.38 -49.03 -19.12
H22A POV DB . -7.23 -42.74 -14.98
H21B POV DB . -3.26 -49.45 -17.89
H32 POV DB . -3.92 -39.10 -19.61
H312 POV DB . 4.28 -43.96 -23.64
H32A POV DB . -3.61 -40.44 -18.79
H31C POV DB . 5.00 -42.63 -23.29
H13 POV DB . -11.16 -35.73 -14.18
H13A POV DB . -11.77 -37.04 -13.48
H13B POV DB . -12.56 -35.65 -13.44
H23 POV DB . -4.63 -42.20 -13.99
H213 POV DB . -5.18 -49.32 -19.36
H23A POV DB . -5.20 -43.62 -13.87
H21C POV DB . -4.16 -49.18 -20.56
H33 POV DB . -3.79 -40.35 -21.61
H313 POV DB . 5.74 -43.36 -21.38
H33A POV DB . -2.42 -40.30 -20.86
H31D POV DB . 4.38 -44.05 -21.03
H14 POV DB . -12.74 -35.86 -11.14
H14A POV DB . -11.55 -35.25 -10.26
H14B POV DB . -12.24 -34.35 -11.38
H24 POV DB . -5.31 -43.93 -16.11
H214 POV DB . -4.71 -51.36 -20.53
H24A POV DB . -4.96 -42.43 -16.39
H21D POV DB . -3.26 -51.33 -19.95
H34 POV DB . -2.38 -42.44 -20.53
H314 POV DB . 4.98 -45.87 -22.44
H34A POV DB . -3.90 -42.52 -20.19
H31E POV DB . 6.36 -45.16 -22.72
H15 POV DB . -10.97 -37.57 -11.22
H15A POV DB . -9.84 -37.43 -12.33
H15B POV DB . -9.64 -36.68 -10.93
H25 POV DB . -2.82 -42.70 -16.06
H215 POV DB . -3.90 -52.32 -18.14
H25A POV DB . -3.01 -43.81 -14.98
H21E POV DB . -4.88 -51.13 -17.83
H35 POV DB . -3.59 -43.71 -22.09
H315 POV DB . 6.85 -45.32 -20.38
H35A POV DB . -4.41 -42.43 -22.47
H31F POV DB . 5.48 -46.09 -20.19
H26 POV DB . -2.70 -45.38 -16.41
H216 POV DB . -6.29 -52.85 -17.86
H26A POV DB . -3.73 -44.80 -17.44
H21F POV DB . -6.49 -52.27 -19.29
H36 POV DB . -2.85 -42.61 -24.11
H316 POV DB . 7.60 -47.38 -20.42
H36A POV DB . -2.36 -41.41 -23.22
H31G POV DB . 6.27 -47.99 -21.01
H31H POV DB . 7.28 -47.28 -21.98
H27 POV DB . -2.07 -43.37 -18.29
H217 POV DB . -4.71 -54.42 -18.92
H27A POV DB . -1.05 -43.92 -17.24
H21G POV DB . -6.24 -54.70 -19.14
H37 POV DB . -1.33 -43.91 -22.59
H37A POV DB . -0.78 -43.26 -23.91
H28 POV DB . -0.57 -45.00 -19.25
H218 POV DB . -4.46 -53.59 -21.03
H28A POV DB . -1.13 -46.07 -18.28
H21H POV DB . -5.29 -54.93 -21.20
H21J POV DB . -6.03 -53.52 -21.23
H38 POV DB . 0.34 -41.70 -22.87
H38A POV DB . -0.61 -41.64 -21.63
H39 POV DB . 0.38 -43.90 -21.13
H39A POV DB . 1.21 -42.64 -20.77
N POV EB . 53.53 -32.21 -33.63
P POV EB . 53.86 -28.29 -31.24
C1 POV EB . 51.93 -27.37 -29.64
C2 POV EB . 51.35 -26.23 -30.43
C3 POV EB . 50.65 -26.68 -31.69
C210 POV EB . 45.71 -18.56 -25.32
C310 POV EB . 42.13 -22.64 -24.77
C11 POV EB . 52.73 -30.66 -31.73
O11 POV EB . 53.33 -27.52 -29.95
C211 POV EB . 44.34 -18.12 -25.60
C311 POV EB . 41.69 -21.21 -24.64
C12 POV EB . 52.79 -30.95 -33.20
O12 POV EB . 52.60 -29.22 -31.57
C212 POV EB . 44.17 -16.64 -25.29
C312 POV EB . 41.36 -20.77 -23.23
C13 POV EB . 52.95 -33.43 -32.99
O13 POV EB . 54.05 -27.32 -32.34
C213 POV EB . 43.76 -16.34 -23.88
C313 POV EB . 42.41 -19.91 -22.57
C14 POV EB . 53.44 -32.34 -35.12
O14 POV EB . 54.99 -29.14 -30.80
C214 POV EB . 42.27 -16.29 -23.68
C314 POV EB . 42.32 -19.88 -21.06
C15 POV EB . 54.98 -32.11 -33.24
C215 POV EB . 41.57 -15.07 -24.27
C315 POV EB . 43.13 -18.81 -20.38
C216 POV EB . 41.97 -13.75 -23.65
C316 POV EB . 44.48 -19.26 -20.03
C217 POV EB . 40.87 -12.68 -23.74
C218 POV EB . 41.34 -11.40 -24.38
C21 POV EB . 52.62 -24.08 -30.57
O21 POV EB . 52.50 -25.41 -30.85
C22 POV EB . 51.57 -23.52 -29.66
O22 POV EB . 53.51 -23.40 -31.02
C23 POV EB . 51.82 -22.08 -29.24
C24 POV EB . 50.91 -21.62 -28.14
C25 POV EB . 49.48 -21.45 -28.54
C26 POV EB . 48.52 -21.36 -27.39
C27 POV EB . 48.59 -20.09 -26.65
C28 POV EB . 47.67 -20.06 -25.46
C29 POV EB . 46.30 -19.64 -25.78
C31 POV EB . 48.72 -25.28 -31.78
O31 POV EB . 49.23 -26.48 -31.51
C32 POV EB . 47.24 -25.24 -31.56
O32 POV EB . 49.38 -24.35 -32.15
C33 POV EB . 46.73 -23.86 -31.18
C34 POV EB . 46.88 -23.56 -29.74
C35 POV EB . 45.75 -24.08 -28.90
C36 POV EB . 44.68 -23.09 -28.58
C37 POV EB . 43.91 -23.45 -27.35
C38 POV EB . 42.58 -22.79 -27.24
C39 POV EB . 41.77 -23.28 -26.08
H29 POV EB . 45.80 -20.22 -26.37
H1 POV EB . 51.45 -28.20 -29.76
H1A POV EB . 51.84 -27.11 -28.69
H2 POV EB . 50.63 -25.87 -29.88
H3 POV EB . 50.99 -26.17 -32.45
H3A POV EB . 50.79 -27.63 -31.84
H310 POV EB . 43.09 -22.68 -24.65
H31A POV EB . 41.72 -23.19 -24.07
H210 POV EB . 46.24 -17.99 -24.74
H11 POV EB . 51.92 -31.06 -31.37
H11A POV EB . 53.48 -31.04 -31.23
H211 POV EB . 44.16 -18.28 -26.54
H21A POV EB . 43.69 -18.64 -25.09
H311 POV EB . 42.39 -20.64 -25.00
H31B POV EB . 40.91 -21.07 -25.21
H12 POV EB . 53.22 -30.20 -33.69
H12A POV EB . 51.88 -31.03 -33.54
H22 POV EB . 50.71 -23.57 -30.13
H212 POV EB . 45.01 -16.18 -25.45
H22A POV EB . 51.52 -24.04 -28.84
H21B POV EB . 43.51 -16.27 -25.91
H32 POV EB . 46.80 -25.56 -32.37
H312 POV EB . 40.54 -20.25 -23.25
H32A POV EB . 47.03 -25.85 -30.82
H31C POV EB . 41.20 -21.53 -22.66
H13 POV EB . 53.46 -34.21 -33.29
H13A POV EB . 53.00 -33.36 -32.03
H13B POV EB . 52.01 -33.53 -33.27
H23 POV EB . 52.74 -21.98 -28.95
H213 POV EB . 44.14 -17.03 -23.30
H23A POV EB . 51.71 -21.49 -30.02
H21C POV EB . 44.16 -15.48 -23.61
H33 POV EB . 47.22 -23.19 -31.68
H313 POV EB . 43.30 -20.19 -22.85
H33A POV EB . 45.78 -23.79 -31.42
H31D POV EB . 42.29 -18.99 -22.89
H14 POV EB . 53.68 -33.26 -35.36
H14A POV EB . 52.54 -32.15 -35.41
H14B POV EB . 54.08 -31.71 -35.52
H24 POV EB . 50.94 -22.27 -27.41
H214 POV EB . 41.89 -17.08 -24.10
H24A POV EB . 51.21 -20.76 -27.79
H21D POV EB . 42.10 -16.36 -22.72
H34 POV EB . 47.71 -23.97 -29.44
H314 POV EB . 41.38 -19.78 -20.81
H34A POV EB . 46.97 -22.60 -29.63
H31E POV EB . 42.61 -20.75 -20.72
H15 POV EB . 55.51 -32.70 -33.82
H15A POV EB . 55.26 -31.19 -33.37
H15B POV EB . 55.07 -32.36 -32.30
H25 POV EB . 49.40 -20.64 -29.08
H215 POV EB . 41.74 -15.04 -25.23
H25A POV EB . 49.22 -22.20 -29.11
H21E POV EB . 40.60 -15.19 -24.18
H35 POV EB . 45.33 -24.81 -29.37
H315 POV EB . 43.20 -18.04 -20.98
H35A POV EB . 46.10 -24.42 -28.06
H31F POV EB . 42.67 -18.52 -19.58
H26 POV EB . 47.60 -21.48 -27.71
H216 POV EB . 42.21 -13.90 -22.71
H26A POV EB . 48.71 -22.09 -26.77
H21F POV EB . 42.77 -13.42 -24.10
H36 POV EB . 45.06 -22.20 -28.47
H316 POV EB . 44.44 -19.91 -19.29
H36A POV EB . 44.07 -23.04 -29.33
H31G POV EB . 44.92 -19.70 -20.78
H31H POV EB . 45.04 -18.51 -19.75
H27 POV EB . 49.51 -19.94 -26.36
H217 POV EB . 40.10 -13.00 -24.24
H27A POV EB . 48.35 -19.35 -27.25
H21G POV EB . 40.56 -12.46 -22.84
H37 POV EB . 43.78 -24.41 -27.34
H37A POV EB . 44.44 -23.24 -26.56
H28 POV EB . 47.66 -20.94 -25.04
H218 POV EB . 40.62 -10.74 -24.40
H28A POV EB . 48.00 -19.44 -24.80
H21H POV EB . 42.09 -11.01 -23.89
H21J POV EB . 41.63 -11.57 -25.30
H38 POV EB . 42.69 -21.83 -27.16
H38A POV EB . 42.07 -22.97 -28.05
H39 POV EB . 41.91 -24.25 -25.99
H39A POV EB . 40.83 -23.14 -26.26
N POV FB . 52.80 -28.69 -41.02
P POV FB . 52.02 -27.23 -36.28
C1 POV FB . 53.01 -24.80 -36.72
C2 POV FB . 52.76 -23.92 -35.53
C3 POV FB . 51.45 -23.21 -35.65
C210 POV FB . 52.12 -17.63 -27.47
C310 POV FB . 46.65 -15.39 -27.46
C11 POV FB . 52.41 -27.26 -38.90
O11 POV FB . 53.21 -26.16 -36.28
C211 POV FB . 52.49 -17.49 -26.03
C311 POV FB . 45.52 -14.44 -27.86
C12 POV FB . 52.11 -28.53 -39.67
O12 POV FB . 51.50 -27.10 -37.79
C212 POV FB . 51.31 -17.19 -25.09
C312 POV FB . 44.37 -15.12 -28.58
C13 POV FB . 52.11 -27.85 -42.05
O13 POV FB . 52.58 -28.58 -36.06
C213 POV FB . 51.38 -17.94 -23.77
C313 POV FB . 43.18 -14.21 -28.87
C14 POV FB . 54.23 -28.30 -40.93
O14 POV FB . 50.96 -26.74 -35.37
C214 POV FB . 50.06 -18.07 -23.04
C314 POV FB . 41.92 -14.48 -28.05
C15 POV FB . 52.71 -30.12 -41.45
C215 POV FB . 49.93 -19.40 -22.28
C315 POV FB . 40.61 -14.17 -28.77
C216 POV FB . 48.58 -19.71 -21.66
C316 POV FB . 39.43 -14.07 -27.85
C217 POV FB . 47.79 -18.55 -21.08
C218 POV FB . 46.84 -17.96 -22.05
C21 POV FB . 54.77 -22.96 -34.58
O21 POV FB . 53.81 -22.88 -35.51
C22 POV FB . 55.76 -21.85 -34.75
O22 POV FB . 54.84 -23.81 -33.74
C23 POV FB . 56.24 -21.21 -33.45
C24 POV FB . 55.27 -20.20 -32.85
C25 POV FB . 54.56 -20.65 -31.59
C26 POV FB . 54.55 -19.62 -30.47
C27 POV FB . 53.82 -18.34 -30.77
C28 POV FB . 52.62 -18.11 -29.87
C29 POV FB . 52.95 -17.91 -28.44
C31 POV FB . 50.99 -21.45 -34.09
O31 POV FB . 51.06 -22.76 -34.32
C32 POV FB . 50.58 -21.21 -32.67
O32 POV FB . 51.23 -20.59 -34.89
C33 POV FB . 49.57 -20.12 -32.45
C34 POV FB . 50.15 -18.74 -32.55
C35 POV FB . 49.27 -17.66 -31.96
C36 POV FB . 49.23 -17.64 -30.45
C37 POV FB . 47.90 -17.24 -29.86
C38 POV FB . 47.73 -15.76 -29.72
C39 POV FB . 47.90 -15.28 -28.30
H29 POV FB . 53.90 -17.98 -28.23
H1 POV FB . 52.27 -24.78 -37.35
H1A POV FB . 53.81 -24.48 -37.19
H2 POV FB . 52.73 -24.44 -34.72
H3 POV FB . 51.53 -22.49 -36.30
H3A POV FB . 50.77 -23.85 -35.93
H310 POV FB . 46.89 -15.22 -26.53
H31A POV FB . 46.33 -16.32 -27.50
H210 POV FB . 51.18 -17.48 -27.70
H11 POV FB . 53.31 -27.31 -38.52
H11A POV FB . 52.40 -26.48 -39.50
H211 POV FB . 52.90 -18.34 -25.78
H21A POV FB . 53.19 -16.82 -25.89
H311 POV FB . 45.19 -13.98 -27.07
H31B POV FB . 45.89 -13.75 -28.44
H12 POV FB . 51.15 -28.58 -39.85
H12A POV FB . 52.38 -29.30 -39.13
H22 POV FB . 56.54 -22.22 -35.22
H212 POV FB . 51.29 -16.24 -24.89
H22A POV FB . 55.37 -21.17 -35.32
H21B POV FB . 50.47 -17.40 -25.54
H32 POV FB . 50.25 -22.05 -32.32
H312 POV FB . 44.67 -15.47 -29.44
H32A POV FB . 51.40 -20.97 -32.22
H31C POV FB . 44.07 -15.90 -28.07
H13 POV FB . 52.79 -27.48 -42.64
H13A POV FB . 51.51 -28.41 -42.56
H13B POV FB . 51.60 -27.13 -41.62
H23 POV FB . 57.08 -20.75 -33.62
H213 POV FB . 51.76 -18.84 -23.90
H23A POV FB . 56.46 -21.93 -32.82
H21C POV FB . 52.02 -17.46 -23.21
H33 POV FB . 48.83 -20.23 -33.07
H313 POV FB . 43.46 -13.28 -28.70
H33A POV FB . 49.16 -20.22 -31.56
H31D POV FB . 42.96 -14.25 -29.83
H14 POV FB . 54.70 -28.66 -41.71
H14A POV FB . 54.31 -27.32 -40.92
H14B POV FB . 54.61 -28.66 -40.10
H24 POV FB . 55.76 -19.38 -32.64
H214 POV FB . 49.96 -17.33 -22.42
H24A POV FB . 54.59 -19.98 -33.50
H21D POV FB . 49.32 -18.00 -23.66
H34 POV FB . 51.02 -18.72 -32.11
H314 POV FB . 41.89 -15.43 -27.78
H34A POV FB . 50.32 -18.56 -33.50
H31E POV FB . 41.96 -13.96 -27.24
H15 POV FB . 53.22 -30.69 -40.83
H15A POV FB . 51.78 -30.40 -41.42
H15B POV FB . 53.04 -30.18 -42.37
H25 POV FB . 53.64 -20.92 -31.80
H215 POV FB . 50.11 -20.13 -22.90
H25A POV FB . 54.98 -21.46 -31.23
H21E POV FB . 50.63 -19.45 -21.60
H35 POV FB . 49.58 -16.79 -32.28
H315 POV FB . 40.68 -13.33 -29.28
H35A POV FB . 48.37 -17.78 -32.31
H31F POV FB . 40.41 -14.88 -29.42
H26 POV FB . 54.14 -20.02 -29.68
H216 POV FB . 48.04 -20.16 -22.33
H26A POV FB . 55.47 -19.38 -30.25
H21F POV FB . 48.71 -20.36 -20.95
H36 POV FB . 49.48 -18.52 -30.10
H316 POV FB . 39.46 -13.25 -27.34
H36A POV FB . 49.89 -17.00 -30.13
H31G POV FB . 39.44 -14.82 -27.22
H31H POV FB . 38.59 -14.10 -28.35
H27 POV FB . 54.45 -17.59 -30.67
H217 POV FB . 47.29 -18.85 -20.31
H27A POV FB . 53.52 -18.35 -31.70
H21G POV FB . 48.38 -17.83 -20.78
H37 POV FB . 47.16 -17.59 -30.41
H37A POV FB . 47.80 -17.64 -28.99
H28 POV FB . 52.10 -17.37 -30.21
H218 POV FB . 46.20 -17.38 -21.59
H28A POV FB . 52.06 -18.91 -29.90
H21H POV FB . 47.31 -17.43 -22.72
H21J POV FB . 46.33 -18.65 -22.52
H38 POV FB . 48.38 -15.31 -30.30
H38A POV FB . 46.85 -15.52 -30.04
H39 POV FB . 48.20 -14.35 -28.29
H39A POV FB . 48.60 -15.82 -27.87
N POV GB . -2.95 -20.14 -32.29
P POV GB . 1.19 -19.69 -29.74
C1 POV GB . 1.18 -22.19 -30.45
C2 POV GB . 1.62 -23.09 -31.57
C3 POV GB . 0.94 -24.43 -31.42
C210 POV GB . 9.53 -28.98 -33.75
C310 POV GB . 8.28 -33.97 -31.22
C11 POV GB . -1.08 -19.01 -30.92
O11 POV GB . 1.80 -20.90 -30.57
C211 POV GB . 10.84 -28.55 -33.19
C311 POV GB . 9.16 -35.12 -30.92
C12 POV GB . -1.60 -20.26 -31.59
O12 POV GB . 0.37 -19.01 -30.93
C212 POV GB . 11.96 -29.46 -33.62
C312 POV GB . 9.97 -35.58 -32.08
C13 POV GB . -2.78 -19.43 -33.59
O13 POV GB . 0.26 -20.20 -28.71
C213 POV GB . 12.33 -29.28 -35.08
C313 POV GB . 11.04 -36.54 -31.69
C14 POV GB . -3.49 -21.50 -32.55
O14 POV GB . 2.30 -18.80 -29.33
C214 POV GB . 13.80 -29.47 -35.36
C314 POV GB . 11.44 -37.49 -32.76
C15 POV GB . -3.92 -19.38 -31.45
C215 POV GB . 14.69 -28.41 -34.77
C315 POV GB . 11.99 -36.89 -33.98
C216 POV GB . 15.98 -28.20 -35.51
C316 POV GB . 12.40 -37.92 -34.95
C217 POV GB . 16.74 -29.43 -35.82
C218 POV GB . 17.97 -29.16 -36.52
C21 POV GB . 3.96 -23.25 -32.40
O21 POV GB . 3.07 -23.22 -31.37
C22 POV GB . 3.40 -23.78 -33.70
O22 POV GB . 5.10 -22.91 -32.29
C23 POV GB . 4.51 -24.35 -34.59
C24 POV GB . 5.22 -25.55 -33.96
C25 POV GB . 6.33 -26.15 -34.79
C26 POV GB . 5.92 -27.39 -35.56
C27 POV GB . 7.05 -28.09 -36.29
C28 POV GB . 7.75 -29.20 -35.49
C29 POV GB . 9.09 -28.81 -34.97
C31 POV GB . 1.59 -26.68 -31.80
O31 POV GB . 1.96 -25.44 -31.47
C32 POV GB . 2.78 -27.59 -31.86
O32 POV GB . 0.46 -27.00 -32.02
C33 POV GB . 4.04 -27.10 -31.18
C34 POV GB . 5.28 -27.87 -31.60
C35 POV GB . 5.47 -29.17 -30.88
C36 POV GB . 6.72 -29.88 -31.35
C37 POV GB . 6.68 -31.39 -31.27
C38 POV GB . 7.28 -31.99 -30.01
C39 POV GB . 7.46 -33.48 -30.06
H29 POV GB . 9.70 -28.41 -35.63
H1 POV GB . 0.21 -22.08 -30.47
H1A POV GB . 1.43 -22.61 -29.61
H2 POV GB . 1.35 -22.67 -32.41
H3 POV GB . 0.27 -24.54 -32.13
H3A POV GB . 0.51 -24.50 -30.55
H310 POV GB . 8.83 -33.23 -31.55
H31A POV GB . 7.68 -34.22 -31.95
H210 POV GB . 8.96 -29.46 -33.11
H11 POV GB . -1.36 -18.22 -31.42
H11A POV GB . -1.44 -18.92 -30.02
H211 POV GB . 11.02 -27.64 -33.49
H21A POV GB . 10.83 -28.50 -32.22
H311 POV GB . 9.77 -34.88 -30.20
H31B POV GB . 8.61 -35.86 -30.59
H12 POV GB . -1.74 -20.94 -30.89
H12A POV GB . -0.97 -20.58 -32.25
H22 POV GB . 2.77 -24.51 -33.55
H212 POV GB . 12.74 -29.31 -33.07
H22A POV GB . 2.96 -23.04 -34.16
H21B POV GB . 11.69 -30.39 -33.48
H32 POV GB . 2.52 -28.46 -31.50
H312 POV GB . 9.39 -36.00 -32.75
H32A POV GB . 2.99 -27.68 -32.80
H31C POV GB . 10.40 -34.81 -32.51
H13 POV GB . -3.67 -19.25 -33.95
H13A POV GB . -2.30 -18.60 -33.46
H13B POV GB . -2.27 -20.00 -34.22
H23 POV GB . 5.17 -23.64 -34.76
H213 POV GB . 11.83 -29.93 -35.61
H23A POV GB . 4.13 -24.60 -35.45
H21C POV GB . 12.05 -28.40 -35.39
H33 POV GB . 4.22 -26.17 -31.37
H313 POV GB . 11.81 -36.05 -31.38
H33A POV GB . 3.93 -27.19 -30.21
H31D POV GB . 10.70 -37.05 -30.94
H14 POV GB . -2.78 -22.17 -32.50
H14A POV GB . -4.19 -21.70 -31.90
H14B POV GB . -3.88 -21.52 -33.45
H24 POV GB . 5.60 -25.29 -33.09
H214 POV GB . 14.08 -30.33 -35.02
H24A POV GB . 4.55 -26.23 -33.79
H21D POV GB . 13.94 -29.50 -36.33
H34 POV GB . 5.25 -28.04 -32.56
H314 POV GB . 12.12 -38.10 -32.40
H34A POV GB . 6.06 -27.31 -31.44
H31E POV GB . 10.67 -38.03 -33.01
H15 POV GB . -3.85 -19.67 -30.52
H15A POV GB . -3.70 -18.42 -31.49
H15B POV GB . -4.82 -19.51 -31.81
H25 POV GB . 6.67 -25.48 -35.41
H215 POV GB . 14.21 -27.56 -34.73
H25A POV GB . 7.07 -26.39 -34.19
H21E POV GB . 14.91 -28.67 -33.86
H35 POV GB . 5.56 -28.99 -29.93
H315 POV GB . 11.33 -36.29 -34.39
H35A POV GB . 4.68 -29.74 -31.00
H31F POV GB . 12.77 -36.36 -33.75
H26 POV GB . 5.23 -27.13 -36.22
H216 POV GB . 15.79 -27.73 -36.34
H26A POV GB . 5.49 -28.01 -34.95
H21F POV GB . 16.56 -27.61 -34.98
H36 POV GB . 6.88 -29.62 -32.28
H316 POV GB . 12.04 -37.74 -35.84
H36A POV GB . 7.47 -29.55 -30.82
H31G POV GB . 13.36 -37.96 -35.01
H31H POV GB . 12.07 -38.80 -34.67
H27 POV GB . 6.69 -28.47 -37.11
H217 POV GB . 16.94 -29.90 -34.98
H27A POV GB . 7.71 -27.42 -36.56
H21G POV GB . 16.23 -30.02 -36.38
H37 POV GB . 5.76 -31.69 -31.36
H37A POV GB . 7.13 -31.72 -32.07
H28 POV GB . 7.17 -29.52 -34.77
H218 POV GB . 18.19 -28.21 -36.48
H28A POV GB . 7.87 -29.97 -36.08
H21H POV GB . 18.71 -29.65 -36.11
H21J POV GB . 17.90 -29.44 -37.45
H38 POV GB . 8.14 -31.57 -29.84
H38A POV GB . 6.71 -31.77 -29.25
H39 POV GB . 6.58 -33.90 -30.10
H39A POV GB . 7.87 -33.78 -29.23
N POV HB . 16.57 -50.99 -58.70
P POV HB . 12.25 -49.67 -59.57
C1 POV HB . 13.31 -47.36 -58.75
C2 POV HB . 12.24 -46.30 -58.79
C3 POV HB . 11.79 -45.88 -57.40
C210 POV HB . 4.94 -41.41 -56.39
C310 POV HB . 6.24 -37.78 -49.51
C11 POV HB . 14.02 -51.15 -58.22
O11 POV HB . 12.75 -48.66 -58.44
C211 POV HB . 3.66 -41.15 -55.69
C311 POV HB . 5.13 -37.88 -48.49
C12 POV HB . 15.19 -50.35 -58.79
O12 POV HB . 12.84 -51.06 -59.07
C212 POV HB . 3.79 -39.90 -54.82
C312 POV HB . 3.83 -37.23 -48.91
C13 POV HB . 17.55 -49.94 -59.11
O13 POV HB . 10.78 -49.73 -59.56
C213 POV HB . 2.47 -39.31 -54.32
C313 POV HB . 2.95 -36.85 -47.73
C14 POV HB . 16.92 -51.46 -57.32
O14 POV HB . 12.94 -49.33 -60.85
C214 POV HB . 2.66 -37.91 -53.80
C314 POV HB . 1.84 -35.86 -48.03
C15 POV HB . 16.66 -52.14 -59.65
C215 POV HB . 1.71 -37.54 -52.69
C315 POV HB . 1.46 -35.07 -46.80
C216 POV HB . 0.26 -37.68 -53.05
C316 POV HB . 0.24 -34.20 -46.98
C217 POV HB . -0.64 -36.72 -52.28
C218 POV HB . -2.11 -37.00 -52.51
C21 POV HB . 10.11 -46.23 -60.12
O21 POV HB . 11.10 -46.92 -59.48
C22 POV HB . 10.21 -44.72 -60.00
O22 POV HB . 9.23 -46.76 -60.74
C23 POV HB . 8.93 -44.01 -60.43
C24 POV HB . 7.86 -43.96 -59.33
C25 POV HB . 7.19 -45.29 -59.03
C26 POV HB . 6.05 -45.23 -58.04
C27 POV HB . 4.82 -44.49 -58.56
C28 POV HB . 4.22 -43.46 -57.60
C29 POV HB . 5.17 -42.39 -57.23
C31 POV HB . 11.77 -43.73 -56.18
O31 POV HB . 12.24 -44.52 -57.18
C32 POV HB . 10.66 -44.33 -55.36
O32 POV HB . 12.21 -42.64 -55.96
C33 POV HB . 10.15 -43.42 -54.25
C34 POV HB . 9.55 -42.13 -54.77
C35 POV HB . 8.29 -41.67 -54.07
C36 POV HB . 8.50 -40.66 -52.97
C37 POV HB . 7.19 -40.06 -52.48
C38 POV HB . 7.37 -39.02 -51.41
C39 POV HB . 6.06 -38.67 -50.71
H29 POV HB . 6.05 -42.43 -57.66
H1 POV HB . 13.78 -47.41 -59.59
H1A POV HB . 13.97 -47.12 -58.05
H2 POV HB . 12.62 -45.52 -59.24
H3 POV HB . 12.17 -46.49 -56.73
H3A POV HB . 10.82 -45.95 -57.42
H310 POV HB . 6.31 -36.86 -49.81
H31A POV HB . 7.10 -37.99 -49.07
H210 POV HB . 5.68 -40.81 -56.19
H11 POV HB . 14.26 -52.09 -58.15
H11A POV HB . 13.82 -50.84 -57.31
H211 POV HB . 2.97 -41.02 -56.36
H21A POV HB . 3.37 -41.91 -55.14
H311 POV HB . 4.96 -38.82 -48.29
H31B POV HB . 5.44 -37.47 -47.65
H12 POV HB . 15.25 -49.49 -58.33
H12A POV HB . 15.04 -50.18 -59.74
H22 POV HB . 10.34 -44.43 -59.07
H212 POV HB . 4.34 -40.11 -54.04
H22A POV HB . 10.96 -44.42 -60.54
H21B POV HB . 4.27 -39.21 -55.31
H32 POV HB . 9.90 -44.53 -55.93
H312 POV HB . 4.02 -36.44 -49.46
H32A POV HB . 10.98 -45.15 -54.93
H31C POV HB . 3.34 -37.85 -49.48
H13 POV HB . 18.44 -50.36 -59.14
H13A POV HB . 17.30 -49.62 -59.99
H13B POV HB . 17.54 -49.19 -58.48
H23 POV HB . 9.14 -43.09 -60.69
H213 POV HB . 1.83 -39.31 -55.06
H23A POV HB . 8.56 -44.43 -61.22
H21C POV HB . 2.10 -39.88 -53.62
H33 POV HB . 9.49 -43.91 -53.72
H313 POV HB . 2.55 -37.65 -47.36
H33A POV HB . 10.90 -43.20 -53.65
H31D POV HB . 3.50 -36.45 -47.01
H14 POV HB . 17.74 -51.01 -57.03
H14A POV HB . 16.21 -51.27 -56.68
H14B POV HB . 17.09 -52.43 -57.36
H24 POV HB . 8.25 -43.62 -58.50
H214 POV HB . 3.58 -37.80 -53.50
H24A POV HB . 7.17 -43.31 -59.58
H21D POV HB . 2.52 -37.29 -54.54
H34 POV HB . 10.23 -41.43 -54.69
H314 POV HB . 2.13 -35.25 -48.73
H34A POV HB . 9.37 -42.24 -55.73
H31E POV HB . 1.06 -36.34 -48.37
H15 POV HB . 17.57 -52.52 -59.62
H15A POV HB . 16.03 -52.83 -59.40
H15B POV HB . 16.45 -51.82 -60.56
H25 POV HB . 6.87 -45.69 -59.86
H215 POV HB . 1.91 -38.10 -51.91
H25A POV HB . 7.86 -45.90 -58.66
H21E POV HB . 1.89 -36.61 -52.41
H35 POV HB . 7.68 -41.28 -54.73
H315 POV HB . 1.28 -35.70 -46.08
H35A POV HB . 7.81 -42.43 -53.68
H31F POV HB . 2.21 -34.52 -46.53
H26 POV HB . 5.78 -46.14 -57.81
H216 POV HB . 0.16 -37.54 -54.01
H26A POV HB . 6.38 -44.81 -57.22
H21F POV HB . -0.02 -38.61 -52.88
H36 POV HB . 8.96 -41.07 -52.23
H316 POV HB . 0.39 -33.52 -47.67
H36A POV HB . 9.07 -39.93 -53.30
H31G POV HB . -0.55 -34.73 -47.22
H31H POV HB . 0.02 -33.73 -46.14
H27 POV HB . 5.04 -44.06 -59.40
H217 POV HB . -0.45 -36.78 -51.32
H27A POV HB . 4.15 -45.18 -58.76
H21G POV HB . -0.46 -35.81 -52.56
H37 POV HB . 6.72 -39.66 -53.23
H37A POV HB . 6.64 -40.77 -52.14
H28 POV HB . 3.41 -43.09 -57.99
H218 POV HB . -2.25 -37.88 -52.91
H28A POV HB . 3.93 -43.91 -56.77
H21H POV HB . -2.60 -36.97 -51.66
H21J POV HB . -2.50 -36.33 -53.09
H38 POV HB . 8.01 -39.34 -50.75
H38A POV HB . 7.75 -38.21 -51.80
H39 POV HB . 5.62 -39.50 -50.43
H39A POV HB . 5.47 -38.23 -51.35
C18 3FD IB . 0.15 -30.18 -29.66
C17 3FD IB . 1.01 -31.13 -30.17
C16 3FD IB . 2.27 -31.26 -29.67
CL20 3FD IB . 3.36 -32.51 -30.31
C15 3FD IB . 2.70 -30.44 -28.68
C14 3FD IB . 1.86 -29.48 -28.18
C13 3FD IB . 0.58 -29.34 -28.66
C12 3FD IB . -0.30 -28.27 -28.05
N11 3FD IB . -1.50 -27.93 -28.81
C6 3FD IB . -1.98 -26.56 -28.86
N7 3FD IB . -1.29 -25.51 -28.47
C8 3FD IB . -2.05 -24.41 -28.67
C4 3FD IB . -1.87 -23.05 -28.45
N10 3FD IB . -0.61 -22.64 -27.88
N1 3FD IB . -2.84 -22.19 -28.76
C2 3FD IB . -3.97 -22.63 -29.28
N3 3FD IB . -4.18 -23.91 -29.50
C9 3FD IB . -3.23 -24.84 -29.20
N5 3FD IB . -3.16 -26.18 -29.31
C21 3FD IB . -4.13 -26.92 -29.79
O22 3FD IB . -4.53 -28.00 -28.77
C24 3FD IB . -3.71 -27.70 -31.09
O26 3FD IB . -4.26 -27.03 -32.30
C25 3FD IB . -4.23 -28.84 -30.96
O27 3FD IB . -5.19 -29.02 -32.03
C23 3FD IB . -5.03 -28.88 -29.53
C28 3FD IB . -4.73 -30.19 -28.93
O29 3FD IB . -5.35 -30.25 -27.69
C30 3FD IB . -4.73 -31.19 -26.89
C31 3FD IB . -5.73 -31.49 -25.79
C32 3FD IB . -6.36 -32.69 -25.76
C33 3FD IB . -7.27 -32.94 -24.77
C34 3FD IB . -7.54 -31.98 -23.82
C37 3FD IB . -8.55 -32.28 -22.73
N38 3FD IB . -9.30 -32.52 -21.93
C35 3FD IB . -6.90 -30.77 -23.87
C36 3FD IB . -6.00 -30.52 -24.86
CL21 3FD IB . 4.35 -30.64 -28.06
H18 3FD IB . -0.86 -30.08 -30.05
H17 3FD IB . 0.66 -31.80 -30.95
H14 3FD IB . 2.21 -28.83 -27.40
H12 3FD IB . 0.31 -27.39 -27.90
H12A 3FD IB . -0.62 -28.63 -27.10
HN11 3FD IB . -2.03 -28.65 -29.25
HN10 3FD IB . 0.03 -23.34 -27.59
HN1A 3FD IB . -0.39 -21.67 -27.81
H2 3FD IB . -4.76 -21.95 -29.53
H21 3FD IB . -5.01 -26.32 -30.03
H24 3FD IB . -2.64 -27.81 -31.20
HO26 3FD IB . -3.55 -26.79 -32.86
H25 3FD IB . -3.49 -29.61 -30.99
HO27 3FD IB . -5.70 -28.23 -32.09
H23 3FD IB . -6.09 -28.74 -29.68
H28 3FD IB . -3.66 -30.24 -28.76
H28A 3FD IB . -5.05 -30.98 -29.57
H30 3FD IB . -3.81 -30.80 -26.47
H30A 3FD IB . -4.52 -32.09 -27.46
H32 3FD IB . -6.14 -33.45 -26.50
H33 3FD IB . -7.77 -33.89 -24.73
H35 3FD IB . -7.11 -30.02 -23.12
H36 3FD IB . -5.48 -29.57 -24.92
C1 CLR JB . 7.18 -32.79 -36.45
C2 CLR JB . 6.09 -32.62 -35.40
C3 CLR JB . 4.87 -33.39 -35.79
C4 CLR JB . 5.20 -34.86 -35.93
C5 CLR JB . 6.34 -35.09 -36.89
C6 CLR JB . 6.24 -36.00 -37.84
C7 CLR JB . 7.32 -36.36 -38.81
C8 CLR JB . 8.67 -35.76 -38.46
C9 CLR JB . 8.48 -34.33 -37.95
C10 CLR JB . 7.59 -34.25 -36.68
C11 CLR JB . 9.82 -33.59 -37.79
C12 CLR JB . 10.70 -33.66 -39.03
C13 CLR JB . 10.97 -35.11 -39.46
C14 CLR JB . 9.58 -35.75 -39.68
C15 CLR JB . 9.91 -37.06 -40.39
C16 CLR JB . 11.09 -36.70 -41.30
C17 CLR JB . 11.58 -35.31 -40.86
C18 CLR JB . 11.79 -35.85 -38.40
C19 CLR JB . 8.33 -34.77 -35.43
C20 CLR JB . 13.10 -35.15 -41.05
C21 CLR JB . 13.64 -33.90 -40.38
C22 CLR JB . 13.46 -35.13 -42.55
C23 CLR JB . 13.64 -36.46 -43.22
C24 CLR JB . 14.46 -36.36 -44.48
C25 CLR JB . 13.97 -35.36 -45.46
C26 CLR JB . 14.60 -34.01 -45.30
C27 CLR JB . 14.12 -35.84 -46.85
O1 CLR JB . 3.83 -33.22 -34.83
H11 CLR JB . 6.87 -32.40 -37.28
H12 CLR JB . 7.95 -32.27 -36.16
H21 CLR JB . 6.40 -32.93 -34.53
H22 CLR JB . 5.87 -31.68 -35.27
H3 CLR JB . 4.53 -33.06 -36.65
H41 CLR JB . 5.40 -35.21 -35.04
H42 CLR JB . 4.41 -35.34 -36.23
H6 CLR JB . 5.41 -36.51 -37.96
H71 CLR JB . 7.36 -37.34 -38.86
H72 CLR JB . 7.07 -36.06 -39.70
H8 CLR JB . 9.06 -36.31 -37.76
H9 CLR JB . 8.02 -33.86 -38.66
H111 CLR JB . 9.66 -32.64 -37.61
H112 CLR JB . 10.33 -33.93 -37.03
H121 CLR JB . 10.25 -33.19 -39.75
H122 CLR JB . 11.51 -33.16 -38.84
H14 CLR JB . 9.14 -35.20 -40.34
H151 CLR JB . 10.13 -37.76 -39.76
H152 CLR JB . 9.15 -37.38 -40.92
H161 CLR JB . 11.81 -37.35 -41.19
H162 CLR JB . 10.79 -36.72 -42.23
H17 CLR JB . 11.15 -34.65 -41.45
H181 CLR JB . 11.28 -36.18 -37.64
H182 CLR JB . 12.29 -36.58 -38.78
H183 CLR JB . 12.45 -35.25 -38.00
H191 CLR JB . 9.03 -35.41 -35.65
H192 CLR JB . 8.76 -34.05 -34.95
H193 CLR JB . 7.72 -35.24 -34.82
H20 CLR JB . 13.53 -35.92 -40.65
H211 CLR JB . 14.58 -33.72 -40.62
H212 CLR JB . 13.10 -33.12 -40.64
H213 CLR JB . 13.59 -33.93 -39.41
H221 CLR JB . 12.80 -34.60 -43.03
H222 CLR JB . 14.31 -34.67 -42.65
H231 CLR JB . 14.04 -37.11 -42.59
H232 CLR JB . 12.76 -36.81 -43.48
H241 CLR JB . 15.39 -36.18 -44.25
H242 CLR JB . 14.48 -37.23 -44.92
H25 CLR JB . 13.02 -35.24 -45.29
H261 CLR JB . 14.61 -33.51 -46.14
H262 CLR JB . 14.10 -33.48 -44.65
H263 CLR JB . 15.53 -34.08 -44.98
H271 CLR JB . 13.70 -35.22 -47.48
H272 CLR JB . 15.05 -35.95 -47.09
H273 CLR JB . 13.67 -36.71 -46.97
H1 CLR JB . 3.99 -33.79 -34.22
N POV KB . 22.23 -45.84 -56.87
P POV KB . 19.55 -45.41 -54.09
C1 POV KB . 19.97 -45.80 -51.53
C2 POV KB . 19.16 -44.82 -50.68
C3 POV KB . 17.69 -45.21 -50.63
C210 POV KB . 12.55 -35.54 -49.98
C310 POV KB . 9.53 -38.62 -46.95
C11 POV KB . 21.63 -46.99 -54.61
O11 POV KB . 20.40 -45.19 -52.76
C211 POV KB . 13.30 -34.26 -50.13
C311 POV KB . 9.06 -37.19 -46.86
C12 POV KB . 22.42 -45.93 -55.35
O12 POV KB . 20.18 -46.77 -54.60
C212 POV KB . 12.48 -33.02 -49.79
C312 POV KB . 9.73 -36.39 -45.77
C13 POV KB . 20.91 -46.34 -57.36
O13 POV KB . 18.12 -45.63 -53.75
C213 POV KB . 12.24 -32.82 -48.30
C313 POV KB . 9.31 -34.95 -45.73
C14 POV KB . 22.39 -44.41 -57.27
O14 POV KB . 19.88 -44.31 -55.02
C214 POV KB . 11.84 -31.40 -47.94
C314 POV KB . 9.96 -34.15 -44.61
C15 POV KB . 23.31 -46.65 -57.52
C215 POV KB . 12.99 -30.41 -48.03
C315 POV KB . 9.37 -32.77 -44.42
C216 POV KB . 12.64 -29.04 -48.55
C316 POV KB . 9.83 -32.08 -43.16
C217 POV KB . 12.44 -27.99 -47.47
C218 POV KB . 12.33 -26.59 -48.02
C21 POV KB . 18.80 -42.86 -52.13
O21 POV KB . 19.45 -43.44 -51.11
C22 POV KB . 19.40 -41.53 -52.47
O22 POV KB . 17.86 -43.33 -52.70
C23 POV KB . 18.39 -40.42 -52.68
C24 POV KB . 17.53 -40.17 -51.46
C25 POV KB . 16.98 -38.75 -51.37
C26 POV KB . 15.74 -38.55 -52.20
C27 POV KB . 14.48 -38.39 -51.38
C28 POV KB . 14.40 -37.07 -50.64
C29 POV KB . 13.02 -36.74 -50.21
C31 POV KB . 15.53 -44.30 -50.54
O31 POV KB . 16.83 -44.09 -50.36
C32 POV KB . 14.72 -43.08 -50.28
O32 POV KB . 15.07 -45.36 -50.89
C33 POV KB . 13.43 -43.16 -51.05
C34 POV KB . 12.69 -41.84 -51.17
C35 POV KB . 12.46 -41.13 -49.86
C36 POV KB . 11.89 -41.99 -48.77
C37 POV KB . 10.98 -41.24 -47.84
C38 POV KB . 11.58 -40.03 -47.21
C39 POV KB . 10.87 -38.76 -47.60
H29 POV KB . 12.42 -37.50 -50.11
H1 POV KB . 20.77 -46.07 -51.03
H1A POV KB . 19.44 -46.60 -51.71
H2 POV KB . 19.47 -44.91 -49.76
H3 POV KB . 17.44 -45.60 -51.48
H3A POV KB . 17.56 -45.85 -49.91
H310 POV KB . 9.55 -39.00 -46.05
H31A POV KB . 8.88 -39.14 -47.46
H210 POV KB . 11.63 -35.46 -49.66
H11 POV KB . 21.78 -47.84 -55.04
H11A POV KB . 21.98 -47.09 -53.70
H211 POV KB . 14.08 -34.29 -49.55
H21A POV KB . 13.67 -34.16 -51.03
H311 POV KB . 9.22 -36.75 -47.72
H31B POV KB . 8.09 -37.19 -46.72
H12 POV KB . 23.37 -46.11 -55.22
H12A POV KB . 22.24 -45.04 -54.99
H22 POV KB . 20.01 -41.30 -51.74
H212 POV KB . 12.90 -32.24 -50.17
H22A POV KB . 19.94 -41.64 -53.28
H21B POV KB . 11.60 -33.09 -50.22
H32 POV KB . 14.54 -43.02 -49.32
H312 POV KB . 9.51 -36.81 -44.90
H32A POV KB . 15.23 -42.30 -50.57
H31C POV KB . 10.69 -36.45 -45.87
H13 POV KB . 20.86 -46.15 -58.31
H13A POV KB . 20.85 -47.30 -57.22
H13B POV KB . 20.17 -45.89 -56.90
H23 POV KB . 18.86 -39.61 -52.92
H213 POV KB . 13.07 -33.03 -47.83
H23A POV KB . 17.81 -40.65 -53.43
H21C POV KB . 11.56 -33.44 -47.99
H33 POV KB . 13.61 -43.50 -51.94
H313 POV KB . 9.53 -34.52 -46.58
H33A POV KB . 12.85 -43.83 -50.63
H31D POV KB . 8.34 -34.89 -45.63
H14 POV KB . 22.43 -44.35 -58.24
H14A POV KB . 21.61 -43.90 -56.94
H14B POV KB . 23.20 -44.05 -56.86
H24 POV KB . 16.78 -40.79 -51.46
H214 POV KB . 11.10 -31.13 -48.52
H24A POV KB . 18.05 -40.35 -50.66
H21D POV KB . 11.50 -31.40 -47.02
H34 POV KB . 13.22 -41.26 -51.76
H314 POV KB . 9.89 -34.66 -43.78
H34A POV KB . 11.84 -42.00 -51.61
H31E POV KB . 10.91 -34.06 -44.80
H15 POV KB . 23.14 -46.74 -58.48
H15A POV KB . 24.16 -46.16 -57.41
H15B POV KB . 23.37 -47.51 -57.08
H25 POV KB . 16.76 -38.55 -50.45
H215 POV KB . 13.69 -30.78 -48.60
H25A POV KB . 17.66 -38.11 -51.64
H21E POV KB . 13.38 -30.32 -47.14
H35 POV KB . 13.30 -40.76 -49.54
H315 POV KB . 9.61 -32.21 -45.18
H35A POV KB . 11.85 -40.38 -50.00
H31F POV KB . 8.39 -32.84 -44.39
H26 POV KB . 15.87 -37.76 -52.76
H216 POV KB . 13.35 -28.74 -49.15
H26A POV KB . 15.63 -39.31 -52.81
H21F POV KB . 11.82 -29.07 -49.09
H36 POV KB . 11.40 -42.73 -49.18
H316 POV KB . 10.81 -31.97 -43.16
H36A POV KB . 12.63 -42.36 -48.26
H31G POV KB . 9.43 -31.20 -43.08
H31H POV KB . 9.58 -32.60 -42.37
H27 POV KB . 13.69 -38.49 -51.94
H217 POV KB . 11.63 -28.19 -46.96
H27A POV KB . 14.46 -39.11 -50.72
H21G POV KB . 13.19 -28.01 -46.85
H37 POV KB . 10.18 -40.98 -48.33
H37A POV KB . 10.70 -41.84 -47.14
H28 POV KB . 14.80 -36.37 -51.19
H218 POV KB . 11.57 -26.51 -48.63
H28A POV KB . 14.97 -37.12 -49.84
H21H POV KB . 13.14 -26.35 -48.52
H21J POV KB . 12.21 -25.94 -47.30
H38 POV KB . 11.53 -40.13 -46.25
H38A POV KB . 12.53 -39.95 -47.44
H39 POV KB . 10.76 -38.76 -48.57
H39A POV KB . 11.43 -37.99 -47.37
N POV LB . 6.15 -13.56 -35.85
P POV LB . 8.12 -12.15 -39.45
C1 POV LB . 10.85 -11.85 -39.31
C2 POV LB . 11.31 -13.26 -39.01
C3 POV LB . 12.80 -13.43 -39.20
C210 POV LB . 7.12 -20.99 -35.00
C310 POV LB . 16.57 -24.28 -37.47
C11 POV LB . 7.63 -11.70 -36.87
O11 POV LB . 9.50 -11.62 -38.82
C211 POV LB . 8.43 -21.31 -35.65
C311 POV LB . 17.34 -25.33 -36.67
C12 POV LB . 6.57 -12.09 -35.89
O12 POV LB . 7.15 -11.74 -38.24
C212 POV LB . 9.26 -22.27 -34.84
C312 POV LB . 18.82 -25.08 -36.49
C13 POV LB . 4.65 -13.63 -35.96
O13 POV LB . 7.71 -11.38 -40.64
C213 POV LB . 9.11 -23.74 -35.20
C313 POV LB . 19.24 -25.08 -35.04
C14 POV LB . 6.73 -14.40 -36.95
O14 POV LB . 8.09 -13.62 -39.52
C214 POV LB . 10.33 -24.33 -35.89
C314 POV LB . 20.71 -25.11 -34.83
C15 POV LB . 6.55 -14.15 -34.53
C215 POV LB . 11.41 -24.89 -34.95
C315 POV LB . 21.16 -24.67 -33.47
C216 POV LB . 12.41 -23.88 -34.42
C316 POV LB . 20.33 -25.21 -32.35
C217 POV LB . 11.99 -23.18 -33.16
C218 POV LB . 12.57 -23.78 -31.93
C21 POV LB . 10.31 -15.41 -39.43
O21 POV LB . 10.62 -14.19 -39.90
C22 POV LB . 9.53 -16.20 -40.45
O22 POV LB . 10.62 -15.80 -38.33
C23 POV LB . 8.50 -17.10 -39.79
C24 POV LB . 9.12 -18.32 -39.14
C25 POV LB . 8.10 -19.30 -38.58
C26 POV LB . 7.12 -18.71 -37.57
C27 POV LB . 7.79 -18.12 -36.34
C28 POV LB . 7.16 -18.43 -34.96
C29 POV LB . 6.61 -19.80 -34.71
C31 POV LB . 14.33 -15.12 -39.82
O31 POV LB . 13.12 -14.82 -39.40
C32 POV LB . 14.49 -16.60 -39.97
O32 POV LB . 15.19 -14.31 -40.03
C33 POV LB . 15.28 -17.02 -41.20
C34 POV LB . 16.22 -18.18 -40.93
C35 POV LB . 15.55 -19.46 -40.47
C36 POV LB . 16.53 -20.51 -39.99
C37 POV LB . 16.02 -21.42 -38.89
C38 POV LB . 17.12 -21.87 -37.97
C39 POV LB . 16.67 -22.88 -36.95
H29 POV LB . 5.74 -19.79 -34.27
H1 POV LB . 11.42 -11.22 -38.84
H1A POV LB . 10.92 -11.67 -40.26
H2 POV LB . 11.13 -13.46 -38.06
H3 POV LB . 13.12 -12.89 -39.95
H3A POV LB . 13.27 -13.16 -38.38
H310 POV LB . 16.86 -24.29 -38.41
H31A POV LB . 15.63 -24.54 -37.48
H210 POV LB . 6.59 -21.78 -34.76
H11 POV LB . 7.89 -10.77 -36.70
H11A POV LB . 8.44 -12.23 -36.73
H211 POV LB . 8.24 -21.69 -36.53
H21A POV LB . 8.96 -20.52 -35.81
H311 POV LB . 16.92 -25.45 -35.80
H31B POV LB . 17.26 -26.18 -37.14
H12 POV LB . 5.75 -11.57 -36.09
H12A POV LB . 6.86 -11.85 -34.99
H22 POV LB . 9.09 -15.57 -41.05
H212 POV LB . 10.19 -22.03 -34.93
H22A POV LB . 10.16 -16.75 -40.96
H21B POV LB . 9.02 -22.16 -33.90
H32 POV LB . 14.91 -16.96 -39.18
H312 POV LB . 19.32 -25.78 -36.95
H32A POV LB . 13.59 -16.97 -40.05
H31C POV LB . 19.09 -24.24 -36.91
H13 POV LB . 4.27 -13.08 -35.23
H13A POV LB . 4.39 -13.28 -36.84
H13B POV LB . 4.35 -14.55 -35.87
H23 POV LB . 8.04 -16.57 -39.11
H213 POV LB . 8.93 -24.24 -34.38
H23A POV LB . 7.83 -17.37 -40.44
H21C POV LB . 8.33 -23.85 -35.77
H33 POV LB . 14.67 -17.26 -41.91
H313 POV LB . 18.88 -24.29 -34.60
H33A POV LB . 15.80 -16.25 -41.49
H31D POV LB . 18.86 -25.86 -34.60
H14 POV LB . 6.40 -15.31 -36.85
H14A POV LB . 6.43 -14.05 -37.80
H14B POV LB . 7.71 -14.40 -36.90
H24 POV LB . 9.67 -18.78 -39.81
H214 POV LB . 10.03 -25.04 -36.48
H24A POV LB . 9.72 -18.05 -38.42
H21D POV LB . 10.74 -23.65 -36.47
H34 POV LB . 16.71 -18.38 -41.75
H314 POV LB . 21.03 -26.02 -34.98
H34A POV LB . 16.88 -17.90 -40.27
H31E POV LB . 21.15 -24.56 -35.51
H15 POV LB . 6.42 -15.12 -34.53
H15A POV LB . 7.50 -13.98 -34.38
H15B POV LB . 6.02 -13.72 -33.83
H25 POV LB . 7.60 -19.70 -39.32
H215 POV LB . 10.98 -25.33 -34.19
H25A POV LB . 8.59 -20.04 -38.16
H21E POV LB . 11.91 -25.58 -35.43
H35 POV LB . 14.91 -19.27 -39.76
H315 POV LB . 22.08 -24.94 -33.34
H35A POV LB . 15.03 -19.81 -41.22
H31F POV LB . 21.14 -23.70 -33.43
H26 POV LB . 6.60 -18.01 -38.00
H216 POV LB . 13.25 -24.34 -34.26
H26A POV LB . 6.48 -19.42 -37.34
H21F POV LB . 12.58 -23.21 -35.11
H36 POV LB . 16.78 -21.08 -40.75
H316 POV LB . 20.80 -25.10 -31.50
H36A POV LB . 17.36 -20.09 -39.69
H31G POV LB . 19.49 -24.73 -32.28
H31H POV LB . 20.14 -26.17 -32.48
H27 POV LB . 8.73 -18.36 -36.33
H217 POV LB . 12.24 -22.24 -33.20
H27A POV LB . 7.77 -17.14 -36.45
H21G POV LB . 11.03 -23.22 -33.06
H37 POV LB . 15.34 -20.97 -38.35
H37A POV LB . 15.61 -22.21 -39.29
H28 POV LB . 6.48 -17.75 -34.78
H218 POV LB . 12.17 -23.38 -31.13
H28A POV LB . 7.85 -18.28 -34.28
H21H POV LB . 12.43 -24.74 -31.91
H21J POV LB . 13.52 -23.61 -31.91
H38 POV LB . 17.84 -22.23 -38.52
H38A POV LB . 17.47 -21.10 -37.51
H39 POV LB . 15.79 -22.61 -36.60
H39A POV LB . 17.30 -22.85 -36.22
N POV MB . -7.82 -18.58 -37.15
P POV MB . -4.55 -21.13 -36.17
C1 POV MB . -2.79 -23.09 -35.74
C2 POV MB . -2.09 -23.06 -37.10
C3 POV MB . -3.02 -23.28 -38.30
C210 POV MB . 5.82 -32.07 -40.70
C310 POV MB . 2.73 -28.70 -43.81
C11 POV MB . -6.16 -20.32 -38.04
O11 POV MB . -4.16 -22.65 -35.83
C211 POV MB . 6.30 -32.68 -41.95
C311 POV MB . 2.95 -29.75 -44.87
C12 POV MB . -7.43 -20.03 -37.27
O12 POV MB . -5.48 -21.42 -37.42
C212 POV MB . 6.00 -34.15 -42.09
C312 POV MB . 3.96 -30.79 -44.54
C13 POV MB . -7.74 -17.90 -38.48
O13 POV MB . -5.36 -20.57 -35.07
C213 POV MB . 6.93 -34.84 -43.06
C313 POV MB . 3.95 -31.97 -45.48
C14 POV MB . -9.23 -18.52 -36.64
O14 POV MB . -3.34 -20.41 -36.62
C214 POV MB . 6.78 -36.35 -43.15
C314 POV MB . 5.31 -32.55 -45.71
C15 POV MB . -6.93 -17.88 -36.19
C215 POV MB . 5.87 -36.85 -44.22
C315 POV MB . 5.28 -33.94 -46.29
C216 POV MB . 6.04 -38.32 -44.52
C316 POV MB . 4.88 -33.95 -47.71
C217 POV MB . 5.68 -39.18 -43.35
C218 POV MB . 5.75 -40.65 -43.66
C21 POV MB . -1.28 -25.34 -37.10
O21 POV MB . -1.00 -24.03 -37.15
C22 POV MB . -0.05 -26.17 -37.24
O22 POV MB . -2.39 -25.78 -36.97
C23 POV MB . -0.16 -27.09 -38.44
C24 POV MB . 0.41 -28.48 -38.20
C25 POV MB . 1.92 -28.55 -38.19
C26 POV MB . 2.42 -29.94 -37.92
C27 POV MB . 2.87 -30.70 -39.13
C28 POV MB . 4.36 -30.60 -39.33
C29 POV MB . 4.82 -31.24 -40.58
C31 POV MB . -4.07 -21.81 -39.99
O31 POV MB . -3.30 -21.98 -38.89
C32 POV MB . -4.68 -23.05 -40.61
O32 POV MB . -4.28 -20.72 -40.46
C33 POV MB . -4.05 -23.49 -41.92
C34 POV MB . -2.55 -23.71 -41.90
C35 POV MB . -2.16 -25.17 -41.96
C36 POV MB . -0.68 -25.40 -42.04
C37 POV MB . -0.34 -26.56 -42.95
C38 POV MB . 1.07 -27.06 -42.84
C39 POV MB . 1.34 -28.13 -43.86
H29 POV MB . 4.32 -31.01 -41.38
H1 POV MB . -2.80 -23.98 -35.33
H1A POV MB . -2.30 -22.49 -35.14
H2 POV MB . -1.71 -22.16 -37.22
H3 POV MB . -2.59 -23.86 -38.95
H3A POV MB . -3.85 -23.69 -38.00
H310 POV MB . 2.88 -29.10 -42.92
H31A POV MB . 3.38 -27.98 -43.91
H210 POV MB . 6.31 -32.31 -39.89
H11 POV MB . -6.39 -20.59 -38.96
H11A POV MB . -5.57 -19.54 -38.13
H211 POV MB . 5.86 -32.20 -42.67
H21A POV MB . 7.26 -32.53 -42.06
H311 POV MB . 3.22 -29.30 -45.71
H31B POV MB . 2.10 -30.19 -45.07
H12 POV MB . -7.35 -20.37 -36.37
H12A POV MB . -8.18 -20.47 -37.71
H22 POV MB . 0.72 -25.57 -37.35
H212 POV MB . 6.04 -34.58 -41.22
H22A POV MB . 0.07 -26.69 -36.43
H21B POV MB . 5.07 -34.26 -42.41
H32 POV MB . -5.58 -22.76 -40.86
H312 POV MB . 4.86 -30.39 -44.53
H32A POV MB . -4.83 -23.83 -40.03
H31C POV MB . 3.79 -31.12 -43.63
H13 POV MB . -6.82 -17.63 -38.63
H13A POV MB . -8.02 -18.53 -39.17
H13B POV MB . -8.33 -17.12 -38.49
H23 POV MB . -1.09 -27.18 -38.69
H213 POV MB . 6.78 -34.46 -43.95
H23A POV MB . 0.30 -26.69 -39.20
H21C POV MB . 7.84 -34.62 -42.80
H33 POV MB . -4.49 -24.32 -42.22
H313 POV MB . 3.37 -32.66 -45.11
H33A POV MB . -4.28 -22.82 -42.61
H31D POV MB . 3.56 -31.69 -46.33
H14 POV MB . -9.37 -17.65 -36.22
H14A POV MB . -9.36 -19.23 -35.99
H14B POV MB . -9.84 -18.64 -37.40
H24 POV MB . 0.07 -28.81 -37.35
H214 POV MB . 7.66 -36.76 -43.26
H24A POV MB . 0.07 -29.09 -38.89
H21D POV MB . 6.43 -36.68 -42.29
H34 POV MB . -2.15 -23.26 -42.67
H314 POV MB . 5.80 -31.97 -46.32
H34A POV MB . -2.13 -23.32 -41.11
H31E POV MB . 5.82 -32.57 -44.88
H15 POV MB . -7.15 -16.94 -36.13
H15A POV MB . -7.07 -18.28 -35.31
H15B POV MB . -5.99 -18.02 -36.45
H25 POV MB . 2.27 -28.25 -39.04
H215 POV MB . 4.95 -36.69 -43.96
H25A POV MB . 2.26 -27.93 -37.51
H21E POV MB . 6.03 -36.34 -45.05
H35 POV MB . -2.52 -25.61 -41.17
H315 POV MB . 6.18 -34.34 -46.22
H35A POV MB . -2.61 -25.58 -42.73
H31F POV MB . 4.66 -34.50 -45.78
H26 POV MB . 3.19 -29.88 -37.30
H216 POV MB . 5.51 -38.58 -45.29
H26A POV MB . 1.73 -30.46 -37.46
H21F POV MB . 6.99 -38.49 -44.75
H36 POV MB . -0.22 -24.59 -42.37
H316 POV MB . 4.95 -34.86 -48.04
H36A POV MB . -0.32 -25.58 -41.14
H31G POV MB . 3.96 -33.65 -47.81
H31H POV MB . 5.47 -33.39 -48.25
H27 POV MB . 2.61 -31.64 -39.03
H217 POV MB . 6.28 -39.00 -42.61
H27A POV MB . 2.40 -30.36 -39.92
H21G POV MB . 4.77 -38.96 -43.07
H37 POV MB . -0.96 -27.29 -42.78
H37A POV MB . -0.49 -26.28 -43.87
H28 POV MB . 4.63 -29.66 -39.28
H218 POV MB . 6.04 -41.17 -42.89
H28A POV MB . 4.80 -31.05 -38.59
H21H POV MB . 4.86 -40.98 -43.92
H21J POV MB . 6.36 -40.83 -44.41
H38 POV MB . 1.71 -26.33 -42.95
H38A POV MB . 1.22 -27.44 -41.95
H39 POV MB . 1.18 -27.77 -44.75
H39A POV MB . 0.70 -28.85 -43.73
N POV NB . 6.74 -50.16 -59.90
P POV NB . 2.78 -48.09 -57.38
C1 POV NB . 1.02 -46.17 -57.06
C2 POV NB . 0.63 -46.55 -55.67
C3 POV NB . -0.14 -47.85 -55.59
C210 POV NB . -5.62 -39.62 -49.26
C310 POV NB . -6.74 -44.56 -50.22
C11 POV NB . 4.56 -49.17 -58.96
O11 POV NB . 2.40 -46.54 -57.27
C211 POV NB . -6.31 -40.17 -48.06
C311 POV NB . -7.75 -44.66 -49.10
C12 POV NB . 5.98 -48.94 -59.42
O12 POV NB . 4.09 -47.98 -58.27
C212 POV NB . -7.77 -39.77 -47.94
C312 POV NB . -8.18 -43.30 -48.58
C13 POV NB . 7.97 -49.70 -60.61
O13 POV NB . 3.11 -48.60 -56.02
C213 POV NB . -8.17 -39.46 -46.52
C313 POV NB . -9.60 -43.24 -48.03
C14 POV NB . 7.15 -51.01 -58.73
O14 POV NB . 1.74 -48.77 -58.17
C214 POV NB . -7.71 -38.10 -46.04
C314 POV NB . -9.68 -42.90 -46.56
C15 POV NB . 5.92 -50.98 -60.84
C215 POV NB . -7.85 -37.90 -44.56
C315 POV NB . -11.11 -42.74 -46.07
C216 POV NB . -8.10 -36.47 -44.16
C316 POV NB . -11.65 -41.34 -46.26
C217 POV NB . -9.53 -36.05 -44.33
C218 POV NB . -10.40 -36.66 -43.32
C21 POV NB . 0.40 -44.36 -54.67
O21 POV NB . -0.20 -45.49 -55.08
C22 POV NB . -0.58 -43.44 -54.02
O22 POV NB . 1.57 -44.15 -54.83
C23 POV NB . -1.73 -44.22 -53.38
C24 POV NB . -2.50 -43.40 -52.37
C25 POV NB . -3.22 -42.23 -52.95
C26 POV NB . -2.50 -40.91 -52.74
C27 POV NB . -2.83 -40.26 -51.41
C28 POV NB . -4.23 -39.73 -51.32
C29 POV NB . -4.96 -40.30 -50.15
C31 POV NB . -2.20 -48.80 -56.57
O31 POV NB . -1.34 -47.77 -56.40
C32 POV NB . -1.84 -50.10 -55.87
O32 POV NB . -3.20 -48.72 -57.23
C33 POV NB . -2.21 -50.22 -54.40
C34 POV NB . -3.67 -49.86 -54.11
C35 POV NB . -3.91 -48.39 -53.86
C36 POV NB . -4.33 -48.07 -52.43
C37 POV NB . -4.17 -46.61 -52.07
C38 POV NB . -5.47 -45.83 -51.99
C39 POV NB . -6.18 -45.91 -50.66
H29 POV NB . -4.93 -41.27 -50.08
H1 POV NB . 0.48 -46.65 -57.73
H1A POV NB . 0.93 -45.21 -57.21
H2 POV NB . 1.44 -46.65 -55.14
H3 POV NB . 0.45 -48.57 -55.87
H3A POV NB . -0.41 -48.00 -54.66
H310 POV NB . -7.15 -44.12 -50.99
H31A POV NB . -6.00 -43.99 -49.93
H210 POV NB . -5.68 -38.65 -49.37
H11 POV NB . 3.97 -49.30 -59.72
H11A POV NB . 4.49 -49.96 -58.40
H211 POV NB . -6.24 -41.15 -48.13
H21A POV NB . -5.84 -39.93 -47.24
H311 POV NB . -8.51 -45.17 -49.42
H31B POV NB . -7.36 -45.17 -48.36
H12 POV NB . 6.51 -48.55 -58.70
H12A POV NB . 5.98 -48.31 -60.17
H22 POV NB . -0.11 -42.92 -53.34
H212 POV NB . -7.93 -38.98 -48.49
H22A POV NB . -0.93 -42.84 -54.69
H21B POV NB . -8.33 -40.48 -48.29
H32 POV NB . -2.36 -50.78 -56.34
H312 POV NB . -7.56 -43.03 -47.87
H32A POV NB . -0.90 -50.36 -56.03
H31C POV NB . -8.08 -42.64 -49.29
H13 POV NB . 8.53 -50.47 -60.81
H13A POV NB . 7.70 -49.26 -61.45
H13B POV NB . 8.46 -49.06 -60.06
H23 POV NB . -2.34 -44.51 -54.08
H213 POV NB . -9.14 -39.51 -46.44
H23A POV NB . -1.38 -45.02 -52.95
H21C POV NB . -7.80 -40.15 -45.92
H33 POV NB . -2.08 -51.14 -54.12
H313 POV NB . -10.10 -42.57 -48.53
H33A POV NB . -1.62 -49.68 -53.83
H31D POV NB . -10.05 -44.10 -48.16
H14 POV NB . 6.98 -51.94 -58.95
H14A POV NB . 8.11 -50.89 -58.58
H14B POV NB . 6.64 -50.75 -57.95
H24 POV NB . -3.15 -43.99 -51.92
H214 POV NB . -6.78 -37.97 -46.31
H24A POV NB . -1.89 -43.09 -51.68
H21D POV NB . -8.23 -37.41 -46.51
H34 POV NB . -4.22 -50.14 -54.86
H314 POV NB . -9.24 -43.60 -46.06
H34A POV NB . -3.98 -50.37 -53.34
H31E POV NB . -9.18 -42.07 -46.40
H15 POV NB . 6.48 -51.66 -61.28
H15A POV NB . 5.22 -51.46 -60.33
H15B POV NB . 5.49 -50.39 -61.50
H25 POV NB . -3.34 -42.36 -53.91
H215 POV NB . -8.57 -38.48 -44.23
H25A POV NB . -4.11 -42.18 -52.54
H21E POV NB . -7.03 -38.20 -44.12
H35 POV NB . -3.09 -47.91 -54.06
H315 POV NB . -11.68 -43.36 -46.55
H35A POV NB . -4.60 -48.08 -54.47
H31F POV NB . -11.17 -42.98 -45.13
H26 POV NB . -1.54 -41.07 -52.79
H216 POV NB . -7.84 -36.35 -43.23
H26A POV NB . -2.73 -40.29 -53.45
H21F POV NB . -7.53 -35.89 -44.70
H36 POV NB . -5.28 -48.32 -52.31
H316 POV NB . -12.56 -41.28 -45.91
H36A POV NB . -3.82 -48.62 -51.81
H31G POV NB . -11.10 -40.70 -45.78
H31H POV NB . -11.67 -41.10 -47.20
H27 POV NB . -2.71 -40.92 -50.71
H217 POV NB . -9.62 -35.07 -44.27
H27A POV NB . -2.19 -39.53 -51.25
H21G POV NB . -9.86 -36.32 -45.21
H37 POV NB . -3.70 -46.54 -51.21
H37A POV NB . -3.60 -46.17 -52.72
H28 POV NB . -4.22 -38.75 -51.28
H218 POV NB . -9.96 -36.64 -42.44
H28A POV NB . -4.73 -39.98 -52.13
H21H POV NB . -11.25 -36.19 -43.25
H21J POV NB . -10.57 -37.60 -43.56
H38 POV NB . -5.28 -44.90 -52.19
H38A POV NB . -6.07 -46.16 -52.69
H39 POV NB . -5.57 -46.24 -49.97
H39A POV NB . -6.91 -46.56 -50.72
N POV OB . -4.61 -63.56 -49.26
P POV OB . -5.90 -59.61 -49.77
C1 POV OB . -7.56 -60.03 -47.79
C2 POV OB . -6.90 -60.12 -46.43
C3 POV OB . -6.82 -61.55 -45.98
C210 POV OB . -10.37 -51.25 -45.65
C310 POV OB . -10.59 -56.82 -39.09
C11 POV OB . -3.75 -61.11 -49.48
O11 POV OB . -6.84 -59.07 -48.60
C211 POV OB . -8.89 -51.19 -45.48
C311 POV OB . -11.03 -55.85 -38.04
C12 POV OB . -4.00 -62.46 -50.13
O12 POV OB . -4.94 -60.54 -48.89
C212 POV OB . -8.14 -50.56 -46.67
C312 POV OB . -11.47 -54.52 -38.60
C13 POV OB . -6.09 -63.40 -49.20
O13 POV OB . -6.67 -60.45 -50.71
C213 POV OB . -8.41 -51.25 -48.00
C313 POV OB . -12.85 -54.54 -39.19
C14 POV OB . -4.30 -64.87 -49.91
O14 POV OB . -5.10 -58.47 -50.29
C214 POV OB . -7.39 -50.94 -49.07
C314 POV OB . -13.95 -54.65 -38.15
C15 POV OB . -4.05 -63.57 -47.87
C215 POV OB . -7.37 -51.96 -50.21
C315 POV OB . -15.37 -54.56 -38.67
C216 POV OB . -6.93 -53.36 -49.78
C316 POV OB . -16.20 -55.70 -38.19
C217 POV OB . -8.06 -54.38 -49.78
C218 POV OB . -7.72 -55.65 -49.06
C21 POV OB . -7.96 -58.11 -45.59
O21 POV OB . -7.71 -59.42 -45.43
C22 POV OB . -8.76 -57.58 -44.45
O22 POV OB . -7.59 -57.47 -46.55
C23 POV OB . -8.22 -56.28 -43.87
C24 POV OB . -8.41 -55.08 -44.78
C25 POV OB . -9.86 -54.69 -45.03
C26 POV OB . -10.66 -54.35 -43.80
C27 POV OB . -10.18 -53.12 -43.05
C28 POV OB . -11.01 -51.86 -43.30
C29 POV OB . -11.26 -51.58 -44.74
C31 POV OB . -6.30 -62.61 -43.92
O31 POV OB . -5.98 -61.67 -44.81
C32 POV OB . -5.34 -62.64 -42.76
O32 POV OB . -7.24 -63.36 -44.02
C33 POV OB . -5.16 -61.33 -42.00
C34 POV OB . -6.28 -60.31 -42.15
C35 POV OB . -7.60 -60.78 -41.59
C36 POV OB . -8.02 -59.98 -40.38
C37 POV OB . -8.52 -58.60 -40.74
C38 POV OB . -8.27 -57.57 -39.69
C39 POV OB . -9.27 -56.46 -39.72
H29 POV OB . -12.19 -51.68 -45.02
H1 POV OB . -7.55 -60.90 -48.25
H1A POV OB . -8.50 -59.76 -47.70
H2 POV OB . -6.00 -59.75 -46.47
H3 POV OB . -7.73 -61.86 -45.82
H3A POV OB . -6.39 -62.08 -46.68
H310 POV OB . -10.53 -57.72 -38.70
H31A POV OB . -11.27 -56.87 -39.80
H210 POV OB . -10.72 -51.00 -46.53
H11 POV OB . -3.09 -61.19 -48.76
H11A POV OB . -3.36 -60.49 -50.13
H211 POV OB . -8.72 -50.66 -44.67
H21A POV OB . -8.51 -52.08 -45.30
H311 POV OB . -11.75 -56.25 -37.51
H31B POV OB . -10.29 -55.70 -37.41
H12 POV OB . -3.16 -62.82 -50.47
H12A POV OB . -4.60 -62.34 -50.89
H22 POV OB . -9.69 -57.47 -44.74
H212 POV OB . -8.35 -49.61 -46.74
H22A POV OB . -8.73 -58.26 -43.75
H21B POV OB . -7.18 -50.61 -46.49
H32 POV OB . -5.63 -63.33 -42.13
H312 POV OB . -11.45 -53.85 -37.88
H32A POV OB . -4.46 -62.90 -43.12
H31C POV OB . -10.83 -54.22 -39.27
H13 POV OB . -6.39 -63.68 -48.30
H13A POV OB . -6.33 -62.48 -49.37
H13B POV OB . -6.51 -63.98 -49.87
H23 POV OB . -8.63 -56.13 -43.01
H213 POV OB . -8.48 -52.21 -47.84
H23A POV OB . -7.27 -56.40 -43.71
H21C POV OB . -9.28 -50.95 -48.33
H33 POV OB . -5.06 -61.52 -41.05
H313 POV OB . -12.99 -53.72 -39.71
H33A POV OB . -4.30 -60.96 -42.28
H31D POV OB . -12.93 -55.29 -39.82
H14 POV OB . -3.35 -65.06 -49.79
H14A POV OB . -4.83 -65.56 -49.47
H14B POV OB . -4.54 -64.82 -50.85
H24 POV OB . -7.92 -54.32 -44.40
H214 POV OB . -7.57 -50.05 -49.44
H24A POV OB . -7.99 -55.25 -45.64
H21D POV OB . -6.50 -50.90 -48.68
H34 POV OB . -6.02 -59.50 -41.67
H314 POV OB . -13.86 -55.50 -37.67
H34A POV OB . -6.41 -60.03 -43.08
H31E POV OB . -13.82 -53.94 -37.51
H15 POV OB . -4.31 -64.39 -47.41
H15A POV OB . -3.07 -63.57 -47.94
H15B POV OB . -4.35 -62.78 -47.38
H25 POV OB . -9.87 -53.93 -45.64
H215 POV OB . -8.27 -52.02 -50.58
H25A POV OB . -10.30 -55.42 -45.51
H21E POV OB . -6.78 -51.65 -50.92
H35 POV OB . -8.28 -60.71 -42.29
H315 POV OB . -15.38 -54.51 -39.65
H35A POV OB . -7.53 -61.72 -41.35
H31F POV OB . -15.76 -53.73 -38.35
H26 POV OB . -11.60 -54.23 -44.06
H216 POV OB . -6.22 -53.66 -50.37
H26A POV OB . -10.66 -55.12 -43.18
H21F POV OB . -6.55 -53.30 -48.89
H36 POV OB . -8.73 -60.46 -39.92
H316 POV OB . -15.80 -56.55 -38.46
H36A POV OB . -7.26 -59.90 -39.77
H31G POV OB . -16.28 -55.69 -37.21
H31H POV OB . -17.11 -55.65 -38.57
H27 POV OB . -10.21 -53.31 -42.09
H217 POV OB . -8.85 -53.99 -49.36
H27A POV OB . -9.25 -52.91 -43.26
H21G POV OB . -8.29 -54.60 -50.71
H37 POV OB . -8.09 -58.30 -41.56
H37A POV OB . -9.48 -58.64 -40.94
H28 POV OB . -11.85 -51.92 -42.80
H218 POV OB . -6.95 -56.10 -49.49
H28A POV OB . -10.52 -51.09 -42.95
H21H POV OB . -7.48 -55.48 -48.13
H21J POV OB . -8.47 -56.26 -49.07
H38 POV OB . -8.27 -58.00 -38.80
H38A POV OB . -7.38 -57.21 -39.82
H39 POV OB . -9.42 -56.21 -40.65
H39A POV OB . -8.91 -55.67 -39.27
N POV PB . -2.82 -66.32 -41.78
P POV PB . -3.71 -66.39 -37.11
C1 POV PB . -6.22 -65.91 -37.85
C2 POV PB . -5.95 -64.51 -38.32
C210 POV PB . -10.35 -55.18 -31.68
C11 POV PB . -2.17 -66.38 -39.27
O11 POV PB . -5.01 -66.69 -37.99
C211 POV PB . -11.40 -54.19 -32.05
C12 POV PB . -3.25 -66.46 -40.32
O12 POV PB . -2.61 -67.04 -38.06
C212 POV PB . -11.77 -53.13 -30.99
C13 POV PB . -1.93 -65.14 -41.98
O13 POV PB . -3.48 -64.93 -36.99
C213 POV PB . -10.63 -52.63 -30.13
C14 POV PB . -2.10 -67.55 -42.24
O14 POV PB . -3.81 -67.22 -35.89
C214 POV PB . -10.48 -53.40 -28.82
C15 POV PB . -4.06 -66.14 -42.61
C215 POV PB . -10.95 -52.63 -27.62
C216 POV PB . -9.84 -51.90 -26.89
C217 POV PB . -9.58 -52.48 -25.54
C218 POV PB . -10.57 -51.98 -24.54
C21 POV PB . -6.89 -63.25 -36.50
O21 POV PB . -6.99 -63.63 -37.79
C22 POV PB . -8.00 -62.32 -36.13
O22 POV PB . -6.02 -63.62 -35.76
C23 POV PB . -8.37 -61.36 -37.27
C24 POV PB . -9.39 -60.32 -36.91
C25 POV PB . -9.04 -59.52 -35.67
C26 POV PB . -9.72 -58.17 -35.57
C27 POV PB . -9.91 -57.76 -34.15
C28 POV PB . -10.03 -56.26 -33.91
C29 POV PB . -9.71 -55.97 -32.49
H29 POV PB . -8.91 -56.42 -32.14
H1 POV PB . -6.50 -65.94 -36.91
H1A POV PB . -6.93 -66.28 -38.41
H2 POV PB . -5.99 -64.48 -39.29
H210 POV PB . -10.14 -55.28 -30.72
H11 POV PB . -1.35 -66.83 -39.57
H11A POV PB . -1.92 -65.45 -39.10
H211 POV PB . -11.10 -53.76 -32.86
H21A POV PB . -12.21 -54.68 -32.32
H12 POV PB . -3.90 -65.75 -40.17
H12A POV PB . -3.70 -67.32 -40.25
H22 POV PB . -8.79 -62.86 -35.89
H212 POV PB . -12.17 -52.36 -31.44
H22A POV PB . -7.70 -61.84 -35.34
H21B POV PB . -12.48 -53.47 -30.41
H13 POV PB . -2.35 -64.37 -41.55
H13A POV PB . -1.06 -65.32 -41.58
H13B POV PB . -1.82 -64.97 -42.93
H23 POV PB . -7.55 -60.92 -37.59
H213 POV PB . -9.80 -52.67 -30.64
H23A POV PB . -8.71 -61.89 -38.03
H21C POV PB . -10.78 -51.68 -29.94
H14 POV PB . -2.72 -68.30 -42.22
H14A POV PB . -1.79 -67.39 -43.16
H14B POV PB . -1.34 -67.71 -41.65
H24 POV PB . -9.48 -59.70 -37.67
H214 POV PB . -10.98 -54.23 -28.87
H24A POV PB . -10.26 -60.74 -36.79
H21D POV PB . -9.55 -53.65 -28.71
H15 POV PB . -3.94 -66.56 -43.49
H15A POV PB . -4.81 -66.58 -42.16
H15B POV PB . -4.24 -65.19 -42.69
H25 POV PB . -9.28 -60.04 -34.89
H215 POV PB . -11.64 -51.99 -27.86
H25A POV PB . -8.08 -59.40 -35.65
H21E POV PB . -11.38 -53.26 -27.00
H26 POV PB . -9.17 -57.50 -36.03
H216 POV PB . -9.01 -51.92 -27.41
H26A POV PB . -10.58 -58.19 -36.03
H21F POV PB . -10.10 -50.98 -26.80
H27 POV PB . -10.71 -58.19 -33.82
H217 POV PB . -9.63 -53.46 -25.57
H27A POV PB . -9.16 -58.11 -33.63
H21G POV PB . -8.67 -52.26 -25.24
H28 POV PB . -9.46 -55.76 -34.52
H218 POV PB . -10.61 -51.01 -24.54
H28A POV PB . -10.94 -55.98 -34.09
H21H POV PB . -11.47 -52.31 -24.76
H21J POV PB . -10.34 -52.28 -23.64
N POV QB . 8.40 -68.10 -31.94
P POV QB . 6.15 -64.20 -31.64
C1 POV QB . 3.90 -64.41 -30.33
C2 POV QB . 3.13 -63.28 -30.94
C3 POV QB . 2.44 -62.43 -29.90
C210 POV QB . -5.13 -58.79 -30.91
C310 POV QB . -3.02 -55.03 -27.86
C11 POV QB . 6.67 -66.63 -30.76
O11 POV QB . 4.77 -64.93 -31.34
C211 POV QB . -5.08 -57.31 -31.04
C311 POV QB . -3.83 -55.74 -26.76
C12 POV QB . 7.84 -67.56 -30.64
O12 POV QB . 7.12 -65.28 -30.99
C212 POV QB . -6.44 -56.68 -30.79
C312 POV QB . -3.75 -55.17 -25.35
C13 POV QB . 7.55 -69.20 -32.47
O13 POV QB . 6.19 -62.93 -30.86
C213 POV QB . -6.53 -55.89 -29.50
C313 POV QB . -4.00 -53.68 -25.23
C14 POV QB . 8.49 -67.02 -32.99
O14 POV QB . 6.37 -64.16 -33.09
C214 POV QB . -6.12 -54.43 -29.61
C314 POV QB . -2.86 -52.96 -24.53
C15 POV QB . 9.78 -68.63 -31.69
C215 POV QB . -7.12 -53.58 -30.37
C315 POV QB . -3.02 -51.49 -24.34
C216 POV QB . -6.84 -53.41 -31.84
C316 POV QB . -4.17 -51.16 -23.46
C217 POV QB . -6.69 -52.00 -32.29
C218 POV QB . -6.32 -51.95 -33.73
C21 POV QB . 1.69 -63.13 -32.85
O21 POV QB . 2.09 -63.85 -31.79
C22 POV QB . 0.59 -63.82 -33.60
O22 POV QB . 2.15 -62.05 -33.15
C23 POV QB . -0.69 -63.00 -33.56
C24 POV QB . -1.77 -63.48 -34.50
C25 POV QB . -2.78 -62.41 -34.86
C26 POV QB . -3.44 -61.69 -33.68
C27 POV QB . -2.66 -60.50 -33.14
C28 POV QB . -3.54 -59.34 -32.74
C29 POV QB . -4.47 -59.66 -31.64
C31 POV QB . 2.73 -60.29 -30.85
O31 POV QB . 1.89 -61.28 -30.55
C32 POV QB . 2.00 -59.17 -31.52
O32 POV QB . 3.91 -60.32 -30.62
C33 POV QB . 0.63 -58.96 -30.91
C34 POV QB . 0.66 -58.76 -29.42
C35 POV QB . 1.56 -57.65 -28.97
C36 POV QB . 1.24 -56.32 -29.58
C37 POV QB . -0.18 -55.86 -29.38
C38 POV QB . -0.64 -55.91 -27.94
C39 POV QB . -1.56 -54.80 -27.54
H29 POV QB . -4.60 -60.61 -31.44
H1 POV QB . 4.45 -64.10 -29.58
H1A POV QB . 3.29 -65.10 -30.02
H2 POV QB . 3.73 -62.72 -31.44
H3 POV QB . 1.73 -62.95 -29.48
H3A POV QB . 3.08 -62.14 -29.22
H310 POV QB . -3.06 -55.58 -28.66
H31A POV QB . -3.44 -54.19 -28.07
H210 POV QB . -5.72 -59.12 -30.21
H11 POV QB . 6.12 -66.91 -31.53
H11A POV QB . 6.08 -66.70 -29.98
H211 POV QB . -4.42 -56.97 -30.41
H21A POV QB . -4.77 -57.03 -31.93
H311 POV QB . -4.77 -55.71 -27.03
H31B POV QB . -3.57 -56.68 -26.75
H12 POV QB . 8.58 -67.11 -30.20
H12A POV QB . 7.58 -68.35 -30.11
H22 POV QB . 0.87 -63.94 -34.52
H212 POV QB . -6.67 -56.11 -31.55
H22A POV QB . 0.43 -64.70 -33.19
H21B POV QB . -7.11 -57.39 -30.77
H32 POV QB . 2.52 -58.35 -31.45
H312 POV QB . -4.42 -55.62 -24.80
H32A POV QB . 1.90 -59.42 -32.46
H31C POV QB . -2.88 -55.39 -24.96
H13 POV QB . 7.90 -70.05 -32.12
H13A POV QB . 6.63 -69.07 -32.15
H13B POV QB . 7.56 -69.22 -33.44
H23 POV QB . -1.04 -63.00 -32.64
H213 POV QB . -7.43 -55.95 -29.14
H23A POV QB . -0.48 -62.06 -33.76
H21C POV QB . -5.94 -56.32 -28.84
H33 POV QB . 0.24 -58.18 -31.34
H313 POV QB . -4.13 -53.26 -26.09
H33A POV QB . 0.06 -59.72 -31.14
H31D POV QB . -4.81 -53.53 -24.72
H14 POV QB . 7.60 -66.88 -33.36
H14A POV QB . 8.82 -66.20 -32.58
H14B POV QB . 9.11 -67.32 -33.68
H24 POV QB . -1.36 -63.82 -35.30
H214 POV QB . -6.03 -54.07 -28.70
H24A POV QB . -2.25 -64.24 -34.08
H21D POV QB . -5.24 -54.37 -30.03
H34 POV QB . -0.25 -58.58 -29.11
H314 POV QB . -2.72 -53.37 -23.64
H34A POV QB . 0.92 -59.59 -28.96
H31E POV QB . -2.04 -53.11 -25.03
H15 POV QB . 10.08 -69.16 -32.45
H15A POV QB . 10.38 -67.86 -31.58
H15B POV QB . 9.76 -69.15 -30.87
H25 POV QB . -2.34 -61.75 -35.43
H215 POV QB . -7.99 -54.00 -30.29
H25A POV QB . -3.47 -62.82 -35.40
H21E POV QB . -7.20 -52.70 -29.95
H35 POV QB . 1.52 -57.59 -27.99
H315 POV QB . -2.19 -51.12 -23.99
H35A POV QB . 2.48 -57.88 -29.18
H31F POV QB . -3.17 -51.09 -25.22
H26 POV QB . -4.32 -61.39 -33.94
H216 POV QB . -6.04 -53.91 -32.09
H26A POV QB . -3.56 -62.34 -32.96
H21F POV QB . -7.58 -53.80 -32.33
H36 POV QB . 1.85 -55.64 -29.20
H316 POV QB . -3.98 -50.34 -22.96
H36A POV QB . 1.44 -56.36 -30.53
H31G POV QB . -4.98 -51.03 -23.99
H31H POV QB . -4.34 -51.89 -22.83
H27 POV QB . -2.15 -60.80 -32.37
H217 POV QB . -7.52 -51.50 -32.14
H27A POV QB . -2.01 -60.21 -33.81
H21G POV QB . -5.99 -51.56 -31.76
H37 POV QB . -0.27 -54.96 -29.72
H37A POV QB . -0.78 -56.42 -29.91
H28 POV QB . -2.97 -58.57 -32.51
H218 POV QB . -6.84 -51.27 -34.21
H28A POV QB . -4.06 -59.06 -33.51
H21H POV QB . -5.37 -51.75 -33.84
H21J POV QB . -6.50 -52.81 -34.13
H38 POV QB . -1.10 -56.75 -27.79
H38A POV QB . 0.13 -55.89 -27.36
H39 POV QB . -1.27 -53.97 -27.97
H39A POV QB . -1.42 -54.65 -26.58
#